data_7VQ1
#
_entry.id   7VQ1
#
_cell.length_a   1.00
_cell.length_b   1.00
_cell.length_c   1.00
_cell.angle_alpha   90.00
_cell.angle_beta   90.00
_cell.angle_gamma   90.00
#
_symmetry.space_group_name_H-M   'P 1'
#
_entity_poly.entity_id   1
_entity_poly.type   'polypeptide(L)'
_entity_poly.pdbx_seq_one_letter_code
;MEPSALRKAGSEQEEGFEGLPRRVTDLGMVSNLRRSNSSLFKSWRLQCPFGNNDKQESLSSWIPENIKKKECVYFVESSK
LSDAGKVVCQCGYTHEQHLEEATKPHTFQGTQWDPKKHVQEMPTDAFGDIVFTGLSQKVKKYVRVSQDTPSSVIYHLMTQ
HWGLDVPNLLISVTGGAKNFNMKPRLKSIFRRGLVKVAQTTGAWIITGGSHTGVMKQVGEAVRDFSLSSSYKEGELITIG
VATWGTVHRREGLIHPTGSFPAEYILDEDGQGNLTCLDSNHSHFILVDDGTHGQYGVEIPLRTRLEKFISEQTKERGGVA
IKIPIVCVVLEGGPGTLHTIDNATTNGTPCVVVEGSGRVADVIAQVANLPVSDITISLIQQKLSVFFQEMFETFTESRIV
EWTKKIQDIVRRRQLLTVFREGKDGQQDVDVAILQALLKASRSQDHFGHENWDHQLKLAVAWNRVDIARSEIFMDEWQWK
PSDLHPTMTAALISNKPEFVKLFLENGVQLKEFVTWDTLLYLYENLDPSCLFHSKLQKVLVEDPERPACAPAAPRLQMHH
VAQVLRELLGDFTQPLYPRPRHNDRLRLLLPVPHVKLNVQGVSLRSLYKRSSGHVTFTMDPIRDLLIWAIVQNRRELAGI
IWAQSQDCIAAALACSKILKELSKEEEDTDSSEEMLALAEEYEHRAIGVFTECYRKDEERAQKLLTRVSEAWGKTTCLQL
ALEAKDMKFVSHGGIQAFLTKVWWGQLSVDNGLWRVTLCMLAFPLLLTGLISFREKRLQDVGTPAARARAFFTAPVVVFH
LNILSYFAFLCLFAYVLMVDFQPVPSWCECAIYLWLFSLVCEEMRQLFYDPDECGLMKKAALYFSDFWNKLDVGAILLFV
AGLTCRLIPATLYPGRVILSLDFILFCLRLMHIFTISKTLGPKIIIVKRMMKDVFFFLFLLAVWVVSFGVAKQAILIHNE
RRVDWLFRGAVYHSYLTIFGQIPGYIDGVNFNPEHCSPNGTDPYKPKCPESDATQQRPAFPEWLTVLLLCLYLLFTNILL
LNLLIAMFNYTFQQVQEHTDQIWKFQRHDLIEEYHGRPAAPPPFILLSHLQLFIKRVVLKTPAKRHKQLKNKLEKNEEAA
LLSWEIYLKENYLQNRQFQQKQRPEQKIEDISNKVDAMVDLLDLDPLKRSGSMEQRLASLEEQVAQTAQALHWIVRTLRA
SGFSSEADVPTLASQKAAEEPDAEPGGRKKTEEPGDSYHVNARHLLYPNCPVTRFPVPNEKVPWETEFLIYDPPFYTAER
KDAAAMDPMGDTLEPLSTIQYNVVDGLRDRRSFHGPYTVQAGLPLNPMGRTGLRGRGSLSCFGPNHTLYPMVTRWRRNED
GAICRKSIKKMLEVLVVKLPLSEHWALPGGSREPGEMLPRKLKRILRQEHWPSFENLLKCGMEVYKGYMDDPRNTDNAWI
ETVAVSVHFQDQNDVELNRLNSNLHACDSGASIRWQVVDRRIPLYANHKTLLQKAAAEFGAHY
;
_entity_poly.pdbx_strand_id   A,B,C,D
#
# COMPACT_ATOMS: atom_id res chain seq x y z
N GLN A 56 -16.08 52.80 11.14
CA GLN A 56 -16.22 52.47 12.55
C GLN A 56 -17.08 53.50 13.26
N GLU A 57 -16.65 54.75 13.21
CA GLU A 57 -17.45 55.82 13.80
C GLU A 57 -18.78 56.00 13.08
N SER A 58 -18.84 55.64 11.80
CA SER A 58 -20.09 55.74 11.06
C SER A 58 -21.19 54.95 11.75
N LEU A 59 -20.99 53.64 11.89
CA LEU A 59 -21.92 52.83 12.65
C LEU A 59 -22.00 53.29 14.10
N SER A 60 -20.87 53.73 14.66
CA SER A 60 -20.85 54.19 16.04
C SER A 60 -21.85 55.31 16.25
N SER A 61 -21.94 56.23 15.31
CA SER A 61 -22.97 57.25 15.37
C SER A 61 -24.30 56.72 14.89
N TRP A 62 -24.27 55.80 13.93
CA TRP A 62 -25.51 55.34 13.30
C TRP A 62 -26.42 54.70 14.33
N ILE A 63 -25.89 53.83 15.16
CA ILE A 63 -26.72 53.09 16.10
C ILE A 63 -27.58 54.02 16.96
N PRO A 64 -27.02 54.98 17.70
CA PRO A 64 -27.90 55.88 18.45
C PRO A 64 -28.76 56.72 17.54
N GLU A 65 -28.28 57.03 16.34
CA GLU A 65 -29.11 57.74 15.39
C GLU A 65 -30.33 56.94 14.99
N ASN A 66 -30.31 55.63 15.23
CA ASN A 66 -31.35 54.75 14.73
C ASN A 66 -32.14 54.06 15.82
N ILE A 67 -31.47 53.50 16.80
CA ILE A 67 -32.11 52.61 17.75
C ILE A 67 -32.42 53.36 19.03
N LYS A 68 -33.42 52.88 19.75
CA LYS A 68 -33.76 53.43 21.06
C LYS A 68 -33.77 52.30 22.08
N LYS A 69 -33.55 52.67 23.34
CA LYS A 69 -33.69 51.74 24.45
C LYS A 69 -34.73 52.28 25.41
N LYS A 70 -35.38 51.37 26.11
CA LYS A 70 -36.54 51.70 26.91
C LYS A 70 -36.14 51.94 28.36
N GLU A 71 -36.94 52.76 29.04
CA GLU A 71 -36.74 53.07 30.44
C GLU A 71 -37.97 53.81 30.95
N CYS A 72 -38.35 53.55 32.20
CA CYS A 72 -39.59 54.08 32.77
C CYS A 72 -39.40 55.51 33.26
N VAL A 73 -40.47 56.29 33.20
CA VAL A 73 -40.41 57.69 33.58
C VAL A 73 -41.41 57.91 34.71
N TYR A 74 -42.09 56.85 35.11
CA TYR A 74 -43.05 56.90 36.20
C TYR A 74 -42.42 56.25 37.42
N PHE A 75 -42.17 57.03 38.46
CA PHE A 75 -41.53 56.54 39.67
C PHE A 75 -42.57 56.48 40.79
N VAL A 76 -43.21 55.31 40.93
CA VAL A 76 -44.08 55.01 42.06
C VAL A 76 -43.76 53.59 42.46
N GLU A 77 -43.28 53.41 43.70
CA GLU A 77 -42.70 52.14 44.12
C GLU A 77 -43.59 50.96 43.80
N SER A 78 -42.96 49.80 43.64
CA SER A 78 -43.67 48.56 43.42
C SER A 78 -44.60 48.27 44.58
N SER A 79 -45.45 47.26 44.38
CA SER A 79 -46.35 46.82 45.44
C SER A 79 -45.61 45.87 46.39
N LYS A 80 -45.09 44.78 45.86
CA LYS A 80 -44.36 43.81 46.65
C LYS A 80 -42.86 44.09 46.57
N LEU A 81 -42.15 43.77 47.65
CA LEU A 81 -40.71 43.98 47.71
C LEU A 81 -39.95 42.78 47.20
N SER A 82 -38.86 43.04 46.51
CA SER A 82 -37.99 42.01 45.97
C SER A 82 -36.95 41.62 47.01
N ASP A 83 -35.92 40.90 46.58
CA ASP A 83 -34.86 40.51 47.50
C ASP A 83 -34.13 41.78 47.91
N ALA A 84 -34.57 42.38 49.01
CA ALA A 84 -34.15 43.70 49.47
C ALA A 84 -34.34 44.77 48.42
N GLY A 85 -35.06 44.46 47.34
CA GLY A 85 -35.21 45.39 46.25
C GLY A 85 -36.40 46.28 46.43
N LYS A 86 -36.67 46.70 47.67
CA LYS A 86 -37.78 47.59 47.93
C LYS A 86 -37.67 48.91 47.17
N VAL A 87 -36.51 49.22 46.61
CA VAL A 87 -36.34 50.42 45.80
C VAL A 87 -36.67 50.02 44.37
N VAL A 88 -37.98 49.98 44.09
CA VAL A 88 -38.50 49.48 42.82
C VAL A 88 -39.85 50.11 42.53
N CYS A 89 -39.99 50.80 41.40
CA CYS A 89 -41.31 51.21 40.92
C CYS A 89 -41.81 50.15 39.94
N GLN A 90 -42.10 48.98 40.49
CA GLN A 90 -42.72 47.86 39.80
C GLN A 90 -41.77 47.24 38.80
N CYS A 91 -40.65 47.86 38.57
CA CYS A 91 -39.64 47.29 37.71
C CYS A 91 -38.28 47.22 38.38
N GLY A 92 -37.94 48.23 39.17
CA GLY A 92 -36.72 48.22 39.94
C GLY A 92 -35.50 47.89 39.13
N TYR A 93 -35.13 48.77 38.22
CA TYR A 93 -33.85 48.59 37.55
C TYR A 93 -32.72 49.15 38.41
N THR A 94 -32.68 50.48 38.59
CA THR A 94 -31.74 51.08 39.53
C THR A 94 -32.24 52.48 39.91
N HIS A 95 -32.92 52.56 41.05
CA HIS A 95 -33.21 53.81 41.73
C HIS A 95 -33.98 53.52 43.01
N GLU A 96 -34.31 54.56 43.78
CA GLU A 96 -35.30 54.40 44.83
C GLU A 96 -36.61 53.87 44.27
N GLN A 97 -36.86 54.10 42.98
CA GLN A 97 -37.95 53.53 42.23
C GLN A 97 -37.36 52.88 40.97
N HIS A 98 -38.23 52.53 40.03
CA HIS A 98 -37.80 52.09 38.72
C HIS A 98 -37.54 53.31 37.82
N LEU A 99 -36.59 54.14 38.27
CA LEU A 99 -36.34 55.43 37.65
C LEU A 99 -34.90 55.57 37.21
N GLU A 100 -34.72 56.22 36.07
CA GLU A 100 -33.42 56.64 35.59
C GLU A 100 -33.33 58.14 35.43
N GLU A 101 -34.45 58.83 35.50
CA GLU A 101 -34.53 60.27 35.50
C GLU A 101 -35.11 60.69 36.85
N ALA A 102 -35.46 61.96 36.96
CA ALA A 102 -36.10 62.47 38.17
C ALA A 102 -37.15 61.46 38.64
N THR A 103 -36.93 60.93 39.84
CA THR A 103 -37.81 59.89 40.34
C THR A 103 -39.16 60.51 40.65
N LYS A 104 -40.02 60.56 39.65
CA LYS A 104 -41.28 61.28 39.73
C LYS A 104 -42.42 60.43 39.19
N PRO A 105 -43.67 60.80 39.50
CA PRO A 105 -44.82 60.14 38.89
C PRO A 105 -45.14 60.67 37.49
N HIS A 106 -44.16 61.30 36.85
CA HIS A 106 -44.34 61.86 35.51
C HIS A 106 -45.47 62.88 35.49
N THR A 107 -45.44 63.79 36.48
CA THR A 107 -46.48 64.80 36.65
C THR A 107 -47.86 64.17 36.75
N PHE A 108 -47.93 62.95 37.27
CA PHE A 108 -49.19 62.22 37.27
C PHE A 108 -49.19 61.23 38.42
N GLN A 109 -49.96 61.53 39.47
CA GLN A 109 -50.11 60.57 40.56
C GLN A 109 -51.14 59.52 40.18
N GLY A 110 -50.96 58.91 39.01
CA GLY A 110 -51.87 57.88 38.54
C GLY A 110 -51.29 56.51 38.71
N THR A 111 -51.77 55.78 39.72
CA THR A 111 -51.20 54.48 40.06
C THR A 111 -51.35 53.52 38.89
N GLN A 112 -50.52 52.47 38.92
CA GLN A 112 -50.49 51.45 37.87
C GLN A 112 -50.25 52.08 36.50
N TRP A 113 -49.40 53.11 36.46
CA TRP A 113 -49.07 53.75 35.19
C TRP A 113 -48.38 52.74 34.32
N ASP A 114 -49.10 52.24 33.32
CA ASP A 114 -48.62 51.15 32.49
C ASP A 114 -47.31 51.54 31.81
N PRO A 115 -46.59 50.57 31.25
CA PRO A 115 -45.46 50.92 30.38
C PRO A 115 -45.86 51.91 29.32
N LYS A 116 -47.12 51.87 28.89
CA LYS A 116 -47.65 52.94 28.05
C LYS A 116 -47.61 54.27 28.76
N LYS A 117 -47.74 54.27 30.09
CA LYS A 117 -47.70 55.49 30.89
C LYS A 117 -46.44 55.60 31.73
N HIS A 118 -45.47 54.71 31.56
CA HIS A 118 -44.26 54.73 32.38
C HIS A 118 -42.98 54.77 31.56
N VAL A 119 -42.84 53.91 30.54
CA VAL A 119 -41.56 53.65 29.89
C VAL A 119 -41.34 54.62 28.73
N GLN A 120 -40.06 54.88 28.42
CA GLN A 120 -39.70 55.76 27.31
C GLN A 120 -38.52 55.19 26.56
N GLU A 121 -38.58 55.25 25.23
CA GLU A 121 -37.54 54.77 24.34
C GLU A 121 -36.69 55.93 23.87
N MET A 122 -35.37 55.76 23.92
CA MET A 122 -34.42 56.82 23.65
C MET A 122 -33.14 56.19 23.15
N PRO A 123 -32.33 56.93 22.39
CA PRO A 123 -31.12 56.35 21.81
C PRO A 123 -30.29 55.62 22.85
N THR A 124 -29.75 54.48 22.45
CA THR A 124 -29.19 53.52 23.39
C THR A 124 -27.71 53.74 23.61
N ASP A 125 -27.29 53.67 24.87
CA ASP A 125 -25.89 53.74 25.24
C ASP A 125 -25.33 52.36 25.55
N ALA A 126 -25.78 51.35 24.82
CA ALA A 126 -25.41 49.97 25.12
C ALA A 126 -25.13 49.19 23.84
N PHE A 127 -24.37 49.77 22.93
CA PHE A 127 -23.98 49.04 21.73
C PHE A 127 -22.47 48.86 21.70
N GLY A 128 -21.98 48.31 20.62
CA GLY A 128 -20.56 48.26 20.33
C GLY A 128 -20.07 46.84 20.19
N ASP A 129 -18.75 46.72 20.21
CA ASP A 129 -18.06 45.45 20.17
C ASP A 129 -17.79 44.98 21.60
N ILE A 130 -17.56 43.69 21.75
CA ILE A 130 -17.39 43.06 23.05
C ILE A 130 -16.32 41.99 22.95
N VAL A 131 -15.92 41.47 24.11
CA VAL A 131 -15.02 40.33 24.17
C VAL A 131 -15.23 39.62 25.50
N PHE A 132 -15.32 38.31 25.45
CA PHE A 132 -15.42 37.50 26.66
C PHE A 132 -14.07 37.55 27.37
N THR A 133 -13.98 38.42 28.38
CA THR A 133 -12.72 38.59 29.09
C THR A 133 -12.31 37.30 29.76
N GLY A 134 -11.02 36.97 29.64
CA GLY A 134 -10.51 35.76 30.26
C GLY A 134 -11.09 34.48 29.71
N LEU A 135 -11.55 34.50 28.48
CA LEU A 135 -12.14 33.29 27.91
C LEU A 135 -11.55 32.91 26.55
N SER A 136 -11.21 33.89 25.73
CA SER A 136 -10.64 33.62 24.41
C SER A 136 -9.97 34.89 23.92
N GLN A 137 -9.64 34.93 22.63
CA GLN A 137 -9.12 36.13 22.01
C GLN A 137 -10.04 36.72 20.97
N LYS A 138 -11.05 35.98 20.51
CA LYS A 138 -11.97 36.52 19.52
C LYS A 138 -12.93 37.51 20.16
N VAL A 139 -13.45 38.41 19.33
CA VAL A 139 -14.40 39.41 19.78
C VAL A 139 -15.76 39.08 19.18
N LYS A 140 -16.79 39.73 19.71
CA LYS A 140 -18.14 39.49 19.26
C LYS A 140 -18.91 40.80 19.24
N LYS A 141 -19.88 40.88 18.35
CA LYS A 141 -20.70 42.08 18.23
C LYS A 141 -21.96 41.95 19.06
N TYR A 142 -22.35 43.05 19.70
CA TYR A 142 -23.55 43.09 20.51
C TYR A 142 -24.28 44.40 20.29
N VAL A 143 -25.53 44.43 20.74
CA VAL A 143 -26.35 45.63 20.64
C VAL A 143 -27.60 45.46 21.49
N ARG A 144 -28.03 46.54 22.14
CA ARG A 144 -29.27 46.55 22.90
C ARG A 144 -30.35 47.19 22.06
N VAL A 145 -31.53 46.58 22.02
CA VAL A 145 -32.60 47.04 21.14
C VAL A 145 -33.91 47.09 21.89
N SER A 146 -34.70 48.14 21.61
CA SER A 146 -36.01 48.28 22.21
C SER A 146 -36.95 47.17 21.73
N GLN A 147 -38.15 47.15 22.31
CA GLN A 147 -39.12 46.14 21.94
C GLN A 147 -39.76 46.44 20.60
N ASP A 148 -40.36 47.61 20.47
CA ASP A 148 -41.06 48.01 19.26
C ASP A 148 -40.05 48.63 18.31
N THR A 149 -39.53 47.82 17.39
CA THR A 149 -38.53 48.26 16.46
C THR A 149 -38.78 47.55 15.14
N PRO A 150 -38.76 48.27 14.02
CA PRO A 150 -38.95 47.63 12.72
C PRO A 150 -37.92 46.55 12.49
N SER A 151 -38.39 45.36 12.15
CA SER A 151 -37.47 44.28 11.83
C SER A 151 -36.50 44.69 10.74
N SER A 152 -36.97 45.49 9.79
CA SER A 152 -36.15 45.85 8.64
C SER A 152 -34.86 46.50 9.05
N VAL A 153 -34.93 47.51 9.93
CA VAL A 153 -33.72 48.26 10.26
C VAL A 153 -32.70 47.35 10.92
N ILE A 154 -33.15 46.36 11.66
CA ILE A 154 -32.21 45.39 12.21
C ILE A 154 -31.51 44.65 11.09
N TYR A 155 -32.27 44.08 10.17
CA TYR A 155 -31.67 43.41 9.03
C TYR A 155 -30.68 44.32 8.34
N HIS A 156 -31.03 45.59 8.21
CA HIS A 156 -30.16 46.52 7.50
C HIS A 156 -28.85 46.71 8.23
N LEU A 157 -28.92 46.96 9.53
CA LEU A 157 -27.70 46.98 10.33
C LEU A 157 -26.89 45.71 10.14
N MET A 158 -27.57 44.57 10.18
CA MET A 158 -26.84 43.29 10.11
C MET A 158 -26.07 43.17 8.82
N THR A 159 -26.70 43.48 7.70
CA THR A 159 -26.03 43.31 6.42
C THR A 159 -25.02 44.43 6.19
N GLN A 160 -25.49 45.69 6.20
CA GLN A 160 -24.61 46.80 5.88
C GLN A 160 -23.61 47.06 6.99
N HIS A 161 -24.12 47.48 8.15
CA HIS A 161 -23.24 48.02 9.17
C HIS A 161 -22.42 46.94 9.83
N TRP A 162 -22.82 45.68 9.70
CA TRP A 162 -22.04 44.59 10.26
C TRP A 162 -21.34 43.76 9.19
N GLY A 163 -21.56 44.06 7.92
CA GLY A 163 -20.93 43.28 6.88
C GLY A 163 -21.32 41.82 6.94
N LEU A 164 -22.58 41.53 6.67
CA LEU A 164 -23.05 40.16 6.64
C LEU A 164 -23.71 39.89 5.30
N ASP A 165 -23.27 38.83 4.64
CA ASP A 165 -23.83 38.44 3.35
C ASP A 165 -25.18 37.76 3.55
N VAL A 166 -26.10 38.05 2.64
CA VAL A 166 -27.42 37.44 2.69
C VAL A 166 -27.25 35.93 2.61
N PRO A 167 -27.69 35.18 3.60
CA PRO A 167 -27.43 33.75 3.66
C PRO A 167 -28.51 32.95 2.96
N ASN A 168 -28.15 31.74 2.60
CA ASN A 168 -29.03 30.87 1.82
C ASN A 168 -29.92 30.01 2.69
N LEU A 169 -29.90 30.21 3.99
CA LEU A 169 -30.60 29.30 4.89
C LEU A 169 -30.63 29.91 6.27
N LEU A 170 -31.73 29.67 6.98
CA LEU A 170 -31.96 30.35 8.25
C LEU A 170 -32.47 29.34 9.27
N ILE A 171 -31.55 28.73 9.98
CA ILE A 171 -31.89 27.71 10.97
C ILE A 171 -32.22 28.39 12.28
N SER A 172 -33.49 28.37 12.66
CA SER A 172 -33.93 28.92 13.94
C SER A 172 -34.12 27.73 14.87
N VAL A 173 -33.17 27.51 15.74
CA VAL A 173 -33.15 26.35 16.62
C VAL A 173 -33.81 26.71 17.94
N THR A 174 -34.54 25.76 18.52
CA THR A 174 -35.21 25.98 19.79
C THR A 174 -35.19 24.69 20.60
N GLY A 175 -35.44 24.83 21.90
CA GLY A 175 -35.46 23.71 22.81
C GLY A 175 -35.83 24.14 24.22
N GLY A 176 -35.43 23.35 25.22
CA GLY A 176 -35.76 23.68 26.60
C GLY A 176 -34.62 24.42 27.27
N ALA A 177 -34.94 25.57 27.85
CA ALA A 177 -33.93 26.33 28.58
C ALA A 177 -33.29 25.52 29.69
N LYS A 178 -33.95 24.44 30.11
CA LYS A 178 -33.39 23.52 31.09
C LYS A 178 -32.06 22.98 30.61
N ASN A 179 -31.23 22.58 31.56
CA ASN A 179 -30.00 21.88 31.24
C ASN A 179 -30.23 20.39 31.36
N PHE A 180 -29.59 19.63 30.48
CA PHE A 180 -29.80 18.19 30.42
C PHE A 180 -28.71 17.60 29.53
N ASN A 181 -28.84 16.31 29.22
CA ASN A 181 -27.87 15.60 28.39
C ASN A 181 -28.61 14.60 27.52
N MET A 182 -27.85 13.83 26.76
CA MET A 182 -28.40 12.87 25.82
C MET A 182 -27.38 11.77 25.59
N LYS A 183 -27.74 10.83 24.72
CA LYS A 183 -26.83 9.75 24.37
C LYS A 183 -25.61 10.33 23.65
N PRO A 184 -24.46 9.67 23.75
CA PRO A 184 -23.25 10.19 23.12
C PRO A 184 -23.31 10.15 21.61
N ARG A 185 -23.65 8.98 21.07
CA ARG A 185 -23.70 8.82 19.62
C ARG A 185 -24.63 9.85 18.99
N LEU A 186 -25.81 10.03 19.57
CA LEU A 186 -26.75 11.01 19.06
C LEU A 186 -26.17 12.41 19.12
N LYS A 187 -25.59 12.77 20.27
CA LYS A 187 -25.01 14.09 20.42
C LYS A 187 -23.91 14.34 19.41
N SER A 188 -23.09 13.33 19.16
CA SER A 188 -21.99 13.47 18.21
C SER A 188 -22.52 13.77 16.82
N ILE A 189 -23.35 12.86 16.30
CA ILE A 189 -23.89 13.03 14.94
C ILE A 189 -24.61 14.37 14.83
N PHE A 190 -25.28 14.78 15.91
CA PHE A 190 -26.04 16.02 15.86
C PHE A 190 -25.13 17.22 15.68
N ARG A 191 -24.18 17.42 16.59
CA ARG A 191 -23.28 18.56 16.47
C ARG A 191 -22.53 18.51 15.15
N ARG A 192 -22.13 17.31 14.73
CA ARG A 192 -21.43 17.15 13.46
C ARG A 192 -22.27 17.67 12.30
N GLY A 193 -23.42 17.04 12.06
CA GLY A 193 -24.23 17.42 10.92
C GLY A 193 -24.68 18.88 10.97
N LEU A 194 -25.03 19.36 12.16
CA LEU A 194 -25.51 20.72 12.28
C LEU A 194 -24.46 21.71 11.80
N VAL A 195 -23.27 21.65 12.41
CA VAL A 195 -22.24 22.63 12.06
C VAL A 195 -21.85 22.48 10.60
N LYS A 196 -21.83 21.25 10.10
CA LYS A 196 -21.45 21.03 8.71
C LYS A 196 -22.42 21.74 7.77
N VAL A 197 -23.72 21.46 7.93
CA VAL A 197 -24.69 22.00 6.99
C VAL A 197 -24.84 23.50 7.18
N ALA A 198 -24.56 24.00 8.37
CA ALA A 198 -24.63 25.44 8.57
C ALA A 198 -23.52 26.15 7.82
N GLN A 199 -22.38 25.49 7.67
CA GLN A 199 -21.24 26.11 7.00
C GLN A 199 -21.33 25.95 5.50
N THR A 200 -21.64 24.75 5.02
CA THR A 200 -21.52 24.47 3.60
C THR A 200 -22.48 25.31 2.76
N THR A 201 -23.62 25.70 3.33
CA THR A 201 -24.58 26.53 2.62
C THR A 201 -24.48 27.99 3.02
N GLY A 202 -23.62 28.32 3.97
CA GLY A 202 -23.56 29.68 4.45
C GLY A 202 -24.90 30.06 5.02
N ALA A 203 -25.26 29.45 6.13
CA ALA A 203 -26.54 29.70 6.78
C ALA A 203 -26.33 30.50 8.05
N TRP A 204 -27.15 31.53 8.24
CA TRP A 204 -27.26 32.12 9.56
C TRP A 204 -27.80 31.09 10.52
N ILE A 205 -27.69 31.37 11.82
CA ILE A 205 -28.23 30.49 12.83
C ILE A 205 -28.69 31.35 13.99
N ILE A 206 -29.95 31.25 14.33
CA ILE A 206 -30.58 32.20 15.23
C ILE A 206 -31.18 31.45 16.40
N THR A 207 -30.97 31.98 17.60
CA THR A 207 -31.48 31.38 18.84
C THR A 207 -31.29 32.34 20.00
N GLY A 208 -31.68 31.89 21.18
CA GLY A 208 -31.36 32.58 22.40
C GLY A 208 -29.87 32.55 22.67
N GLY A 209 -29.45 33.25 23.72
CA GLY A 209 -28.03 33.36 23.98
C GLY A 209 -27.57 33.03 25.38
N SER A 210 -28.49 32.73 26.28
CA SER A 210 -28.09 32.43 27.65
C SER A 210 -27.23 31.18 27.68
N HIS A 211 -26.46 31.05 28.75
CA HIS A 211 -25.52 29.95 28.84
C HIS A 211 -26.17 28.64 29.29
N THR A 212 -27.47 28.52 29.19
CA THR A 212 -28.15 27.31 29.60
C THR A 212 -28.62 26.53 28.38
N GLY A 213 -29.22 25.37 28.64
CA GLY A 213 -29.97 24.62 27.65
C GLY A 213 -29.28 24.28 26.34
N VAL A 214 -30.11 23.95 25.34
CA VAL A 214 -29.60 23.58 24.03
C VAL A 214 -28.89 24.73 23.36
N MET A 215 -29.24 25.97 23.73
CA MET A 215 -28.46 27.11 23.26
C MET A 215 -27.01 26.96 23.68
N LYS A 216 -26.78 26.62 24.95
CA LYS A 216 -25.42 26.35 25.39
C LYS A 216 -24.87 25.10 24.74
N GLN A 217 -25.74 24.13 24.45
CA GLN A 217 -25.27 22.92 23.78
C GLN A 217 -24.72 23.22 22.40
N VAL A 218 -25.50 23.92 21.58
CA VAL A 218 -25.01 24.26 20.26
C VAL A 218 -23.87 25.25 20.36
N GLY A 219 -23.86 26.09 21.39
CA GLY A 219 -22.69 26.90 21.63
C GLY A 219 -21.45 26.05 21.75
N GLU A 220 -21.55 24.94 22.48
CA GLU A 220 -20.45 24.00 22.53
C GLU A 220 -20.15 23.44 21.16
N ALA A 221 -21.19 23.19 20.36
CA ALA A 221 -20.97 22.61 19.04
C ALA A 221 -20.16 23.56 18.16
N VAL A 222 -20.61 24.80 18.05
CA VAL A 222 -19.91 25.75 17.20
C VAL A 222 -18.51 26.00 17.72
N ARG A 223 -18.33 26.05 19.04
CA ARG A 223 -16.99 26.21 19.58
C ARG A 223 -16.13 25.02 19.23
N ASP A 224 -16.73 23.83 19.15
CA ASP A 224 -16.00 22.65 18.73
C ASP A 224 -15.44 22.82 17.33
N PHE A 225 -16.26 23.31 16.41
CA PHE A 225 -15.78 23.53 15.06
C PHE A 225 -14.70 24.60 15.02
N SER A 226 -14.89 25.70 15.76
CA SER A 226 -13.87 26.74 15.80
C SER A 226 -12.60 26.24 16.45
N LEU A 227 -12.69 25.22 17.31
CA LEU A 227 -11.49 24.53 17.74
C LEU A 227 -10.83 23.82 16.56
N SER A 228 -11.62 23.22 15.69
CA SER A 228 -11.07 22.70 14.44
C SER A 228 -10.74 23.88 13.52
N SER A 229 -11.77 24.62 13.11
CA SER A 229 -11.67 25.83 12.29
C SER A 229 -10.56 25.72 11.24
N SER A 230 -10.70 24.69 10.40
CA SER A 230 -9.68 24.42 9.39
C SER A 230 -9.43 25.65 8.52
N TYR A 231 -10.50 26.27 8.04
CA TYR A 231 -10.36 27.49 7.24
C TYR A 231 -11.66 28.27 7.35
N LYS A 232 -11.54 29.59 7.19
CA LYS A 232 -12.65 30.51 7.36
C LYS A 232 -13.33 30.29 8.70
N GLU A 233 -12.54 30.43 9.76
CA GLU A 233 -13.07 30.23 11.11
C GLU A 233 -14.31 31.07 11.35
N GLY A 234 -14.41 32.21 10.69
CA GLY A 234 -15.61 33.01 10.74
C GLY A 234 -16.77 32.48 9.93
N GLU A 235 -16.63 31.29 9.34
CA GLU A 235 -17.73 30.72 8.57
C GLU A 235 -18.99 30.62 9.42
N LEU A 236 -18.93 29.79 10.45
CA LEU A 236 -20.10 29.59 11.31
C LEU A 236 -20.39 30.86 12.07
N ILE A 237 -21.47 31.54 11.68
CA ILE A 237 -21.90 32.75 12.34
C ILE A 237 -23.18 32.41 13.09
N THR A 238 -23.25 32.81 14.35
CA THR A 238 -24.39 32.51 15.20
C THR A 238 -24.78 33.78 15.93
N ILE A 239 -26.06 34.08 15.98
CA ILE A 239 -26.53 35.30 16.60
C ILE A 239 -27.38 34.93 17.80
N GLY A 240 -27.24 35.71 18.86
CA GLY A 240 -27.92 35.45 20.11
C GLY A 240 -29.08 36.41 20.29
N VAL A 241 -30.23 35.85 20.66
CA VAL A 241 -31.46 36.60 20.81
C VAL A 241 -31.95 36.38 22.23
N ALA A 242 -31.63 37.29 23.13
CA ALA A 242 -32.07 37.17 24.50
C ALA A 242 -32.65 38.51 24.96
N THR A 243 -33.11 38.52 26.20
CA THR A 243 -33.82 39.67 26.75
C THR A 243 -32.92 40.47 27.68
N TRP A 244 -32.77 41.76 27.37
CA TRP A 244 -31.84 42.61 28.10
C TRP A 244 -32.15 42.67 29.59
N GLY A 245 -33.40 42.41 29.96
CA GLY A 245 -33.75 42.43 31.37
C GLY A 245 -33.07 41.34 32.16
N THR A 246 -32.82 40.19 31.53
CA THR A 246 -32.27 39.04 32.23
C THR A 246 -30.76 38.91 31.98
N VAL A 247 -30.01 39.94 32.34
CA VAL A 247 -28.56 39.93 32.15
C VAL A 247 -27.88 40.21 33.48
N HIS A 248 -26.77 39.52 33.72
CA HIS A 248 -26.17 39.45 35.05
C HIS A 248 -25.30 40.66 35.37
N ARG A 249 -24.23 40.86 34.61
CA ARG A 249 -23.29 41.95 34.85
C ARG A 249 -23.44 43.03 33.80
N ARG A 250 -24.68 43.26 33.36
CA ARG A 250 -24.89 44.03 32.13
C ARG A 250 -24.38 45.45 32.22
N GLU A 251 -24.24 45.99 33.43
CA GLU A 251 -23.81 47.38 33.55
C GLU A 251 -22.49 47.62 32.84
N GLY A 252 -21.67 46.57 32.70
CA GLY A 252 -20.30 46.72 32.26
C GLY A 252 -20.15 47.35 30.89
N LEU A 253 -21.19 47.37 30.09
CA LEU A 253 -21.12 47.95 28.76
C LEU A 253 -22.00 49.18 28.60
N ILE A 254 -22.74 49.57 29.64
CA ILE A 254 -23.66 50.68 29.48
C ILE A 254 -22.84 51.95 29.38
N HIS A 255 -22.58 52.38 28.17
CA HIS A 255 -21.67 53.48 27.95
C HIS A 255 -21.91 54.13 26.60
N PRO A 256 -22.12 55.43 26.56
CA PRO A 256 -22.41 56.08 25.28
C PRO A 256 -21.20 56.09 24.38
N THR A 257 -21.46 56.43 23.12
CA THR A 257 -20.42 56.63 22.10
C THR A 257 -19.56 55.40 21.90
N GLY A 258 -20.10 54.22 22.19
CA GLY A 258 -19.41 52.98 21.85
C GLY A 258 -18.44 52.48 22.90
N SER A 259 -18.51 51.19 23.18
CA SER A 259 -17.64 50.55 24.16
C SER A 259 -16.84 49.46 23.48
N PHE A 260 -16.28 49.79 22.32
CA PHE A 260 -15.70 48.81 21.39
C PHE A 260 -14.87 47.73 22.07
N PRO A 261 -13.83 48.02 22.82
CA PRO A 261 -13.27 46.96 23.67
C PRO A 261 -14.11 46.86 24.93
N ALA A 262 -14.92 45.82 25.02
CA ALA A 262 -15.88 45.68 26.11
C ALA A 262 -15.58 44.40 26.86
N GLU A 263 -14.92 44.53 28.01
CA GLU A 263 -14.70 43.39 28.87
C GLU A 263 -16.01 42.95 29.49
N TYR A 264 -16.16 41.65 29.67
CA TYR A 264 -17.36 41.10 30.31
C TYR A 264 -16.94 39.95 31.19
N ILE A 265 -17.12 40.12 32.50
CA ILE A 265 -16.92 39.04 33.46
C ILE A 265 -18.01 38.01 33.23
N LEU A 266 -17.87 36.84 33.85
CA LEU A 266 -18.96 35.88 33.90
C LEU A 266 -18.80 35.06 35.15
N ASP A 267 -19.91 34.45 35.58
CA ASP A 267 -19.89 33.67 36.82
C ASP A 267 -21.05 32.67 36.78
N GLU A 268 -20.73 31.43 36.46
CA GLU A 268 -21.71 30.35 36.56
C GLU A 268 -22.23 30.28 37.98
N ASP A 269 -23.56 30.21 38.11
CA ASP A 269 -24.23 30.10 39.41
C ASP A 269 -23.96 31.34 40.26
N GLY A 270 -23.20 32.29 39.72
CA GLY A 270 -22.98 33.53 40.43
C GLY A 270 -24.06 34.51 40.08
N GLN A 271 -25.31 34.05 40.09
CA GLN A 271 -26.41 34.88 39.66
C GLN A 271 -27.72 34.26 40.13
N GLY A 272 -28.70 35.12 40.36
CA GLY A 272 -30.02 34.68 40.78
C GLY A 272 -30.89 34.27 39.61
N ASN A 273 -32.12 34.78 39.57
CA ASN A 273 -33.00 34.48 38.44
C ASN A 273 -32.41 35.01 37.14
N LEU A 274 -31.85 36.22 37.17
CA LEU A 274 -31.20 36.77 36.00
C LEU A 274 -30.05 35.87 35.58
N THR A 275 -29.85 35.73 34.27
CA THR A 275 -28.86 34.80 33.76
C THR A 275 -27.67 35.53 33.17
N CYS A 276 -26.76 34.75 32.62
CA CYS A 276 -25.62 35.25 31.89
C CYS A 276 -25.70 34.75 30.46
N LEU A 277 -24.66 35.03 29.69
CA LEU A 277 -24.63 34.69 28.27
C LEU A 277 -23.86 33.40 28.04
N ASP A 278 -24.29 32.64 27.05
CA ASP A 278 -23.39 31.63 26.52
C ASP A 278 -22.18 32.32 25.94
N SER A 279 -21.04 31.64 25.99
CA SER A 279 -19.78 32.21 25.53
C SER A 279 -19.30 31.60 24.23
N ASN A 280 -20.20 31.32 23.29
CA ASN A 280 -19.77 30.78 22.01
C ASN A 280 -20.46 31.40 20.81
N HIS A 281 -21.45 32.24 21.00
CA HIS A 281 -22.12 32.79 19.83
C HIS A 281 -21.29 33.90 19.22
N SER A 282 -21.68 34.31 18.01
CA SER A 282 -20.92 35.30 17.29
C SER A 282 -21.51 36.69 17.38
N HIS A 283 -22.81 36.82 17.63
CA HIS A 283 -23.39 38.15 17.77
C HIS A 283 -24.56 38.08 18.72
N PHE A 284 -24.82 39.21 19.37
CA PHE A 284 -25.76 39.25 20.47
C PHE A 284 -26.62 40.48 20.36
N ILE A 285 -27.89 40.29 20.05
CA ILE A 285 -28.87 41.36 20.14
C ILE A 285 -29.56 41.23 21.49
N LEU A 286 -29.89 42.36 22.08
CA LEU A 286 -30.54 42.38 23.37
C LEU A 286 -31.83 43.15 23.26
N VAL A 287 -32.92 42.49 23.43
CA VAL A 287 -34.23 43.11 23.40
C VAL A 287 -34.57 43.56 24.82
N ASP A 288 -35.29 44.67 24.93
CA ASP A 288 -35.63 45.20 26.25
C ASP A 288 -36.98 45.89 26.18
N ASP A 289 -37.70 45.81 27.31
CA ASP A 289 -38.96 46.52 27.44
C ASP A 289 -38.91 47.65 28.46
N GLY A 290 -37.88 47.72 29.27
CA GLY A 290 -37.88 48.58 30.42
C GLY A 290 -38.23 47.88 31.71
N THR A 291 -37.82 46.62 31.86
CA THR A 291 -38.16 45.81 33.02
C THR A 291 -37.01 44.86 33.29
N HIS A 292 -36.73 44.62 34.57
CA HIS A 292 -35.55 43.85 34.95
C HIS A 292 -35.85 42.37 35.17
N GLY A 293 -36.66 42.07 36.17
CA GLY A 293 -37.00 40.69 36.44
C GLY A 293 -38.27 40.27 35.74
N GLN A 294 -38.21 40.15 34.43
CA GLN A 294 -39.38 39.74 33.66
C GLN A 294 -38.89 38.91 32.48
N TYR A 295 -39.81 38.10 31.93
CA TYR A 295 -39.48 37.25 30.81
C TYR A 295 -40.39 37.51 29.62
N GLY A 296 -39.97 37.01 28.46
CA GLY A 296 -40.79 37.02 27.28
C GLY A 296 -40.70 38.25 26.41
N VAL A 297 -39.78 39.16 26.70
CA VAL A 297 -39.67 40.37 25.88
C VAL A 297 -39.03 40.11 24.53
N GLU A 298 -38.73 38.85 24.20
CA GLU A 298 -38.01 38.50 22.99
C GLU A 298 -38.91 38.06 21.84
N ILE A 299 -39.79 37.09 22.11
CA ILE A 299 -40.49 36.41 21.01
C ILE A 299 -41.22 37.37 20.07
N PRO A 300 -41.98 38.37 20.56
CA PRO A 300 -42.74 39.21 19.61
C PRO A 300 -41.89 39.83 18.53
N LEU A 301 -40.60 40.04 18.77
CA LEU A 301 -39.73 40.50 17.70
C LEU A 301 -39.11 39.35 16.92
N ARG A 302 -38.63 38.32 17.61
CA ARG A 302 -38.00 37.20 16.92
C ARG A 302 -38.87 36.70 15.80
N THR A 303 -40.14 36.51 16.09
CA THR A 303 -41.07 36.14 15.04
C THR A 303 -41.08 37.18 13.94
N ARG A 304 -41.21 38.45 14.30
CA ARG A 304 -41.21 39.50 13.28
C ARG A 304 -39.96 39.43 12.44
N LEU A 305 -38.82 39.17 13.07
CA LEU A 305 -37.56 39.19 12.35
C LEU A 305 -37.46 38.03 11.38
N GLU A 306 -37.46 36.80 11.90
CA GLU A 306 -37.28 35.66 11.02
C GLU A 306 -38.30 35.67 9.90
N LYS A 307 -39.51 36.14 10.19
CA LYS A 307 -40.50 36.25 9.12
C LYS A 307 -40.01 37.19 8.04
N PHE A 308 -39.51 38.36 8.45
CA PHE A 308 -39.06 39.33 7.46
C PHE A 308 -37.93 38.79 6.62
N ILE A 309 -37.13 37.87 7.18
CA ILE A 309 -36.06 37.27 6.39
C ILE A 309 -36.59 36.23 5.43
N SER A 310 -37.66 35.53 5.82
CA SER A 310 -38.20 34.56 4.89
C SER A 310 -38.80 35.20 3.66
N GLU A 311 -38.72 36.51 3.54
CA GLU A 311 -39.29 37.22 2.39
C GLU A 311 -38.25 37.76 1.45
N GLN A 312 -37.15 38.32 1.95
CA GLN A 312 -36.20 38.96 1.06
C GLN A 312 -35.63 37.93 0.10
N THR A 313 -35.22 38.40 -1.06
CA THR A 313 -34.78 37.51 -2.12
C THR A 313 -33.30 37.71 -2.41
N LYS A 314 -32.67 36.63 -2.82
CA LYS A 314 -31.28 36.63 -3.25
C LYS A 314 -31.28 36.45 -4.76
N GLU A 315 -30.28 37.02 -5.42
CA GLU A 315 -30.15 36.91 -6.87
C GLU A 315 -28.68 36.86 -7.25
N ARG A 316 -28.19 35.68 -7.58
CA ARG A 316 -26.84 35.49 -8.05
C ARG A 316 -26.86 34.78 -9.39
N GLY A 317 -25.73 34.84 -10.10
CA GLY A 317 -25.71 34.34 -11.45
C GLY A 317 -26.79 35.02 -12.28
N GLY A 318 -27.80 34.25 -12.68
CA GLY A 318 -28.99 34.84 -13.25
C GLY A 318 -30.18 34.49 -12.39
N VAL A 319 -30.03 33.44 -11.59
CA VAL A 319 -31.12 32.94 -10.78
C VAL A 319 -31.43 33.91 -9.64
N ALA A 320 -32.70 33.94 -9.25
CA ALA A 320 -33.14 34.68 -8.07
C ALA A 320 -34.17 33.84 -7.36
N ILE A 321 -34.06 33.73 -6.04
CA ILE A 321 -34.99 32.94 -5.25
C ILE A 321 -35.26 33.67 -3.95
N LYS A 322 -36.21 33.13 -3.20
CA LYS A 322 -36.51 33.60 -1.86
C LYS A 322 -35.84 32.72 -0.83
N ILE A 323 -35.37 33.32 0.24
CA ILE A 323 -34.58 32.57 1.21
C ILE A 323 -35.48 31.58 1.93
N PRO A 324 -35.08 30.33 2.09
CA PRO A 324 -35.89 29.36 2.81
C PRO A 324 -35.48 29.25 4.27
N ILE A 325 -36.45 28.88 5.11
CA ILE A 325 -36.29 28.93 6.56
C ILE A 325 -36.91 27.69 7.19
N VAL A 326 -36.10 26.89 7.86
CA VAL A 326 -36.56 25.69 8.55
C VAL A 326 -36.05 25.75 9.99
N CYS A 327 -36.85 25.19 10.90
CA CYS A 327 -36.52 25.23 12.33
C CYS A 327 -36.41 23.81 12.87
N VAL A 328 -35.38 23.59 13.67
CA VAL A 328 -35.15 22.33 14.34
C VAL A 328 -35.32 22.57 15.82
N VAL A 329 -35.85 21.59 16.53
CA VAL A 329 -36.20 21.75 17.93
C VAL A 329 -35.62 20.60 18.75
N LEU A 330 -35.31 20.90 20.01
CA LEU A 330 -34.74 19.94 20.93
C LEU A 330 -35.66 19.73 22.11
N GLU A 331 -35.16 19.05 23.15
CA GLU A 331 -35.98 18.53 24.24
C GLU A 331 -37.17 19.40 24.59
N GLY A 332 -36.93 20.69 24.81
CA GLY A 332 -38.03 21.62 24.91
C GLY A 332 -39.04 21.30 26.00
N GLY A 333 -40.26 21.75 25.76
CA GLY A 333 -41.36 21.55 26.69
C GLY A 333 -42.67 22.04 26.13
N PRO A 334 -43.56 22.52 27.01
CA PRO A 334 -44.90 22.94 26.56
C PRO A 334 -44.88 24.16 25.65
N GLY A 335 -44.26 25.25 26.14
CA GLY A 335 -44.16 26.45 25.33
C GLY A 335 -43.51 26.18 23.98
N THR A 336 -42.51 25.32 23.96
CA THR A 336 -41.89 24.93 22.70
C THR A 336 -42.93 24.30 21.78
N LEU A 337 -43.80 23.47 22.33
CA LEU A 337 -44.87 22.91 21.51
C LEU A 337 -45.76 24.02 20.96
N HIS A 338 -46.06 25.02 21.78
CA HIS A 338 -46.87 26.13 21.30
C HIS A 338 -46.23 26.79 20.10
N THR A 339 -44.94 27.08 20.18
CA THR A 339 -44.27 27.78 19.08
C THR A 339 -44.15 26.89 17.86
N ILE A 340 -43.88 25.60 18.06
CA ILE A 340 -43.74 24.68 16.93
C ILE A 340 -44.99 24.73 16.06
N ASP A 341 -46.15 24.57 16.67
CA ASP A 341 -47.36 24.61 15.86
C ASP A 341 -47.54 25.99 15.26
N ASN A 342 -47.39 27.04 16.07
CA ASN A 342 -47.61 28.38 15.55
C ASN A 342 -46.71 28.71 14.38
N ALA A 343 -45.62 27.97 14.20
CA ALA A 343 -44.79 28.16 13.02
C ALA A 343 -45.27 27.28 11.87
N THR A 344 -45.39 25.98 12.12
CA THR A 344 -45.72 25.06 11.04
C THR A 344 -47.05 25.37 10.39
N THR A 345 -47.92 26.15 11.05
CA THR A 345 -49.11 26.62 10.35
C THR A 345 -48.79 27.75 9.40
N ASN A 346 -47.53 28.15 9.29
CA ASN A 346 -47.14 29.23 8.40
C ASN A 346 -46.16 28.76 7.34
N GLY A 347 -46.32 27.53 6.88
CA GLY A 347 -45.42 26.98 5.89
C GLY A 347 -44.10 26.55 6.48
N THR A 348 -43.53 27.38 7.35
CA THR A 348 -42.21 27.13 7.90
C THR A 348 -42.16 25.75 8.53
N PRO A 349 -41.48 24.82 7.91
CA PRO A 349 -41.52 23.43 8.35
C PRO A 349 -40.60 23.23 9.55
N CYS A 350 -40.56 21.99 10.03
CA CYS A 350 -39.83 21.65 11.24
C CYS A 350 -39.21 20.28 11.12
N VAL A 351 -38.14 20.07 11.86
CA VAL A 351 -37.51 18.77 11.99
C VAL A 351 -37.17 18.55 13.45
N VAL A 352 -37.43 17.34 13.94
CA VAL A 352 -37.26 17.01 15.35
C VAL A 352 -36.35 15.80 15.46
N VAL A 353 -35.55 15.77 16.51
CA VAL A 353 -34.68 14.63 16.76
C VAL A 353 -35.45 13.60 17.57
N GLU A 354 -35.32 12.34 17.17
CA GLU A 354 -35.95 11.23 17.90
C GLU A 354 -34.99 10.78 18.98
N GLY A 355 -35.10 11.39 20.16
CA GLY A 355 -34.19 11.07 21.24
C GLY A 355 -33.93 12.25 22.16
N SER A 356 -33.97 11.99 23.46
CA SER A 356 -33.70 12.98 24.50
C SER A 356 -34.58 14.21 24.31
N GLY A 357 -35.89 14.00 24.40
CA GLY A 357 -36.81 15.11 24.28
C GLY A 357 -38.11 14.86 24.99
N ARG A 358 -38.48 15.77 25.90
CA ARG A 358 -39.77 15.67 26.54
C ARG A 358 -40.88 15.92 25.54
N VAL A 359 -40.94 17.15 25.02
CA VAL A 359 -41.91 17.43 23.98
C VAL A 359 -41.49 16.86 22.65
N ALA A 360 -40.23 16.43 22.53
CA ALA A 360 -39.75 15.91 21.25
C ALA A 360 -40.10 14.44 21.10
N ASP A 361 -39.56 13.59 21.98
CA ASP A 361 -39.67 12.15 21.79
C ASP A 361 -41.12 11.70 21.78
N VAL A 362 -41.99 12.40 22.50
CA VAL A 362 -43.41 12.08 22.46
C VAL A 362 -43.91 12.19 21.02
N ILE A 363 -43.51 13.25 20.33
CA ILE A 363 -43.93 13.37 18.94
C ILE A 363 -43.21 12.35 18.09
N ALA A 364 -41.95 12.07 18.42
CA ALA A 364 -41.23 11.02 17.72
C ALA A 364 -41.99 9.72 17.80
N GLN A 365 -42.62 9.45 18.94
CA GLN A 365 -43.39 8.22 19.10
C GLN A 365 -44.67 8.28 18.27
N VAL A 366 -45.42 9.38 18.40
CA VAL A 366 -46.69 9.47 17.71
C VAL A 366 -46.51 9.69 16.21
N ALA A 367 -45.26 9.77 15.75
CA ALA A 367 -45.00 9.96 14.32
C ALA A 367 -45.75 8.96 13.46
N ASN A 368 -45.84 7.71 13.89
CA ASN A 368 -46.40 6.66 13.08
C ASN A 368 -47.91 6.52 13.25
N LEU A 369 -48.46 6.98 14.36
CA LEU A 369 -49.88 6.80 14.62
C LEU A 369 -50.73 7.64 13.68
N PRO A 370 -51.66 7.06 12.93
CA PRO A 370 -52.52 7.85 12.06
C PRO A 370 -53.39 8.82 12.85
N VAL A 371 -53.91 9.82 12.15
CA VAL A 371 -54.65 10.87 12.82
C VAL A 371 -55.95 10.33 13.40
N SER A 372 -56.44 11.02 14.43
CA SER A 372 -57.65 10.68 15.20
C SER A 372 -57.46 9.42 16.02
N ASP A 373 -56.33 8.74 15.92
CA ASP A 373 -56.05 7.56 16.72
C ASP A 373 -55.25 7.89 17.97
N ILE A 374 -55.36 9.12 18.46
CA ILE A 374 -54.58 9.58 19.59
C ILE A 374 -55.51 10.03 20.70
N THR A 375 -55.84 9.13 21.61
CA THR A 375 -56.76 9.49 22.69
C THR A 375 -56.03 10.27 23.77
N ILE A 376 -56.79 11.11 24.47
CA ILE A 376 -56.23 11.92 25.53
C ILE A 376 -55.69 11.07 26.67
N SER A 377 -56.13 9.81 26.76
CA SER A 377 -55.60 8.91 27.79
C SER A 377 -54.23 8.38 27.40
N LEU A 378 -54.06 7.96 26.15
CA LEU A 378 -52.74 7.67 25.61
C LEU A 378 -51.78 8.78 25.95
N ILE A 379 -52.18 10.01 25.65
CA ILE A 379 -51.37 11.18 25.95
C ILE A 379 -51.13 11.32 27.44
N GLN A 380 -52.19 11.14 28.24
CA GLN A 380 -52.07 11.33 29.69
C GLN A 380 -50.97 10.45 30.27
N GLN A 381 -51.05 9.14 30.01
CA GLN A 381 -49.99 8.27 30.49
C GLN A 381 -48.67 8.59 29.82
N LYS A 382 -48.68 9.02 28.56
CA LYS A 382 -47.44 9.35 27.89
C LYS A 382 -46.72 10.50 28.59
N LEU A 383 -47.37 11.65 28.68
CA LEU A 383 -46.77 12.77 29.39
C LEU A 383 -46.46 12.40 30.82
N SER A 384 -47.25 11.51 31.42
CA SER A 384 -47.00 11.12 32.81
C SER A 384 -45.72 10.30 32.92
N VAL A 385 -45.52 9.35 32.00
CA VAL A 385 -44.30 8.55 32.04
C VAL A 385 -43.11 9.33 31.53
N PHE A 386 -43.34 10.46 30.86
CA PHE A 386 -42.22 11.20 30.31
C PHE A 386 -41.76 12.32 31.22
N PHE A 387 -42.69 13.14 31.70
CA PHE A 387 -42.31 14.23 32.60
C PHE A 387 -41.82 13.68 33.93
N GLN A 388 -42.68 12.95 34.65
CA GLN A 388 -42.37 12.23 35.87
C GLN A 388 -41.96 13.14 37.01
N GLU A 389 -41.86 14.44 36.78
CA GLU A 389 -41.69 15.42 37.84
C GLU A 389 -42.87 16.38 37.88
N MET A 390 -43.28 16.90 36.73
CA MET A 390 -44.52 17.62 36.58
C MET A 390 -45.58 16.77 35.91
N PHE A 391 -45.38 15.45 35.88
CA PHE A 391 -46.26 14.55 35.14
C PHE A 391 -47.72 14.72 35.51
N GLU A 392 -47.99 15.20 36.71
CA GLU A 392 -49.35 15.29 37.21
C GLU A 392 -49.88 16.71 37.33
N THR A 393 -49.00 17.71 37.45
CA THR A 393 -49.48 19.06 37.69
C THR A 393 -50.30 19.64 36.54
N PHE A 394 -50.49 18.89 35.47
CA PHE A 394 -51.27 19.37 34.33
C PHE A 394 -52.75 19.23 34.64
N THR A 395 -53.46 20.35 34.54
CA THR A 395 -54.90 20.32 34.64
C THR A 395 -55.52 19.49 33.52
N GLU A 396 -56.70 18.96 33.79
CA GLU A 396 -57.46 18.35 32.73
C GLU A 396 -57.90 19.36 31.69
N SER A 397 -57.89 20.65 32.05
CA SER A 397 -58.25 21.72 31.13
C SER A 397 -57.11 22.11 30.22
N ARG A 398 -56.04 21.33 30.16
CA ARG A 398 -54.96 21.62 29.24
C ARG A 398 -54.55 20.38 28.46
N ILE A 399 -54.78 19.19 29.03
CA ILE A 399 -54.37 17.98 28.32
C ILE A 399 -55.22 17.78 27.09
N VAL A 400 -56.49 18.20 27.15
CA VAL A 400 -57.33 18.18 25.96
C VAL A 400 -56.83 19.21 24.95
N GLU A 401 -56.33 20.34 25.42
CA GLU A 401 -55.67 21.28 24.54
C GLU A 401 -54.49 20.64 23.84
N TRP A 402 -53.73 19.82 24.57
CA TRP A 402 -52.54 19.21 24.01
C TRP A 402 -52.90 18.13 23.00
N THR A 403 -53.96 17.38 23.27
CA THR A 403 -54.48 16.46 22.27
C THR A 403 -54.82 17.19 20.99
N LYS A 404 -55.50 18.33 21.13
CA LYS A 404 -55.84 19.13 19.96
C LYS A 404 -54.58 19.51 19.18
N LYS A 405 -53.60 20.09 19.87
CA LYS A 405 -52.41 20.58 19.19
C LYS A 405 -51.68 19.46 18.47
N ILE A 406 -51.38 18.38 19.21
CA ILE A 406 -50.54 17.34 18.64
C ILE A 406 -51.24 16.68 17.46
N GLN A 407 -52.55 16.44 17.59
CA GLN A 407 -53.27 15.82 16.48
C GLN A 407 -53.29 16.75 15.27
N ASP A 408 -53.39 18.06 15.51
CA ASP A 408 -53.32 19.02 14.41
C ASP A 408 -51.97 18.95 13.72
N ILE A 409 -50.89 18.97 14.51
CA ILE A 409 -49.55 18.97 13.93
C ILE A 409 -49.33 17.74 13.07
N VAL A 410 -49.61 16.56 13.62
CA VAL A 410 -49.37 15.35 12.85
C VAL A 410 -50.29 15.27 11.65
N ARG A 411 -51.37 16.05 11.65
CA ARG A 411 -52.23 16.09 10.47
C ARG A 411 -51.47 16.58 9.24
N ARG A 412 -50.69 17.65 9.39
CA ARG A 412 -49.93 18.21 8.27
C ARG A 412 -48.77 17.28 7.97
N ARG A 413 -49.08 16.20 7.25
CA ARG A 413 -48.17 15.08 7.14
C ARG A 413 -46.94 15.38 6.28
N GLN A 414 -46.75 16.60 5.82
CA GLN A 414 -45.59 16.92 4.99
C GLN A 414 -44.61 17.85 5.67
N LEU A 415 -45.10 18.93 6.29
CA LEU A 415 -44.21 19.93 6.83
C LEU A 415 -43.39 19.43 8.01
N LEU A 416 -43.60 18.20 8.44
CA LEU A 416 -42.89 17.66 9.58
C LEU A 416 -41.99 16.50 9.17
N THR A 417 -41.11 16.11 10.07
CA THR A 417 -40.19 15.00 9.79
C THR A 417 -39.59 14.48 11.08
N VAL A 418 -39.65 13.17 11.26
CA VAL A 418 -38.98 12.50 12.37
C VAL A 418 -37.51 12.45 12.01
N PHE A 419 -36.67 12.07 12.96
CA PHE A 419 -35.29 11.73 12.64
C PHE A 419 -35.01 10.24 12.66
N ARG A 420 -35.49 9.53 13.68
CA ARG A 420 -35.27 8.08 13.84
C ARG A 420 -33.77 7.77 13.92
N GLU A 421 -33.17 8.23 15.01
CA GLU A 421 -31.73 8.13 15.23
C GLU A 421 -31.19 6.71 15.09
N GLY A 422 -30.36 6.49 14.07
CA GLY A 422 -29.65 5.24 13.87
C GLY A 422 -30.31 4.18 13.00
N LYS A 423 -31.60 3.93 13.22
CA LYS A 423 -32.23 2.76 12.62
C LYS A 423 -32.48 2.95 11.13
N ASP A 424 -33.30 3.93 10.77
CA ASP A 424 -33.75 4.08 9.40
C ASP A 424 -33.51 5.50 8.92
N GLY A 425 -33.00 5.61 7.69
CA GLY A 425 -32.82 6.90 7.05
C GLY A 425 -31.90 7.85 7.78
N GLN A 426 -31.26 7.37 8.83
CA GLN A 426 -30.35 8.21 9.62
C GLN A 426 -28.98 8.30 8.97
N GLN A 427 -28.96 8.68 7.69
CA GLN A 427 -27.70 8.87 7.00
C GLN A 427 -26.88 9.97 7.67
N ASP A 428 -27.38 11.20 7.59
CA ASP A 428 -26.68 12.30 8.23
C ASP A 428 -27.67 13.41 8.48
N VAL A 429 -27.35 14.26 9.44
CA VAL A 429 -28.28 15.30 9.85
C VAL A 429 -28.53 16.26 8.70
N ASP A 430 -27.45 16.69 8.03
CA ASP A 430 -27.58 17.65 6.94
C ASP A 430 -28.58 17.16 5.90
N VAL A 431 -28.28 16.05 5.24
CA VAL A 431 -29.09 15.57 4.13
C VAL A 431 -30.55 15.49 4.55
N ALA A 432 -30.78 15.14 5.82
CA ALA A 432 -32.14 15.15 6.34
C ALA A 432 -32.74 16.54 6.23
N ILE A 433 -32.06 17.54 6.79
CA ILE A 433 -32.58 18.90 6.74
C ILE A 433 -32.84 19.31 5.30
N LEU A 434 -31.94 18.90 4.40
CA LEU A 434 -32.11 19.24 2.99
C LEU A 434 -33.41 18.67 2.45
N GLN A 435 -33.57 17.35 2.55
CA GLN A 435 -34.79 16.73 2.07
C GLN A 435 -36.00 17.35 2.74
N ALA A 436 -35.86 17.72 4.00
CA ALA A 436 -36.97 18.34 4.71
C ALA A 436 -37.41 19.62 4.02
N LEU A 437 -36.54 20.62 4.03
CA LEU A 437 -36.84 21.89 3.40
C LEU A 437 -37.23 21.70 1.95
N LEU A 438 -36.62 20.74 1.28
CA LEU A 438 -36.92 20.51 -0.12
C LEU A 438 -38.34 20.01 -0.30
N LYS A 439 -38.70 18.93 0.38
CA LYS A 439 -40.05 18.41 0.27
C LYS A 439 -41.07 19.47 0.59
N ALA A 440 -40.78 20.31 1.57
CA ALA A 440 -41.64 21.43 1.89
C ALA A 440 -41.86 22.30 0.67
N SER A 441 -40.77 22.81 0.11
CA SER A 441 -40.86 23.64 -1.08
C SER A 441 -41.70 22.96 -2.15
N ARG A 442 -41.48 21.66 -2.35
CA ARG A 442 -42.22 20.96 -3.39
C ARG A 442 -43.70 20.96 -3.10
N SER A 443 -44.08 20.66 -1.87
CA SER A 443 -45.49 20.60 -1.51
C SER A 443 -46.20 21.91 -1.75
N GLN A 444 -45.47 23.02 -1.73
CA GLN A 444 -46.10 24.30 -1.99
C GLN A 444 -46.83 24.27 -3.33
N ASP A 445 -47.99 24.91 -3.37
CA ASP A 445 -48.84 24.84 -4.55
C ASP A 445 -48.18 25.51 -5.74
N HIS A 446 -48.57 25.08 -6.94
CA HIS A 446 -47.93 25.52 -8.17
C HIS A 446 -48.87 25.28 -9.34
N PHE A 447 -48.45 25.76 -10.51
CA PHE A 447 -49.17 25.58 -11.76
C PHE A 447 -48.14 25.37 -12.87
N GLY A 448 -47.86 24.10 -13.18
CA GLY A 448 -46.88 23.74 -14.17
C GLY A 448 -45.86 22.80 -13.58
N HIS A 449 -44.62 22.90 -14.07
CA HIS A 449 -43.49 22.15 -13.55
C HIS A 449 -42.32 23.04 -13.20
N GLU A 450 -42.51 24.36 -13.19
CA GLU A 450 -41.45 25.28 -12.79
C GLU A 450 -41.10 25.07 -11.33
N ASN A 451 -41.84 24.18 -10.66
CA ASN A 451 -41.43 23.77 -9.33
C ASN A 451 -40.16 22.95 -9.38
N TRP A 452 -40.00 22.09 -10.40
CA TRP A 452 -38.71 21.46 -10.61
C TRP A 452 -37.64 22.52 -10.82
N ASP A 453 -37.98 23.56 -11.57
CA ASP A 453 -37.07 24.69 -11.68
C ASP A 453 -36.73 25.22 -10.30
N HIS A 454 -37.72 25.28 -9.42
CA HIS A 454 -37.46 25.86 -8.11
C HIS A 454 -36.57 24.96 -7.29
N GLN A 455 -36.86 23.66 -7.26
CA GLN A 455 -36.00 22.73 -6.56
C GLN A 455 -34.57 22.84 -7.06
N LEU A 456 -34.41 22.93 -8.38
CA LEU A 456 -33.08 22.92 -8.94
C LEU A 456 -32.35 24.22 -8.65
N LYS A 457 -33.02 25.34 -8.91
CA LYS A 457 -32.44 26.64 -8.59
C LYS A 457 -31.92 26.64 -7.16
N LEU A 458 -32.65 26.02 -6.26
CA LEU A 458 -32.16 25.91 -4.89
C LEU A 458 -30.92 25.02 -4.83
N ALA A 459 -31.07 23.77 -5.23
CA ALA A 459 -30.01 22.78 -5.03
C ALA A 459 -28.67 23.27 -5.54
N VAL A 460 -28.70 24.19 -6.49
CA VAL A 460 -27.47 24.78 -6.99
C VAL A 460 -27.18 26.12 -6.34
N ALA A 461 -28.20 26.81 -5.82
CA ALA A 461 -27.91 27.99 -5.01
C ALA A 461 -27.00 27.61 -3.87
N TRP A 462 -27.46 26.70 -3.02
CA TRP A 462 -26.53 25.99 -2.16
C TRP A 462 -25.58 25.20 -3.04
N ASN A 463 -24.33 25.11 -2.61
CA ASN A 463 -23.33 24.61 -3.53
C ASN A 463 -23.47 23.12 -3.79
N ARG A 464 -23.97 22.36 -2.83
CA ARG A 464 -23.87 20.91 -2.96
C ARG A 464 -24.74 20.41 -4.11
N VAL A 465 -24.23 19.38 -4.79
CA VAL A 465 -24.85 18.86 -5.99
C VAL A 465 -25.49 17.51 -5.76
N ASP A 466 -24.91 16.69 -4.88
CA ASP A 466 -25.35 15.34 -4.59
C ASP A 466 -26.87 15.27 -4.56
N ILE A 467 -27.48 16.29 -3.99
CA ILE A 467 -28.93 16.33 -3.86
C ILE A 467 -29.59 16.20 -5.23
N ALA A 468 -29.29 17.14 -6.11
CA ALA A 468 -30.01 17.20 -7.38
C ALA A 468 -29.80 15.93 -8.18
N ARG A 469 -28.54 15.53 -8.34
CA ARG A 469 -28.27 14.30 -9.07
C ARG A 469 -28.92 13.11 -8.41
N SER A 470 -29.17 13.20 -7.11
CA SER A 470 -29.83 12.09 -6.43
C SER A 470 -31.31 12.05 -6.74
N GLU A 471 -31.97 13.21 -6.69
CA GLU A 471 -33.41 13.16 -6.76
C GLU A 471 -34.03 14.12 -7.79
N ILE A 472 -33.48 15.32 -7.95
CA ILE A 472 -34.10 16.27 -8.85
C ILE A 472 -34.17 15.70 -10.26
N PHE A 473 -33.16 14.93 -10.64
CA PHE A 473 -33.11 14.33 -11.96
C PHE A 473 -33.35 12.83 -11.92
N MET A 474 -34.10 12.37 -10.93
CA MET A 474 -34.36 10.94 -10.85
C MET A 474 -35.32 10.55 -11.95
N ASP A 475 -36.53 11.09 -11.91
CA ASP A 475 -37.57 10.82 -12.90
C ASP A 475 -38.73 11.76 -12.60
N GLU A 476 -39.87 11.51 -13.24
CA GLU A 476 -41.16 12.12 -12.96
C GLU A 476 -41.27 13.56 -13.44
N TRP A 477 -40.24 14.08 -14.08
CA TRP A 477 -40.34 15.40 -14.71
C TRP A 477 -40.41 15.32 -16.22
N GLN A 478 -39.58 14.48 -16.84
CA GLN A 478 -39.50 14.41 -18.30
C GLN A 478 -39.22 15.79 -18.89
N TRP A 479 -38.30 16.52 -18.26
CA TRP A 479 -37.93 17.84 -18.71
C TRP A 479 -37.37 17.80 -20.12
N LYS A 480 -37.11 18.97 -20.66
CA LYS A 480 -36.47 19.10 -21.95
C LYS A 480 -35.19 19.91 -21.81
N PRO A 481 -34.06 19.41 -22.31
CA PRO A 481 -32.78 20.10 -22.07
C PRO A 481 -32.78 21.57 -22.42
N SER A 482 -33.60 21.99 -23.37
CA SER A 482 -33.68 23.42 -23.61
C SER A 482 -34.32 24.17 -22.46
N ASP A 483 -34.65 23.50 -21.36
CA ASP A 483 -35.24 24.16 -20.20
C ASP A 483 -34.25 24.25 -19.06
N LEU A 484 -32.97 24.41 -19.36
CA LEU A 484 -31.97 24.54 -18.32
C LEU A 484 -31.06 25.73 -18.54
N HIS A 485 -31.13 26.36 -19.69
CA HIS A 485 -30.14 27.38 -20.02
C HIS A 485 -30.05 28.48 -18.99
N PRO A 486 -31.13 28.97 -18.39
CA PRO A 486 -30.95 29.91 -17.28
C PRO A 486 -30.08 29.35 -16.19
N THR A 487 -30.32 28.10 -15.80
CA THR A 487 -29.50 27.50 -14.78
C THR A 487 -28.07 27.37 -15.24
N MET A 488 -27.85 26.71 -16.39
CA MET A 488 -26.51 26.56 -16.92
C MET A 488 -25.76 27.87 -16.86
N THR A 489 -26.40 28.95 -17.27
CA THR A 489 -25.82 30.27 -17.16
C THR A 489 -25.25 30.50 -15.77
N ALA A 490 -26.12 30.45 -14.77
CA ALA A 490 -25.66 30.71 -13.42
C ALA A 490 -24.64 29.67 -12.96
N ALA A 491 -24.69 28.48 -13.53
CA ALA A 491 -23.72 27.47 -13.15
C ALA A 491 -22.33 27.89 -13.56
N LEU A 492 -22.22 28.50 -14.74
CA LEU A 492 -20.91 28.94 -15.21
C LEU A 492 -20.46 30.17 -14.44
N ILE A 493 -21.20 31.27 -14.55
CA ILE A 493 -20.72 32.54 -14.02
C ILE A 493 -20.20 32.38 -12.62
N SER A 494 -20.68 31.38 -11.91
CA SER A 494 -20.28 31.15 -10.54
C SER A 494 -19.16 30.15 -10.39
N ASN A 495 -18.62 29.65 -11.51
CA ASN A 495 -17.51 28.70 -11.47
C ASN A 495 -17.86 27.48 -10.63
N LYS A 496 -18.82 26.72 -11.13
CA LYS A 496 -19.24 25.47 -10.48
C LYS A 496 -19.21 24.40 -11.54
N PRO A 497 -18.08 23.71 -11.68
CA PRO A 497 -17.94 22.76 -12.78
C PRO A 497 -18.82 21.54 -12.65
N GLU A 498 -19.07 21.08 -11.42
CA GLU A 498 -19.78 19.83 -11.24
C GLU A 498 -21.14 19.86 -11.91
N PHE A 499 -21.88 20.92 -11.66
CA PHE A 499 -23.19 21.04 -12.30
C PHE A 499 -23.06 21.05 -13.82
N VAL A 500 -21.96 21.59 -14.33
CA VAL A 500 -21.77 21.60 -15.76
C VAL A 500 -21.66 20.17 -16.27
N LYS A 501 -20.76 19.40 -15.67
CA LYS A 501 -20.68 18.00 -16.02
C LYS A 501 -22.04 17.36 -15.94
N LEU A 502 -22.82 17.75 -14.95
CA LEU A 502 -24.14 17.16 -14.79
C LEU A 502 -25.00 17.42 -16.00
N PHE A 503 -25.32 18.68 -16.27
CA PHE A 503 -26.24 18.97 -17.37
C PHE A 503 -25.69 18.48 -18.70
N LEU A 504 -24.38 18.24 -18.78
CA LEU A 504 -23.84 17.57 -19.94
C LEU A 504 -24.27 16.11 -19.97
N GLU A 505 -24.17 15.43 -18.83
CA GLU A 505 -24.61 14.05 -18.76
C GLU A 505 -26.08 13.94 -19.12
N ASN A 506 -26.88 14.92 -18.71
CA ASN A 506 -28.26 15.00 -19.15
C ASN A 506 -28.42 15.79 -20.42
N GLY A 507 -27.33 15.99 -21.15
CA GLY A 507 -27.43 16.42 -22.52
C GLY A 507 -27.99 17.81 -22.74
N VAL A 508 -27.24 18.83 -22.33
CA VAL A 508 -27.41 20.17 -22.87
C VAL A 508 -26.41 20.30 -24.00
N GLN A 509 -26.86 20.82 -25.14
CA GLN A 509 -26.04 20.85 -26.34
C GLN A 509 -25.32 22.18 -26.43
N LEU A 510 -24.04 22.16 -26.11
CA LEU A 510 -23.22 23.36 -26.18
C LEU A 510 -23.49 24.12 -27.45
N LYS A 511 -23.31 23.45 -28.58
CA LYS A 511 -23.49 24.13 -29.86
C LYS A 511 -24.88 24.74 -29.95
N GLU A 512 -25.88 24.04 -29.47
CA GLU A 512 -27.21 24.62 -29.42
C GLU A 512 -27.31 25.68 -28.35
N PHE A 513 -26.37 25.70 -27.41
CA PHE A 513 -26.52 26.53 -26.24
C PHE A 513 -25.80 27.87 -26.35
N VAL A 514 -24.53 27.87 -26.68
CA VAL A 514 -23.77 29.08 -26.42
C VAL A 514 -24.05 30.04 -27.55
N THR A 515 -25.18 30.69 -27.49
CA THR A 515 -25.60 31.53 -28.59
C THR A 515 -24.92 32.87 -28.48
N TRP A 516 -25.33 33.82 -29.31
CA TRP A 516 -24.64 35.09 -29.36
C TRP A 516 -24.93 35.92 -28.13
N ASP A 517 -26.21 36.20 -27.87
CA ASP A 517 -26.56 37.06 -26.76
C ASP A 517 -26.05 36.49 -25.45
N THR A 518 -26.33 35.22 -25.20
CA THR A 518 -25.81 34.57 -24.00
C THR A 518 -24.31 34.76 -23.92
N LEU A 519 -23.63 34.63 -25.05
CA LEU A 519 -22.20 34.87 -25.05
C LEU A 519 -21.89 36.30 -24.60
N LEU A 520 -22.58 37.26 -25.21
CA LEU A 520 -22.40 38.65 -24.80
C LEU A 520 -22.62 38.79 -23.31
N TYR A 521 -23.61 38.08 -22.79
CA TYR A 521 -23.86 38.07 -21.35
C TYR A 521 -22.61 37.64 -20.60
N LEU A 522 -22.20 36.41 -20.81
CA LEU A 522 -21.07 35.86 -20.08
C LEU A 522 -19.86 36.74 -20.12
N TYR A 523 -19.75 37.60 -21.12
CA TYR A 523 -18.64 38.52 -21.15
C TYR A 523 -18.94 39.80 -20.42
N GLU A 524 -20.07 39.88 -19.75
CA GLU A 524 -20.34 41.05 -18.93
C GLU A 524 -20.04 40.80 -17.47
N ASN A 525 -20.01 39.54 -17.04
CA ASN A 525 -19.87 39.28 -15.62
C ASN A 525 -18.68 38.42 -15.33
N LEU A 526 -17.57 38.69 -15.98
CA LEU A 526 -16.35 38.01 -15.58
C LEU A 526 -16.01 38.42 -14.16
N ASP A 527 -15.23 37.60 -13.50
CA ASP A 527 -14.88 37.94 -12.12
C ASP A 527 -14.10 39.26 -12.12
N PRO A 528 -14.53 40.24 -11.34
CA PRO A 528 -13.99 41.58 -11.51
C PRO A 528 -12.51 41.68 -11.24
N SER A 529 -11.96 40.75 -10.49
CA SER A 529 -10.55 40.85 -10.14
C SER A 529 -9.64 40.57 -11.31
N CYS A 530 -10.10 39.85 -12.33
CA CYS A 530 -9.19 39.34 -13.35
C CYS A 530 -8.62 40.47 -14.19
N LEU A 531 -7.34 40.34 -14.52
CA LEU A 531 -6.65 41.37 -15.26
C LEU A 531 -7.36 41.69 -16.56
N PHE A 532 -7.82 40.66 -17.25
CA PHE A 532 -8.62 40.83 -18.45
C PHE A 532 -9.71 41.85 -18.23
N HIS A 533 -10.40 41.76 -17.10
CA HIS A 533 -11.55 42.61 -16.85
C HIS A 533 -11.13 44.07 -16.78
N SER A 534 -10.03 44.35 -16.09
CA SER A 534 -9.51 45.71 -16.04
C SER A 534 -9.24 46.23 -17.44
N LYS A 535 -8.46 45.47 -18.20
CA LYS A 535 -8.13 45.91 -19.55
C LYS A 535 -9.40 46.20 -20.34
N LEU A 536 -10.40 45.36 -20.17
CA LEU A 536 -11.63 45.56 -20.92
C LEU A 536 -12.27 46.88 -20.59
N GLN A 537 -12.37 47.19 -19.30
CA GLN A 537 -12.94 48.48 -18.92
C GLN A 537 -12.21 49.61 -19.61
N LYS A 538 -10.89 49.56 -19.56
CA LYS A 538 -10.10 50.61 -20.20
C LYS A 538 -10.50 50.76 -21.65
N VAL A 539 -10.29 49.70 -22.44
CA VAL A 539 -10.56 49.79 -23.86
C VAL A 539 -12.01 50.15 -24.14
N LEU A 540 -12.90 49.90 -23.18
CA LEU A 540 -14.28 50.32 -23.37
C LEU A 540 -14.38 51.82 -23.39
N VAL A 541 -13.84 52.47 -22.36
CA VAL A 541 -13.97 53.91 -22.31
C VAL A 541 -13.02 54.57 -23.27
N GLU A 542 -11.97 53.86 -23.67
CA GLU A 542 -11.09 54.38 -24.71
C GLU A 542 -11.78 54.48 -26.06
N ASP A 543 -12.91 53.81 -26.21
CA ASP A 543 -13.63 53.87 -27.48
C ASP A 543 -14.08 55.31 -27.74
N PRO A 544 -13.89 55.82 -28.95
CA PRO A 544 -14.35 57.18 -29.24
C PRO A 544 -15.84 57.24 -29.55
N GLU A 545 -16.34 56.22 -30.25
CA GLU A 545 -17.70 56.32 -30.78
C GLU A 545 -18.75 56.16 -29.70
N ARG A 546 -18.43 55.46 -28.60
CA ARG A 546 -19.46 55.19 -27.61
C ARG A 546 -19.79 56.42 -26.76
N PRO A 547 -18.82 57.09 -26.11
CA PRO A 547 -19.15 58.38 -25.49
C PRO A 547 -19.61 59.41 -26.50
N ALA A 548 -19.38 59.17 -27.79
CA ALA A 548 -20.05 59.95 -28.82
C ALA A 548 -21.52 59.57 -28.92
N CYS A 549 -21.84 58.28 -28.75
CA CYS A 549 -23.23 57.85 -28.77
C CYS A 549 -23.92 58.25 -27.48
N ALA A 550 -23.42 57.77 -26.34
CA ALA A 550 -23.94 58.16 -25.04
C ALA A 550 -22.84 58.02 -23.99
N PRO A 551 -22.27 59.13 -23.51
CA PRO A 551 -21.25 59.03 -22.46
C PRO A 551 -21.76 58.49 -21.14
N ALA A 552 -23.07 58.26 -21.01
CA ALA A 552 -23.63 57.74 -19.78
C ALA A 552 -23.83 56.23 -19.80
N ALA A 553 -23.96 55.62 -20.97
CA ALA A 553 -24.20 54.18 -21.09
C ALA A 553 -23.21 53.58 -22.06
N PRO A 554 -21.99 53.32 -21.61
CA PRO A 554 -21.02 52.66 -22.49
C PRO A 554 -21.44 51.22 -22.72
N ARG A 555 -21.98 50.95 -23.90
CA ARG A 555 -22.52 49.65 -24.23
C ARG A 555 -21.36 48.71 -24.46
N LEU A 556 -21.19 47.74 -23.57
CA LEU A 556 -20.12 46.77 -23.81
C LEU A 556 -20.40 46.06 -25.11
N GLN A 557 -19.61 46.34 -26.12
CA GLN A 557 -19.87 45.81 -27.45
C GLN A 557 -18.86 44.71 -27.76
N MET A 558 -19.37 43.63 -28.34
CA MET A 558 -18.59 42.41 -28.46
C MET A 558 -17.24 42.66 -29.10
N HIS A 559 -17.18 43.47 -30.15
CA HIS A 559 -15.93 43.60 -30.85
C HIS A 559 -14.85 44.24 -30.02
N HIS A 560 -15.20 44.94 -28.94
CA HIS A 560 -14.17 45.35 -28.01
C HIS A 560 -13.38 44.15 -27.55
N VAL A 561 -14.09 43.14 -27.05
CA VAL A 561 -13.45 41.89 -26.69
C VAL A 561 -12.57 41.42 -27.82
N ALA A 562 -13.06 41.50 -29.05
CA ALA A 562 -12.19 41.12 -30.15
C ALA A 562 -10.92 41.94 -30.13
N GLN A 563 -11.03 43.23 -29.86
CA GLN A 563 -9.87 44.09 -29.96
C GLN A 563 -8.82 43.71 -28.93
N VAL A 564 -9.20 43.66 -27.67
CA VAL A 564 -8.23 43.27 -26.65
C VAL A 564 -7.66 41.90 -26.97
N LEU A 565 -8.47 41.02 -27.54
CA LEU A 565 -7.95 39.72 -27.88
C LEU A 565 -6.85 39.84 -28.94
N ARG A 566 -7.11 40.58 -30.00
CA ARG A 566 -6.10 40.73 -31.04
C ARG A 566 -4.80 41.24 -30.45
N GLU A 567 -4.89 42.18 -29.51
CA GLU A 567 -3.67 42.65 -28.88
C GLU A 567 -2.97 41.53 -28.14
N LEU A 568 -3.72 40.74 -27.40
CA LEU A 568 -3.12 39.65 -26.64
C LEU A 568 -2.54 38.59 -27.54
N LEU A 569 -3.25 38.26 -28.61
CA LEU A 569 -2.89 37.11 -29.41
C LEU A 569 -1.70 37.41 -30.31
N GLY A 570 -1.71 38.57 -30.93
CA GLY A 570 -0.64 38.95 -31.82
C GLY A 570 -1.15 39.88 -32.90
N ASP A 571 -0.22 40.59 -33.52
CA ASP A 571 -0.61 41.51 -34.58
C ASP A 571 -0.86 40.81 -35.89
N PHE A 572 -0.49 39.55 -36.02
CA PHE A 572 -0.56 38.87 -37.30
C PHE A 572 -1.88 38.19 -37.56
N THR A 573 -2.71 38.00 -36.55
CA THR A 573 -4.01 37.37 -36.77
C THR A 573 -5.02 38.41 -37.21
N GLN A 574 -6.28 38.04 -37.17
CA GLN A 574 -7.38 38.93 -37.51
C GLN A 574 -8.25 39.15 -36.29
N PRO A 575 -9.13 40.16 -36.32
CA PRO A 575 -10.06 40.34 -35.20
C PRO A 575 -11.05 39.19 -35.19
N LEU A 576 -11.09 38.46 -34.08
CA LEU A 576 -11.90 37.25 -34.07
C LEU A 576 -13.37 37.56 -34.23
N TYR A 577 -13.80 38.75 -33.84
CA TYR A 577 -15.20 39.02 -34.02
C TYR A 577 -15.38 40.26 -34.88
N PRO A 578 -16.40 40.28 -35.71
CA PRO A 578 -16.53 41.37 -36.67
C PRO A 578 -17.03 42.64 -36.03
N ARG A 579 -16.78 43.70 -36.68
CA ARG A 579 -17.29 45.00 -36.31
C ARG A 579 -18.58 45.28 -37.08
N PRO A 580 -19.64 45.68 -36.41
CA PRO A 580 -20.86 46.04 -37.13
C PRO A 580 -20.74 47.39 -37.82
N ARG A 581 -21.82 47.86 -38.42
CA ARG A 581 -21.83 49.18 -39.05
C ARG A 581 -23.25 49.74 -39.11
N HIS A 614 -34.77 36.44 -33.46
CA HIS A 614 -34.19 35.22 -33.98
C HIS A 614 -32.73 35.12 -33.57
N VAL A 615 -32.32 33.94 -33.13
CA VAL A 615 -30.98 33.75 -32.60
C VAL A 615 -29.99 33.57 -33.75
N THR A 616 -28.71 33.64 -33.42
CA THR A 616 -27.66 33.42 -34.39
C THR A 616 -26.38 33.02 -33.68
N PHE A 617 -26.02 31.74 -33.78
CA PHE A 617 -24.69 31.40 -33.34
C PHE A 617 -23.66 32.03 -34.25
N THR A 618 -22.40 31.86 -33.89
CA THR A 618 -21.30 32.12 -34.81
C THR A 618 -20.59 30.82 -35.13
N MET A 619 -19.71 30.90 -36.11
CA MET A 619 -18.89 29.74 -36.44
C MET A 619 -18.15 29.26 -35.21
N ASP A 620 -18.31 27.98 -34.90
CA ASP A 620 -17.68 27.34 -33.75
C ASP A 620 -17.94 28.15 -32.49
N PRO A 621 -19.13 28.10 -31.93
CA PRO A 621 -19.34 28.75 -30.64
C PRO A 621 -18.38 28.23 -29.61
N ILE A 622 -18.07 26.94 -29.66
CA ILE A 622 -17.31 26.32 -28.58
C ILE A 622 -16.01 27.07 -28.33
N ARG A 623 -15.36 27.55 -29.39
CA ARG A 623 -14.12 28.29 -29.15
C ARG A 623 -14.40 29.53 -28.31
N ASP A 624 -15.53 30.20 -28.56
CA ASP A 624 -15.83 31.40 -27.81
C ASP A 624 -15.95 31.08 -26.34
N LEU A 625 -16.73 30.05 -26.04
CA LEU A 625 -16.75 29.58 -24.68
C LEU A 625 -15.34 29.32 -24.18
N LEU A 626 -14.52 28.72 -25.02
CA LEU A 626 -13.20 28.32 -24.55
C LEU A 626 -12.39 29.52 -24.11
N ILE A 627 -12.45 30.62 -24.86
CA ILE A 627 -11.69 31.79 -24.48
C ILE A 627 -12.19 32.35 -23.17
N TRP A 628 -13.49 32.67 -23.11
CA TRP A 628 -14.04 33.28 -21.90
C TRP A 628 -13.79 32.41 -20.69
N ALA A 629 -13.56 31.14 -20.87
CA ALA A 629 -13.16 30.37 -19.72
C ALA A 629 -11.68 30.52 -19.44
N ILE A 630 -10.87 30.70 -20.47
CA ILE A 630 -9.43 30.72 -20.25
C ILE A 630 -9.01 31.98 -19.53
N VAL A 631 -9.36 33.13 -20.09
CA VAL A 631 -8.84 34.38 -19.60
C VAL A 631 -9.09 34.56 -18.12
N GLN A 632 -10.10 33.90 -17.57
CA GLN A 632 -10.38 34.01 -16.16
C GLN A 632 -9.69 32.93 -15.35
N ASN A 633 -8.73 32.23 -15.95
CA ASN A 633 -7.98 31.19 -15.26
C ASN A 633 -8.90 30.23 -14.52
N ARG A 634 -9.79 29.62 -15.27
CA ARG A 634 -10.65 28.58 -14.74
C ARG A 634 -10.14 27.27 -15.30
N ARG A 635 -9.32 26.59 -14.52
CA ARG A 635 -8.67 25.37 -14.99
C ARG A 635 -9.70 24.32 -15.38
N GLU A 636 -10.44 23.82 -14.39
CA GLU A 636 -11.30 22.68 -14.61
C GLU A 636 -12.31 22.93 -15.73
N LEU A 637 -12.94 24.10 -15.72
CA LEU A 637 -13.87 24.44 -16.79
C LEU A 637 -13.20 24.30 -18.16
N ALA A 638 -12.04 24.92 -18.32
CA ALA A 638 -11.34 24.86 -19.59
C ALA A 638 -11.16 23.42 -20.03
N GLY A 639 -10.47 22.64 -19.22
CA GLY A 639 -10.19 21.26 -19.53
C GLY A 639 -11.42 20.53 -20.01
N ILE A 640 -12.57 20.82 -19.39
CA ILE A 640 -13.80 20.18 -19.82
C ILE A 640 -14.11 20.57 -21.25
N ILE A 641 -14.17 21.87 -21.51
CA ILE A 641 -14.69 22.31 -22.80
C ILE A 641 -13.77 21.88 -23.93
N TRP A 642 -12.45 22.00 -23.73
CA TRP A 642 -11.55 21.76 -24.84
C TRP A 642 -11.74 20.37 -25.40
N ALA A 643 -12.04 19.40 -24.54
CA ALA A 643 -12.26 18.05 -25.01
C ALA A 643 -13.31 18.00 -26.10
N GLN A 644 -14.15 19.02 -26.18
CA GLN A 644 -15.18 19.07 -27.21
C GLN A 644 -14.90 20.15 -28.22
N SER A 645 -13.67 20.56 -28.38
CA SER A 645 -13.39 21.58 -29.37
C SER A 645 -13.36 20.97 -30.76
N GLN A 646 -13.28 21.83 -31.75
CA GLN A 646 -13.46 21.42 -33.14
C GLN A 646 -12.15 21.04 -33.80
N ASP A 647 -11.15 21.90 -33.74
CA ASP A 647 -9.84 21.63 -34.32
C ASP A 647 -8.79 21.78 -33.24
N CYS A 648 -8.58 20.72 -32.48
CA CYS A 648 -8.02 20.90 -31.15
C CYS A 648 -6.63 21.50 -31.20
N ILE A 649 -5.83 21.16 -32.21
CA ILE A 649 -4.43 21.56 -32.19
C ILE A 649 -4.30 23.08 -32.14
N ALA A 650 -4.88 23.76 -33.11
CA ALA A 650 -4.83 25.22 -33.09
C ALA A 650 -5.36 25.75 -31.78
N ALA A 651 -6.44 25.17 -31.29
CA ALA A 651 -7.04 25.65 -30.06
C ALA A 651 -6.02 25.62 -28.93
N ALA A 652 -5.47 24.46 -28.66
CA ALA A 652 -4.50 24.34 -27.60
C ALA A 652 -3.40 25.37 -27.75
N LEU A 653 -2.92 25.54 -28.98
CA LEU A 653 -1.82 26.47 -29.17
C LEU A 653 -2.22 27.87 -28.83
N ALA A 654 -3.33 28.34 -29.39
CA ALA A 654 -3.77 29.70 -29.11
C ALA A 654 -3.90 29.91 -27.61
N CYS A 655 -4.40 28.91 -26.91
CA CYS A 655 -4.52 29.06 -25.46
C CYS A 655 -3.16 29.22 -24.83
N SER A 656 -2.22 28.37 -25.22
CA SER A 656 -0.86 28.52 -24.73
C SER A 656 -0.37 29.94 -24.95
N LYS A 657 -0.59 30.46 -26.14
CA LYS A 657 -0.09 31.78 -26.47
C LYS A 657 -0.69 32.83 -25.56
N ILE A 658 -2.01 32.87 -25.47
CA ILE A 658 -2.65 33.86 -24.61
C ILE A 658 -2.09 33.77 -23.21
N LEU A 659 -2.12 32.58 -22.64
CA LEU A 659 -1.75 32.44 -21.25
C LEU A 659 -0.33 32.95 -21.03
N LYS A 660 0.60 32.53 -21.88
CA LYS A 660 1.95 33.01 -21.70
C LYS A 660 2.00 34.52 -21.80
N GLU A 661 1.17 35.11 -22.65
CA GLU A 661 1.12 36.55 -22.72
C GLU A 661 0.63 37.13 -21.42
N LEU A 662 -0.52 36.67 -20.97
CA LEU A 662 -1.19 37.28 -19.84
C LEU A 662 -0.41 37.08 -18.58
N SER A 663 0.39 36.03 -18.52
CA SER A 663 1.17 35.75 -17.34
C SER A 663 2.36 36.65 -17.20
N LYS A 664 2.47 37.70 -17.99
CA LYS A 664 3.58 38.62 -17.81
C LYS A 664 3.20 39.82 -16.99
N GLU A 665 2.01 40.36 -17.19
CA GLU A 665 1.67 41.65 -16.64
C GLU A 665 0.61 41.52 -15.56
N GLU A 666 0.70 40.48 -14.75
CA GLU A 666 -0.36 40.23 -13.79
C GLU A 666 -0.12 40.87 -12.44
N GLU A 667 1.12 41.25 -12.13
CA GLU A 667 1.44 41.97 -10.90
C GLU A 667 1.01 41.22 -9.65
N ASP A 668 0.79 39.92 -9.75
CA ASP A 668 0.56 39.09 -8.59
C ASP A 668 1.30 37.78 -8.76
N THR A 669 1.89 37.29 -7.69
CA THR A 669 2.76 36.15 -7.84
C THR A 669 1.97 34.86 -8.05
N ASP A 670 1.18 34.47 -7.05
CA ASP A 670 0.58 33.14 -7.07
C ASP A 670 -0.23 32.91 -8.33
N SER A 671 -1.02 33.89 -8.70
CA SER A 671 -1.82 33.76 -9.91
C SER A 671 -0.95 33.64 -11.15
N SER A 672 0.11 34.45 -11.26
CA SER A 672 0.96 34.36 -12.43
C SER A 672 1.55 32.97 -12.57
N GLU A 673 2.07 32.43 -11.48
CA GLU A 673 2.64 31.10 -11.54
C GLU A 673 1.59 30.08 -11.98
N GLU A 674 0.42 30.12 -11.36
CA GLU A 674 -0.64 29.20 -11.75
C GLU A 674 -0.92 29.32 -13.24
N MET A 675 -1.02 30.54 -13.73
CA MET A 675 -1.26 30.74 -15.14
C MET A 675 -0.19 30.05 -15.97
N LEU A 676 1.06 30.44 -15.78
CA LEU A 676 2.13 29.91 -16.60
C LEU A 676 2.07 28.40 -16.65
N ALA A 677 1.86 27.76 -15.50
CA ALA A 677 1.81 26.31 -15.49
C ALA A 677 0.69 25.81 -16.37
N LEU A 678 -0.49 26.41 -16.27
CA LEU A 678 -1.57 26.02 -17.14
C LEU A 678 -1.14 26.09 -18.59
N ALA A 679 -0.47 27.17 -18.95
CA ALA A 679 -0.09 27.36 -20.34
C ALA A 679 0.69 26.17 -20.85
N GLU A 680 1.78 25.86 -20.18
CA GLU A 680 2.60 24.77 -20.67
C GLU A 680 1.83 23.46 -20.64
N GLU A 681 0.87 23.35 -19.73
CA GLU A 681 0.04 22.16 -19.73
C GLU A 681 -0.67 21.99 -21.05
N TYR A 682 -1.14 23.09 -21.61
CA TYR A 682 -1.82 22.94 -22.88
C TYR A 682 -0.87 22.54 -24.00
N GLU A 683 0.34 23.09 -24.03
CA GLU A 683 1.18 22.65 -25.12
C GLU A 683 1.44 21.17 -25.02
N HIS A 684 1.44 20.63 -23.81
CA HIS A 684 1.51 19.18 -23.71
C HIS A 684 0.32 18.53 -24.37
N ARG A 685 -0.86 19.12 -24.21
CA ARG A 685 -2.00 18.57 -24.91
C ARG A 685 -1.76 18.59 -26.40
N ALA A 686 -1.33 19.72 -26.93
CA ALA A 686 -1.15 19.82 -28.36
C ALA A 686 -0.21 18.75 -28.88
N ILE A 687 0.98 18.68 -28.32
CA ILE A 687 1.87 17.58 -28.64
C ILE A 687 1.14 16.27 -28.55
N GLY A 688 0.37 16.07 -27.49
CA GLY A 688 -0.26 14.78 -27.29
C GLY A 688 -1.14 14.39 -28.45
N VAL A 689 -1.92 15.32 -28.96
CA VAL A 689 -2.77 15.01 -30.09
C VAL A 689 -1.91 14.76 -31.32
N PHE A 690 -0.97 15.65 -31.57
CA PHE A 690 -0.28 15.59 -32.84
C PHE A 690 0.57 14.35 -32.96
N THR A 691 1.31 14.02 -31.91
CA THR A 691 2.13 12.82 -31.99
C THR A 691 1.28 11.62 -32.38
N GLU A 692 0.06 11.56 -31.88
CA GLU A 692 -0.83 10.49 -32.30
C GLU A 692 -1.13 10.60 -33.77
N CYS A 693 -1.76 11.70 -34.16
CA CYS A 693 -2.21 11.87 -35.53
C CYS A 693 -1.09 11.67 -36.53
N TYR A 694 0.14 11.88 -36.10
CA TYR A 694 1.26 11.61 -36.99
C TYR A 694 1.59 10.13 -36.98
N ARG A 695 1.56 9.51 -35.80
CA ARG A 695 1.89 8.10 -35.72
C ARG A 695 1.02 7.28 -36.65
N LYS A 696 -0.20 7.73 -36.90
CA LYS A 696 -1.01 7.02 -37.87
C LYS A 696 -0.53 7.29 -39.28
N ASP A 697 -0.63 8.53 -39.71
CA ASP A 697 -0.27 8.91 -41.06
C ASP A 697 0.77 10.01 -41.00
N GLU A 698 1.64 10.04 -42.00
CA GLU A 698 2.64 11.08 -42.11
C GLU A 698 2.19 12.20 -43.04
N GLU A 699 1.92 11.87 -44.29
CA GLU A 699 1.64 12.91 -45.28
C GLU A 699 0.50 13.80 -44.83
N ARG A 700 -0.59 13.22 -44.37
CA ARG A 700 -1.69 14.04 -43.90
C ARG A 700 -1.28 14.85 -42.68
N ALA A 701 -0.54 14.23 -41.76
CA ALA A 701 -0.06 14.97 -40.60
C ALA A 701 0.69 16.22 -41.02
N GLN A 702 1.52 16.11 -42.04
CA GLN A 702 2.17 17.30 -42.59
C GLN A 702 1.13 18.29 -43.07
N LYS A 703 0.18 17.83 -43.89
CA LYS A 703 -0.84 18.73 -44.41
C LYS A 703 -1.50 19.50 -43.31
N LEU A 704 -1.46 18.98 -42.10
CA LEU A 704 -2.14 19.63 -40.99
C LEU A 704 -1.38 20.83 -40.49
N LEU A 705 -0.05 20.73 -40.43
CA LEU A 705 0.73 21.79 -39.82
C LEU A 705 0.62 23.10 -40.55
N THR A 706 -0.05 23.14 -41.68
CA THR A 706 0.08 24.35 -42.47
C THR A 706 -1.22 24.74 -43.15
N ARG A 707 -2.36 24.40 -42.57
CA ARG A 707 -3.57 24.89 -43.18
C ARG A 707 -3.86 26.30 -42.68
N VAL A 708 -4.96 26.88 -43.15
CA VAL A 708 -5.31 28.24 -42.76
C VAL A 708 -6.56 28.21 -41.92
N SER A 709 -6.41 28.12 -40.60
CA SER A 709 -7.56 28.01 -39.72
C SER A 709 -8.38 29.29 -39.82
N GLU A 710 -9.55 29.20 -40.47
CA GLU A 710 -10.40 30.36 -40.56
C GLU A 710 -10.90 30.80 -39.20
N ALA A 711 -10.93 29.89 -38.22
CA ALA A 711 -11.51 30.24 -36.93
C ALA A 711 -10.58 31.13 -36.12
N TRP A 712 -9.30 30.77 -36.04
CA TRP A 712 -8.38 31.48 -35.16
C TRP A 712 -7.73 32.64 -35.83
N GLY A 713 -8.41 33.28 -36.77
CA GLY A 713 -7.89 34.48 -37.37
C GLY A 713 -6.99 34.26 -38.56
N LYS A 714 -7.20 33.17 -39.29
CA LYS A 714 -6.53 32.97 -40.57
C LYS A 714 -5.04 32.78 -40.41
N THR A 715 -4.59 32.39 -39.24
CA THR A 715 -3.20 32.03 -39.08
C THR A 715 -3.06 30.53 -39.18
N THR A 716 -1.86 30.06 -38.93
CA THR A 716 -1.55 28.64 -39.05
C THR A 716 -0.99 28.13 -37.73
N CYS A 717 -1.03 26.81 -37.57
CA CYS A 717 -0.50 26.23 -36.35
C CYS A 717 0.95 26.57 -36.16
N LEU A 718 1.76 26.35 -37.18
CA LEU A 718 3.20 26.48 -37.01
C LEU A 718 3.58 27.85 -36.51
N GLN A 719 2.93 28.89 -37.03
CA GLN A 719 3.17 30.23 -36.52
C GLN A 719 2.98 30.28 -35.02
N LEU A 720 1.75 30.02 -34.58
CA LEU A 720 1.45 30.09 -33.15
C LEU A 720 2.50 29.38 -32.34
N ALA A 721 2.94 28.23 -32.82
CA ALA A 721 4.05 27.56 -32.17
C ALA A 721 5.21 28.51 -31.99
N LEU A 722 5.67 29.13 -33.08
CA LEU A 722 6.87 29.94 -33.00
C LEU A 722 6.64 31.19 -32.17
N GLU A 723 5.47 31.80 -32.29
CA GLU A 723 5.18 32.98 -31.50
C GLU A 723 5.32 32.68 -30.02
N ALA A 724 4.53 31.77 -29.52
CA ALA A 724 4.51 31.53 -28.09
C ALA A 724 5.72 30.76 -27.60
N LYS A 725 6.68 30.47 -28.47
CA LYS A 725 7.94 29.86 -28.04
C LYS A 725 7.71 28.53 -27.35
N ASP A 726 7.18 27.56 -28.09
CA ASP A 726 6.91 26.24 -27.55
C ASP A 726 8.00 25.28 -28.00
N MET A 727 9.16 25.42 -27.38
CA MET A 727 10.29 24.58 -27.75
C MET A 727 9.89 23.13 -27.81
N LYS A 728 9.18 22.65 -26.80
CA LYS A 728 8.84 21.24 -26.77
C LYS A 728 8.04 20.86 -27.99
N PHE A 729 7.19 21.77 -28.46
CA PHE A 729 6.39 21.43 -29.63
C PHE A 729 7.24 21.40 -30.88
N VAL A 730 7.81 22.54 -31.24
CA VAL A 730 8.53 22.63 -32.51
C VAL A 730 9.63 21.59 -32.56
N SER A 731 10.14 21.18 -31.41
CA SER A 731 11.15 20.14 -31.40
C SER A 731 10.56 18.77 -31.36
N HIS A 732 9.32 18.59 -31.81
CA HIS A 732 8.69 17.31 -31.66
C HIS A 732 9.45 16.23 -32.40
N GLY A 733 9.95 16.55 -33.57
CA GLY A 733 10.72 15.57 -34.29
C GLY A 733 10.03 15.18 -35.56
N GLY A 734 8.73 14.94 -35.49
CA GLY A 734 7.97 14.85 -36.71
C GLY A 734 8.00 16.18 -37.45
N ILE A 735 8.04 17.26 -36.71
CA ILE A 735 8.17 18.57 -37.33
C ILE A 735 9.51 18.67 -38.05
N GLN A 736 10.59 18.38 -37.34
CA GLN A 736 11.91 18.43 -37.96
C GLN A 736 11.92 17.66 -39.26
N ALA A 737 11.27 16.51 -39.28
CA ALA A 737 11.12 15.79 -40.54
C ALA A 737 10.49 16.68 -41.59
N PHE A 738 9.45 17.41 -41.21
CA PHE A 738 8.80 18.26 -42.20
C PHE A 738 9.75 19.33 -42.71
N LEU A 739 10.31 20.11 -41.79
CA LEU A 739 11.23 21.17 -42.18
C LEU A 739 12.23 20.66 -43.20
N THR A 740 13.03 19.67 -42.80
CA THR A 740 13.99 19.08 -43.72
C THR A 740 13.36 18.83 -45.06
N LYS A 741 12.18 18.21 -45.06
CA LYS A 741 11.51 17.92 -46.32
C LYS A 741 11.38 19.16 -47.17
N VAL A 742 11.35 20.34 -46.55
CA VAL A 742 11.41 21.54 -47.36
C VAL A 742 12.84 21.90 -47.68
N TRP A 743 13.74 21.68 -46.74
CA TRP A 743 15.13 22.04 -46.94
C TRP A 743 15.62 21.55 -48.28
N TRP A 744 15.40 20.29 -48.55
CA TRP A 744 15.77 19.73 -49.83
C TRP A 744 14.85 20.17 -50.93
N GLY A 745 13.95 21.09 -50.65
CA GLY A 745 13.07 21.58 -51.68
C GLY A 745 12.39 20.47 -52.46
N GLN A 746 12.74 20.36 -53.72
CA GLN A 746 12.05 19.44 -54.61
C GLN A 746 12.62 18.03 -54.53
N LEU A 747 13.92 17.91 -54.63
CA LEU A 747 14.53 16.61 -54.86
C LEU A 747 14.64 15.80 -53.58
N SER A 748 15.18 14.60 -53.72
CA SER A 748 15.22 13.63 -52.63
C SER A 748 15.98 14.17 -51.45
N VAL A 749 15.80 13.50 -50.30
CA VAL A 749 16.27 14.01 -49.02
C VAL A 749 17.26 13.07 -48.38
N ASP A 750 17.70 12.06 -49.10
CA ASP A 750 18.58 11.03 -48.57
C ASP A 750 19.84 10.87 -49.40
N ASN A 751 20.07 11.76 -50.35
CA ASN A 751 21.16 11.65 -51.31
C ASN A 751 22.49 12.10 -50.76
N GLY A 752 22.64 12.15 -49.44
CA GLY A 752 23.88 12.65 -48.91
C GLY A 752 24.04 14.11 -49.27
N LEU A 753 25.26 14.60 -49.15
CA LEU A 753 25.54 15.97 -49.51
C LEU A 753 26.72 16.14 -50.46
N TRP A 754 27.68 15.22 -50.47
CA TRP A 754 28.75 15.33 -51.44
C TRP A 754 28.18 15.38 -52.84
N ARG A 755 27.14 14.58 -53.09
CA ARG A 755 26.55 14.53 -54.42
C ARG A 755 26.06 15.92 -54.84
N VAL A 756 25.60 16.71 -53.89
CA VAL A 756 25.20 18.08 -54.21
C VAL A 756 26.38 18.86 -54.75
N THR A 757 27.50 18.84 -54.03
CA THR A 757 28.68 19.59 -54.46
C THR A 757 29.14 19.16 -55.84
N LEU A 758 29.41 17.87 -56.01
CA LEU A 758 29.93 17.40 -57.28
C LEU A 758 28.99 17.74 -58.42
N CYS A 759 27.75 17.23 -58.35
CA CYS A 759 26.80 17.52 -59.41
C CYS A 759 26.60 19.00 -59.63
N MET A 760 26.87 19.82 -58.61
CA MET A 760 26.82 21.26 -58.83
C MET A 760 27.91 21.71 -59.78
N LEU A 761 29.11 21.14 -59.64
CA LEU A 761 30.20 21.52 -60.52
C LEU A 761 29.85 21.23 -61.98
N ALA A 762 29.67 19.96 -62.32
CA ALA A 762 29.47 19.55 -63.69
C ALA A 762 27.99 19.44 -64.01
N PHE A 763 27.55 20.11 -65.06
CA PHE A 763 26.16 20.00 -65.49
C PHE A 763 25.75 18.58 -65.85
N PRO A 764 26.47 17.85 -66.71
CA PRO A 764 25.97 16.54 -67.15
C PRO A 764 25.78 15.56 -66.02
N LEU A 765 26.47 15.77 -64.88
CA LEU A 765 26.18 14.95 -63.72
C LEU A 765 24.70 14.98 -63.38
N LEU A 766 24.07 16.14 -63.56
CA LEU A 766 22.62 16.22 -63.44
C LEU A 766 21.94 15.38 -64.51
N LEU A 767 22.36 15.53 -65.76
CA LEU A 767 21.87 14.66 -66.82
C LEU A 767 22.30 13.22 -66.61
N THR A 768 23.23 12.96 -65.69
CA THR A 768 23.66 11.61 -65.37
C THR A 768 22.80 11.03 -64.26
N GLY A 769 23.09 9.79 -63.89
CA GLY A 769 22.36 9.12 -62.84
C GLY A 769 23.08 9.10 -61.51
N LEU A 770 23.71 10.22 -61.15
CA LEU A 770 24.44 10.32 -59.90
C LEU A 770 23.60 10.90 -58.77
N ILE A 771 22.55 11.64 -59.10
CA ILE A 771 21.74 12.32 -58.10
C ILE A 771 20.39 11.62 -58.04
N SER A 772 19.62 11.92 -57.01
CA SER A 772 18.32 11.29 -56.82
C SER A 772 17.22 12.33 -56.86
N PHE A 773 15.99 11.82 -56.96
CA PHE A 773 14.80 12.65 -56.93
C PHE A 773 13.70 11.87 -56.25
N ARG A 774 12.83 12.58 -55.54
CA ARG A 774 11.58 11.98 -55.10
C ARG A 774 10.52 12.21 -56.18
N GLU A 775 9.45 11.45 -56.09
CA GLU A 775 8.38 11.48 -57.10
C GLU A 775 8.96 11.16 -58.48
N LYS A 776 9.37 9.90 -58.62
CA LYS A 776 10.15 9.44 -59.76
C LYS A 776 9.51 9.74 -61.11
N ARG A 777 8.25 10.18 -61.10
CA ARG A 777 7.62 10.66 -62.32
C ARG A 777 8.44 11.74 -63.00
N LEU A 778 9.25 12.48 -62.24
CA LEU A 778 10.25 13.36 -62.81
C LEU A 778 11.65 12.77 -62.76
N GLN A 779 11.92 11.82 -61.86
CA GLN A 779 13.21 11.17 -61.84
C GLN A 779 13.35 10.22 -63.01
N ASP A 780 12.47 9.22 -63.07
CA ASP A 780 12.51 8.26 -64.16
C ASP A 780 12.28 8.95 -65.50
N VAL A 781 11.12 9.58 -65.65
CA VAL A 781 10.86 10.38 -66.84
C VAL A 781 11.70 11.65 -66.72
N GLY A 782 12.76 11.74 -67.52
CA GLY A 782 13.71 12.82 -67.37
C GLY A 782 13.61 13.92 -68.42
N THR A 783 13.12 15.07 -68.02
CA THR A 783 13.21 16.25 -68.87
C THR A 783 14.32 17.10 -68.29
N PRO A 784 15.57 16.87 -68.71
CA PRO A 784 16.71 17.43 -67.98
C PRO A 784 16.67 18.94 -67.84
N ALA A 785 16.03 19.64 -68.78
CA ALA A 785 15.97 21.09 -68.68
C ALA A 785 15.26 21.51 -67.40
N ALA A 786 13.97 21.21 -67.30
CA ALA A 786 13.24 21.54 -66.08
C ALA A 786 13.79 20.78 -64.88
N ARG A 787 14.43 19.63 -65.12
CA ARG A 787 15.07 18.91 -64.03
C ARG A 787 16.11 19.77 -63.36
N ALA A 788 17.06 20.29 -64.15
CA ALA A 788 18.07 21.18 -63.58
C ALA A 788 17.42 22.43 -63.00
N ARG A 789 16.36 22.92 -63.62
CA ARG A 789 15.65 24.06 -63.07
C ARG A 789 15.13 23.76 -61.67
N ALA A 790 14.36 22.68 -61.55
CA ALA A 790 13.89 22.24 -60.25
C ALA A 790 15.04 22.09 -59.28
N PHE A 791 16.16 21.55 -59.76
CA PHE A 791 17.33 21.43 -58.91
C PHE A 791 17.73 22.79 -58.36
N PHE A 792 17.75 23.81 -59.23
CA PHE A 792 18.16 25.12 -58.78
C PHE A 792 17.21 25.69 -57.75
N THR A 793 15.95 25.28 -57.79
CA THR A 793 15.02 25.79 -56.79
C THR A 793 15.32 25.28 -55.39
N ALA A 794 16.04 24.19 -55.27
CA ALA A 794 16.29 23.60 -53.97
C ALA A 794 17.11 24.54 -53.12
N PRO A 795 16.54 25.11 -52.06
CA PRO A 795 17.28 26.11 -51.31
C PRO A 795 18.60 25.60 -50.79
N VAL A 796 18.72 24.31 -50.56
CA VAL A 796 20.02 23.76 -50.19
C VAL A 796 21.08 24.24 -51.16
N VAL A 797 20.81 24.06 -52.44
CA VAL A 797 21.75 24.56 -53.43
C VAL A 797 21.93 26.05 -53.26
N VAL A 798 20.85 26.81 -53.37
CA VAL A 798 20.93 28.26 -53.32
C VAL A 798 21.78 28.69 -52.15
N PHE A 799 21.73 27.92 -51.08
CA PHE A 799 22.66 28.11 -49.99
C PHE A 799 24.09 27.90 -50.46
N HIS A 800 24.35 26.77 -51.11
CA HIS A 800 25.74 26.49 -51.50
C HIS A 800 26.27 27.53 -52.49
N LEU A 801 25.42 27.99 -53.40
CA LEU A 801 25.87 29.09 -54.25
C LEU A 801 26.32 30.26 -53.41
N ASN A 802 25.48 30.67 -52.47
CA ASN A 802 25.87 31.80 -51.63
C ASN A 802 27.18 31.50 -50.94
N ILE A 803 27.38 30.26 -50.51
CA ILE A 803 28.57 30.00 -49.75
C ILE A 803 29.80 30.13 -50.64
N LEU A 804 29.70 29.69 -51.90
CA LEU A 804 30.83 29.83 -52.79
C LEU A 804 31.07 31.29 -53.14
N SER A 805 30.09 31.93 -53.75
CA SER A 805 30.22 33.35 -54.09
C SER A 805 30.86 34.12 -52.97
N TYR A 806 30.42 33.87 -51.74
CA TYR A 806 31.05 34.53 -50.61
C TYR A 806 32.52 34.17 -50.56
N PHE A 807 32.82 32.88 -50.67
CA PHE A 807 34.21 32.47 -50.62
C PHE A 807 35.04 33.24 -51.63
N ALA A 808 34.59 33.24 -52.88
CA ALA A 808 35.35 33.88 -53.93
C ALA A 808 35.50 35.36 -53.68
N PHE A 809 34.39 36.04 -53.39
CA PHE A 809 34.46 37.46 -53.12
C PHE A 809 35.55 37.75 -52.11
N LEU A 810 35.57 36.99 -51.03
CA LEU A 810 36.54 37.26 -49.98
C LEU A 810 37.97 37.16 -50.50
N CYS A 811 38.35 36.00 -51.03
CA CYS A 811 39.75 35.82 -51.40
C CYS A 811 40.15 36.77 -52.52
N LEU A 812 39.26 36.98 -53.48
CA LEU A 812 39.55 37.95 -54.52
C LEU A 812 39.84 39.32 -53.93
N PHE A 813 38.98 39.77 -53.03
CA PHE A 813 39.24 41.02 -52.33
C PHE A 813 40.62 41.02 -51.71
N ALA A 814 41.03 39.88 -51.16
CA ALA A 814 42.38 39.81 -50.61
C ALA A 814 43.43 40.03 -51.70
N TYR A 815 43.26 39.38 -52.84
CA TYR A 815 44.20 39.57 -53.94
C TYR A 815 44.33 41.04 -54.29
N VAL A 816 43.20 41.66 -54.63
CA VAL A 816 43.27 43.01 -55.17
C VAL A 816 43.87 43.96 -54.16
N LEU A 817 43.59 43.78 -52.88
CA LEU A 817 44.26 44.63 -51.91
C LEU A 817 45.75 44.34 -51.88
N MET A 818 46.12 43.07 -52.04
CA MET A 818 47.53 42.70 -51.94
C MET A 818 48.35 43.36 -53.04
N VAL A 819 48.08 42.97 -54.29
CA VAL A 819 48.92 43.35 -55.41
C VAL A 819 48.31 44.49 -56.20
N ASP A 820 47.04 44.38 -56.56
CA ASP A 820 46.40 45.40 -57.39
C ASP A 820 46.16 46.69 -56.64
N PHE A 821 46.68 46.82 -55.42
CA PHE A 821 46.52 48.04 -54.67
C PHE A 821 47.06 49.21 -55.49
N GLN A 822 46.16 50.11 -55.88
CA GLN A 822 46.48 51.21 -56.73
C GLN A 822 45.76 52.44 -56.20
N PRO A 823 46.43 53.60 -56.12
CA PRO A 823 45.78 54.78 -55.54
C PRO A 823 44.50 55.19 -56.27
N VAL A 824 44.50 55.15 -57.60
CA VAL A 824 43.27 55.38 -58.35
C VAL A 824 42.43 54.12 -58.21
N PRO A 825 41.12 54.17 -58.43
CA PRO A 825 40.31 52.95 -58.24
C PRO A 825 40.58 51.91 -59.31
N SER A 826 41.28 50.84 -58.95
CA SER A 826 41.57 49.77 -59.90
C SER A 826 40.26 49.17 -60.40
N TRP A 827 40.36 48.50 -61.55
CA TRP A 827 39.18 47.82 -62.09
C TRP A 827 38.58 46.87 -61.06
N CYS A 828 39.44 46.13 -60.37
CA CYS A 828 38.94 45.15 -59.41
C CYS A 828 38.46 45.81 -58.12
N GLU A 829 39.12 46.88 -57.67
CA GLU A 829 38.69 47.54 -56.44
C GLU A 829 37.26 48.06 -56.59
N CYS A 830 37.00 48.80 -57.66
CA CYS A 830 35.63 49.24 -57.92
C CYS A 830 34.69 48.06 -58.09
N ALA A 831 35.18 46.96 -58.66
CA ALA A 831 34.34 45.78 -58.82
C ALA A 831 33.83 45.30 -57.47
N ILE A 832 34.73 45.05 -56.53
CA ILE A 832 34.26 44.52 -55.26
C ILE A 832 33.48 45.57 -54.51
N TYR A 833 33.74 46.84 -54.78
CA TYR A 833 32.90 47.87 -54.19
C TYR A 833 31.45 47.65 -54.60
N LEU A 834 31.22 47.45 -55.89
CA LEU A 834 29.88 47.09 -56.34
C LEU A 834 29.43 45.79 -55.72
N TRP A 835 30.36 44.87 -55.48
CA TRP A 835 29.97 43.60 -54.90
C TRP A 835 29.47 43.76 -53.48
N LEU A 836 30.26 44.40 -52.64
CA LEU A 836 29.85 44.66 -51.27
C LEU A 836 28.49 45.33 -51.24
N PHE A 837 28.27 46.30 -52.11
CA PHE A 837 26.95 46.92 -52.16
C PHE A 837 25.89 45.88 -52.47
N SER A 838 26.15 45.03 -53.47
CA SER A 838 25.16 44.02 -53.84
C SER A 838 24.81 43.15 -52.64
N LEU A 839 25.82 42.73 -51.90
CA LEU A 839 25.58 41.87 -50.75
C LEU A 839 24.73 42.59 -49.71
N VAL A 840 25.14 43.78 -49.31
CA VAL A 840 24.36 44.48 -48.30
C VAL A 840 22.99 44.85 -48.82
N CYS A 841 22.83 44.94 -50.14
CA CYS A 841 21.52 45.26 -50.69
C CYS A 841 20.53 44.13 -50.41
N GLU A 842 20.89 42.90 -50.74
CA GLU A 842 20.03 41.77 -50.40
C GLU A 842 19.81 41.69 -48.90
N GLU A 843 20.85 41.96 -48.12
CA GLU A 843 20.70 42.00 -46.67
C GLU A 843 19.56 42.91 -46.26
N MET A 844 19.61 44.16 -46.69
CA MET A 844 18.52 45.07 -46.36
C MET A 844 17.21 44.59 -46.97
N ARG A 845 17.28 43.92 -48.12
CA ARG A 845 16.07 43.42 -48.75
C ARG A 845 15.30 42.51 -47.81
N GLN A 846 15.99 41.84 -46.93
CA GLN A 846 15.29 40.96 -46.02
C GLN A 846 14.71 41.68 -44.84
N LEU A 847 14.44 42.97 -44.97
CA LEU A 847 13.79 43.75 -43.93
C LEU A 847 12.34 44.06 -44.22
N PHE A 848 11.93 44.05 -45.48
CA PHE A 848 10.62 44.55 -45.87
C PHE A 848 9.71 43.47 -46.46
N TYR A 849 10.18 42.24 -46.55
CA TYR A 849 9.28 41.20 -47.04
C TYR A 849 8.16 40.91 -46.07
N ASP A 850 8.14 41.56 -44.90
CA ASP A 850 7.12 41.38 -43.89
C ASP A 850 5.74 41.47 -44.53
N PRO A 851 5.04 40.34 -44.66
CA PRO A 851 3.72 40.40 -45.30
C PRO A 851 2.68 41.01 -44.40
N ASP A 852 2.75 40.73 -43.10
CA ASP A 852 1.91 41.41 -42.14
C ASP A 852 2.42 42.82 -41.91
N GLU A 853 1.59 43.63 -41.24
CA GLU A 853 1.94 45.02 -40.96
C GLU A 853 2.95 45.06 -39.81
N CYS A 854 4.14 44.53 -40.10
CA CYS A 854 5.15 44.38 -39.07
C CYS A 854 5.74 45.73 -38.69
N GLY A 855 5.94 45.92 -37.40
CA GLY A 855 6.50 47.16 -36.92
C GLY A 855 7.95 47.32 -37.34
N LEU A 856 8.24 48.50 -37.90
CA LEU A 856 9.56 48.74 -38.45
C LEU A 856 10.62 48.93 -37.37
N MET A 857 10.31 49.73 -36.35
CA MET A 857 11.26 49.88 -35.25
C MET A 857 11.42 48.58 -34.49
N LYS A 858 10.39 47.72 -34.53
CA LYS A 858 10.46 46.44 -33.85
C LYS A 858 11.53 45.54 -34.47
N LYS A 859 11.33 45.17 -35.74
CA LYS A 859 12.33 44.37 -36.43
C LYS A 859 13.70 45.02 -36.37
N ALA A 860 13.75 46.35 -36.31
CA ALA A 860 15.01 47.03 -36.11
C ALA A 860 15.66 46.59 -34.81
N ALA A 861 14.93 46.71 -33.70
CA ALA A 861 15.49 46.29 -32.41
C ALA A 861 15.89 44.84 -32.43
N LEU A 862 15.18 44.03 -33.21
CA LEU A 862 15.56 42.64 -33.34
C LEU A 862 16.95 42.49 -33.97
N TYR A 863 17.12 43.06 -35.16
CA TYR A 863 18.42 42.98 -35.82
C TYR A 863 19.50 43.61 -34.94
N PHE A 864 19.15 44.69 -34.24
CA PHE A 864 20.10 45.28 -33.32
C PHE A 864 20.37 44.36 -32.14
N SER A 865 19.49 43.40 -31.90
CA SER A 865 19.72 42.43 -30.84
C SER A 865 20.53 41.23 -31.31
N ASP A 866 20.59 40.97 -32.61
CA ASP A 866 21.29 39.80 -33.13
C ASP A 866 22.79 40.07 -33.13
N PHE A 867 23.48 39.52 -32.12
CA PHE A 867 24.93 39.60 -32.04
C PHE A 867 25.59 39.33 -33.38
N TRP A 868 25.05 38.38 -34.13
CA TRP A 868 25.60 38.13 -35.46
C TRP A 868 25.30 39.28 -36.39
N ASN A 869 24.04 39.72 -36.43
CA ASN A 869 23.78 40.96 -37.14
C ASN A 869 24.67 42.08 -36.60
N LYS A 870 24.97 42.04 -35.30
CA LYS A 870 25.84 43.06 -34.72
C LYS A 870 27.23 43.02 -35.35
N LEU A 871 27.77 41.82 -35.53
CA LEU A 871 29.08 41.70 -36.16
C LEU A 871 29.05 42.26 -37.56
N ASP A 872 28.06 41.86 -38.35
CA ASP A 872 28.02 42.28 -39.74
C ASP A 872 27.94 43.80 -39.84
N VAL A 873 27.15 44.43 -38.98
CA VAL A 873 27.01 45.87 -39.12
C VAL A 873 28.27 46.58 -38.66
N GLY A 874 28.96 46.05 -37.65
CA GLY A 874 30.26 46.60 -37.31
C GLY A 874 31.20 46.59 -38.49
N ALA A 875 31.21 45.50 -39.25
CA ALA A 875 32.09 45.41 -40.40
C ALA A 875 31.70 46.43 -41.45
N ILE A 876 30.40 46.65 -41.64
CA ILE A 876 29.96 47.66 -42.61
C ILE A 876 30.51 49.02 -42.25
N LEU A 877 30.37 49.40 -40.99
CA LEU A 877 30.89 50.68 -40.55
C LEU A 877 32.38 50.78 -40.84
N LEU A 878 33.10 49.68 -40.62
CA LEU A 878 34.52 49.66 -40.95
C LEU A 878 34.75 50.00 -42.41
N PHE A 879 33.97 49.41 -43.31
CA PHE A 879 34.17 49.67 -44.72
C PHE A 879 33.92 51.12 -45.05
N VAL A 880 32.72 51.62 -44.78
CA VAL A 880 32.37 52.96 -45.20
C VAL A 880 33.34 53.97 -44.62
N ALA A 881 33.99 53.62 -43.50
CA ALA A 881 35.07 54.43 -42.98
C ALA A 881 36.32 54.32 -43.85
N GLY A 882 36.88 53.11 -43.93
CA GLY A 882 38.17 52.96 -44.55
C GLY A 882 38.19 53.28 -46.02
N LEU A 883 37.07 53.05 -46.71
CA LEU A 883 37.00 53.36 -48.13
C LEU A 883 37.33 54.82 -48.39
N THR A 884 36.61 55.72 -47.72
CA THR A 884 36.91 57.13 -47.92
C THR A 884 38.28 57.47 -47.36
N CYS A 885 38.77 56.72 -46.38
CA CYS A 885 40.12 56.95 -45.90
C CYS A 885 41.12 56.79 -47.02
N ARG A 886 41.18 55.59 -47.60
CA ARG A 886 42.02 55.38 -48.77
C ARG A 886 41.73 56.42 -49.84
N LEU A 887 40.45 56.75 -50.02
CA LEU A 887 40.07 57.65 -51.10
C LEU A 887 40.85 58.95 -51.04
N ILE A 888 41.05 59.50 -49.85
CA ILE A 888 41.91 60.65 -49.72
C ILE A 888 43.35 60.15 -49.79
N PRO A 889 44.13 60.61 -50.77
CA PRO A 889 45.51 60.12 -50.90
C PRO A 889 46.39 60.47 -49.73
N ALA A 890 46.09 61.56 -49.02
CA ALA A 890 46.79 61.88 -47.79
C ALA A 890 46.49 60.87 -46.68
N THR A 891 45.59 59.94 -46.93
CA THR A 891 45.22 58.88 -46.00
C THR A 891 45.23 57.53 -46.71
N LEU A 892 46.30 57.27 -47.45
CA LEU A 892 46.38 56.05 -48.24
C LEU A 892 46.91 54.90 -47.39
N TYR A 893 48.09 55.07 -46.79
CA TYR A 893 48.64 54.02 -45.94
C TYR A 893 47.72 53.64 -44.79
N PRO A 894 47.17 54.56 -44.01
CA PRO A 894 46.19 54.14 -43.01
C PRO A 894 44.97 53.50 -43.64
N GLY A 895 44.60 53.91 -44.85
CA GLY A 895 43.56 53.20 -45.58
C GLY A 895 43.89 51.74 -45.73
N ARG A 896 45.15 51.43 -46.02
CA ARG A 896 45.57 50.04 -46.11
C ARG A 896 45.32 49.30 -44.81
N VAL A 897 45.78 49.86 -43.70
CA VAL A 897 45.69 49.13 -42.43
C VAL A 897 44.24 48.97 -42.01
N ILE A 898 43.41 49.98 -42.26
CA ILE A 898 42.00 49.88 -41.91
C ILE A 898 41.35 48.76 -42.68
N LEU A 899 41.46 48.80 -43.99
CA LEU A 899 40.76 47.83 -44.81
C LEU A 899 41.25 46.42 -44.52
N SER A 900 42.51 46.29 -44.11
CA SER A 900 42.97 45.01 -43.62
C SER A 900 42.12 44.53 -42.45
N LEU A 901 41.93 45.39 -41.46
CA LEU A 901 41.07 45.03 -40.34
C LEU A 901 39.72 44.55 -40.83
N ASP A 902 39.08 45.37 -41.68
CA ASP A 902 37.78 45.02 -42.23
C ASP A 902 37.78 43.63 -42.84
N PHE A 903 38.85 43.30 -43.55
CA PHE A 903 38.97 41.96 -44.11
C PHE A 903 38.83 40.90 -43.03
N ILE A 904 39.67 40.99 -42.01
CA ILE A 904 39.69 39.96 -40.98
C ILE A 904 38.32 39.84 -40.33
N LEU A 905 37.68 40.98 -40.11
CA LEU A 905 36.33 40.97 -39.56
C LEU A 905 35.42 40.11 -40.41
N PHE A 906 35.44 40.32 -41.73
CA PHE A 906 34.64 39.51 -42.62
C PHE A 906 34.97 38.04 -42.47
N CYS A 907 36.25 37.71 -42.52
CA CYS A 907 36.67 36.33 -42.43
C CYS A 907 36.13 35.66 -41.18
N LEU A 908 35.91 36.43 -40.12
CA LEU A 908 35.28 35.84 -38.94
C LEU A 908 33.89 35.32 -39.25
N ARG A 909 33.10 36.10 -39.98
CA ARG A 909 31.68 35.80 -40.16
C ARG A 909 31.47 34.44 -40.78
N LEU A 910 32.55 33.75 -41.09
CA LEU A 910 32.42 32.49 -41.78
C LEU A 910 32.03 31.35 -40.86
N MET A 911 32.30 31.47 -39.56
CA MET A 911 31.86 30.43 -38.64
C MET A 911 30.37 30.16 -38.78
N HIS A 912 29.63 31.14 -39.26
CA HIS A 912 28.23 30.99 -39.60
C HIS A 912 27.90 29.73 -40.36
N ILE A 913 28.84 29.23 -41.17
CA ILE A 913 28.61 27.96 -41.85
C ILE A 913 28.06 26.95 -40.89
N PHE A 914 28.74 26.78 -39.78
CA PHE A 914 28.43 25.71 -38.84
C PHE A 914 27.18 25.99 -38.03
N THR A 915 26.50 27.11 -38.27
CA THR A 915 25.19 27.30 -37.66
C THR A 915 24.24 26.19 -38.10
N ILE A 916 23.98 26.11 -39.40
CA ILE A 916 23.15 25.05 -39.90
C ILE A 916 23.78 23.69 -39.76
N SER A 917 25.02 23.63 -39.30
CA SER A 917 25.71 22.36 -39.19
C SER A 917 24.89 21.37 -38.40
N LYS A 918 24.40 20.37 -39.09
CA LYS A 918 23.70 19.26 -38.46
C LYS A 918 24.41 18.84 -37.18
N THR A 919 25.72 18.89 -37.23
CA THR A 919 26.53 18.21 -36.24
C THR A 919 27.35 19.15 -35.36
N LEU A 920 27.26 20.46 -35.56
CA LEU A 920 28.05 21.36 -34.73
C LEU A 920 27.28 22.55 -34.22
N GLY A 921 26.21 22.97 -34.88
CA GLY A 921 25.45 24.14 -34.50
C GLY A 921 25.35 24.33 -33.00
N PRO A 922 24.92 23.30 -32.30
CA PRO A 922 24.90 23.38 -30.83
C PRO A 922 26.17 23.94 -30.24
N LYS A 923 27.31 23.50 -30.73
CA LYS A 923 28.58 23.94 -30.17
C LYS A 923 28.70 25.45 -30.29
N ILE A 924 28.48 25.96 -31.49
CA ILE A 924 28.53 27.39 -31.71
C ILE A 924 27.59 28.10 -30.76
N ILE A 925 26.41 27.52 -30.54
CA ILE A 925 25.51 28.08 -29.55
C ILE A 925 26.25 28.29 -28.25
N ILE A 926 26.97 27.27 -27.84
CA ILE A 926 27.65 27.33 -26.56
C ILE A 926 28.65 28.48 -26.56
N VAL A 927 29.55 28.47 -27.53
CA VAL A 927 30.58 29.50 -27.54
C VAL A 927 29.93 30.86 -27.64
N LYS A 928 28.80 30.93 -28.31
CA LYS A 928 28.07 32.19 -28.35
C LYS A 928 27.71 32.63 -26.95
N ARG A 929 27.36 31.69 -26.09
CA ARG A 929 27.13 32.07 -24.71
C ARG A 929 28.44 32.44 -24.04
N MET A 930 29.54 31.90 -24.54
CA MET A 930 30.81 32.12 -23.86
C MET A 930 31.46 33.43 -24.24
N MET A 931 31.17 33.94 -25.43
CA MET A 931 31.85 35.14 -25.93
C MET A 931 31.89 36.23 -24.87
N LYS A 932 30.78 36.39 -24.15
CA LYS A 932 30.65 37.49 -23.21
C LYS A 932 31.72 37.45 -22.14
N ASP A 933 32.06 36.27 -21.65
CA ASP A 933 32.98 36.22 -20.51
C ASP A 933 34.43 36.10 -20.93
N VAL A 934 34.70 35.29 -21.96
CA VAL A 934 36.08 35.14 -22.41
C VAL A 934 36.67 36.49 -22.73
N PHE A 935 35.85 37.39 -23.28
CA PHE A 935 36.31 38.75 -23.53
C PHE A 935 36.86 39.37 -22.24
N PHE A 936 36.04 39.35 -21.20
CA PHE A 936 36.46 39.91 -19.92
C PHE A 936 37.76 39.29 -19.45
N PHE A 937 37.90 37.98 -19.62
CA PHE A 937 39.10 37.32 -19.11
C PHE A 937 40.32 37.68 -19.94
N LEU A 938 40.15 37.73 -21.26
CA LEU A 938 41.21 38.17 -22.14
C LEU A 938 41.85 39.45 -21.66
N PHE A 939 41.04 40.40 -21.22
CA PHE A 939 41.59 41.60 -20.65
C PHE A 939 42.68 41.28 -19.64
N LEU A 940 42.37 40.40 -18.70
CA LEU A 940 43.25 40.22 -17.57
C LEU A 940 44.57 39.63 -18.00
N LEU A 941 44.53 38.58 -18.81
CA LEU A 941 45.78 38.00 -19.27
C LEU A 941 46.61 39.03 -20.01
N ALA A 942 45.95 39.94 -20.73
CA ALA A 942 46.69 40.99 -21.42
C ALA A 942 47.53 41.78 -20.44
N VAL A 943 46.88 42.47 -19.51
CA VAL A 943 47.64 43.26 -18.56
C VAL A 943 48.63 42.38 -17.82
N TRP A 944 48.31 41.11 -17.68
CA TRP A 944 49.21 40.19 -17.02
C TRP A 944 50.56 40.19 -17.72
N VAL A 945 50.59 39.72 -18.96
CA VAL A 945 51.87 39.60 -19.65
C VAL A 945 52.55 40.95 -19.78
N VAL A 946 51.78 42.02 -20.00
CA VAL A 946 52.42 43.30 -20.28
C VAL A 946 53.14 43.80 -19.04
N SER A 947 52.54 43.62 -17.87
CA SER A 947 53.26 43.88 -16.64
C SER A 947 54.53 43.06 -16.60
N PHE A 948 54.46 41.81 -17.04
CA PHE A 948 55.63 40.94 -16.98
C PHE A 948 56.74 41.47 -17.87
N GLY A 949 56.40 41.78 -19.12
CA GLY A 949 57.40 42.26 -20.05
C GLY A 949 58.06 43.53 -19.59
N VAL A 950 57.26 44.47 -19.05
CA VAL A 950 57.87 45.74 -18.66
C VAL A 950 58.73 45.54 -17.43
N ALA A 951 58.35 44.62 -16.54
CA ALA A 951 59.24 44.27 -15.45
C ALA A 951 60.58 43.79 -15.99
N LYS A 952 60.54 42.97 -17.04
CA LYS A 952 61.78 42.52 -17.67
C LYS A 952 62.61 43.70 -18.13
N GLN A 953 62.03 44.56 -18.96
CA GLN A 953 62.78 45.69 -19.50
C GLN A 953 63.36 46.54 -18.39
N ALA A 954 62.60 46.73 -17.31
CA ALA A 954 63.07 47.59 -16.23
C ALA A 954 64.26 46.97 -15.52
N ILE A 955 64.22 45.68 -15.26
CA ILE A 955 65.25 45.09 -14.42
C ILE A 955 66.55 44.91 -15.17
N LEU A 956 66.51 44.82 -16.50
CA LEU A 956 67.70 44.51 -17.28
C LEU A 956 68.34 45.73 -17.88
N ILE A 957 67.90 46.93 -17.50
CA ILE A 957 68.44 48.13 -18.12
C ILE A 957 68.40 49.28 -17.13
N HIS A 958 69.02 50.40 -17.51
CA HIS A 958 68.92 51.67 -16.79
C HIS A 958 67.88 52.60 -17.39
N ASN A 959 67.80 52.69 -18.71
CA ASN A 959 66.82 53.53 -19.39
C ASN A 959 66.67 53.07 -20.84
N GLU A 960 65.43 53.09 -21.32
CA GLU A 960 65.13 52.68 -22.68
C GLU A 960 63.96 53.50 -23.22
N ARG A 961 63.65 53.27 -24.50
CA ARG A 961 62.57 53.96 -25.18
C ARG A 961 62.21 53.15 -26.42
N ARG A 962 61.58 53.82 -27.38
CA ARG A 962 61.42 53.27 -28.72
C ARG A 962 60.64 51.96 -28.72
N VAL A 963 59.36 52.03 -28.36
CA VAL A 963 58.48 50.86 -28.37
C VAL A 963 58.26 50.27 -29.76
N ASP A 964 58.78 50.91 -30.82
CA ASP A 964 58.62 50.42 -32.18
C ASP A 964 59.51 49.24 -32.52
N TRP A 965 60.64 49.08 -31.84
CA TRP A 965 61.46 47.87 -31.95
C TRP A 965 61.51 47.13 -30.62
N LEU A 966 61.68 47.87 -29.52
CA LEU A 966 61.73 47.24 -28.21
C LEU A 966 60.42 46.54 -27.88
N PHE A 967 59.32 47.30 -27.82
CA PHE A 967 58.04 46.69 -27.49
C PHE A 967 57.57 45.77 -28.61
N ARG A 968 57.99 46.03 -29.84
CA ARG A 968 57.63 45.12 -30.93
C ARG A 968 58.27 43.76 -30.75
N GLY A 969 59.60 43.72 -30.58
CA GLY A 969 60.26 42.45 -30.35
C GLY A 969 59.84 41.81 -29.06
N ALA A 970 59.54 42.62 -28.04
CA ALA A 970 59.07 42.08 -26.77
C ALA A 970 57.68 41.49 -26.90
N VAL A 971 56.78 42.16 -27.65
CA VAL A 971 55.45 41.64 -27.85
C VAL A 971 55.49 40.37 -28.69
N TYR A 972 56.44 40.31 -29.63
CA TYR A 972 56.58 39.10 -30.44
C TYR A 972 57.09 37.93 -29.58
N HIS A 973 58.10 38.18 -28.75
CA HIS A 973 58.52 37.16 -27.80
C HIS A 973 57.38 36.77 -26.87
N SER A 974 56.52 37.73 -26.55
CA SER A 974 55.33 37.43 -25.75
C SER A 974 54.35 36.57 -26.53
N TYR A 975 54.26 36.78 -27.85
CA TYR A 975 53.43 35.92 -28.67
C TYR A 975 53.95 34.49 -28.67
N LEU A 976 55.27 34.34 -28.71
CA LEU A 976 55.86 33.00 -28.59
C LEU A 976 55.54 32.38 -27.24
N THR A 977 55.64 33.16 -26.17
CA THR A 977 55.31 32.66 -24.84
C THR A 977 53.82 32.41 -24.67
N ILE A 978 52.99 33.13 -25.42
CA ILE A 978 51.54 32.97 -25.30
C ILE A 978 50.97 32.00 -26.31
N PHE A 979 51.80 31.44 -27.20
CA PHE A 979 51.31 30.40 -28.09
C PHE A 979 50.75 29.23 -27.30
N GLY A 980 51.22 29.04 -26.07
CA GLY A 980 50.69 28.02 -25.19
C GLY A 980 50.50 28.53 -23.77
N PHE A 1020 76.81 37.90 -8.11
CA PHE A 1020 76.32 37.03 -9.17
C PHE A 1020 74.85 37.31 -9.45
N PRO A 1021 74.57 38.26 -10.35
CA PRO A 1021 73.18 38.64 -10.61
C PRO A 1021 72.34 37.54 -11.22
N GLU A 1022 72.93 36.38 -11.54
CA GLU A 1022 72.19 35.31 -12.19
C GLU A 1022 71.06 34.80 -11.31
N TRP A 1023 71.24 34.83 -9.99
CA TRP A 1023 70.17 34.41 -9.10
C TRP A 1023 68.93 35.26 -9.30
N LEU A 1024 69.12 36.57 -9.49
CA LEU A 1024 67.99 37.43 -9.82
C LEU A 1024 67.34 36.99 -11.12
N THR A 1025 68.15 36.60 -12.11
CA THR A 1025 67.61 36.16 -13.39
C THR A 1025 66.75 34.91 -13.22
N VAL A 1026 67.26 33.92 -12.50
CA VAL A 1026 66.52 32.67 -12.33
C VAL A 1026 65.23 32.93 -11.55
N LEU A 1027 65.29 33.78 -10.52
CA LEU A 1027 64.10 34.09 -9.75
C LEU A 1027 63.03 34.74 -10.61
N LEU A 1028 63.42 35.72 -11.42
CA LEU A 1028 62.48 36.38 -12.30
C LEU A 1028 61.82 35.38 -13.24
N LEU A 1029 62.63 34.55 -13.89
CA LEU A 1029 62.10 33.62 -14.88
C LEU A 1029 61.15 32.63 -14.23
N CYS A 1030 61.49 32.13 -13.04
CA CYS A 1030 60.65 31.13 -12.39
C CYS A 1030 59.32 31.71 -11.98
N LEU A 1031 59.33 32.88 -11.34
CA LEU A 1031 58.07 33.50 -10.96
C LEU A 1031 57.20 33.79 -12.16
N TYR A 1032 57.80 34.35 -13.22
CA TYR A 1032 57.04 34.67 -14.41
C TYR A 1032 56.38 33.43 -14.99
N LEU A 1033 57.17 32.39 -15.26
CA LEU A 1033 56.60 31.16 -15.80
C LEU A 1033 55.58 30.57 -14.85
N LEU A 1034 55.75 30.81 -13.54
CA LEU A 1034 54.78 30.36 -12.56
C LEU A 1034 53.39 30.93 -12.86
N PHE A 1035 53.32 32.23 -13.10
CA PHE A 1035 52.00 32.80 -13.28
C PHE A 1035 51.46 32.54 -14.68
N THR A 1036 52.29 32.71 -15.70
CA THR A 1036 51.81 32.74 -17.08
C THR A 1036 51.11 31.47 -17.50
N ASN A 1037 51.85 30.37 -17.60
CA ASN A 1037 51.30 29.16 -18.16
C ASN A 1037 50.64 28.27 -17.13
N ILE A 1038 50.33 28.80 -15.95
CA ILE A 1038 49.73 27.96 -14.93
C ILE A 1038 48.43 28.55 -14.38
N LEU A 1039 48.55 29.71 -13.72
CA LEU A 1039 47.40 30.26 -13.00
C LEU A 1039 46.21 30.39 -13.93
N LEU A 1040 46.41 31.04 -15.06
CA LEU A 1040 45.31 31.30 -15.97
C LEU A 1040 44.88 30.03 -16.70
N LEU A 1041 45.81 29.11 -16.94
CA LEU A 1041 45.44 27.86 -17.58
C LEU A 1041 44.41 27.12 -16.76
N ASN A 1042 44.79 26.72 -15.54
CA ASN A 1042 43.83 26.05 -14.67
C ASN A 1042 42.58 26.88 -14.47
N LEU A 1043 42.73 28.21 -14.47
CA LEU A 1043 41.56 29.07 -14.35
C LEU A 1043 40.55 28.77 -15.45
N LEU A 1044 40.94 29.00 -16.70
CA LEU A 1044 40.04 28.73 -17.81
C LEU A 1044 39.61 27.28 -17.83
N ILE A 1045 40.52 26.38 -17.46
CA ILE A 1045 40.15 24.98 -17.31
C ILE A 1045 38.87 24.88 -16.50
N ALA A 1046 38.91 25.43 -15.28
CA ALA A 1046 37.70 25.44 -14.47
C ALA A 1046 36.58 26.20 -15.16
N MET A 1047 36.88 27.37 -15.72
CA MET A 1047 35.85 28.22 -16.30
C MET A 1047 35.05 27.45 -17.34
N PHE A 1048 35.74 26.85 -18.29
CA PHE A 1048 35.05 26.11 -19.33
C PHE A 1048 34.29 24.94 -18.75
N ASN A 1049 34.96 24.11 -17.95
CA ASN A 1049 34.29 22.92 -17.42
C ASN A 1049 33.04 23.32 -16.65
N TYR A 1050 33.13 24.39 -15.88
CA TYR A 1050 31.99 24.82 -15.08
C TYR A 1050 30.85 25.28 -15.98
N THR A 1051 31.10 26.32 -16.78
CA THR A 1051 30.08 26.80 -17.68
C THR A 1051 29.57 25.69 -18.59
N PHE A 1052 30.46 24.77 -18.98
CA PHE A 1052 30.04 23.63 -19.78
C PHE A 1052 28.99 22.83 -19.04
N GLN A 1053 29.30 22.40 -17.83
CA GLN A 1053 28.34 21.67 -17.02
C GLN A 1053 27.10 22.50 -16.72
N GLN A 1054 27.14 23.81 -16.96
CA GLN A 1054 25.97 24.63 -16.73
C GLN A 1054 24.92 24.44 -17.83
N VAL A 1055 25.36 24.09 -19.04
CA VAL A 1055 24.47 24.08 -20.20
C VAL A 1055 24.60 22.84 -21.06
N GLN A 1056 25.35 21.83 -20.64
CA GLN A 1056 25.77 20.76 -21.57
C GLN A 1056 24.64 19.85 -22.05
N GLU A 1057 23.37 20.10 -21.81
CA GLU A 1057 22.38 19.05 -21.94
C GLU A 1057 21.22 19.36 -22.86
N HIS A 1058 20.68 20.58 -22.82
CA HIS A 1058 19.38 20.85 -23.39
C HIS A 1058 19.43 21.83 -24.55
N THR A 1059 20.61 22.36 -24.88
CA THR A 1059 20.70 23.36 -25.93
C THR A 1059 20.11 22.85 -27.22
N ASP A 1060 20.42 21.59 -27.57
CA ASP A 1060 19.90 20.97 -28.77
C ASP A 1060 18.48 21.40 -29.08
N GLN A 1061 17.64 21.51 -28.04
CA GLN A 1061 16.35 22.14 -28.21
C GLN A 1061 16.52 23.47 -28.92
N ILE A 1062 17.19 24.39 -28.26
CA ILE A 1062 17.31 25.74 -28.80
C ILE A 1062 17.76 25.69 -30.23
N TRP A 1063 18.70 24.81 -30.54
CA TRP A 1063 19.13 24.72 -31.91
C TRP A 1063 18.01 24.24 -32.80
N LYS A 1064 17.31 23.19 -32.38
CA LYS A 1064 16.21 22.69 -33.18
C LYS A 1064 15.18 23.77 -33.39
N PHE A 1065 15.01 24.62 -32.39
CA PHE A 1065 14.10 25.73 -32.52
C PHE A 1065 14.59 26.69 -33.58
N GLN A 1066 15.85 27.09 -33.47
CA GLN A 1066 16.38 28.10 -34.38
C GLN A 1066 16.29 27.65 -35.82
N ARG A 1067 16.49 26.38 -36.05
CA ARG A 1067 16.60 25.83 -37.39
C ARG A 1067 15.55 26.38 -38.33
N HIS A 1068 14.38 26.73 -37.81
CA HIS A 1068 13.31 27.13 -38.69
C HIS A 1068 13.61 28.37 -39.51
N ASP A 1069 13.74 29.51 -38.83
CA ASP A 1069 13.75 30.79 -39.55
C ASP A 1069 14.77 30.78 -40.66
N LEU A 1070 15.92 30.15 -40.41
CA LEU A 1070 16.90 29.98 -41.47
C LEU A 1070 16.25 29.32 -42.67
N ILE A 1071 15.59 28.19 -42.45
CA ILE A 1071 14.94 27.52 -43.56
C ILE A 1071 13.96 28.45 -44.23
N GLU A 1072 13.19 29.19 -43.43
CA GLU A 1072 12.22 30.09 -44.00
C GLU A 1072 12.89 31.07 -44.96
N GLU A 1073 14.03 31.60 -44.56
CA GLU A 1073 14.69 32.60 -45.38
C GLU A 1073 15.14 32.00 -46.70
N TYR A 1074 16.03 31.02 -46.64
CA TYR A 1074 16.61 30.53 -47.88
C TYR A 1074 15.62 29.82 -48.77
N HIS A 1075 14.46 29.45 -48.24
CA HIS A 1075 13.38 29.05 -49.14
C HIS A 1075 12.70 30.26 -49.75
N GLY A 1076 12.77 31.40 -49.07
CA GLY A 1076 12.07 32.56 -49.55
C GLY A 1076 12.88 33.41 -50.51
N ARG A 1077 14.18 33.48 -50.31
CA ARG A 1077 15.00 34.39 -51.09
C ARG A 1077 14.96 34.01 -52.56
N PRO A 1078 14.92 34.98 -53.47
CA PRO A 1078 14.95 34.67 -54.90
C PRO A 1078 16.27 34.02 -55.30
N ALA A 1079 16.20 33.16 -56.30
CA ALA A 1079 17.35 32.34 -56.71
C ALA A 1079 18.26 33.15 -57.63
N ALA A 1080 19.11 33.95 -57.01
CA ALA A 1080 20.11 34.72 -57.74
C ALA A 1080 21.30 35.04 -56.84
N PRO A 1081 22.39 34.30 -56.97
CA PRO A 1081 23.58 34.60 -56.17
C PRO A 1081 24.10 35.99 -56.48
N PRO A 1082 25.01 36.51 -55.66
CA PRO A 1082 25.43 37.92 -55.78
C PRO A 1082 25.95 38.30 -57.16
N PRO A 1083 26.50 37.36 -57.98
CA PRO A 1083 26.82 37.78 -59.36
C PRO A 1083 25.61 38.29 -60.09
N PHE A 1084 24.62 37.42 -60.29
CA PHE A 1084 23.40 37.78 -60.98
C PHE A 1084 22.34 38.31 -60.04
N ILE A 1085 22.74 38.82 -58.88
CA ILE A 1085 21.76 39.32 -57.93
C ILE A 1085 21.31 40.73 -58.27
N LEU A 1086 22.07 41.46 -59.07
CA LEU A 1086 21.69 42.84 -59.36
C LEU A 1086 20.47 42.91 -60.26
N LEU A 1087 20.37 42.01 -61.25
CA LEU A 1087 19.17 41.95 -62.06
C LEU A 1087 17.96 41.62 -61.20
N SER A 1088 18.15 40.82 -60.16
CA SER A 1088 17.07 40.52 -59.24
C SER A 1088 16.72 41.74 -58.40
N HIS A 1089 17.73 42.45 -57.91
CA HIS A 1089 17.49 43.65 -57.11
C HIS A 1089 16.72 44.69 -57.93
N LEU A 1090 17.10 44.87 -59.18
CA LEU A 1090 16.38 45.84 -60.02
C LEU A 1090 15.02 45.30 -60.44
N GLN A 1091 14.92 43.98 -60.65
CA GLN A 1091 13.61 43.38 -60.86
C GLN A 1091 12.73 43.56 -59.63
N LEU A 1092 13.35 43.86 -58.48
CA LEU A 1092 12.60 44.20 -57.29
C LEU A 1092 12.26 45.68 -57.23
N PHE A 1093 13.22 46.55 -57.58
CA PHE A 1093 12.98 47.97 -57.44
C PHE A 1093 12.02 48.50 -58.50
N ILE A 1094 11.83 47.77 -59.60
CA ILE A 1094 10.83 48.17 -60.57
C ILE A 1094 9.42 48.03 -59.99
N LYS A 1095 9.20 46.99 -59.18
CA LYS A 1095 7.92 46.87 -58.48
C LYS A 1095 7.90 47.73 -57.23
N ARG A 1096 9.06 47.96 -56.62
CA ARG A 1096 9.14 48.90 -55.50
C ARG A 1096 8.75 50.31 -55.95
N VAL A 1097 9.03 50.65 -57.20
CA VAL A 1097 8.56 51.90 -57.77
C VAL A 1097 7.18 51.76 -58.41
N VAL A 1098 6.84 50.57 -58.91
CA VAL A 1098 5.53 50.35 -59.53
C VAL A 1098 4.98 48.99 -59.11
N ARG A 1105 3.77 35.57 -50.35
CA ARG A 1105 4.10 34.29 -49.72
C ARG A 1105 4.28 33.20 -50.76
N HIS A 1106 4.45 31.98 -50.29
CA HIS A 1106 4.51 30.80 -51.13
C HIS A 1106 3.47 29.80 -50.67
N LYS A 1107 3.12 28.88 -51.56
CA LYS A 1107 2.19 27.81 -51.23
C LYS A 1107 2.84 26.75 -50.34
N GLN A 1108 4.07 26.98 -49.90
CA GLN A 1108 4.79 26.00 -49.10
C GLN A 1108 4.45 26.07 -47.62
N LEU A 1109 4.26 27.26 -47.08
CA LEU A 1109 4.03 27.43 -45.66
C LEU A 1109 2.65 27.94 -45.30
N LYS A 1110 1.78 28.16 -46.28
CA LYS A 1110 0.47 28.70 -45.97
C LYS A 1110 -0.43 28.48 -47.17
N ASN A 1111 -1.49 27.71 -47.01
CA ASN A 1111 -2.34 27.42 -48.15
C ASN A 1111 -3.75 27.10 -47.69
N LYS A 1112 -4.71 27.82 -48.23
CA LYS A 1112 -6.11 27.48 -48.02
C LYS A 1112 -6.37 26.07 -48.52
N LEU A 1113 -7.46 25.49 -48.05
CA LEU A 1113 -7.86 24.17 -48.48
C LEU A 1113 -9.30 24.21 -48.99
N GLU A 1114 -9.82 23.05 -49.35
CA GLU A 1114 -11.13 22.94 -49.95
C GLU A 1114 -12.10 22.28 -49.00
N LYS A 1115 -13.33 22.81 -48.97
CA LYS A 1115 -14.31 22.39 -47.98
C LYS A 1115 -14.38 20.88 -47.90
N ASN A 1116 -14.55 20.22 -49.05
CA ASN A 1116 -14.63 18.77 -49.06
C ASN A 1116 -13.38 18.16 -48.45
N GLU A 1117 -12.23 18.68 -48.84
CA GLU A 1117 -10.99 18.14 -48.30
C GLU A 1117 -10.85 18.48 -46.83
N GLU A 1118 -10.93 19.76 -46.50
CA GLU A 1118 -10.75 20.18 -45.13
C GLU A 1118 -11.69 19.43 -44.19
N ALA A 1119 -12.95 19.29 -44.58
CA ALA A 1119 -13.92 18.65 -43.71
C ALA A 1119 -13.44 17.27 -43.30
N ALA A 1120 -13.15 16.43 -44.30
CA ALA A 1120 -12.64 15.10 -44.00
C ALA A 1120 -11.46 15.18 -43.07
N LEU A 1121 -10.61 16.17 -43.30
CA LEU A 1121 -9.44 16.30 -42.44
C LEU A 1121 -9.84 16.54 -41.00
N LEU A 1122 -10.72 17.51 -40.78
CA LEU A 1122 -11.10 17.84 -39.41
C LEU A 1122 -11.73 16.65 -38.72
N SER A 1123 -12.68 15.99 -39.39
CA SER A 1123 -13.29 14.80 -38.83
C SER A 1123 -12.22 13.80 -38.43
N TRP A 1124 -11.25 13.59 -39.30
CA TRP A 1124 -10.16 12.68 -39.00
C TRP A 1124 -9.48 13.06 -37.69
N GLU A 1125 -9.14 14.33 -37.55
CA GLU A 1125 -8.52 14.76 -36.31
C GLU A 1125 -9.42 14.52 -35.12
N ILE A 1126 -10.65 15.04 -35.18
CA ILE A 1126 -11.61 14.87 -34.09
C ILE A 1126 -11.53 13.47 -33.53
N TYR A 1127 -11.67 12.50 -34.42
CA TYR A 1127 -11.53 11.11 -34.06
C TYR A 1127 -10.29 10.89 -33.22
N LEU A 1128 -9.15 11.27 -33.75
CA LEU A 1128 -7.92 10.90 -33.06
C LEU A 1128 -7.78 11.64 -31.76
N LYS A 1129 -8.33 12.84 -31.65
CA LYS A 1129 -8.27 13.52 -30.37
C LYS A 1129 -8.98 12.73 -29.31
N GLU A 1130 -10.15 12.20 -29.66
CA GLU A 1130 -10.87 11.36 -28.72
C GLU A 1130 -10.00 10.20 -28.28
N ASN A 1131 -9.38 9.53 -29.24
CA ASN A 1131 -8.48 8.43 -28.92
C ASN A 1131 -7.44 8.85 -27.90
N TYR A 1132 -6.75 9.96 -28.16
CA TYR A 1132 -5.75 10.42 -27.23
C TYR A 1132 -6.33 10.59 -25.84
N LEU A 1133 -7.52 11.18 -25.75
CA LEU A 1133 -8.14 11.42 -24.46
C LEU A 1133 -8.21 10.14 -23.64
N GLN A 1134 -8.73 9.08 -24.25
CA GLN A 1134 -8.89 7.82 -23.53
C GLN A 1134 -7.56 7.36 -22.97
N ASN A 1135 -6.55 7.28 -23.81
CA ASN A 1135 -5.27 6.77 -23.34
C ASN A 1135 -4.76 7.59 -22.19
N ARG A 1136 -4.98 8.90 -22.23
CA ARG A 1136 -4.47 9.74 -21.16
C ARG A 1136 -5.08 9.33 -19.82
N GLN A 1137 -6.40 9.41 -19.72
CA GLN A 1137 -7.01 9.14 -18.43
C GLN A 1137 -6.76 7.71 -18.00
N PHE A 1138 -6.68 6.79 -18.94
CA PHE A 1138 -6.41 5.41 -18.57
C PHE A 1138 -5.07 5.29 -17.88
N GLN A 1139 -4.01 5.76 -18.53
CA GLN A 1139 -2.72 5.68 -17.90
C GLN A 1139 -2.69 6.47 -16.61
N GLN A 1140 -3.61 7.42 -16.45
CA GLN A 1140 -3.73 8.06 -15.15
C GLN A 1140 -4.14 7.05 -14.10
N LYS A 1141 -4.89 6.02 -14.51
CA LYS A 1141 -5.34 5.02 -13.55
C LYS A 1141 -4.22 4.13 -13.05
N GLN A 1142 -3.02 4.24 -13.60
CA GLN A 1142 -1.96 3.34 -13.17
C GLN A 1142 -1.01 3.95 -12.17
N ARG A 1143 -1.03 5.26 -12.02
CA ARG A 1143 -0.10 5.92 -11.13
C ARG A 1143 -0.22 5.32 -9.74
N PRO A 1144 0.82 4.66 -9.24
CA PRO A 1144 0.70 3.95 -7.96
C PRO A 1144 0.10 4.80 -6.87
N GLU A 1145 0.50 6.07 -6.77
CA GLU A 1145 -0.07 6.94 -5.75
C GLU A 1145 -1.58 6.99 -5.87
N GLN A 1146 -2.08 7.07 -7.10
CA GLN A 1146 -3.53 7.06 -7.28
C GLN A 1146 -4.13 5.74 -6.83
N LYS A 1147 -3.43 4.64 -7.10
CA LYS A 1147 -3.96 3.34 -6.69
C LYS A 1147 -4.06 3.23 -5.19
N ILE A 1148 -3.05 3.71 -4.46
CA ILE A 1148 -3.13 3.70 -3.01
C ILE A 1148 -4.31 4.52 -2.54
N GLU A 1149 -4.51 5.69 -3.13
CA GLU A 1149 -5.66 6.50 -2.77
C GLU A 1149 -6.95 5.69 -2.94
N ASP A 1150 -7.03 4.90 -4.00
CA ASP A 1150 -8.19 4.05 -4.18
C ASP A 1150 -8.34 3.08 -3.01
N ILE A 1151 -7.23 2.49 -2.57
CA ILE A 1151 -7.31 1.56 -1.45
C ILE A 1151 -7.87 2.26 -0.23
N SER A 1152 -7.39 3.48 0.05
CA SER A 1152 -7.84 4.17 1.25
C SER A 1152 -9.34 4.41 1.22
N ASN A 1153 -9.82 4.99 0.13
CA ASN A 1153 -11.25 5.24 0.05
C ASN A 1153 -12.04 3.96 0.15
N LYS A 1154 -11.48 2.85 -0.32
CA LYS A 1154 -12.22 1.62 -0.24
C LYS A 1154 -12.28 1.08 1.18
N VAL A 1155 -11.16 1.11 1.89
CA VAL A 1155 -11.15 0.57 3.24
C VAL A 1155 -12.01 1.39 4.17
N ASP A 1156 -12.12 2.71 3.92
CA ASP A 1156 -12.96 3.52 4.77
C ASP A 1156 -14.41 3.03 4.75
N ALA A 1157 -14.87 2.55 3.60
CA ALA A 1157 -16.22 2.02 3.53
C ALA A 1157 -16.38 0.84 4.46
N MET A 1158 -15.37 -0.02 4.53
CA MET A 1158 -15.42 -1.13 5.47
C MET A 1158 -15.54 -0.61 6.89
N VAL A 1159 -14.77 0.42 7.22
CA VAL A 1159 -14.84 1.00 8.55
C VAL A 1159 -16.26 1.45 8.87
N ASP A 1160 -16.86 2.19 7.93
CA ASP A 1160 -18.18 2.75 8.17
C ASP A 1160 -19.22 1.64 8.36
N LEU A 1161 -19.22 0.66 7.46
CA LEU A 1161 -20.19 -0.42 7.59
C LEU A 1161 -19.97 -1.19 8.89
N LEU A 1162 -18.72 -1.47 9.22
CA LEU A 1162 -18.43 -2.32 10.36
C LEU A 1162 -18.83 -1.67 11.67
N ASP A 1163 -18.67 -0.36 11.78
CA ASP A 1163 -19.05 0.32 13.02
C ASP A 1163 -20.53 0.65 13.06
N LEU A 1164 -21.21 0.67 11.91
CA LEU A 1164 -22.62 1.06 11.89
C LEU A 1164 -23.53 -0.08 12.32
N ASP A 1165 -23.33 -1.27 11.76
CA ASP A 1165 -24.19 -2.41 12.05
C ASP A 1165 -24.00 -2.92 13.48
N GLY A 1235 -58.82 8.46 11.65
CA GLY A 1235 -58.97 9.66 10.87
C GLY A 1235 -60.25 9.70 10.05
N ASP A 1236 -61.26 10.39 10.57
CA ASP A 1236 -62.56 10.50 9.92
C ASP A 1236 -62.77 11.90 9.37
N SER A 1237 -63.89 12.07 8.68
CA SER A 1237 -64.22 13.35 8.08
C SER A 1237 -64.62 14.34 9.16
N TYR A 1238 -63.79 15.35 9.37
CA TYR A 1238 -64.07 16.37 10.36
C TYR A 1238 -63.96 17.73 9.71
N HIS A 1239 -64.54 18.73 10.38
CA HIS A 1239 -64.47 20.11 9.92
C HIS A 1239 -63.21 20.74 10.51
N VAL A 1240 -62.08 20.46 9.87
CA VAL A 1240 -60.80 20.93 10.38
C VAL A 1240 -60.69 22.44 10.25
N ASN A 1241 -61.22 23.00 9.17
CA ASN A 1241 -61.23 24.44 9.02
C ASN A 1241 -62.14 25.10 10.02
N ALA A 1242 -63.15 24.38 10.51
CA ALA A 1242 -64.03 24.96 11.52
C ALA A 1242 -63.39 24.91 12.89
N ARG A 1243 -62.78 23.78 13.24
CA ARG A 1243 -62.07 23.69 14.51
C ARG A 1243 -60.77 24.47 14.51
N HIS A 1244 -60.43 25.09 13.39
CA HIS A 1244 -59.17 25.80 13.25
C HIS A 1244 -59.07 26.93 14.26
N LEU A 1245 -58.06 26.86 15.12
CA LEU A 1245 -57.77 27.91 16.08
C LEU A 1245 -57.65 29.26 15.39
N LEU A 1246 -57.81 30.33 16.16
CA LEU A 1246 -57.64 31.69 15.66
C LEU A 1246 -58.63 31.96 14.51
N TYR A 1247 -59.90 32.06 14.89
CA TYR A 1247 -60.93 32.52 13.98
C TYR A 1247 -60.43 33.73 13.19
N PRO A 1248 -60.70 33.75 11.89
CA PRO A 1248 -60.14 34.81 11.05
C PRO A 1248 -60.61 36.18 11.49
N ASN A 1249 -59.66 37.08 11.68
CA ASN A 1249 -59.86 38.51 11.90
C ASN A 1249 -60.54 38.80 13.23
N CYS A 1250 -60.98 37.79 13.95
CA CYS A 1250 -61.53 38.00 15.28
C CYS A 1250 -60.42 37.73 16.28
N PRO A 1251 -59.88 38.76 16.93
CA PRO A 1251 -58.74 38.53 17.83
C PRO A 1251 -59.12 37.77 19.09
N VAL A 1252 -59.74 36.61 18.91
CA VAL A 1252 -60.10 35.72 20.00
C VAL A 1252 -59.76 34.30 19.57
N THR A 1253 -59.93 33.36 20.48
CA THR A 1253 -59.59 31.98 20.22
C THR A 1253 -60.79 31.09 20.50
N ARG A 1254 -61.00 30.09 19.65
CA ARG A 1254 -62.07 29.14 19.87
C ARG A 1254 -61.59 28.01 20.76
N PHE A 1255 -62.55 27.31 21.34
CA PHE A 1255 -62.25 26.30 22.34
C PHE A 1255 -61.55 25.10 21.69
N PRO A 1256 -60.60 24.48 22.37
CA PRO A 1256 -60.00 23.24 21.87
C PRO A 1256 -61.02 22.13 21.82
N VAL A 1257 -61.17 21.53 20.64
CA VAL A 1257 -62.18 20.50 20.43
C VAL A 1257 -61.52 19.31 19.72
N PRO A 1258 -60.98 18.35 20.44
CA PRO A 1258 -60.27 17.24 19.78
C PRO A 1258 -61.18 16.35 18.94
N ASN A 1259 -60.56 15.44 18.19
CA ASN A 1259 -61.31 14.57 17.28
C ASN A 1259 -62.29 13.70 18.03
N GLU A 1260 -61.97 13.33 19.27
CA GLU A 1260 -62.87 12.45 20.01
C GLU A 1260 -64.16 13.16 20.37
N LYS A 1261 -64.06 14.33 20.98
CA LYS A 1261 -65.22 15.04 21.50
C LYS A 1261 -65.77 16.08 20.53
N VAL A 1262 -65.50 15.94 19.25
CA VAL A 1262 -65.97 16.95 18.29
C VAL A 1262 -67.49 16.94 18.13
N PRO A 1263 -68.19 15.80 18.08
CA PRO A 1263 -69.63 15.86 17.87
C PRO A 1263 -70.36 16.10 19.17
N TRP A 1264 -71.56 16.68 19.05
CA TRP A 1264 -72.36 16.98 20.22
C TRP A 1264 -72.64 15.74 21.05
N GLU A 1265 -72.79 14.59 20.39
CA GLU A 1265 -73.19 13.36 21.05
C GLU A 1265 -72.12 12.77 21.94
N THR A 1266 -70.89 13.30 21.92
CA THR A 1266 -69.83 12.75 22.73
C THR A 1266 -69.77 13.44 24.08
N GLU A 1267 -69.25 12.72 25.07
CA GLU A 1267 -69.14 13.23 26.42
C GLU A 1267 -68.07 14.31 26.47
N PHE A 1268 -68.50 15.57 26.57
CA PHE A 1268 -67.56 16.68 26.64
C PHE A 1268 -68.18 17.75 27.52
N LEU A 1269 -67.82 17.74 28.80
CA LEU A 1269 -68.44 18.65 29.76
C LEU A 1269 -67.66 19.96 29.91
N ILE A 1270 -66.33 19.90 29.75
CA ILE A 1270 -65.50 21.07 29.94
C ILE A 1270 -65.81 22.16 28.92
N TYR A 1271 -66.48 21.78 27.83
CA TYR A 1271 -66.75 22.68 26.72
C TYR A 1271 -67.31 24.01 27.20
N ASP A 1272 -66.64 25.10 26.79
CA ASP A 1272 -67.02 26.45 27.18
C ASP A 1272 -66.70 27.41 26.05
N PRO A 1273 -67.50 27.41 25.00
CA PRO A 1273 -67.23 28.29 23.87
C PRO A 1273 -67.63 29.71 24.18
N PRO A 1274 -66.75 30.67 23.90
CA PRO A 1274 -67.10 32.07 24.11
C PRO A 1274 -67.90 32.63 22.95
N PHE A 1275 -68.83 33.54 23.27
CA PHE A 1275 -69.68 34.14 22.25
C PHE A 1275 -68.87 35.06 21.36
N TYR A 1276 -68.88 34.79 20.06
CA TYR A 1276 -68.16 35.59 19.08
C TYR A 1276 -69.14 36.06 18.01
N THR A 1277 -69.50 37.34 18.07
CA THR A 1277 -70.36 37.97 17.09
C THR A 1277 -69.70 39.25 16.62
N ALA A 1278 -69.38 39.31 15.34
CA ALA A 1278 -68.79 40.53 14.80
C ALA A 1278 -69.75 41.70 14.95
N GLU A 1279 -69.20 42.91 14.82
CA GLU A 1279 -70.01 44.10 14.96
C GLU A 1279 -70.95 44.27 13.78
N ARG A 1280 -70.59 43.71 12.63
CA ARG A 1280 -71.42 43.80 11.44
C ARG A 1280 -72.17 42.50 11.13
N LYS A 1281 -72.00 41.47 11.95
CA LYS A 1281 -72.73 40.22 11.71
C LYS A 1281 -74.21 40.40 11.96
N ASP A 1282 -74.57 41.06 13.06
CA ASP A 1282 -75.96 41.38 13.38
C ASP A 1282 -76.23 42.79 12.88
N ALA A 1283 -76.22 42.95 11.56
CA ALA A 1283 -76.41 44.27 10.96
C ALA A 1283 -77.67 44.29 10.11
N ALA A 1284 -77.91 45.41 9.42
CA ALA A 1284 -79.10 45.51 8.59
C ALA A 1284 -79.11 44.43 7.52
N ALA A 1285 -80.29 43.81 7.33
CA ALA A 1285 -80.53 42.77 6.34
C ALA A 1285 -79.79 41.49 6.68
N MET A 1286 -78.99 41.51 7.74
CA MET A 1286 -78.35 40.31 8.27
C MET A 1286 -79.12 39.86 9.49
N ASP A 1287 -78.92 38.60 9.88
CA ASP A 1287 -79.57 38.09 11.06
C ASP A 1287 -79.12 38.93 12.25
N PRO A 1288 -80.04 39.62 12.93
CA PRO A 1288 -79.64 40.46 14.06
C PRO A 1288 -79.28 39.61 15.26
N MET A 1289 -79.07 38.33 15.00
CA MET A 1289 -78.78 37.24 15.91
C MET A 1289 -77.37 37.31 16.51
N GLY A 1290 -76.62 38.38 16.35
CA GLY A 1290 -75.32 38.48 17.00
C GLY A 1290 -75.39 38.23 18.49
N ASP A 1291 -76.51 38.59 19.11
CA ASP A 1291 -76.79 38.31 20.53
C ASP A 1291 -78.11 37.55 20.63
N THR A 1292 -78.23 36.51 19.82
CA THR A 1292 -79.49 35.80 19.59
C THR A 1292 -80.05 35.12 20.82
N LEU A 1293 -79.40 35.22 21.99
CA LEU A 1293 -80.06 34.78 23.22
C LEU A 1293 -81.34 35.56 23.47
N GLU A 1294 -81.47 36.75 22.88
CA GLU A 1294 -82.66 37.56 22.99
C GLU A 1294 -83.83 36.88 22.28
N PRO A 1295 -85.05 37.36 22.49
CA PRO A 1295 -86.20 36.81 21.73
C PRO A 1295 -86.15 37.08 20.24
N LEU A 1296 -85.20 37.90 19.76
CA LEU A 1296 -85.12 38.16 18.32
C LEU A 1296 -84.79 36.89 17.53
N SER A 1297 -84.21 35.87 18.17
CA SER A 1297 -83.95 34.62 17.50
C SER A 1297 -85.19 33.74 17.53
N THR A 1298 -86.32 34.31 17.12
CA THR A 1298 -87.56 33.57 16.98
C THR A 1298 -87.81 33.14 15.54
N ILE A 1299 -86.81 33.28 14.67
CA ILE A 1299 -86.99 32.94 13.27
C ILE A 1299 -87.12 31.44 13.11
N GLN A 1300 -87.84 31.04 12.06
CA GLN A 1300 -88.12 29.64 11.81
C GLN A 1300 -86.83 28.88 11.49
N TYR A 1301 -86.59 27.80 12.23
CA TYR A 1301 -85.47 26.93 11.96
C TYR A 1301 -85.94 25.72 11.15
N ASN A 1302 -85.06 25.22 10.30
CA ASN A 1302 -85.37 24.24 9.25
C ASN A 1302 -86.65 24.63 8.53
N VAL A 1303 -86.88 25.94 8.41
CA VAL A 1303 -88.07 26.47 7.76
C VAL A 1303 -87.78 27.91 7.39
N VAL A 1304 -88.21 28.30 6.19
CA VAL A 1304 -87.92 29.64 5.66
C VAL A 1304 -88.69 30.65 6.49
N ASP A 1305 -87.97 31.48 7.24
CA ASP A 1305 -88.58 32.57 8.00
C ASP A 1305 -88.51 33.88 7.21
N GLY A 1306 -89.20 33.88 6.07
CA GLY A 1306 -89.21 35.04 5.20
C GLY A 1306 -88.04 35.08 4.24
N LEU A 1307 -87.06 35.95 4.52
CA LEU A 1307 -85.94 36.14 3.61
C LEU A 1307 -84.82 35.14 3.80
N ARG A 1308 -84.74 34.50 4.96
CA ARG A 1308 -83.71 33.50 5.24
C ARG A 1308 -84.36 32.14 5.25
N ASP A 1309 -84.14 31.37 4.19
CA ASP A 1309 -84.64 30.00 4.15
C ASP A 1309 -83.79 29.15 5.08
N ARG A 1310 -83.92 29.38 6.38
CA ARG A 1310 -82.99 28.82 7.35
C ARG A 1310 -83.19 27.32 7.44
N ARG A 1311 -82.58 26.59 6.51
CA ARG A 1311 -82.80 25.15 6.37
C ARG A 1311 -81.61 24.54 5.65
N SER A 1312 -81.17 23.39 6.12
CA SER A 1312 -79.94 22.77 5.64
C SER A 1312 -80.23 21.63 4.67
N PHE A 1313 -79.47 21.59 3.58
CA PHE A 1313 -79.54 20.43 2.69
C PHE A 1313 -79.25 19.14 3.44
N HIS A 1314 -78.34 19.21 4.43
CA HIS A 1314 -78.04 18.05 5.25
C HIS A 1314 -79.30 17.50 5.90
N GLY A 1315 -80.19 18.38 6.35
CA GLY A 1315 -81.45 17.95 6.89
C GLY A 1315 -81.98 18.86 7.99
N PRO A 1316 -82.97 18.37 8.73
CA PRO A 1316 -83.52 19.15 9.84
C PRO A 1316 -82.51 19.34 10.96
N TYR A 1317 -82.04 20.56 11.14
CA TYR A 1317 -81.02 20.82 12.16
C TYR A 1317 -81.68 21.11 13.49
N THR A 1318 -81.16 20.49 14.55
CA THR A 1318 -81.69 20.68 15.89
C THR A 1318 -81.54 22.12 16.33
N VAL A 1319 -82.47 22.57 17.16
CA VAL A 1319 -82.46 23.90 17.72
C VAL A 1319 -81.93 23.81 19.15
N GLN A 1320 -81.16 24.82 19.55
CA GLN A 1320 -80.64 24.90 20.91
C GLN A 1320 -81.02 26.27 21.47
N ALA A 1321 -82.18 26.35 22.12
CA ALA A 1321 -82.68 27.59 22.71
C ALA A 1321 -82.78 28.71 21.66
N GLY A 1322 -83.54 28.42 20.61
CA GLY A 1322 -83.74 29.38 19.54
C GLY A 1322 -82.47 29.65 18.76
N LEU A 1323 -81.46 28.82 18.97
CA LEU A 1323 -80.17 28.92 18.28
C LEU A 1323 -79.86 27.59 17.61
N PRO A 1324 -79.31 27.62 16.40
CA PRO A 1324 -78.94 26.38 15.74
C PRO A 1324 -77.64 25.83 16.31
N LEU A 1325 -77.50 24.52 16.22
CA LEU A 1325 -76.23 23.87 16.50
C LEU A 1325 -75.66 23.33 15.19
N ASN A 1326 -74.36 23.51 15.01
CA ASN A 1326 -73.70 22.98 13.83
C ASN A 1326 -74.02 21.50 13.66
N PRO A 1327 -74.68 21.11 12.56
CA PRO A 1327 -75.14 19.72 12.43
C PRO A 1327 -74.02 18.71 12.30
N MET A 1328 -72.77 19.15 12.25
CA MET A 1328 -71.64 18.23 12.16
C MET A 1328 -70.98 17.94 13.50
N GLY A 1329 -70.91 18.92 14.38
CA GLY A 1329 -70.25 18.74 15.66
C GLY A 1329 -69.96 20.08 16.30
N ARG A 1330 -69.23 20.03 17.40
CA ARG A 1330 -68.87 21.24 18.12
C ARG A 1330 -67.77 21.98 17.39
N THR A 1331 -67.85 23.31 17.41
CA THR A 1331 -66.87 24.14 16.72
C THR A 1331 -65.94 24.88 17.67
N GLY A 1332 -66.18 24.82 18.97
CA GLY A 1332 -65.38 25.54 19.91
C GLY A 1332 -65.57 27.04 19.92
N LEU A 1333 -66.50 27.57 19.12
CA LEU A 1333 -66.74 29.00 19.03
C LEU A 1333 -68.23 29.27 19.11
N ARG A 1334 -68.64 30.00 20.15
CA ARG A 1334 -70.00 30.46 20.31
C ARG A 1334 -70.14 31.87 19.76
N GLY A 1335 -71.38 32.30 19.58
CA GLY A 1335 -71.67 33.61 19.03
C GLY A 1335 -71.95 33.56 17.55
N ARG A 1336 -72.14 34.74 16.97
CA ARG A 1336 -72.53 34.81 15.57
C ARG A 1336 -71.34 34.58 14.65
N GLY A 1337 -70.24 35.30 14.86
CA GLY A 1337 -69.10 35.18 13.97
C GLY A 1337 -69.21 36.12 12.78
N SER A 1338 -68.79 35.62 11.61
CA SER A 1338 -68.89 36.37 10.37
C SER A 1338 -70.03 35.92 9.47
N LEU A 1339 -70.53 34.70 9.66
CA LEU A 1339 -71.71 34.28 8.91
C LEU A 1339 -72.88 35.19 9.27
N SER A 1340 -73.67 35.54 8.25
CA SER A 1340 -74.75 36.49 8.46
C SER A 1340 -75.93 35.86 9.19
N CYS A 1341 -76.56 34.87 8.59
CA CYS A 1341 -77.70 34.18 9.18
C CYS A 1341 -77.23 32.91 9.88
N PHE A 1342 -77.97 32.54 10.92
CA PHE A 1342 -77.58 31.37 11.68
C PHE A 1342 -77.90 30.11 10.91
N GLY A 1343 -77.61 28.97 11.54
CA GLY A 1343 -77.82 27.69 10.92
C GLY A 1343 -77.02 27.54 9.65
N PRO A 1344 -77.68 27.11 8.59
CA PRO A 1344 -77.03 27.07 7.29
C PRO A 1344 -77.00 28.46 6.66
N ASN A 1345 -76.10 28.61 5.69
CA ASN A 1345 -75.99 29.82 4.88
C ASN A 1345 -75.63 29.35 3.47
N HIS A 1346 -76.62 29.28 2.60
CA HIS A 1346 -76.42 28.70 1.28
C HIS A 1346 -75.89 29.72 0.30
N THR A 1347 -75.13 29.22 -0.67
CA THR A 1347 -74.68 30.01 -1.81
C THR A 1347 -74.53 29.07 -3.00
N LEU A 1348 -73.81 29.52 -4.02
CA LEU A 1348 -73.67 28.72 -5.22
C LEU A 1348 -72.26 28.81 -5.76
N TYR A 1349 -71.65 27.65 -6.00
CA TYR A 1349 -70.37 27.54 -6.70
C TYR A 1349 -70.58 26.70 -7.94
N PRO A 1350 -70.78 27.32 -9.10
CA PRO A 1350 -70.94 26.55 -10.33
C PRO A 1350 -69.64 25.88 -10.73
N MET A 1351 -69.67 25.15 -11.85
CA MET A 1351 -68.50 24.47 -12.36
C MET A 1351 -68.59 24.39 -13.87
N VAL A 1352 -67.59 24.94 -14.56
CA VAL A 1352 -67.43 24.78 -16.00
C VAL A 1352 -66.19 23.93 -16.24
N THR A 1353 -66.32 22.94 -17.10
CA THR A 1353 -65.24 22.00 -17.37
C THR A 1353 -65.10 21.81 -18.87
N ARG A 1354 -63.85 21.82 -19.33
CA ARG A 1354 -63.56 21.54 -20.73
C ARG A 1354 -62.37 20.61 -20.79
N TRP A 1355 -62.31 19.78 -21.83
CA TRP A 1355 -61.19 18.89 -22.00
C TRP A 1355 -59.94 19.69 -22.36
N ARG A 1356 -58.85 18.95 -22.59
CA ARG A 1356 -57.58 19.55 -22.99
C ARG A 1356 -57.13 18.88 -24.27
N ARG A 1357 -57.24 19.59 -25.37
CA ARG A 1357 -56.89 19.04 -26.68
C ARG A 1357 -55.44 19.35 -27.02
N ASN A 1358 -54.92 18.60 -27.99
CA ASN A 1358 -53.57 18.83 -28.46
C ASN A 1358 -53.61 19.75 -29.67
N GLU A 1359 -52.48 19.88 -30.36
CA GLU A 1359 -52.44 20.73 -31.54
C GLU A 1359 -53.19 20.10 -32.71
N ASP A 1360 -53.30 18.78 -32.73
CA ASP A 1360 -53.97 18.10 -33.84
C ASP A 1360 -55.44 17.87 -33.57
N GLY A 1361 -55.91 18.10 -32.35
CA GLY A 1361 -57.32 17.95 -32.02
C GLY A 1361 -57.63 16.81 -31.08
N ALA A 1362 -56.67 15.97 -30.72
CA ALA A 1362 -56.91 14.89 -29.79
C ALA A 1362 -56.86 15.39 -28.36
N ILE A 1363 -57.65 14.77 -27.48
CA ILE A 1363 -57.69 15.18 -26.09
C ILE A 1363 -56.44 14.69 -25.38
N CYS A 1364 -55.89 15.53 -24.52
CA CYS A 1364 -54.69 15.11 -23.80
C CYS A 1364 -55.03 13.96 -22.84
N ARG A 1365 -53.98 13.36 -22.31
CA ARG A 1365 -54.10 12.20 -21.44
C ARG A 1365 -53.13 12.34 -20.28
N LYS A 1366 -53.52 11.79 -19.13
CA LYS A 1366 -52.59 11.64 -18.02
C LYS A 1366 -51.74 10.41 -18.28
N SER A 1367 -51.03 9.95 -17.25
CA SER A 1367 -50.35 8.66 -17.35
C SER A 1367 -51.28 7.60 -17.91
N ILE A 1368 -52.46 7.44 -17.30
CA ILE A 1368 -53.52 6.61 -17.84
C ILE A 1368 -54.80 7.40 -18.06
N LYS A 1369 -55.12 8.30 -17.13
CA LYS A 1369 -56.32 9.12 -17.20
C LYS A 1369 -56.10 10.25 -18.20
N LYS A 1370 -56.98 11.25 -18.17
CA LYS A 1370 -56.94 12.33 -19.13
C LYS A 1370 -56.82 13.67 -18.42
N MET A 1371 -56.81 14.73 -19.22
CA MET A 1371 -56.62 16.09 -18.76
C MET A 1371 -57.86 16.92 -19.03
N LEU A 1372 -58.29 17.68 -18.04
CA LEU A 1372 -59.39 18.61 -18.19
C LEU A 1372 -58.89 20.03 -17.98
N GLU A 1373 -59.66 21.00 -18.46
CA GLU A 1373 -59.34 22.40 -18.27
C GLU A 1373 -60.53 23.09 -17.62
N VAL A 1374 -60.27 23.78 -16.50
CA VAL A 1374 -61.29 24.49 -15.75
C VAL A 1374 -60.83 25.93 -15.58
N LEU A 1375 -61.75 26.87 -15.76
CA LEU A 1375 -61.39 28.27 -15.66
C LEU A 1375 -61.57 28.74 -14.23
N VAL A 1376 -60.67 29.60 -13.81
CA VAL A 1376 -60.70 30.15 -12.46
C VAL A 1376 -60.54 31.66 -12.56
N VAL A 1377 -61.31 32.37 -11.74
CA VAL A 1377 -61.22 33.81 -11.65
C VAL A 1377 -60.34 34.17 -10.48
N LYS A 1378 -59.40 35.07 -10.70
CA LYS A 1378 -58.55 35.56 -9.63
C LYS A 1378 -59.28 36.67 -8.89
N LEU A 1379 -59.03 36.74 -7.60
CA LEU A 1379 -59.51 37.84 -6.79
C LEU A 1379 -58.35 38.68 -6.31
N PRO A 1380 -58.48 40.01 -6.34
CA PRO A 1380 -57.30 40.85 -6.08
C PRO A 1380 -56.68 40.61 -4.73
N LEU A 1381 -57.48 40.48 -3.68
CA LEU A 1381 -56.97 40.44 -2.32
C LEU A 1381 -57.29 39.10 -1.68
N SER A 1382 -57.07 38.01 -2.41
CA SER A 1382 -57.41 36.69 -1.93
C SER A 1382 -56.22 35.87 -1.47
N GLU A 1383 -55.05 36.08 -2.06
CA GLU A 1383 -53.92 35.19 -1.91
C GLU A 1383 -54.28 33.76 -2.30
N HIS A 1384 -55.32 33.61 -3.12
CA HIS A 1384 -55.83 32.30 -3.49
C HIS A 1384 -56.76 32.46 -4.68
N TRP A 1385 -56.48 31.72 -5.75
CA TRP A 1385 -57.43 31.66 -6.85
C TRP A 1385 -58.70 30.96 -6.37
N ALA A 1386 -59.85 31.46 -6.80
CA ALA A 1386 -61.12 30.97 -6.30
C ALA A 1386 -62.05 30.64 -7.45
N LEU A 1387 -62.86 29.61 -7.24
CA LEU A 1387 -63.91 29.30 -8.19
C LEU A 1387 -64.88 30.47 -8.24
N PRO A 1388 -65.43 30.78 -9.41
CA PRO A 1388 -66.42 31.85 -9.49
C PRO A 1388 -67.74 31.45 -8.84
N GLY A 1389 -67.78 31.50 -7.52
CA GLY A 1389 -69.01 31.25 -6.79
C GLY A 1389 -69.37 32.40 -5.88
N GLY A 1390 -70.64 32.85 -5.94
CA GLY A 1390 -71.07 34.03 -5.25
C GLY A 1390 -72.19 33.73 -4.27
N SER A 1391 -72.40 34.68 -3.36
CA SER A 1391 -73.43 34.52 -2.34
C SER A 1391 -74.80 34.45 -3.00
N ARG A 1392 -75.57 33.42 -2.64
CA ARG A 1392 -76.92 33.27 -3.18
C ARG A 1392 -77.87 34.26 -2.52
N GLU A 1393 -77.57 35.55 -2.71
CA GLU A 1393 -78.43 36.61 -2.23
C GLU A 1393 -79.71 36.64 -3.07
N PRO A 1394 -79.62 36.56 -4.41
CA PRO A 1394 -80.85 36.28 -5.19
C PRO A 1394 -81.04 34.78 -5.35
N GLY A 1395 -82.12 34.39 -6.01
CA GLY A 1395 -82.39 32.97 -6.21
C GLY A 1395 -81.52 32.38 -7.30
N GLU A 1396 -81.71 32.84 -8.54
CA GLU A 1396 -80.94 32.31 -9.66
C GLU A 1396 -79.70 33.15 -9.96
N MET A 1397 -79.63 34.38 -9.45
CA MET A 1397 -78.50 35.26 -9.70
C MET A 1397 -77.37 35.06 -8.68
N LEU A 1398 -77.31 33.89 -8.05
CA LEU A 1398 -76.16 33.58 -7.20
C LEU A 1398 -74.86 33.60 -7.98
N PRO A 1399 -74.75 33.03 -9.18
CA PRO A 1399 -73.56 33.29 -9.99
C PRO A 1399 -73.45 34.73 -10.43
N ARG A 1400 -74.56 35.45 -10.51
CA ARG A 1400 -74.48 36.89 -10.71
C ARG A 1400 -73.93 37.59 -9.48
N LYS A 1401 -73.85 36.90 -8.35
CA LYS A 1401 -72.97 37.34 -7.28
C LYS A 1401 -71.55 36.84 -7.51
N LEU A 1402 -71.43 35.62 -8.06
CA LEU A 1402 -70.12 35.14 -8.52
C LEU A 1402 -69.62 35.99 -9.67
N LYS A 1403 -70.46 36.20 -10.68
CA LYS A 1403 -70.14 37.05 -11.82
C LYS A 1403 -70.60 38.47 -11.61
N ARG A 1404 -70.55 38.97 -10.36
CA ARG A 1404 -70.98 40.32 -10.05
C ARG A 1404 -70.39 41.33 -11.03
N ILE A 1405 -69.18 41.08 -11.51
CA ILE A 1405 -68.55 41.97 -12.47
C ILE A 1405 -67.92 41.18 -13.61
N LEU A 1406 -68.26 39.90 -13.72
CA LEU A 1406 -67.51 38.98 -14.59
C LEU A 1406 -68.10 38.81 -15.97
N ARG A 1407 -69.32 38.29 -16.08
CA ARG A 1407 -69.75 37.77 -17.38
C ARG A 1407 -70.15 38.89 -18.33
N GLN A 1408 -71.24 39.59 -18.01
CA GLN A 1408 -71.73 40.72 -18.78
C GLN A 1408 -72.90 41.33 -18.04
N GLU A 1409 -73.55 42.33 -18.65
CA GLU A 1409 -74.75 42.91 -18.07
C GLU A 1409 -76.00 42.15 -18.52
N HIS A 1410 -76.24 42.10 -19.81
CA HIS A 1410 -77.39 41.35 -20.33
C HIS A 1410 -77.04 39.88 -20.50
N TRP A 1411 -75.90 39.60 -21.12
CA TRP A 1411 -75.44 38.23 -21.32
C TRP A 1411 -75.35 37.55 -19.96
N PRO A 1412 -75.26 38.30 -18.87
CA PRO A 1412 -75.51 37.70 -17.56
C PRO A 1412 -76.75 36.83 -17.55
N SER A 1413 -77.88 37.37 -18.03
CA SER A 1413 -79.09 36.56 -18.11
C SER A 1413 -78.90 35.39 -19.06
N PHE A 1414 -78.13 35.60 -20.14
CA PHE A 1414 -77.86 34.51 -21.05
C PHE A 1414 -77.22 33.34 -20.32
N GLU A 1415 -76.09 33.61 -19.66
CA GLU A 1415 -75.44 32.56 -18.88
C GLU A 1415 -76.35 32.03 -17.79
N ASN A 1416 -77.25 32.88 -17.28
CA ASN A 1416 -78.22 32.41 -16.31
C ASN A 1416 -79.06 31.28 -16.88
N LEU A 1417 -79.53 31.44 -18.12
CA LEU A 1417 -80.15 30.31 -18.80
C LEU A 1417 -79.15 29.18 -18.97
N LEU A 1418 -77.90 29.51 -19.30
CA LEU A 1418 -76.86 28.51 -19.45
C LEU A 1418 -76.43 27.92 -18.13
N LYS A 1419 -76.80 28.54 -17.01
CA LYS A 1419 -76.49 27.97 -15.71
C LYS A 1419 -77.15 26.61 -15.51
N CYS A 1420 -78.15 26.26 -16.32
CA CYS A 1420 -78.78 24.96 -16.25
C CYS A 1420 -77.74 23.89 -16.53
N GLY A 1421 -77.43 23.06 -15.53
CA GLY A 1421 -76.41 22.05 -15.69
C GLY A 1421 -76.62 20.81 -14.82
N MET A 1422 -75.54 20.07 -14.58
CA MET A 1422 -75.57 18.85 -13.78
C MET A 1422 -75.05 19.13 -12.37
N GLU A 1423 -75.75 18.59 -11.38
CA GLU A 1423 -75.41 18.83 -9.99
C GLU A 1423 -74.32 17.88 -9.52
N VAL A 1424 -73.57 18.31 -8.51
CA VAL A 1424 -72.47 17.50 -7.99
C VAL A 1424 -72.70 17.15 -6.52
N TYR A 1425 -72.72 18.16 -5.66
CA TYR A 1425 -72.81 17.90 -4.22
C TYR A 1425 -73.32 19.14 -3.51
N LYS A 1426 -74.15 18.92 -2.50
CA LYS A 1426 -74.67 20.00 -1.66
C LYS A 1426 -74.48 19.62 -0.20
N GLY A 1427 -74.56 20.63 0.66
CA GLY A 1427 -74.50 20.42 2.09
C GLY A 1427 -73.45 21.31 2.73
N TYR A 1428 -73.31 21.14 4.04
CA TYR A 1428 -72.35 21.91 4.80
C TYR A 1428 -70.93 21.43 4.52
N MET A 1429 -70.02 22.38 4.36
CA MET A 1429 -68.62 22.07 4.12
C MET A 1429 -67.77 22.80 5.14
N ASP A 1430 -66.53 22.35 5.25
CA ASP A 1430 -65.62 22.96 6.21
C ASP A 1430 -65.26 24.36 5.77
N ASP A 1431 -64.92 25.18 6.75
CA ASP A 1431 -64.68 26.59 6.51
C ASP A 1431 -64.17 27.22 7.79
N PRO A 1432 -63.42 28.32 7.73
CA PRO A 1432 -62.99 28.97 8.97
C PRO A 1432 -64.11 29.67 9.71
N ARG A 1433 -65.21 30.02 9.03
CA ARG A 1433 -66.21 30.91 9.61
C ARG A 1433 -67.47 30.18 10.03
N ASN A 1434 -67.35 29.01 10.63
CA ASN A 1434 -68.49 28.29 11.19
C ASN A 1434 -68.38 28.30 12.71
N THR A 1435 -69.34 28.95 13.37
CA THR A 1435 -69.47 28.81 14.81
C THR A 1435 -70.30 27.58 15.12
N ASP A 1436 -70.59 27.37 16.37
CA ASP A 1436 -71.52 26.29 16.71
C ASP A 1436 -72.95 26.65 16.38
N ASN A 1437 -73.15 27.80 15.74
CA ASN A 1437 -74.47 28.34 15.49
C ASN A 1437 -74.79 28.46 14.02
N ALA A 1438 -73.94 29.14 13.25
CA ALA A 1438 -74.16 29.37 11.83
C ALA A 1438 -73.12 28.60 11.03
N TRP A 1439 -73.58 27.81 10.08
CA TRP A 1439 -72.70 27.08 9.17
C TRP A 1439 -73.02 27.43 7.73
N ILE A 1440 -72.27 26.83 6.82
CA ILE A 1440 -72.28 27.20 5.41
C ILE A 1440 -72.55 25.98 4.56
N GLU A 1441 -73.52 26.09 3.66
CA GLU A 1441 -73.79 25.10 2.63
C GLU A 1441 -73.86 25.82 1.29
N THR A 1442 -73.91 25.05 0.21
CA THR A 1442 -73.93 25.64 -1.11
C THR A 1442 -74.36 24.60 -2.13
N VAL A 1443 -74.26 24.97 -3.41
CA VAL A 1443 -74.73 24.17 -4.53
C VAL A 1443 -73.58 23.99 -5.51
N ALA A 1444 -73.50 22.80 -6.11
CA ALA A 1444 -72.42 22.45 -7.03
C ALA A 1444 -73.01 21.95 -8.35
N VAL A 1445 -73.28 22.88 -9.26
CA VAL A 1445 -73.72 22.53 -10.61
C VAL A 1445 -72.48 22.39 -11.49
N SER A 1446 -72.61 21.64 -12.58
CA SER A 1446 -71.47 21.29 -13.43
C SER A 1446 -71.87 21.42 -14.90
N VAL A 1447 -71.59 22.58 -15.48
CA VAL A 1447 -71.66 22.70 -16.93
C VAL A 1447 -70.33 22.24 -17.50
N HIS A 1448 -70.38 21.41 -18.55
CA HIS A 1448 -69.19 20.81 -19.10
C HIS A 1448 -69.07 21.10 -20.58
N PHE A 1449 -67.84 21.37 -21.00
CA PHE A 1449 -67.52 21.55 -22.41
C PHE A 1449 -66.96 20.22 -22.92
N GLN A 1450 -67.84 19.39 -23.48
CA GLN A 1450 -67.40 18.10 -24.01
C GLN A 1450 -66.52 18.25 -25.25
N ASP A 1451 -67.05 18.86 -26.31
CA ASP A 1451 -66.24 19.21 -27.46
C ASP A 1451 -65.66 20.60 -27.26
N GLN A 1452 -64.60 20.90 -28.02
CA GLN A 1452 -63.82 22.11 -27.83
C GLN A 1452 -63.83 23.02 -29.07
N ASN A 1453 -64.89 22.95 -29.86
CA ASN A 1453 -65.03 23.84 -31.00
C ASN A 1453 -66.47 24.28 -31.26
N ASP A 1454 -67.35 24.31 -30.27
CA ASP A 1454 -68.75 24.61 -30.51
C ASP A 1454 -69.04 26.08 -30.26
N VAL A 1455 -70.28 26.48 -30.59
CA VAL A 1455 -70.69 27.87 -30.44
C VAL A 1455 -71.03 28.18 -29.00
N GLU A 1456 -71.29 27.15 -28.20
CA GLU A 1456 -71.41 27.37 -26.76
C GLU A 1456 -70.09 27.87 -26.19
N LEU A 1457 -69.00 27.19 -26.52
CA LEU A 1457 -67.69 27.67 -26.11
C LEU A 1457 -67.37 29.01 -26.74
N ASN A 1458 -67.74 29.19 -28.02
CA ASN A 1458 -67.55 30.48 -28.67
C ASN A 1458 -68.35 31.56 -27.97
N ARG A 1459 -69.46 31.19 -27.34
CA ARG A 1459 -70.21 32.13 -26.52
C ARG A 1459 -69.53 32.34 -25.18
N LEU A 1460 -68.99 31.27 -24.60
CA LEU A 1460 -68.21 31.42 -23.37
C LEU A 1460 -67.06 32.39 -23.60
N ASN A 1461 -66.44 32.32 -24.78
CA ASN A 1461 -65.48 33.35 -25.16
C ASN A 1461 -66.16 34.68 -25.36
N SER A 1462 -67.33 34.67 -26.02
CA SER A 1462 -68.11 35.88 -26.21
C SER A 1462 -68.54 36.51 -24.88
N ASN A 1463 -68.39 35.79 -23.78
CA ASN A 1463 -68.56 36.38 -22.46
C ASN A 1463 -67.36 37.21 -22.05
N LEU A 1464 -66.51 37.58 -22.99
CA LEU A 1464 -65.32 38.36 -22.66
C LEU A 1464 -65.72 39.80 -22.34
N HIS A 1465 -66.49 39.97 -21.28
CA HIS A 1465 -66.83 41.28 -20.74
C HIS A 1465 -66.47 41.31 -19.25
N ALA A 1466 -65.32 40.73 -18.92
CA ALA A 1466 -64.92 40.58 -17.53
C ALA A 1466 -64.24 41.82 -16.99
N CYS A 1467 -64.04 42.83 -17.82
CA CYS A 1467 -63.27 44.00 -17.41
C CYS A 1467 -64.11 44.96 -16.56
N ASP A 1468 -64.70 44.47 -15.48
CA ASP A 1468 -65.45 45.33 -14.57
C ASP A 1468 -64.82 45.41 -13.19
N SER A 1469 -64.66 44.28 -12.48
CA SER A 1469 -63.99 44.30 -11.19
C SER A 1469 -63.17 43.04 -10.94
N GLY A 1470 -62.72 42.37 -11.99
CA GLY A 1470 -62.00 41.12 -11.85
C GLY A 1470 -60.50 41.33 -11.70
N ALA A 1471 -59.86 40.36 -11.05
CA ALA A 1471 -58.40 40.37 -10.96
C ALA A 1471 -57.78 39.68 -12.18
N SER A 1472 -58.14 38.42 -12.40
CA SER A 1472 -57.70 37.70 -13.59
C SER A 1472 -58.60 36.49 -13.78
N ILE A 1473 -58.68 36.03 -15.01
CA ILE A 1473 -59.49 34.89 -15.39
C ILE A 1473 -58.70 34.03 -16.37
N ARG A 1474 -58.76 32.72 -16.20
CA ARG A 1474 -57.98 31.84 -17.05
C ARG A 1474 -58.40 30.41 -16.78
N TRP A 1475 -58.26 29.57 -17.80
CA TRP A 1475 -58.46 28.15 -17.61
C TRP A 1475 -57.33 27.58 -16.77
N GLN A 1476 -57.51 26.33 -16.36
CA GLN A 1476 -56.51 25.63 -15.59
C GLN A 1476 -56.74 24.14 -15.71
N VAL A 1477 -55.67 23.41 -15.71
CA VAL A 1477 -55.75 21.95 -15.74
C VAL A 1477 -55.91 21.45 -14.32
N VAL A 1478 -56.66 20.37 -14.16
CA VAL A 1478 -56.83 19.78 -12.84
C VAL A 1478 -55.49 19.32 -12.31
N ASP A 1479 -55.20 19.67 -11.06
CA ASP A 1479 -53.97 19.23 -10.42
C ASP A 1479 -54.17 19.26 -8.92
N ARG A 1480 -53.72 18.20 -8.25
CA ARG A 1480 -53.88 18.09 -6.80
C ARG A 1480 -53.26 19.26 -6.06
N ARG A 1481 -52.49 20.10 -6.74
CA ARG A 1481 -51.90 21.29 -6.14
C ARG A 1481 -52.27 22.55 -6.92
N ILE A 1482 -53.36 22.49 -7.68
CA ILE A 1482 -53.78 23.67 -8.44
C ILE A 1482 -54.02 24.81 -7.46
N PRO A 1483 -53.45 25.99 -7.69
CA PRO A 1483 -53.56 27.08 -6.72
C PRO A 1483 -55.01 27.55 -6.65
N LEU A 1484 -55.65 27.29 -5.51
CA LEU A 1484 -57.08 27.48 -5.40
C LEU A 1484 -57.42 27.69 -3.93
N TYR A 1485 -58.66 28.12 -3.69
CA TYR A 1485 -59.20 28.13 -2.35
C TYR A 1485 -59.17 26.73 -1.75
N ALA A 1486 -59.31 26.66 -0.43
CA ALA A 1486 -59.10 25.39 0.25
C ALA A 1486 -60.07 24.32 -0.20
N ASN A 1487 -61.35 24.50 0.13
CA ASN A 1487 -62.31 23.43 -0.08
C ASN A 1487 -62.73 23.33 -1.53
N HIS A 1488 -62.61 24.43 -2.28
CA HIS A 1488 -62.90 24.38 -3.72
C HIS A 1488 -62.13 23.26 -4.39
N LYS A 1489 -60.96 22.93 -3.87
CA LYS A 1489 -60.17 21.84 -4.44
C LYS A 1489 -60.88 20.51 -4.22
N THR A 1490 -61.33 20.25 -3.00
CA THR A 1490 -62.12 19.05 -2.74
C THR A 1490 -63.30 18.99 -3.68
N LEU A 1491 -63.93 20.14 -3.93
CA LEU A 1491 -65.01 20.20 -4.89
C LEU A 1491 -64.55 19.74 -6.26
N LEU A 1492 -63.40 20.25 -6.71
CA LEU A 1492 -62.89 19.86 -8.02
C LEU A 1492 -62.57 18.38 -8.06
N GLN A 1493 -61.98 17.87 -6.97
CA GLN A 1493 -61.70 16.44 -6.91
C GLN A 1493 -62.98 15.65 -7.10
N LYS A 1494 -64.07 16.11 -6.49
CA LYS A 1494 -65.37 15.50 -6.76
C LYS A 1494 -65.73 15.65 -8.23
N ALA A 1495 -65.43 16.80 -8.81
CA ALA A 1495 -65.81 17.05 -10.20
C ALA A 1495 -65.10 16.08 -11.14
N ALA A 1496 -63.78 15.95 -11.00
CA ALA A 1496 -63.03 15.03 -11.86
C ALA A 1496 -63.40 13.59 -11.57
N ALA A 1497 -63.71 13.28 -10.30
CA ALA A 1497 -64.18 11.94 -9.98
C ALA A 1497 -65.44 11.59 -10.76
N GLU A 1498 -66.26 12.59 -11.05
CA GLU A 1498 -67.46 12.36 -11.85
C GLU A 1498 -67.16 12.13 -13.32
N PHE A 1499 -65.89 12.05 -13.72
CA PHE A 1499 -65.55 11.85 -15.11
C PHE A 1499 -64.50 10.79 -15.37
N GLY A 1500 -63.64 10.48 -14.39
CA GLY A 1500 -62.55 9.55 -14.62
C GLY A 1500 -61.24 10.20 -15.01
N ALA A 1501 -61.04 11.47 -14.71
CA ALA A 1501 -59.83 12.19 -15.08
C ALA A 1501 -58.70 11.81 -14.12
N HIS A 1502 -57.63 12.61 -14.13
CA HIS A 1502 -56.48 12.36 -13.28
C HIS A 1502 -56.57 13.19 -12.01
N TYR A 1503 -55.60 12.99 -11.14
CA TYR A 1503 -55.45 13.82 -9.95
C TYR A 1503 -54.08 13.64 -9.32
N GLN B 56 28.75 -1.49 48.18
CA GLN B 56 28.48 -2.92 48.29
C GLN B 56 28.69 -3.39 49.72
N GLU B 57 29.91 -3.20 50.21
CA GLU B 57 30.21 -3.54 51.60
C GLU B 57 29.41 -2.69 52.58
N SER B 58 29.04 -1.48 52.18
CA SER B 58 28.25 -0.61 53.03
C SER B 58 26.96 -1.31 53.45
N LEU B 59 26.13 -1.66 52.47
CA LEU B 59 24.94 -2.45 52.76
C LEU B 59 25.30 -3.80 53.35
N SER B 60 26.42 -4.38 52.91
CA SER B 60 26.83 -5.68 53.42
C SER B 60 27.00 -5.64 54.92
N SER B 61 27.58 -4.56 55.44
CA SER B 61 27.66 -4.38 56.88
C SER B 61 26.35 -3.86 57.44
N TRP B 62 25.63 -3.05 56.65
CA TRP B 62 24.43 -2.39 57.16
C TRP B 62 23.40 -3.41 57.59
N ILE B 63 23.16 -4.41 56.75
CA ILE B 63 22.10 -5.37 57.05
C ILE B 63 22.26 -6.00 58.43
N PRO B 64 23.37 -6.64 58.76
CA PRO B 64 23.49 -7.17 60.14
C PRO B 64 23.50 -6.07 61.17
N GLU B 65 23.99 -4.88 60.81
CA GLU B 65 23.92 -3.77 61.73
C GLU B 65 22.48 -3.38 62.04
N ASN B 66 21.54 -3.81 61.21
CA ASN B 66 20.17 -3.35 61.33
C ASN B 66 19.18 -4.46 61.63
N ILE B 67 19.26 -5.57 60.93
CA ILE B 67 18.21 -6.57 60.97
C ILE B 67 18.64 -7.70 61.92
N LYS B 68 17.65 -8.38 62.47
CA LYS B 68 17.89 -9.56 63.28
C LYS B 68 17.10 -10.74 62.73
N LYS B 69 17.58 -11.94 63.01
CA LYS B 69 16.84 -13.16 62.70
C LYS B 69 16.61 -13.94 63.97
N LYS B 70 15.52 -14.69 63.97
CA LYS B 70 15.04 -15.33 65.18
C LYS B 70 15.55 -16.75 65.28
N GLU B 71 15.66 -17.23 66.52
CA GLU B 71 16.09 -18.59 66.82
C GLU B 71 15.83 -18.86 68.28
N CYS B 72 15.46 -20.10 68.59
CA CYS B 72 15.06 -20.47 69.96
C CYS B 72 16.27 -20.76 70.83
N VAL B 73 16.12 -20.49 72.12
CA VAL B 73 17.22 -20.68 73.06
C VAL B 73 16.77 -21.66 74.13
N TYR B 74 15.55 -22.14 74.00
CA TYR B 74 15.00 -23.13 74.93
C TYR B 74 14.99 -24.48 74.23
N PHE B 75 15.79 -25.41 74.74
CA PHE B 75 15.92 -26.74 74.14
C PHE B 75 15.23 -27.74 75.06
N VAL B 76 13.95 -28.00 74.79
CA VAL B 76 13.20 -29.08 75.42
C VAL B 76 12.37 -29.72 74.32
N GLU B 77 12.62 -30.99 74.06
CA GLU B 77 12.10 -31.65 72.87
C GLU B 77 10.61 -31.44 72.70
N SER B 78 10.16 -31.51 71.45
CA SER B 78 8.76 -31.42 71.12
C SER B 78 7.96 -32.51 71.82
N SER B 79 6.64 -32.38 71.76
CA SER B 79 5.78 -33.41 72.30
C SER B 79 5.61 -34.55 71.30
N LYS B 80 5.12 -34.23 70.10
CA LYS B 80 4.93 -35.22 69.06
C LYS B 80 6.13 -35.24 68.12
N LEU B 81 6.42 -36.42 67.57
CA LEU B 81 7.55 -36.58 66.66
C LEU B 81 7.13 -36.31 65.22
N SER B 82 8.04 -35.70 64.48
CA SER B 82 7.82 -35.39 63.07
C SER B 82 8.26 -36.58 62.22
N ASP B 83 8.40 -36.36 60.93
CA ASP B 83 8.87 -37.41 60.04
C ASP B 83 10.32 -37.70 60.39
N ALA B 84 10.52 -38.65 61.29
CA ALA B 84 11.81 -38.94 61.91
C ALA B 84 12.42 -37.73 62.58
N GLY B 85 11.66 -36.66 62.74
CA GLY B 85 12.20 -35.44 63.27
C GLY B 85 12.07 -35.36 64.78
N LYS B 86 12.26 -36.50 65.44
CA LYS B 86 12.19 -36.53 66.90
C LYS B 86 13.21 -35.60 67.55
N VAL B 87 14.19 -35.11 66.80
CA VAL B 87 15.16 -34.14 67.32
C VAL B 87 14.56 -32.76 67.07
N VAL B 88 13.64 -32.38 67.96
CA VAL B 88 12.87 -31.14 67.80
C VAL B 88 12.40 -30.65 69.17
N CYS B 89 12.78 -29.42 69.54
CA CYS B 89 12.18 -28.77 70.70
C CYS B 89 11.01 -27.91 70.22
N GLN B 90 9.96 -28.61 69.76
CA GLN B 90 8.69 -28.03 69.37
C GLN B 90 8.81 -27.22 68.09
N CYS B 91 10.01 -27.01 67.64
CA CYS B 91 10.22 -26.33 66.38
C CYS B 91 11.11 -27.12 65.44
N GLY B 92 12.13 -27.79 65.98
CA GLY B 92 12.97 -28.66 65.19
C GLY B 92 13.49 -28.02 63.95
N TYR B 93 14.36 -27.03 64.10
CA TYR B 93 15.05 -26.50 62.92
C TYR B 93 16.27 -27.38 62.60
N THR B 94 17.29 -27.36 63.47
CA THR B 94 18.41 -28.29 63.32
C THR B 94 19.13 -28.40 64.67
N HIS B 95 18.79 -29.46 65.41
CA HIS B 95 19.57 -29.92 66.56
C HIS B 95 18.88 -31.15 67.14
N GLU B 96 19.48 -31.72 68.20
CA GLU B 96 18.75 -32.69 69.00
C GLU B 96 17.46 -32.10 69.53
N GLN B 97 17.40 -30.79 69.65
CA GLN B 97 16.21 -30.02 69.96
C GLN B 97 16.06 -28.94 68.88
N HIS B 98 15.17 -27.98 69.14
CA HIS B 98 15.07 -26.79 68.31
C HIS B 98 16.10 -25.75 68.78
N LEU B 99 17.36 -26.15 68.69
CA LEU B 99 18.46 -25.38 69.26
C LEU B 99 19.51 -25.06 68.20
N GLU B 100 20.05 -23.84 68.31
CA GLU B 100 21.21 -23.42 67.54
C GLU B 100 22.39 -23.06 68.43
N GLU B 101 22.15 -22.93 69.73
CA GLU B 101 23.16 -22.71 70.73
C GLU B 101 23.16 -23.92 71.65
N ALA B 102 23.87 -23.81 72.76
CA ALA B 102 23.86 -24.87 73.75
C ALA B 102 22.46 -25.39 73.96
N THR B 103 22.26 -26.67 73.65
CA THR B 103 20.93 -27.24 73.70
C THR B 103 20.50 -27.33 75.15
N LYS B 104 19.91 -26.25 75.65
CA LYS B 104 19.60 -26.12 77.06
C LYS B 104 18.19 -25.60 77.27
N PRO B 105 17.65 -25.74 78.48
CA PRO B 105 16.35 -25.13 78.80
C PRO B 105 16.46 -23.65 79.14
N HIS B 106 17.56 -23.01 78.73
CA HIS B 106 17.79 -21.60 79.00
C HIS B 106 17.79 -21.33 80.51
N THR B 107 18.53 -22.16 81.24
CA THR B 107 18.60 -22.09 82.70
C THR B 107 17.22 -22.16 83.32
N PHE B 108 16.28 -22.85 82.66
CA PHE B 108 14.90 -22.84 83.11
C PHE B 108 14.21 -24.12 82.66
N GLN B 109 13.98 -25.04 83.60
CA GLN B 109 13.23 -26.24 83.26
C GLN B 109 11.74 -25.92 83.27
N GLY B 110 11.34 -24.88 82.55
CA GLY B 110 9.95 -24.48 82.47
C GLY B 110 9.33 -24.91 81.17
N THR B 111 8.52 -25.97 81.22
CA THR B 111 7.95 -26.54 80.00
C THR B 111 7.07 -25.52 79.29
N GLN B 112 6.85 -25.78 78.00
CA GLN B 112 6.07 -24.89 77.14
C GLN B 112 6.62 -23.48 77.14
N TRP B 113 7.96 -23.36 77.18
CA TRP B 113 8.59 -22.05 77.15
C TRP B 113 8.26 -21.40 75.82
N ASP B 114 7.36 -20.43 75.86
CA ASP B 114 6.83 -19.81 74.67
C ASP B 114 7.96 -19.20 73.83
N PRO B 115 7.69 -18.86 72.57
CA PRO B 115 8.66 -18.06 71.83
C PRO B 115 9.08 -16.82 72.59
N LYS B 116 8.18 -16.29 73.43
CA LYS B 116 8.58 -15.25 74.37
C LYS B 116 9.63 -15.77 75.34
N LYS B 117 9.61 -17.07 75.65
CA LYS B 117 10.59 -17.67 76.55
C LYS B 117 11.54 -18.61 75.84
N HIS B 118 11.53 -18.66 74.51
CA HIS B 118 12.39 -19.57 73.76
C HIS B 118 13.24 -18.87 72.71
N VAL B 119 12.65 -18.00 71.88
CA VAL B 119 13.27 -17.52 70.65
C VAL B 119 14.08 -16.25 70.93
N GLN B 120 15.11 -16.02 70.10
CA GLN B 120 15.95 -14.84 70.22
C GLN B 120 16.28 -14.28 68.85
N GLU B 121 16.21 -12.97 68.73
CA GLU B 121 16.52 -12.27 67.49
C GLU B 121 17.93 -11.69 67.55
N MET B 122 18.67 -11.90 66.47
CA MET B 122 20.09 -11.55 66.42
C MET B 122 20.46 -11.28 64.98
N PRO B 123 21.51 -10.50 64.73
CA PRO B 123 21.86 -10.11 63.37
C PRO B 123 21.92 -11.33 62.45
N THR B 124 21.41 -11.14 61.24
CA THR B 124 21.11 -12.26 60.35
C THR B 124 22.29 -12.57 59.45
N ASP B 125 22.58 -13.86 59.30
CA ASP B 125 23.59 -14.35 58.37
C ASP B 125 22.95 -14.91 57.11
N ALA B 126 21.86 -14.29 56.65
CA ALA B 126 21.10 -14.83 55.53
C ALA B 126 20.64 -13.72 54.60
N PHE B 127 21.54 -12.80 54.27
CA PHE B 127 21.20 -11.76 53.32
C PHE B 127 22.07 -11.89 52.08
N GLY B 128 21.93 -10.96 51.17
CA GLY B 128 22.83 -10.81 50.05
C GLY B 128 22.10 -10.91 48.73
N ASP B 129 22.90 -11.08 47.68
CA ASP B 129 22.41 -11.29 46.33
C ASP B 129 22.32 -12.79 46.06
N ILE B 130 21.51 -13.15 45.06
CA ILE B 130 21.23 -14.54 44.75
C ILE B 130 21.15 -14.70 43.24
N VAL B 131 21.09 -15.95 42.80
CA VAL B 131 20.84 -16.27 41.40
C VAL B 131 20.25 -17.65 41.32
N PHE B 132 19.20 -17.79 40.51
CA PHE B 132 18.60 -19.09 40.26
C PHE B 132 19.57 -19.90 39.42
N THR B 133 20.33 -20.78 40.08
CA THR B 133 21.33 -21.56 39.39
C THR B 133 20.68 -22.46 38.34
N GLY B 134 21.29 -22.50 37.16
CA GLY B 134 20.77 -23.34 36.09
C GLY B 134 19.41 -22.93 35.60
N LEU B 135 19.05 -21.67 35.75
CA LEU B 135 17.73 -21.23 35.29
C LEU B 135 17.77 -20.01 34.39
N SER B 136 18.68 -19.08 34.63
CA SER B 136 18.80 -17.88 33.81
C SER B 136 20.17 -17.27 34.08
N GLN B 137 20.36 -16.03 33.65
CA GLN B 137 21.56 -15.29 33.94
C GLN B 137 21.33 -14.08 34.83
N LYS B 138 20.09 -13.66 35.03
CA LYS B 138 19.82 -12.52 35.88
C LYS B 138 19.95 -12.91 37.35
N VAL B 139 20.23 -11.92 38.18
CA VAL B 139 20.36 -12.12 39.61
C VAL B 139 19.18 -11.46 40.30
N LYS B 140 19.00 -11.79 41.57
CA LYS B 140 17.89 -11.26 42.34
C LYS B 140 18.35 -10.98 43.76
N LYS B 141 17.72 -10.00 44.39
CA LYS B 141 18.05 -9.64 45.75
C LYS B 141 17.15 -10.37 46.74
N TYR B 142 17.75 -10.79 47.85
CA TYR B 142 17.01 -11.47 48.89
C TYR B 142 17.48 -11.00 50.25
N VAL B 143 16.70 -11.31 51.27
CA VAL B 143 17.03 -10.97 52.64
C VAL B 143 16.11 -11.73 53.60
N ARG B 144 16.66 -12.17 54.72
CA ARG B 144 15.88 -12.80 55.78
C ARG B 144 15.58 -11.78 56.86
N VAL B 145 14.34 -11.72 57.32
CA VAL B 145 13.92 -10.69 58.26
C VAL B 145 13.12 -11.30 59.39
N SER B 146 13.35 -10.81 60.60
CA SER B 146 12.61 -11.25 61.78
C SER B 146 11.15 -10.87 61.65
N GLN B 147 10.36 -11.33 62.62
CA GLN B 147 8.94 -11.02 62.61
C GLN B 147 8.67 -9.60 63.07
N ASP B 148 9.13 -9.24 64.27
CA ASP B 148 8.89 -7.92 64.83
C ASP B 148 9.99 -6.99 64.33
N THR B 149 9.68 -6.25 63.26
CA THR B 149 10.63 -5.36 62.66
C THR B 149 9.88 -4.14 62.17
N PRO B 150 10.37 -2.94 62.43
CA PRO B 150 9.70 -1.74 61.94
C PRO B 150 9.58 -1.76 60.43
N SER B 151 8.36 -1.56 59.95
CA SER B 151 8.16 -1.49 58.51
C SER B 151 9.06 -0.44 57.89
N SER B 152 9.30 0.66 58.61
CA SER B 152 10.05 1.77 58.04
C SER B 152 11.42 1.33 57.57
N VAL B 153 12.16 0.62 58.42
CA VAL B 153 13.54 0.30 58.08
C VAL B 153 13.59 -0.56 56.85
N ILE B 154 12.58 -1.40 56.65
CA ILE B 154 12.52 -2.17 55.41
C ILE B 154 12.39 -1.24 54.23
N TYR B 155 11.40 -0.35 54.27
CA TYR B 155 11.25 0.61 53.20
C TYR B 155 12.55 1.34 52.95
N HIS B 156 13.27 1.69 54.01
CA HIS B 156 14.50 2.45 53.86
C HIS B 156 15.55 1.64 53.13
N LEU B 157 15.75 0.39 53.56
CA LEU B 157 16.61 -0.51 52.81
C LEU B 157 16.21 -0.57 51.35
N MET B 158 14.91 -0.72 51.10
CA MET B 158 14.44 -0.90 49.74
C MET B 158 14.81 0.28 48.87
N THR B 159 14.56 1.49 49.35
CA THR B 159 14.82 2.66 48.54
C THR B 159 16.32 2.96 48.49
N GLN B 160 16.94 3.18 49.64
CA GLN B 160 18.33 3.58 49.67
C GLN B 160 19.24 2.43 49.30
N HIS B 161 19.27 1.40 50.15
CA HIS B 161 20.32 0.39 50.01
C HIS B 161 20.09 -0.50 48.81
N TRP B 162 18.88 -0.52 48.26
CA TRP B 162 18.63 -1.28 47.06
C TRP B 162 18.43 -0.43 45.83
N GLY B 163 18.44 0.88 45.97
CA GLY B 163 18.22 1.74 44.83
C GLY B 163 16.88 1.50 44.17
N LEU B 164 15.82 1.84 44.86
CA LEU B 164 14.48 1.70 44.31
C LEU B 164 13.77 3.04 44.40
N ASP B 165 13.25 3.51 43.27
CA ASP B 165 12.52 4.76 43.22
C ASP B 165 11.12 4.60 43.80
N VAL B 166 10.68 5.61 44.52
CA VAL B 166 9.35 5.60 45.11
C VAL B 166 8.34 5.44 43.98
N PRO B 167 7.54 4.38 43.98
CA PRO B 167 6.64 4.10 42.86
C PRO B 167 5.30 4.78 43.02
N ASN B 168 4.62 4.92 41.90
CA ASN B 168 3.36 5.64 41.85
C ASN B 168 2.16 4.73 42.09
N LEU B 169 2.39 3.47 42.43
CA LEU B 169 1.29 2.52 42.49
C LEU B 169 1.79 1.26 43.14
N LEU B 170 0.92 0.62 43.91
CA LEU B 170 1.33 -0.51 44.74
C LEU B 170 0.29 -1.61 44.63
N ILE B 171 0.49 -2.50 43.66
CA ILE B 171 -0.45 -3.59 43.41
C ILE B 171 -0.11 -4.75 44.33
N SER B 172 -0.95 -5.00 45.31
CA SER B 172 -0.78 -6.15 46.20
C SER B 172 -1.74 -7.22 45.73
N VAL B 173 -1.21 -8.20 45.03
CA VAL B 173 -2.03 -9.23 44.40
C VAL B 173 -2.13 -10.43 45.34
N THR B 174 -3.30 -11.06 45.34
CA THR B 174 -3.53 -12.22 46.20
C THR B 174 -4.43 -13.22 45.48
N GLY B 175 -4.42 -14.45 45.97
CA GLY B 175 -5.22 -15.52 45.40
C GLY B 175 -5.07 -16.80 46.18
N GLY B 176 -5.35 -17.94 45.55
CA GLY B 176 -5.26 -19.22 46.23
C GLY B 176 -3.91 -19.87 45.98
N ALA B 177 -3.25 -20.26 47.07
CA ALA B 177 -1.97 -20.95 46.94
C ALA B 177 -2.09 -22.22 46.12
N LYS B 178 -3.31 -22.73 45.98
CA LYS B 178 -3.58 -23.88 45.13
C LYS B 178 -3.11 -23.62 43.70
N ASN B 179 -2.80 -24.68 42.99
CA ASN B 179 -2.51 -24.58 41.57
C ASN B 179 -3.77 -24.89 40.78
N PHE B 180 -3.95 -24.20 39.67
CA PHE B 180 -5.15 -24.34 38.87
C PHE B 180 -4.92 -23.64 37.54
N ASN B 181 -5.98 -23.52 36.74
CA ASN B 181 -5.89 -22.90 35.43
C ASN B 181 -7.17 -22.12 35.17
N MET B 182 -7.27 -21.55 33.98
CA MET B 182 -8.40 -20.72 33.60
C MET B 182 -8.56 -20.74 32.08
N LYS B 183 -9.53 -19.99 31.59
CA LYS B 183 -9.74 -19.88 30.16
C LYS B 183 -8.53 -19.20 29.51
N PRO B 184 -8.25 -19.51 28.25
CA PRO B 184 -7.08 -18.93 27.60
C PRO B 184 -7.23 -17.44 27.36
N ARG B 185 -8.35 -17.04 26.75
CA ARG B 185 -8.57 -15.64 26.45
C ARG B 185 -8.45 -14.78 27.70
N LEU B 186 -9.09 -15.22 28.79
CA LEU B 186 -9.01 -14.48 30.04
C LEU B 186 -7.58 -14.39 30.54
N LYS B 187 -6.87 -15.52 30.53
CA LYS B 187 -5.49 -15.53 31.00
C LYS B 187 -4.63 -14.59 30.18
N SER B 188 -4.84 -14.57 28.87
CA SER B 188 -4.04 -13.72 28.00
C SER B 188 -4.26 -12.26 28.35
N ILE B 189 -5.51 -11.80 28.29
CA ILE B 189 -5.80 -10.39 28.58
C ILE B 189 -5.29 -10.01 29.95
N PHE B 190 -5.39 -10.95 30.90
CA PHE B 190 -4.98 -10.66 32.27
C PHE B 190 -3.49 -10.38 32.35
N ARG B 191 -2.66 -11.34 31.94
CA ARG B 191 -1.22 -11.13 31.98
C ARG B 191 -0.82 -9.91 31.18
N ARG B 192 -1.46 -9.71 30.04
CA ARG B 192 -1.17 -8.54 29.20
C ARG B 192 -1.40 -7.25 29.97
N GLY B 193 -2.65 -7.00 30.37
CA GLY B 193 -2.97 -5.75 31.03
C GLY B 193 -2.19 -5.55 32.31
N LEU B 194 -2.01 -6.61 33.09
CA LEU B 194 -1.31 -6.48 34.36
C LEU B 194 0.11 -5.97 34.14
N VAL B 195 0.89 -6.67 33.33
CA VAL B 195 2.28 -6.28 33.15
C VAL B 195 2.36 -4.90 32.53
N LYS B 196 1.44 -4.59 31.62
CA LYS B 196 1.46 -3.29 30.97
C LYS B 196 1.29 -2.18 31.99
N VAL B 197 0.22 -2.25 32.78
CA VAL B 197 -0.08 -1.17 33.71
C VAL B 197 0.94 -1.11 34.83
N ALA B 198 1.57 -2.24 35.14
CA ALA B 198 2.60 -2.22 36.17
C ALA B 198 3.82 -1.48 35.69
N GLN B 199 4.10 -1.53 34.39
CA GLN B 199 5.27 -0.88 33.85
C GLN B 199 5.03 0.59 33.56
N THR B 200 3.90 0.90 32.92
CA THR B 200 3.71 2.26 32.43
C THR B 200 3.65 3.29 33.54
N THR B 201 3.20 2.89 34.73
CA THR B 201 3.15 3.80 35.86
C THR B 201 4.31 3.62 36.81
N GLY B 202 5.18 2.65 36.55
CA GLY B 202 6.26 2.37 37.47
C GLY B 202 5.68 1.99 38.81
N ALA B 203 5.03 0.83 38.86
CA ALA B 203 4.39 0.36 40.07
C ALA B 203 5.18 -0.80 40.65
N TRP B 204 5.42 -0.77 41.96
CA TRP B 204 5.86 -1.97 42.64
C TRP B 204 4.77 -3.01 42.53
N ILE B 205 5.11 -4.25 42.84
CA ILE B 205 4.14 -5.35 42.84
C ILE B 205 4.54 -6.31 43.93
N ILE B 206 3.64 -6.56 44.86
CA ILE B 206 3.96 -7.23 46.10
C ILE B 206 3.07 -8.45 46.24
N THR B 207 3.66 -9.57 46.63
CA THR B 207 2.94 -10.83 46.81
C THR B 207 3.83 -11.85 47.49
N GLY B 208 3.29 -13.04 47.69
CA GLY B 208 4.09 -14.18 48.10
C GLY B 208 5.06 -14.57 47.02
N GLY B 209 5.91 -15.54 47.35
CA GLY B 209 6.96 -15.92 46.42
C GLY B 209 7.10 -17.38 46.10
N SER B 210 6.30 -18.23 46.73
CA SER B 210 6.42 -19.66 46.47
C SER B 210 6.05 -19.96 45.02
N HIS B 211 6.53 -21.10 44.54
CA HIS B 211 6.35 -21.44 43.13
C HIS B 211 4.97 -22.01 42.84
N THR B 212 4.01 -21.81 43.70
CA THR B 212 2.67 -22.33 43.48
C THR B 212 1.72 -21.21 43.12
N GLY B 213 0.47 -21.58 42.85
CA GLY B 213 -0.64 -20.64 42.74
C GLY B 213 -0.49 -19.47 41.80
N VAL B 214 -1.34 -18.46 42.03
CA VAL B 214 -1.33 -17.27 41.19
C VAL B 214 -0.04 -16.50 41.31
N MET B 215 0.66 -16.65 42.43
CA MET B 215 2.00 -16.09 42.52
C MET B 215 2.88 -16.67 41.43
N LYS B 216 2.84 -17.98 41.25
CA LYS B 216 3.57 -18.58 40.14
C LYS B 216 2.98 -18.17 38.81
N GLN B 217 1.66 -17.94 38.76
CA GLN B 217 1.05 -17.51 37.51
C GLN B 217 1.56 -16.15 37.08
N VAL B 218 1.53 -15.18 37.98
CA VAL B 218 2.05 -13.87 37.63
C VAL B 218 3.54 -13.92 37.44
N GLY B 219 4.22 -14.82 38.15
CA GLY B 219 5.63 -15.04 37.86
C GLY B 219 5.83 -15.39 36.40
N GLU B 220 4.98 -16.27 35.88
CA GLU B 220 5.02 -16.56 34.47
C GLU B 220 4.73 -15.32 33.65
N ALA B 221 3.81 -14.48 34.12
CA ALA B 221 3.46 -13.28 33.36
C ALA B 221 4.65 -12.34 33.24
N VAL B 222 5.28 -12.01 34.37
CA VAL B 222 6.41 -11.10 34.32
C VAL B 222 7.56 -11.71 33.54
N ARG B 223 7.78 -13.01 33.66
CA ARG B 223 8.82 -13.64 32.86
C ARG B 223 8.49 -13.55 31.39
N ASP B 224 7.21 -13.59 31.05
CA ASP B 224 6.80 -13.42 29.66
C ASP B 224 7.24 -12.07 29.13
N PHE B 225 7.00 -11.01 29.90
CA PHE B 225 7.42 -9.70 29.47
C PHE B 225 8.94 -9.60 29.36
N SER B 226 9.65 -10.15 30.34
CA SER B 226 11.11 -10.11 30.28
C SER B 226 11.63 -10.94 29.12
N LEU B 227 10.85 -11.93 28.67
CA LEU B 227 11.16 -12.57 27.40
C LEU B 227 11.02 -11.58 26.25
N SER B 228 9.99 -10.74 26.30
CA SER B 228 9.93 -9.63 25.35
C SER B 228 10.97 -8.58 25.72
N SER B 229 10.81 -7.97 26.90
CA SER B 229 11.74 -7.00 27.47
C SER B 229 12.34 -6.08 26.41
N SER B 230 11.44 -5.39 25.71
CA SER B 230 11.86 -4.53 24.61
C SER B 230 12.91 -3.51 25.08
N TYR B 231 12.64 -2.84 26.19
CA TYR B 231 13.58 -1.90 26.76
C TYR B 231 13.31 -1.77 28.24
N LYS B 232 14.37 -1.43 28.99
CA LYS B 232 14.31 -1.36 30.44
C LYS B 232 13.75 -2.65 31.02
N GLU B 233 14.44 -3.76 30.72
CA GLU B 233 14.01 -5.07 31.19
C GLU B 233 13.81 -5.07 32.70
N GLY B 234 14.56 -4.23 33.41
CA GLY B 234 14.35 -4.05 34.83
C GLY B 234 13.14 -3.23 35.20
N GLU B 235 12.32 -2.84 34.22
CA GLU B 235 11.13 -2.06 34.54
C GLU B 235 10.26 -2.81 35.53
N LEU B 236 9.73 -3.96 35.13
CA LEU B 236 8.84 -4.71 35.99
C LEU B 236 9.63 -5.24 37.17
N ILE B 237 9.40 -4.67 38.33
CA ILE B 237 10.02 -5.11 39.56
C ILE B 237 8.96 -5.77 40.40
N THR B 238 9.28 -6.95 40.93
CA THR B 238 8.34 -7.73 41.72
C THR B 238 9.06 -8.23 42.96
N ILE B 239 8.42 -8.10 44.11
CA ILE B 239 9.03 -8.50 45.36
C ILE B 239 8.26 -9.67 45.94
N GLY B 240 8.99 -10.60 46.53
CA GLY B 240 8.40 -11.81 47.06
C GLY B 240 8.35 -11.74 48.58
N VAL B 241 7.18 -12.08 49.11
CA VAL B 241 6.93 -12.00 50.54
C VAL B 241 6.49 -13.39 50.99
N ALA B 242 7.43 -14.18 51.50
CA ALA B 242 7.12 -15.50 51.98
C ALA B 242 7.74 -15.70 53.35
N THR B 243 7.51 -16.88 53.91
CA THR B 243 7.91 -17.19 55.27
C THR B 243 9.15 -18.06 55.29
N TRP B 244 10.20 -17.59 55.97
CA TRP B 244 11.49 -18.27 55.96
C TRP B 244 11.39 -19.70 56.48
N GLY B 245 10.39 -19.99 57.30
CA GLY B 245 10.24 -21.34 57.79
C GLY B 245 9.93 -22.35 56.71
N THR B 246 9.21 -21.92 55.68
CA THR B 246 8.76 -22.82 54.62
C THR B 246 9.66 -22.72 53.39
N VAL B 247 10.94 -23.00 53.56
CA VAL B 247 11.88 -22.95 52.46
C VAL B 247 12.62 -24.27 52.36
N HIS B 248 12.87 -24.72 51.13
CA HIS B 248 13.27 -26.09 50.86
C HIS B 248 14.77 -26.31 51.06
N ARG B 249 15.60 -25.63 50.28
CA ARG B 249 17.04 -25.79 50.34
C ARG B 249 17.70 -24.58 50.98
N ARG B 250 17.02 -23.99 51.96
CA ARG B 250 17.38 -22.66 52.43
C ARG B 250 18.78 -22.58 53.00
N GLU B 251 19.34 -23.71 53.45
CA GLU B 251 20.66 -23.66 54.06
C GLU B 251 21.69 -23.04 53.11
N GLY B 252 21.45 -23.15 51.80
CA GLY B 252 22.46 -22.80 50.82
C GLY B 252 22.96 -21.39 50.89
N LEU B 253 22.23 -20.49 51.54
CA LEU B 253 22.64 -19.10 51.65
C LEU B 253 22.96 -18.69 53.07
N ILE B 254 22.82 -19.58 54.04
CA ILE B 254 23.01 -19.18 55.43
C ILE B 254 24.49 -18.98 55.63
N HIS B 255 24.93 -17.73 55.52
CA HIS B 255 26.35 -17.45 55.54
C HIS B 255 26.60 -16.00 55.91
N PRO B 256 27.42 -15.74 56.92
CA PRO B 256 27.65 -14.37 57.35
C PRO B 256 28.42 -13.58 56.30
N THR B 257 28.44 -12.27 56.51
CA THR B 257 29.23 -11.34 55.71
C THR B 257 28.88 -11.39 54.23
N GLY B 258 27.66 -11.81 53.91
CA GLY B 258 27.19 -11.71 52.53
C GLY B 258 27.51 -12.92 51.66
N SER B 259 26.52 -13.37 50.91
CA SER B 259 26.67 -14.51 50.02
C SER B 259 26.37 -14.07 48.60
N PHE B 260 26.94 -12.93 48.21
CA PHE B 260 26.55 -12.21 46.98
C PHE B 260 26.33 -13.11 45.78
N PRO B 261 27.27 -13.90 45.33
CA PRO B 261 26.91 -14.95 44.36
C PRO B 261 26.34 -16.12 45.13
N ALA B 262 25.02 -16.30 45.06
CA ALA B 262 24.34 -17.31 45.86
C ALA B 262 23.62 -18.27 44.92
N GLU B 263 24.22 -19.43 44.72
CA GLU B 263 23.56 -20.46 43.94
C GLU B 263 22.39 -21.02 44.73
N TYR B 264 21.34 -21.38 44.02
CA TYR B 264 20.16 -21.98 44.65
C TYR B 264 19.62 -23.06 43.73
N ILE B 265 19.69 -24.30 44.20
CA ILE B 265 19.07 -25.42 43.51
C ILE B 265 17.57 -25.25 43.59
N LEU B 266 16.83 -26.04 42.83
CA LEU B 266 15.39 -26.13 43.03
C LEU B 266 14.94 -27.51 42.57
N ASP B 267 13.77 -27.92 43.05
CA ASP B 267 13.27 -29.25 42.74
C ASP B 267 11.76 -29.26 42.93
N GLU B 268 11.03 -29.16 41.83
CA GLU B 268 9.58 -29.32 41.87
C GLU B 268 9.24 -30.69 42.43
N ASP B 269 8.31 -30.71 43.40
CA ASP B 269 7.85 -31.93 44.04
C ASP B 269 8.98 -32.61 44.79
N GLY B 270 10.17 -32.03 44.76
CA GLY B 270 11.28 -32.55 45.52
C GLY B 270 11.27 -31.96 46.91
N GLN B 271 10.09 -31.94 47.53
CA GLN B 271 9.95 -31.29 48.82
C GLN B 271 8.64 -31.72 49.46
N GLY B 272 8.63 -31.73 50.78
CA GLY B 272 7.44 -32.08 51.52
C GLY B 272 6.50 -30.91 51.71
N ASN B 273 6.05 -30.69 52.94
CA ASN B 273 5.19 -29.54 53.21
C ASN B 273 5.91 -28.24 52.91
N LEU B 274 7.19 -28.15 53.30
CA LEU B 274 7.97 -26.97 52.98
C LEU B 274 8.05 -26.79 51.47
N THR B 275 8.03 -25.54 51.02
CA THR B 275 7.95 -25.26 49.59
C THR B 275 9.26 -24.69 49.09
N CYS B 276 9.27 -24.33 47.81
CA CYS B 276 10.38 -23.65 47.18
C CYS B 276 9.88 -22.31 46.68
N LEU B 277 10.73 -21.60 45.96
CA LEU B 277 10.44 -20.26 45.49
C LEU B 277 9.99 -20.29 44.04
N ASP B 278 9.08 -19.39 43.69
CA ASP B 278 8.90 -19.09 42.29
C ASP B 278 10.20 -18.52 41.73
N SER B 279 10.45 -18.79 40.46
CA SER B 279 11.70 -18.37 39.84
C SER B 279 11.51 -17.22 38.87
N ASN B 280 10.66 -16.25 39.19
CA ASN B 280 10.48 -15.11 38.31
C ASN B 280 10.42 -13.77 39.01
N HIS B 281 10.38 -13.74 40.34
CA HIS B 281 10.28 -12.46 40.99
C HIS B 281 11.63 -11.76 41.02
N SER B 282 11.61 -10.48 41.36
CA SER B 282 12.83 -9.69 41.33
C SER B 282 13.47 -9.53 42.69
N HIS B 283 12.71 -9.63 43.77
CA HIS B 283 13.31 -9.52 45.09
C HIS B 283 12.53 -10.36 46.07
N PHE B 284 13.22 -10.80 47.11
CA PHE B 284 12.68 -11.80 48.02
C PHE B 284 13.02 -11.43 49.44
N ILE B 285 12.01 -11.04 50.19
CA ILE B 285 12.15 -10.88 51.63
C ILE B 285 11.66 -12.16 52.28
N LEU B 286 12.31 -12.55 53.37
CA LEU B 286 11.95 -13.77 54.07
C LEU B 286 11.66 -13.42 55.51
N VAL B 287 10.44 -13.58 55.90
CA VAL B 287 10.03 -13.35 57.28
C VAL B 287 10.20 -14.64 58.05
N ASP B 288 10.57 -14.54 59.32
CA ASP B 288 10.78 -15.71 60.15
C ASP B 288 10.39 -15.44 61.58
N ASP B 289 9.91 -16.48 62.25
CA ASP B 289 9.60 -16.40 63.67
C ASP B 289 10.51 -17.23 64.53
N GLY B 290 11.30 -18.12 63.95
CA GLY B 290 12.00 -19.13 64.72
C GLY B 290 11.30 -20.46 64.72
N THR B 291 10.65 -20.84 63.62
CA THR B 291 9.88 -22.06 63.54
C THR B 291 9.97 -22.58 62.11
N HIS B 292 10.03 -23.90 61.96
CA HIS B 292 10.26 -24.49 60.65
C HIS B 292 8.98 -24.89 59.95
N GLY B 293 8.26 -25.86 60.51
CA GLY B 293 7.02 -26.30 59.90
C GLY B 293 5.83 -25.55 60.44
N GLN B 294 5.72 -24.28 60.11
CA GLN B 294 4.59 -23.48 60.57
C GLN B 294 4.24 -22.49 59.48
N TYR B 295 3.01 -21.98 59.53
CA TYR B 295 2.53 -21.03 58.54
C TYR B 295 2.07 -19.73 59.19
N GLY B 296 1.92 -18.71 58.36
CA GLY B 296 1.31 -17.47 58.77
C GLY B 296 2.24 -16.45 59.37
N VAL B 297 3.56 -16.67 59.33
CA VAL B 297 4.48 -15.70 59.91
C VAL B 297 4.65 -14.47 59.04
N GLU B 298 3.89 -14.35 57.95
CA GLU B 298 4.07 -13.28 56.98
C GLU B 298 3.07 -12.14 57.16
N ILE B 299 1.79 -12.45 57.22
CA ILE B 299 0.75 -11.42 57.12
C ILE B 299 0.94 -10.29 58.13
N PRO B 300 1.19 -10.53 59.42
CA PRO B 300 1.26 -9.42 60.37
C PRO B 300 2.23 -8.34 59.97
N LEU B 301 3.26 -8.66 59.20
CA LEU B 301 4.13 -7.62 58.68
C LEU B 301 3.66 -7.08 57.35
N ARG B 302 3.24 -7.96 56.43
CA ARG B 302 2.81 -7.50 55.12
C ARG B 302 1.79 -6.39 55.25
N THR B 303 0.81 -6.58 56.11
CA THR B 303 -0.14 -5.52 56.37
C THR B 303 0.58 -4.28 56.88
N ARG B 304 1.45 -4.44 57.87
CA ARG B 304 2.18 -3.28 58.39
C ARG B 304 2.94 -2.56 57.28
N LEU B 305 3.53 -3.35 56.37
CA LEU B 305 4.35 -2.75 55.34
C LEU B 305 3.51 -1.96 54.35
N GLU B 306 2.63 -2.66 53.62
CA GLU B 306 1.85 -1.98 52.60
C GLU B 306 1.12 -0.78 53.18
N LYS B 307 0.66 -0.88 54.43
CA LYS B 307 0.04 0.27 55.05
C LYS B 307 1.02 1.43 55.13
N PHE B 308 2.23 1.16 55.59
CA PHE B 308 3.20 2.23 55.72
C PHE B 308 3.52 2.88 54.39
N ILE B 309 3.40 2.13 53.30
CA ILE B 309 3.64 2.71 51.98
C ILE B 309 2.45 3.55 51.54
N SER B 310 1.25 3.16 51.93
CA SER B 310 0.10 3.99 51.55
C SER B 310 0.13 5.34 52.20
N GLU B 311 1.14 5.65 52.98
CA GLU B 311 1.23 6.93 53.67
C GLU B 311 2.29 7.86 53.10
N GLN B 312 3.45 7.34 52.74
CA GLN B 312 4.53 8.22 52.30
C GLN B 312 4.10 8.96 51.05
N THR B 313 4.67 10.13 50.87
CA THR B 313 4.24 11.01 49.79
C THR B 313 5.36 11.20 48.78
N LYS B 314 4.96 11.38 47.53
CA LYS B 314 5.88 11.68 46.45
C LYS B 314 5.67 13.14 46.08
N GLU B 315 6.73 13.79 45.60
CA GLU B 315 6.66 15.19 45.19
C GLU B 315 7.59 15.41 44.01
N ARG B 316 7.02 15.52 42.82
CA ARG B 316 7.77 15.83 41.61
C ARG B 316 7.15 17.06 40.95
N GLY B 317 7.91 17.65 40.04
CA GLY B 317 7.49 18.93 39.47
C GLY B 317 7.23 19.92 40.58
N GLY B 318 5.97 20.29 40.75
CA GLY B 318 5.58 21.04 41.92
C GLY B 318 4.57 20.27 42.72
N VAL B 319 3.93 19.31 42.05
CA VAL B 319 2.87 18.54 42.67
C VAL B 319 3.43 17.59 43.71
N ALA B 320 2.63 17.31 44.73
CA ALA B 320 2.94 16.31 45.74
C ALA B 320 1.66 15.58 46.08
N ILE B 321 1.73 14.26 46.14
CA ILE B 321 0.56 13.44 46.43
C ILE B 321 0.98 12.29 47.33
N LYS B 322 -0.02 11.55 47.80
CA LYS B 322 0.20 10.34 48.56
C LYS B 322 0.04 9.13 47.65
N ILE B 323 0.86 8.12 47.88
CA ILE B 323 0.88 6.99 46.96
C ILE B 323 -0.42 6.22 47.10
N PRO B 324 -1.07 5.84 46.02
CA PRO B 324 -2.30 5.05 46.09
C PRO B 324 -2.04 3.57 45.96
N ILE B 325 -2.92 2.78 46.58
CA ILE B 325 -2.71 1.35 46.72
C ILE B 325 -4.01 0.60 46.49
N VAL B 326 -4.03 -0.26 45.48
CA VAL B 326 -5.18 -1.08 45.15
C VAL B 326 -4.74 -2.53 45.04
N CYS B 327 -5.63 -3.44 45.41
CA CYS B 327 -5.33 -4.87 45.44
C CYS B 327 -6.27 -5.63 44.53
N VAL B 328 -5.71 -6.53 43.74
CA VAL B 328 -6.46 -7.40 42.86
C VAL B 328 -6.32 -8.81 43.39
N VAL B 329 -7.37 -9.60 43.26
CA VAL B 329 -7.41 -10.93 43.85
C VAL B 329 -7.83 -11.96 42.82
N LEU B 330 -7.34 -13.18 43.00
CA LEU B 330 -7.63 -14.27 42.09
C LEU B 330 -8.34 -15.40 42.83
N GLU B 331 -8.47 -16.56 42.19
CA GLU B 331 -9.34 -17.64 42.63
C GLU B 331 -9.47 -17.74 44.14
N GLY B 332 -8.34 -17.78 44.84
CA GLY B 332 -8.38 -17.66 46.28
C GLY B 332 -9.25 -18.68 46.99
N GLY B 333 -9.74 -18.28 48.16
CA GLY B 333 -10.56 -19.12 48.98
C GLY B 333 -11.11 -18.37 50.18
N PRO B 334 -11.31 -19.09 51.30
CA PRO B 334 -11.91 -18.46 52.48
C PRO B 334 -11.04 -17.40 53.12
N GLY B 335 -9.80 -17.76 53.45
CA GLY B 335 -8.89 -16.80 54.03
C GLY B 335 -8.71 -15.57 53.16
N THR B 336 -8.67 -15.77 51.84
CA THR B 336 -8.62 -14.64 50.93
C THR B 336 -9.83 -13.73 51.13
N LEU B 337 -11.00 -14.32 51.32
CA LEU B 337 -12.17 -13.50 51.61
C LEU B 337 -11.97 -12.71 52.90
N HIS B 338 -11.39 -13.34 53.91
CA HIS B 338 -11.12 -12.64 55.16
C HIS B 338 -10.27 -11.41 54.91
N THR B 339 -9.18 -11.57 54.17
CA THR B 339 -8.27 -10.45 53.94
C THR B 339 -8.91 -9.38 53.07
N ILE B 340 -9.67 -9.79 52.06
CA ILE B 340 -10.32 -8.83 51.17
C ILE B 340 -11.16 -7.85 51.97
N ASP B 341 -12.04 -8.38 52.83
CA ASP B 341 -12.84 -7.46 53.62
C ASP B 341 -11.98 -6.64 54.56
N ASN B 342 -11.06 -7.30 55.27
CA ASN B 342 -10.24 -6.57 56.23
C ASN B 342 -9.45 -5.45 55.58
N ALA B 343 -9.27 -5.49 54.26
CA ALA B 343 -8.64 -4.37 53.58
C ALA B 343 -9.67 -3.33 53.16
N THR B 344 -10.70 -3.74 52.44
CA THR B 344 -11.66 -2.79 51.90
C THR B 344 -12.35 -1.98 52.99
N THR B 345 -12.33 -2.44 54.24
CA THR B 345 -12.80 -1.58 55.31
C THR B 345 -11.80 -0.49 55.66
N ASN B 346 -10.67 -0.44 54.98
CA ASN B 346 -9.64 0.55 55.25
C ASN B 346 -9.38 1.44 54.04
N GLY B 347 -10.43 1.72 53.27
CA GLY B 347 -10.29 2.53 52.09
C GLY B 347 -9.69 1.77 50.92
N THR B 348 -8.66 0.98 51.19
CA THR B 348 -7.93 0.29 50.15
C THR B 348 -8.89 -0.54 49.32
N PRO B 349 -9.15 -0.14 48.10
CA PRO B 349 -10.20 -0.77 47.29
C PRO B 349 -9.67 -2.06 46.68
N CYS B 350 -10.54 -2.71 45.92
CA CYS B 350 -10.24 -4.02 45.36
C CYS B 350 -10.84 -4.16 43.98
N VAL B 351 -10.25 -5.02 43.18
CA VAL B 351 -10.79 -5.40 41.88
C VAL B 351 -10.66 -6.90 41.74
N VAL B 352 -11.71 -7.54 41.22
CA VAL B 352 -11.77 -8.99 41.11
C VAL B 352 -12.05 -9.36 39.67
N VAL B 353 -11.48 -10.47 39.23
CA VAL B 353 -11.73 -10.96 37.88
C VAL B 353 -12.98 -11.84 37.91
N GLU B 354 -13.85 -11.65 36.93
CA GLU B 354 -15.06 -12.47 36.80
C GLU B 354 -14.69 -13.69 35.96
N GLY B 355 -14.26 -14.75 36.64
CA GLY B 355 -13.84 -15.95 35.94
C GLY B 355 -12.74 -16.70 36.65
N SER B 356 -12.90 -18.01 36.75
CA SER B 356 -11.92 -18.92 37.37
C SER B 356 -11.60 -18.46 38.79
N GLY B 357 -12.63 -18.47 39.62
CA GLY B 357 -12.43 -18.10 41.01
C GLY B 357 -13.46 -18.73 41.94
N ARG B 358 -12.98 -19.45 42.94
CA ARG B 358 -13.89 -19.98 43.95
C ARG B 358 -14.48 -18.84 44.76
N VAL B 359 -13.64 -18.15 45.52
CA VAL B 359 -14.14 -17.01 46.26
C VAL B 359 -14.33 -15.82 45.34
N ALA B 360 -13.83 -15.87 44.11
CA ALA B 360 -13.95 -14.75 43.21
C ALA B 360 -15.29 -14.77 42.47
N ASP B 361 -15.52 -15.81 41.68
CA ASP B 361 -16.67 -15.83 40.79
C ASP B 361 -17.97 -15.74 41.56
N VAL B 362 -17.99 -16.28 42.78
CA VAL B 362 -19.18 -16.15 43.61
C VAL B 362 -19.51 -14.68 43.81
N ILE B 363 -18.49 -13.88 44.09
CA ILE B 363 -18.75 -12.46 44.25
C ILE B 363 -19.07 -11.84 42.91
N ALA B 364 -18.41 -12.32 41.86
CA ALA B 364 -18.74 -11.84 40.52
C ALA B 364 -20.22 -12.05 40.24
N GLN B 365 -20.78 -13.15 40.72
CA GLN B 365 -22.20 -13.41 40.51
C GLN B 365 -23.04 -12.48 41.36
N VAL B 366 -22.72 -12.37 42.65
CA VAL B 366 -23.54 -11.57 43.54
C VAL B 366 -23.34 -10.07 43.30
N ALA B 367 -22.47 -9.72 42.35
CA ALA B 367 -22.22 -8.32 42.04
C ALA B 367 -23.50 -7.54 41.80
N ASN B 368 -24.47 -8.16 41.12
CA ASN B 368 -25.67 -7.45 40.72
C ASN B 368 -26.78 -7.50 41.76
N LEU B 369 -26.75 -8.48 42.66
CA LEU B 369 -27.82 -8.63 43.64
C LEU B 369 -27.80 -7.50 44.65
N PRO B 370 -28.89 -6.77 44.83
CA PRO B 370 -28.92 -5.71 45.85
C PRO B 370 -28.75 -6.27 47.25
N VAL B 371 -28.39 -5.39 48.17
CA VAL B 371 -28.06 -5.83 49.52
C VAL B 371 -29.31 -6.36 50.21
N SER B 372 -29.08 -7.22 51.20
CA SER B 372 -30.09 -7.93 52.00
C SER B 372 -30.88 -8.93 51.17
N ASP B 373 -30.62 -9.04 49.88
CA ASP B 373 -31.27 -10.02 49.03
C ASP B 373 -30.42 -11.28 48.87
N ILE B 374 -29.57 -11.57 49.83
CA ILE B 374 -28.64 -12.68 49.74
C ILE B 374 -28.88 -13.63 50.91
N THR B 375 -29.73 -14.64 50.72
CA THR B 375 -30.01 -15.55 51.80
C THR B 375 -28.90 -16.58 51.95
N ILE B 376 -28.75 -17.06 53.18
CA ILE B 376 -27.71 -18.04 53.48
C ILE B 376 -27.93 -19.34 52.71
N SER B 377 -29.15 -19.58 52.22
CA SER B 377 -29.41 -20.76 51.42
C SER B 377 -28.90 -20.59 49.99
N LEU B 378 -29.18 -19.43 49.39
CA LEU B 378 -28.55 -19.07 48.14
C LEU B 378 -27.05 -19.32 48.21
N ILE B 379 -26.42 -18.81 49.27
CA ILE B 379 -24.99 -19.01 49.47
C ILE B 379 -24.66 -20.47 49.65
N GLN B 380 -25.46 -21.20 50.43
CA GLN B 380 -25.17 -22.60 50.71
C GLN B 380 -25.06 -23.41 49.42
N GLN B 381 -26.09 -23.34 48.58
CA GLN B 381 -26.02 -24.03 47.31
C GLN B 381 -24.92 -23.44 46.42
N LYS B 382 -24.67 -22.14 46.52
CA LYS B 382 -23.63 -21.54 45.69
C LYS B 382 -22.27 -22.14 46.03
N LEU B 383 -21.84 -21.99 47.28
CA LEU B 383 -20.57 -22.57 47.69
C LEU B 383 -20.57 -24.08 47.45
N SER B 384 -21.73 -24.72 47.55
CA SER B 384 -21.78 -26.16 47.34
C SER B 384 -21.53 -26.50 45.88
N VAL B 385 -22.15 -25.77 44.96
CA VAL B 385 -21.92 -26.04 43.55
C VAL B 385 -20.57 -25.53 43.10
N PHE B 386 -19.93 -24.68 43.88
CA PHE B 386 -18.65 -24.12 43.46
C PHE B 386 -17.47 -24.90 44.00
N PHE B 387 -17.45 -25.17 45.30
CA PHE B 387 -16.36 -25.93 45.87
C PHE B 387 -16.37 -27.37 45.38
N GLN B 388 -17.44 -28.09 45.66
CA GLN B 388 -17.72 -29.44 45.16
C GLN B 388 -16.71 -30.46 45.64
N GLU B 389 -15.69 -30.06 46.38
CA GLU B 389 -14.79 -30.98 47.08
C GLU B 389 -14.86 -30.77 48.57
N MET B 390 -14.81 -29.51 49.02
CA MET B 390 -15.12 -29.14 50.39
C MET B 390 -16.49 -28.51 50.51
N PHE B 391 -17.34 -28.71 49.49
CA PHE B 391 -18.63 -28.02 49.43
C PHE B 391 -19.46 -28.22 50.68
N GLU B 392 -19.23 -29.33 51.39
CA GLU B 392 -20.05 -29.67 52.54
C GLU B 392 -19.34 -29.53 53.87
N THR B 393 -18.01 -29.58 53.90
CA THR B 393 -17.30 -29.58 55.17
C THR B 393 -17.48 -28.29 55.96
N PHE B 394 -18.23 -27.32 55.44
CA PHE B 394 -18.44 -26.06 56.14
C PHE B 394 -19.51 -26.25 57.20
N THR B 395 -19.17 -25.93 58.44
CA THR B 395 -20.15 -25.91 59.50
C THR B 395 -21.22 -24.87 59.23
N GLU B 396 -22.40 -25.10 59.79
CA GLU B 396 -23.42 -24.07 59.78
C GLU B 396 -23.00 -22.86 60.60
N SER B 397 -22.03 -23.03 61.49
CA SER B 397 -21.53 -21.93 62.30
C SER B 397 -20.51 -21.08 61.57
N ARG B 398 -20.38 -21.24 60.26
CA ARG B 398 -19.49 -20.38 59.49
C ARG B 398 -20.18 -19.83 58.25
N ILE B 399 -21.18 -20.55 57.74
CA ILE B 399 -21.83 -20.07 56.53
C ILE B 399 -22.62 -18.81 56.83
N VAL B 400 -23.15 -18.69 58.04
CA VAL B 400 -23.79 -17.44 58.45
C VAL B 400 -22.75 -16.35 58.58
N GLU B 401 -21.55 -16.70 59.03
CA GLU B 401 -20.44 -15.74 59.02
C GLU B 401 -20.16 -15.25 57.61
N TRP B 402 -20.23 -16.16 56.64
CA TRP B 402 -19.92 -15.80 55.25
C TRP B 402 -21.01 -14.94 54.66
N THR B 403 -22.26 -15.22 55.00
CA THR B 403 -23.34 -14.33 54.60
C THR B 403 -23.09 -12.93 55.13
N LYS B 404 -22.70 -12.83 56.40
CA LYS B 404 -22.38 -11.53 56.98
C LYS B 404 -21.30 -10.82 56.18
N LYS B 405 -20.18 -11.51 55.93
CA LYS B 405 -19.06 -10.87 55.26
C LYS B 405 -19.43 -10.40 53.88
N ILE B 406 -19.99 -11.30 53.07
CA ILE B 406 -20.23 -10.96 51.68
C ILE B 406 -21.26 -9.85 51.57
N GLN B 407 -22.29 -9.89 52.40
CA GLN B 407 -23.28 -8.83 52.34
C GLN B 407 -22.68 -7.50 52.77
N ASP B 408 -21.76 -7.53 53.74
CA ASP B 408 -21.06 -6.31 54.13
C ASP B 408 -20.23 -5.76 52.97
N ILE B 409 -19.46 -6.63 52.31
CA ILE B 409 -18.59 -6.19 51.23
C ILE B 409 -19.40 -5.54 50.14
N VAL B 410 -20.44 -6.23 49.65
CA VAL B 410 -21.21 -5.68 48.56
C VAL B 410 -21.95 -4.42 48.99
N ARG B 411 -22.10 -4.20 50.29
CA ARG B 411 -22.69 -2.96 50.75
C ARG B 411 -21.89 -1.75 50.30
N ARG B 412 -20.56 -1.81 50.45
CA ARG B 412 -19.68 -0.69 50.08
C ARG B 412 -19.62 -0.63 48.56
N ARG B 413 -20.66 -0.07 47.97
CA ARG B 413 -20.89 -0.20 46.54
C ARG B 413 -19.90 0.58 45.68
N GLN B 414 -18.88 1.20 46.28
CA GLN B 414 -17.91 1.95 45.49
C GLN B 414 -16.53 1.33 45.49
N LEU B 415 -16.03 0.93 46.64
CA LEU B 415 -14.66 0.45 46.75
C LEU B 415 -14.44 -0.84 46.00
N LEU B 416 -15.47 -1.44 45.42
CA LEU B 416 -15.33 -2.71 44.73
C LEU B 416 -15.60 -2.54 43.25
N THR B 417 -15.27 -3.58 42.49
CA THR B 417 -15.49 -3.54 41.04
C THR B 417 -15.41 -4.94 40.46
N VAL B 418 -16.42 -5.31 39.69
CA VAL B 418 -16.41 -6.56 38.94
C VAL B 418 -15.48 -6.35 37.76
N PHE B 419 -15.16 -7.42 37.04
CA PHE B 419 -14.50 -7.27 35.76
C PHE B 419 -15.41 -7.54 34.58
N ARG B 420 -16.23 -8.60 34.64
CA ARG B 420 -17.13 -9.00 33.55
C ARG B 420 -16.37 -9.25 32.25
N GLU B 421 -15.57 -10.31 32.30
CA GLU B 421 -14.67 -10.68 31.20
C GLU B 421 -15.36 -10.80 29.86
N GLY B 422 -15.03 -9.91 28.93
CA GLY B 422 -15.49 -9.95 27.55
C GLY B 422 -16.76 -9.19 27.21
N LYS B 423 -17.80 -9.34 28.03
CA LYS B 423 -19.12 -8.86 27.64
C LYS B 423 -19.21 -7.34 27.69
N ASP B 424 -19.06 -6.77 28.88
CA ASP B 424 -19.32 -5.35 29.08
C ASP B 424 -18.12 -4.69 29.76
N GLY B 425 -17.76 -3.51 29.25
CA GLY B 425 -16.71 -2.70 29.85
C GLY B 425 -15.36 -3.37 29.91
N GLN B 426 -15.23 -4.53 29.29
CA GLN B 426 -13.97 -5.26 29.31
C GLN B 426 -13.01 -4.74 28.26
N GLN B 427 -12.78 -3.43 28.28
CA GLN B 427 -11.84 -2.83 27.34
C GLN B 427 -10.44 -3.40 27.57
N ASP B 428 -9.86 -3.10 28.73
CA ASP B 428 -8.54 -3.64 29.04
C ASP B 428 -8.36 -3.62 30.55
N VAL B 429 -7.48 -4.49 31.02
CA VAL B 429 -7.30 -4.64 32.45
C VAL B 429 -6.81 -3.34 33.06
N ASP B 430 -5.80 -2.72 32.45
CA ASP B 430 -5.24 -1.48 33.00
C ASP B 430 -6.32 -0.44 33.24
N VAL B 431 -6.97 0.01 32.17
CA VAL B 431 -7.92 1.11 32.28
C VAL B 431 -8.94 0.81 33.36
N ALA B 432 -9.29 -0.46 33.53
CA ALA B 432 -10.17 -0.84 34.62
C ALA B 432 -9.55 -0.49 35.96
N ILE B 433 -8.31 -0.95 36.20
CA ILE B 433 -7.66 -0.64 37.46
C ILE B 433 -7.61 0.85 37.68
N LEU B 434 -7.35 1.59 36.61
CA LEU B 434 -7.27 3.04 36.73
C LEU B 434 -8.60 3.61 37.21
N GLN B 435 -9.68 3.34 36.48
CA GLN B 435 -10.98 3.83 36.90
C GLN B 435 -11.29 3.37 38.31
N ALA B 436 -10.86 2.16 38.67
CA ALA B 436 -11.11 1.65 40.00
C ALA B 436 -10.48 2.57 41.05
N LEU B 437 -9.16 2.63 41.06
CA LEU B 437 -8.45 3.46 42.01
C LEU B 437 -8.93 4.90 41.94
N LEU B 438 -9.27 5.35 40.74
CA LEU B 438 -9.70 6.73 40.58
C LEU B 438 -11.04 6.97 41.28
N LYS B 439 -12.04 6.17 40.95
CA LYS B 439 -13.34 6.32 41.58
C LYS B 439 -13.22 6.26 43.08
N ALA B 440 -12.34 5.38 43.58
CA ALA B 440 -12.09 5.32 45.01
C ALA B 440 -11.64 6.67 45.54
N SER B 441 -10.56 7.19 44.97
CA SER B 441 -10.06 8.51 45.37
C SER B 441 -11.18 9.53 45.38
N ARG B 442 -12.00 9.52 44.33
CA ARG B 442 -13.07 10.51 44.24
C ARG B 442 -14.05 10.35 45.39
N SER B 443 -14.46 9.12 45.67
CA SER B 443 -15.44 8.90 46.73
C SER B 443 -14.95 9.37 48.08
N GLN B 444 -13.65 9.47 48.27
CA GLN B 444 -13.12 9.96 49.53
C GLN B 444 -13.70 11.34 49.82
N ASP B 445 -14.00 11.59 51.09
CA ASP B 445 -14.68 12.81 51.48
C ASP B 445 -13.79 14.03 51.24
N HIS B 446 -14.44 15.18 51.04
CA HIS B 446 -13.75 16.40 50.64
C HIS B 446 -14.60 17.60 50.99
N PHE B 447 -14.03 18.78 50.79
CA PHE B 447 -14.71 20.06 51.02
C PHE B 447 -14.23 21.02 49.93
N GLY B 448 -14.99 21.12 48.85
CA GLY B 448 -14.65 21.95 47.71
C GLY B 448 -14.64 21.14 46.44
N HIS B 449 -13.76 21.53 45.51
CA HIS B 449 -13.55 20.80 44.28
C HIS B 449 -12.08 20.48 44.05
N GLU B 450 -11.23 20.68 45.06
CA GLU B 450 -9.82 20.33 44.95
C GLU B 450 -9.67 18.83 44.79
N ASN B 451 -10.78 18.11 44.87
CA ASN B 451 -10.75 16.70 44.53
C ASN B 451 -10.52 16.51 43.02
N TRP B 452 -11.11 17.37 42.19
CA TRP B 452 -10.72 17.36 40.79
C TRP B 452 -9.23 17.63 40.65
N ASP B 453 -8.71 18.56 41.46
CA ASP B 453 -7.28 18.75 41.51
C ASP B 453 -6.59 17.44 41.83
N HIS B 454 -7.16 16.67 42.75
CA HIS B 454 -6.48 15.44 43.15
C HIS B 454 -6.52 14.41 42.05
N GLN B 455 -7.68 14.22 41.42
CA GLN B 455 -7.75 13.31 40.29
C GLN B 455 -6.75 13.70 39.22
N LEU B 456 -6.64 14.99 38.94
CA LEU B 456 -5.79 15.42 37.85
C LEU B 456 -4.32 15.26 38.22
N LYS B 457 -3.94 15.74 39.40
CA LYS B 457 -2.58 15.56 39.88
C LYS B 457 -2.16 14.13 39.73
N LEU B 458 -3.06 13.20 40.01
CA LEU B 458 -2.75 11.80 39.80
C LEU B 458 -2.57 11.50 38.33
N ALA B 459 -3.63 11.71 37.54
CA ALA B 459 -3.64 11.26 36.15
C ALA B 459 -2.41 11.72 35.40
N VAL B 460 -1.79 12.80 35.87
CA VAL B 460 -0.57 13.28 35.26
C VAL B 460 0.66 12.80 36.04
N ALA B 461 0.52 12.49 37.31
CA ALA B 461 1.62 11.84 38.02
C ALA B 461 2.00 10.57 37.29
N TRP B 462 1.07 9.64 37.17
CA TRP B 462 1.21 8.60 36.16
C TRP B 462 1.22 9.27 34.79
N ASN B 463 2.00 8.72 33.89
CA ASN B 463 2.25 9.46 32.66
C ASN B 463 1.05 9.51 31.75
N ARG B 464 0.18 8.50 31.78
CA ARG B 464 -0.82 8.41 30.74
C ARG B 464 -1.83 9.54 30.86
N VAL B 465 -2.30 10.01 29.71
CA VAL B 465 -3.15 11.18 29.62
C VAL B 465 -4.57 10.81 29.24
N ASP B 466 -4.74 9.78 28.42
CA ASP B 466 -6.03 9.33 27.93
C ASP B 466 -7.11 9.42 28.99
N ILE B 467 -6.72 9.07 30.22
CA ILE B 467 -7.66 9.07 31.33
C ILE B 467 -8.25 10.45 31.51
N ALA B 468 -7.40 11.45 31.75
CA ALA B 468 -7.90 12.77 32.11
C ALA B 468 -8.74 13.36 30.99
N ARG B 469 -8.21 13.34 29.77
CA ARG B 469 -8.98 13.85 28.65
C ARG B 469 -10.25 13.08 28.46
N SER B 470 -10.30 11.84 28.92
CA SER B 470 -11.52 11.07 28.79
C SER B 470 -12.55 11.50 29.81
N GLU B 471 -12.13 11.69 31.06
CA GLU B 471 -13.14 11.88 32.09
C GLU B 471 -12.90 13.08 33.00
N ILE B 472 -11.65 13.37 33.35
CA ILE B 472 -11.40 14.46 34.29
C ILE B 472 -11.94 15.77 33.73
N PHE B 473 -11.86 15.93 32.42
CA PHE B 473 -12.33 17.14 31.76
C PHE B 473 -13.60 16.89 30.97
N MET B 474 -14.40 15.92 31.38
CA MET B 474 -15.63 15.66 30.66
C MET B 474 -16.62 16.78 30.93
N ASP B 475 -17.03 16.92 32.18
CA ASP B 475 -17.96 17.96 32.62
C ASP B 475 -18.02 17.91 34.13
N GLU B 476 -19.01 18.60 34.69
CA GLU B 476 -19.41 18.53 36.10
C GLU B 476 -18.43 19.23 37.03
N TRP B 477 -17.37 19.84 36.52
CA TRP B 477 -16.51 20.66 37.34
C TRP B 477 -16.69 22.14 37.09
N GLN B 478 -16.79 22.56 35.83
CA GLN B 478 -16.85 23.98 35.48
C GLN B 478 -15.68 24.73 36.09
N TRP B 479 -14.49 24.14 35.98
CA TRP B 479 -13.28 24.73 36.50
C TRP B 479 -13.01 26.07 35.82
N LYS B 480 -11.99 26.75 36.32
CA LYS B 480 -11.53 27.99 35.71
C LYS B 480 -10.07 27.85 35.32
N PRO B 481 -9.70 28.17 34.08
CA PRO B 481 -8.33 27.92 33.62
C PRO B 481 -7.26 28.48 34.52
N SER B 482 -7.54 29.56 35.24
CA SER B 482 -6.54 30.00 36.20
C SER B 482 -6.35 29.04 37.35
N ASP B 483 -7.03 27.89 37.34
CA ASP B 483 -6.87 26.90 38.40
C ASP B 483 -6.08 25.69 37.92
N LEU B 484 -5.13 25.90 37.03
CA LEU B 484 -4.31 24.81 36.55
C LEU B 484 -2.83 25.11 36.62
N HIS B 485 -2.46 26.35 36.89
CA HIS B 485 -1.06 26.73 36.77
C HIS B 485 -0.13 25.87 37.59
N PRO B 486 -0.46 25.45 38.80
CA PRO B 486 0.42 24.48 39.48
C PRO B 486 0.63 23.24 38.65
N THR B 487 -0.44 22.70 38.08
CA THR B 487 -0.28 21.52 37.24
C THR B 487 0.56 21.83 36.02
N MET B 488 0.15 22.84 35.25
CA MET B 488 0.92 23.22 34.07
C MET B 488 2.39 23.29 34.38
N THR B 489 2.75 23.91 35.49
CA THR B 489 4.12 23.95 35.94
C THR B 489 4.73 22.56 35.90
N ALA B 490 4.17 21.64 36.67
CA ALA B 490 4.74 20.31 36.73
C ALA B 490 4.67 19.62 35.37
N ALA B 491 3.72 20.00 34.54
CA ALA B 491 3.64 19.40 33.22
C ALA B 491 4.87 19.74 32.41
N LEU B 492 5.33 20.97 32.52
CA LEU B 492 6.51 21.38 31.78
C LEU B 492 7.75 20.77 32.37
N ILE B 493 8.07 21.10 33.62
CA ILE B 493 9.36 20.72 34.19
C ILE B 493 9.66 19.27 33.92
N SER B 494 8.63 18.48 33.74
CA SER B 494 8.80 17.05 33.53
C SER B 494 8.82 16.67 32.07
N ASN B 495 8.75 17.63 31.15
CA ASN B 495 8.80 17.36 29.73
C ASN B 495 7.69 16.39 29.33
N LYS B 496 6.45 16.85 29.46
CA LYS B 496 5.29 16.07 29.05
C LYS B 496 4.45 16.95 28.15
N PRO B 497 4.69 16.88 26.85
CA PRO B 497 4.03 17.81 25.94
C PRO B 497 2.54 17.58 25.82
N GLU B 498 2.09 16.33 25.91
CA GLU B 498 0.69 16.03 25.64
C GLU B 498 -0.22 16.81 26.55
N PHE B 499 0.08 16.80 27.85
CA PHE B 499 -0.73 17.56 28.77
C PHE B 499 -0.71 19.03 28.43
N VAL B 500 0.40 19.53 27.90
CA VAL B 500 0.45 20.93 27.51
C VAL B 500 -0.55 21.20 26.42
N LYS B 501 -0.49 20.42 25.35
CA LYS B 501 -1.49 20.54 24.32
C LYS B 501 -2.88 20.50 24.91
N LEU B 502 -3.06 19.65 25.91
CA LEU B 502 -4.37 19.52 26.53
C LEU B 502 -4.82 20.84 27.13
N PHE B 503 -4.12 21.31 28.15
CA PHE B 503 -4.56 22.52 28.82
C PHE B 503 -4.62 23.71 27.89
N LEU B 504 -3.93 23.63 26.76
CA LEU B 504 -4.14 24.64 25.72
C LEU B 504 -5.50 24.49 25.08
N GLU B 505 -5.88 23.25 24.75
CA GLU B 505 -7.19 23.01 24.19
C GLU B 505 -8.27 23.49 25.14
N ASN B 506 -8.06 23.31 26.43
CA ASN B 506 -8.95 23.87 27.43
C ASN B 506 -8.52 25.26 27.85
N GLY B 507 -7.69 25.91 27.05
CA GLY B 507 -7.51 27.33 27.19
C GLY B 507 -6.85 27.80 28.47
N VAL B 508 -5.59 27.49 28.65
CA VAL B 508 -4.73 28.23 29.56
C VAL B 508 -4.00 29.27 28.73
N GLN B 509 -3.99 30.51 29.21
CA GLN B 509 -3.47 31.62 28.41
C GLN B 509 -2.02 31.85 28.75
N LEU B 510 -1.15 31.41 27.84
CA LEU B 510 0.28 31.57 28.01
C LEU B 510 0.60 32.97 28.50
N LYS B 511 0.17 33.97 27.74
CA LYS B 511 0.48 35.34 28.11
C LYS B 511 0.01 35.64 29.51
N GLU B 512 -1.16 35.16 29.87
CA GLU B 512 -1.62 35.31 31.24
C GLU B 512 -0.84 34.42 32.18
N PHE B 513 -0.14 33.42 31.66
CA PHE B 513 0.43 32.40 32.52
C PHE B 513 1.89 32.64 32.85
N VAL B 514 2.73 32.85 31.84
CA VAL B 514 4.15 32.71 32.12
C VAL B 514 4.62 33.98 32.76
N THR B 515 4.35 34.12 34.04
CA THR B 515 4.63 35.36 34.72
C THR B 515 6.09 35.39 35.10
N TRP B 516 6.48 36.39 35.89
CA TRP B 516 7.89 36.56 36.19
C TRP B 516 8.37 35.50 37.16
N ASP B 517 7.73 35.41 38.33
CA ASP B 517 8.19 34.47 39.34
C ASP B 517 8.17 33.04 38.81
N THR B 518 7.05 32.64 38.23
CA THR B 518 6.97 31.32 37.61
C THR B 518 8.12 31.14 36.64
N LEU B 519 8.43 32.16 35.88
CA LEU B 519 9.57 32.06 34.97
C LEU B 519 10.84 31.81 35.75
N LEU B 520 11.08 32.60 36.79
CA LEU B 520 12.24 32.39 37.63
C LEU B 520 12.27 30.97 38.14
N TYR B 521 11.12 30.44 38.49
CA TYR B 521 11.02 29.05 38.90
C TYR B 521 11.57 28.14 37.83
N LEU B 522 10.91 28.12 36.67
CA LEU B 522 11.28 27.21 35.61
C LEU B 522 12.76 27.27 35.28
N TYR B 523 13.41 28.37 35.60
CA TYR B 523 14.84 28.44 35.37
C TYR B 523 15.63 27.93 36.56
N GLU B 524 14.96 27.39 37.56
CA GLU B 524 15.69 26.78 38.64
C GLU B 524 15.77 25.28 38.51
N ASN B 525 14.89 24.67 37.74
CA ASN B 525 14.85 23.22 37.70
C ASN B 525 15.03 22.69 36.30
N LEU B 526 15.94 23.28 35.55
CA LEU B 526 16.27 22.67 34.28
C LEU B 526 16.87 21.30 34.53
N ASP B 527 16.82 20.45 33.52
CA ASP B 527 17.38 19.13 33.71
C ASP B 527 18.86 19.25 34.01
N PRO B 528 19.35 18.66 35.10
CA PRO B 528 20.70 18.97 35.55
C PRO B 528 21.77 18.59 34.56
N SER B 529 21.49 17.66 33.66
CA SER B 529 22.52 17.21 32.75
C SER B 529 22.86 18.24 31.69
N CYS B 530 21.96 19.17 31.40
CA CYS B 530 22.15 20.02 30.24
C CYS B 530 23.32 20.96 30.41
N LEU B 531 24.07 21.15 29.32
CA LEU B 531 25.27 21.97 29.36
C LEU B 531 24.96 23.36 29.89
N PHE B 532 23.85 23.92 29.42
CA PHE B 532 23.39 25.20 29.93
C PHE B 532 23.43 25.24 31.45
N HIS B 533 22.95 24.17 32.08
CA HIS B 533 22.83 24.17 33.53
C HIS B 533 24.20 24.28 34.18
N SER B 534 25.17 23.54 33.67
CA SER B 534 26.53 23.64 34.19
C SER B 534 27.02 25.06 34.09
N LYS B 535 26.96 25.64 32.89
CA LYS B 535 27.42 27.00 32.71
C LYS B 535 26.76 27.93 33.71
N LEU B 536 25.47 27.74 33.94
CA LEU B 536 24.75 28.61 34.84
C LEU B 536 25.33 28.54 36.23
N GLN B 537 25.55 27.33 36.72
CA GLN B 537 26.14 27.20 38.05
C GLN B 537 27.44 27.97 38.13
N LYS B 538 28.30 27.80 37.13
CA LYS B 538 29.57 28.50 37.14
C LYS B 538 29.35 30.00 37.29
N VAL B 539 28.65 30.60 36.31
CA VAL B 539 28.47 32.04 36.33
C VAL B 539 27.76 32.49 37.59
N LEU B 540 27.03 31.60 38.24
CA LEU B 540 26.40 31.97 39.49
C LEU B 540 27.45 32.22 40.55
N VAL B 541 28.34 31.25 40.75
CA VAL B 541 29.32 31.42 41.81
C VAL B 541 30.41 32.38 41.37
N GLU B 542 30.57 32.58 40.06
CA GLU B 542 31.48 33.59 39.58
C GLU B 542 31.02 34.99 39.93
N ASP B 543 29.76 35.16 40.30
CA ASP B 543 29.28 36.49 40.66
C ASP B 543 30.03 36.99 41.89
N PRO B 544 30.47 38.24 41.89
CA PRO B 544 31.16 38.77 43.07
C PRO B 544 30.19 39.21 44.15
N GLU B 545 29.07 39.80 43.74
CA GLU B 545 28.21 40.46 44.72
C GLU B 545 27.43 39.47 45.57
N ARG B 546 27.18 38.26 45.07
CA ARG B 546 26.34 37.33 45.81
C ARG B 546 27.08 36.72 47.00
N PRO B 547 28.26 36.08 46.83
CA PRO B 547 29.02 35.68 48.02
C PRO B 547 29.44 36.87 48.86
N ALA B 548 29.35 38.09 48.32
CA ALA B 548 29.42 39.28 49.16
C ALA B 548 28.15 39.44 49.98
N CYS B 549 27.00 39.13 49.40
CA CYS B 549 25.74 39.20 50.13
C CYS B 549 25.64 38.05 51.13
N ALA B 550 25.67 36.82 50.63
CA ALA B 550 25.68 35.64 51.48
C ALA B 550 26.36 34.49 50.76
N PRO B 551 27.59 34.12 51.14
CA PRO B 551 28.26 32.99 50.49
C PRO B 551 27.58 31.65 50.74
N ALA B 552 26.54 31.61 51.57
CA ALA B 552 25.83 30.38 51.86
C ALA B 552 24.58 30.18 51.01
N ALA B 553 23.98 31.25 50.51
CA ALA B 553 22.74 31.19 49.73
C ALA B 553 22.92 31.97 48.44
N PRO B 554 23.56 31.38 47.45
CA PRO B 554 23.67 32.06 46.15
C PRO B 554 22.32 32.11 45.48
N ARG B 555 21.70 33.29 45.52
CA ARG B 555 20.36 33.46 45.01
C ARG B 555 20.42 33.45 43.49
N LEU B 556 19.86 32.42 42.88
CA LEU B 556 19.84 32.40 41.42
C LEU B 556 19.06 33.60 40.94
N GLN B 557 19.75 34.58 40.39
CA GLN B 557 19.12 35.83 40.01
C GLN B 557 18.96 35.88 38.50
N MET B 558 17.79 36.34 38.07
CA MET B 558 17.40 36.22 36.67
C MET B 558 18.46 36.75 35.72
N HIS B 559 19.04 37.90 36.04
CA HIS B 559 19.94 38.50 35.09
C HIS B 559 21.18 37.67 34.84
N HIS B 560 21.52 36.75 35.75
CA HIS B 560 22.56 35.80 35.41
C HIS B 560 22.22 35.09 34.11
N VAL B 561 21.03 34.52 34.06
CA VAL B 561 20.53 33.92 32.84
C VAL B 561 20.72 34.88 31.68
N ALA B 562 20.39 36.15 31.89
CA ALA B 562 20.64 37.10 30.83
C ALA B 562 22.10 37.09 30.42
N GLN B 563 22.99 37.01 31.40
CA GLN B 563 24.41 37.14 31.08
C GLN B 563 24.88 35.99 30.23
N VAL B 564 24.64 34.76 30.69
CA VAL B 564 25.05 33.61 29.89
C VAL B 564 24.40 33.67 28.51
N LEU B 565 23.18 34.17 28.44
CA LEU B 565 22.55 34.28 27.14
C LEU B 565 23.31 35.23 26.24
N ARG B 566 23.64 36.41 26.74
CA ARG B 566 24.38 37.37 25.92
C ARG B 566 25.65 36.74 25.39
N GLU B 567 26.33 35.97 26.23
CA GLU B 567 27.53 35.30 25.75
C GLU B 567 27.20 34.35 24.62
N LEU B 568 26.14 33.56 24.78
CA LEU B 568 25.79 32.60 23.74
C LEU B 568 25.34 33.29 22.47
N LEU B 569 24.56 34.35 22.61
CA LEU B 569 23.91 34.93 21.46
C LEU B 569 24.88 35.76 20.63
N GLY B 570 25.70 36.54 21.28
CA GLY B 570 26.67 37.38 20.59
C GLY B 570 26.96 38.62 21.40
N ASP B 571 28.08 39.25 21.08
CA ASP B 571 28.45 40.46 21.79
C ASP B 571 27.70 41.68 21.30
N PHE B 572 27.00 41.59 20.17
CA PHE B 572 26.39 42.76 19.57
C PHE B 572 24.98 43.04 20.06
N THR B 573 24.34 42.09 20.71
CA THR B 573 23.00 42.32 21.22
C THR B 573 23.07 43.01 22.58
N GLN B 574 21.95 43.02 23.29
CA GLN B 574 21.86 43.59 24.61
C GLN B 574 21.50 42.51 25.61
N PRO B 575 21.67 42.76 26.90
CA PRO B 575 21.23 41.77 27.90
C PRO B 575 19.72 41.67 27.87
N LEU B 576 19.20 40.48 27.62
CA LEU B 576 17.77 40.37 27.43
C LEU B 576 17.00 40.70 28.69
N TYR B 577 17.62 40.53 29.84
CA TYR B 577 16.88 40.88 31.03
C TYR B 577 17.63 41.92 31.83
N PRO B 578 16.92 42.83 32.46
CA PRO B 578 17.60 43.96 33.10
C PRO B 578 18.24 43.55 34.41
N ARG B 579 19.15 44.33 34.81
CA ARG B 579 19.80 44.20 36.11
C ARG B 579 19.12 45.11 37.11
N PRO B 580 18.73 44.62 38.26
CA PRO B 580 18.14 45.49 39.28
C PRO B 580 19.20 46.35 39.96
N ARG B 581 18.80 47.12 40.96
CA ARG B 581 19.73 47.93 41.72
C ARG B 581 19.19 48.20 43.13
N HIS B 614 1.90 41.72 43.89
CA HIS B 614 1.37 42.00 42.57
C HIS B 614 2.29 41.45 41.49
N VAL B 615 1.71 40.80 40.49
CA VAL B 615 2.49 40.14 39.46
C VAL B 615 2.96 41.15 38.43
N THR B 616 3.89 40.72 37.59
CA THR B 616 4.38 41.56 36.50
C THR B 616 4.96 40.67 35.41
N PHE B 617 4.26 40.56 34.30
CA PHE B 617 4.91 39.94 33.16
C PHE B 617 6.03 40.84 32.67
N THR B 618 6.75 40.35 31.68
CA THR B 618 7.63 41.18 30.89
C THR B 618 7.13 41.25 29.46
N MET B 619 7.73 42.15 28.70
CA MET B 619 7.40 42.23 27.29
C MET B 619 7.60 40.88 26.62
N ASP B 620 6.56 40.40 25.96
CA ASP B 620 6.56 39.11 25.27
C ASP B 620 7.05 38.02 26.19
N PRO B 621 6.24 37.57 27.13
CA PRO B 621 6.66 36.42 27.92
C PRO B 621 6.96 35.23 27.06
N ILE B 622 6.21 35.06 25.97
CA ILE B 622 6.31 33.84 25.19
C ILE B 622 7.74 33.58 24.75
N ARG B 623 8.49 34.64 24.41
CA ARG B 623 9.87 34.40 24.03
C ARG B 623 10.65 33.78 25.18
N ASP B 624 10.38 34.23 26.41
CA ASP B 624 11.11 33.70 27.54
C ASP B 624 10.87 32.22 27.66
N LEU B 625 9.60 31.83 27.62
CA LEU B 625 9.29 30.42 27.54
C LEU B 625 10.07 29.77 26.43
N LEU B 626 10.14 30.44 25.28
CA LEU B 626 10.74 29.79 24.13
C LEU B 626 12.20 29.46 24.38
N ILE B 627 12.93 30.37 25.02
CA ILE B 627 14.33 30.10 25.29
C ILE B 627 14.47 28.93 26.25
N TRP B 628 13.84 29.04 27.42
CA TRP B 628 13.99 27.98 28.42
C TRP B 628 13.59 26.64 27.87
N ALA B 629 12.77 26.62 26.84
CA ALA B 629 12.52 25.33 26.24
C ALA B 629 13.64 24.94 25.29
N ILE B 630 14.27 25.91 24.64
CA ILE B 630 15.24 25.56 23.62
C ILE B 630 16.50 25.01 24.26
N VAL B 631 17.09 25.76 25.18
CA VAL B 631 18.40 25.41 25.70
C VAL B 631 18.43 24.00 26.23
N GLN B 632 17.31 23.46 26.65
CA GLN B 632 17.26 22.11 27.16
C GLN B 632 16.96 21.09 26.08
N ASN B 633 17.05 21.49 24.82
CA ASN B 633 16.83 20.59 23.69
C ASN B 633 15.53 19.81 23.86
N ARG B 634 14.44 20.54 24.00
CA ARG B 634 13.13 19.94 24.04
C ARG B 634 12.46 20.25 22.72
N ARG B 635 12.54 19.31 21.79
CA ARG B 635 12.05 19.53 20.44
C ARG B 635 10.56 19.85 20.45
N GLU B 636 9.75 18.87 20.83
CA GLU B 636 8.30 19.00 20.69
C GLU B 636 7.77 20.22 21.42
N LEU B 637 8.22 20.45 22.65
CA LEU B 637 7.79 21.64 23.36
C LEU B 637 8.07 22.90 22.56
N ALA B 638 9.30 23.04 22.08
CA ALA B 638 9.65 24.23 21.31
C ALA B 638 8.68 24.43 20.17
N GLY B 639 8.62 23.45 19.28
CA GLY B 639 7.75 23.53 18.13
C GLY B 639 6.36 24.01 18.48
N ILE B 640 5.85 23.55 19.60
CA ILE B 640 4.53 23.99 20.02
C ILE B 640 4.54 25.48 20.28
N ILE B 641 5.46 25.94 21.12
CA ILE B 641 5.37 27.32 21.58
C ILE B 641 5.61 28.29 20.44
N TRP B 642 6.59 27.98 19.58
CA TRP B 642 6.96 28.96 18.57
C TRP B 642 5.78 29.32 17.71
N ALA B 643 4.90 28.37 17.44
CA ALA B 643 3.72 28.65 16.64
C ALA B 643 2.93 29.80 17.20
N GLN B 644 3.12 30.12 18.48
CA GLN B 644 2.42 31.23 19.09
C GLN B 644 3.35 32.36 19.44
N SER B 645 4.48 32.47 18.76
CA SER B 645 5.37 33.56 19.07
C SER B 645 4.87 34.83 18.41
N GLN B 646 5.52 35.94 18.75
CA GLN B 646 5.02 37.26 18.38
C GLN B 646 5.58 37.74 17.06
N ASP B 647 6.89 37.71 16.89
CA ASP B 647 7.53 38.13 15.65
C ASP B 647 8.40 36.98 15.15
N CYS B 648 7.79 36.06 14.43
CA CYS B 648 8.37 34.72 14.35
C CYS B 648 9.75 34.74 13.71
N ILE B 649 9.97 35.61 12.74
CA ILE B 649 11.21 35.54 11.96
C ILE B 649 12.42 35.68 12.86
N ALA B 650 12.49 36.80 13.59
CA ALA B 650 13.60 36.99 14.50
C ALA B 650 13.72 35.83 15.45
N ALA B 651 12.59 35.34 15.96
CA ALA B 651 12.62 34.26 16.92
C ALA B 651 13.32 33.06 16.34
N ALA B 652 12.83 32.57 15.21
CA ALA B 652 13.44 31.42 14.60
C ALA B 652 14.94 31.62 14.43
N LEU B 653 15.33 32.80 14.00
CA LEU B 653 16.74 33.03 13.75
C LEU B 653 17.54 32.95 15.02
N ALA B 654 17.11 33.66 16.05
CA ALA B 654 17.83 33.63 17.30
C ALA B 654 17.98 32.20 17.79
N CYS B 655 16.94 31.40 17.64
CA CYS B 655 17.03 30.01 18.06
C CYS B 655 18.10 29.28 17.25
N SER B 656 18.09 29.45 15.94
CA SER B 656 19.14 28.87 15.12
C SER B 656 20.50 29.25 15.65
N LYS B 657 20.67 30.53 15.96
CA LYS B 657 21.98 31.00 16.39
C LYS B 657 22.40 30.31 17.67
N ILE B 658 21.54 30.35 18.69
CA ILE B 658 21.89 29.71 19.95
C ILE B 658 22.27 28.27 19.71
N LEU B 659 21.40 27.53 19.05
CA LEU B 659 21.63 26.11 18.91
C LEU B 659 22.95 25.84 18.23
N LYS B 660 23.22 26.53 17.13
CA LYS B 660 24.49 26.30 16.48
C LYS B 660 25.63 26.61 17.41
N GLU B 661 25.47 27.62 18.27
CA GLU B 661 26.52 27.90 19.23
C GLU B 661 26.68 26.75 20.20
N LEU B 662 25.58 26.34 20.82
CA LEU B 662 25.65 25.39 21.90
C LEU B 662 26.09 24.04 21.40
N SER B 663 25.85 23.76 20.13
CA SER B 663 26.21 22.49 19.58
C SER B 663 27.69 22.37 19.30
N LYS B 664 28.50 23.30 19.78
CA LYS B 664 29.92 23.15 19.59
C LYS B 664 30.61 22.55 20.79
N GLU B 665 30.20 22.93 21.98
CA GLU B 665 30.96 22.61 23.18
C GLU B 665 30.22 21.63 24.05
N GLU B 666 29.54 20.67 23.44
CA GLU B 666 28.70 19.80 24.22
C GLU B 666 29.39 18.52 24.69
N GLU B 667 30.52 18.17 24.08
CA GLU B 667 31.32 17.03 24.51
C GLU B 667 30.55 15.73 24.54
N ASP B 668 29.42 15.66 23.84
CA ASP B 668 28.71 14.41 23.65
C ASP B 668 28.23 14.32 22.23
N THR B 669 28.32 13.13 21.65
CA THR B 669 28.04 13.04 20.23
C THR B 669 26.55 13.13 19.95
N ASP B 670 25.78 12.16 20.43
CA ASP B 670 24.39 12.03 20.00
C ASP B 670 23.62 13.31 20.24
N SER B 671 23.79 13.90 21.41
CA SER B 671 23.10 15.15 21.70
C SER B 671 23.54 16.27 20.79
N SER B 672 24.84 16.40 20.51
CA SER B 672 25.28 17.47 19.63
C SER B 672 24.63 17.35 18.26
N GLU B 673 24.65 16.14 17.71
CA GLU B 673 24.02 15.95 16.41
C GLU B 673 22.56 16.33 16.45
N GLU B 674 21.82 15.83 17.44
CA GLU B 674 20.42 16.17 17.55
C GLU B 674 20.24 17.68 17.59
N MET B 675 21.06 18.35 18.38
CA MET B 675 20.98 19.80 18.45
C MET B 675 21.14 20.41 17.08
N LEU B 676 22.27 20.17 16.44
CA LEU B 676 22.55 20.80 15.17
C LEU B 676 21.39 20.64 14.21
N ALA B 677 20.84 19.43 14.14
CA ALA B 677 19.73 19.21 13.23
C ALA B 677 18.56 20.10 13.59
N LEU B 678 18.23 20.20 14.87
CA LEU B 678 17.17 21.10 15.26
C LEU B 678 17.44 22.50 14.75
N ALA B 679 18.67 22.96 14.90
CA ALA B 679 18.99 24.32 14.51
C ALA B 679 18.62 24.57 13.07
N GLU B 680 19.15 23.76 12.18
CA GLU B 680 18.86 24.02 10.78
C GLU B 680 17.38 23.86 10.50
N GLU B 681 16.69 23.04 11.29
CA GLU B 681 15.25 22.92 11.11
C GLU B 681 14.59 24.27 11.32
N TYR B 682 15.06 25.03 12.29
CA TYR B 682 14.44 26.32 12.48
C TYR B 682 14.72 27.28 11.33
N GLU B 683 15.93 27.28 10.80
CA GLU B 683 16.12 28.22 9.71
C GLU B 683 15.20 27.88 8.56
N HIS B 684 14.86 26.60 8.41
CA HIS B 684 13.83 26.28 7.43
C HIS B 684 12.51 26.94 7.77
N ARG B 685 12.18 26.98 9.05
CA ARG B 685 10.96 27.69 9.42
C ARG B 685 11.06 29.15 9.02
N ALA B 686 12.18 29.79 9.34
CA ALA B 686 12.30 31.21 9.04
C ALA B 686 12.10 31.47 7.57
N ILE B 687 12.87 30.79 6.73
CA ILE B 687 12.64 30.86 5.29
C ILE B 687 11.17 30.66 5.00
N GLY B 688 10.57 29.65 5.61
CA GLY B 688 9.21 29.32 5.27
C GLY B 688 8.27 30.49 5.47
N VAL B 689 8.42 31.20 6.58
CA VAL B 689 7.56 32.34 6.80
C VAL B 689 7.88 33.43 5.80
N PHE B 690 9.16 33.73 5.65
CA PHE B 690 9.52 34.91 4.89
C PHE B 690 9.15 34.76 3.43
N THR B 691 9.45 33.61 2.84
CA THR B 691 9.11 33.44 1.44
C THR B 691 7.64 33.72 1.22
N GLU B 692 6.79 33.34 2.16
CA GLU B 692 5.39 33.67 2.06
C GLU B 692 5.20 35.17 2.10
N CYS B 693 5.59 35.77 3.22
CA CYS B 693 5.33 37.18 3.45
C CYS B 693 5.89 38.03 2.31
N TYR B 694 6.88 37.54 1.62
CA TYR B 694 7.38 38.27 0.46
C TYR B 694 6.51 38.00 -0.74
N ARG B 695 6.09 36.76 -0.93
CA ARG B 695 5.27 36.44 -2.08
C ARG B 695 4.03 37.31 -2.13
N LYS B 696 3.53 37.74 -0.98
CA LYS B 696 2.41 38.67 -1.01
C LYS B 696 2.87 40.05 -1.42
N ASP B 697 3.70 40.67 -0.60
CA ASP B 697 4.17 42.01 -0.85
C ASP B 697 5.68 42.03 -0.88
N GLU B 698 6.22 42.94 -1.68
CA GLU B 698 7.67 43.11 -1.76
C GLU B 698 8.14 44.23 -0.84
N GLU B 699 7.66 45.44 -1.06
CA GLU B 699 8.19 46.59 -0.34
C GLU B 699 8.11 46.39 1.16
N ARG B 700 6.97 45.94 1.66
CA ARG B 700 6.89 45.70 3.09
C ARG B 700 7.81 44.57 3.51
N ALA B 701 7.89 43.52 2.70
CA ALA B 701 8.82 42.44 3.03
C ALA B 701 10.22 42.97 3.23
N GLN B 702 10.66 43.88 2.37
CA GLN B 702 11.94 44.54 2.59
C GLN B 702 11.95 45.26 3.92
N LYS B 703 10.94 46.08 4.18
CA LYS B 703 10.90 46.82 5.43
C LYS B 703 11.09 45.90 6.61
N LEU B 704 10.79 44.63 6.44
CA LEU B 704 10.86 43.71 7.54
C LEU B 704 12.30 43.31 7.85
N LEU B 705 13.11 43.12 6.82
CA LEU B 705 14.45 42.61 7.03
C LEU B 705 15.30 43.53 7.86
N THR B 706 14.84 44.71 8.19
CA THR B 706 15.78 45.65 8.75
C THR B 706 15.17 46.50 9.85
N ARG B 707 14.19 45.98 10.57
CA ARG B 707 13.70 46.76 11.68
C ARG B 707 14.58 46.51 12.90
N VAL B 708 14.25 47.14 14.02
CA VAL B 708 15.05 47.00 15.22
C VAL B 708 14.23 46.28 16.27
N SER B 709 14.33 44.96 16.32
CA SER B 709 13.53 44.18 17.25
C SER B 709 13.91 44.54 18.67
N GLU B 710 13.05 45.27 19.35
CA GLU B 710 13.33 45.61 20.74
C GLU B 710 13.39 44.37 21.62
N ALA B 711 12.75 43.29 21.22
CA ALA B 711 12.68 42.11 22.08
C ALA B 711 14.00 41.36 22.11
N TRP B 712 14.59 41.11 20.95
CA TRP B 712 15.77 40.27 20.87
C TRP B 712 17.05 41.05 21.05
N GLY B 713 17.01 42.12 21.80
CA GLY B 713 18.23 42.85 22.11
C GLY B 713 18.60 43.90 21.10
N LYS B 714 17.63 44.49 20.41
CA LYS B 714 17.85 45.66 19.58
C LYS B 714 18.72 45.33 18.38
N THR B 715 18.78 44.07 18.00
CA THR B 715 19.45 43.74 16.77
C THR B 715 18.43 43.61 15.66
N THR B 716 18.89 43.18 14.50
CA THR B 716 18.05 43.06 13.33
C THR B 716 18.11 41.64 12.79
N CYS B 717 17.11 41.29 12.00
CA CYS B 717 17.09 39.95 11.43
C CYS B 717 18.33 39.69 10.61
N LEU B 718 18.65 40.59 9.69
CA LEU B 718 19.72 40.31 8.75
C LEU B 718 21.01 39.98 9.45
N GLN B 719 21.32 40.70 10.52
CA GLN B 719 22.51 40.39 11.30
C GLN B 719 22.49 38.93 11.73
N LEU B 720 21.49 38.55 12.53
CA LEU B 720 21.43 37.20 13.04
C LEU B 720 21.63 36.20 11.93
N ALA B 721 21.04 36.46 10.77
CA ALA B 721 21.33 35.62 9.62
C ALA B 721 22.82 35.47 9.43
N LEU B 722 23.52 36.60 9.32
CA LEU B 722 24.94 36.53 8.97
C LEU B 722 25.75 35.92 10.09
N GLU B 723 25.41 36.23 11.34
CA GLU B 723 26.13 35.66 12.46
C GLU B 723 26.09 34.14 12.40
N ALA B 724 24.90 33.58 12.46
CA ALA B 724 24.78 32.15 12.56
C ALA B 724 25.04 31.44 11.25
N LYS B 725 25.43 32.16 10.20
CA LYS B 725 25.84 31.54 8.95
C LYS B 725 24.73 30.68 8.36
N ASP B 726 23.62 31.31 8.01
CA ASP B 726 22.49 30.61 7.43
C ASP B 726 22.47 30.82 5.92
N MET B 727 23.38 30.12 5.25
CA MET B 727 23.51 30.26 3.81
C MET B 727 22.15 30.14 3.14
N LYS B 728 21.38 29.14 3.52
CA LYS B 728 20.11 28.93 2.86
C LYS B 728 19.22 30.15 3.00
N PHE B 729 19.31 30.83 4.14
CA PHE B 729 18.46 32.00 4.32
C PHE B 729 18.95 33.14 3.46
N VAL B 730 20.16 33.62 3.73
CA VAL B 730 20.64 34.81 3.04
C VAL B 730 20.60 34.62 1.54
N SER B 731 20.70 33.38 1.09
CA SER B 731 20.61 33.13 -0.33
C SER B 731 19.20 32.94 -0.79
N HIS B 732 18.22 33.46 -0.06
CA HIS B 732 16.84 33.18 -0.42
C HIS B 732 16.51 33.69 -1.80
N GLY B 733 17.03 34.83 -2.16
CA GLY B 733 16.78 35.33 -3.49
C GLY B 733 15.96 36.59 -3.45
N GLY B 734 14.93 36.60 -2.63
CA GLY B 734 14.29 37.87 -2.32
C GLY B 734 15.26 38.79 -1.60
N ILE B 735 16.13 38.21 -0.80
CA ILE B 735 17.16 39.00 -0.14
C ILE B 735 18.08 39.60 -1.19
N GLN B 736 18.62 38.76 -2.06
CA GLN B 736 19.52 39.26 -3.09
C GLN B 736 18.88 40.43 -3.82
N ALA B 737 17.60 40.34 -4.11
CA ALA B 737 16.91 41.48 -4.68
C ALA B 737 17.09 42.71 -3.81
N PHE B 738 16.96 42.54 -2.49
CA PHE B 738 17.11 43.69 -1.62
C PHE B 738 18.51 44.26 -1.70
N LEU B 739 19.51 43.43 -1.45
CA LEU B 739 20.89 43.89 -1.51
C LEU B 739 21.13 44.73 -2.76
N THR B 740 20.94 44.11 -3.92
CA THR B 740 21.11 44.84 -5.16
C THR B 740 20.43 46.18 -5.09
N LYS B 741 19.19 46.20 -4.62
CA LYS B 741 18.46 47.45 -4.53
C LYS B 741 19.25 48.49 -3.75
N VAL B 742 20.14 48.05 -2.87
CA VAL B 742 21.03 49.03 -2.26
C VAL B 742 22.24 49.26 -3.13
N TRP B 743 22.72 48.22 -3.79
CA TRP B 743 23.92 48.35 -4.61
C TRP B 743 23.80 49.56 -5.51
N TRP B 744 22.71 49.66 -6.23
CA TRP B 744 22.47 50.80 -7.06
C TRP B 744 22.14 52.03 -6.29
N GLY B 745 22.22 51.97 -4.97
CA GLY B 745 21.95 53.14 -4.17
C GLY B 745 20.64 53.80 -4.52
N GLN B 746 20.72 55.01 -5.07
CA GLN B 746 19.53 55.80 -5.30
C GLN B 746 18.88 55.46 -6.62
N LEU B 747 19.65 55.42 -7.69
CA LEU B 747 19.09 55.41 -9.03
C LEU B 747 18.62 54.00 -9.43
N SER B 748 18.08 53.92 -10.64
CA SER B 748 17.44 52.72 -11.12
C SER B 748 18.41 51.55 -11.13
N VAL B 749 17.85 50.34 -11.24
CA VAL B 749 18.60 49.12 -11.05
C VAL B 749 18.61 48.25 -12.29
N ASP B 750 18.10 48.77 -13.40
CA ASP B 750 17.96 48.02 -14.63
C ASP B 750 18.64 48.70 -15.80
N ASN B 751 19.42 49.74 -15.54
CA ASN B 751 20.01 50.58 -16.58
C ASN B 751 21.26 49.97 -17.17
N GLY B 752 21.47 48.67 -17.03
CA GLY B 752 22.69 48.11 -17.54
C GLY B 752 23.86 48.66 -16.75
N LEU B 753 25.05 48.51 -17.32
CA LEU B 753 26.24 49.05 -16.70
C LEU B 753 27.11 49.89 -17.60
N TRP B 754 27.05 49.68 -18.91
CA TRP B 754 27.81 50.56 -19.79
C TRP B 754 27.39 52.00 -19.57
N ARG B 755 26.09 52.22 -19.37
CA ARG B 755 25.60 53.57 -19.19
C ARG B 755 26.28 54.24 -18.00
N VAL B 756 26.61 53.46 -16.98
CA VAL B 756 27.34 54.01 -15.84
C VAL B 756 28.67 54.56 -16.30
N THR B 757 29.45 53.74 -17.01
CA THR B 757 30.78 54.16 -17.46
C THR B 757 30.69 55.42 -18.31
N LEU B 758 29.91 55.37 -19.38
CA LEU B 758 29.84 56.50 -20.29
C LEU B 758 29.41 57.76 -19.55
N CYS B 759 28.21 57.74 -18.96
CA CYS B 759 27.73 58.90 -18.25
C CYS B 759 28.69 59.35 -17.17
N MET B 760 29.54 58.46 -16.66
CA MET B 760 30.55 58.88 -15.71
C MET B 760 31.57 59.79 -16.39
N LEU B 761 31.95 59.46 -17.62
CA LEU B 761 32.92 60.28 -18.32
C LEU B 761 32.40 61.70 -18.49
N ALA B 762 31.32 61.87 -19.25
CA ALA B 762 30.81 63.18 -19.61
C ALA B 762 29.73 63.60 -18.63
N PHE B 763 29.89 64.78 -18.04
CA PHE B 763 28.85 65.32 -17.15
C PHE B 763 27.51 65.50 -17.85
N PRO B 764 27.40 66.17 -19.00
CA PRO B 764 26.07 66.45 -19.55
C PRO B 764 25.28 65.21 -19.88
N LEU B 765 25.93 64.07 -20.05
CA LEU B 765 25.19 62.82 -20.19
C LEU B 765 24.25 62.62 -19.02
N LEU B 766 24.68 63.05 -17.82
CA LEU B 766 23.77 63.07 -16.68
C LEU B 766 22.64 64.06 -16.91
N LEU B 767 22.98 65.27 -17.32
CA LEU B 767 21.96 66.22 -17.71
C LEU B 767 21.18 65.76 -18.93
N THR B 768 21.66 64.74 -19.63
CA THR B 768 20.96 64.19 -20.78
C THR B 768 20.00 63.09 -20.34
N GLY B 769 19.30 62.51 -21.31
CA GLY B 769 18.36 61.44 -21.03
C GLY B 769 18.90 60.07 -21.36
N LEU B 770 20.16 59.83 -21.04
CA LEU B 770 20.78 58.54 -21.29
C LEU B 770 20.72 57.60 -20.11
N ILE B 771 20.53 58.11 -18.90
CA ILE B 771 20.55 57.32 -17.69
C ILE B 771 19.14 57.26 -17.14
N SER B 772 18.90 56.36 -16.21
CA SER B 772 17.58 56.19 -15.63
C SER B 772 17.60 56.50 -14.14
N PHE B 773 16.40 56.64 -13.59
CA PHE B 773 16.22 56.83 -12.16
C PHE B 773 14.95 56.14 -11.74
N ARG B 774 14.92 55.63 -10.52
CA ARG B 774 13.66 55.23 -9.91
C ARG B 774 13.09 56.42 -9.16
N GLU B 775 11.79 56.31 -8.86
CA GLU B 775 11.06 57.41 -8.22
C GLU B 775 11.13 58.67 -9.08
N LYS B 776 10.47 58.59 -10.24
CA LYS B 776 10.59 59.57 -11.30
C LYS B 776 10.31 61.00 -10.85
N ARG B 777 9.80 61.17 -9.62
CA ARG B 777 9.68 62.50 -9.05
C ARG B 777 10.99 63.26 -9.06
N LEU B 778 12.13 62.54 -9.06
CA LEU B 778 13.41 63.15 -9.32
C LEU B 778 13.93 62.88 -10.73
N GLN B 779 13.43 61.84 -11.39
CA GLN B 779 13.82 61.60 -12.77
C GLN B 779 13.15 62.59 -13.70
N ASP B 780 11.81 62.58 -13.69
CA ASP B 780 11.07 63.51 -14.54
C ASP B 780 11.36 64.96 -14.14
N VAL B 781 11.05 65.31 -12.90
CA VAL B 781 11.42 66.62 -12.37
C VAL B 781 12.93 66.61 -12.15
N GLY B 782 13.66 67.30 -13.00
CA GLY B 782 15.11 67.24 -12.96
C GLY B 782 15.80 68.44 -12.36
N THR B 783 16.35 68.26 -11.17
CA THR B 783 17.24 69.26 -10.61
C THR B 783 18.66 68.72 -10.78
N PRO B 784 19.28 68.99 -11.93
CA PRO B 784 20.50 68.25 -12.28
C PRO B 784 21.60 68.34 -11.24
N ALA B 785 21.65 69.42 -10.46
CA ALA B 785 22.69 69.54 -9.45
C ALA B 785 22.59 68.41 -8.43
N ALA B 786 21.50 68.38 -7.67
CA ALA B 786 21.33 67.29 -6.71
C ALA B 786 21.18 65.96 -7.42
N ARG B 787 20.75 65.96 -8.68
CA ARG B 787 20.69 64.72 -9.44
C ARG B 787 22.07 64.10 -9.54
N ALA B 788 23.05 64.85 -10.03
CA ALA B 788 24.41 64.34 -10.09
C ALA B 788 24.93 64.02 -8.71
N ARG B 789 24.55 64.80 -7.70
CA ARG B 789 24.96 64.48 -6.34
C ARG B 789 24.45 63.11 -5.95
N ALA B 790 23.14 62.90 -6.04
CA ALA B 790 22.56 61.60 -5.76
C ALA B 790 23.28 60.52 -6.55
N PHE B 791 23.59 60.80 -7.81
CA PHE B 791 24.34 59.85 -8.62
C PHE B 791 25.64 59.48 -7.93
N PHE B 792 26.36 60.47 -7.42
CA PHE B 792 27.64 60.19 -6.80
C PHE B 792 27.47 59.35 -5.55
N THR B 793 26.33 59.44 -4.89
CA THR B 793 26.12 58.62 -3.70
C THR B 793 26.03 57.14 -4.04
N ALA B 794 25.70 56.79 -5.26
CA ALA B 794 25.49 55.40 -5.62
C ALA B 794 26.78 54.62 -5.46
N PRO B 795 26.88 53.71 -4.49
CA PRO B 795 28.16 53.05 -4.25
C PRO B 795 28.68 52.35 -5.48
N VAL B 796 27.81 51.92 -6.37
CA VAL B 796 28.28 51.35 -7.63
C VAL B 796 29.30 52.28 -8.26
N VAL B 797 28.94 53.55 -8.40
CA VAL B 797 29.88 54.51 -8.93
C VAL B 797 31.12 54.54 -8.06
N VAL B 798 30.94 54.87 -6.78
CA VAL B 798 32.09 55.02 -5.89
C VAL B 798 33.03 53.85 -6.05
N PHE B 799 32.47 52.69 -6.32
CA PHE B 799 33.30 51.56 -6.70
C PHE B 799 34.07 51.86 -7.97
N HIS B 800 33.38 52.31 -9.02
CA HIS B 800 34.08 52.52 -10.28
C HIS B 800 35.14 53.61 -10.17
N LEU B 801 34.89 54.65 -9.38
CA LEU B 801 35.95 55.61 -9.14
C LEU B 801 37.16 54.91 -8.57
N ASN B 802 36.96 54.12 -7.52
CA ASN B 802 38.09 53.43 -6.95
C ASN B 802 38.78 52.59 -7.98
N ILE B 803 38.02 51.97 -8.87
CA ILE B 803 38.66 51.06 -9.80
C ILE B 803 39.54 51.85 -10.77
N LEU B 804 39.08 53.03 -11.18
CA LEU B 804 39.90 53.84 -12.08
C LEU B 804 41.12 54.36 -11.36
N SER B 805 40.90 55.15 -10.31
CA SER B 805 42.04 55.68 -9.55
C SER B 805 43.09 54.63 -9.32
N TYR B 806 42.67 53.43 -8.96
CA TYR B 806 43.63 52.36 -8.81
C TYR B 806 44.35 52.12 -10.11
N PHE B 807 43.59 52.01 -11.20
CA PHE B 807 44.21 51.77 -12.49
C PHE B 807 45.29 52.81 -12.77
N ALA B 808 44.93 54.08 -12.64
CA ALA B 808 45.86 55.15 -12.96
C ALA B 808 47.07 55.10 -12.05
N PHE B 809 46.85 55.01 -10.74
CA PHE B 809 47.97 54.95 -9.83
C PHE B 809 48.96 53.90 -10.27
N LEU B 810 48.46 52.72 -10.61
CA LEU B 810 49.36 51.64 -10.97
C LEU B 810 50.21 52.01 -12.17
N CYS B 811 49.58 52.33 -13.31
CA CYS B 811 50.36 52.54 -14.52
C CYS B 811 51.29 53.74 -14.38
N LEU B 812 50.81 54.80 -13.74
CA LEU B 812 51.66 55.95 -13.49
C LEU B 812 52.89 55.53 -12.71
N PHE B 813 52.70 54.78 -11.63
CA PHE B 813 53.83 54.27 -10.89
C PHE B 813 54.79 53.53 -11.81
N ALA B 814 54.26 52.79 -12.76
CA ALA B 814 55.12 52.11 -13.72
C ALA B 814 55.94 53.12 -14.52
N TYR B 815 55.28 54.17 -15.02
CA TYR B 815 56.00 55.18 -15.77
C TYR B 815 57.15 55.74 -14.96
N VAL B 816 56.85 56.26 -13.78
CA VAL B 816 57.87 56.99 -13.03
C VAL B 816 59.03 56.08 -12.69
N LEU B 817 58.77 54.81 -12.39
CA LEU B 817 59.90 53.93 -12.16
C LEU B 817 60.68 53.72 -13.45
N MET B 818 59.98 53.65 -14.58
CA MET B 818 60.64 53.37 -15.84
C MET B 818 61.62 54.48 -16.21
N VAL B 819 61.10 55.67 -16.47
CA VAL B 819 61.90 56.76 -17.03
C VAL B 819 62.29 57.77 -15.96
N ASP B 820 61.34 58.23 -15.15
CA ASP B 820 61.62 59.24 -14.15
C ASP B 820 62.46 58.71 -13.01
N PHE B 821 62.96 57.49 -13.11
CA PHE B 821 63.81 56.95 -12.06
C PHE B 821 64.99 57.88 -11.83
N GLN B 822 65.04 58.46 -10.65
CA GLN B 822 66.02 59.45 -10.30
C GLN B 822 66.49 59.17 -8.88
N PRO B 823 67.79 59.20 -8.61
CA PRO B 823 68.26 58.86 -7.25
C PRO B 823 67.69 59.75 -6.16
N VAL B 824 67.58 61.05 -6.41
CA VAL B 824 66.89 61.94 -5.48
C VAL B 824 65.40 61.70 -5.66
N PRO B 825 64.55 62.03 -4.70
CA PRO B 825 63.12 61.74 -4.86
C PRO B 825 62.47 62.63 -5.92
N SER B 826 62.17 62.04 -7.08
CA SER B 826 61.52 62.79 -8.14
C SER B 826 60.18 63.32 -7.66
N TRP B 827 59.69 64.35 -8.35
CA TRP B 827 58.37 64.89 -8.02
C TRP B 827 57.32 63.79 -8.03
N CYS B 828 57.36 62.91 -9.03
CA CYS B 828 56.35 61.88 -9.14
C CYS B 828 56.59 60.74 -8.14
N GLU B 829 57.84 60.40 -7.87
CA GLU B 829 58.11 59.33 -6.90
C GLU B 829 57.54 59.67 -5.54
N CYS B 830 57.84 60.87 -5.04
CA CYS B 830 57.26 61.31 -3.78
C CYS B 830 55.73 61.39 -3.89
N ALA B 831 55.22 61.75 -5.07
CA ALA B 831 53.77 61.80 -5.24
C ALA B 831 53.14 60.44 -4.94
N ILE B 832 53.62 59.40 -5.62
CA ILE B 832 52.96 58.12 -5.41
C ILE B 832 53.25 57.61 -4.02
N TYR B 833 54.37 58.04 -3.43
CA TYR B 833 54.60 57.69 -2.03
C TYR B 833 53.44 58.18 -1.18
N LEU B 834 53.07 59.45 -1.35
CA LEU B 834 51.90 59.96 -0.68
C LEU B 834 50.65 59.20 -1.10
N TRP B 835 50.61 58.74 -2.34
CA TRP B 835 49.43 58.02 -2.80
C TRP B 835 49.29 56.69 -2.07
N LEU B 836 50.34 55.88 -2.10
CA LEU B 836 50.32 54.61 -1.41
C LEU B 836 49.91 54.80 0.04
N PHE B 837 50.44 55.83 0.70
CA PHE B 837 50.02 56.07 2.06
C PHE B 837 48.51 56.33 2.12
N SER B 838 48.01 57.16 1.21
CA SER B 838 46.58 57.47 1.21
C SER B 838 45.76 56.19 1.10
N LEU B 839 46.16 55.31 0.20
CA LEU B 839 45.43 54.07 0.00
C LEU B 839 45.43 53.24 1.27
N VAL B 840 46.62 52.97 1.82
CA VAL B 840 46.67 52.15 3.02
C VAL B 840 45.99 52.85 4.19
N CYS B 841 45.88 54.18 4.15
CA CYS B 841 45.21 54.88 5.23
C CYS B 841 43.74 54.52 5.28
N GLU B 842 43.05 54.64 4.15
CA GLU B 842 41.65 54.21 4.10
C GLU B 842 41.52 52.75 4.47
N GLU B 843 42.46 51.93 4.00
CA GLU B 843 42.45 50.52 4.36
C GLU B 843 42.38 50.35 5.87
N MET B 844 43.33 50.95 6.59
CA MET B 844 43.29 50.86 8.04
C MET B 844 42.04 51.51 8.60
N ARG B 845 41.53 52.54 7.92
CA ARG B 845 40.31 53.19 8.38
C ARG B 845 39.16 52.20 8.51
N GLN B 846 39.17 51.18 7.71
CA GLN B 846 38.10 50.20 7.80
C GLN B 846 38.30 49.21 8.89
N LEU B 847 39.08 49.55 9.91
CA LEU B 847 39.28 48.69 11.08
C LEU B 847 38.52 49.17 12.30
N PHE B 848 38.17 50.45 12.38
CA PHE B 848 37.65 51.03 13.61
C PHE B 848 36.22 51.53 13.48
N TYR B 849 35.61 51.39 12.31
CA TYR B 849 34.21 51.79 12.21
C TYR B 849 33.29 50.91 13.02
N ASP B 850 33.83 49.85 13.65
CA ASP B 850 33.06 48.92 14.46
C ASP B 850 32.16 49.69 15.43
N PRO B 851 30.85 49.72 15.18
CA PRO B 851 29.99 50.48 16.09
C PRO B 851 29.78 49.77 17.40
N ASP B 852 29.69 48.44 17.38
CA ASP B 852 29.68 47.67 18.61
C ASP B 852 31.08 47.61 19.19
N GLU B 853 31.16 47.15 20.44
CA GLU B 853 32.44 47.04 21.15
C GLU B 853 33.20 45.83 20.61
N CYS B 854 33.59 45.92 19.35
CA CYS B 854 34.19 44.79 18.67
C CYS B 854 35.62 44.56 19.18
N GLY B 855 35.96 43.30 19.38
CA GLY B 855 37.29 42.96 19.85
C GLY B 855 38.35 43.27 18.82
N LEU B 856 39.39 43.96 19.27
CA LEU B 856 40.43 44.43 18.36
C LEU B 856 41.32 43.29 17.89
N MET B 857 41.77 42.44 18.81
CA MET B 857 42.56 41.29 18.39
C MET B 857 41.74 40.33 17.55
N LYS B 858 40.41 40.33 17.74
CA LYS B 858 39.54 39.47 16.96
C LYS B 858 39.55 39.86 15.49
N LYS B 859 39.09 41.07 15.18
CA LYS B 859 39.12 41.53 13.80
C LYS B 859 40.53 41.45 13.23
N ALA B 860 41.54 41.59 14.08
CA ALA B 860 42.91 41.38 13.62
C ALA B 860 43.08 39.97 13.07
N ALA B 861 42.74 38.96 13.86
CA ALA B 861 42.87 37.58 13.39
C ALA B 861 42.05 37.34 12.14
N LEU B 862 40.94 38.07 12.00
CA LEU B 862 40.15 37.94 10.78
C LEU B 862 40.94 38.42 9.57
N TYR B 863 41.42 39.67 9.62
CA TYR B 863 42.20 40.18 8.49
C TYR B 863 43.43 39.32 8.26
N PHE B 864 44.03 38.81 9.33
CA PHE B 864 45.15 37.90 9.17
C PHE B 864 44.71 36.59 8.56
N SER B 865 43.41 36.28 8.63
CA SER B 865 42.90 35.08 8.00
C SER B 865 42.53 35.28 6.54
N ASP B 866 42.31 36.52 6.11
CA ASP B 866 41.89 36.80 4.75
C ASP B 866 43.09 36.70 3.81
N PHE B 867 43.20 35.57 3.12
CA PHE B 867 44.23 35.37 2.11
C PHE B 867 44.40 36.59 1.23
N TRP B 868 43.30 37.24 0.87
CA TRP B 868 43.42 38.46 0.08
C TRP B 868 44.02 39.58 0.91
N ASN B 869 43.51 39.80 2.11
CA ASN B 869 44.22 40.70 3.00
C ASN B 869 45.66 40.24 3.16
N LYS B 870 45.90 38.94 3.13
CA LYS B 870 47.27 38.44 3.26
C LYS B 870 48.13 38.92 2.10
N LEU B 871 47.60 38.87 0.88
CA LEU B 871 48.35 39.35 -0.26
C LEU B 871 48.69 40.83 -0.10
N ASP B 872 47.69 41.63 0.22
CA ASP B 872 47.90 43.07 0.31
C ASP B 872 48.98 43.39 1.34
N VAL B 873 48.95 42.71 2.48
CA VAL B 873 49.92 43.08 3.50
C VAL B 873 51.32 42.62 3.11
N GLY B 874 51.43 41.48 2.43
CA GLY B 874 52.72 41.11 1.88
C GLY B 874 53.29 42.19 0.99
N ALA B 875 52.45 42.76 0.13
CA ALA B 875 52.91 43.81 -0.76
C ALA B 875 53.36 45.04 0.02
N ILE B 876 52.64 45.38 1.09
CA ILE B 876 53.04 46.51 1.91
C ILE B 876 54.44 46.31 2.45
N LEU B 877 54.69 45.13 3.02
CA LEU B 877 56.02 44.85 3.54
C LEU B 877 57.07 45.01 2.46
N LEU B 878 56.74 44.56 1.24
CA LEU B 878 57.66 44.76 0.12
C LEU B 878 58.00 46.22 -0.06
N PHE B 879 56.99 47.09 -0.02
CA PHE B 879 57.24 48.51 -0.23
C PHE B 879 58.15 49.07 0.85
N VAL B 880 57.72 48.97 2.11
CA VAL B 880 58.47 49.62 3.17
C VAL B 880 59.89 49.11 3.21
N ALA B 881 60.11 47.90 2.69
CA ALA B 881 61.47 47.41 2.51
C ALA B 881 62.18 48.13 1.36
N GLY B 882 61.65 47.99 0.15
CA GLY B 882 62.38 48.46 -1.01
C GLY B 882 62.55 49.96 -1.05
N LEU B 883 61.59 50.70 -0.49
CA LEU B 883 61.70 52.15 -0.47
C LEU B 883 63.00 52.59 0.19
N THR B 884 63.22 52.13 1.42
CA THR B 884 64.45 52.50 2.09
C THR B 884 65.66 51.88 1.39
N CYS B 885 65.48 50.76 0.71
CA CYS B 885 66.57 50.19 -0.06
C CYS B 885 67.07 51.18 -1.09
N ARG B 886 66.19 51.57 -2.02
CA ARG B 886 66.54 52.62 -2.96
C ARG B 886 67.06 53.85 -2.24
N LEU B 887 66.44 54.20 -1.12
CA LEU B 887 66.80 55.43 -0.42
C LEU B 887 68.29 55.50 -0.15
N ILE B 888 68.88 54.38 0.27
CA ILE B 888 70.33 54.34 0.40
C ILE B 888 70.91 54.21 -1.00
N PRO B 889 71.74 55.16 -1.44
CA PRO B 889 72.27 55.10 -2.80
C PRO B 889 73.19 53.92 -3.02
N ALA B 890 73.82 53.41 -1.97
CA ALA B 890 74.59 52.18 -2.07
C ALA B 890 73.71 50.97 -2.34
N THR B 891 72.39 51.16 -2.32
CA THR B 891 71.41 50.11 -2.58
C THR B 891 70.38 50.62 -3.58
N LEU B 892 70.86 51.21 -4.67
CA LEU B 892 69.97 51.80 -5.66
C LEU B 892 69.51 50.75 -6.66
N TYR B 893 70.45 50.08 -7.32
CA TYR B 893 70.09 49.04 -8.27
C TYR B 893 69.25 47.93 -7.65
N PRO B 894 69.61 47.35 -6.51
CA PRO B 894 68.69 46.38 -5.90
C PRO B 894 67.36 47.02 -5.52
N GLY B 895 67.36 48.31 -5.18
CA GLY B 895 66.11 49.01 -5.00
C GLY B 895 65.22 48.92 -6.22
N ARG B 896 65.83 49.04 -7.41
CA ARG B 896 65.07 48.89 -8.64
C ARG B 896 64.43 47.52 -8.71
N VAL B 897 65.20 46.46 -8.51
CA VAL B 897 64.66 45.13 -8.71
C VAL B 897 63.59 44.81 -7.67
N ILE B 898 63.78 45.28 -6.44
CA ILE B 898 62.79 45.05 -5.41
C ILE B 898 61.47 45.70 -5.79
N LEU B 899 61.52 47.00 -6.07
CA LEU B 899 60.28 47.72 -6.31
C LEU B 899 59.58 47.18 -7.55
N SER B 900 60.33 46.65 -8.49
CA SER B 900 59.72 45.93 -9.59
C SER B 900 58.85 44.79 -9.08
N LEU B 901 59.41 43.95 -8.22
CA LEU B 901 58.63 42.87 -7.64
C LEU B 901 57.35 43.41 -7.03
N ASP B 902 57.48 44.43 -6.17
CA ASP B 902 56.33 45.04 -5.52
C ASP B 902 55.27 45.42 -6.53
N PHE B 903 55.70 45.99 -7.65
CA PHE B 903 54.77 46.33 -8.71
C PHE B 903 53.95 45.12 -9.12
N ILE B 904 54.62 44.05 -9.52
CA ILE B 904 53.91 42.89 -10.04
C ILE B 904 52.94 42.36 -9.00
N LEU B 905 53.37 42.36 -7.74
CA LEU B 905 52.48 41.94 -6.67
C LEU B 905 51.20 42.74 -6.69
N PHE B 906 51.31 44.06 -6.79
CA PHE B 906 50.12 44.90 -6.87
C PHE B 906 49.26 44.50 -8.05
N CYS B 907 49.87 44.39 -9.21
CA CYS B 907 49.13 44.06 -10.42
C CYS B 907 48.33 42.78 -10.24
N LEU B 908 48.81 41.87 -9.42
CA LEU B 908 48.02 40.67 -9.14
C LEU B 908 46.69 41.03 -8.50
N ARG B 909 46.69 41.94 -7.53
CA ARG B 909 45.52 42.19 -6.71
C ARG B 909 44.33 42.63 -7.54
N LEU B 910 44.53 42.74 -8.84
CA LEU B 910 43.47 43.24 -9.68
C LEU B 910 42.41 42.20 -9.99
N MET B 911 42.75 40.91 -9.90
CA MET B 911 41.72 39.89 -10.10
C MET B 911 40.52 40.12 -9.21
N HIS B 912 40.73 40.81 -8.09
CA HIS B 912 39.67 41.24 -7.21
C HIS B 912 38.48 41.84 -7.92
N ILE B 913 38.69 42.48 -9.07
CA ILE B 913 37.57 42.99 -9.85
C ILE B 913 36.49 41.94 -9.94
N PHE B 914 36.88 40.75 -10.37
CA PHE B 914 35.92 39.71 -10.68
C PHE B 914 35.33 39.06 -9.44
N THR B 915 35.69 39.51 -8.25
CA THR B 915 34.99 39.07 -7.06
C THR B 915 33.52 39.42 -7.16
N ILE B 916 33.22 40.72 -7.23
CA ILE B 916 31.84 41.13 -7.39
C ILE B 916 31.27 40.74 -8.73
N SER B 917 32.07 40.16 -9.60
CA SER B 917 31.59 39.80 -10.92
C SER B 917 30.36 38.95 -10.84
N LYS B 918 29.24 39.53 -11.25
CA LYS B 918 27.99 38.80 -11.35
C LYS B 918 28.22 37.43 -11.93
N THR B 919 29.13 37.35 -12.88
CA THR B 919 29.22 36.21 -13.76
C THR B 919 30.50 35.40 -13.59
N LEU B 920 31.41 35.80 -12.72
CA LEU B 920 32.64 35.05 -12.57
C LEU B 920 33.04 34.78 -11.14
N GLY B 921 32.59 35.60 -10.18
CA GLY B 921 32.98 35.47 -8.79
C GLY B 921 33.13 34.03 -8.35
N PRO B 922 32.10 33.22 -8.59
CA PRO B 922 32.23 31.79 -8.26
C PRO B 922 33.52 31.18 -8.75
N LYS B 923 33.93 31.50 -9.97
CA LYS B 923 35.13 30.89 -10.51
C LYS B 923 36.33 31.22 -9.65
N ILE B 924 36.50 32.50 -9.35
CA ILE B 924 37.58 32.92 -8.48
C ILE B 924 37.53 32.17 -7.17
N ILE B 925 36.32 31.98 -6.64
CA ILE B 925 36.18 31.17 -5.44
C ILE B 925 36.91 29.85 -5.64
N ILE B 926 36.64 29.23 -6.77
CA ILE B 926 37.21 27.92 -7.01
C ILE B 926 38.72 28.00 -6.99
N VAL B 927 39.28 28.86 -7.83
CA VAL B 927 40.73 28.93 -7.92
C VAL B 927 41.30 29.30 -6.57
N LYS B 928 40.56 30.07 -5.80
CA LYS B 928 41.01 30.36 -4.45
C LYS B 928 41.16 29.08 -3.65
N ARG B 929 40.27 28.13 -3.87
CA ARG B 929 40.47 26.84 -3.23
C ARG B 929 41.65 26.12 -3.83
N MET B 930 41.97 26.43 -5.08
CA MET B 930 43.01 25.68 -5.77
C MET B 930 44.40 26.18 -5.46
N MET B 931 44.52 27.46 -5.11
CA MET B 931 45.84 28.07 -4.90
C MET B 931 46.72 27.18 -4.04
N LYS B 932 46.14 26.59 -3.00
CA LYS B 932 46.92 25.85 -2.02
C LYS B 932 47.66 24.69 -2.67
N ASP B 933 47.03 23.99 -3.62
CA ASP B 933 47.66 22.79 -4.13
C ASP B 933 48.52 23.06 -5.35
N VAL B 934 48.05 23.92 -6.25
CA VAL B 934 48.85 24.21 -7.44
C VAL B 934 50.23 24.68 -7.05
N PHE B 935 50.32 25.43 -5.94
CA PHE B 935 51.62 25.82 -5.44
C PHE B 935 52.50 24.60 -5.22
N PHE B 936 52.01 23.65 -4.46
CA PHE B 936 52.76 22.43 -4.19
C PHE B 936 53.19 21.76 -5.48
N PHE B 937 52.31 21.72 -6.46
CA PHE B 937 52.63 21.02 -7.69
C PHE B 937 53.69 21.77 -8.51
N LEU B 938 53.55 23.09 -8.56
CA LEU B 938 54.53 23.94 -9.21
C LEU B 938 55.94 23.59 -8.76
N PHE B 939 56.11 23.37 -7.47
CA PHE B 939 57.41 22.94 -6.99
C PHE B 939 57.95 21.80 -7.84
N LEU B 940 57.13 20.77 -8.03
CA LEU B 940 57.64 19.55 -8.61
C LEU B 940 58.07 19.77 -10.05
N LEU B 941 57.22 20.41 -10.83
CA LEU B 941 57.60 20.67 -12.21
C LEU B 941 58.90 21.46 -12.27
N ALA B 942 59.09 22.37 -11.31
CA ALA B 942 60.33 23.14 -11.29
C ALA B 942 61.52 22.22 -11.24
N VAL B 943 61.64 21.46 -10.15
CA VAL B 943 62.79 20.57 -10.03
C VAL B 943 62.84 19.63 -11.21
N TRP B 944 61.68 19.33 -11.79
CA TRP B 944 61.64 18.46 -12.95
C TRP B 944 62.50 19.03 -14.05
N VAL B 945 62.11 20.17 -14.60
CA VAL B 945 62.84 20.73 -15.73
C VAL B 945 64.29 20.99 -15.36
N VAL B 946 64.56 21.43 -14.13
CA VAL B 946 65.93 21.84 -13.82
C VAL B 946 66.84 20.62 -13.82
N SER B 947 66.35 19.50 -13.30
CA SER B 947 67.10 18.27 -13.45
C SER B 947 67.34 17.99 -14.92
N PHE B 948 66.35 18.24 -15.76
CA PHE B 948 66.48 17.94 -17.18
C PHE B 948 67.57 18.80 -17.80
N GLY B 949 67.51 20.11 -17.56
CA GLY B 949 68.49 21.00 -18.14
C GLY B 949 69.91 20.67 -17.71
N VAL B 950 70.09 20.37 -16.43
CA VAL B 950 71.45 20.10 -15.97
C VAL B 950 71.95 18.78 -16.53
N ALA B 951 71.05 17.81 -16.71
CA ALA B 951 71.45 16.60 -17.42
C ALA B 951 71.96 16.94 -18.81
N LYS B 952 71.27 17.85 -19.50
CA LYS B 952 71.73 18.30 -20.81
C LYS B 952 73.15 18.85 -20.72
N GLN B 953 73.34 19.84 -19.87
CA GLN B 953 74.65 20.48 -19.77
C GLN B 953 75.74 19.46 -19.46
N ALA B 954 75.42 18.50 -18.61
CA ALA B 954 76.42 17.52 -18.21
C ALA B 954 76.81 16.62 -19.37
N ILE B 955 75.82 16.17 -20.14
CA ILE B 955 76.12 15.16 -21.15
C ILE B 955 76.82 15.76 -22.35
N LEU B 956 76.65 17.05 -22.60
CA LEU B 956 77.18 17.68 -23.81
C LEU B 956 78.49 18.38 -23.59
N ILE B 957 79.11 18.22 -22.42
CA ILE B 957 80.32 18.96 -22.12
C ILE B 957 81.20 18.17 -21.18
N HIS B 958 82.43 18.65 -20.97
CA HIS B 958 83.33 18.13 -19.95
C HIS B 958 83.30 18.95 -18.67
N ASN B 959 83.24 20.28 -18.78
CA ASN B 959 83.18 21.16 -17.61
C ASN B 959 82.67 22.53 -18.04
N GLU B 960 81.83 23.12 -17.20
CA GLU B 960 81.26 24.44 -17.46
C GLU B 960 81.07 25.20 -16.16
N ARG B 961 80.63 26.44 -16.29
CA ARG B 961 80.38 27.31 -15.15
C ARG B 961 79.48 28.44 -15.62
N ARG B 962 79.51 29.55 -14.88
CA ARG B 962 78.92 30.81 -15.34
C ARG B 962 77.43 30.69 -15.62
N VAL B 963 76.64 30.44 -14.57
CA VAL B 963 75.19 30.37 -14.69
C VAL B 963 74.54 31.67 -15.15
N ASP B 964 75.31 32.76 -15.28
CA ASP B 964 74.76 34.04 -15.71
C ASP B 964 74.46 34.13 -17.19
N TRP B 965 75.14 33.32 -18.02
CA TRP B 965 74.79 33.19 -19.43
C TRP B 965 74.34 31.76 -19.74
N LEU B 966 75.04 30.77 -19.20
CA LEU B 966 74.68 29.38 -19.43
C LEU B 966 73.31 29.08 -18.86
N PHE B 967 73.13 29.23 -17.55
CA PHE B 967 71.84 28.93 -16.95
C PHE B 967 70.78 29.93 -17.39
N ARG B 968 71.20 31.15 -17.74
CA ARG B 968 70.24 32.13 -18.23
C ARG B 968 69.66 31.69 -19.57
N GLY B 969 70.52 31.40 -20.55
CA GLY B 969 70.04 30.92 -21.84
C GLY B 969 69.34 29.59 -21.73
N ALA B 970 69.79 28.73 -20.80
CA ALA B 970 69.15 27.44 -20.60
C ALA B 970 67.77 27.61 -19.97
N VAL B 971 67.63 28.53 -19.01
CA VAL B 971 66.33 28.78 -18.40
C VAL B 971 65.39 29.41 -19.39
N TYR B 972 65.92 30.24 -20.29
CA TYR B 972 65.08 30.84 -21.33
C TYR B 972 64.59 29.79 -22.32
N HIS B 973 65.50 28.91 -22.76
CA HIS B 973 65.07 27.78 -23.59
C HIS B 973 64.06 26.92 -22.84
N SER B 974 64.22 26.82 -21.52
CA SER B 974 63.24 26.09 -20.71
C SER B 974 61.91 26.83 -20.67
N TYR B 975 61.94 28.16 -20.70
CA TYR B 975 60.72 28.93 -20.78
C TYR B 975 60.00 28.67 -22.09
N LEU B 976 60.75 28.55 -23.18
CA LEU B 976 60.16 28.20 -24.46
C LEU B 976 59.55 26.80 -24.41
N THR B 977 60.27 25.85 -23.80
CA THR B 977 59.73 24.49 -23.67
C THR B 977 58.56 24.43 -22.70
N ILE B 978 58.50 25.35 -21.74
CA ILE B 978 57.43 25.34 -20.75
C ILE B 978 56.27 26.24 -21.13
N PHE B 979 56.37 26.96 -22.25
CA PHE B 979 55.22 27.73 -22.73
C PHE B 979 54.02 26.83 -22.95
N GLY B 980 54.25 25.55 -23.21
CA GLY B 980 53.19 24.58 -23.34
C GLY B 980 53.51 23.27 -22.64
N PHE B 1020 78.83 6.84 -33.34
CA PHE B 1020 77.80 7.80 -33.72
C PHE B 1020 77.01 8.25 -32.50
N PRO B 1021 77.48 9.30 -31.82
CA PRO B 1021 76.82 9.75 -30.58
C PRO B 1021 75.41 10.26 -30.78
N GLU B 1022 74.93 10.35 -32.03
CA GLU B 1022 73.61 10.90 -32.29
C GLU B 1022 72.52 10.06 -31.64
N TRP B 1023 72.73 8.75 -31.54
CA TRP B 1023 71.74 7.90 -30.88
C TRP B 1023 71.53 8.34 -29.45
N LEU B 1024 72.62 8.70 -28.76
CA LEU B 1024 72.50 9.26 -27.43
C LEU B 1024 71.67 10.53 -27.44
N THR B 1025 71.88 11.37 -28.46
CA THR B 1025 71.12 12.62 -28.56
C THR B 1025 69.63 12.35 -28.72
N VAL B 1026 69.26 11.44 -29.62
CA VAL B 1026 67.85 11.15 -29.86
C VAL B 1026 67.22 10.55 -28.61
N LEU B 1027 67.94 9.66 -27.93
CA LEU B 1027 67.41 9.04 -26.72
C LEU B 1027 67.13 10.09 -25.65
N LEU B 1028 68.09 10.99 -25.43
CA LEU B 1028 67.90 12.04 -24.45
C LEU B 1028 66.68 12.88 -24.77
N LEU B 1029 66.58 13.32 -26.02
CA LEU B 1029 65.49 14.21 -26.39
C LEU B 1029 64.13 13.52 -26.23
N CYS B 1030 64.05 12.24 -26.61
CA CYS B 1030 62.79 11.54 -26.55
C CYS B 1030 62.34 11.32 -25.11
N LEU B 1031 63.25 10.87 -24.25
CA LEU B 1031 62.89 10.68 -22.85
C LEU B 1031 62.46 12.01 -22.23
N TYR B 1032 63.23 13.07 -22.47
CA TYR B 1032 62.91 14.37 -21.90
C TYR B 1032 61.51 14.81 -22.31
N LEU B 1033 61.25 14.86 -23.63
CA LEU B 1033 59.94 15.25 -24.09
C LEU B 1033 58.85 14.32 -23.58
N LEU B 1034 59.22 13.06 -23.32
CA LEU B 1034 58.28 12.11 -22.74
C LEU B 1034 57.76 12.62 -21.40
N PHE B 1035 58.66 13.05 -20.53
CA PHE B 1035 58.21 13.44 -19.21
C PHE B 1035 57.57 14.82 -19.21
N THR B 1036 58.21 15.77 -19.89
CA THR B 1036 57.85 17.18 -19.74
C THR B 1036 56.41 17.48 -20.12
N ASN B 1037 56.08 17.34 -21.40
CA ASN B 1037 54.78 17.78 -21.89
C ASN B 1037 53.73 16.69 -21.81
N ILE B 1038 53.98 15.63 -21.04
CA ILE B 1038 53.01 14.54 -20.97
C ILE B 1038 52.61 14.21 -19.54
N LEU B 1039 53.57 13.72 -18.76
CA LEU B 1039 53.25 13.20 -17.44
C LEU B 1039 52.50 14.24 -16.62
N LEU B 1040 53.07 15.43 -16.54
CA LEU B 1040 52.48 16.46 -15.70
C LEU B 1040 51.22 17.04 -16.34
N LEU B 1041 51.14 17.05 -17.66
CA LEU B 1041 49.93 17.54 -18.31
C LEU B 1041 48.73 16.71 -17.90
N ASN B 1042 48.75 15.43 -18.23
CA ASN B 1042 47.66 14.55 -17.83
C ASN B 1042 47.45 14.58 -16.32
N LEU B 1043 48.53 14.77 -15.56
CA LEU B 1043 48.39 14.89 -14.11
C LEU B 1043 47.45 16.01 -13.75
N LEU B 1044 47.82 17.24 -14.10
CA LEU B 1044 46.96 18.38 -13.80
C LEU B 1044 45.60 18.22 -14.42
N ILE B 1045 45.55 17.64 -15.62
CA ILE B 1045 44.28 17.32 -16.25
C ILE B 1045 43.39 16.63 -15.23
N ALA B 1046 43.87 15.51 -14.70
CA ALA B 1046 43.13 14.82 -13.66
C ALA B 1046 42.90 15.71 -12.44
N MET B 1047 43.95 16.42 -12.01
CA MET B 1047 43.85 17.20 -10.79
C MET B 1047 42.69 18.18 -10.87
N PHE B 1048 42.66 18.97 -11.93
CA PHE B 1048 41.60 19.96 -12.08
C PHE B 1048 40.26 19.27 -12.18
N ASN B 1049 40.12 18.31 -13.09
CA ASN B 1049 38.83 17.66 -13.28
C ASN B 1049 38.33 17.08 -11.98
N TYR B 1050 39.21 16.47 -11.21
CA TYR B 1050 38.80 15.85 -9.96
C TYR B 1050 38.35 16.91 -8.96
N THR B 1051 39.24 17.82 -8.61
CA THR B 1051 38.87 18.88 -7.68
C THR B 1051 37.66 19.65 -8.18
N PHE B 1052 37.56 19.82 -9.50
CA PHE B 1052 36.40 20.48 -10.07
C PHE B 1052 35.13 19.73 -9.69
N GLN B 1053 35.09 18.44 -10.01
CA GLN B 1053 33.94 17.62 -9.64
C GLN B 1053 33.74 17.57 -8.13
N GLN B 1054 34.73 17.99 -7.35
CA GLN B 1054 34.55 17.99 -5.91
C GLN B 1054 33.67 19.15 -5.45
N VAL B 1055 33.64 20.25 -6.20
CA VAL B 1055 32.99 21.47 -5.74
C VAL B 1055 32.10 22.12 -6.79
N GLN B 1056 31.88 21.48 -7.93
CA GLN B 1056 31.32 22.20 -9.09
C GLN B 1056 29.88 22.65 -8.93
N GLU B 1057 29.22 22.57 -7.79
CA GLU B 1057 27.76 22.63 -7.78
C GLU B 1057 27.17 23.68 -6.85
N HIS B 1058 27.72 23.88 -5.66
CA HIS B 1058 27.03 24.60 -4.62
C HIS B 1058 27.73 25.88 -4.21
N THR B 1059 28.89 26.17 -4.78
CA THR B 1059 29.64 27.34 -4.38
C THR B 1059 28.81 28.60 -4.49
N ASP B 1060 28.06 28.72 -5.58
CA ASP B 1060 27.20 29.87 -5.82
C ASP B 1060 26.56 30.36 -4.53
N GLN B 1061 26.12 29.43 -3.68
CA GLN B 1061 25.73 29.80 -2.34
C GLN B 1061 26.78 30.69 -1.71
N ILE B 1062 27.95 30.10 -1.49
CA ILE B 1062 29.01 30.82 -0.79
C ILE B 1062 29.19 32.19 -1.39
N TRP B 1063 29.16 32.27 -2.71
CA TRP B 1063 29.32 33.58 -3.32
C TRP B 1063 28.16 34.49 -2.95
N LYS B 1064 26.93 33.98 -3.05
CA LYS B 1064 25.80 34.80 -2.70
C LYS B 1064 25.89 35.24 -1.26
N PHE B 1065 26.45 34.40 -0.42
CA PHE B 1065 26.66 34.78 0.95
C PHE B 1065 27.65 35.92 1.05
N GLN B 1066 28.80 35.77 0.40
CA GLN B 1066 29.86 36.75 0.52
C GLN B 1066 29.40 38.12 0.05
N ARG B 1067 28.57 38.13 -0.97
CA ARG B 1067 28.17 39.36 -1.63
C ARG B 1067 27.83 40.47 -0.65
N HIS B 1068 27.33 40.11 0.53
CA HIS B 1068 26.87 41.14 1.43
C HIS B 1068 27.96 42.09 1.89
N ASP B 1069 28.93 41.59 2.65
CA ASP B 1069 29.83 42.48 3.35
C ASP B 1069 30.47 43.48 2.41
N LEU B 1070 30.77 43.04 1.19
CA LEU B 1070 31.24 43.97 0.18
C LEU B 1070 30.27 45.11 0.03
N ILE B 1071 28.99 44.79 -0.18
CA ILE B 1071 28.01 45.85 -0.33
C ILE B 1071 28.02 46.73 0.90
N GLU B 1072 28.10 46.12 2.07
CA GLU B 1072 28.08 46.91 3.29
C GLU B 1072 29.19 47.94 3.28
N GLU B 1073 30.38 47.51 2.86
CA GLU B 1073 31.53 48.40 2.88
C GLU B 1073 31.31 49.58 1.94
N TYR B 1074 31.18 49.29 0.65
CA TYR B 1074 31.15 50.40 -0.31
C TYR B 1074 29.91 51.25 -0.17
N HIS B 1075 28.89 50.78 0.51
CA HIS B 1075 27.84 51.70 0.90
C HIS B 1075 28.24 52.53 2.09
N GLY B 1076 29.17 52.04 2.90
CA GLY B 1076 29.54 52.75 4.10
C GLY B 1076 30.67 53.75 3.90
N ARG B 1077 31.60 53.44 3.00
CA ARG B 1077 32.78 54.26 2.87
C ARG B 1077 32.40 55.66 2.40
N PRO B 1078 33.05 56.70 2.94
CA PRO B 1078 32.76 58.06 2.46
C PRO B 1078 33.15 58.24 1.00
N ALA B 1079 32.40 59.10 0.32
CA ALA B 1079 32.55 59.28 -1.13
C ALA B 1079 33.71 60.22 -1.43
N ALA B 1080 34.91 59.66 -1.43
CA ALA B 1080 36.11 60.40 -1.78
C ALA B 1080 37.19 59.46 -2.31
N PRO B 1081 37.37 59.37 -3.62
CA PRO B 1081 38.42 58.52 -4.16
C PRO B 1081 39.79 58.99 -3.69
N PRO B 1082 40.82 58.18 -3.89
CA PRO B 1082 42.14 58.46 -3.30
C PRO B 1082 42.70 59.83 -3.66
N PRO B 1083 42.33 60.45 -4.81
CA PRO B 1083 42.78 61.83 -5.01
C PRO B 1083 42.32 62.74 -3.90
N PHE B 1084 41.00 62.89 -3.78
CA PHE B 1084 40.42 63.75 -2.75
C PHE B 1084 40.15 62.99 -1.46
N ILE B 1085 40.86 61.89 -1.23
CA ILE B 1085 40.62 61.12 -0.03
C ILE B 1085 41.34 61.70 1.18
N LEU B 1086 42.35 62.53 0.95
CA LEU B 1086 43.11 63.05 2.09
C LEU B 1086 42.30 64.05 2.89
N LEU B 1087 41.53 64.90 2.20
CA LEU B 1087 40.63 65.81 2.92
C LEU B 1087 39.63 65.02 3.74
N SER B 1088 39.21 63.86 3.25
CA SER B 1088 38.31 63.00 4.00
C SER B 1088 39.02 62.38 5.20
N HIS B 1089 40.25 61.92 5.00
CA HIS B 1089 41.01 61.34 6.09
C HIS B 1089 41.24 62.36 7.20
N LEU B 1090 41.56 63.59 6.84
CA LEU B 1090 41.76 64.61 7.86
C LEU B 1090 40.43 65.07 8.44
N GLN B 1091 39.37 65.10 7.63
CA GLN B 1091 38.04 65.34 8.16
C GLN B 1091 37.66 64.24 9.13
N LEU B 1092 38.34 63.09 9.05
CA LEU B 1092 38.15 62.03 10.03
C LEU B 1092 39.02 62.23 11.26
N PHE B 1093 40.29 62.61 11.06
CA PHE B 1093 41.20 62.71 12.20
C PHE B 1093 40.89 63.92 13.08
N ILE B 1094 40.17 64.90 12.55
CA ILE B 1094 39.74 66.01 13.39
C ILE B 1094 38.74 65.54 14.43
N LYS B 1095 37.86 64.61 14.05
CA LYS B 1095 36.95 64.03 15.03
C LYS B 1095 37.64 62.92 15.82
N ARG B 1096 38.62 62.25 15.22
CA ARG B 1096 39.42 61.28 15.96
C ARG B 1096 40.17 61.97 17.09
N VAL B 1097 40.56 63.22 16.89
CA VAL B 1097 41.14 64.01 17.97
C VAL B 1097 40.08 64.75 18.79
N VAL B 1098 38.95 65.10 18.18
CA VAL B 1098 37.89 65.79 18.90
C VAL B 1098 36.53 65.23 18.49
N ARG B 1105 26.19 54.73 12.05
CA ARG B 1105 25.49 53.89 11.09
C ARG B 1105 24.75 54.75 10.06
N HIS B 1106 23.97 54.07 9.23
CA HIS B 1106 23.11 54.73 8.26
C HIS B 1106 21.69 54.22 8.45
N LYS B 1107 20.73 55.01 7.97
CA LYS B 1107 19.34 54.59 8.00
C LYS B 1107 19.02 53.51 6.98
N GLN B 1108 20.04 52.98 6.30
CA GLN B 1108 19.83 52.00 5.25
C GLN B 1108 19.73 50.58 5.80
N LEU B 1109 20.52 50.24 6.81
CA LEU B 1109 20.56 48.89 7.32
C LEU B 1109 20.02 48.74 8.73
N LYS B 1110 19.56 49.81 9.35
CA LYS B 1110 19.09 49.71 10.73
C LYS B 1110 18.27 50.94 11.04
N ASN B 1111 17.00 50.76 11.35
CA ASN B 1111 16.15 51.91 11.60
C ASN B 1111 15.00 51.54 12.51
N LYS B 1112 14.86 52.27 13.60
CA LYS B 1112 13.70 52.14 14.45
C LYS B 1112 12.44 52.44 13.64
N LEU B 1113 11.32 52.00 14.14
CA LEU B 1113 10.05 52.27 13.50
C LEU B 1113 9.09 52.90 14.51
N GLU B 1114 7.86 53.13 14.07
CA GLU B 1114 6.88 53.84 14.87
C GLU B 1114 5.78 52.88 15.32
N LYS B 1115 5.36 53.05 16.57
CA LYS B 1115 4.44 52.10 17.18
C LYS B 1115 3.27 51.81 16.27
N ASN B 1116 2.61 52.85 15.77
CA ASN B 1116 1.49 52.65 14.87
C ASN B 1116 1.90 51.85 13.66
N GLU B 1117 3.04 52.19 13.07
CA GLU B 1117 3.48 51.48 11.89
C GLU B 1117 3.90 50.07 12.25
N GLU B 1118 4.82 49.94 13.21
CA GLU B 1118 5.32 48.64 13.58
C GLU B 1118 4.19 47.69 13.95
N ALA B 1119 3.21 48.17 14.72
CA ALA B 1119 2.13 47.30 15.15
C ALA B 1119 1.44 46.66 13.96
N ALA B 1120 0.96 47.48 13.03
CA ALA B 1120 0.33 46.95 11.85
C ALA B 1120 1.23 45.94 11.18
N LEU B 1121 2.53 46.23 11.17
CA LEU B 1121 3.45 45.31 10.52
C LEU B 1121 3.43 43.96 11.21
N LEU B 1122 3.58 43.95 12.53
CA LEU B 1122 3.63 42.69 13.26
C LEU B 1122 2.36 41.89 13.05
N SER B 1123 1.21 42.54 13.21
CA SER B 1123 -0.06 41.87 12.98
C SER B 1123 -0.07 41.23 11.60
N TRP B 1124 0.38 41.98 10.60
CA TRP B 1124 0.45 41.44 9.26
C TRP B 1124 1.24 40.16 9.23
N GLU B 1125 2.43 40.16 9.83
CA GLU B 1125 3.23 38.95 9.85
C GLU B 1125 2.50 37.83 10.55
N ILE B 1126 2.06 38.07 11.80
CA ILE B 1126 1.35 37.07 12.57
C ILE B 1126 0.40 36.30 11.69
N TYR B 1127 -0.47 37.04 11.02
CA TYR B 1127 -1.39 36.48 10.06
C TYR B 1127 -0.68 35.49 9.14
N LEU B 1128 0.34 35.98 8.45
CA LEU B 1128 0.91 35.13 7.42
C LEU B 1128 1.63 33.93 8.03
N LYS B 1129 2.15 34.06 9.24
CA LYS B 1129 2.78 32.90 9.85
C LYS B 1129 1.75 31.79 10.03
N GLU B 1130 0.56 32.16 10.49
CA GLU B 1130 -0.50 31.19 10.62
C GLU B 1130 -0.75 30.50 9.30
N ASN B 1131 -0.89 31.29 8.24
CA ASN B 1131 -1.08 30.74 6.91
C ASN B 1131 -0.03 29.69 6.59
N TYR B 1132 1.23 30.06 6.76
CA TYR B 1132 2.30 29.11 6.48
C TYR B 1132 2.10 27.83 7.25
N LEU B 1133 1.74 27.94 8.52
CA LEU B 1133 1.58 26.75 9.35
C LEU B 1133 0.62 25.76 8.71
N GLN B 1134 -0.54 26.25 8.30
CA GLN B 1134 -1.54 25.38 7.71
C GLN B 1134 -0.98 24.64 6.52
N ASN B 1135 -0.40 25.37 5.58
CA ASN B 1135 0.10 24.70 4.38
C ASN B 1135 1.11 23.64 4.74
N ARG B 1136 1.94 23.90 5.75
CA ARG B 1136 2.94 22.91 6.10
C ARG B 1136 2.30 21.60 6.50
N GLN B 1137 1.49 21.63 7.54
CA GLN B 1137 0.95 20.38 8.04
C GLN B 1137 0.06 19.71 6.98
N PHE B 1138 -0.61 20.50 6.17
CA PHE B 1138 -1.44 19.92 5.13
C PHE B 1138 -0.59 19.10 4.17
N GLN B 1139 0.43 19.71 3.59
CA GLN B 1139 1.28 18.95 2.69
C GLN B 1139 1.94 17.80 3.40
N GLN B 1140 2.04 17.86 4.72
CA GLN B 1140 2.49 16.69 5.45
C GLN B 1140 1.52 15.54 5.26
N LYS B 1141 0.24 15.86 5.08
CA LYS B 1141 -0.76 14.81 4.92
C LYS B 1141 -0.64 14.08 3.58
N GLN B 1142 0.21 14.53 2.69
CA GLN B 1142 0.28 13.90 1.38
C GLN B 1142 1.41 12.90 1.25
N ARG B 1143 2.38 12.95 2.14
CA ARG B 1143 3.53 12.07 2.03
C ARG B 1143 3.07 10.64 1.95
N PRO B 1144 3.30 9.95 0.84
CA PRO B 1144 2.76 8.60 0.67
C PRO B 1144 3.04 7.70 1.86
N GLU B 1145 4.25 7.76 2.41
CA GLU B 1145 4.57 6.94 3.58
C GLU B 1145 3.60 7.20 4.70
N GLN B 1146 3.25 8.46 4.92
CA GLN B 1146 2.28 8.78 5.95
C GLN B 1146 0.92 8.19 5.60
N LYS B 1147 0.56 8.22 4.33
CA LYS B 1147 -0.74 7.69 3.93
C LYS B 1147 -0.82 6.19 4.19
N ILE B 1148 0.24 5.47 3.87
CA ILE B 1148 0.27 4.04 4.16
C ILE B 1148 0.10 3.80 5.65
N GLU B 1149 0.81 4.57 6.46
CA GLU B 1149 0.65 4.45 7.91
C GLU B 1149 -0.80 4.60 8.31
N ASP B 1150 -1.50 5.54 7.67
CA ASP B 1150 -2.93 5.69 7.94
C ASP B 1150 -3.68 4.42 7.61
N ILE B 1151 -3.36 3.80 6.48
CA ILE B 1151 -4.04 2.57 6.12
C ILE B 1151 -3.83 1.51 7.20
N SER B 1152 -2.61 1.38 7.68
CA SER B 1152 -2.32 0.34 8.67
C SER B 1152 -3.15 0.54 9.92
N ASN B 1153 -3.10 1.74 10.47
CA ASN B 1153 -3.87 1.98 11.68
C ASN B 1153 -5.34 1.76 11.44
N LYS B 1154 -5.81 2.02 10.22
CA LYS B 1154 -7.24 1.82 9.97
C LYS B 1154 -7.59 0.35 9.91
N VAL B 1155 -6.78 -0.45 9.21
CA VAL B 1155 -7.11 -1.86 9.08
C VAL B 1155 -7.03 -2.57 10.41
N ASP B 1156 -6.14 -2.13 11.30
CA ASP B 1156 -6.06 -2.76 12.60
C ASP B 1156 -7.39 -2.69 13.35
N ALA B 1157 -8.11 -1.58 13.19
CA ALA B 1157 -9.42 -1.46 13.82
C ALA B 1157 -10.36 -2.54 13.31
N MET B 1158 -10.31 -2.82 12.02
CA MET B 1158 -11.13 -3.92 11.49
C MET B 1158 -10.74 -5.23 12.16
N VAL B 1159 -9.44 -5.46 12.31
CA VAL B 1159 -8.99 -6.68 12.97
C VAL B 1159 -9.60 -6.79 14.35
N ASP B 1160 -9.49 -5.72 15.13
CA ASP B 1160 -9.96 -5.75 16.52
C ASP B 1160 -11.45 -6.01 16.58
N LEU B 1161 -12.23 -5.27 15.80
CA LEU B 1161 -13.68 -5.46 15.82
C LEU B 1161 -14.03 -6.87 15.38
N LEU B 1162 -13.38 -7.35 14.32
CA LEU B 1162 -13.77 -8.62 13.74
C LEU B 1162 -13.49 -9.79 14.67
N ASP B 1163 -12.40 -9.73 15.43
CA ASP B 1163 -12.10 -10.80 16.37
C ASP B 1163 -12.84 -10.66 17.69
N LEU B 1164 -13.34 -9.46 18.01
CA LEU B 1164 -13.99 -9.26 19.30
C LEU B 1164 -15.42 -9.77 19.30
N ASP B 1165 -16.20 -9.41 18.28
CA ASP B 1165 -17.61 -9.79 18.23
C ASP B 1165 -17.78 -11.29 17.98
N GLY B 1235 -32.71 -4.66 50.83
CA GLY B 1235 -31.95 -3.68 51.60
C GLY B 1235 -32.82 -2.77 52.42
N ASP B 1236 -32.95 -3.07 53.71
CA ASP B 1236 -33.78 -2.31 54.63
C ASP B 1236 -32.90 -1.55 55.61
N SER B 1237 -33.56 -0.73 56.43
CA SER B 1237 -32.86 0.08 57.41
C SER B 1237 -32.34 -0.80 58.53
N TYR B 1238 -31.03 -0.94 58.62
CA TYR B 1238 -30.40 -1.74 59.66
C TYR B 1238 -29.35 -0.91 60.37
N HIS B 1239 -28.97 -1.37 61.55
CA HIS B 1239 -27.91 -0.71 62.33
C HIS B 1239 -26.57 -1.31 61.91
N VAL B 1240 -26.06 -0.82 60.78
CA VAL B 1240 -24.83 -1.38 60.23
C VAL B 1240 -23.66 -1.04 61.11
N ASN B 1241 -23.64 0.15 61.69
CA ASN B 1241 -22.58 0.52 62.61
C ASN B 1241 -22.65 -0.30 63.89
N ALA B 1242 -23.84 -0.79 64.25
CA ALA B 1242 -23.95 -1.61 65.44
C ALA B 1242 -23.48 -3.03 65.16
N ARG B 1243 -23.89 -3.60 64.03
CA ARG B 1243 -23.44 -4.93 63.65
C ARG B 1243 -21.99 -4.93 63.21
N HIS B 1244 -21.35 -3.77 63.18
CA HIS B 1244 -19.99 -3.65 62.68
C HIS B 1244 -19.04 -4.47 63.52
N LEU B 1245 -18.37 -5.42 62.87
CA LEU B 1245 -17.35 -6.24 63.51
C LEU B 1245 -16.30 -5.37 64.18
N LEU B 1246 -15.57 -5.97 65.12
CA LEU B 1246 -14.48 -5.28 65.81
C LEU B 1246 -14.99 -4.02 66.53
N TYR B 1247 -15.75 -4.27 67.58
CA TYR B 1247 -16.13 -3.21 68.50
C TYR B 1247 -14.95 -2.29 68.79
N PRO B 1248 -15.17 -0.99 68.79
CA PRO B 1248 -14.06 -0.05 68.93
C PRO B 1248 -13.34 -0.25 70.25
N ASN B 1249 -12.02 -0.38 70.16
CA ASN B 1249 -11.09 -0.37 71.28
C ASN B 1249 -11.26 -1.57 72.19
N CYS B 1250 -12.26 -2.40 71.98
CA CYS B 1250 -12.42 -3.63 72.74
C CYS B 1250 -11.82 -4.75 71.92
N PRO B 1251 -10.67 -5.29 72.29
CA PRO B 1251 -10.03 -6.31 71.45
C PRO B 1251 -10.78 -7.63 71.44
N VAL B 1252 -12.07 -7.57 71.12
CA VAL B 1252 -12.92 -8.74 70.98
C VAL B 1252 -13.76 -8.55 69.73
N THR B 1253 -14.52 -9.58 69.39
CA THR B 1253 -15.35 -9.55 68.19
C THR B 1253 -16.79 -9.86 68.55
N ARG B 1254 -17.70 -9.14 67.90
CA ARG B 1254 -19.12 -9.40 68.11
C ARG B 1254 -19.60 -10.49 67.16
N PHE B 1255 -20.73 -11.07 67.51
CA PHE B 1255 -21.23 -12.23 66.79
C PHE B 1255 -21.68 -11.83 65.39
N PRO B 1256 -21.47 -12.70 64.39
CA PRO B 1256 -22.01 -12.42 63.05
C PRO B 1256 -23.53 -12.44 63.07
N VAL B 1257 -24.14 -11.37 62.60
CA VAL B 1257 -25.59 -11.21 62.63
C VAL B 1257 -26.06 -10.75 61.26
N PRO B 1258 -26.37 -11.65 60.34
CA PRO B 1258 -26.76 -11.23 58.99
C PRO B 1258 -28.05 -10.45 58.93
N ASN B 1259 -28.35 -9.90 57.75
CA ASN B 1259 -29.55 -9.07 57.60
C ASN B 1259 -30.82 -9.85 57.87
N GLU B 1260 -30.82 -11.14 57.60
CA GLU B 1260 -32.04 -11.93 57.80
C GLU B 1260 -32.36 -12.05 59.29
N LYS B 1261 -31.39 -12.51 60.08
CA LYS B 1261 -31.61 -12.80 61.48
C LYS B 1261 -31.27 -11.65 62.40
N VAL B 1262 -31.25 -10.42 61.90
CA VAL B 1262 -30.86 -9.29 62.75
C VAL B 1262 -31.88 -9.00 63.84
N PRO B 1263 -33.20 -9.05 63.60
CA PRO B 1263 -34.13 -8.70 64.67
C PRO B 1263 -34.38 -9.88 65.59
N TRP B 1264 -34.76 -9.57 66.83
CA TRP B 1264 -35.01 -10.62 67.82
C TRP B 1264 -36.07 -11.58 67.33
N GLU B 1265 -37.06 -11.08 66.59
CA GLU B 1265 -38.21 -11.88 66.19
C GLU B 1265 -37.88 -12.95 65.16
N THR B 1266 -36.67 -12.95 64.61
CA THR B 1266 -36.33 -13.93 63.60
C THR B 1266 -35.71 -15.16 64.22
N GLU B 1267 -35.86 -16.29 63.54
CA GLU B 1267 -35.33 -17.56 64.02
C GLU B 1267 -33.81 -17.53 63.94
N PHE B 1268 -33.16 -17.42 65.10
CA PHE B 1268 -31.71 -17.40 65.14
C PHE B 1268 -31.27 -18.06 66.44
N LEU B 1269 -30.98 -19.35 66.38
CA LEU B 1269 -30.67 -20.11 67.59
C LEU B 1269 -29.19 -20.13 67.89
N ILE B 1270 -28.35 -20.11 66.86
CA ILE B 1270 -26.89 -20.20 67.04
C ILE B 1270 -26.36 -19.00 67.81
N TYR B 1271 -27.13 -17.93 67.87
CA TYR B 1271 -26.71 -16.67 68.48
C TYR B 1271 -26.06 -16.90 69.84
N ASP B 1272 -24.84 -16.40 69.99
CA ASP B 1272 -24.07 -16.55 71.22
C ASP B 1272 -23.19 -15.33 71.42
N PRO B 1273 -23.78 -14.22 71.84
CA PRO B 1273 -23.01 -13.00 72.02
C PRO B 1273 -22.20 -13.06 73.30
N PRO B 1274 -20.92 -12.72 73.23
CA PRO B 1274 -20.10 -12.69 74.44
C PRO B 1274 -20.29 -11.39 75.21
N PHE B 1275 -20.20 -11.49 76.53
CA PHE B 1275 -20.38 -10.33 77.39
C PHE B 1275 -19.20 -9.39 77.24
N TYR B 1276 -19.47 -8.14 76.87
CA TYR B 1276 -18.44 -7.12 76.69
C TYR B 1276 -18.80 -5.91 77.55
N THR B 1277 -18.09 -5.76 78.67
CA THR B 1277 -18.25 -4.61 79.53
C THR B 1277 -16.88 -4.01 79.81
N ALA B 1278 -16.68 -2.78 79.41
CA ALA B 1278 -15.41 -2.12 79.67
C ALA B 1278 -15.17 -2.00 81.17
N GLU B 1279 -13.91 -1.76 81.52
CA GLU B 1279 -13.56 -1.64 82.94
C GLU B 1279 -14.13 -0.37 83.55
N ARG B 1280 -14.36 0.65 82.72
CA ARG B 1280 -14.91 1.91 83.20
C ARG B 1280 -16.38 2.09 82.85
N LYS B 1281 -17.01 1.11 82.18
CA LYS B 1281 -18.42 1.23 81.87
C LYS B 1281 -19.27 1.14 83.12
N ASP B 1282 -18.96 0.19 84.00
CA ASP B 1282 -19.65 0.06 85.29
C ASP B 1282 -18.80 0.77 86.34
N ALA B 1283 -18.73 2.11 86.21
CA ALA B 1283 -17.92 2.90 87.11
C ALA B 1283 -18.78 3.85 87.91
N ALA B 1284 -18.16 4.73 88.70
CA ALA B 1284 -18.90 5.67 89.51
C ALA B 1284 -19.77 6.56 88.63
N ALA B 1285 -21.02 6.76 89.07
CA ALA B 1285 -22.01 7.60 88.41
C ALA B 1285 -22.46 7.01 87.08
N MET B 1286 -21.85 5.91 86.66
CA MET B 1286 -22.28 5.16 85.50
C MET B 1286 -23.07 3.95 85.98
N ASP B 1287 -23.85 3.37 85.07
CA ASP B 1287 -24.61 2.18 85.41
C ASP B 1287 -23.63 1.09 85.83
N PRO B 1288 -23.69 0.61 87.07
CA PRO B 1288 -22.74 -0.42 87.51
C PRO B 1288 -23.08 -1.76 86.89
N MET B 1289 -23.90 -1.72 85.86
CA MET B 1289 -24.48 -2.80 85.08
C MET B 1289 -23.45 -3.51 84.19
N GLY B 1290 -22.16 -3.25 84.30
CA GLY B 1290 -21.19 -4.00 83.52
C GLY B 1290 -21.35 -5.51 83.66
N ASP B 1291 -21.80 -5.95 84.83
CA ASP B 1291 -22.12 -7.36 85.08
C ASP B 1291 -23.55 -7.46 85.57
N THR B 1292 -24.46 -6.79 84.84
CA THR B 1292 -25.84 -6.56 85.28
C THR B 1292 -26.65 -7.83 85.45
N LEU B 1293 -26.09 -9.02 85.22
CA LEU B 1293 -26.79 -10.23 85.63
C LEU B 1293 -27.06 -10.25 87.13
N GLU B 1294 -26.29 -9.49 87.90
CA GLU B 1294 -26.49 -9.37 89.33
C GLU B 1294 -27.80 -8.66 89.63
N PRO B 1295 -28.25 -8.68 90.88
CA PRO B 1295 -29.46 -7.92 91.24
C PRO B 1295 -29.30 -6.41 91.13
N LEU B 1296 -28.10 -5.90 90.89
CA LEU B 1296 -27.91 -4.46 90.75
C LEU B 1296 -28.68 -3.90 89.56
N SER B 1297 -29.00 -4.73 88.57
CA SER B 1297 -29.80 -4.28 87.44
C SER B 1297 -31.27 -4.31 87.80
N THR B 1298 -31.62 -3.73 88.94
CA THR B 1298 -33.02 -3.59 89.35
C THR B 1298 -33.57 -2.21 89.00
N ILE B 1299 -32.83 -1.43 88.21
CA ILE B 1299 -33.28 -0.08 87.89
C ILE B 1299 -34.50 -0.13 86.98
N GLN B 1300 -35.32 0.91 87.08
CA GLN B 1300 -36.56 0.97 86.32
C GLN B 1300 -36.28 1.06 84.83
N TYR B 1301 -36.88 0.16 84.06
CA TYR B 1301 -36.80 0.19 82.62
C TYR B 1301 -38.04 0.84 82.05
N ASN B 1302 -37.87 1.53 80.92
CA ASN B 1302 -38.86 2.44 80.35
C ASN B 1302 -39.46 3.33 81.43
N VAL B 1303 -38.65 3.66 82.42
CA VAL B 1303 -39.07 4.49 83.55
C VAL B 1303 -37.83 5.05 84.22
N VAL B 1304 -37.89 6.32 84.59
CA VAL B 1304 -36.73 7.01 85.16
C VAL B 1304 -36.45 6.42 86.53
N ASP B 1305 -35.32 5.73 86.67
CA ASP B 1305 -34.88 5.20 87.96
C ASP B 1305 -33.90 6.16 88.62
N GLY B 1306 -34.42 7.35 88.94
CA GLY B 1306 -33.60 8.37 89.57
C GLY B 1306 -32.84 9.22 88.57
N LEU B 1307 -31.53 8.98 88.46
CA LEU B 1307 -30.69 9.81 87.62
C LEU B 1307 -30.66 9.37 86.16
N ARG B 1308 -31.04 8.12 85.87
CA ARG B 1308 -31.06 7.62 84.51
C ARG B 1308 -32.52 7.46 84.10
N ASP B 1309 -33.00 8.38 83.26
CA ASP B 1309 -34.34 8.26 82.73
C ASP B 1309 -34.36 7.14 81.70
N ARG B 1310 -34.22 5.90 82.16
CA ARG B 1310 -33.96 4.78 81.27
C ARG B 1310 -35.21 4.49 80.45
N ARG B 1311 -35.38 5.24 79.36
CA ARG B 1311 -36.60 5.19 78.57
C ARG B 1311 -36.30 5.70 77.17
N SER B 1312 -36.84 5.02 76.16
CA SER B 1312 -36.49 5.30 74.77
C SER B 1312 -37.58 6.09 74.09
N PHE B 1313 -37.17 7.11 73.31
CA PHE B 1313 -38.11 7.82 72.46
C PHE B 1313 -38.83 6.86 71.52
N HIS B 1314 -38.13 5.82 71.07
CA HIS B 1314 -38.74 4.81 70.22
C HIS B 1314 -39.96 4.20 70.90
N GLY B 1315 -39.89 3.97 72.21
CA GLY B 1315 -41.02 3.50 72.95
C GLY B 1315 -40.65 2.60 74.11
N PRO B 1316 -41.64 1.88 74.65
CA PRO B 1316 -41.36 0.95 75.75
C PRO B 1316 -40.50 -0.21 75.31
N TYR B 1317 -39.27 -0.26 75.80
CA TYR B 1317 -38.35 -1.31 75.39
C TYR B 1317 -38.51 -2.53 76.29
N THR B 1318 -38.55 -3.70 75.66
CA THR B 1318 -38.72 -4.94 76.40
C THR B 1318 -37.52 -5.17 77.31
N VAL B 1319 -37.77 -5.86 78.42
CA VAL B 1319 -36.74 -6.21 79.39
C VAL B 1319 -36.39 -7.67 79.17
N GLN B 1320 -35.10 -7.99 79.33
CA GLN B 1320 -34.63 -9.37 79.22
C GLN B 1320 -33.83 -9.68 80.48
N ALA B 1321 -34.52 -10.20 81.51
CA ALA B 1321 -33.91 -10.55 82.78
C ALA B 1321 -33.20 -9.36 83.41
N GLY B 1322 -33.98 -8.29 83.61
CA GLY B 1322 -33.44 -7.08 84.20
C GLY B 1322 -32.44 -6.37 83.32
N LEU B 1323 -32.37 -6.81 82.06
CA LEU B 1323 -31.47 -6.23 81.06
C LEU B 1323 -32.29 -5.79 79.85
N PRO B 1324 -31.94 -4.65 79.27
CA PRO B 1324 -32.64 -4.20 78.07
C PRO B 1324 -32.17 -4.96 76.85
N LEU B 1325 -33.05 -5.09 75.88
CA LEU B 1325 -32.66 -5.57 74.56
C LEU B 1325 -32.75 -4.42 73.57
N ASN B 1326 -31.76 -4.33 72.69
CA ASN B 1326 -31.77 -3.31 71.67
C ASN B 1326 -33.09 -3.33 70.92
N PRO B 1327 -33.87 -2.25 70.96
CA PRO B 1327 -35.21 -2.27 70.37
C PRO B 1327 -35.22 -2.40 68.86
N MET B 1328 -34.06 -2.39 68.20
CA MET B 1328 -34.00 -2.54 66.76
C MET B 1328 -33.70 -3.97 66.31
N GLY B 1329 -32.88 -4.70 67.04
CA GLY B 1329 -32.52 -6.05 66.65
C GLY B 1329 -31.29 -6.50 67.42
N ARG B 1330 -30.79 -7.66 67.02
CA ARG B 1330 -29.62 -8.23 67.68
C ARG B 1330 -28.37 -7.49 67.22
N THR B 1331 -27.43 -7.31 68.16
CA THR B 1331 -26.20 -6.60 67.86
C THR B 1331 -24.98 -7.51 67.81
N GLY B 1332 -25.12 -8.78 68.18
CA GLY B 1332 -23.99 -9.68 68.21
C GLY B 1332 -23.02 -9.44 69.33
N LEU B 1333 -23.29 -8.50 70.23
CA LEU B 1333 -22.39 -8.17 71.32
C LEU B 1333 -23.17 -8.08 72.61
N ARG B 1334 -22.86 -8.96 73.56
CA ARG B 1334 -23.42 -8.92 74.90
C ARG B 1334 -22.50 -8.16 75.83
N GLY B 1335 -23.02 -7.81 77.00
CA GLY B 1335 -22.25 -7.05 77.98
C GLY B 1335 -22.56 -5.57 77.91
N ARG B 1336 -21.84 -4.81 78.73
CA ARG B 1336 -22.11 -3.38 78.83
C ARG B 1336 -21.54 -2.61 77.65
N GLY B 1337 -20.26 -2.82 77.33
CA GLY B 1337 -19.62 -2.06 76.27
C GLY B 1337 -19.06 -0.74 76.77
N SER B 1338 -19.22 0.30 75.94
CA SER B 1338 -18.78 1.64 76.30
C SER B 1338 -19.92 2.56 76.69
N LEU B 1339 -21.15 2.24 76.30
CA LEU B 1339 -22.28 3.03 76.77
C LEU B 1339 -22.39 2.91 78.28
N SER B 1340 -22.70 4.03 78.92
CA SER B 1340 -22.71 4.07 80.38
C SER B 1340 -23.93 3.36 80.96
N CYS B 1341 -25.11 3.87 80.67
CA CYS B 1341 -26.36 3.29 81.16
C CYS B 1341 -26.95 2.37 80.11
N PHE B 1342 -27.66 1.36 80.58
CA PHE B 1342 -28.24 0.39 79.66
C PHE B 1342 -29.44 1.00 78.93
N GLY B 1343 -30.05 0.19 78.09
CA GLY B 1343 -31.16 0.62 77.30
C GLY B 1343 -30.81 1.78 76.40
N PRO B 1344 -31.61 2.83 76.43
CA PRO B 1344 -31.27 4.05 75.72
C PRO B 1344 -30.26 4.87 76.49
N ASN B 1345 -29.59 5.76 75.76
CA ASN B 1345 -28.66 6.73 76.34
C ASN B 1345 -28.84 8.01 75.53
N HIS B 1346 -29.59 8.95 76.08
CA HIS B 1346 -29.97 10.14 75.34
C HIS B 1346 -28.89 11.22 75.45
N THR B 1347 -28.80 12.04 74.40
CA THR B 1347 -27.97 13.22 74.39
C THR B 1347 -28.63 14.24 73.47
N LEU B 1348 -27.86 15.25 73.06
CA LEU B 1348 -28.42 16.31 72.23
C LEU B 1348 -27.43 16.72 71.16
N TYR B 1349 -27.91 16.73 69.92
CA TYR B 1349 -27.17 17.28 68.78
C TYR B 1349 -27.99 18.40 68.19
N PRO B 1350 -27.72 19.65 68.55
CA PRO B 1350 -28.46 20.77 67.96
C PRO B 1350 -28.11 20.94 66.48
N MET B 1351 -28.73 21.93 65.86
CA MET B 1351 -28.48 22.24 64.45
C MET B 1351 -28.67 23.72 64.21
N VAL B 1352 -27.63 24.39 63.73
CA VAL B 1352 -27.71 25.77 63.26
C VAL B 1352 -27.52 25.77 61.76
N THR B 1353 -28.39 26.49 61.06
CA THR B 1353 -28.38 26.51 59.61
C THR B 1353 -28.50 27.94 59.14
N ARG B 1354 -27.69 28.30 58.14
CA ARG B 1354 -27.77 29.60 57.51
C ARG B 1354 -27.66 29.41 56.01
N TRP B 1355 -28.30 30.32 55.26
CA TRP B 1355 -28.21 30.26 53.81
C TRP B 1355 -26.80 30.61 53.34
N ARG B 1356 -26.63 30.62 52.03
CA ARG B 1356 -25.37 30.99 51.41
C ARG B 1356 -25.62 32.12 50.43
N ARG B 1357 -25.21 33.32 50.80
CA ARG B 1357 -25.45 34.48 49.97
C ARG B 1357 -24.28 34.73 49.04
N ASN B 1358 -24.53 35.52 48.01
CA ASN B 1358 -23.48 35.91 47.07
C ASN B 1358 -22.89 37.24 47.52
N GLU B 1359 -22.06 37.84 46.65
CA GLU B 1359 -21.47 39.13 46.97
C GLU B 1359 -22.49 40.24 46.93
N ASP B 1360 -23.55 40.09 46.13
CA ASP B 1360 -24.55 41.14 46.01
C ASP B 1360 -25.70 40.98 46.99
N GLY B 1361 -25.78 39.85 47.69
CA GLY B 1361 -26.82 39.64 48.68
C GLY B 1361 -27.83 38.56 48.32
N ALA B 1362 -27.79 38.00 47.13
CA ALA B 1362 -28.71 36.94 46.75
C ALA B 1362 -28.23 35.60 47.29
N ILE B 1363 -29.17 34.73 47.60
CA ILE B 1363 -28.83 33.42 48.13
C ILE B 1363 -28.32 32.54 47.00
N CYS B 1364 -27.28 31.76 47.28
CA CYS B 1364 -26.76 30.87 46.25
C CYS B 1364 -27.79 29.79 45.90
N ARG B 1365 -27.51 29.08 44.82
CA ARG B 1365 -28.41 28.06 44.31
C ARG B 1365 -27.60 26.85 43.86
N LYS B 1366 -28.21 25.68 43.98
CA LYS B 1366 -27.65 24.47 43.38
C LYS B 1366 -28.00 24.48 41.90
N SER B 1367 -27.81 23.33 41.25
CA SER B 1367 -28.33 23.17 39.89
C SER B 1367 -29.77 23.66 39.80
N ILE B 1368 -30.65 23.14 40.65
CA ILE B 1368 -31.99 23.64 40.81
C ILE B 1368 -32.27 24.08 42.24
N LYS B 1369 -31.77 23.34 43.22
CA LYS B 1369 -31.97 23.64 44.62
C LYS B 1369 -31.03 24.77 45.04
N LYS B 1370 -30.88 24.96 46.34
CA LYS B 1370 -30.09 26.06 46.86
C LYS B 1370 -28.98 25.55 47.77
N MET B 1371 -28.24 26.49 48.32
CA MET B 1371 -27.07 26.22 49.14
C MET B 1371 -27.29 26.73 50.56
N LEU B 1372 -26.97 25.90 51.54
CA LEU B 1372 -27.02 26.29 52.94
C LEU B 1372 -25.62 26.24 53.52
N GLU B 1373 -25.44 26.93 54.65
CA GLU B 1373 -24.18 26.92 55.37
C GLU B 1373 -24.44 26.48 56.80
N VAL B 1374 -23.69 25.47 57.24
CA VAL B 1374 -23.81 24.93 58.59
C VAL B 1374 -22.42 24.93 59.22
N LEU B 1375 -22.35 25.32 60.47
CA LEU B 1375 -21.07 25.41 61.15
C LEU B 1375 -20.77 24.08 61.82
N VAL B 1376 -19.51 23.70 61.79
CA VAL B 1376 -19.05 22.47 62.39
C VAL B 1376 -17.83 22.77 63.25
N VAL B 1377 -17.78 22.14 64.41
CA VAL B 1377 -16.64 22.26 65.31
C VAL B 1377 -15.73 21.07 65.07
N LYS B 1378 -14.45 21.34 64.95
CA LYS B 1378 -13.46 20.28 64.81
C LYS B 1378 -13.10 19.78 66.20
N LEU B 1379 -12.80 18.50 66.28
CA LEU B 1379 -12.27 17.91 67.49
C LEU B 1379 -10.85 17.45 67.26
N PRO B 1380 -9.95 17.68 68.22
CA PRO B 1380 -8.53 17.45 67.94
C PRO B 1380 -8.22 16.02 67.54
N LEU B 1381 -8.80 15.05 68.23
CA LEU B 1381 -8.43 13.65 68.04
C LEU B 1381 -9.60 12.85 67.52
N SER B 1382 -10.29 13.39 66.52
CA SER B 1382 -11.49 12.76 65.99
C SER B 1382 -11.27 12.08 64.65
N GLU B 1383 -10.35 12.58 63.83
CA GLU B 1383 -10.26 12.20 62.43
C GLU B 1383 -11.58 12.41 61.70
N HIS B 1384 -12.43 13.28 62.24
CA HIS B 1384 -13.76 13.51 61.70
C HIS B 1384 -14.32 14.79 62.28
N TRP B 1385 -14.74 15.70 61.42
CA TRP B 1385 -15.47 16.85 61.91
C TRP B 1385 -16.81 16.41 62.45
N ALA B 1386 -17.23 17.01 63.56
CA ALA B 1386 -18.41 16.55 64.26
C ALA B 1386 -19.35 17.72 64.54
N LEU B 1387 -20.64 17.45 64.49
CA LEU B 1387 -21.62 18.42 64.92
C LEU B 1387 -21.40 18.74 66.40
N PRO B 1388 -21.60 19.98 66.80
CA PRO B 1388 -21.47 20.30 68.22
C PRO B 1388 -22.61 19.73 69.03
N GLY B 1389 -22.54 18.44 69.33
CA GLY B 1389 -23.52 17.79 70.18
C GLY B 1389 -22.86 17.10 71.37
N GLY B 1390 -23.37 17.35 72.57
CA GLY B 1390 -22.75 16.88 73.79
C GLY B 1390 -23.67 15.96 74.57
N SER B 1391 -23.07 15.23 75.50
CA SER B 1391 -23.81 14.30 76.33
C SER B 1391 -24.82 15.06 77.19
N ARG B 1392 -26.08 14.62 77.14
CA ARG B 1392 -27.12 15.25 77.95
C ARG B 1392 -26.98 14.84 79.41
N GLU B 1393 -25.84 15.19 79.99
CA GLU B 1393 -25.61 14.95 81.40
C GLU B 1393 -26.48 15.89 82.23
N PRO B 1394 -26.56 17.19 81.89
CA PRO B 1394 -27.61 18.03 82.48
C PRO B 1394 -28.86 17.99 81.62
N GLY B 1395 -29.92 18.68 82.05
CA GLY B 1395 -31.14 18.70 81.29
C GLY B 1395 -31.06 19.60 80.08
N GLU B 1396 -30.91 20.90 80.31
CA GLU B 1396 -30.83 21.86 79.22
C GLU B 1396 -29.41 22.17 78.80
N MET B 1397 -28.43 21.84 79.63
CA MET B 1397 -27.02 22.11 79.34
C MET B 1397 -26.37 20.98 78.54
N LEU B 1398 -27.16 20.18 77.84
CA LEU B 1398 -26.58 19.20 76.92
C LEU B 1398 -25.73 19.84 75.85
N PRO B 1399 -26.14 20.93 75.19
CA PRO B 1399 -25.19 21.66 74.34
C PRO B 1399 -24.08 22.31 75.13
N ARG B 1400 -24.29 22.59 76.42
CA ARG B 1400 -23.17 22.99 77.26
C ARG B 1400 -22.22 21.83 77.52
N LYS B 1401 -22.63 20.59 77.19
CA LYS B 1401 -21.66 19.53 77.00
C LYS B 1401 -21.10 19.57 75.59
N LEU B 1402 -21.95 19.91 74.62
CA LEU B 1402 -21.45 20.17 73.27
C LEU B 1402 -20.54 21.39 73.26
N LYS B 1403 -21.00 22.49 73.85
CA LYS B 1403 -20.21 23.71 73.98
C LYS B 1403 -19.45 23.75 75.29
N ARG B 1404 -19.00 22.59 75.78
CA ARG B 1404 -18.26 22.52 77.03
C ARG B 1404 -17.17 23.58 77.10
N ILE B 1405 -16.57 23.91 75.96
CA ILE B 1405 -15.53 24.92 75.91
C ILE B 1405 -15.75 25.87 74.74
N LEU B 1406 -16.93 25.84 74.14
CA LEU B 1406 -17.15 26.48 72.85
C LEU B 1406 -17.75 27.87 72.95
N ARG B 1407 -18.96 28.01 73.48
CA ARG B 1407 -19.69 29.25 73.24
C ARG B 1407 -19.18 30.40 74.12
N GLN B 1408 -19.37 30.28 75.43
CA GLN B 1408 -18.89 31.25 76.40
C GLN B 1408 -19.18 30.72 77.79
N GLU B 1409 -18.91 31.52 78.81
CA GLU B 1409 -19.26 31.15 80.18
C GLU B 1409 -20.67 31.58 80.53
N HIS B 1410 -20.94 32.88 80.46
CA HIS B 1410 -22.28 33.38 80.74
C HIS B 1410 -23.15 33.29 79.49
N TRP B 1411 -22.63 33.76 78.36
CA TRP B 1411 -23.34 33.71 77.09
C TRP B 1411 -23.73 32.27 76.80
N PRO B 1412 -23.05 31.30 77.41
CA PRO B 1412 -23.60 29.93 77.42
C PRO B 1412 -25.07 29.92 77.77
N SER B 1413 -25.45 30.57 78.87
CA SER B 1413 -26.86 30.64 79.23
C SER B 1413 -27.65 31.39 78.17
N PHE B 1414 -27.04 32.40 77.56
CA PHE B 1414 -27.72 33.12 76.49
C PHE B 1414 -28.11 32.18 75.37
N GLU B 1415 -27.13 31.46 74.83
CA GLU B 1415 -27.43 30.48 73.79
C GLU B 1415 -28.38 29.42 74.30
N ASN B 1416 -28.33 29.12 75.59
CA ASN B 1416 -29.28 28.18 76.17
C ASN B 1416 -30.70 28.65 75.95
N LEU B 1417 -30.96 29.94 76.20
CA LEU B 1417 -32.25 30.50 75.81
C LEU B 1417 -32.43 30.40 74.30
N LEU B 1418 -31.35 30.67 73.55
CA LEU B 1418 -31.41 30.58 72.09
C LEU B 1418 -31.51 29.15 71.60
N LYS B 1419 -31.23 28.17 72.47
CA LYS B 1419 -31.39 26.79 72.08
C LYS B 1419 -32.82 26.44 71.72
N CYS B 1420 -33.79 27.28 72.10
CA CYS B 1420 -35.18 27.07 71.72
C CYS B 1420 -35.29 27.09 70.20
N GLY B 1421 -35.65 25.96 69.60
CA GLY B 1421 -35.73 25.87 68.16
C GLY B 1421 -36.74 24.86 67.65
N MET B 1422 -36.55 24.41 66.41
CA MET B 1422 -37.44 23.45 65.76
C MET B 1422 -36.82 22.06 65.80
N GLU B 1423 -37.64 21.07 66.12
CA GLU B 1423 -37.16 19.70 66.26
C GLU B 1423 -37.12 19.00 64.91
N VAL B 1424 -36.25 18.00 64.82
CA VAL B 1424 -36.09 17.26 63.56
C VAL B 1424 -36.43 15.79 63.74
N TYR B 1425 -35.64 15.09 64.56
CA TYR B 1425 -35.83 13.65 64.70
C TYR B 1425 -35.22 13.17 66.00
N LYS B 1426 -35.88 12.22 66.64
CA LYS B 1426 -35.39 11.59 67.85
C LYS B 1426 -35.48 10.09 67.72
N GLY B 1427 -34.74 9.40 68.58
CA GLY B 1427 -34.77 7.95 68.64
C GLY B 1427 -33.39 7.36 68.55
N TYR B 1428 -33.35 6.03 68.54
CA TYR B 1428 -32.11 5.30 68.46
C TYR B 1428 -31.53 5.39 67.06
N MET B 1429 -30.22 5.60 66.98
CA MET B 1429 -29.53 5.67 65.71
C MET B 1429 -28.36 4.70 65.73
N ASP B 1430 -27.87 4.39 64.54
CA ASP B 1430 -26.76 3.46 64.42
C ASP B 1430 -25.49 4.06 65.00
N ASP B 1431 -24.61 3.19 65.45
CA ASP B 1431 -23.42 3.62 66.16
C ASP B 1431 -22.54 2.40 66.40
N PRO B 1432 -21.23 2.56 66.55
CA PRO B 1432 -20.40 1.39 66.87
C PRO B 1432 -20.59 0.87 68.27
N ARG B 1433 -21.11 1.68 69.20
CA ARG B 1433 -21.08 1.35 70.62
C ARG B 1433 -22.44 0.93 71.15
N ASN B 1434 -23.20 0.16 70.39
CA ASN B 1434 -24.47 -0.40 70.85
C ASN B 1434 -24.32 -1.91 71.03
N THR B 1435 -24.44 -2.37 72.26
CA THR B 1435 -24.56 -3.80 72.52
C THR B 1435 -26.02 -4.20 72.37
N ASP B 1436 -26.30 -5.45 72.66
CA ASP B 1436 -27.70 -5.85 72.70
C ASP B 1436 -28.41 -5.35 73.93
N ASN B 1437 -27.72 -4.53 74.72
CA ASN B 1437 -28.22 -4.09 76.02
C ASN B 1437 -28.42 -2.58 76.08
N ALA B 1438 -27.39 -1.81 75.77
CA ALA B 1438 -27.43 -0.36 75.85
C ALA B 1438 -27.35 0.23 74.45
N TRP B 1439 -28.29 1.10 74.12
CA TRP B 1439 -28.28 1.80 72.83
C TRP B 1439 -28.31 3.30 73.06
N ILE B 1440 -28.30 4.04 71.96
CA ILE B 1440 -28.09 5.48 71.98
C ILE B 1440 -29.24 6.15 71.24
N GLU B 1441 -29.84 7.16 71.88
CA GLU B 1441 -30.80 8.05 71.25
C GLU B 1441 -30.38 9.48 71.55
N THR B 1442 -31.04 10.43 70.91
CA THR B 1442 -30.68 11.83 71.10
C THR B 1442 -31.80 12.72 70.57
N VAL B 1443 -31.51 14.02 70.52
CA VAL B 1443 -32.48 15.05 70.15
C VAL B 1443 -31.89 15.88 69.03
N ALA B 1444 -32.75 16.29 68.09
CA ALA B 1444 -32.33 17.05 66.91
C ALA B 1444 -33.17 18.33 66.80
N VAL B 1445 -32.71 19.39 67.46
CA VAL B 1445 -33.32 20.71 67.33
C VAL B 1445 -32.64 21.44 66.19
N SER B 1446 -33.34 22.41 65.60
CA SER B 1446 -32.87 23.10 64.39
C SER B 1446 -33.12 24.59 64.52
N VAL B 1447 -32.11 25.31 64.99
CA VAL B 1447 -32.13 26.77 64.88
C VAL B 1447 -31.61 27.14 63.49
N HIS B 1448 -32.30 28.05 62.83
CA HIS B 1448 -31.99 28.40 61.45
C HIS B 1448 -31.76 29.89 61.31
N PHE B 1449 -30.77 30.24 60.51
CA PHE B 1449 -30.49 31.63 60.16
C PHE B 1449 -31.13 31.87 58.80
N GLN B 1450 -32.35 32.38 58.79
CA GLN B 1450 -33.05 32.67 57.54
C GLN B 1450 -32.40 33.83 56.79
N ASP B 1451 -32.37 35.02 57.41
CA ASP B 1451 -31.62 36.12 56.84
C ASP B 1451 -30.19 36.10 57.36
N GLN B 1452 -29.29 36.78 56.64
CA GLN B 1452 -27.86 36.71 56.90
C GLN B 1452 -27.25 38.06 57.28
N ASN B 1453 -28.07 38.92 57.90
CA ASN B 1453 -27.55 40.19 58.39
C ASN B 1453 -28.19 40.65 59.70
N ASP B 1454 -28.71 39.75 60.53
CA ASP B 1454 -29.44 40.16 61.72
C ASP B 1454 -28.53 40.16 62.95
N VAL B 1455 -29.08 40.65 64.06
CA VAL B 1455 -28.31 40.75 65.29
C VAL B 1455 -28.24 39.40 65.99
N GLU B 1456 -29.13 38.48 65.65
CA GLU B 1456 -28.98 37.11 66.11
C GLU B 1456 -27.70 36.50 65.57
N LEU B 1457 -27.49 36.63 64.25
CA LEU B 1457 -26.24 36.18 63.67
C LEU B 1457 -25.06 36.97 64.20
N ASN B 1458 -25.25 38.28 64.37
CA ASN B 1458 -24.19 39.10 64.97
C ASN B 1458 -23.89 38.64 66.39
N ARG B 1459 -24.88 38.07 67.07
CA ARG B 1459 -24.63 37.47 68.38
C ARG B 1459 -23.96 36.12 68.24
N LEU B 1460 -24.37 35.33 67.24
CA LEU B 1460 -23.67 34.09 66.96
C LEU B 1460 -22.20 34.34 66.71
N ASN B 1461 -21.88 35.43 66.01
CA ASN B 1461 -20.50 35.87 65.90
C ASN B 1461 -19.98 36.32 67.26
N SER B 1462 -20.80 37.08 67.99
CA SER B 1462 -20.43 37.52 69.33
C SER B 1462 -20.19 36.35 70.28
N ASN B 1463 -20.57 35.14 69.88
CA ASN B 1463 -20.18 33.94 70.61
C ASN B 1463 -18.75 33.54 70.34
N LEU B 1464 -17.94 34.46 69.79
CA LEU B 1464 -16.55 34.15 69.49
C LEU B 1464 -15.74 34.07 70.77
N HIS B 1465 -16.07 33.12 71.64
CA HIS B 1465 -15.31 32.80 72.83
C HIS B 1465 -14.96 31.33 72.82
N ALA B 1466 -14.61 30.81 71.65
CA ALA B 1466 -14.38 29.38 71.48
C ALA B 1466 -12.99 28.97 71.90
N CYS B 1467 -12.13 29.92 72.27
CA CYS B 1467 -10.73 29.61 72.53
C CYS B 1467 -10.54 29.00 73.91
N ASP B 1468 -11.25 27.91 74.21
CA ASP B 1468 -11.06 27.21 75.48
C ASP B 1468 -10.52 25.80 75.29
N SER B 1469 -11.22 24.93 74.55
CA SER B 1469 -10.68 23.59 74.29
C SER B 1469 -11.07 23.09 72.90
N GLY B 1470 -11.31 23.99 71.95
CA GLY B 1470 -11.75 23.59 70.63
C GLY B 1470 -10.59 23.34 69.68
N ALA B 1471 -10.84 22.51 68.67
CA ALA B 1471 -9.86 22.29 67.62
C ALA B 1471 -10.02 23.32 66.51
N SER B 1472 -11.21 23.40 65.93
CA SER B 1472 -11.51 24.41 64.94
C SER B 1472 -13.02 24.50 64.77
N ILE B 1473 -13.46 25.66 64.32
CA ILE B 1473 -14.88 25.94 64.11
C ILE B 1473 -15.03 26.71 62.82
N ARG B 1474 -16.03 26.35 62.03
CA ARG B 1474 -16.21 26.99 60.73
C ARG B 1474 -17.53 26.55 60.15
N TRP B 1475 -18.11 27.42 59.33
CA TRP B 1475 -19.30 27.05 58.58
C TRP B 1475 -18.93 26.02 57.52
N GLN B 1476 -19.96 25.46 56.90
CA GLN B 1476 -19.76 24.50 55.83
C GLN B 1476 -21.03 24.41 55.01
N VAL B 1477 -20.86 24.21 53.73
CA VAL B 1477 -21.98 24.04 52.83
C VAL B 1477 -22.40 22.58 52.87
N VAL B 1478 -23.70 22.33 52.74
CA VAL B 1478 -24.19 20.96 52.70
C VAL B 1478 -23.61 20.25 51.49
N ASP B 1479 -23.09 19.04 51.71
CA ASP B 1479 -22.56 18.24 50.62
C ASP B 1479 -22.61 16.78 51.04
N ARG B 1480 -23.05 15.92 50.12
CA ARG B 1480 -23.17 14.50 50.41
C ARG B 1480 -21.84 13.89 50.85
N ARG B 1481 -20.73 14.61 50.71
CA ARG B 1481 -19.43 14.14 51.15
C ARG B 1481 -18.79 15.12 52.12
N ILE B 1482 -19.60 15.96 52.77
CA ILE B 1482 -19.05 16.91 53.72
C ILE B 1482 -18.31 16.16 54.80
N PRO B 1483 -17.06 16.50 55.11
CA PRO B 1483 -16.28 15.71 56.08
C PRO B 1483 -16.89 15.83 57.46
N LEU B 1484 -17.45 14.74 57.94
CA LEU B 1484 -18.27 14.79 59.15
C LEU B 1484 -18.27 13.41 59.79
N TYR B 1485 -18.76 13.35 61.02
CA TYR B 1485 -19.05 12.07 61.65
C TYR B 1485 -20.04 11.27 60.79
N ALA B 1486 -20.12 9.97 61.07
CA ALA B 1486 -20.88 9.09 60.21
C ALA B 1486 -22.35 9.47 60.15
N ASN B 1487 -23.05 9.29 61.27
CA ASN B 1487 -24.51 9.43 61.25
C ASN B 1487 -24.93 10.88 61.24
N HIS B 1488 -24.08 11.78 61.75
CA HIS B 1488 -24.38 13.19 61.70
C HIS B 1488 -24.73 13.63 60.29
N LYS B 1489 -24.16 12.96 59.29
CA LYS B 1489 -24.48 13.29 57.91
C LYS B 1489 -25.92 12.94 57.58
N THR B 1490 -26.35 11.74 57.97
CA THR B 1490 -27.76 11.39 57.80
C THR B 1490 -28.65 12.41 58.48
N LEU B 1491 -28.22 12.88 59.64
CA LEU B 1491 -28.95 13.94 60.33
C LEU B 1491 -29.05 15.17 59.46
N LEU B 1492 -27.92 15.59 58.88
CA LEU B 1492 -27.94 16.77 58.02
C LEU B 1492 -28.82 16.55 56.81
N GLN B 1493 -28.76 15.37 56.22
CA GLN B 1493 -29.63 15.06 55.10
C GLN B 1493 -31.07 15.25 55.49
N LYS B 1494 -31.44 14.82 56.70
CA LYS B 1494 -32.75 15.12 57.21
C LYS B 1494 -32.97 16.62 57.33
N ALA B 1495 -31.94 17.34 57.77
CA ALA B 1495 -32.07 18.77 57.97
C ALA B 1495 -32.37 19.49 56.66
N ALA B 1496 -31.58 19.21 55.63
CA ALA B 1496 -31.80 19.86 54.34
C ALA B 1496 -33.11 19.39 53.72
N ALA B 1497 -33.48 18.13 53.94
CA ALA B 1497 -34.77 17.65 53.47
C ALA B 1497 -35.90 18.48 54.04
N GLU B 1498 -35.73 19.00 55.25
CA GLU B 1498 -36.74 19.86 55.86
C GLU B 1498 -36.79 21.24 55.23
N PHE B 1499 -36.02 21.51 54.18
CA PHE B 1499 -36.01 22.82 53.57
C PHE B 1499 -36.09 22.82 52.06
N GLY B 1500 -35.71 21.74 51.39
CA GLY B 1500 -35.68 21.73 49.94
C GLY B 1500 -34.35 22.10 49.33
N ALA B 1501 -33.25 21.96 50.06
CA ALA B 1501 -31.93 22.31 49.58
C ALA B 1501 -31.41 21.22 48.65
N HIS B 1502 -30.11 21.25 48.37
CA HIS B 1502 -29.48 20.27 47.51
C HIS B 1502 -28.86 19.15 48.33
N TYR B 1503 -28.32 18.17 47.63
CA TYR B 1503 -27.54 17.11 48.26
C TYR B 1503 -26.74 16.33 47.23
N GLN C 56 20.90 -50.49 -13.59
CA GLN C 56 19.67 -50.80 -14.32
C GLN C 56 19.55 -52.30 -14.53
N GLU C 57 20.54 -52.88 -15.21
CA GLU C 57 20.55 -54.32 -15.40
C GLU C 57 20.70 -55.07 -14.08
N SER C 58 21.32 -54.44 -13.08
CA SER C 58 21.46 -55.07 -11.77
C SER C 58 20.10 -55.46 -11.21
N LEU C 59 19.22 -54.47 -11.02
CA LEU C 59 17.86 -54.76 -10.62
C LEU C 59 17.15 -55.61 -11.67
N SER C 60 17.44 -55.36 -12.94
CA SER C 60 16.80 -56.12 -14.01
C SER C 60 17.03 -57.61 -13.84
N SER C 61 18.24 -57.99 -13.45
CA SER C 61 18.50 -59.38 -13.12
C SER C 61 18.02 -59.72 -11.73
N TRP C 62 18.09 -58.75 -10.82
CA TRP C 62 17.80 -59.02 -9.42
C TRP C 62 16.37 -59.51 -9.26
N ILE C 63 15.43 -58.84 -9.89
CA ILE C 63 14.02 -59.16 -9.69
C ILE C 63 13.74 -60.64 -9.97
N PRO C 64 14.05 -61.19 -11.15
CA PRO C 64 13.81 -62.62 -11.33
C PRO C 64 14.67 -63.46 -10.43
N GLU C 65 15.86 -62.97 -10.07
CA GLU C 65 16.68 -63.69 -9.11
C GLU C 65 16.01 -63.79 -7.76
N ASN C 66 15.01 -62.95 -7.51
CA ASN C 66 14.43 -62.85 -6.18
C ASN C 66 12.96 -63.24 -6.14
N ILE C 67 12.16 -62.74 -7.05
CA ILE C 67 10.72 -62.85 -6.94
C ILE C 67 10.23 -63.99 -7.81
N LYS C 68 9.08 -64.54 -7.45
CA LYS C 68 8.43 -65.56 -8.25
C LYS C 68 7.00 -65.12 -8.55
N LYS C 69 6.45 -65.64 -9.64
CA LYS C 69 5.05 -65.46 -9.97
C LYS C 69 4.38 -66.81 -10.07
N LYS C 70 3.10 -66.83 -9.78
CA LYS C 70 2.36 -68.07 -9.62
C LYS C 70 1.66 -68.45 -10.92
N GLU C 71 1.46 -69.76 -11.09
CA GLU C 71 0.77 -70.30 -12.25
C GLU C 71 0.48 -71.77 -11.98
N CYS C 72 -0.68 -72.24 -12.46
CA CYS C 72 -1.15 -73.59 -12.16
C CYS C 72 -0.50 -74.62 -13.08
N VAL C 73 -0.32 -75.83 -12.56
CA VAL C 73 0.34 -76.89 -13.31
C VAL C 73 -0.64 -78.05 -13.44
N TYR C 74 -1.82 -77.88 -12.89
CA TYR C 74 -2.86 -78.90 -12.97
C TYR C 74 -3.90 -78.44 -13.98
N PHE C 75 -4.02 -79.16 -15.09
CA PHE C 75 -4.94 -78.80 -16.16
C PHE C 75 -6.10 -79.79 -16.16
N VAL C 76 -7.17 -79.45 -15.44
CA VAL C 76 -8.43 -80.17 -15.50
C VAL C 76 -9.52 -79.11 -15.50
N GLU C 77 -10.31 -79.08 -16.58
CA GLU C 77 -11.21 -77.97 -16.84
C GLU C 77 -12.07 -77.62 -15.64
N SER C 78 -12.49 -76.36 -15.58
CA SER C 78 -13.39 -75.89 -14.55
C SER C 78 -14.68 -76.67 -14.58
N SER C 79 -15.49 -76.46 -13.54
CA SER C 79 -16.81 -77.08 -13.49
C SER C 79 -17.81 -76.25 -14.29
N LYS C 80 -17.97 -74.99 -13.94
CA LYS C 80 -18.88 -74.11 -14.65
C LYS C 80 -18.13 -73.31 -15.71
N LEU C 81 -18.83 -72.98 -16.79
CA LEU C 81 -18.23 -72.22 -17.89
C LEU C 81 -18.40 -70.73 -17.67
N SER C 82 -17.38 -69.98 -18.05
CA SER C 82 -17.38 -68.54 -17.95
C SER C 82 -17.98 -67.94 -19.21
N ASP C 83 -17.80 -66.64 -19.40
CA ASP C 83 -18.31 -65.98 -20.60
C ASP C 83 -17.51 -66.52 -21.78
N ALA C 84 -18.03 -67.58 -22.39
CA ALA C 84 -17.35 -68.36 -23.42
C ALA C 84 -16.01 -68.89 -22.95
N GLY C 85 -15.72 -68.79 -21.64
CA GLY C 85 -14.43 -69.17 -21.13
C GLY C 85 -14.38 -70.61 -20.73
N LYS C 86 -15.06 -71.48 -21.50
CA LYS C 86 -15.04 -72.90 -21.21
C LYS C 86 -13.64 -73.49 -21.21
N VAL C 87 -12.66 -72.77 -21.74
CA VAL C 87 -11.27 -73.23 -21.72
C VAL C 87 -10.67 -72.70 -20.42
N VAL C 88 -10.95 -73.42 -19.33
CA VAL C 88 -10.59 -73.00 -17.98
C VAL C 88 -10.46 -74.21 -17.07
N CYS C 89 -9.29 -74.40 -16.47
CA CYS C 89 -9.15 -75.38 -15.39
C CYS C 89 -9.34 -74.66 -14.06
N GLN C 90 -10.57 -74.22 -13.84
CA GLN C 90 -11.04 -73.62 -12.60
C GLN C 90 -10.43 -72.25 -12.38
N CYS C 91 -9.48 -71.88 -13.20
CA CYS C 91 -8.91 -70.55 -13.14
C CYS C 91 -8.94 -69.84 -14.48
N GLY C 92 -8.71 -70.58 -15.56
CA GLY C 92 -8.83 -70.04 -16.90
C GLY C 92 -8.07 -68.76 -17.09
N TYR C 93 -6.75 -68.83 -17.03
CA TYR C 93 -5.97 -67.66 -17.41
C TYR C 93 -5.79 -67.60 -18.92
N THR C 94 -5.05 -68.55 -19.50
CA THR C 94 -4.98 -68.67 -20.96
C THR C 94 -4.50 -70.08 -21.32
N HIS C 95 -5.47 -70.95 -21.64
CA HIS C 95 -5.23 -72.22 -22.29
C HIS C 95 -6.55 -72.93 -22.50
N GLU C 96 -6.52 -74.11 -23.12
CA GLU C 96 -7.68 -74.99 -23.09
C GLU C 96 -8.09 -75.28 -21.66
N GLN C 97 -7.15 -75.18 -20.72
CA GLN C 97 -7.39 -75.25 -19.29
C GLN C 97 -6.75 -74.01 -18.66
N HIS C 98 -6.63 -74.02 -17.33
CA HIS C 98 -5.87 -73.00 -16.62
C HIS C 98 -4.38 -73.39 -16.61
N LEU C 99 -3.82 -73.50 -17.82
CA LEU C 99 -2.48 -74.03 -18.01
C LEU C 99 -1.60 -73.04 -18.74
N GLU C 100 -0.34 -73.01 -18.34
CA GLU C 100 0.71 -72.30 -19.04
C GLU C 100 1.82 -73.23 -19.49
N GLU C 101 1.83 -74.46 -19.00
CA GLU C 101 2.73 -75.51 -19.42
C GLU C 101 1.88 -76.61 -20.04
N ALA C 102 2.51 -77.75 -20.29
CA ALA C 102 1.79 -78.91 -20.81
C ALA C 102 0.45 -79.04 -20.08
N THR C 103 -0.63 -78.92 -20.84
CA THR C 103 -1.95 -78.93 -20.23
C THR C 103 -2.22 -80.33 -19.71
N LYS C 104 -1.81 -80.60 -18.49
CA LYS C 104 -1.84 -81.93 -17.91
C LYS C 104 -2.41 -81.91 -16.51
N PRO C 105 -2.81 -83.07 -15.98
CA PRO C 105 -3.22 -83.15 -14.58
C PRO C 105 -2.04 -83.27 -13.62
N HIS C 106 -0.85 -82.86 -14.07
CA HIS C 106 0.36 -82.92 -13.26
C HIS C 106 0.64 -84.35 -12.81
N THR C 107 0.56 -85.29 -13.77
CA THR C 107 0.73 -86.72 -13.51
C THR C 107 -0.22 -87.21 -12.43
N PHE C 108 -1.38 -86.57 -12.32
CA PHE C 108 -2.29 -86.88 -11.22
C PHE C 108 -3.71 -86.58 -11.65
N GLN C 109 -4.50 -87.62 -11.91
CA GLN C 109 -5.91 -87.41 -12.21
C GLN C 109 -6.69 -87.22 -10.92
N GLY C 110 -6.22 -86.30 -10.08
CA GLY C 110 -6.88 -86.03 -8.81
C GLY C 110 -7.68 -84.76 -8.87
N THR C 111 -9.00 -84.90 -8.97
CA THR C 111 -9.87 -83.74 -9.15
C THR C 111 -9.75 -82.80 -7.97
N GLN C 112 -10.16 -81.55 -8.21
CA GLN C 112 -10.09 -80.48 -7.22
C GLN C 112 -8.67 -80.31 -6.68
N TRP C 113 -7.68 -80.46 -7.57
CA TRP C 113 -6.29 -80.27 -7.18
C TRP C 113 -6.11 -78.85 -6.74
N ASP C 114 -6.00 -78.64 -5.44
CA ASP C 114 -5.97 -77.30 -4.86
C ASP C 114 -4.81 -76.50 -5.44
N PRO C 115 -4.80 -75.19 -5.25
CA PRO C 115 -3.59 -74.42 -5.57
C PRO C 115 -2.37 -75.02 -4.92
N LYS C 116 -2.53 -75.66 -3.76
CA LYS C 116 -1.46 -76.46 -3.20
C LYS C 116 -1.07 -77.60 -4.13
N LYS C 117 -2.02 -78.11 -4.92
CA LYS C 117 -1.76 -79.18 -5.86
C LYS C 117 -1.83 -78.73 -7.31
N HIS C 118 -1.96 -77.43 -7.57
CA HIS C 118 -2.08 -76.92 -8.92
C HIS C 118 -1.05 -75.86 -9.28
N VAL C 119 -0.86 -74.85 -8.43
CA VAL C 119 -0.14 -73.63 -8.80
C VAL C 119 1.35 -73.78 -8.50
N GLN C 120 2.17 -73.03 -9.25
CA GLN C 120 3.61 -73.04 -9.05
C GLN C 120 4.17 -71.64 -9.18
N GLU C 121 5.09 -71.29 -8.29
CA GLU C 121 5.75 -70.00 -8.27
C GLU C 121 7.11 -70.10 -8.91
N MET C 122 7.42 -69.14 -9.79
CA MET C 122 8.62 -69.17 -10.60
C MET C 122 9.00 -67.75 -10.94
N PRO C 123 10.27 -67.49 -11.24
CA PRO C 123 10.71 -66.12 -11.50
C PRO C 123 9.82 -65.42 -12.50
N THR C 124 9.54 -64.15 -12.24
CA THR C 124 8.48 -63.43 -12.92
C THR C 124 8.98 -62.70 -14.14
N ASP C 125 8.22 -62.80 -15.23
CA ASP C 125 8.50 -62.06 -16.46
C ASP C 125 7.59 -60.86 -16.59
N ALA C 126 7.28 -60.21 -15.47
CA ALA C 126 6.32 -59.11 -15.47
C ALA C 126 6.78 -57.97 -14.57
N PHE C 127 8.04 -57.59 -14.68
CA PHE C 127 8.52 -56.44 -13.92
C PHE C 127 8.94 -55.34 -14.87
N GLY C 128 9.50 -54.28 -14.32
CA GLY C 128 10.15 -53.24 -15.08
C GLY C 128 9.51 -51.89 -14.86
N ASP C 129 9.86 -50.97 -15.73
CA ASP C 129 9.31 -49.63 -15.76
C ASP C 129 8.13 -49.60 -16.73
N ILE C 130 7.28 -48.60 -16.56
CA ILE C 130 6.04 -48.49 -17.33
C ILE C 130 5.79 -47.03 -17.64
N VAL C 131 4.80 -46.79 -18.50
CA VAL C 131 4.33 -45.44 -18.78
C VAL C 131 2.90 -45.53 -19.28
N PHE C 132 2.06 -44.66 -18.75
CA PHE C 132 0.68 -44.56 -19.21
C PHE C 132 0.69 -43.95 -20.62
N THR C 133 0.60 -44.82 -21.62
CA THR C 133 0.65 -44.36 -23.00
C THR C 133 -0.50 -43.42 -23.30
N GLY C 134 -0.18 -42.32 -23.98
CA GLY C 134 -1.20 -41.37 -24.36
C GLY C 134 -1.85 -40.67 -23.18
N LEU C 135 -1.16 -40.58 -22.06
CA LEU C 135 -1.75 -39.94 -20.89
C LEU C 135 -0.88 -38.86 -20.28
N SER C 136 0.44 -39.04 -20.29
CA SER C 136 1.36 -38.06 -19.73
C SER C 136 2.74 -38.35 -20.28
N GLN C 137 3.76 -37.74 -19.67
CA GLN C 137 5.14 -38.03 -20.02
C GLN C 137 5.91 -38.69 -18.90
N LYS C 138 5.40 -38.68 -17.67
CA LYS C 138 6.10 -39.32 -16.57
C LYS C 138 5.98 -40.83 -16.66
N VAL C 139 6.94 -41.52 -16.06
CA VAL C 139 6.95 -42.97 -16.03
C VAL C 139 6.68 -43.42 -14.60
N LYS C 140 6.38 -44.70 -14.45
CA LYS C 140 6.07 -45.26 -13.17
C LYS C 140 6.66 -46.66 -13.05
N LYS C 141 6.98 -47.06 -11.84
CA LYS C 141 7.55 -48.37 -11.59
C LYS C 141 6.46 -49.37 -11.24
N TYR C 142 6.61 -50.59 -11.75
CA TYR C 142 5.66 -51.65 -11.47
C TYR C 142 6.40 -52.95 -11.25
N VAL C 143 5.69 -53.93 -10.71
CA VAL C 143 6.24 -55.26 -10.48
C VAL C 143 5.13 -56.22 -10.13
N ARG C 144 5.23 -57.45 -10.61
CA ARG C 144 4.29 -58.51 -10.27
C ARG C 144 4.90 -59.38 -9.19
N VAL C 145 4.12 -59.70 -8.16
CA VAL C 145 4.65 -60.43 -7.01
C VAL C 145 3.72 -61.56 -6.62
N SER C 146 4.31 -62.69 -6.24
CA SER C 146 3.54 -63.83 -5.79
C SER C 146 2.83 -63.51 -4.48
N GLN C 147 2.01 -64.46 -4.03
CA GLN C 147 1.26 -64.27 -2.79
C GLN C 147 2.16 -64.45 -1.58
N ASP C 148 2.79 -65.61 -1.47
CA ASP C 148 3.63 -65.94 -0.33
C ASP C 148 5.03 -65.40 -0.60
N THR C 149 5.31 -64.20 -0.08
CA THR C 149 6.58 -63.56 -0.30
C THR C 149 6.94 -62.80 0.97
N PRO C 150 8.17 -62.92 1.45
CA PRO C 150 8.57 -62.18 2.64
C PRO C 150 8.39 -60.69 2.44
N SER C 151 7.69 -60.06 3.38
CA SER C 151 7.53 -58.62 3.31
C SER C 151 8.87 -57.92 3.22
N SER C 152 9.88 -58.47 3.91
CA SER C 152 11.17 -57.81 3.99
C SER C 152 11.76 -57.56 2.62
N VAL C 153 11.78 -58.59 1.77
CA VAL C 153 12.46 -58.44 0.48
C VAL C 153 11.79 -57.37 -0.35
N ILE C 154 10.48 -57.21 -0.20
CA ILE C 154 9.81 -56.12 -0.88
C ILE C 154 10.34 -54.78 -0.39
N TYR C 155 10.33 -54.59 0.92
CA TYR C 155 10.88 -53.36 1.48
C TYR C 155 12.28 -53.13 0.96
N HIS C 156 13.07 -54.18 0.86
CA HIS C 156 14.45 -54.04 0.44
C HIS C 156 14.53 -53.56 -1.00
N LEU C 157 13.78 -54.20 -1.89
CA LEU C 157 13.67 -53.69 -3.25
C LEU C 157 13.27 -52.24 -3.26
N MET C 158 12.26 -51.89 -2.45
CA MET C 158 11.74 -50.52 -2.48
C MET C 158 12.80 -49.51 -2.13
N THR C 159 13.55 -49.77 -1.06
CA THR C 159 14.55 -48.80 -0.63
C THR C 159 15.77 -48.85 -1.53
N GLN C 160 16.42 -50.02 -1.63
CA GLN C 160 17.66 -50.12 -2.38
C GLN C 160 17.41 -50.02 -3.88
N HIS C 161 16.72 -51.01 -4.43
CA HIS C 161 16.68 -51.15 -5.87
C HIS C 161 15.81 -50.09 -6.51
N TRP C 162 14.95 -49.44 -5.74
CA TRP C 162 14.14 -48.37 -6.28
C TRP C 162 14.57 -47.00 -5.79
N GLY C 163 15.56 -46.93 -4.91
CA GLY C 163 15.98 -45.64 -4.39
C GLY C 163 14.86 -44.91 -3.69
N LEU C 164 14.42 -45.43 -2.56
CA LEU C 164 13.39 -44.77 -1.77
C LEU C 164 13.90 -44.57 -0.36
N ASP C 165 13.82 -43.34 0.12
CA ASP C 165 14.26 -43.02 1.47
C ASP C 165 13.22 -43.48 2.49
N VAL C 166 13.71 -43.98 3.61
CA VAL C 166 12.83 -44.43 4.68
C VAL C 166 11.96 -43.24 5.11
N PRO C 167 10.65 -43.34 5.00
CA PRO C 167 9.78 -42.20 5.26
C PRO C 167 9.37 -42.11 6.71
N ASN C 168 8.96 -40.92 7.10
CA ASN C 168 8.62 -40.64 8.49
C ASN C 168 7.17 -40.90 8.81
N LEU C 169 6.41 -41.46 7.88
CA LEU C 169 4.98 -41.57 8.07
C LEU C 169 4.42 -42.47 6.98
N LEU C 170 3.40 -43.24 7.35
CA LEU C 170 2.90 -44.27 6.45
C LEU C 170 1.37 -44.24 6.46
N ILE C 171 0.81 -43.45 5.56
CA ILE C 171 -0.64 -43.28 5.48
C ILE C 171 -1.21 -44.40 4.63
N SER C 172 -1.92 -45.33 5.25
CA SER C 172 -2.60 -46.41 4.54
C SER C 172 -4.06 -46.02 4.44
N VAL C 173 -4.46 -45.54 3.29
CA VAL C 173 -5.81 -45.01 3.09
C VAL C 173 -6.69 -46.11 2.55
N THR C 174 -7.96 -46.11 2.99
CA THR C 174 -8.92 -47.11 2.53
C THR C 174 -10.29 -46.48 2.41
N GLY C 175 -11.18 -47.16 1.69
CA GLY C 175 -12.52 -46.70 1.46
C GLY C 175 -13.34 -47.69 0.65
N GLY C 176 -14.39 -47.22 -0.01
CA GLY C 176 -15.23 -48.10 -0.80
C GLY C 176 -14.81 -48.10 -2.26
N ALA C 177 -14.58 -49.29 -2.80
CA ALA C 177 -14.23 -49.40 -4.21
C ALA C 177 -15.30 -48.80 -5.10
N LYS C 178 -16.51 -48.61 -4.58
CA LYS C 178 -17.57 -47.93 -5.30
C LYS C 178 -17.14 -46.55 -5.72
N ASN C 179 -17.75 -46.05 -6.78
CA ASN C 179 -17.56 -44.66 -7.18
C ASN C 179 -18.68 -43.82 -6.61
N PHE C 180 -18.36 -42.60 -6.22
CA PHE C 180 -19.32 -41.71 -5.57
C PHE C 180 -18.71 -40.32 -5.53
N ASN C 181 -19.38 -39.40 -4.83
CA ASN C 181 -18.93 -38.02 -4.71
C ASN C 181 -19.24 -37.52 -3.31
N MET C 182 -18.96 -36.25 -3.08
CA MET C 182 -19.12 -35.64 -1.78
C MET C 182 -19.32 -34.14 -1.96
N LYS C 183 -19.47 -33.44 -0.83
CA LYS C 183 -19.61 -32.00 -0.87
C LYS C 183 -18.32 -31.37 -1.43
N PRO C 184 -18.42 -30.21 -2.05
CA PRO C 184 -17.24 -29.58 -2.64
C PRO C 184 -16.26 -29.10 -1.60
N ARG C 185 -16.76 -28.33 -0.63
CA ARG C 185 -15.89 -27.78 0.40
C ARG C 185 -15.12 -28.89 1.11
N LEU C 186 -15.81 -29.96 1.48
CA LEU C 186 -15.15 -31.07 2.14
C LEU C 186 -14.09 -31.69 1.24
N LYS C 187 -14.44 -31.94 -0.02
CA LYS C 187 -13.49 -32.53 -0.95
C LYS C 187 -12.26 -31.66 -1.11
N SER C 188 -12.46 -30.35 -1.19
CA SER C 188 -11.34 -29.44 -1.35
C SER C 188 -10.38 -29.53 -0.18
N ILE C 189 -10.90 -29.26 1.03
CA ILE C 189 -10.05 -29.29 2.22
C ILE C 189 -9.36 -30.64 2.35
N PHE C 190 -10.06 -31.71 1.96
CA PHE C 190 -9.49 -33.03 2.11
C PHE C 190 -8.28 -33.23 1.22
N ARG C 191 -8.45 -33.04 -0.09
CA ARG C 191 -7.31 -33.21 -1.00
C ARG C 191 -6.19 -32.26 -0.62
N ARG C 192 -6.53 -31.03 -0.24
CA ARG C 192 -5.54 -30.06 0.17
C ARG C 192 -4.70 -30.58 1.33
N GLY C 193 -5.34 -30.81 2.48
CA GLY C 193 -4.60 -31.23 3.66
C GLY C 193 -3.85 -32.54 3.45
N LEU C 194 -4.46 -33.48 2.75
CA LEU C 194 -3.83 -34.78 2.56
C LEU C 194 -2.51 -34.63 1.83
N VAL C 195 -2.55 -34.01 0.65
CA VAL C 195 -1.33 -33.91 -0.14
C VAL C 195 -0.29 -33.08 0.60
N LYS C 196 -0.74 -32.05 1.31
CA LYS C 196 0.21 -31.20 2.03
C LYS C 196 0.97 -32.01 3.07
N VAL C 197 0.23 -32.71 3.95
CA VAL C 197 0.87 -33.40 5.05
C VAL C 197 1.66 -34.60 4.54
N ALA C 198 1.27 -35.15 3.40
CA ALA C 198 2.04 -36.25 2.85
C ALA C 198 3.39 -35.78 2.35
N GLN C 199 3.46 -34.54 1.88
CA GLN C 199 4.71 -34.02 1.35
C GLN C 199 5.60 -33.48 2.44
N THR C 200 5.04 -32.69 3.36
CA THR C 200 5.88 -31.95 4.31
C THR C 200 6.66 -32.88 5.23
N THR C 201 6.12 -34.07 5.51
CA THR C 201 6.81 -35.03 6.35
C THR C 201 7.52 -36.11 5.55
N GLY C 202 7.38 -36.10 4.23
CA GLY C 202 7.96 -37.15 3.43
C GLY C 202 7.35 -38.46 3.85
N ALA C 203 6.08 -38.64 3.57
CA ALA C 203 5.35 -39.85 3.93
C ALA C 203 5.07 -40.68 2.69
N TRP C 204 5.32 -41.99 2.79
CA TRP C 204 4.77 -42.89 1.81
C TRP C 204 3.26 -42.84 1.88
N ILE C 205 2.59 -43.38 0.87
CA ILE C 205 1.15 -43.46 0.86
C ILE C 205 0.76 -44.73 0.14
N ILE C 206 0.02 -45.59 0.80
CA ILE C 206 -0.19 -46.94 0.34
C ILE C 206 -1.69 -47.19 0.22
N THR C 207 -2.09 -47.81 -0.89
CA THR C 207 -3.49 -48.13 -1.15
C THR C 207 -3.60 -49.05 -2.35
N GLY C 208 -4.83 -49.37 -2.71
CA GLY C 208 -5.10 -50.05 -3.96
C GLY C 208 -4.79 -49.15 -5.14
N GLY C 209 -4.91 -49.71 -6.34
CA GLY C 209 -4.53 -48.96 -7.51
C GLY C 209 -5.53 -48.89 -8.64
N SER C 210 -6.66 -49.56 -8.50
CA SER C 210 -7.65 -49.55 -9.57
C SER C 210 -8.18 -48.14 -9.77
N HIS C 211 -8.73 -47.90 -10.95
CA HIS C 211 -9.17 -46.56 -11.29
C HIS C 211 -10.54 -46.23 -10.72
N THR C 212 -11.01 -46.95 -9.72
CA THR C 212 -12.31 -46.68 -9.14
C THR C 212 -12.14 -46.05 -7.76
N GLY C 213 -13.27 -45.72 -7.14
CA GLY C 213 -13.34 -45.36 -5.74
C GLY C 213 -12.43 -44.26 -5.24
N VAL C 214 -12.25 -44.23 -3.91
CA VAL C 214 -11.41 -43.22 -3.28
C VAL C 214 -9.97 -43.35 -3.70
N MET C 215 -9.54 -44.54 -4.11
CA MET C 215 -8.22 -44.67 -4.71
C MET C 215 -8.10 -43.78 -5.93
N LYS C 216 -9.11 -43.81 -6.79
CA LYS C 216 -9.11 -42.89 -7.93
C LYS C 216 -9.28 -41.46 -7.47
N GLN C 217 -10.01 -41.25 -6.37
CA GLN C 217 -10.18 -39.89 -5.85
C GLN C 217 -8.84 -39.29 -5.42
N VAL C 218 -8.11 -40.02 -4.58
CA VAL C 218 -6.81 -39.50 -4.16
C VAL C 218 -5.86 -39.48 -5.33
N GLY C 219 -6.01 -40.39 -6.29
CA GLY C 219 -5.25 -40.28 -7.51
C GLY C 219 -5.45 -38.93 -8.15
N GLU C 220 -6.69 -38.47 -8.20
CA GLU C 220 -6.96 -37.13 -8.68
C GLU C 220 -6.29 -36.10 -7.79
N ALA C 221 -6.26 -36.33 -6.49
CA ALA C 221 -5.65 -35.36 -5.58
C ALA C 221 -4.16 -35.20 -5.86
N VAL C 222 -3.45 -36.32 -5.89
CA VAL C 222 -2.01 -36.25 -6.13
C VAL C 222 -1.72 -35.69 -7.50
N ARG C 223 -2.53 -36.04 -8.50
CA ARG C 223 -2.33 -35.46 -9.82
C ARG C 223 -2.55 -33.96 -9.79
N ASP C 224 -3.48 -33.50 -8.94
CA ASP C 224 -3.70 -32.08 -8.77
C ASP C 224 -2.44 -31.38 -8.30
N PHE C 225 -1.78 -31.95 -7.30
CA PHE C 225 -0.56 -31.34 -6.81
C PHE C 225 0.53 -31.38 -7.87
N SER C 226 0.67 -32.50 -8.58
CA SER C 226 1.67 -32.58 -9.65
C SER C 226 1.35 -31.62 -10.78
N LEU C 227 0.08 -31.26 -10.94
CA LEU C 227 -0.25 -30.14 -11.82
C LEU C 227 0.32 -28.85 -11.26
N SER C 228 0.26 -28.65 -9.95
CA SER C 228 0.96 -27.53 -9.35
C SER C 228 2.46 -27.84 -9.35
N SER C 229 2.86 -28.88 -8.63
CA SER C 229 4.24 -29.38 -8.55
C SER C 229 5.27 -28.25 -8.58
N SER C 230 5.13 -27.35 -7.60
CA SER C 230 6.00 -26.17 -7.54
C SER C 230 7.47 -26.58 -7.54
N TYR C 231 7.83 -27.54 -6.71
CA TYR C 231 9.20 -28.03 -6.67
C TYR C 231 9.18 -29.44 -6.12
N LYS C 232 10.18 -30.23 -6.53
CA LYS C 232 10.28 -31.64 -6.17
C LYS C 232 8.99 -32.36 -6.52
N GLU C 233 8.63 -32.30 -7.80
CA GLU C 233 7.40 -32.93 -8.26
C GLU C 233 7.34 -34.40 -7.85
N GLY C 234 8.49 -35.04 -7.72
CA GLY C 234 8.56 -36.38 -7.19
C GLY C 234 8.37 -36.49 -5.70
N GLU C 235 8.06 -35.39 -5.01
CA GLU C 235 7.83 -35.45 -3.58
C GLU C 235 6.75 -36.47 -3.25
N LEU C 236 5.53 -36.20 -3.69
CA LEU C 236 4.42 -37.09 -3.39
C LEU C 236 4.62 -38.41 -4.10
N ILE C 237 4.95 -39.44 -3.34
CA ILE C 237 5.12 -40.78 -3.87
C ILE C 237 3.96 -41.61 -3.38
N THR C 238 3.34 -42.34 -4.29
CA THR C 238 2.16 -43.15 -3.97
C THR C 238 2.35 -44.52 -4.60
N ILE C 239 2.07 -45.57 -3.85
CA ILE C 239 2.27 -46.91 -4.34
C ILE C 239 0.92 -47.60 -4.42
N GLY C 240 0.75 -48.40 -5.46
CA GLY C 240 -0.51 -49.06 -5.74
C GLY C 240 -0.41 -50.54 -5.38
N VAL C 241 -1.41 -51.01 -4.65
CA VAL C 241 -1.46 -52.37 -4.16
C VAL C 241 -2.74 -52.99 -4.68
N ALA C 242 -2.66 -53.71 -5.79
CA ALA C 242 -3.82 -54.36 -6.35
C ALA C 242 -3.47 -55.81 -6.69
N THR C 243 -4.47 -56.52 -7.19
CA THR C 243 -4.35 -57.95 -7.44
C THR C 243 -4.15 -58.22 -8.92
N TRP C 244 -3.06 -58.91 -9.25
CA TRP C 244 -2.69 -59.15 -10.64
C TRP C 244 -3.77 -59.88 -11.42
N GLY C 245 -4.62 -60.63 -10.73
CA GLY C 245 -5.69 -61.32 -11.42
C GLY C 245 -6.70 -60.39 -12.05
N THR C 246 -6.93 -59.23 -11.43
CA THR C 246 -7.96 -58.30 -11.89
C THR C 246 -7.34 -57.16 -12.70
N VAL C 247 -6.67 -57.51 -13.79
CA VAL C 247 -6.05 -56.51 -14.65
C VAL C 247 -6.53 -56.69 -16.08
N HIS C 248 -6.76 -55.58 -16.77
CA HIS C 248 -7.50 -55.58 -18.01
C HIS C 248 -6.64 -55.95 -19.22
N ARG C 249 -5.62 -55.16 -19.52
CA ARG C 249 -4.76 -55.38 -20.66
C ARG C 249 -3.40 -55.88 -20.23
N ARG C 250 -3.37 -56.69 -19.17
CA ARG C 250 -2.12 -56.96 -18.47
C ARG C 250 -1.09 -57.65 -19.35
N GLU C 251 -1.51 -58.32 -20.41
CA GLU C 251 -0.55 -59.04 -21.23
C GLU C 251 0.55 -58.13 -21.75
N GLY C 252 0.25 -56.83 -21.88
CA GLY C 252 1.12 -55.90 -22.57
C GLY C 252 2.51 -55.79 -21.98
N LEU C 253 2.71 -56.22 -20.75
CA LEU C 253 4.01 -56.13 -20.12
C LEU C 253 4.61 -57.50 -19.82
N ILE C 254 3.91 -58.59 -20.12
CA ILE C 254 4.40 -59.89 -19.75
C ILE C 254 5.57 -60.21 -20.66
N HIS C 255 6.77 -59.95 -20.18
CA HIS C 255 7.94 -60.05 -21.02
C HIS C 255 9.20 -60.21 -20.18
N PRO C 256 9.99 -61.23 -20.44
CA PRO C 256 11.18 -61.45 -19.62
C PRO C 256 12.22 -60.39 -19.85
N THR C 257 13.21 -60.37 -18.97
CA THR C 257 14.39 -59.52 -19.08
C THR C 257 14.03 -58.04 -19.13
N GLY C 258 12.88 -57.66 -18.56
CA GLY C 258 12.56 -56.26 -18.41
C GLY C 258 11.85 -55.62 -19.59
N SER C 259 10.81 -54.87 -19.30
CA SER C 259 10.03 -54.19 -20.33
C SER C 259 10.07 -52.69 -20.07
N PHE C 260 11.27 -52.19 -19.80
CA PHE C 260 11.46 -50.84 -19.27
C PHE C 260 10.59 -49.77 -19.92
N PRO C 261 10.62 -49.55 -21.22
CA PRO C 261 9.55 -48.73 -21.81
C PRO C 261 8.34 -49.62 -22.03
N ALA C 262 7.33 -49.45 -21.20
CA ALA C 262 6.17 -50.32 -21.22
C ALA C 262 4.93 -49.49 -21.49
N GLU C 263 4.46 -49.54 -22.73
CA GLU C 263 3.22 -48.88 -23.07
C GLU C 263 2.06 -49.63 -22.44
N TYR C 264 1.04 -48.88 -22.04
CA TYR C 264 -0.16 -49.49 -21.46
C TYR C 264 -1.36 -48.71 -21.95
N ILE C 265 -2.20 -49.37 -22.74
CA ILE C 265 -3.48 -48.81 -23.15
C ILE C 265 -4.37 -48.71 -21.91
N LEU C 266 -5.49 -48.02 -22.03
CA LEU C 266 -6.52 -48.09 -21.01
C LEU C 266 -7.85 -47.83 -21.67
N ASP C 267 -8.93 -48.26 -21.00
CA ASP C 267 -10.26 -48.11 -21.57
C ASP C 267 -11.28 -48.16 -20.43
N GLU C 268 -11.75 -46.98 -20.03
CA GLU C 268 -12.85 -46.91 -19.08
C GLU C 268 -14.05 -47.66 -19.63
N ASP C 269 -14.65 -48.51 -18.79
CA ASP C 269 -15.83 -49.29 -19.14
C ASP C 269 -15.52 -50.25 -20.28
N GLY C 270 -14.28 -50.24 -20.77
CA GLY C 270 -13.88 -51.18 -21.78
C GLY C 270 -13.39 -52.45 -21.14
N GLN C 271 -14.12 -52.94 -20.15
CA GLN C 271 -13.68 -54.08 -19.38
C GLN C 271 -14.85 -54.65 -18.59
N GLY C 272 -14.78 -55.95 -18.36
CA GLY C 272 -15.81 -56.63 -17.59
C GLY C 272 -15.58 -56.53 -16.10
N ASN C 273 -15.65 -57.66 -15.40
CA ASN C 273 -15.38 -57.65 -13.97
C ASN C 273 -13.94 -57.22 -13.68
N LEU C 274 -13.00 -57.71 -14.49
CA LEU C 274 -11.62 -57.28 -14.34
C LEU C 274 -11.52 -55.78 -14.55
N THR C 275 -10.64 -55.12 -13.79
CA THR C 275 -10.55 -53.68 -13.82
C THR C 275 -9.27 -53.22 -14.49
N CYS C 276 -9.08 -51.92 -14.49
CA CYS C 276 -7.86 -51.29 -14.96
C CYS C 276 -7.24 -50.53 -13.80
N LEU C 277 -6.18 -49.80 -14.09
CA LEU C 277 -5.42 -49.08 -13.07
C LEU C 277 -5.83 -47.62 -13.03
N ASP C 278 -5.79 -47.05 -11.84
CA ASP C 278 -5.77 -45.59 -11.77
C ASP C 278 -4.51 -45.10 -12.44
N SER C 279 -4.59 -43.92 -13.03
CA SER C 279 -3.47 -43.35 -13.77
C SER C 279 -2.81 -42.19 -13.05
N ASN C 280 -2.67 -42.27 -11.73
CA ASN C 280 -1.99 -41.20 -11.01
C ASN C 280 -1.01 -41.68 -9.96
N HIS C 281 -0.94 -42.96 -9.68
CA HIS C 281 -0.03 -43.39 -8.64
C HIS C 281 1.40 -43.43 -9.16
N SER C 282 2.34 -43.56 -8.24
CA SER C 282 3.75 -43.52 -8.61
C SER C 282 4.37 -44.90 -8.72
N HIS C 283 3.84 -45.90 -8.04
CA HIS C 283 4.40 -47.24 -8.17
C HIS C 283 3.30 -48.26 -7.98
N PHE C 284 3.50 -49.42 -8.59
CA PHE C 284 2.45 -50.41 -8.69
C PHE C 284 3.02 -51.79 -8.44
N ILE C 285 2.67 -52.37 -7.30
CA ILE C 285 2.96 -53.77 -7.04
C ILE C 285 1.72 -54.56 -7.41
N LEU C 286 1.93 -55.75 -7.94
CA LEU C 286 0.83 -56.61 -8.35
C LEU C 286 0.96 -57.94 -7.65
N VAL C 287 0.05 -58.23 -6.80
CA VAL C 287 0.01 -59.50 -6.10
C VAL C 287 -0.78 -60.49 -6.94
N ASP C 288 -0.39 -61.76 -6.89
CA ASP C 288 -1.06 -62.78 -7.69
C ASP C 288 -1.05 -64.10 -6.95
N ASP C 289 -2.11 -64.88 -7.17
CA ASP C 289 -2.18 -66.22 -6.62
C ASP C 289 -2.13 -67.30 -7.69
N GLY C 290 -2.28 -66.96 -8.96
CA GLY C 290 -2.51 -67.93 -9.99
C GLY C 290 -3.96 -68.08 -10.37
N THR C 291 -4.73 -67.00 -10.33
CA THR C 291 -6.16 -67.04 -10.59
C THR C 291 -6.56 -65.73 -11.25
N HIS C 292 -7.49 -65.81 -12.20
CA HIS C 292 -7.84 -64.63 -13.00
C HIS C 292 -9.04 -63.88 -12.45
N GLY C 293 -10.20 -64.52 -12.46
CA GLY C 293 -11.39 -63.87 -11.96
C GLY C 293 -11.63 -64.17 -10.49
N GLN C 294 -10.79 -63.62 -9.63
CA GLN C 294 -10.93 -63.84 -8.20
C GLN C 294 -10.50 -62.57 -7.49
N TYR C 295 -10.96 -62.42 -6.24
CA TYR C 295 -10.63 -61.25 -5.44
C TYR C 295 -9.97 -61.64 -4.14
N GLY C 296 -9.36 -60.64 -3.51
CA GLY C 296 -8.83 -60.79 -2.17
C GLY C 296 -7.41 -61.30 -2.07
N VAL C 297 -6.70 -61.43 -3.18
CA VAL C 297 -5.33 -61.92 -3.11
C VAL C 297 -4.35 -60.89 -2.58
N GLU C 298 -4.84 -59.72 -2.16
CA GLU C 298 -3.98 -58.62 -1.74
C GLU C 298 -3.81 -58.52 -0.23
N ILE C 299 -4.91 -58.50 0.51
CA ILE C 299 -4.85 -58.13 1.92
C ILE C 299 -3.84 -58.96 2.73
N PRO C 300 -3.79 -60.29 2.60
CA PRO C 300 -2.86 -61.05 3.46
C PRO C 300 -1.43 -60.58 3.39
N LEU C 301 -1.01 -59.98 2.28
CA LEU C 301 0.31 -59.38 2.24
C LEU C 301 0.32 -57.94 2.70
N ARG C 302 -0.65 -57.14 2.26
CA ARG C 302 -0.68 -55.73 2.65
C ARG C 302 -0.55 -55.58 4.14
N THR C 303 -1.31 -56.37 4.88
CA THR C 303 -1.15 -56.36 6.32
C THR C 303 0.27 -56.73 6.71
N ARG C 304 0.79 -57.81 6.14
CA ARG C 304 2.17 -58.20 6.47
C ARG C 304 3.13 -57.07 6.19
N LEU C 305 2.93 -56.37 5.08
CA LEU C 305 3.86 -55.33 4.69
C LEU C 305 3.81 -54.14 5.64
N GLU C 306 2.66 -53.47 5.70
CA GLU C 306 2.59 -52.28 6.52
C GLU C 306 3.00 -52.58 7.95
N LYS C 307 2.69 -53.78 8.44
CA LYS C 307 3.15 -54.14 9.77
C LYS C 307 4.66 -54.12 9.84
N PHE C 308 5.31 -54.74 8.85
CA PHE C 308 6.76 -54.79 8.87
C PHE C 308 7.38 -53.42 8.83
N ILE C 309 6.69 -52.45 8.22
CA ILE C 309 7.21 -51.09 8.20
C ILE C 309 7.00 -50.40 9.53
N SER C 310 5.92 -50.73 10.23
CA SER C 310 5.74 -50.11 11.53
C SER C 310 6.78 -50.54 12.53
N GLU C 311 7.74 -51.35 12.13
CA GLU C 311 8.78 -51.83 13.04
C GLU C 311 10.13 -51.22 12.77
N GLN C 312 10.53 -51.07 11.51
CA GLN C 312 11.87 -50.60 11.23
C GLN C 312 12.06 -49.22 11.81
N THR C 313 13.31 -48.89 12.14
CA THR C 313 13.60 -47.65 12.82
C THR C 313 14.44 -46.74 11.94
N LYS C 314 14.24 -45.45 12.14
CA LYS C 314 15.01 -44.42 11.47
C LYS C 314 15.93 -43.80 12.51
N GLU C 315 17.09 -43.33 12.07
CA GLU C 315 18.05 -42.70 12.98
C GLU C 315 18.79 -41.59 12.24
N ARG C 316 18.42 -40.35 12.51
CA ARG C 316 19.08 -39.19 11.96
C ARG C 316 19.54 -38.28 13.08
N GLY C 317 20.44 -37.36 12.76
CA GLY C 317 21.06 -36.56 13.79
C GLY C 317 21.68 -37.46 14.84
N GLY C 318 21.11 -37.45 16.04
CA GLY C 318 21.46 -38.43 17.03
C GLY C 318 20.24 -39.25 17.40
N VAL C 319 19.07 -38.68 17.11
CA VAL C 319 17.82 -39.30 17.50
C VAL C 319 17.56 -40.55 16.64
N ALA C 320 16.87 -41.51 17.24
CA ALA C 320 16.40 -42.70 16.53
C ALA C 320 15.02 -43.01 17.04
N ILE C 321 14.09 -43.29 16.14
CA ILE C 321 12.72 -43.61 16.51
C ILE C 321 12.20 -44.71 15.61
N LYS C 322 11.02 -45.19 15.93
CA LYS C 322 10.30 -46.16 15.11
C LYS C 322 9.26 -45.44 14.26
N ILE C 323 9.09 -45.90 13.05
CA ILE C 323 8.22 -45.19 12.12
C ILE C 323 6.78 -45.33 12.59
N PRO C 324 6.00 -44.26 12.62
CA PRO C 324 4.60 -44.34 13.01
C PRO C 324 3.68 -44.48 11.82
N ILE C 325 2.53 -45.13 12.05
CA ILE C 325 1.63 -45.53 10.97
C ILE C 325 0.19 -45.29 11.39
N VAL C 326 -0.51 -44.42 10.66
CA VAL C 326 -1.91 -44.12 10.91
C VAL C 326 -2.68 -44.30 9.60
N CYS C 327 -3.93 -44.73 9.73
CA CYS C 327 -4.77 -45.01 8.56
C CYS C 327 -6.01 -44.13 8.59
N VAL C 328 -6.34 -43.58 7.44
CA VAL C 328 -7.53 -42.78 7.25
C VAL C 328 -8.45 -43.53 6.32
N VAL C 329 -9.75 -43.43 6.54
CA VAL C 329 -10.72 -44.23 5.81
C VAL C 329 -11.82 -43.33 5.25
N LEU C 330 -12.37 -43.75 4.12
CA LEU C 330 -13.42 -43.01 3.44
C LEU C 330 -14.68 -43.85 3.36
N GLU C 331 -15.66 -43.39 2.56
CA GLU C 331 -17.02 -43.92 2.57
C GLU C 331 -17.11 -45.41 2.88
N GLY C 332 -16.34 -46.21 2.15
CA GLY C 332 -16.19 -47.59 2.53
C GLY C 332 -17.49 -48.38 2.60
N GLY C 333 -17.46 -49.40 3.45
CA GLY C 333 -18.60 -50.28 3.65
C GLY C 333 -18.36 -51.28 4.75
N PRO C 334 -18.95 -52.47 4.63
CA PRO C 334 -18.84 -53.48 5.70
C PRO C 334 -17.43 -54.01 5.88
N GLY C 335 -16.85 -54.52 4.78
CA GLY C 335 -15.48 -55.02 4.86
C GLY C 335 -14.51 -53.98 5.38
N THR C 336 -14.71 -52.73 4.99
CA THR C 336 -13.88 -51.65 5.53
C THR C 336 -14.02 -51.59 7.04
N LEU C 337 -15.24 -51.76 7.55
CA LEU C 337 -15.41 -51.79 9.00
C LEU C 337 -14.63 -52.95 9.59
N HIS C 338 -14.64 -54.10 8.93
CA HIS C 338 -13.88 -55.24 9.44
C HIS C 338 -12.41 -54.89 9.58
N THR C 339 -11.84 -54.28 8.55
CA THR C 339 -10.41 -53.97 8.58
C THR C 339 -10.10 -52.88 9.59
N ILE C 340 -10.98 -51.88 9.70
CA ILE C 340 -10.75 -50.79 10.65
C ILE C 340 -10.56 -51.34 12.05
N ASP C 341 -11.48 -52.17 12.49
CA ASP C 341 -11.32 -52.72 13.83
C ASP C 341 -10.09 -53.60 13.90
N ASN C 342 -9.91 -54.49 12.93
CA ASN C 342 -8.77 -55.39 12.98
C ASN C 342 -7.44 -54.65 13.02
N ALA C 343 -7.43 -53.38 12.64
CA ALA C 343 -6.21 -52.59 12.79
C ALA C 343 -6.16 -51.92 14.15
N THR C 344 -7.21 -51.17 14.49
CA THR C 344 -7.18 -50.41 15.73
C THR C 344 -7.00 -51.27 16.96
N THR C 345 -7.25 -52.57 16.87
CA THR C 345 -6.88 -53.44 17.98
C THR C 345 -5.39 -53.71 18.02
N ASN C 346 -4.62 -53.13 17.10
CA ASN C 346 -3.18 -53.34 17.06
C ASN C 346 -2.43 -52.04 17.24
N GLY C 347 -2.96 -51.13 18.05
CA GLY C 347 -2.33 -49.86 18.27
C GLY C 347 -2.55 -48.89 17.13
N THR C 348 -2.41 -49.39 15.89
CA THR C 348 -2.49 -48.54 14.72
C THR C 348 -3.79 -47.76 14.72
N PRO C 349 -3.73 -46.48 14.96
CA PRO C 349 -4.95 -45.69 15.16
C PRO C 349 -5.57 -45.35 13.82
N CYS C 350 -6.69 -44.62 13.88
CA CYS C 350 -7.48 -44.32 12.69
C CYS C 350 -8.07 -42.93 12.80
N VAL C 351 -8.34 -42.33 11.65
CA VAL C 351 -9.05 -41.07 11.56
C VAL C 351 -10.07 -41.18 10.45
N VAL C 352 -11.27 -40.67 10.70
CA VAL C 352 -12.38 -40.79 9.77
C VAL C 352 -12.93 -39.40 9.48
N VAL C 353 -13.38 -39.22 8.25
CA VAL C 353 -13.99 -37.95 7.86
C VAL C 353 -15.47 -37.99 8.19
N GLU C 354 -15.97 -36.91 8.78
CA GLU C 354 -17.40 -36.78 9.10
C GLU C 354 -18.09 -36.21 7.88
N GLY C 355 -18.54 -37.09 6.99
CA GLY C 355 -19.17 -36.63 5.76
C GLY C 355 -18.95 -37.58 4.59
N SER C 356 -20.01 -37.86 3.86
CA SER C 356 -19.99 -38.70 2.67
C SER C 356 -19.36 -40.05 2.99
N GLY C 357 -20.02 -40.78 3.89
CA GLY C 357 -19.54 -42.10 4.23
C GLY C 357 -20.63 -43.01 4.73
N ARG C 358 -20.79 -44.17 4.09
CA ARG C 358 -21.75 -45.14 4.59
C ARG C 358 -21.28 -45.70 5.92
N VAL C 359 -20.15 -46.42 5.90
CA VAL C 359 -19.60 -46.91 7.15
C VAL C 359 -18.92 -45.80 7.92
N ALA C 360 -18.68 -44.65 7.28
CA ALA C 360 -17.98 -43.56 7.96
C ALA C 360 -18.94 -42.72 8.78
N ASP C 361 -19.90 -42.08 8.11
CA ASP C 361 -20.74 -41.09 8.78
C ASP C 361 -21.53 -41.72 9.93
N VAL C 362 -21.87 -43.00 9.81
CA VAL C 362 -22.53 -43.68 10.92
C VAL C 362 -21.66 -43.61 12.16
N ILE C 363 -20.37 -43.85 12.00
CA ILE C 363 -19.49 -43.75 13.15
C ILE C 363 -19.31 -42.30 13.55
N ALA C 364 -19.28 -41.41 12.57
CA ALA C 364 -19.23 -39.99 12.88
C ALA C 364 -20.39 -39.61 13.78
N GLN C 365 -21.56 -40.20 13.53
CA GLN C 365 -22.72 -39.90 14.36
C GLN C 365 -22.56 -40.49 15.75
N VAL C 366 -22.20 -41.77 15.82
CA VAL C 366 -22.11 -42.44 17.11
C VAL C 366 -20.89 -41.99 17.90
N ALA C 367 -20.09 -41.08 17.33
CA ALA C 367 -18.91 -40.58 18.02
C ALA C 367 -19.23 -40.09 19.42
N ASN C 368 -20.36 -39.42 19.60
CA ASN C 368 -20.68 -38.79 20.87
C ASN C 368 -21.40 -39.72 21.83
N LEU C 369 -22.05 -40.76 21.32
CA LEU C 369 -22.84 -41.64 22.18
C LEU C 369 -21.95 -42.46 23.10
N PRO C 370 -22.13 -42.41 24.41
CA PRO C 370 -21.32 -43.23 25.31
C PRO C 370 -21.54 -44.72 25.08
N VAL C 371 -20.60 -45.52 25.56
CA VAL C 371 -20.63 -46.94 25.28
C VAL C 371 -21.83 -47.59 25.96
N SER C 372 -22.25 -48.73 25.40
CA SER C 372 -23.41 -49.52 25.83
C SER C 372 -24.72 -48.80 25.58
N ASP C 373 -24.70 -47.56 25.09
CA ASP C 373 -25.91 -46.82 24.76
C ASP C 373 -26.27 -46.94 23.29
N ILE C 374 -25.85 -48.03 22.64
CA ILE C 374 -26.05 -48.22 21.22
C ILE C 374 -26.84 -49.49 20.98
N THR C 375 -28.16 -49.38 20.91
CA THR C 375 -28.98 -50.57 20.71
C THR C 375 -28.96 -50.99 19.24
N ILE C 376 -29.16 -52.29 19.03
CA ILE C 376 -29.16 -52.84 17.69
C ILE C 376 -30.30 -52.27 16.86
N SER C 377 -31.33 -51.72 17.50
CA SER C 377 -32.43 -51.08 16.77
C SER C 377 -32.03 -49.71 16.25
N LEU C 378 -31.39 -48.91 17.10
CA LEU C 378 -30.76 -47.67 16.65
C LEU C 378 -29.94 -47.93 15.41
N ILE C 379 -29.08 -48.94 15.47
CA ILE C 379 -28.25 -49.32 14.35
C ILE C 379 -29.09 -49.76 13.16
N GLN C 380 -30.12 -50.58 13.41
CA GLN C 380 -30.94 -51.10 12.33
C GLN C 380 -31.53 -49.98 11.49
N GLN C 381 -32.22 -49.04 12.14
CA GLN C 381 -32.74 -47.91 11.38
C GLN C 381 -31.62 -47.05 10.82
N LYS C 382 -30.49 -46.96 11.51
CA LYS C 382 -29.39 -46.16 11.00
C LYS C 382 -28.88 -46.72 9.67
N LEU C 383 -28.42 -47.96 9.68
CA LEU C 383 -27.97 -48.58 8.44
C LEU C 383 -29.08 -48.60 7.41
N SER C 384 -30.34 -48.69 7.85
CA SER C 384 -31.45 -48.70 6.90
C SER C 384 -31.61 -47.36 6.22
N VAL C 385 -31.53 -46.27 6.99
CA VAL C 385 -31.65 -44.94 6.40
C VAL C 385 -30.39 -44.55 5.66
N PHE C 386 -29.28 -45.25 5.89
CA PHE C 386 -28.04 -44.86 5.25
C PHE C 386 -27.78 -45.64 3.97
N PHE C 387 -27.90 -46.96 4.02
CA PHE C 387 -27.68 -47.76 2.82
C PHE C 387 -28.77 -47.50 1.79
N GLN C 388 -30.03 -47.79 2.15
CA GLN C 388 -31.22 -47.49 1.37
C GLN C 388 -31.27 -48.23 0.05
N GLU C 389 -30.24 -48.99 -0.29
CA GLU C 389 -30.27 -49.90 -1.42
C GLU C 389 -30.08 -51.33 -0.96
N MET C 390 -29.10 -51.58 -0.10
CA MET C 390 -28.97 -52.83 0.61
C MET C 390 -29.43 -52.71 2.05
N PHE C 391 -30.19 -51.66 2.37
CA PHE C 391 -30.57 -51.36 3.75
C PHE C 391 -31.22 -52.54 4.45
N GLU C 392 -31.82 -53.44 3.68
CA GLU C 392 -32.57 -54.54 4.26
C GLU C 392 -31.92 -55.90 4.07
N THR C 393 -31.06 -56.06 3.07
CA THR C 393 -30.51 -57.39 2.80
C THR C 393 -29.64 -57.94 3.92
N PHE C 394 -29.46 -57.19 5.00
CA PHE C 394 -28.64 -57.65 6.12
C PHE C 394 -29.45 -58.62 6.97
N THR C 395 -28.91 -59.82 7.15
CA THR C 395 -29.50 -60.76 8.08
C THR C 395 -29.48 -60.22 9.50
N GLU C 396 -30.41 -60.70 10.30
CA GLU C 396 -30.35 -60.42 11.72
C GLU C 396 -29.14 -61.07 12.36
N SER C 397 -28.55 -62.06 11.70
CA SER C 397 -27.36 -62.74 12.20
C SER C 397 -26.09 -61.98 11.89
N ARG C 398 -26.18 -60.73 11.45
CA ARG C 398 -25.00 -59.93 11.23
C ARG C 398 -25.13 -58.55 11.86
N ILE C 399 -26.36 -58.07 12.04
CA ILE C 399 -26.51 -56.73 12.61
C ILE C 399 -26.10 -56.74 14.07
N VAL C 400 -26.31 -57.87 14.75
CA VAL C 400 -25.80 -58.01 16.11
C VAL C 400 -24.28 -58.07 16.10
N GLU C 401 -23.70 -58.68 15.08
CA GLU C 401 -22.26 -58.62 14.90
C GLU C 401 -21.79 -57.19 14.76
N TRP C 402 -22.55 -56.37 14.04
CA TRP C 402 -22.15 -55.00 13.79
C TRP C 402 -22.28 -54.15 15.05
N THR C 403 -23.32 -54.41 15.85
CA THR C 403 -23.41 -53.78 17.15
C THR C 403 -22.18 -54.09 17.98
N LYS C 404 -21.78 -55.36 17.98
CA LYS C 404 -20.58 -55.75 18.72
C LYS C 404 -19.37 -54.94 18.24
N LYS C 405 -19.13 -54.93 16.94
CA LYS C 405 -17.94 -54.28 16.41
C LYS C 405 -17.92 -52.80 16.75
N ILE C 406 -19.01 -52.11 16.41
CA ILE C 406 -19.00 -50.66 16.56
C ILE C 406 -18.87 -50.27 18.02
N GLN C 407 -19.56 -50.99 18.91
CA GLN C 407 -19.45 -50.67 20.33
C GLN C 407 -18.04 -50.93 20.83
N ASP C 408 -17.39 -51.98 20.31
CA ASP C 408 -16.01 -52.23 20.67
C ASP C 408 -15.11 -51.09 20.23
N ILE C 409 -15.26 -50.66 18.97
CA ILE C 409 -14.40 -49.61 18.43
C ILE C 409 -14.53 -48.34 19.25
N VAL C 410 -15.76 -47.88 19.46
CA VAL C 410 -15.94 -46.64 20.20
C VAL C 410 -15.49 -46.79 21.64
N ARG C 411 -15.36 -48.02 22.12
CA ARG C 411 -14.83 -48.22 23.47
C ARG C 411 -13.41 -47.66 23.59
N ARG C 412 -12.55 -47.95 22.61
CA ARG C 412 -11.16 -47.48 22.65
C ARG C 412 -11.16 -45.99 22.36
N ARG C 413 -11.47 -45.21 23.39
CA ARG C 413 -11.81 -43.81 23.21
C ARG C 413 -10.61 -42.94 22.84
N GLN C 414 -9.43 -43.52 22.61
CA GLN C 414 -8.27 -42.72 22.26
C GLN C 414 -7.78 -42.95 20.84
N LEU C 415 -7.69 -44.21 20.42
CA LEU C 415 -7.10 -44.52 19.13
C LEU C 415 -7.94 -44.02 17.96
N LEU C 416 -9.10 -43.45 18.23
CA LEU C 416 -9.98 -42.98 17.17
C LEU C 416 -10.13 -41.47 17.20
N THR C 417 -10.70 -40.93 16.14
CA THR C 417 -10.90 -39.48 16.07
C THR C 417 -11.91 -39.15 14.98
N VAL C 418 -12.89 -38.34 15.33
CA VAL C 418 -13.86 -37.81 14.37
C VAL C 418 -13.13 -36.71 13.61
N PHE C 419 -13.74 -36.22 12.54
CA PHE C 419 -13.26 -35.00 11.92
C PHE C 419 -14.14 -33.78 12.20
N ARG C 420 -15.46 -33.94 12.10
CA ARG C 420 -16.42 -32.84 12.32
C ARG C 420 -16.16 -31.69 11.35
N GLU C 421 -16.40 -31.98 10.07
CA GLU C 421 -16.12 -31.05 8.98
C GLU C 421 -16.75 -29.68 9.17
N GLY C 422 -15.91 -28.66 9.35
CA GLY C 422 -16.33 -27.27 9.39
C GLY C 422 -16.65 -26.68 10.76
N LYS C 423 -17.41 -27.41 11.58
CA LYS C 423 -17.98 -26.81 12.78
C LYS C 423 -16.93 -26.62 13.87
N ASP C 424 -16.33 -27.71 14.34
CA ASP C 424 -15.46 -27.65 15.50
C ASP C 424 -14.13 -28.32 15.19
N GLY C 425 -13.04 -27.67 15.61
CA GLY C 425 -11.72 -28.23 15.48
C GLY C 425 -11.28 -28.53 14.06
N GLN C 426 -12.08 -28.13 13.09
CA GLN C 426 -11.77 -28.39 11.69
C GLN C 426 -10.79 -27.35 11.15
N GLN C 427 -9.67 -27.19 11.85
CA GLN C 427 -8.64 -26.27 11.38
C GLN C 427 -8.10 -26.72 10.03
N ASP C 428 -7.43 -27.87 10.01
CA ASP C 428 -6.91 -28.39 8.76
C ASP C 428 -6.71 -29.88 8.91
N VAL C 429 -6.71 -30.57 7.78
CA VAL C 429 -6.63 -32.02 7.81
C VAL C 429 -5.31 -32.47 8.42
N ASP C 430 -4.21 -31.86 7.98
CA ASP C 430 -2.89 -32.25 8.47
C ASP C 430 -2.85 -32.22 9.99
N VAL C 431 -3.00 -31.03 10.58
CA VAL C 431 -2.84 -30.86 12.02
C VAL C 431 -3.68 -31.88 12.77
N ALA C 432 -4.85 -32.21 12.21
CA ALA C 432 -5.67 -33.26 12.79
C ALA C 432 -4.91 -34.57 12.81
N ILE C 433 -4.41 -35.00 11.66
CA ILE C 433 -3.67 -36.26 11.60
C ILE C 433 -2.52 -36.25 12.59
N LEU C 434 -1.86 -35.09 12.70
CA LEU C 434 -0.74 -34.98 13.62
C LEU C 434 -1.20 -35.24 15.05
N GLN C 435 -2.16 -34.47 15.52
CA GLN C 435 -2.66 -34.66 16.87
C GLN C 435 -3.14 -36.10 17.06
N ALA C 436 -3.71 -36.68 16.01
CA ALA C 436 -4.17 -38.05 16.10
C ALA C 436 -3.03 -38.99 16.43
N LEU C 437 -2.09 -39.12 15.51
CA LEU C 437 -0.95 -39.99 15.72
C LEU C 437 -0.22 -39.64 16.99
N LEU C 438 -0.17 -38.36 17.33
CA LEU C 438 0.53 -37.93 18.53
C LEU C 438 -0.15 -38.45 19.78
N LYS C 439 -1.44 -38.15 19.93
CA LYS C 439 -2.17 -38.63 21.09
C LYS C 439 -2.05 -40.13 21.23
N ALA C 440 -2.08 -40.84 20.11
CA ALA C 440 -1.88 -42.28 20.13
C ALA C 440 -0.56 -42.62 20.79
N SER C 441 0.53 -42.09 20.25
CA SER C 441 1.84 -42.33 20.82
C SER C 441 1.84 -42.05 22.31
N ARG C 442 1.22 -40.94 22.72
CA ARG C 442 1.22 -40.60 24.13
C ARG C 442 0.51 -41.65 24.95
N SER C 443 -0.65 -42.09 24.50
CA SER C 443 -1.43 -43.07 25.25
C SER C 443 -0.66 -44.36 25.46
N GLN C 444 0.30 -44.66 24.59
CA GLN C 444 1.07 -45.87 24.77
C GLN C 444 1.71 -45.87 26.15
N ASP C 445 1.76 -47.05 26.76
CA ASP C 445 2.22 -47.17 28.13
C ASP C 445 3.70 -46.82 28.25
N HIS C 446 4.10 -46.38 29.44
CA HIS C 446 5.44 -45.87 29.66
C HIS C 446 5.76 -45.93 31.15
N PHE C 447 7.01 -45.60 31.47
CA PHE C 447 7.50 -45.54 32.84
C PHE C 447 8.48 -44.37 32.93
N GLY C 448 7.97 -43.21 33.36
CA GLY C 448 8.75 -42.00 33.46
C GLY C 448 8.09 -40.89 32.68
N HIS C 449 8.93 -40.01 32.13
CA HIS C 449 8.47 -38.93 31.26
C HIS C 449 9.21 -38.89 29.94
N GLU C 450 9.99 -39.94 29.64
CA GLU C 450 10.68 -40.02 28.36
C GLU C 450 9.67 -40.12 27.23
N ASN C 451 8.39 -40.20 27.58
CA ASN C 451 7.36 -40.09 26.57
C ASN C 451 7.30 -38.68 26.00
N TRP C 452 7.49 -37.66 26.84
CA TRP C 452 7.68 -36.32 26.30
C TRP C 452 8.87 -36.30 25.37
N ASP C 453 9.94 -36.99 25.75
CA ASP C 453 11.06 -37.15 24.83
C ASP C 453 10.57 -37.74 23.53
N HIS C 454 9.68 -38.72 23.61
CA HIS C 454 9.25 -39.37 22.38
C HIS C 454 8.41 -38.45 21.53
N GLN C 455 7.45 -37.75 22.14
CA GLN C 455 6.67 -36.78 21.39
C GLN C 455 7.58 -35.77 20.71
N LEU C 456 8.59 -35.29 21.43
CA LEU C 456 9.42 -34.24 20.89
C LEU C 456 10.32 -34.77 19.78
N LYS C 457 10.99 -35.89 20.04
CA LYS C 457 11.80 -36.51 19.02
C LYS C 457 11.02 -36.65 17.72
N LEU C 458 9.75 -36.98 17.84
CA LEU C 458 8.91 -37.04 16.64
C LEU C 458 8.73 -35.65 16.05
N ALA C 459 8.14 -34.74 16.82
CA ALA C 459 7.73 -33.45 16.28
C ALA C 459 8.86 -32.75 15.55
N VAL C 460 10.09 -33.10 15.89
CA VAL C 460 11.24 -32.55 15.19
C VAL C 460 11.76 -33.50 14.13
N ALA C 461 11.50 -34.80 14.25
CA ALA C 461 11.81 -35.70 13.15
C ALA C 461 11.10 -35.23 11.90
N TRP C 462 9.78 -35.16 11.95
CA TRP C 462 9.05 -34.36 10.99
C TRP C 462 9.47 -32.91 11.18
N ASN C 463 9.55 -32.18 10.07
CA ASN C 463 10.20 -30.89 10.16
C ASN C 463 9.37 -29.87 10.91
N ARG C 464 8.05 -29.98 10.88
CA ARG C 464 7.24 -28.87 11.36
C ARG C 464 7.40 -28.71 12.86
N VAL C 465 7.37 -27.45 13.30
CA VAL C 465 7.64 -27.10 14.68
C VAL C 465 6.40 -26.65 15.41
N ASP C 466 5.47 -25.99 14.71
CA ASP C 466 4.24 -25.44 15.26
C ASP C 466 3.65 -26.39 16.30
N ILE C 467 3.71 -27.67 16.00
CA ILE C 467 3.15 -28.68 16.90
C ILE C 467 3.77 -28.56 18.28
N ALA C 468 5.08 -28.73 18.35
CA ALA C 468 5.74 -28.82 19.65
C ALA C 468 5.54 -27.55 20.45
N ARG C 469 5.82 -26.40 19.82
CA ARG C 469 5.62 -25.15 20.52
C ARG C 469 4.18 -24.96 20.92
N SER C 470 3.26 -25.60 20.21
CA SER C 470 1.86 -25.48 20.58
C SER C 470 1.54 -26.31 21.80
N GLU C 471 2.02 -27.55 21.84
CA GLU C 471 1.54 -28.43 22.88
C GLU C 471 2.63 -29.15 23.66
N ILE C 472 3.71 -29.58 23.00
CA ILE C 472 4.72 -30.34 23.71
C ILE C 472 5.29 -29.53 24.86
N PHE C 473 5.41 -28.22 24.68
CA PHE C 473 5.93 -27.34 25.70
C PHE C 473 4.86 -26.47 26.33
N MET C 474 3.62 -26.96 26.34
CA MET C 474 2.56 -26.18 26.93
C MET C 474 2.73 -26.16 28.44
N ASP C 475 2.63 -27.33 29.06
CA ASP C 475 2.77 -27.48 30.50
C ASP C 475 2.77 -28.99 30.79
N GLU C 476 2.65 -29.33 32.07
CA GLU C 476 2.40 -30.68 32.56
C GLU C 476 3.62 -31.59 32.48
N TRP C 477 4.76 -31.08 32.03
CA TRP C 477 5.99 -31.85 32.08
C TRP C 477 6.95 -31.34 33.14
N GLN C 478 7.12 -30.02 33.26
CA GLN C 478 8.10 -29.45 34.18
C GLN C 478 9.48 -30.04 33.93
N TRP C 479 9.84 -30.14 32.65
CA TRP C 479 11.13 -30.68 32.26
C TRP C 479 12.26 -29.82 32.81
N LYS C 480 13.47 -30.29 32.61
CA LYS C 480 14.66 -29.55 32.98
C LYS C 480 15.53 -29.33 31.75
N PRO C 481 15.94 -28.09 31.47
CA PRO C 481 16.66 -27.81 30.21
C PRO C 481 17.84 -28.71 29.97
N SER C 482 18.48 -29.23 31.01
CA SER C 482 19.54 -30.19 30.74
C SER C 482 19.02 -31.49 30.18
N ASP C 483 17.72 -31.60 29.91
CA ASP C 483 17.15 -32.82 29.34
C ASP C 483 16.77 -32.62 27.89
N LEU C 484 17.53 -31.80 27.16
CA LEU C 484 17.25 -31.58 25.76
C LEU C 484 18.48 -31.75 24.89
N HIS C 485 19.65 -31.86 25.49
CA HIS C 485 20.88 -31.81 24.69
C HIS C 485 20.91 -32.85 23.59
N PRO C 486 20.44 -34.08 23.78
CA PRO C 486 20.36 -34.98 22.62
C PRO C 486 19.55 -34.38 21.50
N THR C 487 18.40 -33.81 21.82
CA THR C 487 17.60 -33.19 20.79
C THR C 487 18.33 -32.03 20.15
N MET C 488 18.75 -31.06 20.97
CA MET C 488 19.48 -29.92 20.46
C MET C 488 20.54 -30.35 19.47
N THR C 489 21.30 -31.38 19.83
CA THR C 489 22.28 -31.96 18.93
C THR C 489 21.68 -32.20 17.56
N ALA C 490 20.66 -33.05 17.51
CA ALA C 490 20.07 -33.37 16.23
C ALA C 490 19.44 -32.15 15.57
N ALA C 491 19.04 -31.18 16.37
CA ALA C 491 18.46 -29.98 15.79
C ALA C 491 19.50 -29.24 14.97
N LEU C 492 20.73 -29.20 15.47
CA LEU C 492 21.79 -28.51 14.75
C LEU C 492 22.22 -29.31 13.53
N ILE C 493 22.75 -30.52 13.75
CA ILE C 493 23.37 -31.26 12.66
C ILE C 493 22.49 -31.27 11.44
N SER C 494 21.19 -31.12 11.62
CA SER C 494 20.25 -31.16 10.53
C SER C 494 19.90 -29.79 10.00
N ASN C 495 20.52 -28.73 10.53
CA ASN C 495 20.27 -27.37 10.05
C ASN C 495 18.79 -27.03 10.14
N LYS C 496 18.30 -26.96 11.38
CA LYS C 496 16.91 -26.58 11.64
C LYS C 496 16.95 -25.47 12.67
N PRO C 497 16.99 -24.22 12.21
CA PRO C 497 17.17 -23.11 13.15
C PRO C 497 15.99 -22.89 14.06
N GLU C 498 14.78 -23.13 13.58
CA GLU C 498 13.60 -22.78 14.35
C GLU C 498 13.60 -23.46 15.70
N PHE C 499 13.87 -24.76 15.70
CA PHE C 499 13.93 -25.47 16.97
C PHE C 499 15.01 -24.90 17.87
N VAL C 500 16.09 -24.40 17.28
CA VAL C 500 17.13 -23.81 18.09
C VAL C 500 16.60 -22.59 18.81
N LYS C 501 16.01 -21.67 18.06
CA LYS C 501 15.36 -20.53 18.68
C LYS C 501 14.43 -20.99 19.78
N LEU C 502 13.74 -22.10 19.53
CA LEU C 502 12.79 -22.59 20.51
C LEU C 502 13.49 -22.92 21.81
N PHE C 503 14.37 -23.91 21.79
CA PHE C 503 14.99 -24.35 23.04
C PHE C 503 15.77 -23.23 23.70
N LEU C 504 16.12 -22.19 22.94
CA LEU C 504 16.66 -21.00 23.56
C LEU C 504 15.60 -20.26 24.34
N GLU C 505 14.42 -20.10 23.74
CA GLU C 505 13.33 -19.45 24.45
C GLU C 505 12.99 -20.20 25.72
N ASN C 506 13.07 -21.53 25.68
CA ASN C 506 12.94 -22.33 26.89
C ASN C 506 14.26 -22.56 27.57
N GLY C 507 15.26 -21.76 27.24
CA GLY C 507 16.44 -21.68 28.06
C GLY C 507 17.30 -22.92 28.13
N VAL C 508 17.93 -23.28 27.03
CA VAL C 508 19.10 -24.14 27.06
C VAL C 508 20.31 -23.22 27.07
N GLN C 509 21.27 -23.49 27.95
CA GLN C 509 22.38 -22.59 28.17
C GLN C 509 23.55 -23.02 27.31
N LEU C 510 23.76 -22.28 26.22
CA LEU C 510 24.86 -22.56 25.32
C LEU C 510 26.13 -22.84 26.09
N LYS C 511 26.53 -21.90 26.93
CA LYS C 511 27.78 -22.06 27.67
C LYS C 511 27.76 -23.35 28.47
N GLU C 512 26.63 -23.67 29.07
CA GLU C 512 26.51 -24.95 29.75
C GLU C 512 26.43 -26.09 28.77
N PHE C 513 26.13 -25.81 27.51
CA PHE C 513 25.82 -26.86 26.57
C PHE C 513 27.00 -27.28 25.72
N VAL C 514 27.67 -26.36 25.07
CA VAL C 514 28.53 -26.79 23.99
C VAL C 514 29.83 -27.26 24.60
N THR C 515 29.82 -28.47 25.13
CA THR C 515 30.96 -28.96 25.85
C THR C 515 31.98 -29.47 24.88
N TRP C 516 33.02 -30.12 25.40
CA TRP C 516 34.11 -30.54 24.54
C TRP C 516 33.71 -31.70 23.66
N ASP C 517 33.27 -32.81 24.27
CA ASP C 517 32.95 -33.99 23.50
C ASP C 517 31.87 -33.70 22.49
N THR C 518 30.77 -33.08 22.93
CA THR C 518 29.72 -32.69 22.00
C THR C 518 30.30 -31.88 20.86
N LEU C 519 31.23 -30.98 21.18
CA LEU C 519 31.88 -30.22 20.13
C LEU C 519 32.60 -31.16 19.16
N LEU C 520 33.40 -32.07 19.71
CA LEU C 520 34.07 -33.04 18.87
C LEU C 520 33.08 -33.78 18.00
N TYR C 521 31.91 -34.08 18.56
CA TYR C 521 30.85 -34.71 17.79
C TYR C 521 30.50 -33.86 16.60
N LEU C 522 29.98 -32.67 16.85
CA LEU C 522 29.51 -31.80 15.78
C LEU C 522 30.53 -31.62 14.69
N TYR C 523 31.80 -31.81 14.99
CA TYR C 523 32.81 -31.73 13.96
C TYR C 523 33.02 -33.04 13.26
N GLU C 524 32.23 -34.04 13.57
CA GLU C 524 32.34 -35.29 12.83
C GLU C 524 31.28 -35.40 11.75
N ASN C 525 30.19 -34.65 11.87
CA ASN C 525 29.10 -34.85 10.93
C ASN C 525 28.76 -33.58 10.20
N LEU C 526 29.76 -32.83 9.78
CA LEU C 526 29.47 -31.71 8.92
C LEU C 526 28.88 -32.24 7.62
N ASP C 527 28.18 -31.39 6.92
CA ASP C 527 27.58 -31.84 5.67
C ASP C 527 28.69 -32.25 4.71
N PRO C 528 28.65 -33.47 4.17
CA PRO C 528 29.82 -33.99 3.48
C PRO C 528 30.21 -33.19 2.26
N SER C 529 29.29 -32.44 1.69
CA SER C 529 29.60 -31.71 0.47
C SER C 529 30.53 -30.54 0.71
N CYS C 530 30.60 -30.01 1.93
CA CYS C 530 31.28 -28.75 2.14
C CYS C 530 32.78 -28.88 1.93
N LEU C 531 33.37 -27.85 1.32
CA LEU C 531 34.77 -27.88 0.99
C LEU C 531 35.62 -28.14 2.23
N PHE C 532 35.27 -27.49 3.33
CA PHE C 532 35.91 -27.74 4.61
C PHE C 532 36.05 -29.22 4.87
N HIS C 533 34.98 -29.97 4.63
CA HIS C 533 34.97 -31.38 4.97
C HIS C 533 36.00 -32.14 4.16
N SER C 534 36.09 -31.85 2.87
CA SER C 534 37.11 -32.47 2.05
C SER C 534 38.49 -32.20 2.60
N LYS C 535 38.80 -30.92 2.82
CA LYS C 535 40.11 -30.57 3.34
C LYS C 535 40.40 -31.33 4.62
N LEU C 536 39.40 -31.46 5.47
CA LEU C 536 39.61 -32.14 6.73
C LEU C 536 40.02 -33.57 6.52
N GLN C 537 39.30 -34.28 5.64
CA GLN C 537 39.68 -35.66 5.36
C GLN C 537 41.12 -35.74 4.95
N LYS C 538 41.52 -34.87 4.03
CA LYS C 538 42.91 -34.88 3.57
C LYS C 538 43.85 -34.76 4.74
N VAL C 539 43.78 -33.64 5.46
CA VAL C 539 44.71 -33.41 6.55
C VAL C 539 44.63 -34.51 7.60
N LEU C 540 43.51 -35.22 7.65
CA LEU C 540 43.44 -36.33 8.59
C LEU C 540 44.38 -37.43 8.18
N VAL C 541 44.28 -37.87 6.92
CA VAL C 541 45.13 -38.97 6.51
C VAL C 541 46.54 -38.49 6.28
N GLU C 542 46.72 -37.20 6.05
CA GLU C 542 48.07 -36.65 5.96
C GLU C 542 48.81 -36.72 7.28
N ASP C 543 48.09 -36.94 8.38
CA ASP C 543 48.76 -37.03 9.67
C ASP C 543 49.70 -38.22 9.68
N PRO C 544 50.92 -38.06 10.18
CA PRO C 544 51.83 -39.20 10.24
C PRO C 544 51.58 -40.11 11.44
N GLU C 545 51.21 -39.50 12.57
CA GLU C 545 51.17 -40.26 13.81
C GLU C 545 49.96 -41.19 13.87
N ARG C 546 48.88 -40.85 13.16
CA ARG C 546 47.67 -41.66 13.30
C ARG C 546 47.78 -43.00 12.57
N PRO C 547 48.09 -43.04 11.26
CA PRO C 547 48.39 -44.36 10.66
C PRO C 547 49.59 -45.03 11.30
N ALA C 548 50.39 -44.30 12.06
CA ALA C 548 51.36 -44.94 12.94
C ALA C 548 50.68 -45.59 14.13
N CYS C 549 49.62 -44.95 14.66
CA CYS C 549 48.87 -45.55 15.76
C CYS C 549 48.01 -46.69 15.26
N ALA C 550 47.10 -46.41 14.33
CA ALA C 550 46.29 -47.44 13.70
C ALA C 550 45.86 -46.97 12.31
N PRO C 551 46.45 -47.53 11.25
CA PRO C 551 46.03 -47.15 9.89
C PRO C 551 44.60 -47.53 9.55
N ALA C 552 43.91 -48.26 10.44
CA ALA C 552 42.54 -48.67 10.19
C ALA C 552 41.51 -47.75 10.83
N ALA C 553 41.86 -47.03 11.88
CA ALA C 553 40.94 -46.15 12.59
C ALA C 553 41.55 -44.77 12.74
N PRO C 554 41.50 -43.95 11.71
CA PRO C 554 42.01 -42.59 11.84
C PRO C 554 41.10 -41.78 12.75
N ARG C 555 41.54 -41.57 13.97
CA ARG C 555 40.73 -40.91 14.98
C ARG C 555 40.69 -39.43 14.65
N LEU C 556 39.52 -38.94 14.27
CA LEU C 556 39.42 -37.51 14.01
C LEU C 556 39.75 -36.77 15.29
N GLN C 557 40.90 -36.13 15.32
CA GLN C 557 41.37 -35.49 16.54
C GLN C 557 41.23 -33.98 16.41
N MET C 558 40.75 -33.38 17.49
CA MET C 558 40.32 -31.99 17.44
C MET C 558 41.37 -31.08 16.86
N HIS C 559 42.63 -31.26 17.24
CA HIS C 559 43.63 -30.31 16.81
C HIS C 559 43.85 -30.33 15.31
N HIS C 560 43.44 -31.39 14.62
CA HIS C 560 43.43 -31.32 13.17
C HIS C 560 42.62 -30.13 12.72
N VAL C 561 41.38 -30.05 13.21
CA VAL C 561 40.54 -28.89 12.95
C VAL C 561 41.32 -27.63 13.24
N ALA C 562 42.04 -27.61 14.35
CA ALA C 562 42.84 -26.42 14.60
C ALA C 562 43.80 -26.17 13.46
N GLN C 563 44.40 -27.22 12.94
CA GLN C 563 45.43 -27.04 11.93
C GLN C 563 44.85 -26.43 10.66
N VAL C 564 43.82 -27.06 10.11
CA VAL C 564 43.21 -26.49 8.91
C VAL C 564 42.74 -25.08 9.18
N LEU C 565 42.29 -24.80 10.39
CA LEU C 565 41.86 -23.45 10.69
C LEU C 565 43.03 -22.49 10.59
N ARG C 566 44.15 -22.82 11.23
CA ARG C 566 45.30 -21.94 11.17
C ARG C 566 45.68 -21.64 9.73
N GLU C 567 45.61 -22.65 8.86
CA GLU C 567 45.91 -22.40 7.47
C GLU C 567 44.92 -21.41 6.87
N LEU C 568 43.65 -21.59 7.16
CA LEU C 568 42.64 -20.70 6.60
C LEU C 568 42.77 -19.30 7.15
N LEU C 569 43.04 -19.18 8.44
CA LEU C 569 42.96 -17.89 9.09
C LEU C 569 44.18 -17.04 8.77
N GLY C 570 45.35 -17.64 8.81
CA GLY C 570 46.58 -16.93 8.53
C GLY C 570 47.73 -17.54 9.29
N ASP C 571 48.94 -17.23 8.83
CA ASP C 571 50.11 -17.77 9.49
C ASP C 571 50.47 -17.02 10.74
N PHE C 572 49.87 -15.87 10.98
CA PHE C 572 50.29 -15.03 12.10
C PHE C 572 49.57 -15.32 13.39
N THR C 573 48.47 -16.06 13.36
CA THR C 573 47.77 -16.39 14.59
C THR C 573 48.39 -17.62 15.23
N GLN C 574 47.69 -18.19 16.19
CA GLN C 574 48.11 -19.40 16.87
C GLN C 574 47.12 -20.51 16.59
N PRO C 575 47.49 -21.76 16.87
CA PRO C 575 46.52 -22.86 16.72
C PRO C 575 45.43 -22.70 17.76
N LEU C 576 44.19 -22.59 17.30
CA LEU C 576 43.12 -22.28 18.24
C LEU C 576 42.92 -23.39 19.24
N TYR C 577 43.27 -24.61 18.90
CA TYR C 577 43.08 -25.64 19.88
C TYR C 577 44.41 -26.34 20.16
N PRO C 578 44.64 -26.74 21.39
CA PRO C 578 45.95 -27.25 21.75
C PRO C 578 46.16 -28.67 21.26
N ARG C 579 47.37 -29.03 21.17
CA ARG C 579 47.78 -30.38 20.85
C ARG C 579 48.03 -31.15 22.14
N PRO C 580 47.47 -32.33 22.30
CA PRO C 580 47.78 -33.13 23.49
C PRO C 580 49.16 -33.76 23.40
N ARG C 581 49.50 -34.59 24.39
CA ARG C 581 50.77 -35.29 24.37
C ARG C 581 50.68 -36.58 25.20
N HIS C 614 34.27 -36.67 33.69
CA HIS C 614 34.04 -35.28 34.02
C HIS C 614 34.21 -34.40 32.80
N VAL C 615 33.28 -33.47 32.62
CA VAL C 615 33.26 -32.64 31.42
C VAL C 615 34.27 -31.51 31.56
N THR C 616 34.53 -30.84 30.44
CA THR C 616 35.42 -29.69 30.44
C THR C 616 35.11 -28.81 29.23
N PHE C 617 34.49 -27.67 29.47
CA PHE C 617 34.42 -26.72 28.38
C PHE C 617 35.81 -26.20 28.07
N THR C 618 35.89 -25.38 27.04
CA THR C 618 37.06 -24.56 26.81
C THR C 618 36.69 -23.10 26.95
N MET C 619 37.71 -22.26 26.97
CA MET C 619 37.48 -20.82 27.01
C MET C 619 36.58 -20.42 25.85
N ASP C 620 35.49 -19.73 26.18
CA ASP C 620 34.50 -19.26 25.21
C ASP C 620 34.08 -20.40 24.29
N PRO C 621 33.26 -21.32 24.76
CA PRO C 621 32.73 -22.32 23.84
C PRO C 621 32.02 -21.68 22.68
N ILE C 622 31.33 -20.57 22.92
CA ILE C 622 30.46 -20.01 21.90
C ILE C 622 31.22 -19.77 20.61
N ARG C 623 32.47 -19.33 20.70
CA ARG C 623 33.22 -19.13 19.45
C ARG C 623 33.35 -20.44 18.69
N ASP C 624 33.56 -21.55 19.41
CA ASP C 624 33.72 -22.81 18.73
C ASP C 624 32.47 -23.15 17.95
N LEU C 625 31.33 -23.04 18.62
CA LEU C 625 30.09 -23.17 17.90
C LEU C 625 30.08 -22.25 16.70
N LEU C 626 30.55 -21.03 16.88
CA LEU C 626 30.42 -20.06 15.81
C LEU C 626 31.18 -20.50 14.58
N ILE C 627 32.38 -21.06 14.75
CA ILE C 627 33.14 -21.50 13.60
C ILE C 627 32.43 -22.65 12.90
N TRP C 628 32.15 -23.72 13.64
CA TRP C 628 31.52 -24.89 13.03
C TRP C 628 30.23 -24.52 12.34
N ALA C 629 29.61 -23.44 12.72
CA ALA C 629 28.46 -23.03 11.95
C ALA C 629 28.88 -22.27 10.71
N ILE C 630 29.98 -21.53 10.77
CA ILE C 630 30.34 -20.69 9.64
C ILE C 630 30.81 -21.52 8.47
N VAL C 631 31.81 -22.36 8.70
CA VAL C 631 32.47 -23.05 7.61
C VAL C 631 31.49 -23.81 6.76
N GLN C 632 30.33 -24.19 7.30
CA GLN C 632 29.35 -24.90 6.53
C GLN C 632 28.34 -23.98 5.89
N ASN C 633 28.62 -22.69 5.85
CA ASN C 633 27.75 -21.70 5.23
C ASN C 633 26.31 -21.87 5.68
N ARG C 634 26.12 -21.78 6.98
CA ARG C 634 24.79 -21.80 7.56
C ARG C 634 24.50 -20.38 8.01
N ARG C 635 23.81 -19.64 7.16
CA ARG C 635 23.58 -18.22 7.43
C ARG C 635 22.80 -18.03 8.72
N GLU C 636 21.55 -18.48 8.74
CA GLU C 636 20.66 -18.18 9.85
C GLU C 636 21.24 -18.64 11.18
N LEU C 637 21.77 -19.86 11.23
CA LEU C 637 22.40 -20.34 12.45
C LEU C 637 23.47 -19.37 12.93
N ALA C 638 24.38 -19.00 12.05
CA ALA C 638 25.45 -18.09 12.42
C ALA C 638 24.88 -16.83 13.06
N GLY C 639 24.07 -16.11 12.31
CA GLY C 639 23.49 -14.88 12.78
C GLY C 639 22.91 -15.01 14.17
N ILE C 640 22.29 -16.15 14.45
CA ILE C 640 21.74 -16.36 15.78
C ILE C 640 22.86 -16.37 16.80
N ILE C 641 23.85 -17.21 16.59
CA ILE C 641 24.84 -17.44 17.64
C ILE C 641 25.65 -16.17 17.89
N TRP C 642 26.04 -15.48 16.83
CA TRP C 642 26.96 -14.37 17.02
C TRP C 642 26.38 -13.34 17.97
N ALA C 643 25.07 -13.15 17.92
CA ALA C 643 24.44 -12.21 18.82
C ALA C 643 24.78 -12.49 20.27
N GLN C 644 25.20 -13.71 20.56
CA GLN C 644 25.58 -14.07 21.92
C GLN C 644 27.07 -14.31 22.04
N SER C 645 27.86 -13.74 21.17
CA SER C 645 29.29 -13.95 21.30
C SER C 645 29.86 -13.06 22.39
N GLN C 646 31.12 -13.27 22.70
CA GLN C 646 31.74 -12.65 23.86
C GLN C 646 32.40 -11.32 23.53
N ASP C 647 33.25 -11.29 22.52
CA ASP C 647 33.93 -10.07 22.10
C ASP C 647 33.65 -9.85 20.63
N CYS C 648 32.52 -9.24 20.33
CA CYS C 648 31.93 -9.43 19.02
C CYS C 648 32.83 -8.93 17.91
N ILE C 649 33.57 -7.85 18.14
CA ILE C 649 34.31 -7.23 17.04
C ILE C 649 35.29 -8.21 16.42
N ALA C 650 36.19 -8.75 17.24
CA ALA C 650 37.14 -9.72 16.71
C ALA C 650 36.40 -10.86 16.04
N ALA C 651 35.32 -11.32 16.64
CA ALA C 651 34.59 -12.44 16.08
C ALA C 651 34.15 -12.13 14.66
N ALA C 652 33.40 -11.06 14.50
CA ALA C 652 32.94 -10.70 13.17
C ALA C 652 34.08 -10.65 12.19
N LEU C 653 35.20 -10.06 12.61
CA LEU C 653 36.31 -9.93 11.68
C LEU C 653 36.85 -11.27 11.28
N ALA C 654 37.15 -12.12 12.25
CA ALA C 654 37.67 -13.44 11.92
C ALA C 654 36.75 -14.16 10.96
N CYS C 655 35.45 -14.02 11.16
CA CYS C 655 34.52 -14.67 10.25
C CYS C 655 34.66 -14.11 8.85
N SER C 656 34.71 -12.79 8.74
CA SER C 656 34.94 -12.18 7.45
C SER C 656 36.17 -12.77 6.79
N LYS C 657 37.25 -12.88 7.56
CA LYS C 657 38.50 -13.36 7.00
C LYS C 657 38.35 -14.77 6.47
N ILE C 658 37.85 -15.68 7.30
CA ILE C 658 37.68 -17.06 6.84
C ILE C 658 36.86 -17.10 5.58
N LEU C 659 35.70 -16.48 5.62
CA LEU C 659 34.79 -16.60 4.49
C LEU C 659 35.46 -16.10 3.22
N LYS C 660 36.09 -14.94 3.28
CA LYS C 660 36.74 -14.45 2.08
C LYS C 660 37.80 -15.43 1.63
N GLU C 661 38.47 -16.10 2.55
CA GLU C 661 39.44 -17.10 2.16
C GLU C 661 38.75 -18.25 1.46
N LEU C 662 37.75 -18.82 2.10
CA LEU C 662 37.15 -20.04 1.62
C LEU C 662 36.42 -19.81 0.32
N SER C 663 35.99 -18.59 0.08
CA SER C 663 35.27 -18.27 -1.13
C SER C 663 36.16 -18.18 -2.34
N LYS C 664 37.42 -18.57 -2.23
CA LYS C 664 38.27 -18.55 -3.41
C LYS C 664 38.36 -19.89 -4.08
N GLU C 665 38.43 -20.97 -3.31
CA GLU C 665 38.77 -22.26 -3.87
C GLU C 665 37.59 -23.21 -3.81
N GLU C 666 36.40 -22.69 -4.05
CA GLU C 666 35.21 -23.52 -3.88
C GLU C 666 34.79 -24.24 -5.14
N GLU C 667 35.25 -23.81 -6.31
CA GLU C 667 34.99 -24.50 -7.56
C GLU C 667 33.50 -24.67 -7.85
N ASP C 668 32.65 -23.88 -7.20
CA ASP C 668 31.24 -23.84 -7.54
C ASP C 668 30.78 -22.39 -7.50
N THR C 669 29.93 -22.03 -8.45
CA THR C 669 29.60 -20.63 -8.57
C THR C 669 28.65 -20.18 -7.47
N ASP C 670 27.44 -20.75 -7.46
CA ASP C 670 26.38 -20.21 -6.61
C ASP C 670 26.81 -20.16 -5.16
N SER C 671 27.43 -21.23 -4.69
CA SER C 671 27.89 -21.25 -3.31
C SER C 671 28.96 -20.21 -3.05
N SER C 672 29.92 -20.04 -3.97
CA SER C 672 30.95 -19.05 -3.75
C SER C 672 30.35 -17.67 -3.61
N GLU C 673 29.45 -17.31 -4.50
CA GLU C 673 28.82 -16.01 -4.41
C GLU C 673 28.11 -15.84 -3.08
N GLU C 674 27.30 -16.82 -2.70
CA GLU C 674 26.61 -16.74 -1.42
C GLU C 674 27.60 -16.52 -0.30
N MET C 675 28.69 -17.27 -0.30
CA MET C 675 29.70 -17.10 0.72
C MET C 675 30.19 -15.66 0.76
N LEU C 676 30.74 -15.19 -0.35
CA LEU C 676 31.33 -13.86 -0.36
C LEU C 676 30.37 -12.84 0.20
N ALA C 677 29.10 -12.91 -0.20
CA ALA C 677 28.14 -11.94 0.30
C ALA C 677 28.03 -12.03 1.81
N LEU C 678 27.94 -13.24 2.34
CA LEU C 678 27.91 -13.39 3.79
C LEU C 678 29.09 -12.68 4.41
N ALA C 679 30.27 -12.88 3.84
CA ALA C 679 31.47 -12.31 4.44
C ALA C 679 31.32 -10.82 4.62
N GLU C 680 31.03 -10.12 3.54
CA GLU C 680 30.95 -8.68 3.66
C GLU C 680 29.82 -8.28 4.59
N GLU C 681 28.79 -9.12 4.68
CA GLU C 681 27.74 -8.83 5.64
C GLU C 681 28.29 -8.75 7.04
N TYR C 682 29.22 -9.62 7.38
CA TYR C 682 29.75 -9.55 8.72
C TYR C 682 30.58 -8.29 8.93
N GLU C 683 31.38 -7.87 7.95
CA GLU C 683 32.13 -6.67 8.24
C GLU C 683 31.20 -5.52 8.48
N HIS C 684 30.02 -5.54 7.86
CA HIS C 684 29.04 -4.53 8.22
C HIS C 684 28.66 -4.63 9.67
N ARG C 685 28.52 -5.85 10.18
CA ARG C 685 28.25 -5.97 11.60
C ARG C 685 29.36 -5.35 12.41
N ALA C 686 30.60 -5.68 12.09
CA ALA C 686 31.71 -5.17 12.87
C ALA C 686 31.69 -3.65 12.92
N ILE C 687 31.67 -3.02 11.76
CA ILE C 687 31.49 -1.58 11.72
C ILE C 687 30.34 -1.18 12.60
N GLY C 688 29.21 -1.88 12.48
CA GLY C 688 28.03 -1.46 13.20
C GLY C 688 28.26 -1.37 14.69
N VAL C 689 28.94 -2.36 15.25
CA VAL C 689 29.22 -2.32 16.67
C VAL C 689 30.19 -1.20 16.98
N PHE C 690 31.26 -1.12 16.21
CA PHE C 690 32.33 -0.22 16.60
C PHE C 690 31.90 1.22 16.49
N THR C 691 31.23 1.59 15.41
CA THR C 691 30.79 2.97 15.30
C THR C 691 29.99 3.38 16.52
N GLU C 692 29.19 2.47 17.05
CA GLU C 692 28.48 2.77 18.27
C GLU C 692 29.45 2.99 19.41
N CYS C 693 30.21 1.95 19.73
CA CYS C 693 31.09 1.98 20.88
C CYS C 693 32.03 3.17 20.83
N TYR C 694 32.30 3.68 19.66
CA TYR C 694 33.12 4.88 19.56
C TYR C 694 32.27 6.11 19.80
N ARG C 695 31.06 6.13 19.26
CA ARG C 695 30.21 7.29 19.45
C ARG C 695 30.01 7.60 20.91
N LYS C 696 30.05 6.59 21.76
CA LYS C 696 29.97 6.87 23.18
C LYS C 696 31.28 7.46 23.69
N ASP C 697 32.33 6.67 23.64
CA ASP C 697 33.63 7.09 24.14
C ASP C 697 34.65 6.98 23.04
N GLU C 698 35.66 7.85 23.09
CA GLU C 698 36.75 7.81 22.14
C GLU C 698 37.94 7.05 22.69
N GLU C 699 38.50 7.51 23.81
CA GLU C 699 39.74 6.93 24.30
C GLU C 699 39.62 5.44 24.50
N ARG C 700 38.55 4.98 25.13
CA ARG C 700 38.38 3.55 25.30
C ARG C 700 38.21 2.86 23.95
N ALA C 701 37.44 3.47 23.05
CA ALA C 701 37.29 2.89 21.72
C ALA C 701 38.64 2.64 21.08
N GLN C 702 39.56 3.59 21.22
CA GLN C 702 40.92 3.36 20.75
C GLN C 702 41.53 2.16 21.45
N LYS C 703 41.47 2.14 22.79
CA LYS C 703 42.04 1.03 23.53
C LYS C 703 41.56 -0.29 22.99
N LEU C 704 40.41 -0.30 22.35
CA LEU C 704 39.85 -1.54 21.88
C LEU C 704 40.54 -2.05 20.64
N LEU C 705 40.89 -1.15 19.73
CA LEU C 705 41.44 -1.57 18.45
C LEU C 705 42.73 -2.31 18.57
N THR C 706 43.30 -2.40 19.75
CA THR C 706 44.67 -2.90 19.79
C THR C 706 44.93 -3.78 20.99
N ARG C 707 43.92 -4.47 21.50
CA ARG C 707 44.23 -5.39 22.57
C ARG C 707 44.70 -6.72 21.98
N VAL C 708 45.01 -7.67 22.84
CA VAL C 708 45.51 -8.96 22.38
C VAL C 708 44.48 -10.02 22.70
N SER C 709 43.58 -10.30 21.76
CA SER C 709 42.51 -11.25 22.00
C SER C 709 43.12 -12.63 22.21
N GLU C 710 43.10 -13.11 23.45
CA GLU C 710 43.62 -14.43 23.72
C GLU C 710 42.80 -15.50 23.02
N ALA C 711 41.54 -15.21 22.70
CA ALA C 711 40.68 -16.24 22.14
C ALA C 711 41.02 -16.53 20.68
N TRP C 712 41.18 -15.48 19.87
CA TRP C 712 41.36 -15.66 18.44
C TRP C 712 42.79 -15.83 18.05
N GLY C 713 43.61 -16.40 18.93
CA GLY C 713 44.97 -16.70 18.57
C GLY C 713 45.95 -15.58 18.82
N LYS C 714 45.67 -14.72 19.79
CA LYS C 714 46.64 -13.73 20.23
C LYS C 714 46.93 -12.70 19.17
N THR C 715 46.03 -12.51 18.23
CA THR C 715 46.18 -11.42 17.30
C THR C 715 45.33 -10.27 17.76
N THR C 716 45.26 -9.24 16.93
CA THR C 716 44.54 -8.02 17.26
C THR C 716 43.51 -7.74 16.18
N CYS C 717 42.53 -6.92 16.53
CA CYS C 717 41.51 -6.57 15.56
C CYS C 717 42.10 -5.93 14.33
N LEU C 718 42.93 -4.92 14.53
CA LEU C 718 43.40 -4.13 13.39
C LEU C 718 44.07 -5.00 12.36
N GLN C 719 44.87 -5.97 12.81
CA GLN C 719 45.48 -6.90 11.87
C GLN C 719 44.42 -7.56 11.00
N LEU C 720 43.52 -8.31 11.63
CA LEU C 720 42.49 -9.02 10.88
C LEU C 720 41.85 -8.11 9.86
N ALA C 721 41.58 -6.88 10.26
CA ALA C 721 41.09 -5.91 9.29
C ALA C 721 41.98 -5.89 8.07
N LEU C 722 43.28 -5.66 8.27
CA LEU C 722 44.16 -5.47 7.13
C LEU C 722 44.32 -6.75 6.34
N GLU C 723 44.40 -7.89 7.02
CA GLU C 723 44.52 -9.15 6.31
C GLU C 723 43.37 -9.34 5.35
N ALA C 724 42.16 -9.38 5.85
CA ALA C 724 41.03 -9.70 5.01
C ALA C 724 40.62 -8.55 4.12
N LYS C 725 41.35 -7.44 4.13
CA LYS C 725 41.10 -6.34 3.18
C LYS C 725 39.69 -5.80 3.32
N ASP C 726 39.39 -5.24 4.49
CA ASP C 726 38.08 -4.67 4.75
C ASP C 726 38.14 -3.15 4.62
N MET C 727 38.21 -2.70 3.37
CA MET C 727 38.31 -1.28 3.12
C MET C 727 37.28 -0.51 3.90
N LYS C 728 36.04 -0.97 3.88
CA LYS C 728 34.99 -0.22 4.55
C LYS C 728 35.30 -0.08 6.03
N PHE C 729 35.91 -1.10 6.61
CA PHE C 729 36.21 -1.00 8.04
C PHE C 729 37.34 -0.02 8.28
N VAL C 730 38.52 -0.32 7.76
CA VAL C 730 39.69 0.49 8.07
C VAL C 730 39.43 1.94 7.70
N SER C 731 38.56 2.17 6.73
CA SER C 731 38.24 3.54 6.37
C SER C 731 37.12 4.10 7.20
N HIS C 732 36.88 3.56 8.39
CA HIS C 732 35.73 3.99 9.15
C HIS C 732 35.80 5.47 9.46
N GLY C 733 36.98 5.95 9.78
CA GLY C 733 37.10 7.37 10.05
C GLY C 733 37.48 7.61 11.48
N GLY C 734 36.83 6.91 12.40
CA GLY C 734 37.35 6.88 13.74
C GLY C 734 38.72 6.22 13.78
N ILE C 735 38.92 5.25 12.91
CA ILE C 735 40.23 4.64 12.80
C ILE C 735 41.24 5.67 12.33
N GLN C 736 40.95 6.33 11.22
CA GLN C 736 41.86 7.35 10.71
C GLN C 736 42.25 8.32 11.80
N ALA C 737 41.30 8.70 12.64
CA ALA C 737 41.64 9.51 13.80
C ALA C 737 42.72 8.83 14.62
N PHE C 738 42.57 7.53 14.84
CA PHE C 738 43.57 6.85 15.66
C PHE C 738 44.94 6.89 15.00
N LEU C 739 45.00 6.41 13.76
CA LEU C 739 46.28 6.40 13.04
C LEU C 739 46.98 7.73 13.19
N THR C 740 46.35 8.80 12.71
CA THR C 740 46.93 10.13 12.84
C THR C 740 47.46 10.33 14.24
N LYS C 741 46.66 10.00 15.24
CA LYS C 741 47.09 10.18 16.62
C LYS C 741 48.43 9.51 16.86
N VAL C 742 48.75 8.47 16.09
CA VAL C 742 50.10 7.95 16.19
C VAL C 742 51.05 8.73 15.30
N TRP C 743 50.58 9.15 14.15
CA TRP C 743 51.43 9.87 13.21
C TRP C 743 52.19 10.96 13.92
N TRP C 744 51.49 11.78 14.66
CA TRP C 744 52.13 12.82 15.43
C TRP C 744 52.84 12.28 16.63
N GLY C 745 52.93 10.97 16.76
CA GLY C 745 53.65 10.40 17.88
C GLY C 745 53.23 10.98 19.21
N GLN C 746 54.14 11.70 19.84
CA GLN C 746 53.91 12.18 21.19
C GLN C 746 53.14 13.50 21.21
N LEU C 747 53.58 14.45 20.42
CA LEU C 747 53.11 15.82 20.58
C LEU C 747 51.76 16.04 19.93
N SER C 748 51.27 17.26 20.05
CA SER C 748 49.91 17.60 19.63
C SER C 748 49.71 17.33 18.16
N VAL C 749 48.44 17.30 17.75
CA VAL C 749 48.06 16.84 16.43
C VAL C 749 47.36 17.91 15.63
N ASP C 750 47.35 19.13 16.14
CA ASP C 750 46.64 20.23 15.53
C ASP C 750 47.53 21.43 15.26
N ASN C 751 48.83 21.27 15.44
CA ASN C 751 49.79 22.36 15.36
C ASN C 751 50.16 22.73 13.94
N GLY C 752 49.35 22.36 12.96
CA GLY C 752 49.74 22.64 11.60
C GLY C 752 50.98 21.85 11.26
N LEU C 753 51.64 22.27 10.19
CA LEU C 753 52.87 21.62 9.78
C LEU C 753 54.02 22.57 9.55
N TRP C 754 53.77 23.82 9.20
CA TRP C 754 54.88 24.76 9.07
C TRP C 754 55.66 24.81 10.36
N ARG C 755 54.96 24.78 11.50
CA ARG C 755 55.63 24.87 12.78
C ARG C 755 56.64 23.73 12.94
N VAL C 756 56.35 22.58 12.37
CA VAL C 756 57.31 21.48 12.41
C VAL C 756 58.59 21.88 11.70
N THR C 757 58.47 22.37 10.47
CA THR C 757 59.65 22.76 9.70
C THR C 757 60.48 23.80 10.44
N LEU C 758 59.86 24.92 10.78
CA LEU C 758 60.59 26.00 11.42
C LEU C 758 61.27 25.53 12.69
N CYS C 759 60.47 25.06 13.66
CA CYS C 759 61.04 24.60 14.91
C CYS C 759 62.08 23.51 14.70
N MET C 760 62.01 22.78 13.58
CA MET C 760 63.07 21.83 13.29
C MET C 760 64.38 22.53 13.02
N LEU C 761 64.33 23.65 12.30
CA LEU C 761 65.55 24.39 12.01
C LEU C 761 66.24 24.84 13.30
N ALA C 762 65.59 25.71 14.06
CA ALA C 762 66.20 26.31 15.23
C ALA C 762 65.83 25.53 16.48
N PHE C 763 66.83 25.13 17.25
CA PHE C 763 66.57 24.45 18.51
C PHE C 763 65.75 25.28 19.49
N PRO C 764 66.11 26.54 19.80
CA PRO C 764 65.40 27.26 20.86
C PRO C 764 63.93 27.45 20.57
N LEU C 765 63.53 27.38 19.29
CA LEU C 765 62.11 27.38 18.99
C LEU C 765 61.39 26.28 19.76
N LEU C 766 62.04 25.14 19.94
CA LEU C 766 61.50 24.11 20.82
C LEU C 766 61.46 24.60 22.26
N LEU C 767 62.56 25.18 22.74
CA LEU C 767 62.54 25.81 24.05
C LEU C 767 61.62 27.01 24.09
N THR C 768 61.15 27.49 22.94
CA THR C 768 60.21 28.60 22.88
C THR C 768 58.78 28.08 22.93
N GLY C 769 57.83 29.00 22.89
CA GLY C 769 56.43 28.65 22.92
C GLY C 769 55.76 28.69 21.56
N LEU C 770 56.45 28.21 20.54
CA LEU C 770 55.92 28.21 19.18
C LEU C 770 55.23 26.90 18.83
N ILE C 771 55.57 25.81 19.52
CA ILE C 771 55.05 24.49 19.20
C ILE C 771 54.08 24.08 20.30
N SER C 772 53.31 23.04 20.05
CA SER C 772 52.33 22.58 21.02
C SER C 772 52.64 21.17 21.47
N PHE C 773 51.97 20.76 22.53
CA PHE C 773 52.06 19.40 23.05
C PHE C 773 50.72 19.01 23.61
N ARG C 774 50.39 17.73 23.51
CA ARG C 774 49.27 17.19 24.26
C ARG C 774 49.79 16.70 25.61
N GLU C 775 48.87 16.51 26.54
CA GLU C 775 49.21 16.13 27.92
C GLU C 775 50.14 17.18 28.53
N LYS C 776 49.56 18.36 28.76
CA LYS C 776 50.31 19.55 29.12
C LYS C 776 51.20 19.37 30.34
N ARG C 777 51.05 18.25 31.05
CA ARG C 777 51.97 17.91 32.13
C ARG C 777 53.42 17.91 31.65
N LEU C 778 53.65 17.68 30.36
CA LEU C 778 54.95 17.90 29.77
C LEU C 778 55.03 19.19 28.97
N GLN C 779 53.89 19.73 28.52
CA GLN C 779 53.91 21.01 27.83
C GLN C 779 54.13 22.14 28.81
N ASP C 780 53.23 22.28 29.78
CA ASP C 780 53.37 23.33 30.78
C ASP C 780 54.64 23.14 31.59
N VAL C 781 54.76 22.00 32.27
CA VAL C 781 55.99 21.67 32.96
C VAL C 781 57.03 21.30 31.90
N GLY C 782 57.99 22.18 31.67
CA GLY C 782 58.91 21.99 30.57
C GLY C 782 60.30 21.51 30.96
N THR C 783 60.60 20.27 30.67
CA THR C 783 61.97 19.79 30.77
C THR C 783 62.51 19.73 29.36
N PRO C 784 63.07 20.83 28.86
CA PRO C 784 63.34 20.94 27.42
C PRO C 784 64.20 19.83 26.87
N ALA C 785 65.07 19.24 27.69
CA ALA C 785 65.92 18.16 27.19
C ALA C 785 65.07 17.00 26.70
N ALA C 786 64.36 16.34 27.61
CA ALA C 786 63.49 15.25 27.20
C ALA C 786 62.37 15.73 26.29
N ARG C 787 62.03 17.02 26.39
CA ARG C 787 61.03 17.57 25.47
C ARG C 787 61.49 17.43 24.04
N ALA C 788 62.69 17.94 23.74
CA ALA C 788 63.23 17.79 22.39
C ALA C 788 63.41 16.32 22.04
N ARG C 789 63.79 15.50 23.02
CA ARG C 789 63.90 14.08 22.77
C ARG C 789 62.57 13.50 22.30
N ALA C 790 61.53 13.70 23.11
CA ALA C 790 60.19 13.27 22.71
C ALA C 790 59.84 13.81 21.34
N PHE C 791 60.20 15.05 21.07
CA PHE C 791 59.95 15.62 19.75
C PHE C 791 60.60 14.76 18.68
N PHE C 792 61.84 14.35 18.90
CA PHE C 792 62.53 13.56 17.90
C PHE C 792 61.87 12.22 17.68
N THR C 793 61.20 11.70 18.70
CA THR C 793 60.52 10.42 18.52
C THR C 793 59.35 10.51 17.56
N ALA C 794 58.81 11.70 17.35
CA ALA C 794 57.63 11.84 16.52
C ALA C 794 57.94 11.43 15.10
N PRO C 795 57.39 10.33 14.60
CA PRO C 795 57.77 9.86 13.28
C PRO C 795 57.55 10.90 12.21
N VAL C 796 56.59 11.80 12.40
CA VAL C 796 56.44 12.89 11.45
C VAL C 796 57.77 13.57 11.20
N VAL C 797 58.45 13.93 12.28
CA VAL C 797 59.76 14.51 12.13
C VAL C 797 60.68 13.55 11.41
N VAL C 798 60.86 12.36 11.98
CA VAL C 798 61.79 11.40 11.41
C VAL C 798 61.56 11.27 9.92
N PHE C 799 60.32 11.42 9.50
CA PHE C 799 60.02 11.52 8.10
C PHE C 799 60.70 12.75 7.50
N HIS C 800 60.50 13.91 8.11
CA HIS C 800 61.07 15.12 7.52
C HIS C 800 62.59 15.07 7.47
N LEU C 801 63.22 14.51 8.49
CA LEU C 801 64.67 14.31 8.39
C LEU C 801 65.01 13.52 7.15
N ASN C 802 64.34 12.39 6.96
CA ASN C 802 64.63 11.59 5.78
C ASN C 802 64.42 12.41 4.53
N ILE C 803 63.40 13.25 4.52
CA ILE C 803 63.12 13.95 3.29
C ILE C 803 64.24 14.95 3.00
N LEU C 804 64.77 15.60 4.03
CA LEU C 804 65.87 16.52 3.80
C LEU C 804 67.13 15.78 3.39
N SER C 805 67.62 14.90 4.25
CA SER C 805 68.81 14.13 3.92
C SER C 805 68.76 13.64 2.50
N TYR C 806 67.61 13.12 2.08
CA TYR C 806 67.49 12.71 0.69
C TYR C 806 67.72 13.89 -0.23
N PHE C 807 67.08 15.01 0.06
CA PHE C 807 67.25 16.17 -0.78
C PHE C 807 68.73 16.50 -0.94
N ALA C 808 69.43 16.62 0.18
CA ALA C 808 70.82 17.01 0.15
C ALA C 808 71.66 16.00 -0.60
N PHE C 809 71.51 14.73 -0.26
CA PHE C 809 72.26 13.71 -0.95
C PHE C 809 72.14 13.88 -2.45
N LEU C 810 70.92 14.06 -2.92
CA LEU C 810 70.72 14.15 -4.35
C LEU C 810 71.50 15.31 -4.95
N CYS C 811 71.25 16.54 -4.49
CA CYS C 811 71.87 17.69 -5.14
C CYS C 811 73.38 17.66 -4.99
N LEU C 812 73.86 17.25 -3.83
CA LEU C 812 75.30 17.10 -3.66
C LEU C 812 75.88 16.15 -4.69
N PHE C 813 75.26 14.99 -4.84
CA PHE C 813 75.68 14.07 -5.88
C PHE C 813 75.73 14.76 -7.23
N ALA C 814 74.76 15.63 -7.50
CA ALA C 814 74.81 16.37 -8.75
C ALA C 814 76.06 17.24 -8.83
N TYR C 815 76.36 17.96 -7.75
CA TYR C 815 77.55 18.80 -7.74
C TYR C 815 78.79 17.98 -8.07
N VAL C 816 79.03 16.93 -7.29
CA VAL C 816 80.29 16.22 -7.42
C VAL C 816 80.43 15.62 -8.80
N LEU C 817 79.33 15.14 -9.39
CA LEU C 817 79.46 14.67 -10.76
C LEU C 817 79.76 15.83 -11.70
N MET C 818 79.18 17.00 -11.44
CA MET C 818 79.36 18.13 -12.34
C MET C 818 80.82 18.55 -12.39
N VAL C 819 81.33 19.06 -11.26
CA VAL C 819 82.63 19.70 -11.22
C VAL C 819 83.69 18.78 -10.67
N ASP C 820 83.43 18.15 -9.53
CA ASP C 820 84.43 17.31 -8.88
C ASP C 820 84.67 16.02 -9.63
N PHE C 821 84.10 15.87 -10.82
CA PHE C 821 84.32 14.68 -11.61
C PHE C 821 85.82 14.48 -11.82
N GLN C 822 86.35 13.41 -11.25
CA GLN C 822 87.76 13.13 -11.27
C GLN C 822 87.94 11.65 -11.53
N PRO C 823 88.86 11.25 -12.41
CA PRO C 823 89.01 9.82 -12.73
C PRO C 823 89.33 8.96 -11.52
N VAL C 824 90.20 9.41 -10.63
CA VAL C 824 90.43 8.71 -9.38
C VAL C 824 89.24 9.00 -8.48
N PRO C 825 88.96 8.19 -7.47
CA PRO C 825 87.77 8.44 -6.64
C PRO C 825 87.92 9.68 -5.78
N SER C 826 87.23 10.76 -6.15
CA SER C 826 87.29 12.00 -5.38
C SER C 826 86.79 11.73 -3.96
N TRP C 827 87.17 12.63 -3.05
CA TRP C 827 86.69 12.51 -1.67
C TRP C 827 85.17 12.45 -1.63
N CYS C 828 84.52 13.29 -2.42
CA CYS C 828 83.06 13.33 -2.40
C CYS C 828 82.44 12.15 -3.12
N GLU C 829 83.06 11.68 -4.22
CA GLU C 829 82.49 10.55 -4.94
C GLU C 829 82.44 9.32 -4.05
N CYS C 830 83.55 8.99 -3.41
CA CYS C 830 83.54 7.89 -2.45
C CYS C 830 82.57 8.15 -1.32
N ALA C 831 82.42 9.41 -0.91
CA ALA C 831 81.48 9.73 0.15
C ALA C 831 80.07 9.29 -0.23
N ILE C 832 79.58 9.74 -1.38
CA ILE C 832 78.21 9.39 -1.71
C ILE C 832 78.11 7.92 -2.01
N TYR C 833 79.20 7.30 -2.44
CA TYR C 833 79.17 5.85 -2.59
C TYR C 833 78.80 5.21 -1.25
N LEU C 834 79.48 5.61 -0.18
CA LEU C 834 79.09 5.15 1.14
C LEU C 834 77.67 5.55 1.46
N TRP C 835 77.24 6.70 0.97
CA TRP C 835 75.88 7.15 1.27
C TRP C 835 74.85 6.24 0.63
N LEU C 836 74.97 6.04 -0.67
CA LEU C 836 74.06 5.15 -1.36
C LEU C 836 74.00 3.80 -0.69
N PHE C 837 75.14 3.27 -0.28
CA PHE C 837 75.11 2.01 0.45
C PHE C 837 74.29 2.14 1.72
N SER C 838 74.51 3.22 2.47
CA SER C 838 73.77 3.40 3.71
C SER C 838 72.27 3.39 3.46
N LEU C 839 71.85 4.09 2.42
CA LEU C 839 70.43 4.15 2.11
C LEU C 839 69.89 2.77 1.77
N VAL C 840 70.53 2.08 0.85
CA VAL C 840 70.01 0.76 0.49
C VAL C 840 70.14 -0.20 1.64
N CYS C 841 71.04 0.06 2.59
CA CYS C 841 71.16 -0.83 3.73
C CYS C 841 69.91 -0.78 4.59
N GLU C 842 69.46 0.42 4.97
CA GLU C 842 68.21 0.53 5.70
C GLU C 842 67.05 -0.06 4.89
N GLU C 843 67.06 0.18 3.58
CA GLU C 843 66.04 -0.41 2.72
C GLU C 843 65.95 -1.91 2.94
N MET C 844 67.07 -2.61 2.77
CA MET C 844 67.06 -4.05 3.00
C MET C 844 66.71 -4.36 4.45
N ARG C 845 67.09 -3.48 5.38
CA ARG C 845 66.77 -3.71 6.78
C ARG C 845 65.28 -3.88 6.99
N GLN C 846 64.49 -3.26 6.16
CA GLN C 846 63.05 -3.40 6.32
C GLN C 846 62.52 -4.66 5.72
N LEU C 847 63.34 -5.68 5.55
CA LEU C 847 62.91 -6.98 5.06
C LEU C 847 62.81 -8.04 6.14
N PHE C 848 63.53 -7.88 7.25
CA PHE C 848 63.65 -8.94 8.24
C PHE C 848 63.05 -8.59 9.59
N TYR C 849 62.47 -7.41 9.74
CA TYR C 849 61.83 -7.11 11.01
C TYR C 849 60.59 -7.95 11.23
N ASP C 850 60.21 -8.79 10.27
CA ASP C 850 59.05 -9.66 10.36
C ASP C 850 59.07 -10.40 11.69
N PRO C 851 58.19 -10.02 12.62
CA PRO C 851 58.21 -10.71 13.93
C PRO C 851 57.62 -12.10 13.84
N ASP C 852 56.58 -12.28 13.04
CA ASP C 852 56.07 -13.60 12.75
C ASP C 852 57.01 -14.33 11.80
N GLU C 853 56.79 -15.64 11.66
CA GLU C 853 57.61 -16.47 10.78
C GLU C 853 57.20 -16.22 9.33
N CYS C 854 57.47 -14.99 8.88
CA CYS C 854 57.02 -14.57 7.57
C CYS C 854 57.84 -15.25 6.47
N GLY C 855 57.14 -15.67 5.42
CA GLY C 855 57.82 -16.33 4.33
C GLY C 855 58.72 -15.37 3.57
N LEU C 856 59.95 -15.80 3.35
CA LEU C 856 60.94 -14.94 2.73
C LEU C 856 60.69 -14.75 1.24
N MET C 857 60.40 -15.83 0.52
CA MET C 857 60.08 -15.68 -0.90
C MET C 857 58.77 -14.93 -1.08
N LYS C 858 57.90 -14.99 -0.07
CA LYS C 858 56.63 -14.27 -0.15
C LYS C 858 56.84 -12.76 -0.18
N LYS C 859 57.40 -12.22 0.91
CA LYS C 859 57.69 -10.79 0.94
C LYS C 859 58.55 -10.38 -0.24
N ALA C 860 59.38 -11.29 -0.74
CA ALA C 860 60.12 -11.02 -1.96
C ALA C 860 59.17 -10.71 -3.11
N ALA C 861 58.24 -11.63 -3.38
CA ALA C 861 57.29 -11.40 -4.47
C ALA C 861 56.50 -10.13 -4.25
N LEU C 862 56.27 -9.77 -2.99
CA LEU C 862 55.59 -8.52 -2.71
C LEU C 862 56.41 -7.33 -3.19
N TYR C 863 57.64 -7.21 -2.72
CA TYR C 863 58.49 -6.11 -3.15
C TYR C 863 58.68 -6.14 -4.67
N PHE C 864 58.77 -7.33 -5.24
CA PHE C 864 58.85 -7.43 -6.69
C PHE C 864 57.55 -7.00 -7.34
N SER C 865 56.46 -6.99 -6.58
CA SER C 865 55.19 -6.51 -7.12
C SER C 865 55.02 -5.01 -6.97
N ASP C 866 55.75 -4.37 -6.08
CA ASP C 866 55.60 -2.94 -5.83
C ASP C 866 56.29 -2.15 -6.94
N PHE C 867 55.49 -1.67 -7.89
CA PHE C 867 55.99 -0.81 -8.96
C PHE C 867 56.96 0.24 -8.44
N TRP C 868 56.67 0.80 -7.27
CA TRP C 868 57.60 1.76 -6.70
C TRP C 868 58.87 1.07 -6.26
N ASN C 869 58.75 -0.03 -5.51
CA ASN C 869 59.94 -0.82 -5.28
C ASN C 869 60.60 -1.20 -6.60
N LYS C 870 59.79 -1.41 -7.64
CA LYS C 870 60.36 -1.74 -8.95
C LYS C 870 61.24 -0.61 -9.47
N LEU C 871 60.77 0.63 -9.34
CA LEU C 871 61.58 1.76 -9.78
C LEU C 871 62.89 1.81 -9.02
N ASP C 872 62.83 1.71 -7.70
CA ASP C 872 64.03 1.85 -6.90
C ASP C 872 65.05 0.78 -7.27
N VAL C 873 64.60 -0.45 -7.51
CA VAL C 873 65.57 -1.49 -7.79
C VAL C 873 66.16 -1.32 -9.17
N GLY C 874 65.37 -0.84 -10.13
CA GLY C 874 65.94 -0.49 -11.42
C GLY C 874 67.06 0.51 -11.29
N ALA C 875 66.87 1.52 -10.44
CA ALA C 875 67.91 2.52 -10.26
C ALA C 875 69.15 1.91 -9.64
N ILE C 876 68.97 0.98 -8.70
CA ILE C 876 70.13 0.32 -8.09
C ILE C 876 70.95 -0.38 -9.15
N LEU C 877 70.29 -1.15 -10.00
CA LEU C 877 71.00 -1.84 -11.06
C LEU C 877 71.77 -0.85 -11.92
N LEU C 878 71.16 0.30 -12.20
CA LEU C 878 71.86 1.34 -12.94
C LEU C 878 73.16 1.73 -12.25
N PHE C 879 73.12 1.92 -10.94
CA PHE C 879 74.31 2.33 -10.24
C PHE C 879 75.40 1.28 -10.33
N VAL C 880 75.11 0.07 -9.85
CA VAL C 880 76.15 -0.95 -9.77
C VAL C 880 76.73 -1.21 -11.15
N ALA C 881 75.97 -0.91 -12.20
CA ALA C 881 76.51 -0.94 -13.55
C ALA C 881 77.46 0.23 -13.79
N GLY C 882 76.94 1.45 -13.72
CA GLY C 882 77.71 2.59 -14.15
C GLY C 882 78.93 2.85 -13.30
N LEU C 883 78.86 2.52 -12.02
CA LEU C 883 80.00 2.73 -11.13
C LEU C 883 81.23 2.01 -11.66
N THR C 884 81.11 0.71 -11.91
CA THR C 884 82.25 0.00 -12.45
C THR C 884 82.57 0.46 -13.86
N CYS C 885 81.59 0.97 -14.59
CA CYS C 885 81.88 1.53 -15.90
C CYS C 885 82.88 2.65 -15.80
N ARG C 886 82.52 3.71 -15.07
CA ARG C 886 83.47 4.77 -14.80
C ARG C 886 84.78 4.22 -14.24
N LEU C 887 84.67 3.23 -13.36
CA LEU C 887 85.86 2.71 -12.68
C LEU C 887 86.92 2.30 -13.68
N ILE C 888 86.53 1.66 -14.77
CA ILE C 888 87.49 1.37 -15.83
C ILE C 888 87.71 2.67 -16.60
N PRO C 889 88.94 3.18 -16.64
CA PRO C 889 89.19 4.45 -17.33
C PRO C 889 88.92 4.39 -18.81
N ALA C 890 89.04 3.21 -19.43
CA ALA C 890 88.65 3.04 -20.82
C ALA C 890 87.14 3.18 -21.01
N THR C 891 86.40 3.33 -19.93
CA THR C 891 84.95 3.52 -19.94
C THR C 891 84.57 4.68 -19.04
N LEU C 892 85.28 5.80 -19.20
CA LEU C 892 85.05 6.95 -18.34
C LEU C 892 83.92 7.81 -18.88
N TYR C 893 84.02 8.26 -20.13
CA TYR C 893 82.96 9.06 -20.72
C TYR C 893 81.61 8.36 -20.73
N PRO C 894 81.49 7.11 -21.16
CA PRO C 894 80.19 6.44 -21.01
C PRO C 894 79.78 6.30 -19.56
N GLY C 895 80.75 6.18 -18.65
CA GLY C 895 80.43 6.23 -17.23
C GLY C 895 79.70 7.51 -16.88
N ARG C 896 80.13 8.62 -17.45
CA ARG C 896 79.45 9.89 -17.22
C ARG C 896 78.00 9.81 -17.66
N VAL C 897 77.76 9.36 -18.89
CA VAL C 897 76.39 9.39 -19.41
C VAL C 897 75.50 8.42 -18.65
N ILE C 898 76.03 7.27 -18.25
CA ILE C 898 75.24 6.32 -17.49
C ILE C 898 74.82 6.93 -16.17
N LEU C 899 75.78 7.40 -15.40
CA LEU C 899 75.47 7.88 -14.07
C LEU C 899 74.54 9.08 -14.13
N SER C 900 74.61 9.85 -15.22
CA SER C 900 73.60 10.87 -15.43
C SER C 900 72.20 10.27 -15.46
N LEU C 901 72.02 9.23 -16.26
CA LEU C 901 70.72 8.56 -16.30
C LEU C 901 70.29 8.18 -14.90
N ASP C 902 71.17 7.48 -14.17
CA ASP C 902 70.87 7.06 -12.81
C ASP C 902 70.39 8.22 -11.96
N PHE C 903 71.03 9.37 -12.11
CA PHE C 903 70.59 10.56 -11.39
C PHE C 903 69.12 10.85 -11.66
N ILE C 904 68.77 10.99 -12.93
CA ILE C 904 67.42 11.38 -13.28
C ILE C 904 66.42 10.37 -12.73
N LEU C 905 66.78 9.09 -12.81
CA LEU C 905 65.93 8.05 -12.25
C LEU C 905 65.65 8.34 -10.79
N PHE C 906 66.69 8.64 -10.01
CA PHE C 906 66.49 8.97 -8.61
C PHE C 906 65.56 10.15 -8.46
N CYS C 907 65.83 11.22 -9.19
CA CYS C 907 65.02 12.42 -9.09
C CYS C 907 63.55 12.12 -9.31
N LEU C 908 63.24 11.10 -10.11
CA LEU C 908 61.85 10.72 -10.26
C LEU C 908 61.24 10.28 -8.94
N ARG C 909 61.96 9.47 -8.18
CA ARG C 909 61.40 8.82 -7.00
C ARG C 909 60.87 9.83 -6.00
N LEU C 910 61.02 11.10 -6.31
CA LEU C 910 60.63 12.11 -5.36
C LEU C 910 59.13 12.34 -5.32
N MET C 911 58.42 12.01 -6.40
CA MET C 911 56.97 12.15 -6.37
C MET C 911 56.37 11.43 -5.17
N HIS C 912 57.08 10.43 -4.67
CA HIS C 912 56.72 9.74 -3.45
C HIS C 912 56.31 10.65 -2.31
N ILE C 913 56.87 11.86 -2.25
CA ILE C 913 56.44 12.81 -1.24
C ILE C 913 54.94 12.84 -1.16
N PHE C 914 54.31 13.03 -2.30
CA PHE C 914 52.87 13.26 -2.35
C PHE C 914 52.07 12.00 -2.12
N THR C 915 52.72 10.86 -1.87
CA THR C 915 51.97 9.69 -1.44
C THR C 915 51.23 9.99 -0.14
N ILE C 916 51.97 10.30 0.91
CA ILE C 916 51.34 10.66 2.16
C ILE C 916 50.59 11.97 2.08
N SER C 917 50.67 12.65 0.95
CA SER C 917 50.01 13.94 0.83
C SER C 917 48.55 13.83 1.19
N LYS C 918 48.20 14.44 2.31
CA LYS C 918 46.81 14.55 2.72
C LYS C 918 45.93 14.88 1.54
N THR C 919 46.44 15.71 0.67
CA THR C 919 45.61 16.37 -0.32
C THR C 919 45.89 15.96 -1.76
N LEU C 920 46.85 15.07 -1.99
CA LEU C 920 47.13 14.68 -3.36
C LEU C 920 47.29 13.20 -3.57
N GLY C 921 47.64 12.44 -2.54
CA GLY C 921 47.87 11.01 -2.65
C GLY C 921 46.94 10.32 -3.63
N PRO C 922 45.64 10.53 -3.46
CA PRO C 922 44.69 9.98 -4.43
C PRO C 922 45.09 10.22 -5.86
N LYS C 923 45.54 11.42 -6.18
CA LYS C 923 45.88 11.75 -7.55
C LYS C 923 46.97 10.83 -8.05
N ILE C 924 48.04 10.73 -7.28
CA ILE C 924 49.12 9.84 -7.64
C ILE C 924 48.62 8.44 -7.85
N ILE C 925 47.69 8.00 -7.00
CA ILE C 925 47.06 6.71 -7.22
C ILE C 925 46.56 6.62 -8.64
N ILE C 926 45.87 7.66 -9.07
CA ILE C 926 45.28 7.63 -10.39
C ILE C 926 46.37 7.48 -11.44
N VAL C 927 47.33 8.39 -11.43
CA VAL C 927 48.36 8.34 -12.46
C VAL C 927 49.08 7.02 -12.39
N LYS C 928 49.19 6.46 -11.20
CA LYS C 928 49.78 5.14 -11.09
C LYS C 928 48.98 4.13 -11.91
N ARG C 929 47.67 4.28 -11.93
CA ARG C 929 46.89 3.42 -12.80
C ARG C 929 47.13 3.79 -14.25
N MET C 930 47.51 5.04 -14.50
CA MET C 930 47.62 5.48 -15.88
C MET C 930 48.95 5.11 -16.51
N MET C 931 49.99 4.97 -15.69
CA MET C 931 51.34 4.74 -16.21
C MET C 931 51.33 3.67 -17.29
N LYS C 932 50.55 2.60 -17.06
CA LYS C 932 50.59 1.45 -17.94
C LYS C 932 50.20 1.82 -19.37
N ASP C 933 49.22 2.70 -19.53
CA ASP C 933 48.73 2.95 -20.89
C ASP C 933 49.44 4.11 -21.56
N VAL C 934 49.71 5.18 -20.81
CA VAL C 934 50.40 6.32 -21.41
C VAL C 934 51.70 5.87 -22.04
N PHE C 935 52.37 4.90 -21.41
CA PHE C 935 53.57 4.33 -22.01
C PHE C 935 53.28 3.85 -23.43
N PHE C 936 52.28 2.98 -23.55
CA PHE C 936 51.91 2.46 -24.85
C PHE C 936 51.64 3.57 -25.84
N PHE C 937 50.96 4.62 -25.40
CA PHE C 937 50.60 5.68 -26.33
C PHE C 937 51.82 6.49 -26.74
N LEU C 938 52.69 6.78 -25.78
CA LEU C 938 53.95 7.44 -26.07
C LEU C 938 54.67 6.82 -27.24
N PHE C 939 54.70 5.50 -27.28
CA PHE C 939 55.28 4.83 -28.43
C PHE C 939 54.76 5.43 -29.72
N LEU C 940 53.44 5.53 -29.84
CA LEU C 940 52.86 5.86 -31.12
C LEU C 940 53.23 7.25 -31.55
N LEU C 941 53.09 8.22 -30.64
CA LEU C 941 53.46 9.58 -31.01
C LEU C 941 54.92 9.64 -31.43
N ALA C 942 55.77 8.82 -30.80
CA ALA C 942 57.17 8.79 -31.19
C ALA C 942 57.30 8.48 -32.67
N VAL C 943 56.89 7.28 -33.06
CA VAL C 943 57.01 6.91 -34.46
C VAL C 943 56.29 7.91 -35.33
N TRP C 944 55.25 8.54 -34.78
CA TRP C 944 54.53 9.54 -35.53
C TRP C 944 55.47 10.64 -36.00
N VAL C 945 56.02 11.39 -35.05
CA VAL C 945 56.86 12.52 -35.43
C VAL C 945 58.05 12.06 -36.25
N VAL C 946 58.62 10.90 -35.93
CA VAL C 946 59.86 10.53 -36.60
C VAL C 946 59.59 10.23 -38.07
N SER C 947 58.47 9.60 -38.36
CA SER C 947 58.05 9.47 -39.74
C SER C 947 57.94 10.85 -40.37
N PHE C 948 57.40 11.81 -39.62
CA PHE C 948 57.20 13.14 -40.18
C PHE C 948 58.54 13.79 -40.52
N GLY C 949 59.46 13.76 -39.58
CA GLY C 949 60.76 14.38 -39.81
C GLY C 949 61.49 13.78 -40.98
N VAL C 950 61.46 12.44 -41.09
CA VAL C 950 62.21 11.82 -42.17
C VAL C 950 61.55 12.11 -43.50
N ALA C 951 60.22 12.22 -43.52
CA ALA C 951 59.56 12.68 -44.73
C ALA C 951 60.08 14.04 -45.13
N LYS C 952 60.24 14.93 -44.15
CA LYS C 952 60.82 16.24 -44.43
C LYS C 952 62.18 16.11 -45.09
N GLN C 953 63.10 15.42 -44.43
CA GLN C 953 64.46 15.30 -44.95
C GLN C 953 64.45 14.73 -46.35
N ALA C 954 63.57 13.75 -46.60
CA ALA C 954 63.56 13.11 -47.91
C ALA C 954 63.09 14.07 -48.99
N ILE C 955 62.06 14.85 -48.71
CA ILE C 955 61.46 15.65 -49.77
C ILE C 955 62.31 16.86 -50.11
N LEU C 956 63.14 17.33 -49.18
CA LEU C 956 63.88 18.57 -49.37
C LEU C 956 65.30 18.33 -49.82
N ILE C 957 65.66 17.10 -50.16
CA ILE C 957 67.05 16.81 -50.51
C ILE C 957 67.10 15.67 -51.50
N HIS C 958 68.30 15.42 -52.05
CA HIS C 958 68.59 14.24 -52.86
C HIS C 958 69.23 13.12 -52.07
N ASN C 959 70.16 13.45 -51.17
CA ASN C 959 70.83 12.45 -50.34
C ASN C 959 71.47 13.15 -49.14
N GLU C 960 71.39 12.49 -47.98
CA GLU C 960 71.95 13.02 -46.75
C GLU C 960 72.44 11.88 -45.88
N ARG C 961 73.05 12.26 -44.74
CA ARG C 961 73.59 11.30 -43.79
C ARG C 961 73.79 12.04 -42.47
N ARG C 962 74.66 11.48 -41.63
CA ARG C 962 75.15 12.20 -40.46
C ARG C 962 74.04 12.60 -39.50
N VAL C 963 73.40 11.60 -38.89
CA VAL C 963 72.35 11.85 -37.90
C VAL C 963 72.84 12.57 -36.65
N ASP C 964 74.15 12.81 -36.52
CA ASP C 964 74.70 13.49 -35.36
C ASP C 964 74.49 14.99 -35.35
N TRP C 965 74.31 15.60 -36.52
CA TRP C 965 73.89 17.01 -36.62
C TRP C 965 72.53 17.12 -37.28
N LEU C 966 72.31 16.36 -38.35
CA LEU C 966 71.03 16.40 -39.04
C LEU C 966 69.90 15.92 -38.13
N PHE C 967 69.96 14.67 -37.67
CA PHE C 967 68.90 14.16 -36.82
C PHE C 967 68.91 14.86 -35.46
N ARG C 968 70.06 15.36 -35.03
CA ARG C 968 70.10 16.10 -33.77
C ARG C 968 69.32 17.40 -33.88
N GLY C 969 69.64 18.22 -34.88
CA GLY C 969 68.89 19.45 -35.07
C GLY C 969 67.45 19.21 -35.42
N ALA C 970 67.17 18.12 -36.15
CA ALA C 970 65.80 17.78 -36.48
C ALA C 970 65.03 17.32 -35.26
N VAL C 971 65.66 16.54 -34.38
CA VAL C 971 64.99 16.10 -33.17
C VAL C 971 64.77 17.28 -32.23
N TYR C 972 65.69 18.24 -32.24
CA TYR C 972 65.52 19.43 -31.41
C TYR C 972 64.35 20.28 -31.94
N HIS C 973 64.30 20.49 -33.25
CA HIS C 973 63.13 21.16 -33.83
C HIS C 973 61.86 20.39 -33.53
N SER C 974 61.96 19.06 -33.47
CA SER C 974 60.81 18.24 -33.08
C SER C 974 60.45 18.46 -31.62
N TYR C 975 61.45 18.69 -30.77
CA TYR C 975 61.17 19.01 -29.38
C TYR C 975 60.43 20.33 -29.27
N LEU C 976 60.81 21.30 -30.09
CA LEU C 976 60.07 22.57 -30.13
C LEU C 976 58.64 22.35 -30.60
N THR C 977 58.45 21.53 -31.63
CA THR C 977 57.11 21.23 -32.11
C THR C 977 56.32 20.38 -31.13
N ILE C 978 57.00 19.60 -30.30
CA ILE C 978 56.32 18.73 -29.34
C ILE C 978 56.18 19.37 -27.97
N PHE C 979 56.72 20.58 -27.77
CA PHE C 979 56.48 21.27 -26.52
C PHE C 979 54.99 21.46 -26.27
N GLY C 980 54.19 21.50 -27.33
CA GLY C 980 52.75 21.57 -27.22
C GLY C 980 52.06 20.63 -28.19
N PHE C 1020 56.52 26.01 -59.43
CA PHE C 1020 56.51 26.64 -58.12
C PHE C 1020 56.37 25.59 -57.02
N PRO C 1021 57.50 25.05 -56.56
CA PRO C 1021 57.45 23.98 -55.56
C PRO C 1021 56.86 24.39 -54.23
N GLU C 1022 56.54 25.67 -54.04
CA GLU C 1022 56.03 26.15 -52.76
C GLU C 1022 54.72 25.49 -52.40
N TRP C 1023 53.90 25.15 -53.40
CA TRP C 1023 52.65 24.46 -53.12
C TRP C 1023 52.91 23.14 -52.42
N LEU C 1024 53.95 22.42 -52.85
CA LEU C 1024 54.33 21.21 -52.15
C LEU C 1024 54.71 21.51 -50.70
N THR C 1025 55.41 22.63 -50.48
CA THR C 1025 55.82 23.00 -49.13
C THR C 1025 54.59 23.26 -48.25
N VAL C 1026 53.64 24.04 -48.75
CA VAL C 1026 52.46 24.36 -47.95
C VAL C 1026 51.65 23.10 -47.66
N LEU C 1027 51.53 22.22 -48.65
CA LEU C 1027 50.78 20.98 -48.45
C LEU C 1027 51.42 20.13 -47.37
N LEU C 1028 52.74 19.97 -47.43
CA LEU C 1028 53.44 19.18 -46.42
C LEU C 1028 53.20 19.76 -45.03
N LEU C 1029 53.40 21.07 -44.89
CA LEU C 1029 53.29 21.69 -43.58
C LEU C 1029 51.88 21.55 -43.02
N CYS C 1030 50.87 21.72 -43.87
CA CYS C 1030 49.49 21.67 -43.40
C CYS C 1030 49.11 20.27 -42.96
N LEU C 1031 49.44 19.27 -43.76
CA LEU C 1031 49.14 17.89 -43.36
C LEU C 1031 49.85 17.53 -42.07
N TYR C 1032 51.14 17.87 -41.97
CA TYR C 1032 51.90 17.55 -40.77
C TYR C 1032 51.26 18.17 -39.54
N LEU C 1033 51.05 19.49 -39.56
CA LEU C 1033 50.43 20.14 -38.42
C LEU C 1033 49.04 19.58 -38.16
N LEU C 1034 48.37 19.10 -39.20
CA LEU C 1034 47.07 18.46 -39.04
C LEU C 1034 47.16 17.28 -38.08
N PHE C 1035 48.14 16.41 -38.30
CA PHE C 1035 48.18 15.22 -37.47
C PHE C 1035 48.77 15.51 -36.09
N THR C 1036 49.87 16.27 -36.05
CA THR C 1036 50.66 16.38 -34.84
C THR C 1036 49.89 16.95 -33.67
N ASN C 1037 49.50 18.21 -33.74
CA ASN C 1037 48.91 18.88 -32.60
C ASN C 1037 47.41 18.74 -32.54
N ILE C 1038 46.84 17.78 -33.27
CA ILE C 1038 45.39 17.64 -33.27
C ILE C 1038 44.95 16.22 -32.93
N LEU C 1039 45.29 15.28 -33.81
CA LEU C 1039 44.76 13.92 -33.69
C LEU C 1039 45.06 13.37 -32.31
N LEU C 1040 46.32 13.42 -31.92
CA LEU C 1040 46.73 12.83 -30.66
C LEU C 1040 46.26 13.66 -29.47
N LEU C 1041 46.15 14.97 -29.65
CA LEU C 1041 45.65 15.81 -28.57
C LEU C 1041 44.26 15.38 -28.16
N ASN C 1042 43.30 15.51 -29.08
CA ASN C 1042 41.95 15.07 -28.79
C ASN C 1042 41.91 13.62 -28.34
N LEU C 1043 42.82 12.80 -28.88
CA LEU C 1043 42.89 11.41 -28.44
C LEU C 1043 43.09 11.33 -26.93
N LEU C 1044 44.23 11.83 -26.45
CA LEU C 1044 44.51 11.80 -25.02
C LEU C 1044 43.43 12.53 -24.24
N ILE C 1045 42.91 13.61 -24.81
CA ILE C 1045 41.78 14.30 -24.20
C ILE C 1045 40.72 13.28 -23.83
N ALA C 1046 40.26 12.52 -24.83
CA ALA C 1046 39.30 11.47 -24.54
C ALA C 1046 39.86 10.44 -23.58
N MET C 1047 41.12 10.02 -23.79
CA MET C 1047 41.69 8.96 -22.99
C MET C 1047 41.63 9.31 -21.51
N PHE C 1048 42.13 10.48 -21.16
CA PHE C 1048 42.12 10.89 -19.77
C PHE C 1048 40.71 11.01 -19.25
N ASN C 1049 39.86 11.76 -19.96
CA ASN C 1049 38.51 11.98 -19.46
C ASN C 1049 37.80 10.65 -19.24
N TYR C 1050 38.00 9.71 -20.16
CA TYR C 1050 37.33 8.42 -20.04
C TYR C 1050 37.85 7.66 -18.83
N THR C 1051 39.15 7.36 -18.82
CA THR C 1051 39.72 6.66 -17.69
C THR C 1051 39.45 7.40 -16.39
N PHE C 1052 39.44 8.74 -16.43
CA PHE C 1052 39.10 9.52 -15.25
C PHE C 1052 37.71 9.15 -14.75
N GLN C 1053 36.72 9.25 -15.63
CA GLN C 1053 35.37 8.87 -15.26
C GLN C 1053 35.27 7.40 -14.88
N GLN C 1054 36.29 6.60 -15.19
CA GLN C 1054 36.25 5.20 -14.80
C GLN C 1054 36.52 5.02 -13.30
N VAL C 1055 37.27 5.94 -12.69
CA VAL C 1055 37.75 5.75 -11.33
C VAL C 1055 37.58 6.98 -10.45
N GLN C 1056 36.90 8.01 -10.91
CA GLN C 1056 36.99 9.33 -10.24
C GLN C 1056 36.34 9.39 -8.85
N GLU C 1057 35.90 8.31 -8.22
CA GLU C 1057 34.97 8.45 -7.12
C GLU C 1057 35.39 7.78 -5.83
N HIS C 1058 35.96 6.58 -5.89
CA HIS C 1058 36.08 5.74 -4.71
C HIS C 1058 37.52 5.47 -4.31
N THR C 1059 38.49 5.98 -5.07
CA THR C 1059 39.88 5.69 -4.77
C THR C 1059 40.23 6.09 -3.36
N ASP C 1060 39.76 7.26 -2.93
CA ASP C 1060 40.00 7.75 -1.58
C ASP C 1060 40.00 6.63 -0.55
N GLN C 1061 39.08 5.68 -0.70
CA GLN C 1061 39.15 4.47 0.08
C GLN C 1061 40.55 3.89 0.00
N ILE C 1062 40.93 3.47 -1.19
CA ILE C 1062 42.20 2.79 -1.36
C ILE C 1062 43.30 3.58 -0.71
N TRP C 1063 43.27 4.90 -0.87
CA TRP C 1063 44.30 5.69 -0.23
C TRP C 1063 44.21 5.59 1.28
N LYS C 1064 43.00 5.73 1.82
CA LYS C 1064 42.84 5.62 3.26
C LYS C 1064 43.32 4.28 3.74
N PHE C 1065 43.14 3.26 2.92
CA PHE C 1065 43.62 1.95 3.27
C PHE C 1065 45.14 1.94 3.32
N GLN C 1066 45.76 2.45 2.25
CA GLN C 1066 47.21 2.39 2.16
C GLN C 1066 47.87 3.10 3.31
N ARG C 1067 47.27 4.19 3.74
CA ARG C 1067 47.87 5.08 4.72
C ARG C 1067 48.50 4.33 5.88
N HIS C 1068 47.97 3.16 6.21
CA HIS C 1068 48.45 2.48 7.39
C HIS C 1068 49.92 2.09 7.32
N ASP C 1069 50.23 1.16 6.42
CA ASP C 1069 51.55 0.52 6.46
C ASP C 1069 52.66 1.55 6.49
N LEU C 1070 52.48 2.64 5.75
CA LEU C 1070 53.43 3.74 5.84
C LEU C 1070 53.60 4.16 7.28
N ILE C 1071 52.50 4.45 7.95
CA ILE C 1071 52.59 4.86 9.34
C ILE C 1071 53.31 3.80 10.15
N GLU C 1072 52.98 2.54 9.90
CA GLU C 1072 53.61 1.47 10.65
C GLU C 1072 55.12 1.54 10.50
N GLU C 1073 55.59 1.77 9.29
CA GLU C 1073 57.02 1.78 9.04
C GLU C 1073 57.69 2.92 9.79
N TYR C 1074 57.32 4.15 9.47
CA TYR C 1074 58.06 5.27 10.05
C TYR C 1074 57.86 5.40 11.54
N HIS C 1075 56.86 4.74 12.10
CA HIS C 1075 56.84 4.62 13.55
C HIS C 1075 57.80 3.54 14.02
N GLY C 1076 58.10 2.58 13.17
CA GLY C 1076 58.94 1.48 13.57
C GLY C 1076 60.42 1.72 13.38
N ARG C 1077 60.77 2.45 12.33
CA ARG C 1077 62.17 2.61 11.98
C ARG C 1077 62.92 3.33 13.10
N PRO C 1078 64.15 2.92 13.41
CA PRO C 1078 64.94 3.63 14.43
C PRO C 1078 65.24 5.05 14.00
N ALA C 1079 65.34 5.94 14.98
CA ALA C 1079 65.49 7.37 14.74
C ALA C 1079 66.96 7.71 14.46
N ALA C 1080 67.35 7.50 13.21
CA ALA C 1080 68.69 7.85 12.76
C ALA C 1080 68.69 8.10 11.25
N PRO C 1081 68.68 9.36 10.83
CA PRO C 1081 68.74 9.66 9.40
C PRO C 1081 70.03 9.13 8.79
N PRO C 1082 70.12 9.09 7.47
CA PRO C 1082 71.26 8.43 6.80
C PRO C 1082 72.62 8.95 7.23
N PRO C 1083 72.76 10.22 7.70
CA PRO C 1083 74.08 10.59 8.24
C PRO C 1083 74.49 9.69 9.38
N PHE C 1084 73.72 9.73 10.47
CA PHE C 1084 74.01 8.92 11.64
C PHE C 1084 73.34 7.56 11.57
N ILE C 1085 73.02 7.08 10.36
CA ILE C 1085 72.35 5.79 10.25
C ILE C 1085 73.34 4.65 10.32
N LEU C 1086 74.62 4.89 10.09
CA LEU C 1086 75.57 3.79 10.08
C LEU C 1086 75.81 3.25 11.49
N LEU C 1087 75.87 4.13 12.49
CA LEU C 1087 75.97 3.66 13.86
C LEU C 1087 74.75 2.82 14.23
N SER C 1088 73.59 3.16 13.67
CA SER C 1088 72.39 2.37 13.91
C SER C 1088 72.49 1.03 13.20
N HIS C 1089 72.96 1.03 11.96
CA HIS C 1089 73.11 -0.22 11.21
C HIS C 1089 74.07 -1.16 11.93
N LEU C 1090 75.18 -0.64 12.44
CA LEU C 1090 76.12 -1.49 13.15
C LEU C 1090 75.58 -1.86 14.54
N GLN C 1091 74.85 -0.95 15.17
CA GLN C 1091 74.15 -1.31 16.40
C GLN C 1091 73.13 -2.41 16.13
N LEU C 1092 72.75 -2.58 14.86
CA LEU C 1092 71.89 -3.69 14.48
C LEU C 1092 72.69 -4.95 14.19
N PHE C 1093 73.82 -4.82 13.49
CA PHE C 1093 74.57 -6.00 13.09
C PHE C 1093 75.30 -6.64 14.26
N ILE C 1094 75.51 -5.90 15.35
CA ILE C 1094 76.08 -6.50 16.54
C ILE C 1094 75.11 -7.51 17.16
N LYS C 1095 73.81 -7.20 17.13
CA LYS C 1095 72.82 -8.16 17.58
C LYS C 1095 72.51 -9.18 16.49
N ARG C 1096 72.64 -8.79 15.22
CA ARG C 1096 72.52 -9.76 14.13
C ARG C 1096 73.60 -10.83 14.23
N VAL C 1097 74.76 -10.48 14.75
CA VAL C 1097 75.79 -11.47 15.03
C VAL C 1097 75.66 -12.04 16.44
N VAL C 1098 75.12 -11.28 17.39
CA VAL C 1098 74.94 -11.77 18.75
C VAL C 1098 73.60 -11.33 19.30
N ARG C 1105 58.55 -5.69 18.77
CA ARG C 1105 57.41 -4.80 18.55
C ARG C 1105 57.48 -3.60 19.46
N HIS C 1106 56.42 -2.79 19.44
CA HIS C 1106 56.26 -1.66 20.34
C HIS C 1106 54.94 -1.80 21.07
N LYS C 1107 54.83 -1.09 22.20
CA LYS C 1107 53.59 -1.06 22.96
C LYS C 1107 52.53 -0.20 22.28
N GLN C 1108 52.80 0.29 21.08
CA GLN C 1108 51.88 1.17 20.38
C GLN C 1108 50.80 0.41 19.63
N LEU C 1109 51.13 -0.70 19.01
CA LEU C 1109 50.19 -1.43 18.18
C LEU C 1109 49.80 -2.79 18.72
N LYS C 1110 50.31 -3.18 19.88
CA LYS C 1110 50.00 -4.50 20.39
C LYS C 1110 50.36 -4.54 21.87
N ASN C 1111 49.38 -4.74 22.73
CA ASN C 1111 49.68 -4.72 24.16
C ASN C 1111 48.67 -5.55 24.92
N LYS C 1112 49.18 -6.50 25.70
CA LYS C 1112 48.32 -7.23 26.62
C LYS C 1112 47.67 -6.27 27.58
N LEU C 1113 46.60 -6.73 28.21
CA LEU C 1113 45.90 -5.93 29.20
C LEU C 1113 45.78 -6.72 30.50
N GLU C 1114 45.09 -6.14 31.46
CA GLU C 1114 44.98 -6.71 32.79
C GLU C 1114 43.57 -7.19 33.04
N LYS C 1115 43.47 -8.35 33.69
CA LYS C 1115 42.19 -9.02 33.85
C LYS C 1115 41.13 -8.05 34.34
N ASN C 1116 41.43 -7.33 35.41
CA ASN C 1116 40.47 -6.38 35.95
C ASN C 1116 40.10 -5.35 34.90
N GLU C 1117 41.09 -4.83 34.20
CA GLU C 1117 40.80 -3.84 33.18
C GLU C 1117 40.07 -4.46 32.01
N GLU C 1118 40.65 -5.51 31.43
CA GLU C 1118 40.04 -6.13 30.27
C GLU C 1118 38.60 -6.52 30.55
N ALA C 1119 38.34 -7.11 31.71
CA ALA C 1119 36.99 -7.58 32.00
C ALA C 1119 35.99 -6.45 31.86
N ALA C 1120 36.23 -5.36 32.59
CA ALA C 1120 35.34 -4.21 32.49
C ALA C 1120 35.17 -3.80 31.04
N LEU C 1121 36.26 -3.87 30.29
CA LEU C 1121 36.17 -3.48 28.89
C LEU C 1121 35.19 -4.38 28.14
N LEU C 1122 35.37 -5.69 28.28
CA LEU C 1122 34.51 -6.60 27.53
C LEU C 1122 33.06 -6.41 27.89
N SER C 1123 32.76 -6.35 29.19
CA SER C 1123 31.40 -6.10 29.64
C SER C 1123 30.85 -4.86 28.97
N TRP C 1124 31.65 -3.80 28.95
CA TRP C 1124 31.23 -2.57 28.31
C TRP C 1124 30.82 -2.82 26.87
N GLU C 1125 31.66 -3.53 26.12
CA GLU C 1125 31.31 -3.83 24.75
C GLU C 1125 30.03 -4.63 24.67
N ILE C 1126 29.98 -5.76 25.37
CA ILE C 1126 28.80 -6.62 25.36
C ILE C 1126 27.54 -5.78 25.40
N TYR C 1127 27.47 -4.91 26.40
CA TYR C 1127 26.38 -3.98 26.52
C TYR C 1127 26.09 -3.30 25.19
N LEU C 1128 27.10 -2.66 24.64
CA LEU C 1128 26.81 -1.83 23.48
C LEU C 1128 26.45 -2.68 22.28
N LYS C 1129 26.96 -3.91 22.19
CA LYS C 1129 26.55 -4.75 21.09
C LYS C 1129 25.07 -5.01 21.14
N GLU C 1130 24.56 -5.28 22.34
CA GLU C 1130 23.13 -5.47 22.49
C GLU C 1130 22.38 -4.26 21.99
N ASN C 1131 22.82 -3.07 22.41
CA ASN C 1131 22.20 -1.84 21.95
C ASN C 1131 22.13 -1.80 20.44
N TYR C 1132 23.26 -2.03 19.77
CA TYR C 1132 23.28 -2.01 18.33
C TYR C 1132 22.24 -2.96 17.76
N LEU C 1133 22.15 -4.16 18.33
CA LEU C 1133 21.21 -5.15 17.82
C LEU C 1133 19.80 -4.58 17.75
N GLN C 1134 19.35 -3.98 18.85
CA GLN C 1134 18.00 -3.44 18.90
C GLN C 1134 17.77 -2.46 17.78
N ASN C 1135 18.65 -1.47 17.67
CA ASN C 1135 18.44 -0.45 16.65
C ASN C 1135 18.36 -1.06 15.28
N ARG C 1136 19.16 -2.09 15.03
CA ARG C 1136 19.14 -2.69 13.71
C ARG C 1136 17.76 -3.24 13.38
N GLN C 1137 17.28 -4.18 14.19
CA GLN C 1137 16.02 -4.81 13.84
C GLN C 1137 14.89 -3.80 13.86
N PHE C 1138 14.97 -2.80 14.72
CA PHE C 1138 13.91 -1.80 14.75
C PHE C 1138 13.83 -1.08 13.42
N GLN C 1139 14.95 -0.51 12.97
CA GLN C 1139 14.91 0.17 11.70
C GLN C 1139 14.55 -0.77 10.58
N GLN C 1140 14.73 -2.07 10.79
CA GLN C 1140 14.22 -3.02 9.82
C GLN C 1140 12.71 -2.93 9.74
N LYS C 1141 12.07 -2.57 10.86
CA LYS C 1141 10.61 -2.48 10.86
C LYS C 1141 10.08 -1.31 10.06
N GLN C 1142 10.95 -0.43 9.56
CA GLN C 1142 10.44 0.74 8.86
C GLN C 1142 10.48 0.60 7.36
N ARG C 1143 11.22 -0.36 6.84
CA ARG C 1143 11.36 -0.51 5.40
C ARG C 1143 9.98 -0.63 4.77
N PRO C 1144 9.57 0.33 3.96
CA PRO C 1144 8.21 0.33 3.43
C PRO C 1144 7.80 -1.01 2.85
N GLU C 1145 8.69 -1.66 2.10
CA GLU C 1145 8.36 -2.95 1.53
C GLU C 1145 7.95 -3.93 2.63
N GLN C 1146 8.67 -3.90 3.75
CA GLN C 1146 8.29 -4.77 4.85
C GLN C 1146 6.92 -4.39 5.39
N LYS C 1147 6.63 -3.10 5.45
CA LYS C 1147 5.34 -2.67 5.97
C LYS C 1147 4.20 -3.15 5.10
N ILE C 1148 4.37 -3.07 3.77
CA ILE C 1148 3.35 -3.59 2.88
C ILE C 1148 3.15 -5.07 3.11
N GLU C 1149 4.24 -5.81 3.25
CA GLU C 1149 4.11 -7.23 3.54
C GLU C 1149 3.26 -7.45 4.78
N ASP C 1150 3.45 -6.61 5.80
CA ASP C 1150 2.62 -6.71 6.99
C ASP C 1150 1.15 -6.52 6.64
N ILE C 1151 0.84 -5.54 5.78
CA ILE C 1151 -0.54 -5.32 5.41
C ILE C 1151 -1.12 -6.56 4.75
N SER C 1152 -0.36 -7.18 3.85
CA SER C 1152 -0.88 -8.34 3.14
C SER C 1152 -1.22 -9.46 4.11
N ASN C 1153 -0.28 -9.82 4.96
CA ASN C 1153 -0.55 -10.89 5.91
C ASN C 1153 -1.72 -10.54 6.79
N LYS C 1154 -1.92 -9.26 7.09
CA LYS C 1154 -3.03 -8.91 7.95
C LYS C 1154 -4.37 -9.05 7.22
N VAL C 1155 -4.44 -8.58 5.99
CA VAL C 1155 -5.71 -8.64 5.27
C VAL C 1155 -6.11 -10.07 4.98
N ASP C 1156 -5.13 -10.96 4.79
CA ASP C 1156 -5.47 -12.35 4.54
C ASP C 1156 -6.27 -12.93 5.71
N ALA C 1157 -5.96 -12.53 6.92
CA ALA C 1157 -6.72 -13.00 8.07
C ALA C 1157 -8.17 -12.60 7.95
N MET C 1158 -8.43 -11.38 7.50
CA MET C 1158 -9.80 -10.95 7.28
C MET C 1158 -10.47 -11.84 6.26
N VAL C 1159 -9.77 -12.17 5.18
CA VAL C 1159 -10.32 -13.05 4.17
C VAL C 1159 -10.74 -14.38 4.78
N ASP C 1160 -9.83 -14.97 5.56
CA ASP C 1160 -10.10 -16.29 6.12
C ASP C 1160 -11.29 -16.26 7.07
N LEU C 1161 -11.32 -15.29 7.98
CA LEU C 1161 -12.44 -15.20 8.91
C LEU C 1161 -13.74 -14.95 8.16
N LEU C 1162 -13.71 -14.06 7.18
CA LEU C 1162 -14.94 -13.66 6.52
C LEU C 1162 -15.55 -14.80 5.72
N ASP C 1163 -14.73 -15.64 5.11
CA ASP C 1163 -15.27 -16.75 4.34
C ASP C 1163 -15.59 -17.95 5.21
N LEU C 1164 -15.03 -18.03 6.42
CA LEU C 1164 -15.25 -19.20 7.26
C LEU C 1164 -16.60 -19.14 7.97
N ASP C 1165 -16.91 -18.01 8.59
CA ASP C 1165 -18.14 -17.87 9.37
C ASP C 1165 -19.37 -17.86 8.46
N GLY C 1235 -22.84 -47.58 29.68
CA GLY C 1235 -21.57 -48.26 29.90
C GLY C 1235 -21.44 -48.84 31.30
N ASP C 1236 -21.70 -50.14 31.42
CA ASP C 1236 -21.63 -50.84 32.69
C ASP C 1236 -20.43 -51.76 32.74
N SER C 1237 -20.24 -52.38 33.89
CA SER C 1237 -19.11 -53.28 34.10
C SER C 1237 -19.35 -54.58 33.34
N TYR C 1238 -18.56 -54.81 32.31
CA TYR C 1238 -18.66 -56.01 31.51
C TYR C 1238 -17.31 -56.67 31.42
N HIS C 1239 -17.32 -57.96 31.05
CA HIS C 1239 -16.09 -58.71 30.85
C HIS C 1239 -15.65 -58.53 29.41
N VAL C 1240 -15.00 -57.40 29.15
CA VAL C 1240 -14.61 -57.06 27.79
C VAL C 1240 -13.51 -57.99 27.30
N ASN C 1241 -12.60 -58.37 28.19
CA ASN C 1241 -11.56 -59.32 27.82
C ASN C 1241 -12.14 -60.69 27.56
N ALA C 1242 -13.28 -61.00 28.17
CA ALA C 1242 -13.91 -62.30 27.93
C ALA C 1242 -14.65 -62.30 26.61
N ARG C 1243 -15.40 -61.24 26.33
CA ARG C 1243 -16.08 -61.13 25.04
C ARG C 1243 -15.13 -60.84 23.91
N HIS C 1244 -13.85 -60.68 24.21
CA HIS C 1244 -12.86 -60.31 23.20
C HIS C 1244 -12.78 -61.36 22.10
N LEU C 1245 -13.06 -60.94 20.88
CA LEU C 1245 -12.95 -61.79 19.71
C LEU C 1245 -11.56 -62.42 19.64
N LEU C 1246 -11.45 -63.51 18.89
CA LEU C 1246 -10.17 -64.18 18.66
C LEU C 1246 -9.56 -64.63 20.00
N TYR C 1247 -10.20 -65.64 20.58
CA TYR C 1247 -9.63 -66.33 21.73
C TYR C 1247 -8.14 -66.58 21.52
N PRO C 1248 -7.33 -66.35 22.54
CA PRO C 1248 -5.89 -66.44 22.36
C PRO C 1248 -5.46 -67.84 21.96
N ASN C 1249 -4.68 -67.91 20.88
CA ASN C 1249 -3.98 -69.10 20.41
C ASN C 1249 -4.93 -70.17 19.91
N CYS C 1250 -6.23 -69.99 20.06
CA CYS C 1250 -7.19 -70.92 19.50
C CYS C 1250 -7.66 -70.35 18.17
N PRO C 1251 -7.25 -70.92 17.05
CA PRO C 1251 -7.62 -70.32 15.76
C PRO C 1251 -9.10 -70.46 15.44
N VAL C 1252 -9.94 -70.00 16.35
CA VAL C 1252 -11.39 -69.97 16.18
C VAL C 1252 -11.88 -68.63 16.69
N THR C 1253 -13.17 -68.39 16.51
CA THR C 1253 -13.77 -67.12 16.91
C THR C 1253 -14.95 -67.38 17.83
N ARG C 1254 -15.09 -66.55 18.86
CA ARG C 1254 -16.22 -66.65 19.76
C ARG C 1254 -17.39 -65.85 19.21
N PHE C 1255 -18.57 -66.17 19.72
CA PHE C 1255 -19.80 -65.61 19.19
C PHE C 1255 -19.88 -64.12 19.53
N PRO C 1256 -20.42 -63.30 18.64
CA PRO C 1256 -20.67 -61.89 18.96
C PRO C 1256 -21.71 -61.77 20.05
N VAL C 1257 -21.35 -61.06 21.12
CA VAL C 1257 -22.21 -60.93 22.28
C VAL C 1257 -22.27 -59.46 22.69
N PRO C 1258 -23.19 -58.68 22.17
CA PRO C 1258 -23.21 -57.24 22.48
C PRO C 1258 -23.52 -56.93 23.93
N ASN C 1259 -23.39 -55.66 24.30
CA ASN C 1259 -23.59 -55.25 25.69
C ASN C 1259 -25.00 -55.52 26.16
N GLU C 1260 -25.97 -55.47 25.25
CA GLU C 1260 -27.36 -55.68 25.66
C GLU C 1260 -27.59 -57.12 26.07
N LYS C 1261 -27.22 -58.07 25.22
CA LYS C 1261 -27.52 -59.47 25.44
C LYS C 1261 -26.38 -60.23 26.11
N VAL C 1262 -25.50 -59.54 26.81
CA VAL C 1262 -24.36 -60.23 27.43
C VAL C 1262 -24.78 -61.15 28.57
N PRO C 1263 -25.72 -60.80 29.45
CA PRO C 1263 -26.03 -61.70 30.55
C PRO C 1263 -27.02 -62.76 30.12
N TRP C 1264 -26.98 -63.89 30.83
CA TRP C 1264 -27.86 -65.00 30.50
C TRP C 1264 -29.32 -64.59 30.56
N GLU C 1265 -29.66 -63.68 31.47
CA GLU C 1265 -31.05 -63.31 31.72
C GLU C 1265 -31.66 -62.50 30.59
N THR C 1266 -30.88 -62.07 29.60
CA THR C 1266 -31.42 -61.26 28.53
C THR C 1266 -31.87 -62.15 27.37
N GLU C 1267 -32.84 -61.64 26.61
CA GLU C 1267 -33.39 -62.36 25.48
C GLU C 1267 -32.36 -62.43 24.36
N PHE C 1268 -31.76 -63.61 24.18
CA PHE C 1268 -30.77 -63.80 23.14
C PHE C 1268 -30.89 -65.22 22.63
N LEU C 1269 -31.65 -65.39 21.55
CA LEU C 1269 -31.93 -66.74 21.04
C LEU C 1269 -30.92 -67.19 19.99
N ILE C 1270 -30.39 -66.25 19.21
CA ILE C 1270 -29.47 -66.58 18.13
C ILE C 1270 -28.19 -67.20 18.66
N TYR C 1271 -27.91 -67.01 19.95
CA TYR C 1271 -26.68 -67.44 20.57
C TYR C 1271 -26.33 -68.88 20.20
N ASP C 1272 -25.13 -69.07 19.66
CA ASP C 1272 -24.65 -70.37 19.22
C ASP C 1272 -23.15 -70.46 19.42
N PRO C 1273 -22.71 -70.63 20.66
CA PRO C 1273 -21.28 -70.69 20.93
C PRO C 1273 -20.71 -72.04 20.53
N PRO C 1274 -19.60 -72.04 19.80
CA PRO C 1274 -18.96 -73.30 19.45
C PRO C 1274 -18.09 -73.83 20.57
N PHE C 1275 -18.04 -75.16 20.69
CA PHE C 1275 -17.25 -75.79 21.74
C PHE C 1275 -15.77 -75.61 21.48
N TYR C 1276 -15.06 -75.01 22.43
CA TYR C 1276 -13.62 -74.78 22.31
C TYR C 1276 -12.93 -75.39 23.53
N THR C 1277 -12.28 -76.52 23.32
CA THR C 1277 -11.50 -77.19 24.35
C THR C 1277 -10.12 -77.49 23.78
N ALA C 1278 -9.10 -76.92 24.38
CA ALA C 1278 -7.74 -77.19 23.94
C ALA C 1278 -7.42 -78.67 24.11
N GLU C 1279 -6.37 -79.11 23.42
CA GLU C 1279 -5.97 -80.50 23.49
C GLU C 1279 -5.38 -80.84 24.86
N ARG C 1280 -4.83 -79.85 25.55
CA ARG C 1280 -4.25 -80.06 26.86
C ARG C 1280 -5.13 -79.54 28.00
N LYS C 1281 -6.30 -78.99 27.68
CA LYS C 1281 -7.20 -78.51 28.74
C LYS C 1281 -7.77 -79.67 29.53
N ASP C 1282 -8.21 -80.72 28.84
CA ASP C 1282 -8.70 -81.95 29.48
C ASP C 1282 -7.55 -82.94 29.52
N ALA C 1283 -6.54 -82.61 30.33
CA ALA C 1283 -5.35 -83.45 30.42
C ALA C 1283 -5.19 -83.99 31.83
N ALA C 1284 -4.08 -84.69 32.08
CA ALA C 1284 -3.86 -85.26 33.40
C ALA C 1284 -3.83 -84.17 34.46
N ALA C 1285 -4.51 -84.44 35.59
CA ALA C 1285 -4.59 -83.56 36.75
C ALA C 1285 -5.40 -82.31 36.44
N MET C 1286 -5.83 -82.14 35.19
CA MET C 1286 -6.74 -81.08 34.80
C MET C 1286 -8.13 -81.66 34.67
N ASP C 1287 -9.13 -80.79 34.69
CA ASP C 1287 -10.50 -81.24 34.52
C ASP C 1287 -10.61 -81.92 33.17
N PRO C 1288 -10.94 -83.21 33.12
CA PRO C 1288 -11.03 -83.90 31.84
C PRO C 1288 -12.28 -83.48 31.08
N MET C 1289 -12.85 -82.37 31.52
CA MET C 1289 -14.07 -81.73 31.09
C MET C 1289 -13.95 -81.07 29.71
N GLY C 1290 -12.89 -81.27 28.96
CA GLY C 1290 -12.82 -80.71 27.62
C GLY C 1290 -14.03 -81.07 26.77
N ASP C 1291 -14.60 -82.24 27.01
CA ASP C 1291 -15.85 -82.69 26.36
C ASP C 1291 -16.86 -83.06 27.44
N THR C 1292 -17.02 -82.14 28.40
CA THR C 1292 -17.76 -82.39 29.64
C THR C 1292 -19.23 -82.69 29.43
N LEU C 1293 -19.73 -82.73 28.19
CA LEU C 1293 -21.08 -83.24 27.98
C LEU C 1293 -21.19 -84.69 28.43
N GLU C 1294 -20.08 -85.40 28.52
CA GLU C 1294 -20.04 -86.76 28.99
C GLU C 1294 -20.39 -86.82 30.48
N PRO C 1295 -20.65 -88.01 31.02
CA PRO C 1295 -20.88 -88.12 32.48
C PRO C 1295 -19.68 -87.79 33.33
N LEU C 1296 -18.49 -87.58 32.73
CA LEU C 1296 -17.32 -87.24 33.53
C LEU C 1296 -17.48 -85.89 34.24
N SER C 1297 -18.37 -85.02 33.75
CA SER C 1297 -18.64 -83.76 34.42
C SER C 1297 -19.65 -83.98 35.54
N THR C 1298 -19.40 -84.96 36.39
CA THR C 1298 -20.21 -85.21 37.57
C THR C 1298 -19.59 -84.60 38.83
N ILE C 1299 -18.56 -83.77 38.66
CA ILE C 1299 -17.89 -83.20 39.81
C ILE C 1299 -18.79 -82.18 40.50
N GLN C 1300 -18.58 -82.03 41.81
CA GLN C 1300 -19.42 -81.16 42.62
C GLN C 1300 -19.24 -79.71 42.20
N TYR C 1301 -20.36 -79.05 41.90
CA TYR C 1301 -20.34 -77.63 41.61
C TYR C 1301 -20.74 -76.84 42.85
N ASN C 1302 -20.18 -75.64 42.97
CA ASN C 1302 -20.20 -74.82 44.18
C ASN C 1302 -19.90 -75.69 45.40
N VAL C 1303 -19.05 -76.70 45.21
CA VAL C 1303 -18.68 -77.62 46.27
C VAL C 1303 -17.39 -78.31 45.85
N VAL C 1304 -16.47 -78.46 46.80
CA VAL C 1304 -15.16 -79.02 46.51
C VAL C 1304 -15.34 -80.49 46.16
N ASP C 1305 -15.05 -80.85 44.91
CA ASP C 1305 -15.09 -82.24 44.47
C ASP C 1305 -13.68 -82.84 44.52
N GLY C 1306 -13.14 -82.91 45.73
CA GLY C 1306 -11.80 -83.44 45.92
C GLY C 1306 -10.72 -82.40 45.75
N LEU C 1307 -10.01 -82.46 44.61
CA LEU C 1307 -8.88 -81.58 44.38
C LEU C 1307 -9.27 -80.22 43.82
N ARG C 1308 -10.44 -80.11 43.22
CA ARG C 1308 -10.92 -78.84 42.65
C ARG C 1308 -12.03 -78.33 43.54
N ASP C 1309 -11.73 -77.31 44.34
CA ASP C 1309 -12.76 -76.67 45.15
C ASP C 1309 -13.64 -75.83 44.24
N ARG C 1310 -14.43 -76.50 43.40
CA ARG C 1310 -15.13 -75.83 42.31
C ARG C 1310 -16.23 -74.95 42.88
N ARG C 1311 -15.85 -73.75 43.31
CA ARG C 1311 -16.76 -72.86 44.03
C ARG C 1311 -16.25 -71.43 43.88
N SER C 1312 -17.16 -70.50 43.65
CA SER C 1312 -16.80 -69.13 43.33
C SER C 1312 -16.98 -68.22 44.53
N PHE C 1313 -16.01 -67.33 44.75
CA PHE C 1313 -16.17 -66.29 45.76
C PHE C 1313 -17.41 -65.46 45.48
N HIS C 1314 -17.72 -65.25 44.20
CA HIS C 1314 -18.93 -64.51 43.83
C HIS C 1314 -20.16 -65.16 44.44
N GLY C 1315 -20.21 -66.49 44.47
CA GLY C 1315 -21.29 -67.18 45.12
C GLY C 1315 -21.64 -68.50 44.46
N PRO C 1316 -22.81 -69.05 44.81
CA PRO C 1316 -23.24 -70.31 44.21
C PRO C 1316 -23.53 -70.15 42.72
N TYR C 1317 -22.71 -70.75 41.88
CA TYR C 1317 -22.89 -70.61 40.44
C TYR C 1317 -23.83 -71.67 39.92
N THR C 1318 -24.77 -71.25 39.07
CA THR C 1318 -25.75 -72.16 38.50
C THR C 1318 -25.06 -73.21 37.64
N VAL C 1319 -25.67 -74.38 37.58
CA VAL C 1319 -25.19 -75.48 36.77
C VAL C 1319 -26.03 -75.55 35.50
N GLN C 1320 -25.39 -75.88 34.38
CA GLN C 1320 -26.09 -76.05 33.11
C GLN C 1320 -25.71 -77.41 32.55
N ALA C 1321 -26.50 -78.43 32.89
CA ALA C 1321 -26.28 -79.81 32.44
C ALA C 1321 -24.88 -80.30 32.84
N GLY C 1322 -24.62 -80.25 34.14
CA GLY C 1322 -23.34 -80.68 34.66
C GLY C 1322 -22.19 -79.80 34.22
N LEU C 1323 -22.52 -78.64 33.66
CA LEU C 1323 -21.54 -77.66 33.21
C LEU C 1323 -21.83 -76.31 33.87
N PRO C 1324 -20.80 -75.59 34.27
CA PRO C 1324 -21.02 -74.28 34.86
C PRO C 1324 -21.31 -73.25 33.78
N LEU C 1325 -22.05 -72.22 34.17
CA LEU C 1325 -22.22 -71.04 33.33
C LEU C 1325 -21.48 -69.87 33.97
N ASN C 1326 -20.79 -69.10 33.15
CA ASN C 1326 -20.10 -67.92 33.65
C ASN C 1326 -21.04 -67.06 34.46
N PRO C 1327 -20.78 -66.85 35.76
CA PRO C 1327 -21.74 -66.15 36.61
C PRO C 1327 -21.92 -64.68 36.26
N MET C 1328 -21.17 -64.16 35.30
CA MET C 1328 -21.31 -62.77 34.89
C MET C 1328 -22.18 -62.58 33.66
N GLY C 1329 -22.13 -63.50 32.71
CA GLY C 1329 -22.89 -63.37 31.48
C GLY C 1329 -22.35 -64.31 30.43
N ARG C 1330 -22.89 -64.16 29.22
CA ARG C 1330 -22.47 -65.00 28.12
C ARG C 1330 -21.12 -64.57 27.60
N THR C 1331 -20.30 -65.55 27.21
CA THR C 1331 -18.96 -65.26 26.73
C THR C 1331 -18.81 -65.48 25.22
N GLY C 1332 -19.81 -66.03 24.56
CA GLY C 1332 -19.72 -66.31 23.15
C GLY C 1332 -18.82 -67.47 22.80
N LEU C 1333 -18.26 -68.18 23.78
CA LEU C 1333 -17.35 -69.29 23.54
C LEU C 1333 -17.75 -70.47 24.40
N ARG C 1334 -18.13 -71.57 23.76
CA ARG C 1334 -18.41 -72.82 24.44
C ARG C 1334 -17.17 -73.70 24.43
N GLY C 1335 -17.21 -74.74 25.26
CA GLY C 1335 -16.08 -75.66 25.38
C GLY C 1335 -15.21 -75.32 26.56
N ARG C 1336 -14.11 -76.07 26.69
CA ARG C 1336 -13.25 -75.91 27.85
C ARG C 1336 -12.36 -74.69 27.71
N GLY C 1337 -11.66 -74.54 26.59
CA GLY C 1337 -10.74 -73.43 26.44
C GLY C 1337 -9.36 -73.76 26.98
N SER C 1338 -8.74 -72.76 27.63
CA SER C 1338 -7.44 -72.95 28.26
C SER C 1338 -7.51 -73.07 29.78
N LEU C 1339 -8.59 -72.61 30.39
CA LEU C 1339 -8.77 -72.84 31.82
C LEU C 1339 -8.83 -74.34 32.09
N SER C 1340 -8.19 -74.76 33.18
CA SER C 1340 -8.09 -76.18 33.48
C SER C 1340 -9.41 -76.74 34.00
N CYS C 1341 -9.85 -76.27 35.15
CA CYS C 1341 -11.09 -76.71 35.75
C CYS C 1341 -12.23 -75.77 35.39
N PHE C 1342 -13.43 -76.33 35.34
CA PHE C 1342 -14.57 -75.52 34.96
C PHE C 1342 -14.96 -74.60 36.10
N GLY C 1343 -16.03 -73.83 35.86
CA GLY C 1343 -16.51 -72.88 36.83
C GLY C 1343 -15.46 -71.85 37.15
N PRO C 1344 -15.24 -71.64 38.44
CA PRO C 1344 -14.15 -70.76 38.86
C PRO C 1344 -12.81 -71.50 38.81
N ASN C 1345 -11.75 -70.70 38.77
CA ASN C 1345 -10.38 -71.20 38.84
C ASN C 1345 -9.60 -70.18 39.66
N HIS C 1346 -9.39 -70.49 40.93
CA HIS C 1346 -8.80 -69.53 41.85
C HIS C 1346 -7.28 -69.58 41.80
N THR C 1347 -6.68 -68.42 42.08
CA THR C 1347 -5.24 -68.30 42.26
C THR C 1347 -4.99 -67.17 43.24
N LEU C 1348 -3.75 -66.68 43.27
CA LEU C 1348 -3.40 -65.65 44.23
C LEU C 1348 -2.48 -64.62 43.59
N TYR C 1349 -2.86 -63.35 43.72
CA TYR C 1349 -2.01 -62.22 43.33
C TYR C 1349 -1.78 -61.37 44.56
N PRO C 1350 -0.66 -61.55 45.26
CA PRO C 1350 -0.37 -60.72 46.42
C PRO C 1350 -0.08 -59.29 46.01
N MET C 1351 0.20 -58.45 47.01
CA MET C 1351 0.51 -57.04 46.77
C MET C 1351 1.45 -56.54 47.84
N VAL C 1352 2.63 -56.07 47.43
CA VAL C 1352 3.55 -55.38 48.32
C VAL C 1352 3.61 -53.91 47.91
N THR C 1353 3.51 -53.03 48.89
CA THR C 1353 3.46 -51.60 48.63
C THR C 1353 4.40 -50.89 49.58
N ARG C 1354 5.16 -49.94 49.04
CA ARG C 1354 6.03 -49.10 49.84
C ARG C 1354 5.89 -47.67 49.37
N TRP C 1355 6.08 -46.72 50.29
CA TRP C 1355 6.01 -45.33 49.93
C TRP C 1355 7.20 -44.95 49.05
N ARG C 1356 7.26 -43.67 48.70
CA ARG C 1356 8.35 -43.13 47.90
C ARG C 1356 8.95 -41.96 48.65
N ARG C 1357 10.13 -42.16 49.21
CA ARG C 1357 10.78 -41.13 50.01
C ARG C 1357 11.71 -40.30 49.15
N ASN C 1358 12.07 -39.13 49.66
CA ASN C 1358 13.01 -38.26 48.99
C ASN C 1358 14.42 -38.54 49.50
N GLU C 1359 15.36 -37.66 49.14
CA GLU C 1359 16.73 -37.84 49.61
C GLU C 1359 16.85 -37.50 51.09
N ASP C 1360 15.98 -36.65 51.61
CA ASP C 1360 16.06 -36.26 53.02
C ASP C 1360 15.22 -37.14 53.92
N GLY C 1361 14.38 -37.99 53.36
CA GLY C 1361 13.57 -38.91 54.16
C GLY C 1361 12.09 -38.63 54.13
N ALA C 1362 11.63 -37.54 53.51
CA ALA C 1362 10.21 -37.26 53.42
C ALA C 1362 9.58 -38.04 52.28
N ILE C 1363 8.31 -38.40 52.45
CA ILE C 1363 7.61 -39.17 51.43
C ILE C 1363 7.25 -38.25 50.28
N CYS C 1364 7.40 -38.76 49.06
CA CYS C 1364 7.04 -37.94 47.91
C CYS C 1364 5.53 -37.67 47.89
N ARG C 1365 5.14 -36.75 47.01
CA ARG C 1365 3.76 -36.32 46.91
C ARG C 1365 3.39 -36.16 45.44
N LYS C 1366 2.13 -36.41 45.14
CA LYS C 1366 1.59 -36.07 43.83
C LYS C 1366 1.28 -34.59 43.82
N SER C 1367 0.52 -34.14 42.81
CA SER C 1367 -0.01 -32.78 42.83
C SER C 1367 -0.64 -32.47 44.18
N ILE C 1368 -1.56 -33.32 44.63
CA ILE C 1368 -2.09 -33.25 45.98
C ILE C 1368 -1.88 -34.55 46.74
N LYS C 1369 -2.05 -35.68 46.05
CA LYS C 1369 -1.88 -37.01 46.66
C LYS C 1369 -0.40 -37.31 46.79
N LYS C 1370 -0.08 -38.58 47.04
CA LYS C 1370 1.29 -38.99 47.28
C LYS C 1370 1.71 -40.07 46.30
N MET C 1371 2.94 -40.53 46.48
CA MET C 1371 3.57 -41.50 45.60
C MET C 1371 3.87 -42.79 46.35
N LEU C 1372 3.53 -43.91 45.75
CA LEU C 1372 3.86 -45.22 46.29
C LEU C 1372 4.80 -45.94 45.35
N GLU C 1373 5.49 -46.95 45.87
CA GLU C 1373 6.37 -47.78 45.07
C GLU C 1373 5.96 -49.24 45.23
N VAL C 1374 5.73 -49.91 44.10
CA VAL C 1374 5.33 -51.30 44.07
C VAL C 1374 6.30 -52.06 43.17
N LEU C 1375 6.71 -53.24 43.61
CA LEU C 1375 7.67 -54.01 42.85
C LEU C 1375 6.94 -54.91 41.87
N VAL C 1376 7.52 -55.07 40.70
CA VAL C 1376 6.94 -55.90 39.66
C VAL C 1376 8.03 -56.81 39.13
N VAL C 1377 7.67 -58.07 38.89
CA VAL C 1377 8.57 -59.03 38.30
C VAL C 1377 8.30 -59.10 36.81
N LYS C 1378 9.36 -59.04 36.02
CA LYS C 1378 9.24 -59.18 34.58
C LYS C 1378 9.20 -60.66 34.23
N LEU C 1379 8.46 -60.97 33.19
CA LEU C 1379 8.45 -62.31 32.63
C LEU C 1379 9.06 -62.30 31.25
N PRO C 1380 9.89 -63.28 30.92
CA PRO C 1380 10.67 -63.19 29.68
C PRO C 1380 9.81 -63.06 28.44
N LEU C 1381 8.73 -63.83 28.35
CA LEU C 1381 7.95 -63.92 27.12
C LEU C 1381 6.54 -63.41 27.36
N SER C 1382 6.41 -62.27 28.04
CA SER C 1382 5.12 -61.74 28.39
C SER C 1382 4.68 -60.56 27.55
N GLU C 1383 5.64 -59.75 27.06
CA GLU C 1383 5.34 -58.46 26.49
C GLU C 1383 4.56 -57.58 27.46
N HIS C 1384 4.66 -57.88 28.75
CA HIS C 1384 3.90 -57.18 29.77
C HIS C 1384 4.49 -57.50 31.13
N TRP C 1385 4.84 -56.46 31.88
CA TRP C 1385 5.22 -56.68 33.27
C TRP C 1385 4.00 -57.16 34.04
N ALA C 1386 4.22 -58.11 34.95
CA ALA C 1386 3.13 -58.75 35.64
C ALA C 1386 3.37 -58.75 37.15
N LEU C 1387 2.29 -58.63 37.89
CA LEU C 1387 2.37 -58.78 39.33
C LEU C 1387 2.83 -60.21 39.65
N PRO C 1388 3.63 -60.38 40.68
CA PRO C 1388 4.03 -61.74 41.06
C PRO C 1388 2.87 -62.52 41.66
N GLY C 1389 2.00 -63.02 40.81
CA GLY C 1389 0.91 -63.87 41.25
C GLY C 1389 0.90 -65.20 40.53
N GLY C 1390 0.80 -66.31 41.28
CA GLY C 1390 0.94 -67.63 40.74
C GLY C 1390 -0.31 -68.47 40.96
N SER C 1391 -0.39 -69.55 40.20
CA SER C 1391 -1.54 -70.44 40.28
C SER C 1391 -1.61 -71.06 41.67
N ARG C 1392 -2.78 -70.96 42.30
CA ARG C 1392 -2.99 -71.56 43.62
C ARG C 1392 -3.12 -73.07 43.52
N GLU C 1393 -2.06 -73.70 43.01
CA GLU C 1393 -2.00 -75.15 42.94
C GLU C 1393 -1.85 -75.72 44.35
N PRO C 1394 -0.96 -75.16 45.19
CA PRO C 1394 -1.04 -75.50 46.62
C PRO C 1394 -1.95 -74.55 47.36
N GLY C 1395 -2.13 -74.76 48.65
CA GLY C 1395 -3.00 -73.89 49.43
C GLY C 1395 -2.34 -72.56 49.75
N GLU C 1396 -1.27 -72.59 50.54
CA GLU C 1396 -0.57 -71.37 50.92
C GLU C 1396 0.60 -71.05 50.00
N MET C 1397 1.07 -72.02 49.21
CA MET C 1397 2.20 -71.82 48.31
C MET C 1397 1.77 -71.29 46.95
N LEU C 1398 0.60 -70.64 46.87
CA LEU C 1398 0.22 -69.96 45.64
C LEU C 1398 1.21 -68.89 45.25
N PRO C 1399 1.70 -68.03 46.15
CA PRO C 1399 2.84 -67.17 45.78
C PRO C 1399 4.10 -67.95 45.53
N ARG C 1400 4.24 -69.15 46.10
CA ARG C 1400 5.33 -70.02 45.70
C ARG C 1400 5.13 -70.55 44.30
N LYS C 1401 3.95 -70.39 43.73
CA LYS C 1401 3.80 -70.48 42.28
C LYS C 1401 4.13 -69.14 41.64
N LEU C 1402 3.76 -68.04 42.30
CA LEU C 1402 4.21 -66.72 41.88
C LEU C 1402 5.72 -66.61 42.01
N LYS C 1403 6.25 -66.96 43.17
CA LYS C 1403 7.69 -66.97 43.42
C LYS C 1403 8.30 -68.32 43.14
N ARG C 1404 7.79 -69.03 42.12
CA ARG C 1404 8.30 -70.35 41.77
C ARG C 1404 9.82 -70.34 41.67
N ILE C 1405 10.40 -69.23 41.25
CA ILE C 1405 11.85 -69.12 41.15
C ILE C 1405 12.34 -67.81 41.73
N LEU C 1406 11.47 -67.10 42.46
CA LEU C 1406 11.73 -65.70 42.81
C LEU C 1406 12.36 -65.52 44.18
N ARG C 1407 11.68 -65.91 45.25
CA ARG C 1407 12.07 -65.40 46.57
C ARG C 1407 13.31 -66.12 47.10
N GLN C 1408 13.16 -67.41 47.40
CA GLN C 1408 14.25 -68.26 47.87
C GLN C 1408 13.73 -69.68 47.98
N GLU C 1409 14.56 -70.59 48.50
CA GLU C 1409 14.14 -71.95 48.75
C GLU C 1409 13.52 -72.09 50.14
N HIS C 1410 14.28 -71.78 51.17
CA HIS C 1410 13.75 -71.84 52.53
C HIS C 1410 13.04 -70.54 52.89
N TRP C 1411 13.68 -69.41 52.60
CA TRP C 1411 13.09 -68.11 52.87
C TRP C 1411 11.75 -68.02 52.14
N PRO C 1412 11.53 -68.84 51.12
CA PRO C 1412 10.16 -69.01 50.63
C PRO C 1412 9.17 -69.22 51.76
N SER C 1413 9.45 -70.16 52.66
CA SER C 1413 8.57 -70.35 53.80
C SER C 1413 8.53 -69.12 54.68
N PHE C 1414 9.66 -68.41 54.79
CA PHE C 1414 9.67 -67.18 55.56
C PHE C 1414 8.64 -66.19 55.02
N GLU C 1415 8.75 -65.87 53.74
CA GLU C 1415 7.77 -64.98 53.13
C GLU C 1415 6.37 -65.56 53.21
N ASN C 1416 6.26 -66.89 53.21
CA ASN C 1416 4.96 -67.51 53.39
C ASN C 1416 4.33 -67.08 54.70
N LEU C 1417 5.12 -67.10 55.78
CA LEU C 1417 4.64 -66.49 57.02
C LEU C 1417 4.37 -65.01 56.82
N LEU C 1418 5.24 -64.32 56.07
CA LEU C 1418 5.06 -62.92 55.80
C LEU C 1418 3.92 -62.66 54.83
N LYS C 1419 3.44 -63.69 54.14
CA LYS C 1419 2.29 -63.52 53.27
C LYS C 1419 1.05 -63.07 54.03
N CYS C 1420 1.03 -63.21 55.35
CA CYS C 1420 -0.08 -62.74 56.16
C CYS C 1420 -0.22 -61.24 55.99
N GLY C 1421 -1.33 -60.79 55.39
CA GLY C 1421 -1.52 -59.39 55.13
C GLY C 1421 -2.98 -58.95 55.11
N MET C 1422 -3.25 -57.83 54.45
CA MET C 1422 -4.59 -57.26 54.35
C MET C 1422 -5.19 -57.57 52.98
N GLU C 1423 -6.46 -57.98 52.99
CA GLU C 1423 -7.13 -58.37 51.76
C GLU C 1423 -7.69 -57.17 51.03
N VAL C 1424 -7.84 -57.32 49.71
CA VAL C 1424 -8.34 -56.21 48.89
C VAL C 1424 -9.64 -56.60 48.20
N TYR C 1425 -9.59 -57.60 47.31
CA TYR C 1425 -10.76 -57.94 46.52
C TYR C 1425 -10.63 -59.36 45.99
N LYS C 1426 -11.75 -60.08 45.97
CA LYS C 1426 -11.80 -61.43 45.43
C LYS C 1426 -12.97 -61.52 44.47
N GLY C 1427 -12.94 -62.56 43.63
CA GLY C 1427 -14.03 -62.83 42.72
C GLY C 1427 -13.53 -62.98 41.30
N TYR C 1428 -14.48 -63.20 40.39
CA TYR C 1428 -14.17 -63.36 38.99
C TYR C 1428 -13.80 -62.02 38.36
N MET C 1429 -12.76 -62.04 37.54
CA MET C 1429 -12.30 -60.85 36.84
C MET C 1429 -12.24 -61.14 35.36
N ASP C 1430 -12.18 -60.06 34.58
CA ASP C 1430 -12.13 -60.20 33.13
C ASP C 1430 -10.80 -60.80 32.72
N ASP C 1431 -10.82 -61.47 31.59
CA ASP C 1431 -9.66 -62.21 31.12
C ASP C 1431 -9.95 -62.74 29.72
N PRO C 1432 -8.94 -62.99 28.89
CA PRO C 1432 -9.22 -63.57 27.58
C PRO C 1432 -9.66 -65.02 27.63
N ARG C 1433 -9.36 -65.73 28.70
CA ARG C 1433 -9.51 -67.20 28.72
C ARG C 1433 -10.71 -67.64 29.54
N ASN C 1434 -11.83 -66.95 29.45
CA ASN C 1434 -13.07 -67.37 30.09
C ASN C 1434 -14.07 -67.80 29.02
N THR C 1435 -14.43 -69.08 29.02
CA THR C 1435 -15.54 -69.54 28.22
C THR C 1435 -16.84 -69.33 28.99
N ASP C 1436 -17.93 -69.78 28.43
CA ASP C 1436 -19.17 -69.75 29.20
C ASP C 1436 -19.21 -70.81 30.27
N ASN C 1437 -18.10 -71.52 30.45
CA ASN C 1437 -18.04 -72.67 31.33
C ASN C 1437 -17.06 -72.47 32.48
N ALA C 1438 -15.81 -72.14 32.18
CA ALA C 1438 -14.77 -71.98 33.18
C ALA C 1438 -14.37 -70.51 33.26
N TRP C 1439 -14.38 -69.96 34.45
CA TRP C 1439 -13.93 -68.59 34.68
C TRP C 1439 -12.83 -68.57 35.73
N ILE C 1440 -12.35 -67.37 36.01
CA ILE C 1440 -11.14 -67.17 36.82
C ILE C 1440 -11.46 -66.23 37.96
N GLU C 1441 -11.10 -66.64 39.17
CA GLU C 1441 -11.13 -65.79 40.35
C GLU C 1441 -9.77 -65.89 41.04
N THR C 1442 -9.56 -65.04 42.03
CA THR C 1442 -8.27 -65.04 42.72
C THR C 1442 -8.40 -64.26 44.02
N VAL C 1443 -7.26 -64.03 44.66
CA VAL C 1443 -7.18 -63.41 45.98
C VAL C 1443 -6.23 -62.23 45.90
N ALA C 1444 -6.56 -61.15 46.63
CA ALA C 1444 -5.78 -59.92 46.61
C ALA C 1444 -5.41 -59.52 48.04
N VAL C 1445 -4.28 -60.04 48.52
CA VAL C 1445 -3.74 -59.64 49.82
C VAL C 1445 -2.80 -58.46 49.59
N SER C 1446 -2.59 -57.67 50.64
CA SER C 1446 -1.84 -56.42 50.53
C SER C 1446 -0.89 -56.28 51.72
N VAL C 1447 0.35 -56.72 51.54
CA VAL C 1447 1.40 -56.37 52.49
C VAL C 1447 1.94 -55.01 52.11
N HIS C 1448 2.11 -54.13 53.10
CA HIS C 1448 2.50 -52.76 52.84
C HIS C 1448 3.74 -52.40 53.64
N PHE C 1449 4.63 -51.65 52.99
CA PHE C 1449 5.81 -51.11 53.64
C PHE C 1449 5.49 -49.67 54.02
N GLN C 1450 5.04 -49.47 55.26
CA GLN C 1450 4.72 -48.13 55.73
C GLN C 1450 5.97 -47.26 55.89
N ASP C 1451 6.90 -47.68 56.75
CA ASP C 1451 8.19 -47.02 56.84
C ASP C 1451 9.15 -47.67 55.86
N GLN C 1452 10.22 -46.94 55.53
CA GLN C 1452 11.15 -47.35 54.48
C GLN C 1452 12.58 -47.57 55.00
N ASN C 1453 12.70 -47.94 56.27
CA ASN C 1453 14.00 -48.28 56.82
C ASN C 1453 13.97 -49.43 57.82
N ASP C 1454 13.01 -50.34 57.77
CA ASP C 1454 12.88 -51.37 58.78
C ASP C 1454 13.56 -52.66 58.34
N VAL C 1455 13.62 -53.63 59.27
CA VAL C 1455 14.27 -54.90 58.99
C VAL C 1455 13.37 -55.80 58.18
N GLU C 1456 12.07 -55.52 58.16
CA GLU C 1456 11.19 -56.22 57.24
C GLU C 1456 11.58 -55.91 55.80
N LEU C 1457 11.75 -54.62 55.49
CA LEU C 1457 12.22 -54.24 54.17
C LEU C 1457 13.63 -54.75 53.94
N ASN C 1458 14.49 -54.70 54.96
CA ASN C 1458 15.82 -55.25 54.84
C ASN C 1458 15.77 -56.74 54.56
N ARG C 1459 14.72 -57.41 55.04
CA ARG C 1459 14.51 -58.81 54.70
C ARG C 1459 13.97 -58.96 53.30
N LEU C 1460 13.07 -58.06 52.89
CA LEU C 1460 12.60 -58.06 51.51
C LEU C 1460 13.78 -57.91 50.56
N ASN C 1461 14.75 -57.09 50.93
CA ASN C 1461 16.00 -57.05 50.19
C ASN C 1461 16.76 -58.35 50.36
N SER C 1462 16.80 -58.88 51.58
CA SER C 1462 17.44 -60.15 51.84
C SER C 1462 16.80 -61.30 51.06
N ASN C 1463 15.63 -61.06 50.47
CA ASN C 1463 15.05 -62.02 49.54
C ASN C 1463 15.72 -61.94 48.18
N LEU C 1464 16.89 -61.34 48.08
CA LEU C 1464 17.59 -61.23 46.81
C LEU C 1464 18.16 -62.58 46.40
N HIS C 1465 17.28 -63.55 46.18
CA HIS C 1465 17.64 -64.84 45.63
C HIS C 1465 16.77 -65.12 44.40
N ALA C 1466 16.57 -64.09 43.59
CA ALA C 1466 15.66 -64.17 42.45
C ALA C 1466 16.33 -64.78 41.23
N CYS C 1467 17.62 -65.07 41.30
CA CYS C 1467 18.36 -65.52 40.13
C CYS C 1467 18.11 -66.99 39.83
N ASP C 1468 16.85 -67.39 39.69
CA ASP C 1468 16.53 -68.76 39.32
C ASP C 1468 15.85 -68.86 37.96
N SER C 1469 14.70 -68.21 37.76
CA SER C 1469 14.06 -68.22 36.45
C SER C 1469 13.36 -66.90 36.14
N GLY C 1470 13.80 -65.80 36.74
CA GLY C 1470 13.15 -64.53 36.57
C GLY C 1470 13.70 -63.75 35.38
N ALA C 1471 12.86 -62.88 34.83
CA ALA C 1471 13.31 -61.97 33.78
C ALA C 1471 13.90 -60.70 34.38
N SER C 1472 13.12 -59.99 35.18
CA SER C 1472 13.61 -58.82 35.89
C SER C 1472 12.65 -58.50 37.02
N ILE C 1473 13.17 -57.83 38.04
CA ILE C 1473 12.41 -57.44 39.21
C ILE C 1473 12.80 -56.02 39.60
N ARG C 1474 11.81 -55.21 39.95
CA ARG C 1474 12.10 -53.82 40.26
C ARG C 1474 10.84 -53.19 40.84
N TRP C 1475 11.05 -52.19 41.69
CA TRP C 1475 9.94 -51.40 42.17
C TRP C 1475 9.38 -50.55 41.03
N GLN C 1476 8.23 -49.93 41.30
CA GLN C 1476 7.61 -49.06 40.33
C GLN C 1476 6.64 -48.14 41.05
N VAL C 1477 6.54 -46.94 40.57
CA VAL C 1477 5.60 -45.98 41.11
C VAL C 1477 4.25 -46.20 40.45
N VAL C 1478 3.19 -45.99 41.22
CA VAL C 1478 1.84 -46.12 40.67
C VAL C 1478 1.65 -45.11 39.55
N ASP C 1479 1.13 -45.57 38.42
CA ASP C 1479 0.83 -44.69 37.31
C ASP C 1479 -0.24 -45.33 36.45
N ARG C 1480 -1.22 -44.52 36.05
CA ARG C 1480 -2.34 -45.02 35.25
C ARG C 1480 -1.87 -45.68 33.96
N ARG C 1481 -0.60 -45.53 33.60
CA ARG C 1481 -0.04 -46.17 32.42
C ARG C 1481 1.17 -47.03 32.77
N ILE C 1482 1.28 -47.44 34.04
CA ILE C 1482 2.41 -48.28 34.43
C ILE C 1482 2.40 -49.54 33.58
N PRO C 1483 3.51 -49.91 32.96
CA PRO C 1483 3.51 -51.06 32.04
C PRO C 1483 3.27 -52.34 32.82
N LEU C 1484 2.10 -52.94 32.60
CA LEU C 1484 1.65 -54.03 33.44
C LEU C 1484 0.68 -54.88 32.65
N TYR C 1485 0.36 -56.05 33.19
CA TYR C 1485 -0.74 -56.85 32.68
C TYR C 1485 -2.04 -56.05 32.72
N ALA C 1486 -3.03 -56.53 31.97
CA ALA C 1486 -4.24 -55.74 31.80
C ALA C 1486 -4.96 -55.48 33.11
N ASN C 1487 -5.51 -56.54 33.70
CA ASN C 1487 -6.39 -56.34 34.85
C ASN C 1487 -5.61 -56.07 36.12
N HIS C 1488 -4.35 -56.51 36.17
CA HIS C 1488 -3.50 -56.20 37.32
C HIS C 1488 -3.50 -54.70 37.60
N LYS C 1489 -3.66 -53.89 36.57
CA LYS C 1489 -3.71 -52.45 36.77
C LYS C 1489 -4.96 -52.05 37.53
N THR C 1490 -6.11 -52.57 37.13
CA THR C 1490 -7.33 -52.33 37.89
C THR C 1490 -7.14 -52.74 39.33
N LEU C 1491 -6.45 -53.85 39.55
CA LEU C 1491 -6.13 -54.28 40.90
C LEU C 1491 -5.33 -53.23 41.64
N LEU C 1492 -4.30 -52.68 40.98
CA LEU C 1492 -3.48 -51.66 41.61
C LEU C 1492 -4.30 -50.42 41.90
N GLN C 1493 -5.17 -50.04 40.95
CA GLN C 1493 -6.03 -48.89 41.19
C GLN C 1493 -6.86 -49.11 42.44
N LYS C 1494 -7.35 -50.33 42.64
CA LYS C 1494 -8.01 -50.66 43.90
C LYS C 1494 -7.04 -50.51 45.06
N ALA C 1495 -5.79 -50.93 44.86
CA ALA C 1495 -4.82 -50.88 45.94
C ALA C 1495 -4.56 -49.45 46.39
N ALA C 1496 -4.28 -48.56 45.44
CA ALA C 1496 -4.03 -47.16 45.79
C ALA C 1496 -5.28 -46.50 46.33
N ALA C 1497 -6.45 -46.89 45.81
CA ALA C 1497 -7.71 -46.38 46.36
C ALA C 1497 -7.83 -46.69 47.84
N GLU C 1498 -7.27 -47.82 48.27
CA GLU C 1498 -7.28 -48.17 49.68
C GLU C 1498 -6.33 -47.34 50.52
N PHE C 1499 -5.68 -46.34 49.94
CA PHE C 1499 -4.73 -45.52 50.68
C PHE C 1499 -4.88 -44.03 50.48
N GLY C 1500 -5.44 -43.58 49.35
CA GLY C 1500 -5.51 -42.16 49.07
C GLY C 1500 -4.37 -41.64 48.23
N ALA C 1501 -3.69 -42.49 47.47
CA ALA C 1501 -2.56 -42.08 46.65
C ALA C 1501 -3.06 -41.40 45.38
N HIS C 1502 -2.18 -41.26 44.40
CA HIS C 1502 -2.52 -40.62 43.14
C HIS C 1502 -2.87 -41.68 42.10
N TYR C 1503 -3.26 -41.19 40.93
CA TYR C 1503 -3.49 -42.05 39.78
C TYR C 1503 -3.57 -41.25 38.49
N GLN D 56 -23.93 3.78 -50.61
CA GLN D 56 -25.02 4.56 -50.04
C GLN D 56 -26.23 4.56 -50.96
N GLU D 57 -26.03 5.05 -52.18
CA GLU D 57 -27.09 5.02 -53.17
C GLU D 57 -27.48 3.60 -53.55
N SER D 58 -26.55 2.66 -53.44
CA SER D 58 -26.85 1.26 -53.73
C SER D 58 -28.03 0.78 -52.90
N LEU D 59 -27.87 0.80 -51.58
CA LEU D 59 -28.97 0.49 -50.69
C LEU D 59 -30.13 1.45 -50.88
N SER D 60 -29.83 2.72 -51.17
CA SER D 60 -30.87 3.71 -51.36
C SER D 60 -31.81 3.30 -52.47
N SER D 61 -31.26 2.77 -53.56
CA SER D 61 -32.10 2.21 -54.61
C SER D 61 -32.60 0.83 -54.25
N TRP D 62 -31.79 0.06 -53.52
CA TRP D 62 -32.11 -1.32 -53.25
C TRP D 62 -33.42 -1.43 -52.49
N ILE D 63 -33.58 -0.62 -51.45
CA ILE D 63 -34.76 -0.75 -50.60
C ILE D 63 -36.06 -0.67 -51.41
N PRO D 64 -36.32 0.39 -52.18
CA PRO D 64 -37.55 0.37 -52.99
C PRO D 64 -37.54 -0.71 -54.03
N GLU D 65 -36.36 -1.10 -54.51
CA GLU D 65 -36.29 -2.22 -55.43
C GLU D 65 -36.74 -3.51 -54.78
N ASN D 66 -36.79 -3.55 -53.45
CA ASN D 66 -37.03 -4.80 -52.75
C ASN D 66 -38.31 -4.77 -51.92
N ILE D 67 -38.52 -3.72 -51.15
CA ILE D 67 -39.55 -3.73 -50.14
C ILE D 67 -40.78 -3.00 -50.66
N LYS D 68 -41.94 -3.33 -50.12
CA LYS D 68 -43.16 -2.63 -50.44
C LYS D 68 -43.82 -2.15 -49.15
N LYS D 69 -44.63 -1.11 -49.27
CA LYS D 69 -45.46 -0.64 -48.17
C LYS D 69 -46.90 -0.68 -48.58
N LYS D 70 -47.77 -0.86 -47.60
CA LYS D 70 -49.17 -1.13 -47.85
C LYS D 70 -49.99 0.15 -47.80
N GLU D 71 -51.10 0.15 -48.53
CA GLU D 71 -52.02 1.26 -48.57
C GLU D 71 -53.29 0.81 -49.26
N CYS D 72 -54.43 1.31 -48.81
CA CYS D 72 -55.73 0.86 -49.30
C CYS D 72 -56.11 1.56 -50.60
N VAL D 73 -56.86 0.84 -51.44
CA VAL D 73 -57.25 1.38 -52.74
C VAL D 73 -58.76 1.42 -52.81
N TYR D 74 -59.41 1.00 -51.73
CA TYR D 74 -60.86 1.02 -51.64
C TYR D 74 -61.27 2.18 -50.75
N PHE D 75 -61.94 3.17 -51.31
CA PHE D 75 -62.35 4.36 -50.56
C PHE D 75 -63.86 4.30 -50.37
N VAL D 76 -64.28 3.75 -49.24
CA VAL D 76 -65.66 3.79 -48.79
C VAL D 76 -65.61 4.06 -47.29
N GLU D 77 -66.17 5.18 -46.87
CA GLU D 77 -65.96 5.69 -45.53
C GLU D 77 -66.22 4.64 -44.46
N SER D 78 -65.57 4.81 -43.32
CA SER D 78 -65.77 3.94 -42.18
C SER D 78 -67.22 3.96 -41.73
N SER D 79 -67.55 3.03 -40.84
CA SER D 79 -68.88 3.01 -40.26
C SER D 79 -69.00 4.01 -39.12
N LYS D 80 -68.15 3.86 -38.11
CA LYS D 80 -68.14 4.77 -36.97
C LYS D 80 -67.11 5.87 -37.17
N LEU D 81 -67.38 7.05 -36.62
CA LEU D 81 -66.49 8.17 -36.75
C LEU D 81 -65.48 8.21 -35.61
N SER D 82 -64.26 8.61 -35.94
CA SER D 82 -63.18 8.72 -34.97
C SER D 82 -63.21 10.10 -34.33
N ASP D 83 -62.14 10.47 -33.64
CA ASP D 83 -62.06 11.78 -33.05
C ASP D 83 -61.99 12.80 -34.17
N ALA D 84 -63.15 13.29 -34.58
CA ALA D 84 -63.32 14.13 -35.76
C ALA D 84 -62.78 13.46 -37.02
N GLY D 85 -62.45 12.18 -36.96
CA GLY D 85 -61.83 11.51 -38.08
C GLY D 85 -62.87 10.89 -38.99
N LYS D 86 -63.99 11.58 -39.19
CA LYS D 86 -65.02 11.08 -40.09
C LYS D 86 -64.52 10.87 -41.50
N VAL D 87 -63.35 11.42 -41.84
CA VAL D 87 -62.75 11.20 -43.16
C VAL D 87 -61.89 9.94 -43.05
N VAL D 88 -62.57 8.79 -43.13
CA VAL D 88 -61.93 7.50 -42.90
C VAL D 88 -62.70 6.41 -43.64
N CYS D 89 -62.02 5.70 -44.54
CA CYS D 89 -62.60 4.47 -45.09
C CYS D 89 -62.11 3.28 -44.27
N GLN D 90 -62.61 3.24 -43.04
CA GLN D 90 -62.41 2.14 -42.09
C GLN D 90 -60.97 2.08 -41.61
N CYS D 91 -60.12 2.87 -42.20
CA CYS D 91 -58.74 2.95 -41.74
C CYS D 91 -58.31 4.37 -41.47
N GLY D 92 -58.76 5.31 -42.30
CA GLY D 92 -58.51 6.72 -42.07
C GLY D 92 -57.06 7.02 -41.83
N TYR D 93 -56.22 6.85 -42.84
CA TYR D 93 -54.85 7.33 -42.71
C TYR D 93 -54.77 8.82 -43.05
N THR D 94 -55.01 9.17 -44.32
CA THR D 94 -55.12 10.58 -44.69
C THR D 94 -55.87 10.69 -46.01
N HIS D 95 -57.17 10.96 -45.93
CA HIS D 95 -57.99 11.41 -47.05
C HIS D 95 -59.42 11.61 -46.57
N GLU D 96 -60.30 12.03 -47.48
CA GLU D 96 -61.73 11.98 -47.19
C GLU D 96 -62.15 10.56 -46.85
N GLN D 97 -61.39 9.58 -47.31
CA GLN D 97 -61.52 8.17 -46.95
C GLN D 97 -60.15 7.69 -46.50
N HIS D 98 -60.01 6.38 -46.38
CA HIS D 98 -58.70 5.76 -46.16
C HIS D 98 -58.00 5.55 -47.51
N LEU D 99 -57.76 6.68 -48.19
CA LEU D 99 -57.27 6.67 -49.56
C LEU D 99 -55.98 7.46 -49.68
N GLU D 100 -55.08 6.95 -50.51
CA GLU D 100 -53.89 7.66 -50.95
C GLU D 100 -53.86 7.88 -52.45
N GLU D 101 -54.73 7.22 -53.18
CA GLU D 101 -54.93 7.38 -54.60
C GLU D 101 -56.35 7.91 -54.79
N ALA D 102 -56.79 7.94 -56.05
CA ALA D 102 -58.16 8.34 -56.35
C ALA D 102 -59.11 7.72 -55.34
N THR D 103 -59.79 8.57 -54.59
CA THR D 103 -60.65 8.08 -53.53
C THR D 103 -61.84 7.39 -54.17
N LYS D 104 -61.70 6.11 -54.44
CA LYS D 104 -62.68 5.35 -55.20
C LYS D 104 -62.97 4.02 -54.53
N PRO D 105 -64.07 3.37 -54.91
CA PRO D 105 -64.33 2.00 -54.44
C PRO D 105 -63.57 0.94 -55.23
N HIS D 106 -62.50 1.35 -55.90
CA HIS D 106 -61.69 0.43 -56.71
C HIS D 106 -62.54 -0.25 -57.78
N THR D 107 -63.33 0.56 -58.49
CA THR D 107 -64.26 0.07 -59.51
C THR D 107 -65.20 -0.98 -58.95
N PHE D 108 -65.51 -0.88 -57.67
CA PHE D 108 -66.29 -1.93 -57.02
C PHE D 108 -67.05 -1.34 -55.84
N GLN D 109 -68.35 -1.17 -55.99
CA GLN D 109 -69.15 -0.72 -54.86
C GLN D 109 -69.47 -1.90 -53.96
N GLY D 110 -68.44 -2.64 -53.56
CA GLY D 110 -68.61 -3.79 -52.69
C GLY D 110 -68.22 -3.47 -51.26
N THR D 111 -69.21 -3.29 -50.40
CA THR D 111 -68.94 -2.86 -49.04
C THR D 111 -68.10 -3.89 -48.30
N GLN D 112 -67.46 -3.42 -47.23
CA GLN D 112 -66.57 -4.26 -46.42
C GLN D 112 -65.47 -4.88 -47.27
N TRP D 113 -64.97 -4.11 -48.24
CA TRP D 113 -63.88 -4.60 -49.07
C TRP D 113 -62.66 -4.82 -48.19
N ASP D 114 -62.37 -6.09 -47.93
CA ASP D 114 -61.34 -6.46 -46.98
C ASP D 114 -59.99 -5.88 -47.41
N PRO D 115 -59.01 -5.87 -46.51
CA PRO D 115 -57.64 -5.55 -46.96
C PRO D 115 -57.23 -6.39 -48.15
N LYS D 116 -57.76 -7.60 -48.26
CA LYS D 116 -57.60 -8.37 -49.48
C LYS D 116 -58.23 -7.65 -50.67
N LYS D 117 -59.28 -6.86 -50.43
CA LYS D 117 -59.95 -6.12 -51.48
C LYS D 117 -59.75 -4.62 -51.37
N HIS D 118 -58.88 -4.16 -50.47
CA HIS D 118 -58.66 -2.74 -50.26
C HIS D 118 -57.20 -2.32 -50.38
N VAL D 119 -56.28 -3.03 -49.72
CA VAL D 119 -54.91 -2.55 -49.51
C VAL D 119 -54.01 -2.99 -50.65
N GLN D 120 -52.94 -2.21 -50.89
CA GLN D 120 -51.97 -2.53 -51.92
C GLN D 120 -50.57 -2.24 -51.45
N GLU D 121 -49.66 -3.16 -51.74
CA GLU D 121 -48.25 -3.04 -51.38
C GLU D 121 -47.44 -2.53 -52.56
N MET D 122 -46.58 -1.57 -52.30
CA MET D 122 -45.85 -0.86 -53.34
C MET D 122 -44.55 -0.35 -52.74
N PRO D 123 -43.52 -0.12 -53.55
CA PRO D 123 -42.22 0.29 -53.02
C PRO D 123 -42.35 1.46 -52.07
N THR D 124 -41.59 1.41 -50.99
CA THR D 124 -41.81 2.27 -49.85
C THR D 124 -40.99 3.55 -49.94
N ASP D 125 -41.63 4.66 -49.62
CA ASP D 125 -40.97 5.96 -49.54
C ASP D 125 -40.68 6.35 -48.10
N ALA D 126 -40.35 5.38 -47.26
CA ALA D 126 -40.19 5.61 -45.84
C ALA D 126 -38.99 4.86 -45.29
N PHE D 127 -37.87 4.91 -45.97
CA PHE D 127 -36.66 4.30 -45.46
C PHE D 127 -35.60 5.36 -45.20
N GLY D 128 -34.43 4.92 -44.82
CA GLY D 128 -33.25 5.77 -44.74
C GLY D 128 -32.68 5.81 -43.35
N ASP D 129 -31.80 6.77 -43.15
CA ASP D 129 -31.19 7.05 -41.87
C ASP D 129 -32.00 8.11 -41.15
N ILE D 130 -31.83 8.17 -39.82
CA ILE D 130 -32.61 9.05 -38.96
C ILE D 130 -31.72 9.60 -37.87
N VAL D 131 -32.25 10.57 -37.12
CA VAL D 131 -31.58 11.07 -35.94
C VAL D 131 -32.62 11.68 -35.02
N PHE D 132 -32.52 11.37 -33.75
CA PHE D 132 -33.40 11.95 -32.75
C PHE D 132 -33.01 13.42 -32.58
N THR D 133 -33.77 14.29 -33.25
CA THR D 133 -33.46 15.72 -33.22
C THR D 133 -33.56 16.25 -31.80
N GLY D 134 -32.58 17.06 -31.43
CA GLY D 134 -32.56 17.65 -30.11
C GLY D 134 -32.42 16.65 -28.98
N LEU D 135 -31.84 15.51 -29.25
CA LEU D 135 -31.70 14.50 -28.20
C LEU D 135 -30.27 13.99 -28.03
N SER D 136 -29.53 13.85 -29.12
CA SER D 136 -28.16 13.37 -29.07
C SER D 136 -27.47 13.75 -30.37
N GLN D 137 -26.31 13.15 -30.62
CA GLN D 137 -25.61 13.33 -31.87
C GLN D 137 -25.52 12.05 -32.69
N LYS D 138 -25.81 10.89 -32.11
CA LYS D 138 -25.75 9.66 -32.87
C LYS D 138 -26.96 9.53 -33.79
N VAL D 139 -26.78 8.75 -34.85
CA VAL D 139 -27.85 8.50 -35.81
C VAL D 139 -28.29 7.06 -35.66
N LYS D 140 -29.44 6.76 -36.26
CA LYS D 140 -29.99 5.42 -36.19
C LYS D 140 -30.62 5.05 -37.52
N LYS D 141 -30.64 3.76 -37.82
CA LYS D 141 -31.21 3.29 -39.05
C LYS D 141 -32.67 2.89 -38.86
N TYR D 142 -33.50 3.19 -39.85
CA TYR D 142 -34.90 2.84 -39.80
C TYR D 142 -35.36 2.38 -41.17
N VAL D 143 -36.53 1.75 -41.20
CA VAL D 143 -37.12 1.28 -42.44
C VAL D 143 -38.58 0.89 -42.19
N ARG D 144 -39.44 1.17 -43.15
CA ARG D 144 -40.84 0.76 -43.09
C ARG D 144 -41.02 -0.48 -43.95
N VAL D 145 -41.72 -1.48 -43.41
CA VAL D 145 -41.83 -2.77 -44.08
C VAL D 145 -43.29 -3.23 -44.07
N SER D 146 -43.70 -3.83 -45.19
CA SER D 146 -45.04 -4.38 -45.30
C SER D 146 -45.21 -5.56 -44.35
N GLN D 147 -46.43 -6.07 -44.30
CA GLN D 147 -46.73 -7.19 -43.42
C GLN D 147 -46.20 -8.50 -44.00
N ASP D 148 -46.63 -8.84 -45.22
CA ASP D 148 -46.25 -10.08 -45.86
C ASP D 148 -44.93 -9.85 -46.58
N THR D 149 -43.83 -10.21 -45.92
CA THR D 149 -42.52 -10.02 -46.47
C THR D 149 -41.64 -11.18 -46.02
N PRO D 150 -40.88 -11.77 -46.93
CA PRO D 150 -40.00 -12.87 -46.55
C PRO D 150 -39.03 -12.44 -45.47
N SER D 151 -38.99 -13.21 -44.38
CA SER D 151 -38.03 -12.91 -43.33
C SER D 151 -36.62 -12.84 -43.88
N SER D 152 -36.31 -13.68 -44.87
CA SER D 152 -34.95 -13.78 -45.38
C SER D 152 -34.45 -12.44 -45.87
N VAL D 153 -35.23 -11.75 -46.71
CA VAL D 153 -34.73 -10.53 -47.31
C VAL D 153 -34.44 -9.49 -46.25
N ILE D 154 -35.19 -9.49 -45.16
CA ILE D 154 -34.87 -8.61 -44.06
C ILE D 154 -33.50 -8.95 -43.49
N TYR D 155 -33.29 -10.21 -43.14
CA TYR D 155 -31.99 -10.62 -42.65
C TYR D 155 -30.90 -10.19 -43.61
N HIS D 156 -31.15 -10.33 -44.91
CA HIS D 156 -30.14 -10.00 -45.90
C HIS D 156 -29.81 -8.53 -45.88
N LEU D 157 -30.84 -7.68 -45.88
CA LEU D 157 -30.62 -6.25 -45.70
C LEU D 157 -29.80 -6.00 -44.44
N MET D 158 -30.17 -6.65 -43.34
CA MET D 158 -29.52 -6.37 -42.07
C MET D 158 -28.04 -6.67 -42.14
N THR D 159 -27.67 -7.82 -42.69
CA THR D 159 -26.27 -8.19 -42.71
C THR D 159 -25.52 -7.42 -43.79
N GLN D 160 -25.97 -7.54 -45.05
CA GLN D 160 -25.24 -6.93 -46.14
C GLN D 160 -25.42 -5.42 -46.15
N HIS D 161 -26.65 -4.97 -46.39
CA HIS D 161 -26.85 -3.56 -46.68
C HIS D 161 -26.68 -2.69 -45.45
N TRP D 162 -26.74 -3.28 -44.26
CA TRP D 162 -26.51 -2.52 -43.05
C TRP D 162 -25.18 -2.84 -42.39
N GLY D 163 -24.43 -3.78 -42.92
CA GLY D 163 -23.17 -4.14 -42.30
C GLY D 163 -23.34 -4.61 -40.89
N LEU D 164 -23.95 -5.78 -40.71
CA LEU D 164 -24.12 -6.36 -39.40
C LEU D 164 -23.56 -7.77 -39.41
N ASP D 165 -22.67 -8.06 -38.48
CA ASP D 165 -22.07 -9.38 -38.36
C ASP D 165 -23.05 -10.35 -37.72
N VAL D 166 -23.04 -11.58 -38.23
CA VAL D 166 -23.90 -12.62 -37.70
C VAL D 166 -23.58 -12.80 -36.22
N PRO D 167 -24.55 -12.58 -35.33
CA PRO D 167 -24.27 -12.60 -33.90
C PRO D 167 -24.40 -13.98 -33.31
N ASN D 168 -23.78 -14.15 -32.16
CA ASN D 168 -23.72 -15.44 -31.50
C ASN D 168 -24.88 -15.68 -30.55
N LEU D 169 -25.84 -14.78 -30.51
CA LEU D 169 -26.87 -14.85 -29.49
C LEU D 169 -27.96 -13.88 -29.84
N LEU D 170 -29.20 -14.25 -29.54
CA LEU D 170 -30.36 -13.48 -30.00
C LEU D 170 -31.35 -13.35 -28.85
N ILE D 171 -31.19 -12.30 -28.05
CA ILE D 171 -32.05 -12.07 -26.90
C ILE D 171 -33.30 -11.36 -27.36
N SER D 172 -34.44 -12.05 -27.33
CA SER D 172 -35.72 -11.44 -27.66
C SER D 172 -36.42 -11.16 -26.34
N VAL D 173 -36.39 -9.91 -25.92
CA VAL D 173 -36.91 -9.53 -24.62
C VAL D 173 -38.35 -9.09 -24.77
N THR D 174 -39.18 -9.39 -23.77
CA THR D 174 -40.59 -9.02 -23.79
C THR D 174 -41.05 -8.69 -22.39
N GLY D 175 -42.18 -8.00 -22.30
CA GLY D 175 -42.75 -7.59 -21.04
C GLY D 175 -44.07 -6.87 -21.24
N GLY D 176 -44.47 -6.05 -20.25
CA GLY D 176 -45.73 -5.33 -20.34
C GLY D 176 -45.52 -3.94 -20.88
N ALA D 177 -46.28 -3.60 -21.93
CA ALA D 177 -46.21 -2.25 -22.48
C ALA D 177 -46.51 -1.19 -21.45
N LYS D 178 -47.16 -1.58 -20.35
CA LYS D 178 -47.41 -0.67 -19.24
C LYS D 178 -46.11 -0.09 -18.72
N ASN D 179 -46.21 1.08 -18.11
CA ASN D 179 -45.07 1.66 -17.41
C ASN D 179 -45.18 1.32 -15.93
N PHE D 180 -44.03 1.10 -15.31
CA PHE D 180 -43.99 0.67 -13.91
C PHE D 180 -42.54 0.79 -13.43
N ASN D 181 -42.28 0.28 -12.24
CA ASN D 181 -40.96 0.33 -11.64
C ASN D 181 -40.72 -0.95 -10.85
N MET D 182 -39.57 -1.00 -10.19
CA MET D 182 -39.16 -2.19 -9.45
C MET D 182 -38.20 -1.78 -8.34
N LYS D 183 -37.72 -2.76 -7.61
CA LYS D 183 -36.75 -2.50 -6.56
C LYS D 183 -35.45 -1.98 -7.19
N PRO D 184 -34.69 -1.17 -6.45
CA PRO D 184 -33.46 -0.60 -7.01
C PRO D 184 -32.39 -1.63 -7.24
N ARG D 185 -32.10 -2.44 -6.21
CA ARG D 185 -31.05 -3.45 -6.33
C ARG D 185 -31.33 -4.38 -7.51
N LEU D 186 -32.57 -4.84 -7.63
CA LEU D 186 -32.91 -5.71 -8.75
C LEU D 186 -32.71 -5.01 -10.08
N LYS D 187 -33.18 -3.77 -10.19
CA LYS D 187 -33.05 -3.03 -11.43
C LYS D 187 -31.59 -2.85 -11.79
N SER D 188 -30.75 -2.57 -10.80
CA SER D 188 -29.34 -2.36 -11.06
C SER D 188 -28.69 -3.62 -11.62
N ILE D 189 -28.78 -4.73 -10.87
CA ILE D 189 -28.18 -5.97 -11.32
C ILE D 189 -28.70 -6.35 -12.69
N PHE D 190 -29.97 -6.08 -12.94
CA PHE D 190 -30.58 -6.46 -14.21
C PHE D 190 -29.95 -5.72 -15.37
N ARG D 191 -30.00 -4.38 -15.35
CA ARG D 191 -29.41 -3.62 -16.43
C ARG D 191 -27.93 -3.95 -16.58
N ARG D 192 -27.24 -4.12 -15.46
CA ARG D 192 -25.82 -4.46 -15.49
C ARG D 192 -25.58 -5.74 -16.26
N GLY D 193 -26.12 -6.86 -15.75
CA GLY D 193 -25.88 -8.15 -16.37
C GLY D 193 -26.35 -8.21 -17.81
N LEU D 194 -27.50 -7.60 -18.10
CA LEU D 194 -28.04 -7.66 -19.44
C LEU D 194 -27.09 -7.03 -20.44
N VAL D 195 -26.71 -5.77 -20.20
CA VAL D 195 -25.86 -5.09 -21.17
C VAL D 195 -24.51 -5.77 -21.26
N LYS D 196 -24.02 -6.29 -20.14
CA LYS D 196 -22.73 -6.96 -20.17
C LYS D 196 -22.76 -8.17 -21.08
N VAL D 197 -23.71 -9.07 -20.85
CA VAL D 197 -23.75 -10.32 -21.60
C VAL D 197 -24.12 -10.06 -23.05
N ALA D 198 -24.85 -8.98 -23.31
CA ALA D 198 -25.18 -8.67 -24.69
C ALA D 198 -23.96 -8.23 -25.46
N GLN D 199 -23.02 -7.58 -24.77
CA GLN D 199 -21.82 -7.09 -25.44
C GLN D 199 -20.75 -8.18 -25.56
N THR D 200 -20.50 -8.91 -24.48
CA THR D 200 -19.35 -9.81 -24.46
C THR D 200 -19.47 -10.91 -25.49
N THR D 201 -20.69 -11.32 -25.83
CA THR D 201 -20.89 -12.35 -26.84
C THR D 201 -21.26 -11.79 -28.20
N GLY D 202 -21.41 -10.47 -28.30
CA GLY D 202 -21.85 -9.90 -29.54
C GLY D 202 -23.20 -10.44 -29.89
N ALA D 203 -24.21 -10.08 -29.11
CA ALA D 203 -25.56 -10.55 -29.31
C ALA D 203 -26.44 -9.44 -29.85
N TRP D 204 -27.23 -9.75 -30.88
CA TRP D 204 -28.32 -8.85 -31.23
C TRP D 204 -29.29 -8.80 -30.07
N ILE D 205 -30.19 -7.83 -30.10
CA ILE D 205 -31.22 -7.71 -29.08
C ILE D 205 -32.45 -7.15 -29.75
N ILE D 206 -33.55 -7.86 -29.66
CA ILE D 206 -34.72 -7.58 -30.47
C ILE D 206 -35.92 -7.38 -29.55
N THR D 207 -36.70 -6.35 -29.84
CA THR D 207 -37.89 -6.01 -29.06
C THR D 207 -38.70 -4.95 -29.79
N GLY D 208 -39.79 -4.55 -29.14
CA GLY D 208 -40.53 -3.39 -29.60
C GLY D 208 -39.72 -2.13 -29.42
N GLY D 209 -40.28 -1.02 -29.89
CA GLY D 209 -39.53 0.22 -29.89
C GLY D 209 -40.21 1.43 -29.28
N SER D 210 -41.47 1.29 -28.87
CA SER D 210 -42.17 2.43 -28.32
C SER D 210 -41.49 2.88 -27.02
N HIS D 211 -41.74 4.13 -26.65
CA HIS D 211 -41.07 4.70 -25.50
C HIS D 211 -41.71 4.31 -24.19
N THR D 212 -42.50 3.26 -24.16
CA THR D 212 -43.14 2.84 -22.92
C THR D 212 -42.50 1.57 -22.40
N GLY D 213 -42.98 1.10 -21.27
CA GLY D 213 -42.69 -0.23 -20.75
C GLY D 213 -41.23 -0.64 -20.61
N VAL D 214 -41.02 -1.95 -20.51
CA VAL D 214 -39.69 -2.49 -20.36
C VAL D 214 -38.82 -2.22 -21.57
N MET D 215 -39.45 -2.04 -22.75
CA MET D 215 -38.68 -1.58 -23.89
C MET D 215 -38.01 -0.26 -23.59
N LYS D 216 -38.75 0.69 -23.01
CA LYS D 216 -38.14 1.93 -22.60
C LYS D 216 -37.17 1.70 -21.45
N GLN D 217 -37.44 0.72 -20.60
CA GLN D 217 -36.52 0.43 -19.50
C GLN D 217 -35.16 -0.03 -20.02
N VAL D 218 -35.15 -1.03 -20.90
CA VAL D 218 -33.89 -1.47 -21.44
C VAL D 218 -33.29 -0.40 -22.33
N GLY D 219 -34.12 0.41 -22.96
CA GLY D 219 -33.59 1.56 -23.66
C GLY D 219 -32.76 2.42 -22.73
N GLU D 220 -33.26 2.64 -21.52
CA GLU D 220 -32.47 3.33 -20.52
C GLU D 220 -31.20 2.56 -20.19
N ALA D 221 -31.29 1.23 -20.16
CA ALA D 221 -30.13 0.44 -19.82
C ALA D 221 -29.03 0.60 -20.86
N VAL D 222 -29.37 0.41 -22.13
CA VAL D 222 -28.36 0.52 -23.18
C VAL D 222 -27.83 1.94 -23.24
N ARG D 223 -28.68 2.94 -23.04
CA ARG D 223 -28.18 4.31 -23.03
C ARG D 223 -27.23 4.52 -21.86
N ASP D 224 -27.47 3.83 -20.75
CA ASP D 224 -26.56 3.90 -19.63
C ASP D 224 -25.16 3.43 -20.01
N PHE D 225 -25.09 2.29 -20.71
CA PHE D 225 -23.80 1.80 -21.14
C PHE D 225 -23.14 2.75 -22.14
N SER D 226 -23.93 3.27 -23.09
CA SER D 226 -23.37 4.21 -24.05
C SER D 226 -22.93 5.50 -23.37
N LEU D 227 -23.53 5.82 -22.22
CA LEU D 227 -22.97 6.88 -21.39
C LEU D 227 -21.59 6.48 -20.88
N SER D 228 -21.43 5.22 -20.48
CA SER D 228 -20.09 4.73 -20.18
C SER D 228 -19.31 4.56 -21.48
N SER D 229 -19.78 3.65 -22.33
CA SER D 229 -19.22 3.40 -23.67
C SER D 229 -17.70 3.50 -23.67
N SER D 230 -17.08 2.68 -22.83
CA SER D 230 -15.62 2.71 -22.70
C SER D 230 -14.93 2.53 -24.04
N TYR D 231 -15.35 1.53 -24.80
CA TYR D 231 -14.79 1.30 -26.12
C TYR D 231 -15.81 0.55 -26.96
N LYS D 232 -15.75 0.75 -28.27
CA LYS D 232 -16.71 0.19 -29.20
C LYS D 232 -18.13 0.53 -28.78
N GLU D 233 -18.40 1.84 -28.69
CA GLU D 233 -19.72 2.30 -28.27
C GLU D 233 -20.82 1.69 -29.12
N GLY D 234 -20.51 1.36 -30.38
CA GLY D 234 -21.43 0.64 -31.23
C GLY D 234 -21.56 -0.83 -30.91
N GLU D 235 -20.92 -1.31 -29.84
CA GLU D 235 -21.05 -2.73 -29.49
C GLU D 235 -22.51 -3.10 -29.31
N LEU D 236 -23.16 -2.52 -28.30
CA LEU D 236 -24.53 -2.85 -28.01
C LEU D 236 -25.42 -2.36 -29.15
N ILE D 237 -25.91 -3.30 -29.93
CA ILE D 237 -26.82 -2.98 -31.02
C ILE D 237 -28.19 -3.50 -30.64
N THR D 238 -29.20 -2.66 -30.80
CA THR D 238 -30.56 -2.98 -30.43
C THR D 238 -31.48 -2.59 -31.56
N ILE D 239 -32.40 -3.46 -31.91
CA ILE D 239 -33.30 -3.20 -33.03
C ILE D 239 -34.71 -3.09 -32.50
N GLY D 240 -35.47 -2.17 -33.08
CA GLY D 240 -36.82 -1.89 -32.63
C GLY D 240 -37.84 -2.47 -33.60
N VAL D 241 -38.81 -3.16 -33.05
CA VAL D 241 -39.83 -3.85 -33.83
C VAL D 241 -41.17 -3.32 -33.38
N ALA D 242 -41.71 -2.34 -34.10
CA ALA D 242 -43.00 -1.78 -33.76
C ALA D 242 -43.85 -1.70 -35.02
N THR D 243 -45.07 -1.22 -34.84
CA THR D 243 -46.06 -1.20 -35.90
C THR D 243 -46.21 0.20 -36.47
N TRP D 244 -46.01 0.33 -37.78
CA TRP D 244 -46.01 1.64 -38.43
C TRP D 244 -47.30 2.38 -38.24
N GLY D 245 -48.40 1.67 -38.00
CA GLY D 245 -49.67 2.33 -37.78
C GLY D 245 -49.68 3.18 -36.53
N THR D 246 -48.95 2.77 -35.50
CA THR D 246 -48.97 3.45 -34.20
C THR D 246 -47.76 4.36 -34.04
N VAL D 247 -47.62 5.33 -34.95
CA VAL D 247 -46.51 6.27 -34.88
C VAL D 247 -47.05 7.69 -34.89
N HIS D 248 -46.40 8.55 -34.10
CA HIS D 248 -46.97 9.85 -33.76
C HIS D 248 -46.74 10.90 -34.83
N ARG D 249 -45.49 11.22 -35.11
CA ARG D 249 -45.14 12.25 -36.08
C ARG D 249 -44.56 11.62 -37.34
N ARG D 250 -45.08 10.46 -37.72
CA ARG D 250 -44.41 9.62 -38.70
C ARG D 250 -44.28 10.29 -40.05
N GLU D 251 -45.11 11.28 -40.35
CA GLU D 251 -45.04 11.90 -41.67
C GLU D 251 -43.66 12.45 -41.96
N GLY D 252 -42.90 12.79 -40.91
CA GLY D 252 -41.67 13.53 -41.07
C GLY D 252 -40.63 12.86 -41.92
N LEU D 253 -40.75 11.56 -42.14
CA LEU D 253 -39.78 10.84 -42.95
C LEU D 253 -40.37 10.28 -44.24
N ILE D 254 -41.66 10.48 -44.47
CA ILE D 254 -42.28 9.88 -45.64
C ILE D 254 -41.79 10.64 -46.86
N HIS D 255 -40.75 10.10 -47.49
CA HIS D 255 -40.09 10.81 -48.56
C HIS D 255 -39.32 9.85 -49.45
N PRO D 256 -39.56 9.88 -50.75
CA PRO D 256 -38.89 8.93 -51.63
C PRO D 256 -37.41 9.24 -51.74
N THR D 257 -36.68 8.28 -52.32
CA THR D 257 -35.27 8.41 -52.64
C THR D 257 -34.41 8.71 -51.41
N GLY D 258 -34.87 8.31 -50.23
CA GLY D 258 -34.05 8.39 -49.04
C GLY D 258 -34.11 9.71 -48.30
N SER D 259 -34.25 9.64 -46.98
CA SER D 259 -34.31 10.81 -46.14
C SER D 259 -33.17 10.78 -45.14
N PHE D 260 -31.96 10.49 -45.64
CA PHE D 260 -30.81 10.14 -44.82
C PHE D 260 -30.64 11.02 -43.58
N PRO D 261 -30.52 12.32 -43.67
CA PRO D 261 -30.66 13.12 -42.45
C PRO D 261 -32.15 13.31 -42.18
N ALA D 262 -32.66 12.61 -41.18
CA ALA D 262 -34.09 12.59 -40.90
C ALA D 262 -34.32 13.10 -39.48
N GLU D 263 -34.72 14.36 -39.38
CA GLU D 263 -35.09 14.89 -38.08
C GLU D 263 -36.39 14.26 -37.61
N TYR D 264 -36.50 14.06 -36.31
CA TYR D 264 -37.72 13.51 -35.73
C TYR D 264 -37.99 14.20 -34.41
N ILE D 265 -39.07 14.96 -34.35
CA ILE D 265 -39.54 15.55 -33.12
C ILE D 265 -40.00 14.44 -32.20
N LEU D 266 -40.24 14.75 -30.94
CA LEU D 266 -40.94 13.82 -30.06
C LEU D 266 -41.67 14.63 -29.00
N ASP D 267 -42.66 14.00 -28.39
CA ASP D 267 -43.49 14.69 -27.41
C ASP D 267 -44.15 13.65 -26.50
N GLU D 268 -43.57 13.47 -25.31
CA GLU D 268 -44.20 12.64 -24.30
C GLU D 268 -45.59 13.18 -23.99
N ASP D 269 -46.58 12.27 -23.98
CA ASP D 269 -47.96 12.61 -23.68
C ASP D 269 -48.52 13.57 -24.72
N GLY D 270 -47.71 13.94 -25.71
CA GLY D 270 -48.19 14.77 -26.79
C GLY D 270 -48.77 13.90 -27.88
N GLN D 271 -49.57 12.91 -27.49
CA GLN D 271 -50.09 11.95 -28.45
C GLN D 271 -51.24 11.20 -27.83
N GLY D 272 -52.15 10.75 -28.69
CA GLY D 272 -53.30 9.98 -28.25
C GLY D 272 -52.99 8.51 -28.11
N ASN D 273 -53.84 7.67 -28.68
CA ASN D 273 -53.58 6.23 -28.65
C ASN D 273 -52.28 5.90 -29.38
N LEU D 274 -52.05 6.53 -30.52
CA LEU D 274 -50.80 6.33 -31.25
C LEU D 274 -49.62 6.76 -30.36
N THR D 275 -48.53 6.02 -30.46
CA THR D 275 -47.40 6.25 -29.57
C THR D 275 -46.24 6.87 -30.32
N CYS D 276 -45.13 7.05 -29.61
CA CYS D 276 -43.88 7.51 -30.17
C CYS D 276 -42.84 6.42 -29.94
N LEU D 277 -41.60 6.72 -30.29
CA LEU D 277 -40.52 5.77 -30.21
C LEU D 277 -39.70 5.97 -28.95
N ASP D 278 -39.19 4.88 -28.40
CA ASP D 278 -38.10 5.02 -27.45
C ASP D 278 -36.92 5.65 -28.17
N SER D 279 -36.13 6.41 -27.43
CA SER D 279 -35.01 7.13 -28.01
C SER D 279 -33.66 6.54 -27.61
N ASN D 280 -33.56 5.21 -27.55
CA ASN D 280 -32.28 4.60 -27.23
C ASN D 280 -31.92 3.41 -28.09
N HIS D 281 -32.81 2.94 -28.95
CA HIS D 281 -32.45 1.77 -29.72
C HIS D 281 -31.56 2.15 -30.90
N SER D 282 -30.97 1.14 -31.52
CA SER D 282 -30.02 1.40 -32.59
C SER D 282 -30.62 1.25 -33.97
N HIS D 283 -31.69 0.47 -34.13
CA HIS D 283 -32.30 0.35 -35.44
C HIS D 283 -33.79 0.11 -35.27
N PHE D 284 -34.55 0.52 -36.27
CA PHE D 284 -35.99 0.56 -36.17
C PHE D 284 -36.61 0.06 -37.46
N ILE D 285 -37.22 -1.11 -37.39
CA ILE D 285 -38.05 -1.60 -38.47
C ILE D 285 -39.48 -1.25 -38.15
N LEU D 286 -40.25 -0.92 -39.17
CA LEU D 286 -41.64 -0.54 -38.98
C LEU D 286 -42.50 -1.45 -39.85
N VAL D 287 -43.30 -2.25 -39.22
CA VAL D 287 -44.22 -3.13 -39.91
C VAL D 287 -45.53 -2.38 -40.11
N ASP D 288 -46.20 -2.64 -41.23
CA ASP D 288 -47.45 -1.96 -41.52
C ASP D 288 -48.38 -2.88 -42.29
N ASP D 289 -49.67 -2.68 -42.06
CA ASP D 289 -50.69 -3.41 -42.80
C ASP D 289 -51.51 -2.52 -43.72
N GLY D 290 -51.42 -1.21 -43.58
CA GLY D 290 -52.34 -0.31 -44.23
C GLY D 290 -53.45 0.15 -43.31
N THR D 291 -53.17 0.34 -42.03
CA THR D 291 -54.17 0.71 -41.05
C THR D 291 -53.50 1.60 -40.01
N HIS D 292 -54.23 2.59 -39.52
CA HIS D 292 -53.64 3.59 -38.63
C HIS D 292 -53.86 3.27 -37.16
N GLY D 293 -55.11 3.28 -36.72
CA GLY D 293 -55.41 2.99 -35.34
C GLY D 293 -55.71 1.52 -35.12
N GLN D 294 -54.70 0.68 -35.24
CA GLN D 294 -54.88 -0.75 -35.03
C GLN D 294 -53.60 -1.30 -34.41
N TYR D 295 -53.74 -2.46 -33.77
CA TYR D 295 -52.62 -3.11 -33.11
C TYR D 295 -52.39 -4.51 -33.65
N GLY D 296 -51.20 -5.03 -33.34
CA GLY D 296 -50.89 -6.42 -33.60
C GLY D 296 -50.31 -6.72 -34.96
N VAL D 297 -49.98 -5.71 -35.76
CA VAL D 297 -49.44 -5.96 -37.08
C VAL D 297 -47.99 -6.41 -37.03
N GLU D 298 -47.43 -6.62 -35.84
CA GLU D 298 -46.01 -6.93 -35.68
C GLU D 298 -45.75 -8.42 -35.50
N ILE D 299 -46.44 -9.06 -34.55
CA ILE D 299 -46.04 -10.41 -34.12
C ILE D 299 -45.94 -11.40 -35.27
N PRO D 300 -46.89 -11.48 -36.21
CA PRO D 300 -46.79 -12.53 -37.25
C PRO D 300 -45.48 -12.51 -38.00
N LEU D 301 -44.82 -11.37 -38.09
CA LEU D 301 -43.49 -11.35 -38.68
C LEU D 301 -42.39 -11.59 -37.67
N ARG D 302 -42.47 -10.95 -36.51
CA ARG D 302 -41.43 -11.11 -35.50
C ARG D 302 -41.15 -12.58 -35.25
N THR D 303 -42.21 -13.37 -35.09
CA THR D 303 -42.03 -14.80 -34.96
C THR D 303 -41.32 -15.36 -36.19
N ARG D 304 -41.80 -15.01 -37.38
CA ARG D 304 -41.15 -15.50 -38.59
C ARG D 304 -39.68 -15.14 -38.62
N LEU D 305 -39.35 -13.93 -38.18
CA LEU D 305 -37.98 -13.47 -38.25
C LEU D 305 -37.09 -14.22 -37.28
N GLU D 306 -37.35 -14.08 -35.98
CA GLU D 306 -36.48 -14.71 -35.01
C GLU D 306 -36.36 -16.20 -35.28
N LYS D 307 -37.42 -16.83 -35.75
CA LYS D 307 -37.32 -18.23 -36.11
C LYS D 307 -36.28 -18.43 -37.21
N PHE D 308 -36.36 -17.61 -38.25
CA PHE D 308 -35.42 -17.76 -39.36
C PHE D 308 -33.99 -17.57 -38.91
N ILE D 309 -33.77 -16.77 -37.87
CA ILE D 309 -32.41 -16.59 -37.36
C ILE D 309 -31.99 -17.78 -36.54
N SER D 310 -32.91 -18.43 -35.84
CA SER D 310 -32.50 -19.60 -35.08
C SER D 310 -32.07 -20.74 -35.97
N GLU D 311 -32.04 -20.55 -37.28
CA GLU D 311 -31.66 -21.60 -38.20
C GLU D 311 -30.31 -21.37 -38.86
N GLN D 312 -30.00 -20.14 -39.25
CA GLN D 312 -28.77 -19.91 -39.98
C GLN D 312 -27.58 -20.28 -39.11
N THR D 313 -26.50 -20.67 -39.76
CA THR D 313 -25.34 -21.19 -39.06
C THR D 313 -24.16 -20.26 -39.22
N LYS D 314 -23.32 -20.24 -38.20
CA LYS D 314 -22.08 -19.49 -38.20
C LYS D 314 -20.95 -20.51 -38.30
N GLU D 315 -19.84 -20.11 -38.93
CA GLU D 315 -18.69 -21.00 -39.06
C GLU D 315 -17.41 -20.16 -39.00
N ARG D 316 -16.73 -20.22 -37.87
CA ARG D 316 -15.45 -19.55 -37.70
C ARG D 316 -14.42 -20.56 -37.24
N GLY D 317 -13.15 -20.19 -37.36
CA GLY D 317 -12.09 -21.15 -37.12
C GLY D 317 -12.28 -22.37 -37.98
N GLY D 318 -12.59 -23.49 -37.37
CA GLY D 318 -13.03 -24.65 -38.11
C GLY D 318 -14.43 -25.03 -37.69
N VAL D 319 -14.81 -24.55 -36.51
CA VAL D 319 -16.09 -24.91 -35.93
C VAL D 319 -17.23 -24.24 -36.69
N ALA D 320 -18.37 -24.91 -36.72
CA ALA D 320 -19.60 -24.35 -37.26
C ALA D 320 -20.74 -24.78 -36.37
N ILE D 321 -21.62 -23.85 -36.02
CA ILE D 321 -22.75 -24.14 -35.15
C ILE D 321 -23.96 -23.37 -35.64
N LYS D 322 -25.10 -23.66 -35.03
CA LYS D 322 -26.33 -22.93 -35.27
C LYS D 322 -26.54 -21.91 -34.17
N ILE D 323 -27.07 -20.76 -34.56
CA ILE D 323 -27.18 -19.67 -33.59
C ILE D 323 -28.22 -20.02 -32.55
N PRO D 324 -27.94 -19.82 -31.27
CA PRO D 324 -28.92 -20.10 -30.23
C PRO D 324 -29.70 -18.86 -29.82
N ILE D 325 -30.94 -19.09 -29.37
CA ILE D 325 -31.90 -18.02 -29.15
C ILE D 325 -32.66 -18.27 -27.86
N VAL D 326 -32.53 -17.35 -26.90
CA VAL D 326 -33.22 -17.43 -25.63
C VAL D 326 -33.94 -16.11 -25.39
N CYS D 327 -35.10 -16.18 -24.73
CA CYS D 327 -35.93 -15.01 -24.48
C CYS D 327 -36.12 -14.79 -22.99
N VAL D 328 -35.98 -13.54 -22.57
CA VAL D 328 -36.20 -13.15 -21.19
C VAL D 328 -37.42 -12.25 -21.17
N VAL D 329 -38.21 -12.35 -20.11
CA VAL D 329 -39.48 -11.65 -20.05
C VAL D 329 -39.59 -10.89 -18.74
N LEU D 330 -40.33 -9.78 -18.79
CA LEU D 330 -40.51 -8.91 -17.63
C LEU D 330 -41.99 -8.85 -17.27
N GLU D 331 -42.35 -7.92 -16.38
CA GLU D 331 -43.65 -7.88 -15.72
C GLU D 331 -44.79 -8.39 -16.59
N GLY D 332 -44.92 -7.86 -17.80
CA GLY D 332 -45.82 -8.45 -18.75
C GLY D 332 -47.27 -8.53 -18.29
N GLY D 333 -47.97 -9.52 -18.85
CA GLY D 333 -49.36 -9.74 -18.56
C GLY D 333 -49.88 -11.00 -19.22
N PRO D 334 -51.17 -11.01 -19.57
CA PRO D 334 -51.78 -12.22 -20.15
C PRO D 334 -51.22 -12.59 -21.50
N GLY D 335 -51.26 -11.65 -22.45
CA GLY D 335 -50.72 -11.92 -23.76
C GLY D 335 -49.28 -12.36 -23.72
N THR D 336 -48.49 -11.77 -22.81
CA THR D 336 -47.11 -12.21 -22.63
C THR D 336 -47.08 -13.68 -22.23
N LEU D 337 -48.00 -14.10 -21.36
CA LEU D 337 -48.07 -15.51 -21.02
C LEU D 337 -48.36 -16.35 -22.26
N HIS D 338 -49.26 -15.86 -23.12
CA HIS D 338 -49.56 -16.60 -24.34
C HIS D 338 -48.31 -16.81 -25.17
N THR D 339 -47.53 -15.75 -25.37
CA THR D 339 -46.34 -15.86 -26.21
C THR D 339 -45.27 -16.72 -25.55
N ILE D 340 -45.11 -16.61 -24.23
CA ILE D 340 -44.11 -17.40 -23.52
C ILE D 340 -44.31 -18.88 -23.80
N ASP D 341 -45.53 -19.36 -23.59
CA ASP D 341 -45.75 -20.77 -23.85
C ASP D 341 -45.58 -21.08 -25.34
N ASN D 342 -46.17 -20.26 -26.21
CA ASN D 342 -46.06 -20.55 -27.62
C ASN D 342 -44.63 -20.60 -28.12
N ALA D 343 -43.69 -20.04 -27.36
CA ALA D 343 -42.29 -20.17 -27.71
C ALA D 343 -41.68 -21.41 -27.08
N THR D 344 -41.81 -21.55 -25.76
CA THR D 344 -41.16 -22.66 -25.07
C THR D 344 -41.61 -24.01 -25.58
N THR D 345 -42.75 -24.10 -26.26
CA THR D 345 -43.09 -25.35 -26.92
C THR D 345 -42.28 -25.56 -28.19
N ASN D 346 -41.39 -24.64 -28.53
CA ASN D 346 -40.59 -24.75 -29.73
C ASN D 346 -39.10 -24.80 -29.41
N GLY D 347 -38.75 -25.42 -28.29
CA GLY D 347 -37.37 -25.50 -27.87
C GLY D 347 -36.88 -24.21 -27.27
N THR D 348 -37.21 -23.09 -27.89
CA THR D 348 -36.69 -21.80 -27.48
C THR D 348 -36.99 -21.56 -26.00
N PRO D 349 -35.99 -21.62 -25.16
CA PRO D 349 -36.20 -21.59 -23.72
C PRO D 349 -36.44 -20.16 -23.25
N CYS D 350 -36.66 -20.02 -21.95
CA CYS D 350 -37.02 -18.74 -21.37
C CYS D 350 -36.37 -18.59 -20.00
N VAL D 351 -36.18 -17.34 -19.60
CA VAL D 351 -35.73 -17.00 -18.26
C VAL D 351 -36.55 -15.84 -17.76
N VAL D 352 -36.98 -15.91 -16.50
CA VAL D 352 -37.85 -14.91 -15.91
C VAL D 352 -37.21 -14.36 -14.66
N VAL D 353 -37.43 -13.09 -14.39
CA VAL D 353 -36.92 -12.47 -13.17
C VAL D 353 -37.93 -12.68 -12.06
N GLU D 354 -37.44 -13.05 -10.88
CA GLU D 354 -38.28 -13.22 -9.70
C GLU D 354 -38.39 -11.87 -9.01
N GLY D 355 -39.39 -11.08 -9.40
CA GLY D 355 -39.54 -9.75 -8.84
C GLY D 355 -40.13 -8.76 -9.81
N SER D 356 -41.11 -7.99 -9.32
CA SER D 356 -41.77 -6.95 -10.10
C SER D 356 -42.34 -7.52 -11.40
N GLY D 357 -43.27 -8.45 -11.24
CA GLY D 357 -43.91 -9.03 -12.39
C GLY D 357 -45.29 -9.56 -12.12
N ARG D 358 -46.29 -9.09 -12.86
CA ARG D 358 -47.62 -9.64 -12.71
C ARG D 358 -47.65 -11.07 -13.21
N VAL D 359 -47.43 -11.26 -14.51
CA VAL D 359 -47.36 -12.61 -15.03
C VAL D 359 -46.03 -13.26 -14.69
N ALA D 360 -45.06 -12.48 -14.22
CA ALA D 360 -43.75 -13.06 -13.90
C ALA D 360 -43.74 -13.65 -12.51
N ASP D 361 -43.94 -12.81 -11.49
CA ASP D 361 -43.73 -13.26 -10.12
C ASP D 361 -44.66 -14.41 -9.77
N VAL D 362 -45.84 -14.45 -10.36
CA VAL D 362 -46.73 -15.59 -10.14
C VAL D 362 -46.03 -16.88 -10.53
N ILE D 363 -45.35 -16.87 -11.68
CA ILE D 363 -44.63 -18.07 -12.07
C ILE D 363 -43.42 -18.25 -11.19
N ALA D 364 -42.79 -17.16 -10.78
CA ALA D 364 -41.69 -17.27 -9.83
C ALA D 364 -42.13 -17.98 -8.57
N GLN D 365 -43.37 -17.73 -8.14
CA GLN D 365 -43.88 -18.41 -6.96
C GLN D 365 -44.15 -19.87 -7.24
N VAL D 366 -44.85 -20.17 -8.33
CA VAL D 366 -45.21 -21.54 -8.62
C VAL D 366 -44.02 -22.36 -9.10
N ALA D 367 -42.84 -21.73 -9.19
CA ALA D 367 -41.64 -22.44 -9.62
C ALA D 367 -41.42 -23.72 -8.84
N ASN D 368 -41.67 -23.70 -7.53
CA ASN D 368 -41.35 -24.83 -6.68
C ASN D 368 -42.48 -25.85 -6.59
N LEU D 369 -43.71 -25.45 -6.88
CA LEU D 369 -44.85 -26.36 -6.74
C LEU D 369 -44.80 -27.46 -7.79
N PRO D 370 -44.82 -28.73 -7.39
CA PRO D 370 -44.84 -29.81 -8.39
C PRO D 370 -46.10 -29.78 -9.23
N VAL D 371 -46.03 -30.46 -10.38
CA VAL D 371 -47.12 -30.38 -11.34
C VAL D 371 -48.37 -31.05 -10.77
N SER D 372 -49.53 -30.63 -11.29
CA SER D 372 -50.86 -31.06 -10.89
C SER D 372 -51.22 -30.61 -9.48
N ASP D 373 -50.32 -29.94 -8.77
CA ASP D 373 -50.60 -29.40 -7.46
C ASP D 373 -51.01 -27.94 -7.51
N ILE D 374 -51.56 -27.50 -8.64
CA ILE D 374 -51.91 -26.10 -8.84
C ILE D 374 -53.40 -25.99 -9.13
N THR D 375 -54.21 -25.79 -8.10
CA THR D 375 -55.64 -25.69 -8.31
C THR D 375 -56.02 -24.32 -8.84
N ILE D 376 -57.12 -24.29 -9.57
CA ILE D 376 -57.60 -23.04 -10.16
C ILE D 376 -57.99 -22.04 -9.09
N SER D 377 -58.23 -22.50 -7.86
CA SER D 377 -58.54 -21.60 -6.76
C SER D 377 -57.29 -20.92 -6.23
N LEU D 378 -56.22 -21.70 -6.03
CA LEU D 378 -54.91 -21.11 -5.76
C LEU D 378 -54.60 -20.00 -6.75
N ILE D 379 -54.79 -20.29 -8.04
CA ILE D 379 -54.56 -19.30 -9.08
C ILE D 379 -55.52 -18.14 -8.94
N GLN D 380 -56.79 -18.42 -8.66
CA GLN D 380 -57.79 -17.35 -8.59
C GLN D 380 -57.40 -16.31 -7.55
N GLN D 381 -57.13 -16.74 -6.32
CA GLN D 381 -56.69 -15.79 -5.32
C GLN D 381 -55.32 -15.20 -5.68
N LYS D 382 -54.46 -15.97 -6.34
CA LYS D 382 -53.16 -15.44 -6.71
C LYS D 382 -53.31 -14.26 -7.66
N LEU D 383 -53.91 -14.50 -8.82
CA LEU D 383 -54.14 -13.41 -9.76
C LEU D 383 -54.95 -12.29 -9.11
N SER D 384 -55.83 -12.63 -8.17
CA SER D 384 -56.64 -11.60 -7.53
C SER D 384 -55.79 -10.72 -6.64
N VAL D 385 -54.89 -11.33 -5.85
CA VAL D 385 -54.02 -10.54 -4.99
C VAL D 385 -52.92 -9.86 -5.79
N PHE D 386 -52.69 -10.29 -7.02
CA PHE D 386 -51.60 -9.71 -7.78
C PHE D 386 -52.07 -8.58 -8.69
N PHE D 387 -53.12 -8.82 -9.47
CA PHE D 387 -53.63 -7.77 -10.35
C PHE D 387 -54.22 -6.63 -9.54
N GLN D 388 -55.26 -6.92 -8.75
CA GLN D 388 -55.88 -6.00 -7.80
C GLN D 388 -56.53 -4.80 -8.47
N GLU D 389 -56.41 -4.67 -9.77
CA GLU D 389 -57.18 -3.68 -10.54
C GLU D 389 -58.09 -4.36 -11.54
N MET D 390 -57.55 -5.34 -12.28
CA MET D 390 -58.36 -6.24 -13.09
C MET D 390 -58.51 -7.60 -12.43
N PHE D 391 -58.22 -7.69 -11.13
CA PHE D 391 -58.17 -8.97 -10.43
C PHE D 391 -59.45 -9.77 -10.62
N GLU D 392 -60.57 -9.10 -10.89
CA GLU D 392 -61.85 -9.77 -10.95
C GLU D 392 -62.42 -9.84 -12.36
N THR D 393 -62.02 -8.97 -13.27
CA THR D 393 -62.65 -8.93 -14.58
C THR D 393 -62.41 -10.19 -15.40
N PHE D 394 -61.68 -11.16 -14.87
CA PHE D 394 -61.43 -12.41 -15.59
C PHE D 394 -62.64 -13.31 -15.49
N THR D 395 -63.15 -13.72 -16.64
CA THR D 395 -64.20 -14.72 -16.68
C THR D 395 -63.71 -16.04 -16.11
N GLU D 396 -64.64 -16.82 -15.60
CA GLU D 396 -64.32 -18.19 -15.23
C GLU D 396 -63.96 -19.02 -16.44
N SER D 397 -64.34 -18.57 -17.64
CA SER D 397 -64.01 -19.26 -18.87
C SER D 397 -62.60 -18.96 -19.37
N ARG D 398 -61.77 -18.33 -18.55
CA ARG D 398 -60.40 -18.09 -18.94
C ARG D 398 -59.43 -18.51 -17.83
N ILE D 399 -59.89 -18.49 -16.57
CA ILE D 399 -58.98 -18.84 -15.50
C ILE D 399 -58.64 -20.32 -15.57
N VAL D 400 -59.56 -21.15 -16.04
CA VAL D 400 -59.24 -22.55 -16.28
C VAL D 400 -58.28 -22.69 -17.44
N GLU D 401 -58.40 -21.81 -18.45
CA GLU D 401 -57.40 -21.75 -19.50
C GLU D 401 -56.03 -21.45 -18.92
N TRP D 402 -55.98 -20.54 -17.95
CA TRP D 402 -54.69 -20.13 -17.37
C TRP D 402 -54.10 -21.23 -16.52
N THR D 403 -54.95 -21.96 -15.79
CA THR D 403 -54.47 -23.14 -15.09
C THR D 403 -53.84 -24.12 -16.07
N LYS D 404 -54.51 -24.35 -17.20
CA LYS D 404 -53.95 -25.23 -18.23
C LYS D 404 -52.57 -24.75 -18.66
N LYS D 405 -52.47 -23.48 -19.05
CA LYS D 405 -51.21 -22.98 -19.59
C LYS D 405 -50.09 -23.08 -18.57
N ILE D 406 -50.32 -22.56 -17.37
CA ILE D 406 -49.23 -22.49 -16.40
C ILE D 406 -48.78 -23.88 -16.00
N GLN D 407 -49.73 -24.80 -15.82
CA GLN D 407 -49.35 -26.16 -15.46
C GLN D 407 -48.57 -26.82 -16.59
N ASP D 408 -48.93 -26.53 -17.84
CA ASP D 408 -48.17 -27.04 -18.96
C ASP D 408 -46.75 -26.50 -18.96
N ILE D 409 -46.59 -25.19 -18.77
CA ILE D 409 -45.27 -24.57 -18.80
C ILE D 409 -44.38 -25.18 -17.73
N VAL D 410 -44.86 -25.22 -16.50
CA VAL D 410 -44.03 -25.74 -15.42
C VAL D 410 -43.75 -27.23 -15.62
N ARG D 411 -44.55 -27.90 -16.45
CA ARG D 411 -44.27 -29.30 -16.74
C ARG D 411 -42.90 -29.46 -17.39
N ARG D 412 -42.59 -28.61 -18.38
CA ARG D 412 -41.32 -28.69 -19.09
C ARG D 412 -40.21 -28.19 -18.18
N ARG D 413 -39.80 -29.07 -17.25
CA ARG D 413 -38.99 -28.64 -16.12
C ARG D 413 -37.57 -28.26 -16.49
N GLN D 414 -37.22 -28.22 -17.77
CA GLN D 414 -35.86 -27.86 -18.17
C GLN D 414 -35.80 -26.54 -18.91
N LEU D 415 -36.67 -26.32 -19.87
CA LEU D 415 -36.58 -25.14 -20.72
C LEU D 415 -36.83 -23.85 -19.96
N LEU D 416 -37.17 -23.92 -18.68
CA LEU D 416 -37.48 -22.73 -17.91
C LEU D 416 -36.45 -22.53 -16.80
N THR D 417 -36.49 -21.35 -16.19
CA THR D 417 -35.56 -21.05 -15.11
C THR D 417 -36.04 -19.84 -14.34
N VAL D 418 -36.10 -19.98 -13.02
CA VAL D 418 -36.39 -18.88 -12.12
C VAL D 418 -35.13 -18.02 -12.05
N PHE D 419 -35.23 -16.85 -11.45
CA PHE D 419 -34.03 -16.10 -11.11
C PHE D 419 -33.72 -16.12 -9.62
N ARG D 420 -34.72 -15.92 -8.76
CA ARG D 420 -34.55 -15.89 -7.31
C ARG D 420 -33.56 -14.79 -6.89
N GLU D 421 -34.01 -13.56 -7.11
CA GLU D 421 -33.19 -12.37 -6.90
C GLU D 421 -32.59 -12.29 -5.50
N GLY D 422 -31.27 -12.39 -5.42
CA GLY D 422 -30.51 -12.20 -4.18
C GLY D 422 -30.22 -13.43 -3.35
N LYS D 423 -31.23 -14.27 -3.12
CA LYS D 423 -31.11 -15.32 -2.12
C LYS D 423 -30.20 -16.46 -2.60
N ASP D 424 -30.58 -17.14 -3.67
CA ASP D 424 -29.90 -18.35 -4.10
C ASP D 424 -29.51 -18.25 -5.56
N GLY D 425 -28.28 -18.66 -5.86
CA GLY D 425 -27.81 -18.74 -7.23
C GLY D 425 -27.81 -17.43 -7.98
N GLN D 426 -28.10 -16.34 -7.28
CA GLN D 426 -28.16 -15.02 -7.91
C GLN D 426 -26.77 -14.42 -8.04
N GLN D 427 -25.86 -15.18 -8.64
CA GLN D 427 -24.51 -14.67 -8.88
C GLN D 427 -24.56 -13.46 -9.79
N ASP D 428 -24.96 -13.67 -11.04
CA ASP D 428 -25.06 -12.55 -11.96
C ASP D 428 -26.01 -12.94 -13.08
N VAL D 429 -26.59 -11.92 -13.71
CA VAL D 429 -27.61 -12.17 -14.72
C VAL D 429 -27.01 -12.96 -15.88
N ASP D 430 -25.85 -12.53 -16.37
CA ASP D 430 -25.23 -13.19 -17.51
C ASP D 430 -25.10 -14.69 -17.28
N VAL D 431 -24.29 -15.08 -16.28
CA VAL D 431 -23.99 -16.48 -16.07
C VAL D 431 -25.27 -17.29 -15.99
N ALA D 432 -26.31 -16.70 -15.43
CA ALA D 432 -27.62 -17.35 -15.42
C ALA D 432 -28.08 -17.64 -16.84
N ILE D 433 -28.12 -16.60 -17.68
CA ILE D 433 -28.57 -16.80 -19.06
C ILE D 433 -27.72 -17.87 -19.73
N LEU D 434 -26.43 -17.87 -19.44
CA LEU D 434 -25.55 -18.85 -20.05
C LEU D 434 -25.97 -20.26 -19.65
N GLN D 435 -26.01 -20.53 -18.34
CA GLN D 435 -26.42 -21.85 -17.90
C GLN D 435 -27.79 -22.20 -18.46
N ALA D 436 -28.67 -21.20 -18.59
CA ALA D 436 -29.99 -21.45 -19.12
C ALA D 436 -29.90 -22.02 -20.52
N LEU D 437 -29.41 -21.20 -21.46
CA LEU D 437 -29.28 -21.64 -22.83
C LEU D 437 -28.47 -22.91 -22.94
N LEU D 438 -27.47 -23.06 -22.08
CA LEU D 438 -26.62 -24.23 -22.12
C LEU D 438 -27.39 -25.48 -21.76
N LYS D 439 -28.03 -25.47 -20.58
CA LYS D 439 -28.81 -26.63 -20.17
C LYS D 439 -29.84 -27.00 -21.21
N ALA D 440 -30.44 -25.99 -21.84
CA ALA D 440 -31.36 -26.25 -22.93
C ALA D 440 -30.70 -27.06 -24.03
N SER D 441 -29.60 -26.54 -24.56
CA SER D 441 -28.86 -27.25 -25.59
C SER D 441 -28.58 -28.68 -25.17
N ARG D 442 -28.17 -28.87 -23.93
CA ARG D 442 -27.83 -30.21 -23.45
C ARG D 442 -29.05 -31.11 -23.49
N SER D 443 -30.17 -30.63 -22.99
CA SER D 443 -31.38 -31.45 -22.95
C SER D 443 -31.82 -31.90 -24.32
N GLN D 444 -31.44 -31.18 -25.37
CA GLN D 444 -31.79 -31.60 -26.71
C GLN D 444 -31.30 -33.02 -26.95
N ASP D 445 -32.11 -33.80 -27.66
CA ASP D 445 -31.82 -35.22 -27.85
C ASP D 445 -30.57 -35.40 -28.70
N HIS D 446 -29.91 -36.55 -28.51
CA HIS D 446 -28.61 -36.80 -29.12
C HIS D 446 -28.37 -38.30 -29.15
N PHE D 447 -27.27 -38.68 -29.81
CA PHE D 447 -26.82 -40.07 -29.90
C PHE D 447 -25.30 -40.06 -29.84
N GLY D 448 -24.77 -40.27 -28.64
CA GLY D 448 -23.33 -40.26 -28.40
C GLY D 448 -22.99 -39.27 -27.32
N HIS D 449 -21.80 -38.66 -27.44
CA HIS D 449 -21.36 -37.62 -26.53
C HIS D 449 -20.90 -36.38 -27.28
N GLU D 450 -21.17 -36.29 -28.58
CA GLU D 450 -20.84 -35.10 -29.36
C GLU D 450 -21.65 -33.92 -28.87
N ASN D 451 -22.55 -34.17 -27.93
CA ASN D 451 -23.22 -33.06 -27.25
C ASN D 451 -22.24 -32.29 -26.38
N TRP D 452 -21.32 -32.99 -25.71
CA TRP D 452 -20.23 -32.28 -25.05
C TRP D 452 -19.46 -31.45 -26.06
N ASP D 453 -19.23 -32.02 -27.25
CA ASP D 453 -18.65 -31.24 -28.32
C ASP D 453 -19.48 -30.01 -28.58
N HIS D 454 -20.80 -30.15 -28.54
CA HIS D 454 -21.63 -29.00 -28.85
C HIS D 454 -21.55 -27.95 -27.77
N GLN D 455 -21.64 -28.35 -26.51
CA GLN D 455 -21.50 -27.41 -25.42
C GLN D 455 -20.18 -26.67 -25.53
N LEU D 456 -19.11 -27.39 -25.85
CA LEU D 456 -17.80 -26.78 -25.86
C LEU D 456 -17.65 -25.85 -27.04
N LYS D 457 -18.02 -26.32 -28.23
CA LYS D 457 -17.98 -25.48 -29.41
C LYS D 457 -18.67 -24.17 -29.14
N LEU D 458 -19.77 -24.21 -28.39
CA LEU D 458 -20.43 -22.96 -28.02
C LEU D 458 -19.56 -22.16 -27.07
N ALA D 459 -19.24 -22.73 -25.91
CA ALA D 459 -18.59 -21.97 -24.84
C ALA D 459 -17.36 -21.25 -25.34
N VAL D 460 -16.77 -21.74 -26.42
CA VAL D 460 -15.62 -21.08 -27.02
C VAL D 460 -16.04 -20.22 -28.21
N ALA D 461 -17.16 -20.51 -28.85
CA ALA D 461 -17.68 -19.58 -29.83
C ALA D 461 -17.88 -18.22 -29.22
N TRP D 462 -18.72 -18.14 -28.19
CA TRP D 462 -18.66 -17.02 -27.28
C TRP D 462 -17.29 -17.02 -26.61
N ASN D 463 -16.76 -15.84 -26.37
CA ASN D 463 -15.36 -15.78 -25.99
C ASN D 463 -15.13 -16.29 -24.59
N ARG D 464 -16.08 -16.17 -23.69
CA ARG D 464 -15.78 -16.41 -22.29
C ARG D 464 -15.48 -17.89 -22.05
N VAL D 465 -14.55 -18.13 -21.14
CA VAL D 465 -14.02 -19.45 -20.88
C VAL D 465 -14.50 -20.00 -19.54
N ASP D 466 -14.66 -19.13 -18.56
CA ASP D 466 -15.06 -19.49 -17.20
C ASP D 466 -16.09 -20.59 -17.20
N ILE D 467 -17.03 -20.51 -18.14
CA ILE D 467 -18.10 -21.48 -18.25
C ILE D 467 -17.53 -22.87 -18.40
N ALA D 468 -16.77 -23.09 -19.47
CA ALA D 468 -16.33 -24.44 -19.80
C ALA D 468 -15.46 -25.02 -18.68
N ARG D 469 -14.47 -24.26 -18.24
CA ARG D 469 -13.64 -24.75 -17.15
C ARG D 469 -14.44 -24.98 -15.90
N SER D 470 -15.57 -24.30 -15.77
CA SER D 470 -16.41 -24.52 -14.59
C SER D 470 -17.17 -25.82 -14.70
N GLU D 471 -17.76 -26.09 -15.86
CA GLU D 471 -18.68 -27.20 -15.91
C GLU D 471 -18.44 -28.18 -17.06
N ILE D 472 -18.07 -27.68 -18.25
CA ILE D 472 -17.91 -28.58 -19.38
C ILE D 472 -16.88 -29.65 -19.07
N PHE D 473 -15.84 -29.28 -18.33
CA PHE D 473 -14.78 -30.20 -17.98
C PHE D 473 -14.83 -30.59 -16.51
N MET D 474 -16.01 -30.56 -15.92
CA MET D 474 -16.12 -30.94 -14.51
C MET D 474 -15.91 -32.44 -14.39
N ASP D 475 -16.81 -33.21 -14.98
CA ASP D 475 -16.75 -34.68 -14.96
C ASP D 475 -17.85 -35.18 -15.89
N GLU D 476 -18.12 -36.48 -15.82
CA GLU D 476 -19.26 -37.15 -16.45
C GLU D 476 -19.12 -37.31 -17.95
N TRP D 477 -18.01 -36.88 -18.54
CA TRP D 477 -17.74 -37.16 -19.93
C TRP D 477 -16.67 -38.21 -20.14
N GLN D 478 -15.58 -38.15 -19.38
CA GLN D 478 -14.44 -39.05 -19.57
C GLN D 478 -13.96 -39.01 -21.02
N TRP D 479 -13.87 -37.80 -21.56
CA TRP D 479 -13.42 -37.60 -22.92
C TRP D 479 -12.01 -38.12 -23.09
N LYS D 480 -11.55 -38.09 -24.33
CA LYS D 480 -10.19 -38.45 -24.66
C LYS D 480 -9.50 -37.29 -25.36
N PRO D 481 -8.32 -36.86 -24.90
CA PRO D 481 -7.70 -35.64 -25.45
C PRO D 481 -7.59 -35.64 -26.95
N SER D 482 -7.48 -36.79 -27.59
CA SER D 482 -7.51 -36.77 -29.04
C SER D 482 -8.84 -36.36 -29.61
N ASP D 483 -9.81 -36.00 -28.77
CA ASP D 483 -11.12 -35.57 -29.24
C ASP D 483 -11.31 -34.08 -29.07
N LEU D 484 -10.24 -33.31 -29.20
CA LEU D 484 -10.32 -31.87 -29.09
C LEU D 484 -9.68 -31.14 -30.24
N HIS D 485 -8.94 -31.85 -31.08
CA HIS D 485 -8.12 -31.17 -32.08
C HIS D 485 -8.92 -30.24 -32.97
N PRO D 486 -10.13 -30.56 -33.40
CA PRO D 486 -10.92 -29.55 -34.12
C PRO D 486 -11.08 -28.28 -33.32
N THR D 487 -11.41 -28.41 -32.04
CA THR D 487 -11.55 -27.24 -31.21
C THR D 487 -10.23 -26.50 -31.08
N MET D 488 -9.18 -27.20 -30.64
CA MET D 488 -7.87 -26.59 -30.51
C MET D 488 -7.54 -25.77 -31.73
N THR D 489 -7.77 -26.35 -32.92
CA THR D 489 -7.59 -25.62 -34.16
C THR D 489 -8.24 -24.27 -34.09
N ALA D 490 -9.56 -24.25 -33.91
CA ALA D 490 -10.26 -22.98 -33.90
C ALA D 490 -9.81 -22.11 -32.74
N ALA D 491 -9.33 -22.71 -31.67
CA ALA D 491 -8.84 -21.92 -30.55
C ALA D 491 -7.65 -21.09 -30.96
N LEU D 492 -6.76 -21.68 -31.77
CA LEU D 492 -5.59 -20.95 -32.22
C LEU D 492 -5.97 -19.91 -33.25
N ILE D 493 -6.49 -20.35 -34.40
CA ILE D 493 -6.68 -19.45 -35.53
C ILE D 493 -7.33 -18.16 -35.08
N SER D 494 -8.08 -18.21 -34.00
CA SER D 494 -8.80 -17.07 -33.51
C SER D 494 -8.04 -16.30 -32.44
N ASN D 495 -6.82 -16.72 -32.12
CA ASN D 495 -6.01 -16.02 -31.12
C ASN D 495 -6.74 -15.94 -29.79
N LYS D 496 -6.96 -17.10 -29.19
CA LYS D 496 -7.59 -17.18 -27.87
C LYS D 496 -6.69 -18.04 -26.99
N PRO D 497 -5.77 -17.40 -26.28
CA PRO D 497 -4.77 -18.17 -25.54
C PRO D 497 -5.35 -18.94 -24.38
N GLU D 498 -6.37 -18.40 -23.71
CA GLU D 498 -6.86 -19.00 -22.48
C GLU D 498 -7.29 -20.44 -22.72
N PHE D 499 -8.08 -20.66 -23.76
CA PHE D 499 -8.49 -22.02 -24.07
C PHE D 499 -7.30 -22.90 -24.34
N VAL D 500 -6.23 -22.34 -24.91
CA VAL D 500 -5.05 -23.15 -25.16
C VAL D 500 -4.47 -23.63 -23.85
N LYS D 501 -4.23 -22.70 -22.93
CA LYS D 501 -3.79 -23.09 -21.60
C LYS D 501 -4.70 -24.16 -21.04
N LEU D 502 -5.99 -24.02 -21.29
CA LEU D 502 -6.94 -24.97 -20.76
C LEU D 502 -6.65 -26.37 -21.28
N PHE D 503 -6.80 -26.57 -22.57
CA PHE D 503 -6.63 -27.92 -23.12
C PHE D 503 -5.25 -28.46 -22.85
N LEU D 504 -4.29 -27.60 -22.55
CA LEU D 504 -3.00 -28.08 -22.08
C LEU D 504 -3.14 -28.64 -20.67
N GLU D 505 -3.84 -27.92 -19.80
CA GLU D 505 -4.05 -28.44 -18.45
C GLU D 505 -4.76 -29.78 -18.50
N ASN D 506 -5.69 -29.94 -19.43
CA ASN D 506 -6.31 -31.23 -19.66
C ASN D 506 -5.56 -32.05 -20.68
N GLY D 507 -4.31 -31.70 -20.94
CA GLY D 507 -3.42 -32.60 -21.62
C GLY D 507 -3.77 -32.92 -23.05
N VAL D 508 -3.66 -31.94 -23.93
CA VAL D 508 -3.50 -32.20 -25.35
C VAL D 508 -2.02 -32.17 -25.65
N GLN D 509 -1.53 -33.17 -26.38
CA GLN D 509 -0.10 -33.35 -26.56
C GLN D 509 0.32 -32.67 -27.86
N LEU D 510 0.95 -31.51 -27.70
CA LEU D 510 1.43 -30.76 -28.85
C LEU D 510 2.11 -31.66 -29.85
N LYS D 511 3.13 -32.39 -29.38
CA LYS D 511 3.88 -33.25 -30.28
C LYS D 511 2.95 -34.22 -30.99
N GLU D 512 1.99 -34.77 -30.26
CA GLU D 512 1.00 -35.61 -30.90
C GLU D 512 0.05 -34.81 -31.75
N PHE D 513 -0.01 -33.51 -31.56
CA PHE D 513 -1.05 -32.71 -32.17
C PHE D 513 -0.62 -32.04 -33.46
N VAL D 514 0.49 -31.31 -33.45
CA VAL D 514 0.71 -30.39 -34.55
C VAL D 514 1.25 -31.18 -35.71
N THR D 515 0.36 -31.87 -36.40
CA THR D 515 0.81 -32.76 -37.45
C THR D 515 1.07 -31.96 -38.71
N TRP D 516 1.31 -32.66 -39.81
CA TRP D 516 1.69 -31.97 -41.03
C TRP D 516 0.51 -31.24 -41.64
N ASP D 517 -0.57 -31.97 -41.93
CA ASP D 517 -1.71 -31.36 -42.61
C ASP D 517 -2.27 -30.22 -41.77
N THR D 518 -2.52 -30.47 -40.49
CA THR D 518 -2.97 -29.40 -39.62
C THR D 518 -2.04 -28.22 -39.70
N LEU D 519 -0.75 -28.48 -39.74
CA LEU D 519 0.20 -27.38 -39.90
C LEU D 519 -0.07 -26.64 -41.19
N LEU D 520 -0.18 -27.38 -42.29
CA LEU D 520 -0.49 -26.75 -43.57
C LEU D 520 -1.75 -25.91 -43.45
N TYR D 521 -2.72 -26.41 -42.71
CA TYR D 521 -3.94 -25.66 -42.47
C TYR D 521 -3.61 -24.32 -41.84
N LEU D 522 -3.06 -24.35 -40.64
CA LEU D 522 -2.79 -23.13 -39.90
C LEU D 522 -2.03 -22.11 -40.70
N TYR D 523 -1.31 -22.56 -41.72
CA TYR D 523 -0.62 -21.61 -42.57
C TYR D 523 -1.49 -21.14 -43.72
N GLU D 524 -2.74 -21.52 -43.74
CA GLU D 524 -3.63 -20.99 -44.74
C GLU D 524 -4.48 -19.86 -44.22
N ASN D 525 -4.65 -19.76 -42.91
CA ASN D 525 -5.58 -18.77 -42.39
C ASN D 525 -4.91 -17.83 -41.42
N LEU D 526 -3.70 -17.40 -41.74
CA LEU D 526 -3.12 -16.35 -40.93
C LEU D 526 -3.96 -15.10 -41.06
N ASP D 527 -3.84 -14.21 -40.08
CA ASP D 527 -4.64 -13.01 -40.16
C ASP D 527 -4.25 -12.23 -41.40
N PRO D 528 -5.20 -11.86 -42.25
CA PRO D 528 -4.85 -11.36 -43.58
C PRO D 528 -4.06 -10.07 -43.53
N SER D 529 -4.16 -9.32 -42.45
CA SER D 529 -3.47 -8.04 -42.40
C SER D 529 -1.96 -8.18 -42.29
N CYS D 530 -1.47 -9.32 -41.78
CA CYS D 530 -0.05 -9.39 -41.42
C CYS D 530 0.84 -9.34 -42.65
N LEU D 531 1.96 -8.63 -42.51
CA LEU D 531 2.88 -8.44 -43.61
C LEU D 531 3.31 -9.77 -44.21
N PHE D 532 3.60 -10.73 -43.34
CA PHE D 532 3.93 -12.07 -43.77
C PHE D 532 2.94 -12.57 -44.81
N HIS D 533 1.65 -12.35 -44.54
CA HIS D 533 0.61 -12.88 -45.41
C HIS D 533 0.71 -12.30 -46.80
N SER D 534 0.91 -10.99 -46.88
CA SER D 534 1.09 -10.36 -48.18
C SER D 534 2.25 -10.99 -48.93
N LYS D 535 3.42 -11.04 -48.28
CA LYS D 535 4.58 -11.61 -48.94
C LYS D 535 4.28 -13.00 -49.43
N LEU D 536 3.55 -13.78 -48.64
CA LEU D 536 3.26 -15.15 -49.04
C LEU D 536 2.45 -15.17 -50.31
N GLN D 537 1.40 -14.36 -50.39
CA GLN D 537 0.63 -14.32 -51.62
C GLN D 537 1.52 -14.05 -52.81
N LYS D 538 2.38 -13.04 -52.68
CA LYS D 538 3.27 -12.71 -53.79
C LYS D 538 4.06 -13.93 -54.21
N VAL D 539 4.87 -14.47 -53.30
CA VAL D 539 5.73 -15.59 -53.66
C VAL D 539 4.92 -16.77 -54.16
N LEU D 540 3.64 -16.84 -53.79
CA LEU D 540 2.82 -17.93 -54.30
C LEU D 540 2.62 -17.76 -55.79
N VAL D 541 2.16 -16.58 -56.21
CA VAL D 541 1.90 -16.41 -57.63
C VAL D 541 3.19 -16.24 -58.40
N GLU D 542 4.25 -15.84 -57.71
CA GLU D 542 5.55 -15.78 -58.35
C GLU D 542 6.06 -17.16 -58.72
N ASP D 543 5.49 -18.22 -58.17
CA ASP D 543 5.93 -19.55 -58.50
C ASP D 543 5.68 -19.82 -59.98
N PRO D 544 6.64 -20.39 -60.69
CA PRO D 544 6.41 -20.70 -62.11
C PRO D 544 5.63 -21.98 -62.30
N GLU D 545 5.89 -22.99 -61.47
CA GLU D 545 5.36 -24.32 -61.73
C GLU D 545 3.88 -24.41 -61.43
N ARG D 546 3.36 -23.57 -60.54
CA ARG D 546 1.96 -23.72 -60.15
C ARG D 546 1.01 -23.20 -61.22
N PRO D 547 1.11 -21.96 -61.71
CA PRO D 547 0.31 -21.59 -62.88
C PRO D 547 0.65 -22.41 -64.10
N ALA D 548 1.77 -23.13 -64.09
CA ALA D 548 1.99 -24.17 -65.07
C ALA D 548 1.11 -25.38 -64.80
N CYS D 549 0.90 -25.72 -63.53
CA CYS D 549 0.02 -26.82 -63.19
C CYS D 549 -1.44 -26.42 -63.38
N ALA D 550 -1.88 -25.39 -62.68
CA ALA D 550 -3.22 -24.85 -62.86
C ALA D 550 -3.24 -23.38 -62.47
N PRO D 551 -3.32 -22.47 -63.44
CA PRO D 551 -3.38 -21.04 -63.10
C PRO D 551 -4.64 -20.64 -62.36
N ALA D 552 -5.59 -21.55 -62.18
CA ALA D 552 -6.83 -21.25 -61.47
C ALA D 552 -6.81 -21.65 -60.01
N ALA D 553 -5.97 -22.61 -59.62
CA ALA D 553 -5.92 -23.11 -58.25
C ALA D 553 -4.47 -23.10 -57.78
N PRO D 554 -3.96 -21.96 -57.37
CA PRO D 554 -2.60 -21.94 -56.83
C PRO D 554 -2.57 -22.62 -55.49
N ARG D 555 -2.04 -23.84 -55.47
CA ARG D 555 -2.05 -24.66 -54.27
C ARG D 555 -1.00 -24.11 -53.32
N LEU D 556 -1.44 -23.57 -52.20
CA LEU D 556 -0.47 -23.09 -51.23
C LEU D 556 0.37 -24.26 -50.78
N GLN D 557 1.62 -24.31 -51.21
CA GLN D 557 2.47 -25.44 -50.93
C GLN D 557 3.48 -25.10 -49.86
N MET D 558 3.68 -26.03 -48.93
CA MET D 558 4.40 -25.74 -47.71
C MET D 558 5.76 -25.11 -47.99
N HIS D 559 6.48 -25.63 -48.97
CA HIS D 559 7.84 -25.15 -49.15
C HIS D 559 7.88 -23.69 -49.57
N HIS D 560 6.79 -23.14 -50.08
CA HIS D 560 6.76 -21.69 -50.27
C HIS D 560 7.07 -21.00 -48.96
N VAL D 561 6.32 -21.36 -47.91
CA VAL D 561 6.61 -20.87 -46.59
C VAL D 561 8.08 -21.03 -46.27
N ALA D 562 8.63 -22.18 -46.60
CA ALA D 562 10.06 -22.33 -46.38
C ALA D 562 10.83 -21.24 -47.11
N GLN D 563 10.43 -20.94 -48.33
CA GLN D 563 11.21 -20.01 -49.14
C GLN D 563 11.20 -18.63 -48.52
N VAL D 564 10.02 -18.08 -48.26
CA VAL D 564 9.97 -16.77 -47.63
C VAL D 564 10.71 -16.77 -46.32
N LEU D 565 10.67 -17.89 -45.59
CA LEU D 565 11.41 -17.94 -44.35
C LEU D 565 12.90 -17.81 -44.59
N ARG D 566 13.43 -18.58 -45.54
CA ARG D 566 14.86 -18.49 -45.81
C ARG D 566 15.25 -17.06 -46.14
N GLU D 567 14.42 -16.36 -46.88
CA GLU D 567 14.73 -14.97 -47.17
C GLU D 567 14.77 -14.14 -45.90
N LEU D 568 13.79 -14.36 -45.02
CA LEU D 568 13.75 -13.57 -43.79
C LEU D 568 14.90 -13.93 -42.87
N LEU D 569 15.24 -15.20 -42.78
CA LEU D 569 16.18 -15.65 -41.77
C LEU D 569 17.60 -15.32 -42.17
N GLY D 570 17.95 -15.54 -43.41
CA GLY D 570 19.28 -15.26 -43.89
C GLY D 570 19.64 -16.19 -45.03
N ASP D 571 20.65 -15.80 -45.78
CA ASP D 571 21.07 -16.63 -46.90
C ASP D 571 21.94 -17.80 -46.46
N PHE D 572 22.40 -17.81 -45.22
CA PHE D 572 23.36 -18.81 -44.80
C PHE D 572 22.73 -20.07 -44.26
N THR D 573 21.45 -20.06 -43.93
CA THR D 573 20.80 -21.24 -43.43
C THR D 573 20.34 -22.12 -44.59
N GLN D 574 19.49 -23.09 -44.29
CA GLN D 574 18.91 -23.97 -45.28
C GLN D 574 17.41 -23.78 -45.34
N PRO D 575 16.75 -24.27 -46.37
CA PRO D 575 15.29 -24.20 -46.40
C PRO D 575 14.72 -25.11 -45.32
N LEU D 576 13.95 -24.53 -44.42
CA LEU D 576 13.51 -25.31 -43.27
C LEU D 576 12.61 -26.45 -43.69
N TYR D 577 11.92 -26.32 -44.80
CA TYR D 577 11.09 -27.43 -45.19
C TYR D 577 11.47 -27.92 -46.57
N PRO D 578 11.39 -29.21 -46.80
CA PRO D 578 11.91 -29.76 -48.05
C PRO D 578 10.98 -29.50 -49.21
N ARG D 579 11.52 -29.58 -50.35
CA ARG D 579 10.77 -29.50 -51.60
C ARG D 579 10.44 -30.90 -52.08
N PRO D 580 9.20 -31.18 -52.41
CA PRO D 580 8.88 -32.49 -52.97
C PRO D 580 9.34 -32.64 -54.41
N ARG D 581 9.00 -33.75 -55.05
CA ARG D 581 9.34 -33.95 -56.45
C ARG D 581 8.37 -34.94 -57.09
N HIS D 614 -2.27 -41.92 -43.67
CA HIS D 614 -1.37 -42.01 -42.53
C HIS D 614 -0.68 -40.69 -42.28
N VAL D 615 -0.62 -40.29 -41.01
CA VAL D 615 -0.07 -38.99 -40.65
C VAL D 615 1.45 -39.04 -40.64
N THR D 616 2.06 -37.86 -40.57
CA THR D 616 3.51 -37.78 -40.47
C THR D 616 3.88 -36.43 -39.87
N PHE D 617 4.32 -36.44 -38.61
CA PHE D 617 4.91 -35.22 -38.12
C PHE D 617 6.22 -34.96 -38.85
N THR D 618 6.83 -33.82 -38.54
CA THR D 618 8.21 -33.56 -38.90
C THR D 618 9.04 -33.47 -37.65
N MET D 619 10.36 -33.44 -37.85
CA MET D 619 11.26 -33.26 -36.72
C MET D 619 10.91 -31.98 -35.98
N ASP D 620 10.69 -32.10 -34.68
CA ASP D 620 10.33 -30.99 -33.81
C ASP D 620 9.16 -30.22 -34.39
N PRO D 621 7.95 -30.74 -34.31
CA PRO D 621 6.81 -29.94 -34.73
C PRO D 621 6.74 -28.64 -33.97
N ILE D 622 7.11 -28.65 -32.70
CA ILE D 622 6.90 -27.49 -31.85
C ILE D 622 7.52 -26.26 -32.46
N ARG D 623 8.69 -26.38 -33.09
CA ARG D 623 9.27 -25.19 -33.71
C ARG D 623 8.35 -24.65 -34.79
N ASP D 624 7.71 -25.54 -35.55
CA ASP D 624 6.84 -25.07 -36.62
C ASP D 624 5.71 -24.25 -36.05
N LEU D 625 5.06 -24.78 -35.03
CA LEU D 625 4.09 -23.98 -34.30
C LEU D 625 4.70 -22.67 -33.90
N LEU D 626 5.93 -22.71 -33.42
CA LEU D 626 6.51 -21.50 -32.86
C LEU D 626 6.62 -20.41 -33.91
N ILE D 627 7.02 -20.77 -35.13
CA ILE D 627 7.15 -19.77 -36.17
C ILE D 627 5.79 -19.19 -36.51
N TRP D 628 4.84 -20.05 -36.89
CA TRP D 628 3.54 -19.56 -37.28
C TRP D 628 2.90 -18.72 -36.21
N ALA D 629 3.30 -18.90 -34.97
CA ALA D 629 2.80 -17.96 -34.00
C ALA D 629 3.58 -16.67 -34.00
N ILE D 630 4.86 -16.71 -34.33
CA ILE D 630 5.67 -15.50 -34.22
C ILE D 630 5.30 -14.52 -35.31
N VAL D 631 5.37 -14.96 -36.55
CA VAL D 631 5.24 -14.04 -37.68
C VAL D 631 3.97 -13.23 -37.59
N GLN D 632 2.95 -13.71 -36.90
CA GLN D 632 1.72 -12.98 -36.77
C GLN D 632 1.70 -12.12 -35.52
N ASN D 633 2.83 -11.93 -34.89
CA ASN D 633 2.95 -11.08 -33.70
C ASN D 633 1.88 -11.44 -32.68
N ARG D 634 1.88 -12.68 -32.27
CA ARG D 634 1.02 -13.14 -31.20
C ARG D 634 1.89 -13.35 -29.98
N ARG D 635 1.94 -12.34 -29.13
CA ARG D 635 2.83 -12.38 -27.99
C ARG D 635 2.52 -13.55 -27.07
N GLU D 636 1.36 -13.53 -26.45
CA GLU D 636 1.04 -14.50 -25.41
C GLU D 636 1.16 -15.93 -25.92
N LEU D 637 0.62 -16.20 -27.10
CA LEU D 637 0.76 -17.53 -27.68
C LEU D 637 2.21 -17.95 -27.75
N ALA D 638 3.05 -17.10 -28.33
CA ALA D 638 4.46 -17.44 -28.45
C ALA D 638 5.03 -17.83 -27.11
N GLY D 639 4.99 -16.90 -26.16
CA GLY D 639 5.53 -17.14 -24.85
C GLY D 639 5.12 -18.48 -24.28
N ILE D 640 3.88 -18.86 -24.52
CA ILE D 640 3.43 -20.17 -24.04
C ILE D 640 4.23 -21.26 -24.70
N ILE D 641 4.26 -21.27 -26.03
CA ILE D 641 4.81 -22.42 -26.72
C ILE D 641 6.29 -22.56 -26.46
N TRP D 642 7.02 -21.44 -26.46
CA TRP D 642 8.47 -21.54 -26.37
C TRP D 642 8.89 -22.27 -25.13
N ALA D 643 8.14 -22.09 -24.03
CA ALA D 643 8.47 -22.79 -22.80
C ALA D 643 8.56 -24.27 -23.01
N GLN D 644 7.96 -24.79 -24.07
CA GLN D 644 8.02 -26.21 -24.37
C GLN D 644 8.84 -26.50 -25.60
N SER D 645 9.76 -25.62 -25.95
CA SER D 645 10.56 -25.89 -27.12
C SER D 645 11.66 -26.88 -26.77
N GLN D 646 12.36 -27.33 -27.80
CA GLN D 646 13.29 -28.44 -27.65
C GLN D 646 14.70 -27.98 -27.32
N ASP D 647 15.24 -27.06 -28.10
CA ASP D 647 16.58 -26.52 -27.86
C ASP D 647 16.49 -25.01 -27.75
N CYS D 648 16.16 -24.53 -26.56
CA CYS D 648 15.55 -23.21 -26.47
C CYS D 648 16.46 -22.12 -26.99
N ILE D 649 17.77 -22.25 -26.79
CA ILE D 649 18.68 -21.15 -27.11
C ILE D 649 18.58 -20.77 -28.57
N ALA D 650 18.83 -21.72 -29.45
CA ALA D 650 18.70 -21.44 -30.87
C ALA D 650 17.34 -20.88 -31.20
N ALA D 651 16.30 -21.45 -30.59
CA ALA D 651 14.96 -21.00 -30.89
C ALA D 651 14.82 -19.52 -30.60
N ALA D 652 15.09 -19.13 -29.37
CA ALA D 652 14.99 -17.73 -29.00
C ALA D 652 15.74 -16.86 -29.98
N LEU D 653 16.94 -17.27 -30.34
CA LEU D 653 17.74 -16.43 -31.22
C LEU D 653 17.08 -16.29 -32.57
N ALA D 654 16.70 -17.40 -33.19
CA ALA D 654 16.08 -17.31 -34.49
C ALA D 654 14.87 -16.39 -34.45
N CYS D 655 14.11 -16.46 -33.36
CA CYS D 655 12.95 -15.58 -33.25
C CYS D 655 13.39 -14.13 -33.22
N SER D 656 14.39 -13.83 -32.40
CA SER D 656 14.93 -12.48 -32.39
C SER D 656 15.29 -12.03 -33.79
N LYS D 657 15.97 -12.90 -34.53
CA LYS D 657 16.42 -12.52 -35.85
C LYS D 657 15.25 -12.20 -36.76
N ILE D 658 14.28 -13.10 -36.85
CA ILE D 658 13.13 -12.86 -37.70
C ILE D 658 12.49 -11.54 -37.33
N LEU D 659 12.16 -11.38 -36.06
CA LEU D 659 11.41 -10.21 -35.66
C LEU D 659 12.17 -8.94 -36.03
N LYS D 660 13.44 -8.88 -35.71
CA LYS D 660 14.18 -7.69 -36.08
C LYS D 660 14.15 -7.47 -37.58
N GLU D 661 14.15 -8.55 -38.36
CA GLU D 661 14.03 -8.40 -39.79
C GLU D 661 12.69 -7.81 -40.16
N LEU D 662 11.63 -8.44 -39.68
CA LEU D 662 10.30 -8.09 -40.12
C LEU D 662 9.91 -6.70 -39.65
N SER D 663 10.51 -6.27 -38.57
CA SER D 663 10.19 -4.96 -38.03
C SER D 663 10.81 -3.84 -38.82
N LYS D 664 11.36 -4.12 -39.99
CA LYS D 664 11.89 -3.02 -40.79
C LYS D 664 10.91 -2.57 -41.85
N GLU D 665 10.21 -3.48 -42.48
CA GLU D 665 9.45 -3.16 -43.67
C GLU D 665 7.96 -3.26 -43.41
N GLU D 666 7.53 -2.84 -42.23
CA GLU D 666 6.14 -3.04 -41.88
C GLU D 666 5.24 -1.86 -42.25
N GLU D 667 5.81 -0.68 -42.50
CA GLU D 667 5.06 0.47 -42.96
C GLU D 667 3.92 0.86 -42.02
N ASP D 668 3.98 0.41 -40.78
CA ASP D 668 3.04 0.87 -39.75
C ASP D 668 3.80 1.09 -38.46
N THR D 669 3.45 2.16 -37.76
CA THR D 669 4.26 2.51 -36.61
C THR D 669 4.01 1.58 -35.44
N ASP D 670 2.78 1.58 -34.91
CA ASP D 670 2.51 0.92 -33.65
C ASP D 670 2.92 -0.54 -33.69
N SER D 671 2.56 -1.22 -34.77
CA SER D 671 2.93 -2.62 -34.90
C SER D 671 4.44 -2.81 -34.97
N SER D 672 5.14 -1.96 -35.71
CA SER D 672 6.59 -2.13 -35.79
C SER D 672 7.22 -2.01 -34.42
N GLU D 673 6.82 -1.00 -33.67
CA GLU D 673 7.38 -0.83 -32.33
C GLU D 673 7.10 -2.06 -31.48
N GLU D 674 5.84 -2.52 -31.46
CA GLU D 674 5.50 -3.69 -30.69
C GLU D 674 6.39 -4.86 -31.09
N MET D 675 6.57 -5.06 -32.39
CA MET D 675 7.43 -6.12 -32.85
C MET D 675 8.82 -6.00 -32.26
N LEU D 676 9.49 -4.89 -32.54
CA LEU D 676 10.85 -4.73 -32.10
C LEU D 676 11.01 -5.05 -30.64
N ALA D 677 10.08 -4.55 -29.82
CA ALA D 677 10.17 -4.82 -28.39
C ALA D 677 10.11 -6.31 -28.11
N LEU D 678 9.19 -7.00 -28.76
CA LEU D 678 9.13 -8.44 -28.60
C LEU D 678 10.48 -9.06 -28.90
N ALA D 679 11.10 -8.63 -29.99
CA ALA D 679 12.35 -9.23 -30.41
C ALA D 679 13.37 -9.18 -29.29
N GLU D 680 13.64 -7.98 -28.79
CA GLU D 680 14.65 -7.88 -27.77
C GLU D 680 14.24 -8.63 -26.52
N GLU D 681 12.93 -8.76 -26.30
CA GLU D 681 12.49 -9.57 -25.17
C GLU D 681 12.99 -11.00 -25.30
N TYR D 682 12.98 -11.53 -26.51
CA TYR D 682 13.48 -12.89 -26.63
C TYR D 682 14.96 -12.99 -26.38
N GLU D 683 15.75 -12.03 -26.85
CA GLU D 683 17.17 -12.19 -26.58
C GLU D 683 17.41 -12.18 -25.08
N HIS D 684 16.57 -11.48 -24.33
CA HIS D 684 16.69 -11.59 -22.89
C HIS D 684 16.42 -13.01 -22.44
N ARG D 685 15.46 -13.67 -23.06
CA ARG D 685 15.25 -15.07 -22.70
C ARG D 685 16.50 -15.87 -22.98
N ALA D 686 17.08 -15.71 -24.16
CA ALA D 686 18.25 -16.51 -24.51
C ALA D 686 19.34 -16.33 -23.50
N ILE D 687 19.75 -15.09 -23.26
CA ILE D 687 20.69 -14.83 -22.19
C ILE D 687 20.26 -15.52 -20.93
N GLY D 688 18.98 -15.41 -20.59
CA GLY D 688 18.53 -15.96 -19.32
C GLY D 688 18.83 -17.44 -19.19
N VAL D 689 18.59 -18.19 -20.26
CA VAL D 689 18.88 -19.62 -20.19
C VAL D 689 20.37 -19.84 -20.12
N PHE D 690 21.11 -19.16 -20.99
CA PHE D 690 22.51 -19.49 -21.12
C PHE D 690 23.29 -19.15 -19.87
N THR D 691 23.04 -17.97 -19.31
CA THR D 691 23.77 -17.61 -18.10
C THR D 691 23.60 -18.68 -17.05
N GLU D 692 22.42 -19.27 -16.97
CA GLU D 692 22.23 -20.37 -16.05
C GLU D 692 23.11 -21.55 -16.44
N CYS D 693 22.85 -22.08 -17.63
CA CYS D 693 23.54 -23.28 -18.07
C CYS D 693 25.04 -23.14 -17.98
N TYR D 694 25.55 -21.92 -18.04
CA TYR D 694 26.97 -21.73 -17.87
C TYR D 694 27.32 -21.72 -16.40
N ARG D 695 26.50 -21.07 -15.58
CA ARG D 695 26.80 -21.00 -14.16
C ARG D 695 26.97 -22.39 -13.58
N LYS D 696 26.28 -23.37 -14.13
CA LYS D 696 26.52 -24.73 -13.66
C LYS D 696 27.85 -25.25 -14.15
N ASP D 697 27.98 -25.41 -15.45
CA ASP D 697 29.18 -25.96 -16.05
C ASP D 697 29.74 -24.97 -17.06
N GLU D 698 31.05 -24.99 -17.21
CA GLU D 698 31.71 -24.15 -18.20
C GLU D 698 31.97 -24.91 -19.49
N GLU D 699 32.74 -26.00 -19.41
CA GLU D 699 33.18 -26.68 -20.63
C GLU D 699 32.00 -27.07 -21.49
N ARG D 700 30.98 -27.67 -20.89
CA ARG D 700 29.81 -28.03 -21.68
C ARG D 700 29.12 -26.80 -22.22
N ALA D 701 29.01 -25.75 -21.41
CA ALA D 701 28.41 -24.52 -21.89
C ALA D 701 29.10 -24.04 -23.16
N GLN D 702 30.42 -24.12 -23.19
CA GLN D 702 31.13 -23.80 -24.42
C GLN D 702 30.71 -24.73 -25.54
N LYS D 703 30.71 -26.03 -25.29
CA LYS D 703 30.31 -26.99 -26.32
C LYS D 703 28.98 -26.61 -26.93
N LEU D 704 28.18 -25.88 -26.18
CA LEU D 704 26.85 -25.55 -26.66
C LEU D 704 26.88 -24.46 -27.71
N LEU D 705 27.73 -23.45 -27.52
CA LEU D 705 27.72 -22.32 -28.41
C LEU D 705 28.04 -22.65 -29.83
N THR D 706 28.42 -23.88 -30.12
CA THR D 706 28.97 -24.11 -31.45
C THR D 706 28.56 -25.45 -32.02
N ARG D 707 27.40 -25.96 -31.65
CA ARG D 707 26.97 -27.18 -32.30
C ARG D 707 26.29 -26.84 -33.62
N VAL D 708 25.83 -27.85 -34.33
CA VAL D 708 25.18 -27.63 -35.61
C VAL D 708 23.72 -28.01 -35.52
N SER D 709 22.88 -27.06 -35.17
CA SER D 709 21.46 -27.34 -34.97
C SER D 709 20.86 -27.81 -36.29
N GLU D 710 20.56 -29.09 -36.38
CA GLU D 710 19.95 -29.60 -37.59
C GLU D 710 18.56 -29.00 -37.81
N ALA D 711 17.91 -28.53 -36.75
CA ALA D 711 16.55 -28.05 -36.88
C ALA D 711 16.49 -26.69 -37.55
N TRP D 712 17.32 -25.76 -37.12
CA TRP D 712 17.24 -24.38 -37.60
C TRP D 712 18.06 -24.16 -38.83
N GLY D 713 18.22 -25.17 -39.67
CA GLY D 713 18.90 -24.98 -40.92
C GLY D 713 20.39 -25.14 -40.86
N LYS D 714 20.90 -25.94 -39.95
CA LYS D 714 22.30 -26.32 -39.93
C LYS D 714 23.21 -25.14 -39.63
N THR D 715 22.69 -24.11 -39.01
CA THR D 715 23.55 -23.05 -38.55
C THR D 715 23.85 -23.25 -37.09
N THR D 716 24.53 -22.27 -36.51
CA THR D 716 24.95 -22.36 -35.13
C THR D 716 24.42 -21.17 -34.36
N CYS D 717 24.39 -21.31 -33.03
CA CYS D 717 23.91 -20.22 -32.22
C CYS D 717 24.72 -18.96 -32.43
N LEU D 718 26.04 -19.07 -32.34
CA LEU D 718 26.87 -17.88 -32.36
C LEU D 718 26.63 -17.05 -33.61
N GLN D 719 26.46 -17.70 -34.75
CA GLN D 719 26.14 -16.97 -35.97
C GLN D 719 24.90 -16.12 -35.75
N LEU D 720 23.77 -16.77 -35.48
CA LEU D 720 22.52 -16.06 -35.32
C LEU D 720 22.70 -14.86 -34.41
N ALA D 721 23.46 -15.04 -33.34
CA ALA D 721 23.79 -13.91 -32.50
C ALA D 721 24.34 -12.77 -33.34
N LEU D 722 25.39 -13.06 -34.12
CA LEU D 722 26.06 -11.98 -34.83
C LEU D 722 25.18 -11.40 -35.92
N GLU D 723 24.43 -12.24 -36.61
CA GLU D 723 23.53 -11.75 -37.64
C GLU D 723 22.58 -10.72 -37.08
N ALA D 724 21.77 -11.12 -36.13
CA ALA D 724 20.73 -10.24 -35.63
C ALA D 724 21.27 -9.16 -34.73
N LYS D 725 22.57 -9.06 -34.54
CA LYS D 725 23.16 -7.95 -33.80
C LYS D 725 22.62 -7.88 -32.37
N ASP D 726 22.90 -8.92 -31.59
CA ASP D 726 22.45 -8.98 -30.20
C ASP D 726 23.61 -8.64 -29.28
N MET D 727 23.92 -7.35 -29.23
CA MET D 727 25.04 -6.89 -28.42
C MET D 727 24.95 -7.47 -27.03
N LYS D 728 23.77 -7.40 -26.43
CA LYS D 728 23.67 -7.86 -25.06
C LYS D 728 24.04 -9.32 -24.94
N PHE D 729 23.74 -10.10 -25.97
CA PHE D 729 24.09 -11.51 -25.89
C PHE D 729 25.58 -11.70 -26.04
N VAL D 730 26.12 -11.34 -27.20
CA VAL D 730 27.53 -11.62 -27.46
C VAL D 730 28.40 -11.02 -26.40
N SER D 731 27.95 -9.96 -25.76
CA SER D 731 28.72 -9.37 -24.69
C SER D 731 28.43 -10.01 -23.36
N HIS D 732 27.93 -11.24 -23.34
CA HIS D 732 27.52 -11.83 -22.07
C HIS D 732 28.67 -11.93 -21.11
N GLY D 733 29.84 -12.27 -21.61
CA GLY D 733 30.98 -12.33 -20.73
C GLY D 733 31.50 -13.74 -20.62
N GLY D 734 30.59 -14.69 -20.44
CA GLY D 734 30.98 -16.07 -20.64
C GLY D 734 31.42 -16.31 -22.05
N ILE D 735 30.79 -15.62 -23.00
CA ILE D 735 31.21 -15.72 -24.38
C ILE D 735 32.62 -15.19 -24.52
N GLN D 736 32.86 -13.97 -24.05
CA GLN D 736 34.19 -13.40 -24.14
C GLN D 736 35.23 -14.37 -23.61
N ALA D 737 34.92 -15.04 -22.52
CA ALA D 737 35.81 -16.09 -22.06
C ALA D 737 36.07 -17.11 -23.15
N PHE D 738 35.02 -17.51 -23.87
CA PHE D 738 35.23 -18.50 -24.91
C PHE D 738 36.13 -17.97 -26.00
N LEU D 739 35.77 -16.82 -26.57
CA LEU D 739 36.58 -16.22 -27.63
C LEU D 739 38.05 -16.23 -27.25
N THR D 740 38.38 -15.55 -26.17
CA THR D 740 39.76 -15.53 -25.70
C THR D 740 40.33 -16.93 -25.73
N LYS D 741 39.61 -17.89 -25.19
CA LYS D 741 40.11 -19.25 -25.17
C LYS D 741 40.52 -19.72 -26.55
N VAL D 742 39.94 -19.13 -27.60
CA VAL D 742 40.45 -19.43 -28.93
C VAL D 742 41.62 -18.52 -29.25
N TRP D 743 41.56 -17.27 -28.81
CA TRP D 743 42.61 -16.32 -29.13
C TRP D 743 43.97 -16.93 -28.86
N TRP D 744 44.14 -17.47 -27.68
CA TRP D 744 45.37 -18.13 -27.35
C TRP D 744 45.52 -19.45 -28.03
N GLY D 745 44.62 -19.79 -28.93
CA GLY D 745 44.73 -21.04 -29.65
C GLY D 745 44.95 -22.22 -28.74
N GLN D 746 46.13 -22.82 -28.84
CA GLN D 746 46.40 -24.06 -28.13
C GLN D 746 46.86 -23.81 -26.71
N LEU D 747 47.82 -22.93 -26.52
CA LEU D 747 48.53 -22.84 -25.26
C LEU D 747 47.74 -22.06 -24.22
N SER D 748 48.33 -21.95 -23.03
CA SER D 748 47.65 -21.37 -21.89
C SER D 748 47.23 -19.94 -22.16
N VAL D 749 46.35 -19.43 -21.31
CA VAL D 749 45.67 -18.17 -21.54
C VAL D 749 45.96 -17.16 -20.46
N ASP D 750 46.88 -17.48 -19.56
CA ASP D 750 47.18 -16.64 -18.41
C ASP D 750 48.65 -16.29 -18.32
N ASN D 751 49.42 -16.59 -19.37
CA ASN D 751 50.86 -16.45 -19.37
C ASN D 751 51.31 -15.03 -19.64
N GLY D 752 50.44 -14.05 -19.44
CA GLY D 752 50.85 -12.70 -19.76
C GLY D 752 51.07 -12.58 -21.25
N LEU D 753 51.77 -11.53 -21.64
CA LEU D 753 52.08 -11.32 -23.04
C LEU D 753 53.56 -11.05 -23.31
N TRP D 754 54.29 -10.50 -22.34
CA TRP D 754 55.72 -10.34 -22.57
C TRP D 754 56.35 -11.67 -22.91
N ARG D 755 55.92 -12.73 -22.22
CA ARG D 755 56.50 -14.04 -22.46
C ARG D 755 56.35 -14.45 -23.91
N VAL D 756 55.27 -14.03 -24.56
CA VAL D 756 55.10 -14.32 -25.97
C VAL D 756 56.22 -13.67 -26.77
N THR D 757 56.44 -12.38 -26.55
CA THR D 757 57.48 -11.67 -27.30
C THR D 757 58.84 -12.31 -27.11
N LEU D 758 59.28 -12.43 -25.86
CA LEU D 758 60.60 -12.96 -25.58
C LEU D 758 60.76 -14.34 -26.18
N CYS D 759 59.94 -15.29 -25.75
CA CYS D 759 60.04 -16.64 -26.27
C CYS D 759 59.93 -16.68 -27.78
N MET D 760 59.28 -15.70 -28.39
CA MET D 760 59.27 -15.63 -29.85
C MET D 760 60.65 -15.39 -30.39
N LEU D 761 61.41 -14.50 -29.74
CA LEU D 761 62.76 -14.21 -30.20
C LEU D 761 63.62 -15.47 -30.21
N ALA D 762 63.87 -16.04 -29.03
CA ALA D 762 64.78 -17.15 -28.89
C ALA D 762 64.02 -18.47 -28.92
N PHE D 763 64.44 -19.38 -29.80
CA PHE D 763 63.83 -20.70 -29.85
C PHE D 763 63.96 -21.46 -28.54
N PRO D 764 65.14 -21.61 -27.94
CA PRO D 764 65.24 -22.48 -26.76
C PRO D 764 64.39 -22.04 -25.60
N LEU D 765 64.00 -20.77 -25.56
CA LEU D 765 63.03 -20.34 -24.56
C LEU D 765 61.78 -21.20 -24.61
N LEU D 766 61.37 -21.60 -25.83
CA LEU D 766 60.30 -22.58 -25.96
C LEU D 766 60.71 -23.92 -25.37
N LEU D 767 61.90 -24.40 -25.73
CA LEU D 767 62.42 -25.59 -25.08
C LEU D 767 62.69 -25.37 -23.61
N THR D 768 62.67 -24.14 -23.13
CA THR D 768 62.86 -23.83 -21.73
C THR D 768 61.52 -23.83 -21.01
N GLY D 769 61.57 -23.58 -19.70
CA GLY D 769 60.36 -23.54 -18.90
C GLY D 769 59.88 -22.14 -18.60
N LEU D 770 59.94 -21.26 -19.60
CA LEU D 770 59.50 -19.88 -19.42
C LEU D 770 58.05 -19.67 -19.84
N ILE D 771 57.51 -20.53 -20.68
CA ILE D 771 56.16 -20.36 -21.22
C ILE D 771 55.28 -21.43 -20.60
N SER D 772 53.98 -21.27 -20.76
CA SER D 772 53.03 -22.20 -20.18
C SER D 772 52.21 -22.89 -21.26
N PHE D 773 51.51 -23.94 -20.86
CA PHE D 773 50.61 -24.65 -21.73
C PHE D 773 49.44 -25.14 -20.90
N ARG D 774 48.26 -25.21 -21.52
CA ARG D 774 47.16 -25.94 -20.92
C ARG D 774 47.22 -27.38 -21.41
N GLU D 775 46.51 -28.25 -20.70
CA GLU D 775 46.53 -29.68 -20.97
C GLU D 775 47.96 -30.22 -20.88
N LYS D 776 48.46 -30.21 -19.64
CA LYS D 776 49.86 -30.47 -19.35
C LYS D 776 50.39 -31.77 -19.93
N ARG D 777 49.48 -32.62 -20.43
CA ARG D 777 49.91 -33.81 -21.16
C ARG D 777 50.86 -33.48 -22.30
N LEU D 778 50.78 -32.25 -22.83
CA LEU D 778 51.80 -31.75 -23.75
C LEU D 778 52.75 -30.77 -23.09
N GLN D 779 52.35 -30.15 -21.97
CA GLN D 779 53.27 -29.28 -21.26
C GLN D 779 54.31 -30.10 -20.52
N ASP D 780 53.86 -30.96 -19.60
CA ASP D 780 54.78 -31.80 -18.85
C ASP D 780 55.54 -32.74 -19.79
N VAL D 781 54.82 -33.59 -20.50
CA VAL D 781 55.44 -34.43 -21.52
C VAL D 781 55.78 -33.52 -22.69
N GLY D 782 57.08 -33.24 -22.86
CA GLY D 782 57.50 -32.28 -23.85
C GLY D 782 58.11 -32.86 -25.11
N THR D 783 57.36 -32.77 -26.21
CA THR D 783 57.93 -33.07 -27.51
C THR D 783 58.18 -31.73 -28.19
N PRO D 784 59.35 -31.12 -27.95
CA PRO D 784 59.54 -29.71 -28.31
C PRO D 784 59.26 -29.40 -29.77
N ALA D 785 59.45 -30.38 -30.66
CA ALA D 785 59.20 -30.12 -32.07
C ALA D 785 57.74 -29.73 -32.29
N ALA D 786 56.83 -30.67 -32.05
CA ALA D 786 55.41 -30.34 -32.20
C ALA D 786 54.97 -29.29 -31.20
N ARG D 787 55.69 -29.16 -30.09
CA ARG D 787 55.38 -28.10 -29.14
C ARG D 787 55.52 -26.74 -29.80
N ALA D 788 56.68 -26.47 -30.40
CA ALA D 788 56.86 -25.21 -31.12
C ALA D 788 55.89 -25.10 -32.28
N ARG D 789 55.58 -26.22 -32.93
CA ARG D 789 54.58 -26.19 -33.99
C ARG D 789 53.24 -25.69 -33.46
N ALA D 790 52.73 -26.37 -32.44
CA ALA D 790 51.51 -25.94 -31.79
C ALA D 790 51.58 -24.48 -31.41
N PHE D 791 52.74 -24.05 -30.90
CA PHE D 791 52.92 -22.65 -30.57
C PHE D 791 52.67 -21.78 -31.78
N PHE D 792 53.21 -22.17 -32.92
CA PHE D 792 53.03 -21.35 -34.11
C PHE D 792 51.58 -21.29 -34.54
N THR D 793 50.80 -22.31 -34.22
CA THR D 793 49.39 -22.26 -34.59
C THR D 793 48.63 -21.19 -33.83
N ALA D 794 49.12 -20.76 -32.68
CA ALA D 794 48.39 -19.83 -31.86
C ALA D 794 48.23 -18.51 -32.59
N PRO D 795 47.02 -18.14 -32.98
CA PRO D 795 46.86 -16.93 -33.79
C PRO D 795 47.43 -15.72 -33.13
N VAL D 796 47.46 -15.68 -31.79
CA VAL D 796 48.11 -14.57 -31.12
C VAL D 796 49.49 -14.35 -31.70
N VAL D 797 50.28 -15.42 -31.78
CA VAL D 797 51.58 -15.29 -32.39
C VAL D 797 51.43 -14.80 -33.81
N VAL D 798 50.71 -15.55 -34.64
CA VAL D 798 50.59 -15.21 -36.06
C VAL D 798 50.27 -13.75 -36.20
N PHE D 799 49.51 -13.21 -35.27
CA PHE D 799 49.33 -11.78 -35.21
C PHE D 799 50.65 -11.07 -35.00
N HIS D 800 51.42 -11.48 -33.99
CA HIS D 800 52.66 -10.76 -33.71
C HIS D 800 53.65 -10.86 -34.87
N LEU D 801 53.70 -12.00 -35.54
CA LEU D 801 54.52 -12.05 -36.75
C LEU D 801 54.10 -10.98 -37.72
N ASN D 802 52.81 -10.91 -38.02
CA ASN D 802 52.35 -9.89 -38.93
C ASN D 802 52.74 -8.52 -38.45
N ILE D 803 52.69 -8.30 -37.15
CA ILE D 803 52.97 -6.95 -36.68
C ILE D 803 54.42 -6.61 -36.90
N LEU D 804 55.32 -7.59 -36.70
CA LEU D 804 56.72 -7.31 -36.94
C LEU D 804 56.99 -7.13 -38.42
N SER D 805 56.72 -8.14 -39.22
CA SER D 805 56.94 -8.04 -40.65
C SER D 805 56.45 -6.71 -41.18
N TYR D 806 55.29 -6.26 -40.73
CA TYR D 806 54.82 -4.95 -41.14
C TYR D 806 55.81 -3.89 -40.69
N PHE D 807 56.21 -3.95 -39.44
CA PHE D 807 57.15 -2.97 -38.94
C PHE D 807 58.38 -2.89 -39.83
N ALA D 808 58.99 -4.04 -40.08
CA ALA D 808 60.22 -4.07 -40.86
C ALA D 808 60.00 -3.56 -42.26
N PHE D 809 58.96 -4.06 -42.93
CA PHE D 809 58.68 -3.61 -44.28
C PHE D 809 58.64 -2.10 -44.32
N LEU D 810 57.94 -1.49 -43.37
CA LEU D 810 57.79 -0.05 -43.39
C LEU D 810 59.15 0.64 -43.31
N CYS D 811 59.91 0.39 -42.24
CA CYS D 811 61.14 1.15 -42.05
C CYS D 811 62.14 0.87 -43.16
N LEU D 812 62.22 -0.38 -43.60
CA LEU D 812 63.09 -0.69 -44.73
C LEU D 812 62.72 0.13 -45.94
N PHE D 813 61.42 0.16 -46.27
CA PHE D 813 60.97 1.01 -47.35
C PHE D 813 61.45 2.43 -47.17
N ALA D 814 61.44 2.92 -45.93
CA ALA D 814 61.95 4.25 -45.67
C ALA D 814 63.42 4.35 -46.04
N TYR D 815 64.21 3.37 -45.62
CA TYR D 815 65.63 3.38 -45.94
C TYR D 815 65.84 3.47 -47.44
N VAL D 816 65.27 2.53 -48.18
CA VAL D 816 65.58 2.44 -49.59
C VAL D 816 65.16 3.71 -50.33
N LEU D 817 64.04 4.31 -49.91
CA LEU D 817 63.71 5.58 -50.55
C LEU D 817 64.70 6.65 -50.17
N MET D 818 65.20 6.62 -48.93
CA MET D 818 66.11 7.65 -48.47
C MET D 818 67.41 7.64 -49.26
N VAL D 819 68.17 6.57 -49.13
CA VAL D 819 69.53 6.51 -49.66
C VAL D 819 69.59 5.73 -50.95
N ASP D 820 69.01 4.53 -50.98
CA ASP D 820 69.09 3.69 -52.16
C ASP D 820 68.25 4.21 -53.31
N PHE D 821 67.70 5.41 -53.18
CA PHE D 821 66.93 6.00 -54.27
C PHE D 821 67.77 6.05 -55.52
N GLN D 822 67.36 5.27 -56.53
CA GLN D 822 68.10 5.13 -57.75
C GLN D 822 67.10 5.15 -58.91
N PRO D 823 67.39 5.88 -59.99
CA PRO D 823 66.42 5.97 -61.08
C PRO D 823 66.05 4.63 -61.69
N VAL D 824 67.03 3.75 -61.89
CA VAL D 824 66.73 2.38 -62.31
C VAL D 824 66.18 1.64 -61.10
N PRO D 825 65.45 0.55 -61.25
CA PRO D 825 64.89 -0.12 -60.08
C PRO D 825 65.95 -0.80 -59.23
N SER D 826 66.27 -0.21 -58.08
CA SER D 826 67.25 -0.80 -57.19
C SER D 826 66.81 -2.19 -56.76
N TRP D 827 67.77 -2.99 -56.31
CA TRP D 827 67.43 -4.32 -55.81
C TRP D 827 66.37 -4.24 -54.73
N CYS D 828 66.51 -3.28 -53.81
CA CYS D 828 65.57 -3.18 -52.71
C CYS D 828 64.23 -2.58 -53.16
N GLU D 829 64.25 -1.62 -54.08
CA GLU D 829 63.00 -1.03 -54.54
C GLU D 829 62.10 -2.08 -55.15
N CYS D 830 62.63 -2.87 -56.09
CA CYS D 830 61.86 -3.97 -56.64
C CYS D 830 61.47 -4.97 -55.57
N ALA D 831 62.32 -5.16 -54.56
CA ALA D 831 61.97 -6.08 -53.49
C ALA D 831 60.68 -5.65 -52.80
N ILE D 832 60.62 -4.40 -52.34
CA ILE D 832 59.44 -4.01 -51.61
C ILE D 832 58.25 -3.92 -52.55
N TYR D 833 58.51 -3.70 -53.83
CA TYR D 833 57.42 -3.76 -54.79
C TYR D 833 56.76 -5.13 -54.72
N LEU D 834 57.57 -6.18 -54.78
CA LEU D 834 57.03 -7.52 -54.58
C LEU D 834 56.39 -7.67 -53.21
N TRP D 835 56.93 -6.97 -52.22
CA TRP D 835 56.37 -7.08 -50.88
C TRP D 835 54.98 -6.50 -50.81
N LEU D 836 54.83 -5.26 -51.25
CA LEU D 836 53.53 -4.62 -51.27
C LEU D 836 52.52 -5.48 -52.01
N PHE D 837 52.92 -6.06 -53.13
CA PHE D 837 52.01 -6.97 -53.82
C PHE D 837 51.62 -8.12 -52.92
N SER D 838 52.60 -8.73 -52.25
CA SER D 838 52.30 -9.86 -51.39
C SER D 838 51.28 -9.49 -50.33
N LEU D 839 51.46 -8.32 -49.73
CA LEU D 839 50.54 -7.88 -48.69
C LEU D 839 49.14 -7.71 -49.25
N VAL D 840 49.00 -6.95 -50.33
CA VAL D 840 47.67 -6.74 -50.88
C VAL D 840 47.09 -8.05 -51.40
N CYS D 841 47.94 -9.00 -51.75
CA CYS D 841 47.43 -10.28 -52.23
C CYS D 841 46.66 -11.01 -51.13
N GLU D 842 47.27 -11.16 -49.96
CA GLU D 842 46.55 -11.75 -48.84
C GLU D 842 45.31 -10.95 -48.51
N GLU D 843 45.42 -9.62 -48.57
CA GLU D 843 44.25 -8.78 -48.35
C GLU D 843 43.09 -9.21 -49.24
N MET D 844 43.31 -9.24 -50.54
CA MET D 844 42.25 -9.69 -51.44
C MET D 844 41.87 -11.12 -51.16
N ARG D 845 42.82 -11.94 -50.70
CA ARG D 845 42.51 -13.33 -50.39
C ARG D 845 41.39 -13.43 -49.37
N GLN D 846 41.28 -12.45 -48.51
CA GLN D 846 40.21 -12.51 -47.52
C GLN D 846 38.90 -12.05 -48.05
N LEU D 847 38.69 -12.11 -49.35
CA LEU D 847 37.42 -11.78 -49.97
C LEU D 847 36.62 -13.00 -50.41
N PHE D 848 37.28 -14.13 -50.66
CA PHE D 848 36.63 -15.27 -51.29
C PHE D 848 36.55 -16.49 -50.39
N TYR D 849 37.05 -16.42 -49.16
CA TYR D 849 36.90 -17.57 -48.28
C TYR D 849 35.46 -17.80 -47.89
N ASP D 850 34.54 -16.95 -48.32
CA ASP D 850 33.11 -17.07 -48.02
C ASP D 850 32.66 -18.49 -48.30
N PRO D 851 32.39 -19.28 -47.25
CA PRO D 851 31.96 -20.66 -47.50
C PRO D 851 30.53 -20.74 -48.00
N ASP D 852 29.66 -19.88 -47.48
CA ASP D 852 28.33 -19.75 -48.02
C ASP D 852 28.37 -19.00 -49.35
N GLU D 853 27.24 -19.04 -50.07
CA GLU D 853 27.13 -18.36 -51.36
C GLU D 853 26.98 -16.86 -51.13
N CYS D 854 28.04 -16.27 -50.59
CA CYS D 854 27.97 -14.87 -50.20
C CYS D 854 27.97 -13.97 -51.43
N GLY D 855 27.13 -12.93 -51.37
CA GLY D 855 27.04 -12.00 -52.47
C GLY D 855 28.31 -11.19 -52.63
N LEU D 856 28.80 -11.14 -53.86
CA LEU D 856 30.08 -10.50 -54.12
C LEU D 856 29.97 -8.98 -54.05
N MET D 857 28.94 -8.40 -54.67
CA MET D 857 28.77 -6.96 -54.57
C MET D 857 28.43 -6.56 -53.15
N LYS D 858 27.85 -7.48 -52.37
CA LYS D 858 27.53 -7.19 -50.97
C LYS D 858 28.78 -6.96 -50.16
N LYS D 859 29.63 -7.99 -50.03
CA LYS D 859 30.87 -7.84 -49.30
C LYS D 859 31.69 -6.69 -49.86
N ALA D 860 31.55 -6.40 -51.15
CA ALA D 860 32.19 -5.23 -51.71
C ALA D 860 31.72 -3.96 -51.01
N ALA D 861 30.40 -3.75 -50.96
CA ALA D 861 29.87 -2.56 -50.30
C ALA D 861 30.29 -2.52 -48.84
N LEU D 862 30.48 -3.69 -48.23
CA LEU D 862 30.96 -3.72 -46.85
C LEU D 862 32.36 -3.14 -46.76
N TYR D 863 33.30 -3.70 -47.52
CA TYR D 863 34.66 -3.18 -47.49
C TYR D 863 34.69 -1.72 -47.88
N PHE D 864 33.84 -1.32 -48.83
CA PHE D 864 33.74 0.07 -49.19
C PHE D 864 33.15 0.90 -48.06
N SER D 865 32.47 0.25 -47.12
CA SER D 865 31.94 0.95 -45.96
C SER D 865 32.95 1.05 -44.83
N ASP D 866 33.96 0.20 -44.81
CA ASP D 866 34.93 0.18 -43.71
C ASP D 866 35.91 1.32 -43.89
N PHE D 867 35.69 2.40 -43.13
CA PHE D 867 36.60 3.54 -43.12
C PHE D 867 38.05 3.10 -43.06
N TRP D 868 38.33 2.06 -42.28
CA TRP D 868 39.70 1.55 -42.25
C TRP D 868 40.07 0.90 -43.57
N ASN D 869 39.21 0.03 -44.08
CA ASN D 869 39.44 -0.43 -45.44
C ASN D 869 39.53 0.76 -46.38
N LYS D 870 38.78 1.83 -46.10
CA LYS D 870 38.85 3.01 -46.95
C LYS D 870 40.24 3.62 -46.94
N LEU D 871 40.86 3.71 -45.75
CA LEU D 871 42.21 4.24 -45.68
C LEU D 871 43.17 3.39 -46.49
N ASP D 872 43.12 2.08 -46.29
CA ASP D 872 44.08 1.21 -46.96
C ASP D 872 43.95 1.33 -48.47
N VAL D 873 42.72 1.42 -48.98
CA VAL D 873 42.59 1.46 -50.43
C VAL D 873 43.04 2.80 -50.98
N GLY D 874 42.81 3.88 -50.24
CA GLY D 874 43.38 5.16 -50.64
C GLY D 874 44.88 5.07 -50.80
N ALA D 875 45.54 4.41 -49.85
CA ALA D 875 46.99 4.28 -49.93
C ALA D 875 47.41 3.47 -51.14
N ILE D 876 46.65 2.42 -51.47
CA ILE D 876 46.96 1.63 -52.65
C ILE D 876 46.95 2.50 -53.89
N LEU D 877 45.89 3.28 -54.05
CA LEU D 877 45.79 4.17 -55.20
C LEU D 877 47.00 5.09 -55.26
N LEU D 878 47.42 5.59 -54.09
CA LEU D 878 48.62 6.41 -54.05
C LEU D 878 49.82 5.68 -54.64
N PHE D 879 50.01 4.42 -54.26
CA PHE D 879 51.15 3.68 -54.77
C PHE D 879 51.10 3.51 -56.27
N VAL D 880 50.03 2.89 -56.77
CA VAL D 880 49.98 2.58 -58.19
C VAL D 880 50.11 3.84 -59.02
N ALA D 881 49.76 4.99 -58.43
CA ALA D 881 50.03 6.26 -59.08
C ALA D 881 51.52 6.59 -59.05
N GLY D 882 52.07 6.76 -57.85
CA GLY D 882 53.41 7.28 -57.74
C GLY D 882 54.47 6.37 -58.32
N LEU D 883 54.24 5.06 -58.28
CA LEU D 883 55.21 4.13 -58.84
C LEU D 883 55.48 4.44 -60.30
N THR D 884 54.42 4.49 -61.11
CA THR D 884 54.62 4.83 -62.51
C THR D 884 55.11 6.25 -62.67
N CYS D 885 54.79 7.14 -61.73
CA CYS D 885 55.33 8.48 -61.79
C CYS D 885 56.85 8.47 -61.78
N ARG D 886 57.41 7.93 -60.70
CA ARG D 886 58.86 7.75 -60.66
C ARG D 886 59.34 7.00 -61.89
N LEU D 887 58.60 5.99 -62.32
CA LEU D 887 59.04 5.14 -63.42
C LEU D 887 59.40 5.98 -64.64
N ILE D 888 58.61 6.98 -64.95
CA ILE D 888 58.98 7.91 -66.01
C ILE D 888 60.05 8.84 -65.45
N PRO D 889 61.24 8.85 -66.04
CA PRO D 889 62.32 9.70 -65.50
C PRO D 889 62.02 11.17 -65.58
N ALA D 890 61.19 11.59 -66.54
CA ALA D 890 60.73 12.96 -66.59
C ALA D 890 59.82 13.31 -65.42
N THR D 891 59.48 12.33 -64.59
CA THR D 891 58.65 12.49 -63.41
C THR D 891 59.31 11.81 -62.22
N LEU D 892 60.60 12.07 -62.03
CA LEU D 892 61.35 11.42 -60.96
C LEU D 892 61.20 12.17 -59.66
N TYR D 893 61.52 13.46 -59.65
CA TYR D 893 61.38 14.26 -58.43
C TYR D 893 59.95 14.27 -57.90
N PRO D 894 58.92 14.53 -58.70
CA PRO D 894 57.57 14.39 -58.16
C PRO D 894 57.26 12.98 -57.71
N GLY D 895 57.87 11.97 -58.36
CA GLY D 895 57.76 10.62 -57.86
C GLY D 895 58.24 10.53 -56.42
N ARG D 896 59.32 11.22 -56.10
CA ARG D 896 59.82 11.23 -54.74
C ARG D 896 58.77 11.78 -53.79
N VAL D 897 58.20 12.95 -54.11
CA VAL D 897 57.29 13.59 -53.16
C VAL D 897 56.00 12.76 -53.02
N ILE D 898 55.53 12.16 -54.10
CA ILE D 898 54.34 11.33 -54.02
C ILE D 898 54.58 10.17 -53.09
N LEU D 899 55.62 9.38 -53.37
CA LEU D 899 55.84 8.18 -52.60
C LEU D 899 56.08 8.49 -51.15
N SER D 900 56.64 9.67 -50.87
CA SER D 900 56.72 10.12 -49.48
C SER D 900 55.34 10.18 -48.86
N LEU D 901 54.40 10.84 -49.54
CA LEU D 901 53.04 10.88 -49.02
C LEU D 901 52.53 9.49 -48.73
N ASP D 902 52.64 8.60 -49.70
CA ASP D 902 52.20 7.21 -49.55
C ASP D 902 52.78 6.59 -48.29
N PHE D 903 54.06 6.85 -48.03
CA PHE D 903 54.68 6.37 -46.81
C PHE D 903 53.89 6.80 -45.59
N ILE D 904 53.70 8.10 -45.44
CA ILE D 904 53.06 8.61 -44.24
C ILE D 904 51.68 8.00 -44.08
N LEU D 905 50.97 7.88 -45.20
CA LEU D 905 49.66 7.24 -45.16
C LEU D 905 49.75 5.85 -44.53
N PHE D 906 50.71 5.05 -44.98
CA PHE D 906 50.90 3.74 -44.38
C PHE D 906 51.15 3.84 -42.89
N CYS D 907 52.09 4.70 -42.51
CA CYS D 907 52.44 4.85 -41.11
C CYS D 907 51.22 5.15 -40.26
N LEU D 908 50.23 5.82 -40.83
CA LEU D 908 48.99 6.03 -40.09
C LEU D 908 48.34 4.72 -39.70
N ARG D 909 48.26 3.78 -40.65
CA ARG D 909 47.46 2.57 -40.46
C ARG D 909 47.90 1.79 -39.25
N LEU D 910 48.93 2.26 -38.57
CA LEU D 910 49.47 1.51 -37.47
C LEU D 910 48.64 1.64 -36.21
N MET D 911 47.85 2.71 -36.07
CA MET D 911 46.98 2.83 -34.90
C MET D 911 46.11 1.59 -34.75
N HIS D 912 45.88 0.88 -35.84
CA HIS D 912 45.18 -0.39 -35.85
C HIS D 912 45.65 -1.34 -34.76
N ILE D 913 46.91 -1.26 -34.36
CA ILE D 913 47.39 -2.08 -33.25
C ILE D 913 46.42 -2.02 -32.11
N PHE D 914 46.07 -0.81 -31.70
CA PHE D 914 45.27 -0.61 -30.51
C PHE D 914 43.81 -0.96 -30.70
N THR D 915 43.42 -1.43 -31.89
CA THR D 915 42.07 -1.96 -32.04
C THR D 915 41.87 -3.12 -31.08
N ILE D 916 42.65 -4.18 -31.25
CA ILE D 916 42.56 -5.31 -30.35
C ILE D 916 43.02 -4.97 -28.95
N SER D 917 43.51 -3.77 -28.74
CA SER D 917 44.02 -3.39 -27.44
C SER D 917 42.98 -3.64 -26.37
N LYS D 918 43.26 -4.62 -25.53
CA LYS D 918 42.43 -4.90 -24.37
C LYS D 918 42.01 -3.62 -23.69
N THR D 919 42.93 -2.66 -23.67
CA THR D 919 42.81 -1.53 -22.78
C THR D 919 42.62 -0.20 -23.49
N LEU D 920 42.58 -0.18 -24.81
CA LEU D 920 42.42 1.09 -25.51
C LEU D 920 41.41 1.06 -26.63
N GLY D 921 41.15 -0.10 -27.22
CA GLY D 921 40.24 -0.22 -28.35
C GLY D 921 39.06 0.72 -28.27
N PRO D 922 38.35 0.70 -27.15
CA PRO D 922 37.25 1.66 -26.97
C PRO D 922 37.62 3.08 -27.34
N LYS D 923 38.80 3.52 -26.93
CA LYS D 923 39.19 4.89 -27.19
C LYS D 923 39.22 5.15 -28.68
N ILE D 924 39.90 4.29 -29.41
CA ILE D 924 39.96 4.42 -30.85
C ILE D 924 38.56 4.46 -31.43
N ILE D 925 37.66 3.64 -30.90
CA ILE D 925 36.27 3.72 -31.31
C ILE D 925 35.80 5.15 -31.25
N ILE D 926 36.07 5.79 -30.13
CA ILE D 926 35.60 7.14 -29.93
C ILE D 926 36.16 8.05 -31.00
N VAL D 927 37.47 8.09 -31.10
CA VAL D 927 38.07 9.01 -32.06
C VAL D 927 37.59 8.68 -33.45
N LYS D 928 37.30 7.43 -33.71
CA LYS D 928 36.72 7.07 -34.99
C LYS D 928 35.40 7.78 -35.20
N ARG D 929 34.63 7.94 -34.13
CA ARG D 929 33.44 8.74 -34.27
C ARG D 929 33.79 10.20 -34.43
N MET D 930 34.94 10.60 -33.94
CA MET D 930 35.29 12.01 -33.95
C MET D 930 35.87 12.47 -35.27
N MET D 931 36.51 11.55 -36.00
CA MET D 931 37.21 11.91 -37.23
C MET D 931 36.35 12.81 -38.11
N LYS D 932 35.06 12.50 -38.19
CA LYS D 932 34.18 13.20 -39.12
C LYS D 932 34.13 14.69 -38.83
N ASP D 933 34.11 15.07 -37.55
CA ASP D 933 33.89 16.48 -37.25
C ASP D 933 35.19 17.25 -37.13
N VAL D 934 36.21 16.65 -36.50
CA VAL D 934 37.48 17.36 -36.35
C VAL D 934 37.99 17.79 -37.71
N PHE D 935 37.75 16.97 -38.73
CA PHE D 935 38.10 17.38 -40.09
C PHE D 935 37.48 18.72 -40.44
N PHE D 936 36.15 18.80 -40.28
CA PHE D 936 35.45 20.04 -40.57
C PHE D 936 36.05 21.21 -39.81
N PHE D 937 36.39 20.98 -38.54
CA PHE D 937 36.88 22.09 -37.73
C PHE D 937 38.28 22.51 -38.16
N LEU D 938 39.12 21.53 -38.46
CA LEU D 938 40.45 21.80 -38.99
C LEU D 938 40.41 22.79 -40.13
N PHE D 939 39.44 22.64 -41.02
CA PHE D 939 39.27 23.62 -42.08
C PHE D 939 39.31 25.02 -41.51
N LEU D 940 38.49 25.27 -40.49
CA LEU D 940 38.28 26.63 -40.06
C LEU D 940 39.54 27.23 -39.48
N LEU D 941 40.21 26.49 -38.60
CA LEU D 941 41.44 27.02 -38.05
C LEU D 941 42.43 27.32 -39.15
N ALA D 942 42.43 26.51 -40.21
CA ALA D 942 43.34 26.77 -41.32
C ALA D 942 43.12 28.16 -41.87
N VAL D 943 41.93 28.41 -42.41
CA VAL D 943 41.66 29.72 -42.97
C VAL D 943 41.89 30.79 -41.93
N TRP D 944 41.67 30.43 -40.66
CA TRP D 944 41.89 31.38 -39.59
C TRP D 944 43.31 31.92 -39.65
N VAL D 945 44.28 31.05 -39.40
CA VAL D 945 45.66 31.52 -39.34
C VAL D 945 46.08 32.16 -40.65
N VAL D 946 45.62 31.62 -41.79
CA VAL D 946 46.14 32.12 -43.05
C VAL D 946 45.67 33.54 -43.28
N SER D 947 44.42 33.83 -42.92
CA SER D 947 43.98 35.21 -42.92
C SER D 947 44.89 36.05 -42.04
N PHE D 948 45.29 35.51 -40.89
CA PHE D 948 46.10 36.26 -39.96
C PHE D 948 47.45 36.58 -40.57
N GLY D 949 48.11 35.57 -41.12
CA GLY D 949 49.43 35.77 -41.70
C GLY D 949 49.40 36.77 -42.84
N VAL D 950 48.40 36.68 -43.71
CA VAL D 950 48.38 37.59 -44.85
C VAL D 950 48.08 39.01 -44.38
N ALA D 951 47.27 39.16 -43.34
CA ALA D 951 47.10 40.48 -42.74
C ALA D 951 48.45 41.02 -42.30
N LYS D 952 49.27 40.18 -41.67
CA LYS D 952 50.60 40.60 -41.28
C LYS D 952 51.38 41.11 -42.48
N GLN D 953 51.52 40.28 -43.50
CA GLN D 953 52.31 40.65 -44.67
C GLN D 953 51.81 41.95 -45.28
N ALA D 954 50.49 42.13 -45.31
CA ALA D 954 49.94 43.31 -45.92
C ALA D 954 50.28 44.56 -45.14
N ILE D 955 50.19 44.49 -43.81
CA ILE D 955 50.31 45.71 -43.02
C ILE D 955 51.76 46.15 -42.91
N LEU D 956 52.70 45.23 -43.06
CA LEU D 956 54.12 45.54 -42.82
C LEU D 956 54.87 45.83 -44.10
N ILE D 957 54.19 45.95 -45.23
CA ILE D 957 54.88 46.13 -46.49
C ILE D 957 54.02 46.94 -47.45
N HIS D 958 54.61 47.32 -48.58
CA HIS D 958 53.90 47.93 -49.70
C HIS D 958 53.54 46.92 -50.78
N ASN D 959 54.45 46.01 -51.11
CA ASN D 959 54.21 44.98 -52.12
C ASN D 959 55.20 43.86 -51.94
N GLU D 960 54.72 42.62 -52.11
CA GLU D 960 55.56 41.43 -51.98
C GLU D 960 55.10 40.36 -52.95
N ARG D 961 55.84 39.26 -52.97
CA ARG D 961 55.55 38.12 -53.82
C ARG D 961 56.30 36.92 -53.28
N ARG D 962 56.52 35.94 -54.14
CA ARG D 962 57.43 34.84 -53.85
C ARG D 962 57.03 34.05 -52.62
N VAL D 963 55.90 33.36 -52.70
CA VAL D 963 55.42 32.52 -51.60
C VAL D 963 56.36 31.35 -51.28
N ASP D 964 57.42 31.14 -52.07
CA ASP D 964 58.35 30.04 -51.85
C ASP D 964 59.31 30.29 -50.70
N TRP D 965 59.60 31.54 -50.34
CA TRP D 965 60.35 31.88 -49.15
C TRP D 965 59.48 32.66 -48.16
N LEU D 966 58.72 33.63 -48.68
CA LEU D 966 57.85 34.42 -47.82
C LEU D 966 56.79 33.56 -47.16
N PHE D 967 55.93 32.91 -47.96
CA PHE D 967 54.88 32.09 -47.36
C PHE D 967 55.47 30.86 -46.69
N ARG D 968 56.63 30.41 -47.14
CA ARG D 968 57.28 29.27 -46.47
C ARG D 968 57.72 29.65 -45.07
N GLY D 969 58.48 30.72 -44.92
CA GLY D 969 58.89 31.15 -43.60
C GLY D 969 57.71 31.60 -42.75
N ALA D 970 56.69 32.16 -43.38
CA ALA D 970 55.49 32.57 -42.65
C ALA D 970 54.71 31.35 -42.18
N VAL D 971 54.59 30.32 -43.01
CA VAL D 971 53.89 29.11 -42.61
C VAL D 971 54.65 28.38 -41.53
N TYR D 972 55.99 28.45 -41.57
CA TYR D 972 56.80 27.84 -40.52
C TYR D 972 56.62 28.58 -39.20
N HIS D 973 56.66 29.91 -39.23
CA HIS D 973 56.36 30.68 -38.03
C HIS D 973 54.94 30.39 -37.55
N SER D 974 54.02 30.12 -38.49
CA SER D 974 52.67 29.71 -38.11
C SER D 974 52.67 28.34 -37.47
N TYR D 975 53.55 27.44 -37.92
CA TYR D 975 53.68 26.15 -37.27
C TYR D 975 54.16 26.30 -35.84
N LEU D 976 55.09 27.23 -35.61
CA LEU D 976 55.54 27.51 -34.25
C LEU D 976 54.39 28.06 -33.41
N THR D 977 53.60 28.98 -33.98
CA THR D 977 52.45 29.52 -33.27
C THR D 977 51.35 28.49 -33.08
N ILE D 978 51.26 27.50 -33.96
CA ILE D 978 50.22 26.49 -33.88
C ILE D 978 50.67 25.25 -33.13
N PHE D 979 51.93 25.18 -32.70
CA PHE D 979 52.36 24.07 -31.87
C PHE D 979 51.51 23.98 -30.60
N GLY D 980 50.94 25.10 -30.17
CA GLY D 980 50.04 25.13 -29.04
C GLY D 980 48.82 26.00 -29.30
N PHE D 1020 54.17 57.20 -34.17
CA PHE D 1020 54.69 56.00 -33.53
C PHE D 1020 53.88 54.78 -33.94
N PRO D 1021 54.26 54.13 -35.04
CA PRO D 1021 53.48 53.00 -35.55
C PRO D 1021 53.47 51.79 -34.63
N GLU D 1022 54.21 51.84 -33.52
CA GLU D 1022 54.29 50.69 -32.62
C GLU D 1022 52.93 50.35 -32.03
N TRP D 1023 52.09 51.35 -31.81
CA TRP D 1023 50.75 51.08 -31.29
C TRP D 1023 49.98 50.17 -32.23
N LEU D 1024 50.12 50.40 -33.54
CA LEU D 1024 49.52 49.50 -34.52
C LEU D 1024 50.08 48.09 -34.36
N THR D 1025 51.39 47.98 -34.10
CA THR D 1025 52.00 46.67 -33.93
C THR D 1025 51.43 45.94 -32.72
N VAL D 1026 51.33 46.63 -31.59
CA VAL D 1026 50.82 45.99 -30.38
C VAL D 1026 49.36 45.59 -30.56
N LEU D 1027 48.58 46.44 -31.21
CA LEU D 1027 47.17 46.12 -31.43
C LEU D 1027 47.02 44.88 -32.29
N LEU D 1028 47.78 44.81 -33.38
CA LEU D 1028 47.72 43.63 -34.24
C LEU D 1028 48.06 42.37 -33.47
N LEU D 1029 49.17 42.41 -32.73
CA LEU D 1029 49.63 41.21 -32.03
C LEU D 1029 48.61 40.76 -30.99
N CYS D 1030 48.01 41.73 -30.27
CA CYS D 1030 47.08 41.36 -29.21
C CYS D 1030 45.81 40.76 -29.77
N LEU D 1031 45.24 41.38 -30.81
CA LEU D 1031 44.05 40.80 -31.43
C LEU D 1031 44.33 39.41 -31.98
N TYR D 1032 45.45 39.26 -32.68
CA TYR D 1032 45.79 37.96 -33.26
C TYR D 1032 45.87 36.89 -32.18
N LEU D 1033 46.71 37.13 -31.16
CA LEU D 1033 46.84 36.15 -30.08
C LEU D 1033 45.50 35.94 -29.39
N LEU D 1034 44.64 36.95 -29.38
CA LEU D 1034 43.32 36.80 -28.82
C LEU D 1034 42.54 35.68 -29.50
N PHE D 1035 42.55 35.68 -30.83
CA PHE D 1035 41.74 34.68 -31.51
C PHE D 1035 42.41 33.33 -31.53
N THR D 1036 43.71 33.30 -31.83
CA THR D 1036 44.39 32.05 -32.15
C THR D 1036 44.36 31.04 -31.01
N ASN D 1037 45.04 31.34 -29.91
CA ASN D 1037 45.20 30.37 -28.85
C ASN D 1037 44.08 30.41 -27.82
N ILE D 1038 42.95 31.04 -28.15
CA ILE D 1038 41.87 31.13 -27.18
C ILE D 1038 40.55 30.65 -27.73
N LEU D 1039 40.03 31.35 -28.74
CA LEU D 1039 38.68 31.06 -29.22
C LEU D 1039 38.54 29.59 -29.58
N LEU D 1040 39.45 29.11 -30.42
CA LEU D 1040 39.34 27.75 -30.89
C LEU D 1040 39.71 26.74 -29.81
N LEU D 1041 40.60 27.11 -28.90
CA LEU D 1041 40.94 26.21 -27.81
C LEU D 1041 39.71 25.88 -26.99
N ASN D 1042 39.12 26.89 -26.36
CA ASN D 1042 37.90 26.65 -25.60
C ASN D 1042 36.83 26.00 -26.45
N LEU D 1043 36.79 26.32 -27.75
CA LEU D 1043 35.83 25.68 -28.63
C LEU D 1043 35.99 24.17 -28.59
N LEU D 1044 37.16 23.67 -29.02
CA LEU D 1044 37.39 22.23 -29.01
C LEU D 1044 37.26 21.67 -27.61
N ILE D 1045 37.68 22.43 -26.61
CA ILE D 1045 37.46 22.03 -25.23
C ILE D 1045 36.01 21.60 -25.05
N ALA D 1046 35.10 22.50 -25.38
CA ALA D 1046 33.68 22.17 -25.31
C ALA D 1046 33.35 21.01 -26.24
N MET D 1047 33.87 21.05 -27.47
CA MET D 1047 33.50 20.05 -28.46
C MET D 1047 33.80 18.65 -27.95
N PHE D 1048 35.03 18.43 -27.49
CA PHE D 1048 35.39 17.13 -26.99
C PHE D 1048 34.57 16.75 -25.78
N ASN D 1049 34.51 17.63 -24.79
CA ASN D 1049 33.79 17.30 -23.57
C ASN D 1049 32.35 16.94 -23.88
N TYR D 1050 31.73 17.70 -24.79
CA TYR D 1050 30.34 17.44 -25.12
C TYR D 1050 30.19 16.09 -25.81
N THR D 1051 30.84 15.93 -26.96
CA THR D 1051 30.77 14.66 -27.66
C THR D 1051 31.20 13.51 -26.76
N PHE D 1052 32.17 13.76 -25.88
CA PHE D 1052 32.59 12.74 -24.93
C PHE D 1052 31.42 12.32 -24.06
N GLN D 1053 30.78 13.28 -23.41
CA GLN D 1053 29.60 12.98 -22.60
C GLN D 1053 28.48 12.39 -23.43
N GLN D 1054 28.55 12.48 -24.75
CA GLN D 1054 27.51 11.89 -25.58
C GLN D 1054 27.64 10.38 -25.66
N VAL D 1055 28.85 9.84 -25.51
CA VAL D 1055 29.11 8.43 -25.76
C VAL D 1055 29.95 7.76 -24.68
N GLN D 1056 30.23 8.42 -23.57
CA GLN D 1056 31.29 7.95 -22.68
C GLN D 1056 30.98 6.65 -21.94
N GLU D 1057 29.93 5.92 -22.21
CA GLU D 1057 29.46 4.93 -21.26
C GLU D 1057 29.31 3.52 -21.79
N HIS D 1058 28.80 3.35 -23.01
CA HIS D 1058 28.32 2.05 -23.47
C HIS D 1058 29.11 1.50 -24.62
N THR D 1059 30.09 2.23 -25.13
CA THR D 1059 30.83 1.77 -26.30
C THR D 1059 31.44 0.41 -26.07
N ASP D 1060 32.00 0.20 -24.88
CA ASP D 1060 32.61 -1.07 -24.52
C ASP D 1060 31.83 -2.25 -25.08
N GLN D 1061 30.50 -2.16 -25.04
CA GLN D 1061 29.69 -3.13 -25.77
C GLN D 1061 30.20 -3.26 -27.18
N ILE D 1062 30.07 -2.17 -27.94
CA ILE D 1062 30.42 -2.21 -29.35
C ILE D 1062 31.78 -2.84 -29.54
N TRP D 1063 32.72 -2.49 -28.67
CA TRP D 1063 34.03 -3.09 -28.81
C TRP D 1063 33.97 -4.57 -28.56
N LYS D 1064 33.30 -4.97 -27.50
CA LYS D 1064 33.18 -6.40 -27.21
C LYS D 1064 32.54 -7.11 -28.37
N PHE D 1065 31.62 -6.45 -29.03
CA PHE D 1065 30.99 -7.03 -30.20
C PHE D 1065 32.00 -7.20 -31.30
N GLN D 1066 32.73 -6.14 -31.61
CA GLN D 1066 33.66 -6.17 -32.73
C GLN D 1066 34.69 -7.25 -32.56
N ARG D 1067 35.12 -7.47 -31.34
CA ARG D 1067 36.23 -8.36 -31.03
C ARG D 1067 36.16 -9.66 -31.81
N HIS D 1068 34.95 -10.13 -32.11
CA HIS D 1068 34.84 -11.43 -32.73
C HIS D 1068 35.52 -11.54 -34.08
N ASP D 1069 35.01 -10.81 -35.08
CA ASP D 1069 35.41 -11.07 -36.45
C ASP D 1069 36.92 -11.03 -36.59
N LEU D 1070 37.57 -10.13 -35.86
CA LEU D 1070 39.02 -10.14 -35.82
C LEU D 1070 39.53 -11.51 -35.43
N ILE D 1071 39.04 -12.04 -34.32
CA ILE D 1071 39.48 -13.36 -33.90
C ILE D 1071 39.22 -14.37 -35.00
N GLU D 1072 38.06 -14.28 -35.62
CA GLU D 1072 37.72 -15.23 -36.67
C GLU D 1072 38.77 -15.21 -37.75
N GLU D 1073 39.20 -14.01 -38.15
CA GLU D 1073 40.15 -13.89 -39.23
C GLU D 1073 41.49 -14.53 -38.86
N TYR D 1074 42.13 -14.00 -37.83
CA TYR D 1074 43.48 -14.47 -37.55
C TYR D 1074 43.52 -15.90 -37.07
N HIS D 1075 42.40 -16.46 -36.67
CA HIS D 1075 42.37 -17.90 -36.50
C HIS D 1075 42.24 -18.60 -37.83
N GLY D 1076 41.68 -17.93 -38.83
CA GLY D 1076 41.46 -18.58 -40.10
C GLY D 1076 42.63 -18.47 -41.06
N ARG D 1077 43.35 -17.36 -41.02
CA ARG D 1077 44.37 -17.11 -42.00
C ARG D 1077 45.47 -18.18 -41.90
N PRO D 1078 46.01 -18.65 -43.03
CA PRO D 1078 47.11 -19.61 -42.97
C PRO D 1078 48.34 -19.01 -42.34
N ALA D 1079 49.11 -19.86 -41.67
CA ALA D 1079 50.27 -19.41 -40.87
C ALA D 1079 51.48 -19.22 -41.78
N ALA D 1080 51.52 -18.04 -42.41
CA ALA D 1080 52.66 -17.67 -43.24
C ALA D 1080 52.78 -16.15 -43.32
N PRO D 1081 53.68 -15.55 -42.57
CA PRO D 1081 53.86 -14.10 -42.64
C PRO D 1081 54.30 -13.69 -44.03
N PRO D 1082 54.27 -12.40 -44.35
CA PRO D 1082 54.50 -11.93 -45.72
C PRO D 1082 55.82 -12.40 -46.32
N PRO D 1083 56.89 -12.68 -45.52
CA PRO D 1083 58.07 -13.28 -46.15
C PRO D 1083 57.74 -14.57 -46.85
N PHE D 1084 57.31 -15.57 -46.09
CA PHE D 1084 56.96 -16.87 -46.64
C PHE D 1084 55.51 -16.94 -47.06
N ILE D 1085 54.88 -15.80 -47.32
CA ILE D 1085 53.47 -15.81 -47.70
C ILE D 1085 53.28 -16.15 -49.17
N LEU D 1086 54.31 -15.99 -49.99
CA LEU D 1086 54.13 -16.24 -51.41
C LEU D 1086 53.96 -17.72 -51.71
N LEU D 1087 54.71 -18.57 -51.02
CA LEU D 1087 54.50 -20.00 -51.17
C LEU D 1087 53.09 -20.39 -50.77
N SER D 1088 52.54 -19.69 -49.78
CA SER D 1088 51.15 -19.94 -49.38
C SER D 1088 50.18 -19.45 -50.44
N HIS D 1089 50.44 -18.26 -50.99
CA HIS D 1089 49.58 -17.73 -52.05
C HIS D 1089 49.56 -18.65 -53.26
N LEU D 1090 50.72 -19.18 -53.65
CA LEU D 1090 50.75 -20.08 -54.78
C LEU D 1090 50.19 -21.45 -54.41
N GLN D 1091 50.41 -21.88 -53.16
CA GLN D 1091 49.74 -23.08 -52.69
C GLN D 1091 48.23 -22.90 -52.69
N LEU D 1092 47.78 -21.64 -52.73
CA LEU D 1092 46.37 -21.35 -52.89
C LEU D 1092 45.95 -21.32 -54.35
N PHE D 1093 46.77 -20.71 -55.21
CA PHE D 1093 46.37 -20.56 -56.60
C PHE D 1093 46.45 -21.87 -57.38
N ILE D 1094 47.19 -22.85 -56.86
CA ILE D 1094 47.19 -24.17 -57.48
C ILE D 1094 45.84 -24.84 -57.33
N LYS D 1095 45.19 -24.64 -56.16
CA LYS D 1095 43.84 -25.14 -56.00
C LYS D 1095 42.82 -24.20 -56.63
N ARG D 1096 43.13 -22.90 -56.68
CA ARG D 1096 42.27 -21.97 -57.39
C ARG D 1096 42.20 -22.31 -58.87
N VAL D 1097 43.28 -22.87 -59.42
CA VAL D 1097 43.25 -23.40 -60.78
C VAL D 1097 42.81 -24.84 -60.83
N VAL D 1098 43.06 -25.62 -59.77
CA VAL D 1098 42.66 -27.01 -59.74
C VAL D 1098 42.12 -27.38 -58.37
N ARG D 1105 36.16 -24.72 -43.67
CA ARG D 1105 36.04 -24.28 -42.29
C ARG D 1105 37.03 -25.00 -41.39
N HIS D 1106 36.91 -24.77 -40.09
CA HIS D 1106 37.69 -25.46 -39.09
C HIS D 1106 36.74 -26.09 -38.08
N LYS D 1107 37.25 -27.09 -37.37
CA LYS D 1107 36.49 -27.73 -36.30
C LYS D 1107 36.36 -26.85 -35.06
N GLN D 1108 36.85 -25.60 -35.14
CA GLN D 1108 36.85 -24.71 -33.98
C GLN D 1108 35.53 -23.99 -33.81
N LEU D 1109 34.89 -23.57 -34.90
CA LEU D 1109 33.68 -22.78 -34.81
C LEU D 1109 32.44 -23.48 -35.33
N LYS D 1110 32.55 -24.73 -35.77
CA LYS D 1110 31.39 -25.41 -36.33
C LYS D 1110 31.69 -26.89 -36.37
N ASN D 1111 30.93 -27.69 -35.65
CA ASN D 1111 31.21 -29.12 -35.61
C ASN D 1111 29.95 -29.90 -35.30
N LYS D 1112 29.63 -30.85 -36.16
CA LYS D 1112 28.58 -31.80 -35.86
C LYS D 1112 28.89 -32.55 -34.59
N LEU D 1113 27.87 -33.13 -34.00
CA LEU D 1113 28.05 -33.93 -32.80
C LEU D 1113 27.45 -35.31 -33.02
N GLU D 1114 27.47 -36.13 -31.97
CA GLU D 1114 27.04 -37.51 -32.05
C GLU D 1114 25.76 -37.71 -31.28
N LYS D 1115 24.86 -38.50 -31.88
CA LYS D 1115 23.51 -38.65 -31.33
C LYS D 1115 23.55 -38.90 -29.84
N ASN D 1116 24.33 -39.88 -29.41
CA ASN D 1116 24.43 -40.18 -27.99
C ASN D 1116 24.88 -38.96 -27.21
N GLU D 1117 25.90 -38.27 -27.72
CA GLU D 1117 26.39 -37.11 -27.01
C GLU D 1117 25.37 -35.98 -27.08
N GLU D 1118 24.95 -35.61 -28.29
CA GLU D 1118 24.02 -34.51 -28.44
C GLU D 1118 22.78 -34.72 -27.60
N ALA D 1119 22.23 -35.92 -27.60
CA ALA D 1119 21.01 -36.17 -26.87
C ALA D 1119 21.16 -35.79 -25.41
N ALA D 1120 22.16 -36.36 -24.74
CA ALA D 1120 22.41 -36.00 -23.35
C ALA D 1120 22.53 -34.51 -23.20
N LEU D 1121 23.15 -33.86 -24.17
CA LEU D 1121 23.32 -32.43 -24.07
C LEU D 1121 21.96 -31.74 -24.07
N LEU D 1122 21.11 -32.07 -25.04
CA LEU D 1122 19.82 -31.41 -25.13
C LEU D 1122 19.01 -31.61 -23.86
N SER D 1123 18.92 -32.85 -23.40
CA SER D 1123 18.22 -33.13 -22.17
C SER D 1123 18.73 -32.25 -21.05
N TRP D 1124 20.05 -32.14 -20.94
CA TRP D 1124 20.66 -31.29 -19.94
C TRP D 1124 20.11 -29.87 -20.03
N GLU D 1125 20.12 -29.32 -21.24
CA GLU D 1125 19.59 -27.97 -21.40
C GLU D 1125 18.14 -27.90 -20.99
N ILE D 1126 17.29 -28.76 -21.59
CA ILE D 1126 15.87 -28.77 -21.29
C ILE D 1126 15.65 -28.57 -19.81
N TYR D 1127 16.30 -29.42 -19.02
CA TYR D 1127 16.27 -29.32 -17.58
C TYR D 1127 16.50 -27.89 -17.14
N LEU D 1128 17.63 -27.33 -17.55
CA LEU D 1128 17.98 -26.03 -16.99
C LEU D 1128 17.04 -24.95 -17.47
N LYS D 1129 16.47 -25.10 -18.67
CA LYS D 1129 15.52 -24.09 -19.11
C LYS D 1129 14.33 -24.05 -18.17
N GLU D 1130 13.86 -25.23 -17.78
CA GLU D 1130 12.77 -25.28 -16.82
C GLU D 1130 13.14 -24.54 -15.55
N ASN D 1131 14.32 -24.82 -15.03
CA ASN D 1131 14.80 -24.13 -13.85
C ASN D 1131 14.71 -22.62 -14.01
N TYR D 1132 15.26 -22.11 -15.11
CA TYR D 1132 15.21 -20.68 -15.34
C TYR D 1132 13.78 -20.18 -15.28
N LEU D 1133 12.86 -20.91 -15.91
CA LEU D 1133 11.47 -20.47 -15.95
C LEU D 1133 10.95 -20.19 -14.56
N GLN D 1134 11.15 -21.15 -13.65
CA GLN D 1134 10.64 -21.00 -12.30
C GLN D 1134 11.16 -19.73 -11.66
N ASN D 1135 12.48 -19.55 -11.68
CA ASN D 1135 13.03 -18.38 -11.02
C ASN D 1135 12.45 -17.11 -11.59
N ARG D 1136 12.21 -17.08 -12.90
CA ARG D 1136 11.68 -15.87 -13.50
C ARG D 1136 10.34 -15.52 -12.89
N GLN D 1137 9.36 -16.41 -13.02
CA GLN D 1137 8.03 -16.05 -12.57
C GLN D 1137 8.01 -15.81 -11.06
N PHE D 1138 8.86 -16.53 -10.33
CA PHE D 1138 8.90 -16.32 -8.89
C PHE D 1138 9.32 -14.89 -8.58
N GLN D 1139 10.46 -14.47 -9.10
CA GLN D 1139 10.86 -13.10 -8.83
C GLN D 1139 9.86 -12.11 -9.37
N GLN D 1140 9.04 -12.52 -10.32
CA GLN D 1140 7.94 -11.66 -10.72
C GLN D 1140 6.99 -11.44 -9.57
N LYS D 1141 6.89 -12.42 -8.67
CA LYS D 1141 5.98 -12.30 -7.54
C LYS D 1141 6.45 -11.29 -6.51
N GLN D 1142 7.65 -10.73 -6.66
CA GLN D 1142 8.15 -9.83 -5.64
C GLN D 1142 7.99 -8.37 -6.00
N ARG D 1143 7.74 -8.07 -7.26
CA ARG D 1143 7.64 -6.69 -7.68
C ARG D 1143 6.61 -5.97 -6.85
N PRO D 1144 7.01 -4.99 -6.05
CA PRO D 1144 6.05 -4.35 -5.14
C PRO D 1144 4.76 -3.94 -5.81
N GLU D 1145 4.84 -3.37 -7.01
CA GLU D 1145 3.63 -2.98 -7.72
C GLU D 1145 2.69 -4.17 -7.88
N GLN D 1146 3.24 -5.33 -8.20
CA GLN D 1146 2.41 -6.52 -8.31
C GLN D 1146 1.80 -6.88 -6.97
N LYS D 1147 2.56 -6.71 -5.89
CA LYS D 1147 2.04 -7.06 -4.58
C LYS D 1147 0.88 -6.17 -4.20
N ILE D 1148 0.99 -4.87 -4.49
CA ILE D 1148 -0.12 -3.97 -4.21
C ILE D 1148 -1.35 -4.40 -5.00
N GLU D 1149 -1.16 -4.75 -6.28
CA GLU D 1149 -2.28 -5.23 -7.06
C GLU D 1149 -2.95 -6.41 -6.38
N ASP D 1150 -2.14 -7.30 -5.80
CA ASP D 1150 -2.72 -8.41 -5.06
C ASP D 1150 -3.58 -7.92 -3.91
N ILE D 1151 -3.10 -6.91 -3.18
CA ILE D 1151 -3.89 -6.38 -2.07
C ILE D 1151 -5.23 -5.88 -2.58
N SER D 1152 -5.23 -5.14 -3.68
CA SER D 1152 -6.48 -4.56 -4.18
C SER D 1152 -7.48 -5.66 -4.51
N ASN D 1153 -7.07 -6.64 -5.29
CA ASN D 1153 -8.00 -7.70 -5.64
C ASN D 1153 -8.48 -8.42 -4.40
N LYS D 1154 -7.65 -8.49 -3.37
CA LYS D 1154 -8.08 -9.20 -2.19
C LYS D 1154 -9.13 -8.40 -1.41
N VAL D 1155 -8.88 -7.10 -1.25
CA VAL D 1155 -9.82 -6.28 -0.47
C VAL D 1155 -11.16 -6.18 -1.17
N ASP D 1156 -11.17 -6.21 -2.50
CA ASP D 1156 -12.45 -6.15 -3.20
C ASP D 1156 -13.35 -7.30 -2.80
N ALA D 1157 -12.77 -8.48 -2.57
CA ALA D 1157 -13.58 -9.60 -2.13
C ALA D 1157 -14.26 -9.31 -0.81
N MET D 1158 -13.55 -8.65 0.11
CA MET D 1158 -14.18 -8.26 1.36
C MET D 1158 -15.34 -7.33 1.10
N VAL D 1159 -15.16 -6.38 0.19
CA VAL D 1159 -16.24 -5.46 -0.15
C VAL D 1159 -17.46 -6.23 -0.60
N ASP D 1160 -17.26 -7.16 -1.55
CA ASP D 1160 -18.37 -7.88 -2.12
C ASP D 1160 -19.11 -8.69 -1.06
N LEU D 1161 -18.36 -9.45 -0.26
CA LEU D 1161 -19.00 -10.26 0.78
C LEU D 1161 -19.73 -9.38 1.77
N LEU D 1162 -19.10 -8.29 2.18
CA LEU D 1162 -19.65 -7.46 3.24
C LEU D 1162 -20.95 -6.79 2.81
N ASP D 1163 -21.05 -6.38 1.56
CA ASP D 1163 -22.28 -5.75 1.09
C ASP D 1163 -23.34 -6.76 0.69
N LEU D 1164 -22.96 -8.01 0.42
CA LEU D 1164 -23.93 -8.99 -0.04
C LEU D 1164 -24.74 -9.57 1.11
N ASP D 1165 -24.09 -9.98 2.18
CA ASP D 1165 -24.78 -10.61 3.30
C ASP D 1165 -25.64 -9.62 4.06
N GLY D 1235 -48.84 -34.62 -9.41
CA GLY D 1235 -48.48 -35.06 -10.75
C GLY D 1235 -48.76 -36.53 -10.99
N ASP D 1236 -49.88 -36.81 -11.64
CA ASP D 1236 -50.28 -38.18 -11.93
C ASP D 1236 -50.17 -38.47 -13.42
N SER D 1237 -50.43 -39.72 -13.78
CA SER D 1237 -50.33 -40.14 -15.16
C SER D 1237 -51.49 -39.57 -15.96
N TYR D 1238 -51.18 -38.65 -16.87
CA TYR D 1238 -52.19 -38.04 -17.72
C TYR D 1238 -51.77 -38.17 -19.17
N HIS D 1239 -52.75 -37.99 -20.05
CA HIS D 1239 -52.49 -38.01 -21.48
C HIS D 1239 -52.13 -36.60 -21.94
N VAL D 1240 -50.87 -36.24 -21.71
CA VAL D 1240 -50.44 -34.88 -22.00
C VAL D 1240 -50.42 -34.64 -23.50
N ASN D 1241 -50.04 -35.65 -24.27
CA ASN D 1241 -50.06 -35.51 -25.72
C ASN D 1241 -51.49 -35.42 -26.24
N ALA D 1242 -52.45 -35.97 -25.50
CA ALA D 1242 -53.83 -35.86 -25.93
C ALA D 1242 -54.40 -34.49 -25.60
N ARG D 1243 -54.14 -34.00 -24.40
CA ARG D 1243 -54.58 -32.65 -24.03
C ARG D 1243 -53.78 -31.57 -24.73
N HIS D 1244 -52.80 -31.96 -25.52
CA HIS D 1244 -51.91 -31.00 -26.16
C HIS D 1244 -52.69 -30.08 -27.09
N LEU D 1245 -52.63 -28.78 -26.81
CA LEU D 1245 -53.25 -27.77 -27.65
C LEU D 1245 -52.79 -27.92 -29.10
N LEU D 1246 -53.56 -27.34 -30.01
CA LEU D 1246 -53.21 -27.34 -31.43
C LEU D 1246 -53.06 -28.77 -31.96
N TYR D 1247 -54.21 -29.43 -32.05
CA TYR D 1247 -54.28 -30.71 -32.74
C TYR D 1247 -53.48 -30.67 -34.03
N PRO D 1248 -52.71 -31.72 -34.32
CA PRO D 1248 -51.81 -31.68 -35.47
C PRO D 1248 -52.59 -31.53 -36.76
N ASN D 1249 -52.17 -30.54 -37.56
CA ASN D 1249 -52.60 -30.32 -38.93
C ASN D 1249 -54.06 -29.89 -39.02
N CYS D 1250 -54.80 -29.91 -37.91
CA CYS D 1250 -56.16 -29.41 -37.91
C CYS D 1250 -56.12 -27.99 -37.41
N PRO D 1251 -56.33 -26.98 -38.26
CA PRO D 1251 -56.20 -25.59 -37.82
C PRO D 1251 -57.31 -25.18 -36.87
N VAL D 1252 -57.49 -25.95 -35.80
CA VAL D 1252 -58.44 -25.64 -34.74
C VAL D 1252 -57.76 -25.90 -33.41
N THR D 1253 -58.44 -25.58 -32.33
CA THR D 1253 -57.89 -25.73 -30.99
C THR D 1253 -58.83 -26.57 -30.14
N ARG D 1254 -58.24 -27.45 -29.34
CA ARG D 1254 -59.03 -28.25 -28.42
C ARG D 1254 -59.26 -27.50 -27.12
N PHE D 1255 -60.26 -27.94 -26.38
CA PHE D 1255 -60.70 -27.23 -25.19
C PHE D 1255 -59.63 -27.33 -24.09
N PRO D 1256 -59.43 -26.28 -23.31
CA PRO D 1256 -58.53 -26.37 -22.15
C PRO D 1256 -59.08 -27.34 -21.12
N VAL D 1257 -58.27 -28.32 -20.75
CA VAL D 1257 -58.69 -29.37 -19.83
C VAL D 1257 -57.62 -29.55 -18.76
N PRO D 1258 -57.69 -28.83 -17.65
CA PRO D 1258 -56.62 -28.92 -16.64
C PRO D 1258 -56.52 -30.29 -15.98
N ASN D 1259 -55.47 -30.47 -15.18
CA ASN D 1259 -55.23 -31.76 -14.54
C ASN D 1259 -56.36 -32.14 -13.60
N GLU D 1260 -57.01 -31.16 -13.00
CA GLU D 1260 -58.08 -31.47 -12.05
C GLU D 1260 -59.28 -32.08 -12.76
N LYS D 1261 -59.77 -31.40 -13.79
CA LYS D 1261 -61.01 -31.80 -14.46
C LYS D 1261 -60.77 -32.67 -15.67
N VAL D 1262 -59.62 -33.34 -15.76
CA VAL D 1262 -59.34 -34.15 -16.95
C VAL D 1262 -60.24 -35.37 -17.05
N PRO D 1263 -60.56 -36.10 -15.99
CA PRO D 1263 -61.38 -37.31 -16.18
C PRO D 1263 -62.86 -36.94 -16.22
N TRP D 1264 -63.63 -37.82 -16.87
CA TRP D 1264 -65.07 -37.59 -17.00
C TRP D 1264 -65.73 -37.45 -15.64
N GLU D 1265 -65.23 -38.19 -14.65
CA GLU D 1265 -65.88 -38.25 -13.34
C GLU D 1265 -65.75 -36.97 -12.54
N THR D 1266 -64.96 -36.00 -13.00
CA THR D 1266 -64.79 -34.77 -12.25
C THR D 1266 -65.80 -33.73 -12.68
N GLU D 1267 -66.11 -32.82 -11.76
CA GLU D 1267 -67.08 -31.76 -12.02
C GLU D 1267 -66.50 -30.77 -13.01
N PHE D 1268 -66.98 -30.81 -14.25
CA PHE D 1268 -66.50 -29.90 -15.27
C PHE D 1268 -67.66 -29.60 -16.20
N LEU D 1269 -68.36 -28.49 -15.94
CA LEU D 1269 -69.57 -28.17 -16.69
C LEU D 1269 -69.28 -27.29 -17.91
N ILE D 1270 -68.27 -26.42 -17.81
CA ILE D 1270 -67.96 -25.49 -18.87
C ILE D 1270 -67.52 -26.21 -20.13
N TYR D 1271 -67.14 -27.48 -20.00
CA TYR D 1271 -66.59 -28.26 -21.10
C TYR D 1271 -67.45 -28.14 -22.36
N ASP D 1272 -66.80 -27.74 -23.45
CA ASP D 1272 -67.48 -27.53 -24.74
C ASP D 1272 -66.51 -27.89 -25.87
N PRO D 1273 -66.28 -29.17 -26.10
CA PRO D 1273 -65.36 -29.57 -27.15
C PRO D 1273 -65.99 -29.42 -28.52
N PRO D 1274 -65.29 -28.81 -29.46
CA PRO D 1274 -65.81 -28.70 -30.82
C PRO D 1274 -65.56 -29.97 -31.61
N PHE D 1275 -66.50 -30.28 -32.50
CA PHE D 1275 -66.39 -31.48 -33.32
C PHE D 1275 -65.28 -31.31 -34.34
N TYR D 1276 -64.31 -32.22 -34.32
CA TYR D 1276 -63.17 -32.20 -35.24
C TYR D 1276 -63.10 -33.55 -35.95
N THR D 1277 -63.51 -33.56 -37.22
CA THR D 1277 -63.43 -34.74 -38.06
C THR D 1277 -62.77 -34.35 -39.36
N ALA D 1278 -61.61 -34.95 -39.65
CA ALA D 1278 -60.93 -34.66 -40.89
C ALA D 1278 -61.81 -35.08 -42.08
N GLU D 1279 -61.46 -34.56 -43.25
CA GLU D 1279 -62.22 -34.87 -44.46
C GLU D 1279 -62.00 -36.31 -44.88
N ARG D 1280 -60.86 -36.90 -44.52
CA ARG D 1280 -60.56 -38.27 -44.87
C ARG D 1280 -60.71 -39.24 -43.70
N LYS D 1281 -61.10 -38.75 -42.52
CA LYS D 1281 -61.29 -39.63 -41.38
C LYS D 1281 -62.50 -40.54 -41.59
N ASP D 1282 -63.61 -39.98 -42.07
CA ASP D 1282 -64.80 -40.74 -42.40
C ASP D 1282 -64.77 -41.04 -43.89
N ALA D 1283 -63.79 -41.86 -44.29
CA ALA D 1283 -63.61 -42.18 -45.70
C ALA D 1283 -63.84 -43.67 -45.94
N ALA D 1284 -63.60 -44.12 -47.18
CA ALA D 1284 -63.80 -45.52 -47.51
C ALA D 1284 -62.93 -46.40 -46.63
N ALA D 1285 -63.52 -47.50 -46.13
CA ALA D 1285 -62.86 -48.50 -45.30
C ALA D 1285 -62.49 -47.94 -43.93
N MET D 1286 -62.72 -46.65 -43.72
CA MET D 1286 -62.56 -46.04 -42.41
C MET D 1286 -63.94 -45.87 -41.79
N ASP D 1287 -63.95 -45.67 -40.47
CA ASP D 1287 -65.22 -45.45 -39.79
C ASP D 1287 -65.88 -44.21 -40.38
N PRO D 1288 -67.05 -44.32 -40.98
CA PRO D 1288 -67.69 -43.16 -41.58
C PRO D 1288 -68.25 -42.24 -40.51
N MET D 1289 -67.79 -42.46 -39.29
CA MET D 1289 -68.16 -41.84 -38.04
C MET D 1289 -67.67 -40.40 -37.92
N GLY D 1290 -67.13 -39.76 -38.96
CA GLY D 1290 -66.75 -38.37 -38.86
C GLY D 1290 -67.88 -37.48 -38.35
N ASP D 1291 -69.12 -37.84 -38.65
CA ASP D 1291 -70.30 -37.17 -38.14
C ASP D 1291 -71.20 -38.19 -37.45
N THR D 1292 -70.59 -38.99 -36.58
CA THR D 1292 -71.20 -40.19 -36.00
C THR D 1292 -72.42 -39.89 -35.14
N LEU D 1293 -72.84 -38.64 -34.99
CA LEU D 1293 -74.14 -38.39 -34.38
C LEU D 1293 -75.27 -39.04 -35.17
N GLU D 1294 -75.04 -39.32 -36.45
CA GLU D 1294 -76.00 -40.00 -37.29
C GLU D 1294 -76.20 -41.43 -36.82
N PRO D 1295 -77.22 -42.13 -37.32
CA PRO D 1295 -77.39 -43.55 -36.99
C PRO D 1295 -76.29 -44.46 -37.52
N LEU D 1296 -75.37 -43.95 -38.35
CA LEU D 1296 -74.29 -44.78 -38.86
C LEU D 1296 -73.37 -45.25 -37.74
N SER D 1297 -73.35 -44.58 -36.60
CA SER D 1297 -72.55 -45.03 -35.46
C SER D 1297 -73.33 -46.08 -34.67
N THR D 1298 -73.85 -47.08 -35.38
CA THR D 1298 -74.51 -48.21 -34.74
C THR D 1298 -73.58 -49.41 -34.59
N ILE D 1299 -72.28 -49.21 -34.83
CA ILE D 1299 -71.34 -50.32 -34.77
C ILE D 1299 -71.17 -50.77 -33.32
N GLN D 1300 -70.84 -52.05 -33.16
CA GLN D 1300 -70.72 -52.65 -31.85
C GLN D 1300 -69.54 -52.04 -31.09
N TYR D 1301 -69.82 -51.56 -29.88
CA TYR D 1301 -68.78 -51.04 -29.00
C TYR D 1301 -68.40 -52.12 -28.00
N ASN D 1302 -67.12 -52.10 -27.60
CA ASN D 1302 -66.48 -53.18 -26.85
C ASN D 1302 -66.84 -54.54 -27.44
N VAL D 1303 -67.04 -54.57 -28.76
CA VAL D 1303 -67.41 -55.79 -29.47
C VAL D 1303 -67.08 -55.58 -30.94
N VAL D 1304 -66.52 -56.62 -31.55
CA VAL D 1304 -66.08 -56.54 -32.94
C VAL D 1304 -67.30 -56.39 -33.84
N ASP D 1305 -67.45 -55.23 -34.48
CA ASP D 1305 -68.52 -55.01 -35.45
C ASP D 1305 -68.02 -55.26 -36.86
N GLY D 1306 -67.64 -56.52 -37.11
CA GLY D 1306 -67.13 -56.90 -38.40
C GLY D 1306 -65.64 -56.67 -38.55
N LEU D 1307 -65.27 -55.62 -39.30
CA LEU D 1307 -63.87 -55.36 -39.59
C LEU D 1307 -63.16 -54.56 -38.51
N ARG D 1308 -63.90 -53.86 -37.67
CA ARG D 1308 -63.31 -53.07 -36.59
C ARG D 1308 -63.62 -53.77 -35.27
N ASP D 1309 -62.62 -54.44 -34.70
CA ASP D 1309 -62.80 -55.05 -33.39
C ASP D 1309 -62.81 -53.95 -32.34
N ARG D 1310 -63.89 -53.16 -32.33
CA ARG D 1310 -63.92 -51.93 -31.56
C ARG D 1310 -63.97 -52.26 -30.08
N ARG D 1311 -62.80 -52.54 -29.50
CA ARG D 1311 -62.72 -53.03 -28.13
C ARG D 1311 -61.33 -52.73 -27.59
N SER D 1312 -61.27 -52.28 -26.34
CA SER D 1312 -60.03 -51.79 -25.76
C SER D 1312 -59.41 -52.82 -24.83
N PHE D 1313 -58.09 -52.99 -24.93
CA PHE D 1313 -57.38 -53.81 -23.96
C PHE D 1313 -57.60 -53.31 -22.55
N HIS D 1314 -57.73 -51.99 -22.39
CA HIS D 1314 -58.02 -51.41 -21.08
C HIS D 1314 -59.29 -52.01 -20.50
N GLY D 1315 -60.30 -52.23 -21.33
CA GLY D 1315 -61.51 -52.88 -20.88
C GLY D 1315 -62.75 -52.39 -21.60
N PRO D 1316 -63.91 -52.71 -21.04
CA PRO D 1316 -65.17 -52.27 -21.65
C PRO D 1316 -65.33 -50.76 -21.57
N TYR D 1317 -65.27 -50.09 -22.71
CA TYR D 1317 -65.35 -48.64 -22.72
C TYR D 1317 -66.81 -48.19 -22.80
N THR D 1318 -67.15 -47.22 -21.98
CA THR D 1318 -68.51 -46.71 -21.94
C THR D 1318 -68.88 -46.07 -23.28
N VAL D 1319 -70.16 -46.13 -23.61
CA VAL D 1319 -70.70 -45.55 -24.83
C VAL D 1319 -71.38 -44.23 -24.45
N GLN D 1320 -71.26 -43.23 -25.32
CA GLN D 1320 -71.91 -41.95 -25.13
C GLN D 1320 -72.70 -41.64 -26.39
N ALA D 1321 -73.96 -42.06 -26.42
CA ALA D 1321 -74.85 -41.82 -27.56
C ALA D 1321 -74.25 -42.41 -28.85
N GLY D 1322 -73.97 -43.71 -28.80
CA GLY D 1322 -73.41 -44.39 -29.95
C GLY D 1322 -72.00 -43.94 -30.28
N LEU D 1323 -71.40 -43.18 -29.36
CA LEU D 1323 -70.05 -42.67 -29.52
C LEU D 1323 -69.22 -43.10 -28.32
N PRO D 1324 -67.97 -43.47 -28.53
CA PRO D 1324 -67.10 -43.84 -27.42
C PRO D 1324 -66.60 -42.61 -26.70
N LEU D 1325 -66.31 -42.77 -25.42
CA LEU D 1325 -65.59 -41.76 -24.66
C LEU D 1325 -64.21 -42.28 -24.34
N ASN D 1326 -63.21 -41.41 -24.46
CA ASN D 1326 -61.85 -41.79 -24.13
C ASN D 1326 -61.80 -42.38 -22.72
N PRO D 1327 -61.41 -43.65 -22.57
CA PRO D 1327 -61.49 -44.30 -21.26
C PRO D 1327 -60.53 -43.72 -20.23
N MET D 1328 -59.69 -42.76 -20.60
CA MET D 1328 -58.79 -42.14 -19.64
C MET D 1328 -59.29 -40.82 -19.08
N GLY D 1329 -59.99 -40.03 -19.88
CA GLY D 1329 -60.46 -38.74 -19.42
C GLY D 1329 -60.86 -37.88 -20.62
N ARG D 1330 -61.17 -36.63 -20.32
CA ARG D 1330 -61.58 -35.70 -21.37
C ARG D 1330 -60.37 -35.24 -22.17
N THR D 1331 -60.56 -35.07 -23.47
CA THR D 1331 -59.48 -34.67 -24.35
C THR D 1331 -59.62 -33.24 -24.85
N GLY D 1332 -60.74 -32.58 -24.58
CA GLY D 1332 -60.95 -31.24 -25.07
C GLY D 1332 -61.23 -31.14 -26.55
N LEU D 1333 -61.32 -32.26 -27.26
CA LEU D 1333 -61.55 -32.26 -28.70
C LEU D 1333 -62.64 -33.26 -29.04
N ARG D 1334 -63.75 -32.76 -29.59
CA ARG D 1334 -64.83 -33.59 -30.08
C ARG D 1334 -64.65 -33.83 -31.58
N GLY D 1335 -65.41 -34.78 -32.10
CA GLY D 1335 -65.32 -35.14 -33.50
C GLY D 1335 -64.42 -36.33 -33.74
N ARG D 1336 -64.24 -36.66 -35.02
CA ARG D 1336 -63.47 -37.85 -35.36
C ARG D 1336 -61.97 -37.62 -35.23
N GLY D 1337 -61.47 -36.55 -35.84
CA GLY D 1337 -60.03 -36.31 -35.81
C GLY D 1337 -59.32 -37.02 -36.96
N SER D 1338 -58.14 -37.55 -36.65
CA SER D 1338 -57.36 -38.32 -37.63
C SER D 1338 -57.43 -39.82 -37.41
N LEU D 1339 -57.78 -40.27 -36.21
CA LEU D 1339 -57.99 -41.69 -36.00
C LEU D 1339 -59.12 -42.18 -36.89
N SER D 1340 -58.95 -43.38 -37.46
CA SER D 1340 -59.92 -43.88 -38.42
C SER D 1340 -61.19 -44.36 -37.73
N CYS D 1341 -61.07 -45.39 -36.90
CA CYS D 1341 -62.20 -45.95 -36.18
C CYS D 1341 -62.29 -45.35 -34.79
N PHE D 1342 -63.50 -45.27 -34.28
CA PHE D 1342 -63.70 -44.69 -32.97
C PHE D 1342 -63.23 -45.63 -31.88
N GLY D 1343 -63.38 -45.20 -30.65
CA GLY D 1343 -62.95 -45.96 -29.50
C GLY D 1343 -61.47 -46.22 -29.54
N PRO D 1344 -61.09 -47.48 -29.36
CA PRO D 1344 -59.69 -47.87 -29.52
C PRO D 1344 -59.34 -48.03 -30.99
N ASN D 1345 -58.03 -47.97 -31.25
CA ASN D 1345 -57.48 -48.23 -32.58
C ASN D 1345 -56.17 -48.95 -32.36
N HIS D 1346 -56.19 -50.27 -32.51
CA HIS D 1346 -55.05 -51.09 -32.16
C HIS D 1346 -54.05 -51.18 -33.32
N THR D 1347 -52.78 -51.34 -32.96
CA THR D 1347 -51.72 -51.61 -33.91
C THR D 1347 -50.66 -52.43 -33.19
N LEU D 1348 -49.47 -52.51 -33.78
CA LEU D 1348 -48.41 -53.32 -33.20
C LEU D 1348 -47.07 -52.61 -33.31
N TYR D 1349 -46.38 -52.52 -32.19
CA TYR D 1349 -45.00 -52.05 -32.12
C TYR D 1349 -44.15 -53.15 -31.54
N PRO D 1350 -43.50 -53.96 -32.37
CA PRO D 1350 -42.63 -55.02 -31.84
C PRO D 1350 -41.40 -54.42 -31.18
N MET D 1351 -40.53 -55.31 -30.67
CA MET D 1351 -39.29 -54.89 -30.02
C MET D 1351 -38.24 -55.95 -30.22
N VAL D 1352 -37.12 -55.58 -30.84
CA VAL D 1352 -35.94 -56.43 -30.92
C VAL D 1352 -34.85 -55.82 -30.07
N THR D 1353 -34.21 -56.65 -29.25
CA THR D 1353 -33.20 -56.17 -28.32
C THR D 1353 -31.98 -57.08 -28.39
N ARG D 1354 -30.81 -56.47 -28.41
CA ARG D 1354 -29.55 -57.21 -28.38
C ARG D 1354 -28.62 -56.52 -27.40
N TRP D 1355 -27.74 -57.31 -26.79
CA TRP D 1355 -26.77 -56.74 -25.87
C TRP D 1355 -25.74 -55.92 -26.64
N ARG D 1356 -24.78 -55.39 -25.90
CA ARG D 1356 -23.69 -54.62 -26.49
C ARG D 1356 -22.37 -55.23 -26.03
N ARG D 1357 -21.70 -55.92 -26.95
CA ARG D 1357 -20.47 -56.61 -26.62
C ARG D 1357 -19.27 -55.71 -26.90
N ASN D 1358 -18.14 -56.08 -26.31
CA ASN D 1358 -16.89 -55.37 -26.54
C ASN D 1358 -16.13 -56.05 -27.68
N GLU D 1359 -14.88 -55.64 -27.87
CA GLU D 1359 -14.06 -56.24 -28.91
C GLU D 1359 -13.65 -57.66 -28.55
N ASP D 1360 -13.58 -57.97 -27.25
CA ASP D 1360 -13.16 -59.30 -26.83
C ASP D 1360 -14.33 -60.26 -26.63
N GLY D 1361 -15.56 -59.76 -26.66
CA GLY D 1361 -16.73 -60.61 -26.54
C GLY D 1361 -17.52 -60.41 -25.26
N ALA D 1362 -17.06 -59.60 -24.33
CA ALA D 1362 -17.80 -59.35 -23.10
C ALA D 1362 -18.86 -58.28 -23.35
N ILE D 1363 -19.97 -58.40 -22.61
CA ILE D 1363 -21.05 -57.45 -22.76
C ILE D 1363 -20.68 -56.14 -22.09
N CYS D 1364 -21.03 -55.02 -22.73
CA CYS D 1364 -20.72 -53.74 -22.11
C CYS D 1364 -21.53 -53.55 -20.83
N ARG D 1365 -21.16 -52.51 -20.08
CA ARG D 1365 -21.78 -52.23 -18.80
C ARG D 1365 -21.98 -50.73 -18.67
N LYS D 1366 -23.03 -50.35 -17.94
CA LYS D 1366 -23.21 -48.97 -17.54
C LYS D 1366 -22.32 -48.71 -16.34
N SER D 1367 -22.54 -47.59 -15.65
CA SER D 1367 -21.90 -47.36 -14.36
C SER D 1367 -22.01 -48.59 -13.48
N ILE D 1368 -23.24 -49.08 -13.28
CA ILE D 1368 -23.48 -50.36 -12.62
C ILE D 1368 -24.26 -51.31 -13.51
N LYS D 1369 -25.24 -50.80 -14.25
CA LYS D 1369 -26.08 -51.59 -15.13
C LYS D 1369 -25.31 -51.90 -16.41
N LYS D 1370 -26.01 -52.36 -17.44
CA LYS D 1370 -25.38 -52.78 -18.67
C LYS D 1370 -25.96 -52.01 -19.85
N MET D 1371 -25.47 -52.36 -21.03
CA MET D 1371 -25.80 -51.69 -22.27
C MET D 1371 -26.51 -52.65 -23.21
N LEU D 1372 -27.61 -52.19 -23.80
CA LEU D 1372 -28.33 -52.96 -24.81
C LEU D 1372 -28.27 -52.20 -26.13
N GLU D 1373 -28.53 -52.93 -27.22
CA GLU D 1373 -28.60 -52.35 -28.55
C GLU D 1373 -29.94 -52.68 -29.16
N VAL D 1374 -30.64 -51.65 -29.62
CA VAL D 1374 -31.96 -51.79 -30.25
C VAL D 1374 -31.91 -51.10 -31.60
N LEU D 1375 -32.48 -51.75 -32.61
CA LEU D 1375 -32.44 -51.20 -33.94
C LEU D 1375 -33.66 -50.31 -34.16
N VAL D 1376 -33.45 -49.22 -34.89
CA VAL D 1376 -34.52 -48.28 -35.18
C VAL D 1376 -34.49 -47.97 -36.66
N VAL D 1377 -35.67 -47.90 -37.26
CA VAL D 1377 -35.81 -47.53 -38.66
C VAL D 1377 -36.10 -46.05 -38.73
N LYS D 1378 -35.39 -45.36 -39.61
CA LYS D 1378 -35.66 -43.96 -39.85
C LYS D 1378 -36.80 -43.82 -40.85
N LEU D 1379 -37.58 -42.78 -40.68
CA LEU D 1379 -38.61 -42.43 -41.63
C LEU D 1379 -38.26 -41.12 -42.31
N PRO D 1380 -38.45 -41.01 -43.61
CA PRO D 1380 -37.93 -39.84 -44.33
C PRO D 1380 -38.47 -38.53 -43.82
N LEU D 1381 -39.78 -38.46 -43.55
CA LEU D 1381 -40.42 -37.19 -43.23
C LEU D 1381 -40.98 -37.23 -41.81
N SER D 1382 -40.19 -37.72 -40.87
CA SER D 1382 -40.64 -37.88 -39.50
C SER D 1382 -40.10 -36.83 -38.55
N GLU D 1383 -38.90 -36.32 -38.80
CA GLU D 1383 -38.16 -35.53 -37.83
C GLU D 1383 -37.99 -36.29 -36.52
N HIS D 1384 -38.07 -37.62 -36.58
CA HIS D 1384 -38.02 -38.45 -35.38
C HIS D 1384 -37.77 -39.89 -35.81
N TRP D 1385 -36.74 -40.51 -35.26
CA TRP D 1385 -36.58 -41.93 -35.46
C TRP D 1385 -37.71 -42.67 -34.75
N ALA D 1386 -38.21 -43.71 -35.39
CA ALA D 1386 -39.39 -44.40 -34.89
C ALA D 1386 -39.14 -45.90 -34.82
N LEU D 1387 -39.74 -46.53 -33.82
CA LEU D 1387 -39.73 -47.97 -33.75
C LEU D 1387 -40.45 -48.54 -34.97
N PRO D 1388 -40.00 -49.65 -35.51
CA PRO D 1388 -40.71 -50.27 -36.64
C PRO D 1388 -42.03 -50.87 -36.20
N GLY D 1389 -43.03 -50.04 -36.02
CA GLY D 1389 -44.37 -50.50 -35.70
C GLY D 1389 -45.40 -49.98 -36.68
N GLY D 1390 -46.24 -50.88 -37.22
CA GLY D 1390 -47.16 -50.55 -38.28
C GLY D 1390 -48.60 -50.78 -37.87
N SER D 1391 -49.50 -50.19 -38.64
CA SER D 1391 -50.92 -50.30 -38.37
C SER D 1391 -51.36 -51.76 -38.48
N ARG D 1392 -52.04 -52.26 -37.46
CA ARG D 1392 -52.53 -53.63 -37.48
C ARG D 1392 -53.76 -53.74 -38.40
N GLU D 1393 -53.54 -53.43 -39.67
CA GLU D 1393 -54.58 -53.58 -40.68
C GLU D 1393 -54.82 -55.07 -40.92
N PRO D 1394 -53.77 -55.90 -41.08
CA PRO D 1394 -54.00 -57.35 -41.02
C PRO D 1394 -53.87 -57.85 -39.60
N GLY D 1395 -54.08 -59.14 -39.39
CA GLY D 1395 -53.96 -59.70 -38.05
C GLY D 1395 -52.53 -59.87 -37.61
N GLU D 1396 -51.79 -60.75 -38.30
CA GLU D 1396 -50.40 -61.00 -37.95
C GLU D 1396 -49.43 -60.16 -38.75
N MET D 1397 -49.87 -59.56 -39.86
CA MET D 1397 -49.02 -58.74 -40.70
C MET D 1397 -48.98 -57.29 -40.26
N LEU D 1398 -49.29 -57.01 -38.99
CA LEU D 1398 -49.11 -55.66 -38.47
C LEU D 1398 -47.66 -55.21 -38.56
N PRO D 1399 -46.65 -56.00 -38.21
CA PRO D 1399 -45.28 -55.61 -38.54
C PRO D 1399 -45.02 -55.59 -40.03
N ARG D 1400 -45.78 -56.35 -40.83
CA ARG D 1400 -45.71 -56.18 -42.27
C ARG D 1400 -46.33 -54.85 -42.70
N LYS D 1401 -47.03 -54.16 -41.81
CA LYS D 1401 -47.26 -52.74 -42.00
C LYS D 1401 -46.08 -51.94 -41.46
N LEU D 1402 -45.49 -52.40 -40.36
CA LEU D 1402 -44.23 -51.82 -39.90
C LEU D 1402 -43.13 -52.06 -40.92
N LYS D 1403 -42.97 -53.31 -41.35
CA LYS D 1403 -41.99 -53.67 -42.37
C LYS D 1403 -42.60 -53.65 -43.76
N ARG D 1404 -43.54 -52.72 -44.00
CA ARG D 1404 -44.18 -52.60 -45.31
C ARG D 1404 -43.16 -52.65 -46.44
N ILE D 1405 -41.97 -52.12 -46.21
CA ILE D 1405 -40.92 -52.12 -47.23
C ILE D 1405 -39.58 -52.54 -46.62
N LEU D 1406 -39.61 -53.08 -45.41
CA LEU D 1406 -38.38 -53.24 -44.62
C LEU D 1406 -37.75 -54.63 -44.74
N ARG D 1407 -38.45 -55.67 -44.31
CA ARG D 1407 -37.73 -56.92 -44.05
C ARG D 1407 -37.41 -57.66 -45.35
N GLN D 1408 -38.45 -58.14 -46.04
CA GLN D 1408 -38.32 -58.82 -47.32
C GLN D 1408 -39.71 -59.10 -47.86
N GLU D 1409 -39.80 -59.82 -48.98
CA GLU D 1409 -41.09 -60.23 -49.52
C GLU D 1409 -41.53 -61.56 -48.92
N HIS D 1410 -40.73 -62.60 -49.12
CA HIS D 1410 -41.06 -63.90 -48.55
C HIS D 1410 -40.56 -64.00 -47.12
N TRP D 1411 -39.31 -63.61 -46.89
CA TRP D 1411 -38.72 -63.62 -45.56
C TRP D 1411 -39.59 -62.79 -44.63
N PRO D 1412 -40.40 -61.87 -45.17
CA PRO D 1412 -41.48 -61.30 -44.36
C PRO D 1412 -42.24 -62.35 -43.57
N SER D 1413 -42.69 -63.41 -44.25
CA SER D 1413 -43.37 -64.48 -43.54
C SER D 1413 -42.43 -65.17 -42.56
N PHE D 1414 -41.15 -65.26 -42.91
CA PHE D 1414 -40.19 -65.85 -41.98
C PHE D 1414 -40.18 -65.08 -40.67
N GLU D 1415 -39.94 -63.77 -40.74
CA GLU D 1415 -39.96 -62.96 -39.54
C GLU D 1415 -41.33 -63.00 -38.88
N ASN D 1416 -42.38 -63.19 -39.67
CA ASN D 1416 -43.71 -63.34 -39.09
C ASN D 1416 -43.74 -64.52 -38.13
N LEU D 1417 -43.17 -65.64 -38.54
CA LEU D 1417 -42.98 -66.74 -37.59
C LEU D 1417 -42.07 -66.29 -36.45
N LEU D 1418 -41.02 -65.54 -36.77
CA LEU D 1418 -40.11 -65.04 -35.76
C LEU D 1418 -40.74 -63.95 -34.90
N LYS D 1419 -41.86 -63.39 -35.33
CA LYS D 1419 -42.55 -62.40 -34.52
C LYS D 1419 -43.02 -62.97 -33.19
N CYS D 1420 -43.06 -64.30 -33.05
CA CYS D 1420 -43.42 -64.93 -31.79
C CYS D 1420 -42.40 -64.53 -30.73
N GLY D 1421 -42.86 -63.78 -29.72
CA GLY D 1421 -41.95 -63.30 -28.69
C GLY D 1421 -42.61 -63.08 -27.34
N MET D 1422 -41.99 -62.24 -26.51
CA MET D 1422 -42.48 -61.95 -25.17
C MET D 1422 -43.18 -60.60 -25.15
N GLU D 1423 -44.33 -60.54 -24.49
CA GLU D 1423 -45.14 -59.34 -24.45
C GLU D 1423 -44.66 -58.39 -23.36
N VAL D 1424 -44.94 -57.10 -23.57
CA VAL D 1424 -44.51 -56.10 -22.62
C VAL D 1424 -45.70 -55.35 -22.02
N TYR D 1425 -46.44 -54.62 -22.85
CA TYR D 1425 -47.53 -53.79 -22.35
C TYR D 1425 -48.52 -53.51 -23.46
N LYS D 1426 -49.79 -53.49 -23.12
CA LYS D 1426 -50.86 -53.15 -24.05
C LYS D 1426 -51.78 -52.11 -23.40
N GLY D 1427 -52.56 -51.45 -24.24
CA GLY D 1427 -53.54 -50.49 -23.78
C GLY D 1427 -53.38 -49.16 -24.47
N TYR D 1428 -54.23 -48.22 -24.06
CA TYR D 1428 -54.22 -46.88 -24.62
C TYR D 1428 -53.01 -46.11 -24.12
N MET D 1429 -52.38 -45.39 -25.03
CA MET D 1429 -51.23 -44.56 -24.70
C MET D 1429 -51.46 -43.14 -25.18
N ASP D 1430 -50.67 -42.22 -24.64
CA ASP D 1430 -50.82 -40.83 -25.01
C ASP D 1430 -50.39 -40.61 -26.46
N ASP D 1431 -50.96 -39.60 -27.06
CA ASP D 1431 -50.76 -39.36 -28.49
C ASP D 1431 -51.42 -38.04 -28.84
N PRO D 1432 -50.97 -37.33 -29.89
CA PRO D 1432 -51.65 -36.11 -30.27
C PRO D 1432 -53.01 -36.33 -30.89
N ARG D 1433 -53.30 -37.52 -31.41
CA ARG D 1433 -54.48 -37.74 -32.25
C ARG D 1433 -55.57 -38.51 -31.53
N ASN D 1434 -55.81 -38.22 -30.26
CA ASN D 1434 -56.91 -38.80 -29.52
C ASN D 1434 -57.96 -37.73 -29.25
N THR D 1435 -59.14 -37.90 -29.81
CA THR D 1435 -60.28 -37.07 -29.43
C THR D 1435 -60.95 -37.69 -28.21
N ASP D 1436 -62.05 -37.11 -27.80
CA ASP D 1436 -62.81 -37.75 -26.73
C ASP D 1436 -63.57 -38.95 -27.22
N ASN D 1437 -63.34 -39.34 -28.48
CA ASN D 1437 -64.10 -40.38 -29.13
C ASN D 1437 -63.24 -41.57 -29.54
N ALA D 1438 -62.17 -41.33 -30.28
CA ALA D 1438 -61.31 -42.39 -30.79
C ALA D 1438 -59.95 -42.28 -30.12
N TRP D 1439 -59.48 -43.38 -29.53
CA TRP D 1439 -58.16 -43.44 -28.93
C TRP D 1439 -57.35 -44.57 -29.56
N ILE D 1440 -56.12 -44.71 -29.08
CA ILE D 1440 -55.12 -45.57 -29.71
C ILE D 1440 -54.57 -46.53 -28.67
N GLU D 1441 -54.58 -47.82 -29.01
CA GLU D 1441 -53.90 -48.85 -28.23
C GLU D 1441 -53.04 -49.66 -29.18
N THR D 1442 -52.22 -50.54 -28.63
CA THR D 1442 -51.31 -51.33 -29.46
C THR D 1442 -50.75 -52.48 -28.64
N VAL D 1443 -49.78 -53.18 -29.23
CA VAL D 1443 -49.20 -54.39 -28.67
C VAL D 1443 -47.69 -54.22 -28.60
N ALA D 1444 -47.08 -54.74 -27.55
CA ALA D 1444 -45.64 -54.61 -27.30
C ALA D 1444 -45.03 -55.99 -27.08
N VAL D 1445 -44.63 -56.64 -28.17
CA VAL D 1445 -43.91 -57.91 -28.10
C VAL D 1445 -42.41 -57.59 -28.06
N SER D 1446 -41.63 -58.53 -27.51
CA SER D 1446 -40.20 -58.29 -27.27
C SER D 1446 -39.41 -59.53 -27.67
N VAL D 1447 -38.91 -59.53 -28.91
CA VAL D 1447 -37.90 -60.50 -29.29
C VAL D 1447 -36.54 -59.97 -28.86
N HIS D 1448 -35.73 -60.83 -28.25
CA HIS D 1448 -34.48 -60.41 -27.68
C HIS D 1448 -33.33 -61.25 -28.24
N PHE D 1449 -32.21 -60.57 -28.50
CA PHE D 1449 -30.99 -61.24 -28.91
C PHE D 1449 -30.12 -61.37 -27.67
N GLN D 1450 -30.21 -62.52 -27.01
CA GLN D 1450 -29.40 -62.76 -25.81
C GLN D 1450 -27.92 -62.89 -26.14
N ASP D 1451 -27.57 -63.88 -26.95
CA ASP D 1451 -26.20 -63.98 -27.46
C ASP D 1451 -26.09 -63.20 -28.76
N GLN D 1452 -24.85 -62.87 -29.12
CA GLN D 1452 -24.58 -61.97 -30.25
C GLN D 1452 -23.77 -62.64 -31.35
N ASN D 1453 -23.89 -63.95 -31.48
CA ASN D 1453 -23.25 -64.66 -32.57
C ASN D 1453 -24.06 -65.81 -33.14
N ASP D 1454 -25.38 -65.81 -33.04
CA ASP D 1454 -26.18 -66.96 -33.45
C ASP D 1454 -26.69 -66.77 -34.88
N VAL D 1455 -27.33 -67.83 -35.40
CA VAL D 1455 -27.84 -67.80 -36.76
C VAL D 1455 -29.16 -67.05 -36.82
N GLU D 1456 -29.83 -66.88 -35.68
CA GLU D 1456 -30.98 -66.00 -35.63
C GLU D 1456 -30.56 -64.58 -35.96
N LEU D 1457 -29.52 -64.09 -35.29
CA LEU D 1457 -28.98 -62.78 -35.61
C LEU D 1457 -28.42 -62.75 -37.02
N ASN D 1458 -27.75 -63.83 -37.43
CA ASN D 1458 -27.27 -63.90 -38.81
C ASN D 1458 -28.44 -63.85 -39.80
N ARG D 1459 -29.61 -64.32 -39.37
CA ARG D 1459 -30.79 -64.19 -40.20
C ARG D 1459 -31.35 -62.76 -40.13
N LEU D 1460 -31.32 -62.16 -38.94
CA LEU D 1460 -31.70 -60.76 -38.82
C LEU D 1460 -30.85 -59.90 -39.75
N ASN D 1461 -29.57 -60.22 -39.86
CA ASN D 1461 -28.73 -59.59 -40.88
C ASN D 1461 -29.18 -60.03 -42.26
N SER D 1462 -29.47 -61.30 -42.44
CA SER D 1462 -29.98 -61.82 -43.70
C SER D 1462 -31.29 -61.16 -44.11
N ASN D 1463 -31.93 -60.44 -43.20
CA ASN D 1463 -33.07 -59.61 -43.55
C ASN D 1463 -32.66 -58.32 -44.21
N LEU D 1464 -31.41 -58.24 -44.70
CA LEU D 1464 -30.93 -57.03 -45.35
C LEU D 1464 -31.58 -56.88 -46.71
N HIS D 1465 -32.90 -56.72 -46.74
CA HIS D 1465 -33.65 -56.40 -47.95
C HIS D 1465 -34.49 -55.16 -47.68
N ALA D 1466 -33.90 -54.19 -46.99
CA ALA D 1466 -34.63 -53.01 -46.57
C ALA D 1466 -34.70 -51.94 -47.66
N CYS D 1467 -34.05 -52.17 -48.80
CA CYS D 1467 -33.95 -51.15 -49.82
C CYS D 1467 -35.22 -51.05 -50.65
N ASP D 1468 -36.36 -50.86 -50.01
CA ASP D 1468 -37.61 -50.68 -50.74
C ASP D 1468 -38.22 -49.29 -50.53
N SER D 1469 -38.52 -48.90 -49.28
CA SER D 1469 -39.02 -47.55 -49.03
C SER D 1469 -38.53 -47.00 -47.69
N GLY D 1470 -37.39 -47.46 -47.20
CA GLY D 1470 -36.89 -47.03 -45.91
C GLY D 1470 -36.00 -45.80 -46.00
N ALA D 1471 -35.95 -45.06 -44.90
CA ALA D 1471 -35.04 -43.92 -44.81
C ALA D 1471 -33.67 -44.38 -44.30
N SER D 1472 -33.63 -45.01 -43.14
CA SER D 1472 -32.40 -45.57 -42.62
C SER D 1472 -32.75 -46.55 -41.51
N ILE D 1473 -31.83 -47.49 -41.30
CA ILE D 1473 -32.01 -48.53 -40.28
C ILE D 1473 -30.68 -48.74 -39.59
N ARG D 1474 -30.71 -48.87 -38.27
CA ARG D 1474 -29.48 -49.01 -37.51
C ARG D 1474 -29.82 -49.37 -36.08
N TRP D 1475 -28.90 -50.07 -35.43
CA TRP D 1475 -29.03 -50.33 -34.02
C TRP D 1475 -28.84 -49.04 -33.24
N GLN D 1476 -29.14 -49.11 -31.95
CA GLN D 1476 -28.97 -47.97 -31.07
C GLN D 1476 -28.89 -48.47 -29.64
N VAL D 1477 -28.10 -47.80 -28.85
CA VAL D 1477 -27.98 -48.11 -27.44
C VAL D 1477 -29.09 -47.38 -26.70
N VAL D 1478 -29.62 -48.02 -25.65
CA VAL D 1478 -30.64 -47.37 -24.84
C VAL D 1478 -30.07 -46.11 -24.21
N ASP D 1479 -30.82 -45.02 -24.32
CA ASP D 1479 -30.43 -43.76 -23.70
C ASP D 1479 -31.66 -42.93 -23.47
N ARG D 1480 -31.75 -42.32 -22.28
CA ARG D 1480 -32.91 -41.51 -21.92
C ARG D 1480 -33.15 -40.37 -22.91
N ARG D 1481 -32.21 -40.11 -23.81
CA ARG D 1481 -32.37 -39.09 -24.83
C ARG D 1481 -32.17 -39.67 -26.23
N ILE D 1482 -32.34 -40.98 -26.37
CA ILE D 1482 -32.18 -41.60 -27.69
C ILE D 1482 -33.16 -40.95 -28.65
N PRO D 1483 -32.72 -40.48 -29.82
CA PRO D 1483 -33.63 -39.75 -30.72
C PRO D 1483 -34.70 -40.69 -31.24
N LEU D 1484 -35.93 -40.45 -30.83
CA LEU D 1484 -37.00 -41.41 -31.07
C LEU D 1484 -38.32 -40.67 -31.04
N TYR D 1485 -39.37 -41.36 -31.48
CA TYR D 1485 -40.74 -40.87 -31.28
C TYR D 1485 -41.00 -40.68 -29.79
N ALA D 1486 -42.05 -39.92 -29.50
CA ALA D 1486 -42.29 -39.53 -28.12
C ALA D 1486 -42.52 -40.72 -27.20
N ASN D 1487 -43.64 -41.42 -27.39
CA ASN D 1487 -44.02 -42.44 -26.43
C ASN D 1487 -43.24 -43.72 -26.62
N HIS D 1488 -42.72 -43.95 -27.83
CA HIS D 1488 -41.85 -45.10 -28.05
C HIS D 1488 -40.74 -45.17 -27.03
N LYS D 1489 -40.29 -44.01 -26.55
CA LYS D 1489 -39.25 -43.99 -25.53
C LYS D 1489 -39.74 -44.58 -24.23
N THR D 1490 -40.93 -44.15 -23.78
CA THR D 1490 -41.53 -44.76 -22.61
C THR D 1490 -41.63 -46.26 -22.78
N LEU D 1491 -41.98 -46.70 -23.98
CA LEU D 1491 -42.02 -48.12 -24.28
C LEU D 1491 -40.65 -48.76 -24.05
N LEU D 1492 -39.60 -48.11 -24.57
CA LEU D 1492 -38.26 -48.66 -24.39
C LEU D 1492 -37.87 -48.69 -22.93
N GLN D 1493 -38.23 -47.63 -22.19
CA GLN D 1493 -37.95 -47.62 -20.77
C GLN D 1493 -38.59 -48.81 -20.09
N LYS D 1494 -39.81 -49.13 -20.50
CA LYS D 1494 -40.43 -50.37 -20.03
C LYS D 1494 -39.61 -51.58 -20.46
N ALA D 1495 -39.10 -51.55 -21.69
CA ALA D 1495 -38.35 -52.70 -22.20
C ALA D 1495 -37.10 -52.95 -21.37
N ALA D 1496 -36.30 -51.91 -21.15
CA ALA D 1496 -35.08 -52.07 -20.36
C ALA D 1496 -35.41 -52.40 -18.91
N ALA D 1497 -36.50 -51.83 -18.39
CA ALA D 1497 -36.93 -52.19 -17.04
C ALA D 1497 -37.17 -53.68 -16.91
N GLU D 1498 -37.60 -54.33 -18.00
CA GLU D 1498 -37.80 -55.76 -17.99
C GLU D 1498 -36.51 -56.54 -18.00
N PHE D 1499 -35.36 -55.88 -17.92
CA PHE D 1499 -34.08 -56.58 -17.96
C PHE D 1499 -33.08 -56.14 -16.91
N GLY D 1500 -33.19 -54.92 -16.39
CA GLY D 1500 -32.20 -54.42 -15.45
C GLY D 1500 -31.09 -53.61 -16.08
N ALA D 1501 -31.31 -53.05 -17.26
CA ALA D 1501 -30.29 -52.28 -17.96
C ALA D 1501 -30.19 -50.89 -17.36
N HIS D 1502 -29.54 -49.99 -18.07
CA HIS D 1502 -29.36 -48.62 -17.61
C HIS D 1502 -30.43 -47.72 -18.21
N TYR D 1503 -30.41 -46.45 -17.80
CA TYR D 1503 -31.25 -45.43 -18.38
C TYR D 1503 -30.77 -44.03 -18.01
#